data_7U3B
#
_entry.id   7U3B
#
_cell.length_a   109.839
_cell.length_b   185.588
_cell.length_c   184.671
_cell.angle_alpha   90.000
_cell.angle_beta   98.080
_cell.angle_gamma   90.000
#
_symmetry.space_group_name_H-M   'P 1 21 1'
#
loop_
_entity.id
_entity.type
_entity.pdbx_description
1 polymer 'Glycogen debranching enzyme GlgX'
2 non-polymer 4-O-(4,6-dideoxy-4-{[(1S,2S,3S,4R,5S)-2,3,4-trihydroxy-5-(hydroxymethyl)cyclohexyl]amino}-alpha-D-glucopyranosyl)-beta-D-glucopyranose
3 non-polymer "9,9'-[(2R,3R,3aS,5S,7aR,9R,10R,10aS,12S,14aR)-3,5,10,12-tetrahydroxy-5,12-dioxidooctahydro-2H,7H-difuro[3,2-d:3',2'-j][1,3,7,9,2,8]tetraoxadiphosphacyclododecine-2,9-diyl]bis(2-amino-1,9-dihydro-6H-purin-6-one)"
4 non-polymer 'PHOSPHATE ION'
5 water water
#
_entity_poly.entity_id   1
_entity_poly.type   'polypeptide(L)'
_entity_poly.pdbx_seq_one_letter_code
;GSHMQVWPGQAYPLGATYDGAGTNFAVFSEAAHRIELCLLHDDGSETAVELRETDAFVRHAYLPGVMPGQRYGFRVHGPY
APERGLRCNAAKLLLDPYARAVSGRVRWGEAVYGYPFGRPDARNDLDSAPDTMTSVVVNPYFDWGDDRRPRTEYHHTVIY
EAHVKGLTMLHPDLPEELRGTYAGLAHPSVIGHLRELGVTALELMPVHQFVNDHRLVDAGLSNYWGYNTIGFFAPHNAYA
SWGDRGQQVLEFKSAVRALHQAGIEVILDVVYNHTAEGNHLGPTLSMRGLDNPSYYRLADDPRYYMDTTGTGNSLLMRSP
HVLQLIMDSLRYWVTEMHVDGFRFDLAATLARQFHEVDRLSSFFDLVQQDPVVSQVKLIAEPWDVGEGGYQVGNFPPLWT
EWNGKYRDCVRDLWRGEPRTLAEFASRLTGSSDLYQDDGRRPLASVNFVTCHDGFTLRDLVSYNEKRNEANGEGNRDGEN
YNRSWNCGEEGETEDVGITELRARQMRNFLATLMLSQGVPMLSHGDEFGRTQGGNNNAYCQDNEVSWVRWPKENSEAEAT
LLRFTRSMVRLRREHPVFRRRRFFHGRPVEGTHDELTDIAWFTPEGEEMTSRDWQAAHAQALTVFLNGNAISEPGTQGER
IADDSFLLMFNASAKELEFVVPDSHGRYWRMVVDTSDPEGMPPQQGPELAGGERVTLAPLSLTVLRRPA
;
_entity_poly.pdbx_strand_id   C,D,E,F,G,H,I,J
#
loop_
_chem_comp.id
_chem_comp.type
_chem_comp.name
_chem_comp.formula
A16 non-polymer 4-O-(4,6-dideoxy-4-{[(1S,2S,3S,4R,5S)-2,3,4-trihydroxy-5-(hydroxymethyl)cyclohexyl]amino}-alpha-D-glucopyranosyl)-beta-D-glucopyranose 'C19 H35 N O13'
C2E non-polymer 9,9'-[(2R,3R,3aS,5S,7aR,9R,10R,10aS,12S,14aR)-3,5,10,12-tetrahydroxy-5,12-dioxidooctahydro-2H,7H-difuro[3,2-d:3',2'-j][1,3,7,9,2,8]tetraoxadiphosphacyclododecine-2,9-diyl]bis(2-amino-1,9-dihydro-6H-purin-6-one) 'C20 H24 N10 O14 P2'
PO4 non-polymer 'PHOSPHATE ION' 'O4 P -3'
#
# COMPACT_ATOMS: atom_id res chain seq x y z
N MET A 4 28.09 65.88 -7.53
CA MET A 4 28.38 64.72 -6.69
C MET A 4 27.32 63.64 -6.92
N GLN A 5 26.07 63.94 -6.54
CA GLN A 5 24.92 63.11 -6.86
C GLN A 5 25.04 61.69 -6.29
N VAL A 6 24.99 61.60 -4.96
CA VAL A 6 24.97 60.32 -4.25
C VAL A 6 23.61 60.22 -3.57
N TRP A 7 22.65 59.60 -4.25
CA TRP A 7 21.30 59.40 -3.73
C TRP A 7 21.24 58.13 -2.88
N PRO A 8 20.25 58.02 -1.98
CA PRO A 8 20.18 56.85 -1.09
C PRO A 8 19.78 55.56 -1.81
N GLY A 9 18.93 55.65 -2.83
CA GLY A 9 18.56 54.47 -3.59
C GLY A 9 17.79 53.43 -2.79
N GLN A 10 17.87 52.19 -3.27
CA GLN A 10 17.16 51.06 -2.70
C GLN A 10 18.15 49.98 -2.29
N ALA A 11 17.67 49.07 -1.43
CA ALA A 11 18.49 47.95 -0.97
C ALA A 11 18.40 46.76 -1.91
N TYR A 12 17.24 46.51 -2.50
CA TYR A 12 17.04 45.42 -3.44
C TYR A 12 16.76 45.96 -4.83
N PRO A 13 17.22 45.28 -5.90
CA PRO A 13 18.02 44.04 -5.89
C PRO A 13 19.51 44.26 -5.67
N LEU A 14 20.20 43.20 -5.23
CA LEU A 14 21.62 43.27 -4.95
C LEU A 14 22.42 43.37 -6.24
N GLY A 15 23.47 44.17 -6.20
CA GLY A 15 24.31 44.41 -7.36
C GLY A 15 24.04 45.77 -7.97
N ALA A 16 24.65 45.99 -9.14
CA ALA A 16 24.51 47.23 -9.88
C ALA A 16 23.42 47.07 -10.95
N THR A 17 22.33 47.83 -10.79
CA THR A 17 21.18 47.74 -11.68
C THR A 17 20.98 49.08 -12.38
N TYR A 18 20.82 49.04 -13.70
CA TYR A 18 20.73 50.25 -14.52
C TYR A 18 19.27 50.64 -14.68
N ASP A 19 18.84 51.62 -13.90
CA ASP A 19 17.44 52.09 -13.92
C ASP A 19 17.32 53.34 -14.79
N GLY A 20 17.73 53.19 -16.05
CA GLY A 20 17.52 54.23 -17.04
C GLY A 20 18.43 55.43 -16.93
N ALA A 21 18.35 56.16 -15.82
CA ALA A 21 19.12 57.39 -15.66
C ALA A 21 20.37 57.20 -14.81
N GLY A 22 20.48 56.10 -14.09
CA GLY A 22 21.65 55.83 -13.29
C GLY A 22 21.68 54.38 -12.87
N THR A 23 22.50 54.09 -11.86
CA THR A 23 22.67 52.74 -11.37
C THR A 23 22.53 52.74 -9.85
N ASN A 24 21.76 51.79 -9.33
CA ASN A 24 21.56 51.62 -7.90
C ASN A 24 22.44 50.49 -7.42
N PHE A 25 23.37 50.80 -6.51
CA PHE A 25 24.32 49.82 -5.98
C PHE A 25 23.86 49.35 -4.61
N ALA A 26 24.11 48.07 -4.32
CA ALA A 26 23.74 47.49 -3.03
C ALA A 26 24.54 46.20 -2.83
N VAL A 27 25.35 46.17 -1.78
CA VAL A 27 26.15 45.01 -1.44
C VAL A 27 25.85 44.62 0.00
N PHE A 28 26.10 43.34 0.33
CA PHE A 28 25.88 42.83 1.67
C PHE A 28 27.19 42.68 2.41
N SER A 29 27.21 43.18 3.65
CA SER A 29 28.25 42.84 4.61
C SER A 29 27.74 43.20 6.00
N GLU A 30 27.55 42.19 6.85
CA GLU A 30 27.14 42.45 8.22
C GLU A 30 28.31 42.74 9.13
N ALA A 31 29.54 42.54 8.66
CA ALA A 31 30.74 42.72 9.47
C ALA A 31 31.63 43.82 8.88
N ALA A 32 31.02 44.94 8.50
CA ALA A 32 31.73 46.10 8.01
C ALA A 32 31.26 47.32 8.78
N HIS A 33 32.21 48.04 9.38
CA HIS A 33 31.85 49.28 10.08
C HIS A 33 31.46 50.35 9.06
N ARG A 34 32.26 50.51 8.01
CA ARG A 34 31.94 51.37 6.88
C ARG A 34 32.19 50.59 5.60
N ILE A 35 31.46 50.96 4.54
CA ILE A 35 31.66 50.39 3.21
C ILE A 35 31.82 51.53 2.21
N GLU A 36 32.81 51.40 1.34
CA GLU A 36 33.14 52.40 0.33
C GLU A 36 32.95 51.80 -1.06
N LEU A 37 32.35 52.56 -1.97
CA LEU A 37 32.19 52.16 -3.35
C LEU A 37 33.21 52.93 -4.21
N CYS A 38 33.96 52.20 -5.02
CA CYS A 38 34.94 52.79 -5.91
C CYS A 38 34.44 52.72 -7.35
N LEU A 39 34.71 53.78 -8.11
CA LEU A 39 34.34 53.87 -9.52
C LEU A 39 35.63 53.99 -10.33
N LEU A 40 36.12 52.85 -10.81
CA LEU A 40 37.36 52.85 -11.57
C LEU A 40 37.15 53.41 -12.97
N HIS A 41 38.15 54.13 -13.46
CA HIS A 41 38.16 54.64 -14.82
C HIS A 41 39.18 53.86 -15.66
N ASP A 42 39.35 54.29 -16.91
CA ASP A 42 40.25 53.64 -17.84
C ASP A 42 41.72 53.94 -17.58
N ASP A 43 42.04 54.65 -16.50
CA ASP A 43 43.43 54.97 -16.16
C ASP A 43 43.81 54.51 -14.77
N GLY A 44 42.91 53.82 -14.06
CA GLY A 44 43.22 53.34 -12.72
C GLY A 44 43.06 54.36 -11.63
N SER A 45 42.19 55.35 -11.80
CA SER A 45 41.86 56.30 -10.77
C SER A 45 40.53 55.92 -10.13
N GLU A 46 40.47 56.02 -8.81
CA GLU A 46 39.30 55.61 -8.04
C GLU A 46 38.53 56.84 -7.58
N THR A 47 37.28 56.97 -8.03
CA THR A 47 36.35 57.96 -7.49
C THR A 47 35.51 57.25 -6.45
N ALA A 48 35.97 57.27 -5.21
CA ALA A 48 35.29 56.55 -4.14
C ALA A 48 34.01 57.28 -3.71
N VAL A 49 33.03 56.49 -3.29
CA VAL A 49 31.79 56.98 -2.71
C VAL A 49 31.43 56.05 -1.56
N GLU A 50 30.97 56.63 -0.45
CA GLU A 50 30.52 55.83 0.68
C GLU A 50 29.05 55.49 0.51
N LEU A 51 28.73 54.20 0.52
CA LEU A 51 27.35 53.73 0.57
C LEU A 51 26.93 53.73 2.03
N ARG A 52 26.40 54.86 2.49
CA ARG A 52 26.10 55.01 3.91
C ARG A 52 24.78 54.32 4.29
N GLU A 53 23.78 54.39 3.41
CA GLU A 53 22.43 53.97 3.80
C GLU A 53 22.32 52.46 3.94
N THR A 54 22.54 51.97 5.15
CA THR A 54 22.41 50.55 5.45
C THR A 54 20.95 50.17 5.63
N ASP A 55 20.58 48.98 5.17
CA ASP A 55 19.27 48.41 5.47
C ASP A 55 19.42 46.90 5.61
N ALA A 56 19.19 46.40 6.82
CA ALA A 56 19.28 44.97 7.12
C ALA A 56 20.65 44.41 6.74
N PHE A 57 21.69 45.11 7.19
CA PHE A 57 23.10 44.76 6.98
C PHE A 57 23.51 44.81 5.51
N VAL A 58 22.65 45.32 4.62
CA VAL A 58 22.99 45.56 3.23
C VAL A 58 23.08 47.06 3.02
N ARG A 59 24.27 47.54 2.68
CA ARG A 59 24.48 48.96 2.41
C ARG A 59 24.23 49.24 0.93
N HIS A 60 23.71 50.43 0.66
CA HIS A 60 23.27 50.75 -0.69
C HIS A 60 23.38 52.24 -0.95
N ALA A 61 23.30 52.60 -2.24
CA ALA A 61 23.17 53.98 -2.70
C ALA A 61 22.95 54.01 -4.21
N TYR A 62 22.31 55.08 -4.70
CA TYR A 62 22.07 55.27 -6.12
C TYR A 62 22.89 56.47 -6.60
N LEU A 63 23.71 56.23 -7.62
CA LEU A 63 24.61 57.26 -8.17
C LEU A 63 24.21 57.54 -9.60
N PRO A 64 23.38 58.55 -9.85
CA PRO A 64 22.94 58.84 -11.22
C PRO A 64 24.10 59.26 -12.10
N GLY A 65 24.05 58.84 -13.37
CA GLY A 65 25.11 59.04 -14.32
C GLY A 65 25.95 57.80 -14.57
N VAL A 66 26.11 56.94 -13.56
CA VAL A 66 26.83 55.69 -13.74
C VAL A 66 26.04 54.79 -14.68
N MET A 67 26.72 54.25 -15.69
CA MET A 67 26.08 53.54 -16.78
C MET A 67 26.88 52.29 -17.16
N PRO A 68 26.34 51.40 -17.98
CA PRO A 68 27.08 50.19 -18.37
C PRO A 68 28.47 50.51 -18.90
N GLY A 69 29.39 49.57 -18.68
CA GLY A 69 30.79 49.79 -18.94
C GLY A 69 31.56 50.42 -17.79
N GLN A 70 30.85 50.86 -16.74
CA GLN A 70 31.52 51.42 -15.57
C GLN A 70 32.21 50.31 -14.79
N ARG A 71 33.54 50.28 -14.87
CA ARG A 71 34.33 49.47 -13.97
C ARG A 71 34.11 49.93 -12.53
N TYR A 72 33.71 49.00 -11.66
CA TYR A 72 33.42 49.36 -10.28
C TYR A 72 33.82 48.23 -9.34
N GLY A 73 33.91 48.59 -8.07
CA GLY A 73 34.32 47.66 -7.03
C GLY A 73 34.15 48.31 -5.68
N PHE A 74 34.22 47.47 -4.65
CA PHE A 74 34.00 47.91 -3.28
C PHE A 74 35.30 47.82 -2.47
N ARG A 75 35.31 48.58 -1.37
CA ARG A 75 36.40 48.53 -0.40
C ARG A 75 35.79 48.53 0.99
N VAL A 76 35.88 47.40 1.67
CA VAL A 76 35.23 47.21 2.97
C VAL A 76 36.16 47.70 4.07
N HIS A 77 35.73 48.70 4.83
CA HIS A 77 36.38 49.09 6.07
C HIS A 77 35.82 48.24 7.19
N GLY A 78 36.61 47.28 7.66
CA GLY A 78 36.17 46.37 8.69
C GLY A 78 37.33 45.77 9.45
N PRO A 79 37.02 45.05 10.53
CA PRO A 79 38.09 44.49 11.36
C PRO A 79 38.86 43.38 10.65
N TYR A 80 40.16 43.34 10.88
CA TYR A 80 41.02 42.22 10.48
C TYR A 80 41.37 41.45 11.74
N ALA A 81 40.74 40.28 11.89
CA ALA A 81 40.98 39.44 13.06
C ALA A 81 40.64 38.00 12.72
N PRO A 82 41.57 37.25 12.10
CA PRO A 82 41.31 35.83 11.83
C PRO A 82 40.93 35.04 13.07
N GLU A 83 41.33 35.50 14.25
CA GLU A 83 40.87 34.88 15.49
C GLU A 83 39.36 34.97 15.61
N ARG A 84 38.75 36.03 15.09
CA ARG A 84 37.31 36.20 15.09
C ARG A 84 36.66 35.70 13.79
N GLY A 85 37.46 35.25 12.83
CA GLY A 85 36.93 34.84 11.55
C GLY A 85 36.82 35.95 10.52
N LEU A 86 37.14 37.19 10.89
CA LEU A 86 37.02 38.32 9.98
C LEU A 86 38.36 38.58 9.31
N ARG A 87 38.33 38.71 7.98
CA ARG A 87 39.52 39.09 7.21
C ARG A 87 39.22 40.30 6.33
N CYS A 88 38.40 41.22 6.82
CA CYS A 88 38.09 42.42 6.08
C CYS A 88 39.34 43.29 5.94
N ASN A 89 39.52 43.87 4.75
CA ASN A 89 40.68 44.73 4.50
C ASN A 89 40.26 45.79 3.50
N ALA A 90 40.36 47.06 3.90
CA ALA A 90 40.03 48.16 3.00
C ALA A 90 41.05 48.30 1.86
N ALA A 91 42.26 47.80 2.04
CA ALA A 91 43.29 47.94 1.01
C ALA A 91 42.93 47.21 -0.27
N LYS A 92 42.18 46.11 -0.16
CA LYS A 92 41.86 45.29 -1.32
C LYS A 92 40.59 45.80 -2.00
N LEU A 93 40.56 45.64 -3.33
CA LEU A 93 39.40 46.00 -4.14
C LEU A 93 38.54 44.75 -4.31
N LEU A 94 37.44 44.69 -3.58
CA LEU A 94 36.59 43.51 -3.58
C LEU A 94 35.67 43.50 -4.80
N LEU A 95 35.56 42.33 -5.42
CA LEU A 95 34.60 42.13 -6.49
C LEU A 95 33.18 42.08 -5.92
N ASP A 96 32.23 42.53 -6.72
CA ASP A 96 30.82 42.38 -6.36
C ASP A 96 30.41 40.94 -6.64
N PRO A 97 29.97 40.19 -5.61
CA PRO A 97 29.48 38.83 -5.87
C PRO A 97 28.33 38.80 -6.85
N TYR A 98 27.44 39.80 -6.80
CA TYR A 98 26.31 39.92 -7.70
C TYR A 98 26.65 40.63 -9.00
N ALA A 99 27.93 40.64 -9.40
CA ALA A 99 28.32 41.32 -10.63
C ALA A 99 27.89 40.51 -11.84
N ARG A 100 27.17 41.16 -12.76
CA ARG A 100 26.65 40.49 -13.94
C ARG A 100 27.70 40.32 -15.03
N ALA A 101 28.87 40.97 -14.88
CA ALA A 101 29.98 40.78 -15.81
C ALA A 101 31.24 41.32 -15.17
N VAL A 102 32.30 40.52 -15.16
CA VAL A 102 33.59 40.89 -14.60
C VAL A 102 34.58 41.06 -15.73
N SER A 103 35.41 42.10 -15.64
CA SER A 103 36.40 42.41 -16.66
C SER A 103 37.80 42.14 -16.13
N GLY A 104 38.71 41.85 -17.06
CA GLY A 104 40.11 41.65 -16.72
C GLY A 104 40.40 40.28 -16.20
N ARG A 105 41.70 40.00 -16.08
CA ARG A 105 42.22 38.77 -15.49
C ARG A 105 42.85 39.10 -14.13
N VAL A 106 43.06 38.06 -13.33
CA VAL A 106 43.81 38.20 -12.10
C VAL A 106 45.29 38.23 -12.43
N ARG A 107 45.94 39.37 -12.22
CA ARG A 107 47.38 39.50 -12.36
C ARG A 107 48.01 39.06 -11.04
N TRP A 108 48.66 37.91 -11.06
CA TRP A 108 49.09 37.25 -9.83
C TRP A 108 50.30 37.96 -9.22
N GLY A 109 50.19 38.31 -7.96
CA GLY A 109 51.27 38.94 -7.21
C GLY A 109 50.97 38.86 -5.73
N GLU A 110 51.91 39.39 -4.94
CA GLU A 110 51.76 39.39 -3.48
C GLU A 110 50.63 40.29 -3.00
N ALA A 111 50.03 41.09 -3.88
CA ALA A 111 49.04 42.07 -3.48
C ALA A 111 47.62 41.50 -3.40
N VAL A 112 47.27 40.57 -4.30
CA VAL A 112 45.91 40.05 -4.40
C VAL A 112 45.58 39.14 -3.22
N TYR A 113 46.53 38.96 -2.31
CA TYR A 113 46.43 37.88 -1.33
C TYR A 113 45.87 38.30 0.01
N GLY A 114 46.08 39.54 0.46
CA GLY A 114 45.49 39.99 1.69
C GLY A 114 46.24 39.60 2.95
N TYR A 115 47.39 38.94 2.83
CA TYR A 115 48.23 38.63 3.97
C TYR A 115 49.67 38.63 3.51
N PRO A 116 50.62 39.00 4.36
CA PRO A 116 52.03 39.00 3.95
C PRO A 116 52.49 37.58 3.65
N PHE A 117 53.29 37.45 2.59
CA PHE A 117 53.69 36.12 2.13
C PHE A 117 54.57 35.36 3.14
N GLY A 118 54.78 35.89 4.33
CA GLY A 118 55.52 35.17 5.37
C GLY A 118 54.74 34.98 6.66
N ARG A 119 53.69 35.77 6.87
CA ARG A 119 52.94 35.77 8.13
C ARG A 119 51.45 35.64 7.84
N PRO A 120 50.88 34.44 8.01
CA PRO A 120 49.47 34.23 7.62
C PRO A 120 48.45 34.92 8.52
N ASP A 121 48.83 35.39 9.70
CA ASP A 121 47.90 36.11 10.57
C ASP A 121 48.16 37.61 10.61
N ALA A 122 49.18 38.09 9.90
CA ALA A 122 49.39 39.52 9.75
C ALA A 122 48.45 40.04 8.67
N ARG A 123 48.65 41.28 8.24
CA ARG A 123 47.72 41.96 7.35
C ARG A 123 48.46 42.62 6.21
N ASN A 124 47.89 42.51 5.00
CA ASN A 124 48.47 43.09 3.80
C ASN A 124 47.86 44.46 3.54
N ASP A 125 48.72 45.45 3.32
CA ASP A 125 48.29 46.82 3.03
C ASP A 125 48.67 47.25 1.62
N LEU A 126 48.71 46.31 0.69
CA LEU A 126 48.98 46.61 -0.70
C LEU A 126 47.68 46.86 -1.45
N ASP A 127 47.69 47.86 -2.33
CA ASP A 127 46.52 48.15 -3.13
C ASP A 127 46.29 47.03 -4.14
N SER A 128 45.02 46.63 -4.31
CA SER A 128 44.69 45.47 -5.12
C SER A 128 44.29 45.80 -6.54
N ALA A 129 43.67 46.97 -6.76
CA ALA A 129 43.01 47.28 -8.03
C ALA A 129 43.85 47.02 -9.27
N PRO A 130 45.09 47.50 -9.39
CA PRO A 130 45.84 47.30 -10.65
C PRO A 130 46.13 45.84 -10.97
N ASP A 131 45.87 44.91 -10.05
CA ASP A 131 46.06 43.49 -10.31
C ASP A 131 44.79 42.67 -10.18
N THR A 132 43.69 43.27 -9.74
CA THR A 132 42.45 42.54 -9.50
C THR A 132 41.57 42.54 -10.74
N MET A 133 40.70 41.54 -10.82
CA MET A 133 39.57 41.62 -11.73
C MET A 133 38.66 42.77 -11.32
N THR A 134 37.80 43.20 -12.23
CA THR A 134 37.04 44.42 -12.04
C THR A 134 35.61 44.21 -12.51
N SER A 135 34.66 44.25 -11.58
CA SER A 135 33.26 44.07 -11.92
C SER A 135 32.72 45.25 -12.72
N VAL A 136 31.81 44.95 -13.64
CA VAL A 136 31.30 45.94 -14.60
C VAL A 136 29.79 45.94 -14.55
N VAL A 137 29.20 47.13 -14.62
CA VAL A 137 27.74 47.28 -14.70
C VAL A 137 27.28 46.93 -16.10
N VAL A 138 26.09 46.33 -16.19
CA VAL A 138 25.59 45.76 -17.44
C VAL A 138 24.22 46.34 -17.75
N ASN A 139 24.01 46.69 -19.01
CA ASN A 139 22.69 47.08 -19.51
C ASN A 139 21.83 45.84 -19.65
N PRO A 140 20.75 45.69 -18.88
CA PRO A 140 19.99 44.43 -18.88
C PRO A 140 19.17 44.17 -20.14
N TYR A 141 19.16 45.08 -21.10
CA TYR A 141 18.33 44.92 -22.29
C TYR A 141 18.75 43.71 -23.13
N PHE A 142 17.75 43.02 -23.68
CA PHE A 142 17.96 42.07 -24.77
C PHE A 142 16.62 41.70 -25.39
N ASP A 143 16.52 41.73 -26.72
CA ASP A 143 15.27 41.46 -27.43
C ASP A 143 15.28 40.02 -27.93
N TRP A 144 14.91 39.10 -27.04
CA TRP A 144 14.59 37.73 -27.45
C TRP A 144 13.26 37.75 -28.19
N GLY A 145 13.31 37.61 -29.51
CA GLY A 145 12.10 37.76 -30.32
C GLY A 145 11.02 36.75 -29.98
N ASP A 146 11.24 35.49 -30.33
CA ASP A 146 10.39 34.38 -29.87
C ASP A 146 11.35 33.32 -29.33
N ASP A 147 11.76 33.49 -28.08
CA ASP A 147 12.65 32.53 -27.44
C ASP A 147 11.79 31.42 -26.86
N ARG A 148 11.30 30.55 -27.75
CA ARG A 148 10.57 29.38 -27.29
C ARG A 148 11.52 28.48 -26.53
N ARG A 149 11.39 28.48 -25.21
CA ARG A 149 12.13 27.51 -24.42
C ARG A 149 11.69 26.14 -24.89
N PRO A 150 12.55 25.42 -25.61
CA PRO A 150 12.12 24.12 -26.15
C PRO A 150 12.03 23.12 -25.02
N ARG A 151 10.92 23.17 -24.29
CA ARG A 151 10.80 22.42 -23.04
C ARG A 151 10.72 20.94 -23.33
N THR A 152 11.84 20.39 -23.82
CA THR A 152 11.95 18.98 -24.14
C THR A 152 11.99 18.18 -22.85
N GLU A 153 10.97 17.34 -22.65
CA GLU A 153 10.78 16.65 -21.38
C GLU A 153 11.91 15.66 -21.12
N TYR A 154 11.88 15.04 -19.93
CA TYR A 154 12.97 14.15 -19.54
C TYR A 154 13.01 12.89 -20.39
N HIS A 155 11.85 12.39 -20.81
CA HIS A 155 11.82 11.15 -21.58
C HIS A 155 12.09 11.37 -23.06
N HIS A 156 12.55 12.56 -23.46
CA HIS A 156 13.05 12.81 -24.81
C HIS A 156 14.42 13.46 -24.79
N THR A 157 15.09 13.50 -23.65
CA THR A 157 16.29 14.32 -23.48
C THR A 157 17.55 13.51 -23.78
N VAL A 158 18.45 14.10 -24.58
CA VAL A 158 19.78 13.56 -24.82
C VAL A 158 20.75 14.65 -24.38
N ILE A 159 21.37 14.47 -23.23
CA ILE A 159 22.28 15.47 -22.67
C ILE A 159 23.66 15.28 -23.28
N TYR A 160 24.27 16.39 -23.69
CA TYR A 160 25.60 16.40 -24.30
C TYR A 160 26.49 17.32 -23.45
N GLU A 161 27.33 16.72 -22.62
CA GLU A 161 28.29 17.49 -21.86
C GLU A 161 29.39 17.99 -22.79
N ALA A 162 29.72 19.27 -22.69
CA ALA A 162 30.70 19.86 -23.59
C ALA A 162 31.28 21.11 -22.93
N HIS A 163 32.40 21.56 -23.47
CA HIS A 163 33.03 22.80 -23.04
C HIS A 163 32.75 23.90 -24.05
N VAL A 164 32.70 25.13 -23.54
CA VAL A 164 32.53 26.28 -24.43
C VAL A 164 33.70 26.40 -25.38
N LYS A 165 34.92 26.20 -24.88
CA LYS A 165 36.12 26.47 -25.65
C LYS A 165 36.57 25.26 -26.45
N GLY A 166 36.68 24.09 -25.80
CA GLY A 166 37.23 22.92 -26.46
C GLY A 166 36.39 22.44 -27.64
N LEU A 167 35.07 22.57 -27.52
CA LEU A 167 34.18 22.09 -28.57
C LEU A 167 34.45 22.79 -29.90
N THR A 168 34.64 24.10 -29.87
CA THR A 168 34.73 24.91 -31.07
C THR A 168 36.14 25.34 -31.42
N MET A 169 37.12 25.07 -30.54
CA MET A 169 38.45 25.67 -30.69
C MET A 169 39.13 25.24 -31.98
N LEU A 170 39.01 23.97 -32.35
CA LEU A 170 39.71 23.41 -33.50
C LEU A 170 38.75 23.07 -34.64
N HIS A 171 37.75 23.91 -34.86
CA HIS A 171 36.71 23.62 -35.84
C HIS A 171 37.08 24.27 -37.18
N PRO A 172 37.32 23.49 -38.23
CA PRO A 172 37.67 24.09 -39.52
C PRO A 172 36.46 24.59 -40.30
N ASP A 173 35.53 25.25 -39.59
CA ASP A 173 34.47 26.02 -40.21
C ASP A 173 34.19 27.35 -39.52
N LEU A 174 34.64 27.55 -38.29
CA LEU A 174 34.43 28.83 -37.64
C LEU A 174 35.57 29.77 -38.01
N PRO A 175 35.29 31.01 -38.39
CA PRO A 175 36.37 31.99 -38.55
C PRO A 175 37.17 32.11 -37.26
N GLU A 176 38.46 32.38 -37.42
CA GLU A 176 39.44 32.33 -36.33
C GLU A 176 38.94 32.94 -35.02
N GLU A 177 38.29 34.09 -35.11
CA GLU A 177 37.84 34.78 -33.90
C GLU A 177 36.88 33.93 -33.08
N LEU A 178 35.97 33.22 -33.73
CA LEU A 178 34.87 32.56 -33.04
C LEU A 178 35.25 31.23 -32.41
N ARG A 179 36.42 30.67 -32.74
CA ARG A 179 36.79 29.37 -32.20
C ARG A 179 37.06 29.46 -30.71
N GLY A 180 36.28 28.73 -29.91
CA GLY A 180 36.44 28.73 -28.48
C GLY A 180 35.65 29.76 -27.72
N THR A 181 34.61 30.33 -28.33
CA THR A 181 33.78 31.35 -27.70
C THR A 181 32.32 30.90 -27.68
N TYR A 182 31.51 31.63 -26.90
CA TYR A 182 30.07 31.41 -26.95
C TYR A 182 29.53 31.68 -28.34
N ALA A 183 30.02 32.73 -29.00
CA ALA A 183 29.52 33.09 -30.33
C ALA A 183 29.71 31.97 -31.32
N GLY A 184 30.90 31.34 -31.31
CA GLY A 184 31.13 30.20 -32.19
C GLY A 184 30.26 29.02 -31.85
N LEU A 185 29.92 28.84 -30.57
CA LEU A 185 29.03 27.77 -30.16
C LEU A 185 27.66 27.87 -30.81
N ALA A 186 27.28 29.07 -31.28
CA ALA A 186 26.02 29.30 -31.97
C ALA A 186 26.13 29.12 -33.48
N HIS A 187 27.32 28.76 -33.98
CA HIS A 187 27.53 28.64 -35.42
C HIS A 187 26.60 27.58 -36.02
N PRO A 188 26.23 27.72 -37.31
CA PRO A 188 25.32 26.74 -37.90
C PRO A 188 25.94 25.36 -38.10
N SER A 189 27.27 25.27 -38.27
CA SER A 189 27.91 23.97 -38.45
C SER A 189 28.08 23.21 -37.14
N VAL A 190 27.83 23.85 -36.01
CA VAL A 190 27.88 23.19 -34.71
C VAL A 190 26.49 22.85 -34.21
N ILE A 191 25.56 23.80 -34.28
CA ILE A 191 24.14 23.52 -34.04
C ILE A 191 23.68 22.38 -34.93
N GLY A 192 24.06 22.42 -36.20
CA GLY A 192 23.72 21.33 -37.10
C GLY A 192 24.29 20.00 -36.61
N HIS A 193 25.59 19.97 -36.32
CA HIS A 193 26.21 18.78 -35.74
C HIS A 193 25.45 18.31 -34.52
N LEU A 194 25.15 19.23 -33.61
CA LEU A 194 24.39 18.88 -32.40
C LEU A 194 23.00 18.36 -32.76
N ARG A 195 22.33 19.01 -33.72
CA ARG A 195 21.04 18.51 -34.17
C ARG A 195 21.19 17.24 -35.00
N GLU A 196 22.34 17.06 -35.67
CA GLU A 196 22.59 15.81 -36.37
C GLU A 196 22.81 14.66 -35.40
N LEU A 197 23.49 14.93 -34.27
CA LEU A 197 23.85 13.90 -33.32
C LEU A 197 22.69 13.48 -32.43
N GLY A 198 21.62 14.26 -32.39
CA GLY A 198 20.44 13.90 -31.64
C GLY A 198 20.38 14.41 -30.21
N VAL A 199 21.14 15.44 -29.88
CA VAL A 199 21.13 15.99 -28.54
C VAL A 199 19.96 16.94 -28.40
N THR A 200 19.32 16.92 -27.24
CA THR A 200 18.24 17.83 -26.92
C THR A 200 18.56 18.74 -25.74
N ALA A 201 19.71 18.54 -25.10
CA ALA A 201 20.20 19.42 -24.06
C ALA A 201 21.72 19.55 -24.21
N LEU A 202 22.22 20.77 -24.07
CA LEU A 202 23.64 21.05 -24.14
C LEU A 202 24.13 21.43 -22.75
N GLU A 203 25.11 20.70 -22.24
CA GLU A 203 25.69 21.01 -20.94
C GLU A 203 27.04 21.69 -21.14
N LEU A 204 26.86 22.82 -20.57
CA LEU A 204 28.03 23.67 -20.67
C LEU A 204 28.86 23.54 -19.40
N MET A 205 30.06 22.99 -19.54
CA MET A 205 31.01 22.94 -18.43
C MET A 205 31.25 24.36 -17.91
N PRO A 206 31.69 24.52 -16.63
CA PRO A 206 31.45 25.76 -15.88
C PRO A 206 31.60 27.05 -16.67
N VAL A 207 30.53 27.85 -16.67
CA VAL A 207 30.49 29.09 -17.43
C VAL A 207 30.48 30.32 -16.55
N HIS A 208 30.21 30.19 -15.25
CA HIS A 208 30.44 31.30 -14.34
C HIS A 208 31.88 31.74 -14.47
N GLN A 209 32.14 33.03 -14.21
CA GLN A 209 33.51 33.52 -14.36
C GLN A 209 34.39 32.90 -13.30
N PHE A 210 35.46 32.24 -13.73
CA PHE A 210 36.36 31.53 -12.84
C PHE A 210 37.77 32.08 -12.98
N VAL A 211 38.63 31.64 -12.06
CA VAL A 211 39.95 32.22 -11.86
C VAL A 211 41.01 31.18 -12.21
N ASN A 212 42.13 31.80 -13.01
CA ASN A 212 43.25 30.89 -13.21
C ASN A 212 44.00 30.77 -11.90
N ASP A 213 43.99 29.56 -11.32
CA ASP A 213 44.60 29.34 -10.01
C ASP A 213 46.04 29.81 -9.98
N HIS A 214 46.46 30.35 -8.83
CA HIS A 214 47.85 30.76 -8.68
C HIS A 214 48.79 29.58 -8.80
N ARG A 215 48.44 28.45 -8.16
CA ARG A 215 49.29 27.27 -8.23
C ARG A 215 49.48 26.79 -9.67
N LEU A 216 48.51 27.08 -10.55
CA LEU A 216 48.64 26.68 -11.95
C LEU A 216 49.48 27.66 -12.74
N VAL A 217 49.20 28.96 -12.60
CA VAL A 217 49.93 29.97 -13.37
C VAL A 217 51.42 29.89 -13.08
N ASP A 218 51.80 29.79 -11.81
CA ASP A 218 53.19 29.53 -11.49
C ASP A 218 53.52 28.05 -11.57
N ALA A 219 53.03 27.37 -12.60
CA ALA A 219 53.49 26.03 -12.93
C ALA A 219 53.53 25.78 -14.43
N GLY A 220 53.21 26.76 -15.28
CA GLY A 220 53.17 26.59 -16.71
C GLY A 220 51.80 26.30 -17.29
N LEU A 221 50.78 26.15 -16.45
CA LEU A 221 49.45 25.68 -16.87
C LEU A 221 48.42 26.79 -16.69
N SER A 222 47.16 26.44 -16.93
CA SER A 222 46.04 27.35 -16.70
C SER A 222 44.86 26.55 -16.16
N ASN A 223 43.81 27.26 -15.77
CA ASN A 223 42.59 26.63 -15.27
C ASN A 223 41.62 26.48 -16.44
N TYR A 224 41.43 25.24 -16.89
CA TYR A 224 40.65 24.98 -18.10
C TYR A 224 39.19 24.65 -17.80
N TRP A 225 38.94 23.61 -17.01
CA TRP A 225 37.58 23.19 -16.72
C TRP A 225 36.75 24.32 -16.13
N GLY A 226 37.34 25.07 -15.20
CA GLY A 226 36.66 26.21 -14.61
C GLY A 226 35.87 25.90 -13.37
N TYR A 227 36.17 24.82 -12.66
CA TYR A 227 35.46 24.53 -11.41
C TYR A 227 36.12 25.26 -10.25
N ASN A 228 36.37 26.57 -10.41
CA ASN A 228 36.95 27.37 -9.34
C ASN A 228 36.55 28.83 -9.61
N THR A 229 35.40 29.25 -9.08
CA THR A 229 34.69 30.43 -9.57
C THR A 229 34.58 31.52 -8.51
N ILE A 230 34.50 32.78 -8.97
CA ILE A 230 34.29 33.94 -8.11
C ILE A 230 33.08 34.78 -8.54
N GLY A 231 32.77 34.79 -9.83
CA GLY A 231 31.65 35.57 -10.30
C GLY A 231 30.42 34.73 -10.62
N PHE A 232 29.45 34.74 -9.71
CA PHE A 232 28.35 33.81 -9.87
C PHE A 232 27.28 34.33 -10.82
N PHE A 233 27.38 35.59 -11.24
CA PHE A 233 26.46 36.17 -12.20
C PHE A 233 27.15 36.56 -13.49
N ALA A 234 28.45 36.28 -13.64
CA ALA A 234 29.22 36.79 -14.76
C ALA A 234 29.55 35.67 -15.73
N PRO A 235 29.07 35.75 -16.98
CA PRO A 235 29.64 34.89 -18.03
C PRO A 235 31.15 35.13 -18.12
N HIS A 236 31.88 34.06 -18.41
CA HIS A 236 33.33 34.14 -18.36
C HIS A 236 33.86 35.02 -19.49
N ASN A 237 34.66 36.03 -19.11
CA ASN A 237 35.11 37.02 -20.08
C ASN A 237 36.05 36.42 -21.12
N ALA A 238 36.85 35.41 -20.74
CA ALA A 238 37.81 34.83 -21.68
C ALA A 238 37.15 33.98 -22.74
N TYR A 239 35.91 33.55 -22.52
CA TYR A 239 35.15 32.83 -23.53
C TYR A 239 34.38 33.77 -24.46
N ALA A 240 34.57 35.08 -24.32
CA ALA A 240 33.78 36.06 -25.06
C ALA A 240 34.67 36.80 -26.04
N SER A 241 34.32 36.72 -27.32
CA SER A 241 35.01 37.46 -28.37
C SER A 241 34.37 38.81 -28.65
N TRP A 242 33.50 39.29 -27.77
CA TRP A 242 32.87 40.61 -27.91
C TRP A 242 33.32 41.59 -26.83
N GLY A 243 34.29 41.21 -26.00
CA GLY A 243 34.82 42.09 -25.00
C GLY A 243 34.42 41.68 -23.59
N ASP A 244 35.14 42.22 -22.61
CA ASP A 244 34.87 41.95 -21.21
C ASP A 244 34.22 43.11 -20.48
N ARG A 245 34.00 44.25 -21.15
CA ARG A 245 33.30 45.40 -20.55
C ARG A 245 31.79 45.17 -20.58
N GLY A 246 31.36 44.11 -19.90
CA GLY A 246 29.95 43.80 -19.82
C GLY A 246 29.32 43.32 -21.11
N GLN A 247 30.11 43.01 -22.13
CA GLN A 247 29.60 42.54 -23.41
C GLN A 247 29.64 41.03 -23.55
N GLN A 248 30.24 40.32 -22.59
CA GLN A 248 30.21 38.87 -22.58
C GLN A 248 28.81 38.34 -22.31
N VAL A 249 28.01 39.05 -21.52
CA VAL A 249 26.61 38.65 -21.30
C VAL A 249 25.81 38.81 -22.59
N LEU A 250 26.20 39.75 -23.45
CA LEU A 250 25.51 39.91 -24.73
C LEU A 250 25.75 38.72 -25.65
N GLU A 251 26.94 38.10 -25.55
CA GLU A 251 27.18 36.87 -26.30
C GLU A 251 26.30 35.74 -25.78
N PHE A 252 26.40 35.45 -24.49
CA PHE A 252 25.70 34.30 -23.91
C PHE A 252 24.21 34.34 -24.21
N LYS A 253 23.57 35.48 -23.96
CA LYS A 253 22.16 35.64 -24.30
C LYS A 253 21.91 35.35 -25.78
N SER A 254 22.69 35.98 -26.65
CA SER A 254 22.57 35.70 -28.08
C SER A 254 23.00 34.28 -28.40
N ALA A 255 23.96 33.73 -27.63
CA ALA A 255 24.34 32.34 -27.83
C ALA A 255 23.19 31.40 -27.49
N VAL A 256 22.41 31.73 -26.46
CA VAL A 256 21.23 30.93 -26.11
C VAL A 256 20.16 31.06 -27.18
N ARG A 257 19.83 32.30 -27.56
CA ARG A 257 18.74 32.53 -28.52
C ARG A 257 18.99 31.77 -29.82
N ALA A 258 20.22 31.80 -30.32
CA ALA A 258 20.54 31.04 -31.53
C ALA A 258 20.37 29.55 -31.28
N LEU A 259 20.86 29.06 -30.13
CA LEU A 259 20.68 27.65 -29.79
C LEU A 259 19.21 27.30 -29.60
N HIS A 260 18.46 28.18 -28.91
CA HIS A 260 17.05 27.91 -28.67
C HIS A 260 16.23 27.83 -29.95
N GLN A 261 16.70 28.46 -31.03
CA GLN A 261 15.94 28.46 -32.28
C GLN A 261 15.90 27.08 -32.92
N ALA A 262 16.91 26.25 -32.68
CA ALA A 262 16.98 24.93 -33.29
C ALA A 262 16.42 23.83 -32.40
N GLY A 263 15.69 24.19 -31.35
CA GLY A 263 15.20 23.20 -30.41
C GLY A 263 16.34 22.54 -29.66
N ILE A 264 17.27 23.34 -29.17
CA ILE A 264 18.45 22.87 -28.44
C ILE A 264 18.48 23.56 -27.09
N GLU A 265 18.46 22.76 -26.02
CA GLU A 265 18.41 23.29 -24.67
C GLU A 265 19.82 23.55 -24.14
N VAL A 266 19.91 24.42 -23.14
CA VAL A 266 21.16 24.80 -22.52
C VAL A 266 21.04 24.54 -21.03
N ILE A 267 21.76 23.54 -20.54
CA ILE A 267 21.81 23.19 -19.12
C ILE A 267 23.25 23.39 -18.68
N LEU A 268 23.53 24.45 -17.92
CA LEU A 268 24.92 24.79 -17.66
C LEU A 268 25.37 24.32 -16.28
N ASP A 269 26.66 24.05 -16.17
CA ASP A 269 27.28 23.39 -15.02
C ASP A 269 27.66 24.45 -13.98
N VAL A 270 27.02 24.38 -12.82
CA VAL A 270 27.19 25.39 -11.77
C VAL A 270 28.01 24.81 -10.63
N VAL A 271 28.90 25.64 -10.09
CA VAL A 271 29.77 25.25 -8.99
C VAL A 271 29.52 26.22 -7.85
N TYR A 272 28.57 25.87 -6.97
CA TYR A 272 28.22 26.73 -5.85
C TYR A 272 28.88 26.30 -4.55
N ASN A 273 29.43 25.09 -4.49
CA ASN A 273 29.96 24.57 -3.23
C ASN A 273 31.18 25.33 -2.75
N HIS A 274 32.07 25.74 -3.66
CA HIS A 274 33.32 26.37 -3.25
C HIS A 274 33.56 27.64 -4.07
N THR A 275 34.65 28.34 -3.74
CA THR A 275 34.98 29.64 -4.33
C THR A 275 36.44 29.62 -4.75
N ALA A 276 36.77 30.50 -5.70
CA ALA A 276 38.14 30.58 -6.19
C ALA A 276 39.10 31.26 -5.23
N GLU A 277 38.62 31.73 -4.08
CA GLU A 277 39.51 32.31 -3.08
C GLU A 277 40.26 31.25 -2.29
N GLY A 278 39.91 29.98 -2.42
CA GLY A 278 40.55 28.91 -1.70
C GLY A 278 40.36 29.04 -0.19
N ASN A 279 41.23 28.36 0.54
CA ASN A 279 41.24 28.45 2.00
C ASN A 279 41.96 29.73 2.41
N HIS A 280 42.31 29.84 3.69
CA HIS A 280 43.31 30.81 4.08
C HIS A 280 44.60 30.48 3.36
N LEU A 281 45.50 31.47 3.27
CA LEU A 281 46.72 31.46 2.46
C LEU A 281 46.38 31.66 0.99
N GLY A 282 45.11 31.82 0.64
CA GLY A 282 44.72 32.11 -0.72
C GLY A 282 44.47 33.58 -0.91
N PRO A 283 43.91 33.96 -2.06
CA PRO A 283 43.66 35.38 -2.33
C PRO A 283 42.43 35.89 -1.61
N THR A 284 42.40 37.20 -1.39
CA THR A 284 41.25 37.91 -0.87
C THR A 284 40.70 38.74 -2.03
N LEU A 285 39.72 38.19 -2.74
CA LEU A 285 39.28 38.76 -4.01
C LEU A 285 37.87 39.32 -3.96
N SER A 286 36.86 38.49 -3.68
CA SER A 286 35.48 38.97 -3.75
C SER A 286 34.74 38.91 -2.43
N MET A 287 34.61 37.73 -1.82
CA MET A 287 33.77 37.58 -0.64
C MET A 287 34.54 37.47 0.67
N ARG A 288 35.86 37.29 0.61
CA ARG A 288 36.65 37.20 1.83
C ARG A 288 36.60 38.51 2.61
N GLY A 289 36.78 39.64 1.93
CA GLY A 289 36.78 40.93 2.59
C GLY A 289 35.42 41.48 2.93
N LEU A 290 34.36 40.98 2.29
CA LEU A 290 33.03 41.52 2.53
C LEU A 290 32.47 41.01 3.86
N ASP A 291 32.22 39.71 3.94
CA ASP A 291 31.71 39.12 5.19
C ASP A 291 32.21 37.68 5.22
N ASN A 292 33.37 37.47 5.87
CA ASN A 292 33.93 36.12 5.92
C ASN A 292 33.07 35.16 6.75
N PRO A 293 32.66 35.48 7.98
CA PRO A 293 31.99 34.46 8.80
C PRO A 293 30.65 33.96 8.24
N SER A 294 29.89 34.80 7.54
CA SER A 294 28.59 34.39 7.03
C SER A 294 28.60 34.08 5.54
N TYR A 295 29.77 34.04 4.91
CA TYR A 295 29.89 33.56 3.54
C TYR A 295 30.58 32.21 3.45
N TYR A 296 31.68 32.02 4.19
CA TYR A 296 32.46 30.80 4.15
C TYR A 296 32.25 30.01 5.45
N ARG A 297 32.32 28.69 5.33
CA ARG A 297 32.17 27.80 6.48
C ARG A 297 33.51 27.70 7.20
N LEU A 298 33.63 28.37 8.34
CA LEU A 298 34.84 28.35 9.14
C LEU A 298 34.85 27.15 10.08
N ALA A 299 36.04 26.76 10.51
CA ALA A 299 36.22 25.58 11.33
C ALA A 299 36.06 25.93 12.81
N ASP A 300 36.32 24.94 13.68
CA ASP A 300 36.30 25.21 15.12
C ASP A 300 37.27 26.32 15.49
N ASP A 301 38.36 26.45 14.75
CA ASP A 301 39.29 27.56 14.87
C ASP A 301 39.00 28.51 13.72
N PRO A 302 38.37 29.67 13.96
CA PRO A 302 37.89 30.51 12.85
C PRO A 302 38.94 30.91 11.81
N ARG A 303 40.23 30.82 12.16
CA ARG A 303 41.26 31.06 11.16
C ARG A 303 41.10 30.13 9.97
N TYR A 304 40.87 28.85 10.25
CA TYR A 304 40.97 27.79 9.26
C TYR A 304 39.59 27.38 8.78
N TYR A 305 39.55 26.78 7.60
CA TYR A 305 38.32 26.63 6.85
C TYR A 305 37.86 25.18 6.83
N MET A 306 36.56 24.99 7.08
CA MET A 306 35.95 23.68 6.91
C MET A 306 35.80 23.38 5.43
N ASP A 307 36.23 22.20 5.01
CA ASP A 307 36.21 21.79 3.61
C ASP A 307 35.36 20.55 3.45
N THR A 308 34.47 20.57 2.46
CA THR A 308 33.69 19.41 2.09
C THR A 308 33.84 19.10 0.60
N THR A 309 34.85 19.67 -0.04
CA THR A 309 35.09 19.45 -1.46
C THR A 309 36.54 19.12 -1.77
N GLY A 310 37.44 19.20 -0.79
CA GLY A 310 38.85 18.97 -1.03
C GLY A 310 39.56 20.08 -1.77
N THR A 311 38.89 21.21 -2.01
CA THR A 311 39.44 22.29 -2.82
C THR A 311 39.40 23.62 -2.06
N GLY A 312 39.86 23.59 -0.81
CA GLY A 312 40.11 24.82 -0.08
C GLY A 312 39.01 25.34 0.82
N ASN A 313 37.84 25.67 0.25
CA ASN A 313 36.80 26.33 1.02
C ASN A 313 35.44 25.73 0.68
N SER A 314 34.40 26.23 1.36
CA SER A 314 33.03 25.75 1.23
C SER A 314 32.12 26.77 1.89
N LEU A 315 30.96 27.00 1.29
CA LEU A 315 30.08 28.08 1.73
C LEU A 315 29.13 27.61 2.82
N LEU A 316 28.78 28.54 3.71
CA LEU A 316 27.82 28.25 4.79
C LEU A 316 26.42 28.17 4.20
N MET A 317 25.82 26.98 4.30
CA MET A 317 24.54 26.72 3.64
C MET A 317 23.34 27.04 4.51
N ARG A 318 23.54 27.65 5.68
CA ARG A 318 22.44 28.04 6.54
C ARG A 318 22.34 29.54 6.76
N SER A 319 23.32 30.32 6.31
CA SER A 319 23.24 31.76 6.43
C SER A 319 22.40 32.31 5.28
N PRO A 320 21.35 33.08 5.57
CA PRO A 320 20.40 33.45 4.50
C PRO A 320 21.02 34.23 3.34
N HIS A 321 22.07 35.01 3.60
CA HIS A 321 22.69 35.79 2.54
C HIS A 321 23.50 34.93 1.58
N VAL A 322 23.85 33.70 1.98
CA VAL A 322 24.47 32.78 1.03
C VAL A 322 23.40 32.08 0.20
N LEU A 323 22.31 31.65 0.84
CA LEU A 323 21.20 31.07 0.10
C LEU A 323 20.60 32.08 -0.87
N GLN A 324 20.43 33.32 -0.42
CA GLN A 324 19.94 34.38 -1.30
C GLN A 324 20.81 34.52 -2.54
N LEU A 325 22.13 34.48 -2.36
CA LEU A 325 23.04 34.66 -3.49
C LEU A 325 22.91 33.54 -4.51
N ILE A 326 22.61 32.32 -4.06
CA ILE A 326 22.53 31.19 -4.98
C ILE A 326 21.17 31.18 -5.68
N MET A 327 20.08 31.41 -4.94
CA MET A 327 18.78 31.52 -5.57
C MET A 327 18.73 32.71 -6.51
N ASP A 328 19.37 33.83 -6.14
CA ASP A 328 19.48 34.96 -7.06
C ASP A 328 20.38 34.64 -8.24
N SER A 329 21.36 33.75 -8.05
CA SER A 329 22.22 33.36 -9.15
C SER A 329 21.50 32.44 -10.13
N LEU A 330 20.87 31.39 -9.61
CA LEU A 330 20.12 30.46 -10.44
C LEU A 330 19.07 31.19 -11.26
N ARG A 331 18.17 31.92 -10.60
CA ARG A 331 17.07 32.59 -11.29
C ARG A 331 17.57 33.55 -12.36
N TYR A 332 18.60 34.35 -12.04
CA TYR A 332 19.11 35.32 -13.01
C TYR A 332 19.62 34.63 -14.27
N TRP A 333 20.12 33.41 -14.15
CA TRP A 333 20.47 32.63 -15.32
C TRP A 333 19.25 31.99 -15.98
N VAL A 334 18.15 31.81 -15.24
CA VAL A 334 16.94 31.24 -15.84
C VAL A 334 16.19 32.30 -16.63
N THR A 335 15.77 33.39 -15.96
CA THR A 335 14.84 34.33 -16.56
C THR A 335 15.50 35.46 -17.34
N GLU A 336 16.80 35.65 -17.21
CA GLU A 336 17.50 36.66 -18.00
C GLU A 336 18.52 36.08 -18.96
N MET A 337 19.10 34.92 -18.66
CA MET A 337 19.99 34.24 -19.59
C MET A 337 19.26 33.14 -20.37
N HIS A 338 18.02 32.83 -20.01
CA HIS A 338 17.22 31.82 -20.67
C HIS A 338 17.95 30.47 -20.71
N VAL A 339 18.59 30.14 -19.60
CA VAL A 339 19.18 28.81 -19.43
C VAL A 339 18.10 27.82 -19.04
N ASP A 340 18.16 26.63 -19.62
CA ASP A 340 17.08 25.66 -19.46
C ASP A 340 17.24 24.78 -18.23
N GLY A 341 18.40 24.73 -17.63
CA GLY A 341 18.60 23.89 -16.46
C GLY A 341 20.00 24.06 -15.90
N PHE A 342 20.27 23.32 -14.84
CA PHE A 342 21.57 23.38 -14.16
C PHE A 342 22.00 21.99 -13.75
N ARG A 343 23.27 21.67 -13.99
CA ARG A 343 23.92 20.53 -13.35
C ARG A 343 24.69 21.09 -12.17
N PHE A 344 24.26 20.74 -10.96
CA PHE A 344 24.94 21.19 -9.76
C PHE A 344 26.18 20.36 -9.50
N ASP A 345 27.26 21.02 -9.10
CA ASP A 345 28.52 20.35 -8.81
C ASP A 345 28.56 19.98 -7.32
N LEU A 346 28.86 18.71 -7.05
CA LEU A 346 29.03 18.22 -5.68
C LEU A 346 27.87 18.67 -4.80
N ALA A 347 26.65 18.52 -5.31
CA ALA A 347 25.47 19.13 -4.71
C ALA A 347 25.23 18.71 -3.26
N ALA A 348 25.96 17.70 -2.76
CA ALA A 348 25.84 17.33 -1.36
C ALA A 348 26.31 18.46 -0.44
N THR A 349 27.38 19.15 -0.83
CA THR A 349 27.88 20.27 -0.04
C THR A 349 26.85 21.37 0.08
N LEU A 350 26.02 21.57 -0.95
CA LEU A 350 24.97 22.57 -0.88
C LEU A 350 23.89 22.21 0.14
N ALA A 351 23.78 20.94 0.51
CA ALA A 351 22.78 20.50 1.48
C ALA A 351 23.36 20.27 2.87
N ARG A 352 24.59 20.71 3.11
CA ARG A 352 25.24 20.53 4.41
C ARG A 352 24.91 21.74 5.28
N GLN A 353 23.91 21.58 6.15
CA GLN A 353 23.46 22.72 6.94
C GLN A 353 24.41 23.01 8.11
N PHE A 354 24.68 22.02 8.96
CA PHE A 354 25.63 22.18 10.04
C PHE A 354 26.85 21.28 9.86
N HIS A 355 26.68 19.96 9.92
CA HIS A 355 27.74 19.03 9.54
C HIS A 355 27.21 18.03 8.53
N GLU A 356 26.05 17.47 8.82
CA GLU A 356 25.50 16.33 8.09
C GLU A 356 24.81 16.76 6.81
N VAL A 357 24.72 15.82 5.87
CA VAL A 357 23.93 16.00 4.66
C VAL A 357 22.46 15.83 5.02
N ASP A 358 21.69 16.90 4.89
CA ASP A 358 20.27 16.90 5.19
C ASP A 358 19.49 17.07 3.90
N ARG A 359 18.50 16.21 3.67
CA ARG A 359 17.57 16.38 2.56
C ARG A 359 16.36 17.21 2.96
N LEU A 360 16.28 17.63 4.23
CA LEU A 360 15.39 18.70 4.66
C LEU A 360 16.13 20.02 4.80
N SER A 361 17.38 20.07 4.36
CA SER A 361 18.19 21.27 4.51
C SER A 361 17.53 22.46 3.82
N SER A 362 17.80 23.65 4.34
CA SER A 362 17.11 24.85 3.87
C SER A 362 17.30 25.06 2.38
N PHE A 363 18.49 24.73 1.86
CA PHE A 363 18.75 24.86 0.42
C PHE A 363 17.71 24.10 -0.39
N PHE A 364 17.48 22.84 -0.05
CA PHE A 364 16.47 22.04 -0.75
C PHE A 364 15.09 22.64 -0.58
N ASP A 365 14.74 23.04 0.64
CA ASP A 365 13.47 23.72 0.89
C ASP A 365 13.26 24.88 -0.07
N LEU A 366 14.28 25.71 -0.22
CA LEU A 366 14.19 26.88 -1.11
C LEU A 366 13.95 26.46 -2.55
N VAL A 367 14.76 25.54 -3.06
CA VAL A 367 14.73 25.23 -4.49
C VAL A 367 13.42 24.53 -4.87
N GLN A 368 12.91 23.68 -3.98
CA GLN A 368 11.70 22.93 -4.30
C GLN A 368 10.50 23.84 -4.53
N GLN A 369 10.50 25.04 -3.94
CA GLN A 369 9.32 25.90 -3.94
C GLN A 369 9.38 27.03 -4.96
N ASP A 370 10.56 27.60 -5.20
CA ASP A 370 10.64 28.81 -6.02
C ASP A 370 10.19 28.51 -7.45
N PRO A 371 9.20 29.24 -7.99
CA PRO A 371 8.61 28.85 -9.28
C PRO A 371 9.54 29.02 -10.47
N VAL A 372 10.71 29.63 -10.30
CA VAL A 372 11.64 29.81 -11.42
C VAL A 372 12.60 28.63 -11.54
N VAL A 373 13.13 28.14 -10.42
CA VAL A 373 14.12 27.08 -10.45
C VAL A 373 13.48 25.70 -10.45
N SER A 374 12.40 25.51 -9.68
CA SER A 374 11.80 24.19 -9.53
C SER A 374 11.29 23.61 -10.84
N GLN A 375 11.15 24.43 -11.89
CA GLN A 375 10.65 23.93 -13.17
C GLN A 375 11.74 23.65 -14.19
N VAL A 376 12.94 24.22 -14.02
CA VAL A 376 14.03 23.93 -14.95
C VAL A 376 14.71 22.64 -14.51
N LYS A 377 15.36 21.98 -15.46
CA LYS A 377 15.96 20.68 -15.20
C LYS A 377 17.02 20.76 -14.11
N LEU A 378 16.76 20.11 -12.98
CA LEU A 378 17.65 20.15 -11.82
C LEU A 378 18.42 18.84 -11.76
N ILE A 379 19.72 18.91 -12.04
CA ILE A 379 20.60 17.75 -12.02
C ILE A 379 21.62 17.96 -10.91
N ALA A 380 21.95 16.89 -10.21
CA ALA A 380 22.85 16.97 -9.06
C ALA A 380 23.93 15.92 -9.18
N GLU A 381 25.18 16.32 -8.94
CA GLU A 381 26.25 15.36 -8.79
C GLU A 381 26.21 14.85 -7.36
N PRO A 382 25.70 13.65 -7.12
CA PRO A 382 25.25 13.25 -5.78
C PRO A 382 26.37 12.73 -4.89
N TRP A 383 27.39 13.54 -4.68
CA TRP A 383 28.45 13.17 -3.75
C TRP A 383 29.30 14.39 -3.41
N ASP A 384 30.20 14.19 -2.45
CA ASP A 384 31.26 15.12 -2.06
C ASP A 384 32.20 14.34 -1.15
N VAL A 385 33.33 14.96 -0.82
CA VAL A 385 34.45 14.24 -0.21
C VAL A 385 34.42 14.35 1.32
N GLY A 386 33.30 14.76 1.91
CA GLY A 386 33.14 14.77 3.33
C GLY A 386 32.64 13.44 3.87
N GLU A 387 32.35 13.42 5.18
CA GLU A 387 31.73 12.25 5.77
C GLU A 387 30.30 12.11 5.27
N GLY A 388 29.88 10.86 5.07
CA GLY A 388 28.59 10.60 4.47
C GLY A 388 28.45 11.25 3.11
N GLY A 389 29.57 11.31 2.39
CA GLY A 389 29.60 12.00 1.12
C GLY A 389 28.86 11.27 0.02
N TYR A 390 28.80 9.94 0.10
CA TYR A 390 28.12 9.17 -0.94
C TYR A 390 26.63 9.16 -0.65
N GLN A 391 25.89 9.96 -1.42
CA GLN A 391 24.46 10.15 -1.23
C GLN A 391 23.65 9.77 -2.46
N VAL A 392 24.20 8.94 -3.35
CA VAL A 392 23.54 8.58 -4.60
C VAL A 392 22.20 7.90 -4.27
N GLY A 393 21.10 8.55 -4.66
CA GLY A 393 19.79 8.06 -4.33
C GLY A 393 19.20 8.57 -3.03
N ASN A 394 19.54 9.80 -2.62
CA ASN A 394 18.99 10.38 -1.41
C ASN A 394 18.53 11.83 -1.57
N PHE A 395 18.74 12.43 -2.74
CA PHE A 395 18.24 13.78 -2.99
C PHE A 395 16.71 13.77 -3.02
N PRO A 396 16.08 14.92 -2.81
CA PRO A 396 14.61 14.97 -2.80
C PRO A 396 14.02 14.52 -4.13
N PRO A 397 12.78 14.04 -4.13
CA PRO A 397 12.22 13.43 -5.34
C PRO A 397 12.01 14.40 -6.50
N LEU A 398 12.20 15.70 -6.31
CA LEU A 398 12.19 16.62 -7.44
C LEU A 398 13.39 16.37 -8.35
N TRP A 399 14.50 15.93 -7.78
CA TRP A 399 15.80 16.09 -8.40
C TRP A 399 16.10 14.96 -9.39
N THR A 400 17.20 15.14 -10.12
CA THR A 400 17.75 14.17 -11.04
C THR A 400 19.23 14.05 -10.76
N GLU A 401 19.75 12.82 -10.76
CA GLU A 401 21.08 12.54 -10.24
C GLU A 401 21.96 11.90 -11.31
N TRP A 402 23.26 12.14 -11.21
CA TRP A 402 24.25 11.44 -12.01
C TRP A 402 24.38 10.01 -11.48
N ASN A 403 23.97 9.04 -12.28
CA ASN A 403 24.05 7.64 -11.85
C ASN A 403 25.50 7.18 -11.88
N GLY A 404 26.28 7.63 -10.91
CA GLY A 404 27.66 7.15 -10.77
C GLY A 404 27.76 5.66 -10.60
N LYS A 405 26.67 5.00 -10.22
CA LYS A 405 26.62 3.54 -10.20
C LYS A 405 26.30 2.94 -11.56
N TYR A 406 25.79 3.73 -12.51
CA TYR A 406 25.65 3.22 -13.88
C TYR A 406 27.00 3.16 -14.57
N ARG A 407 27.75 4.26 -14.50
CA ARG A 407 29.14 4.29 -14.99
C ARG A 407 29.93 3.09 -14.49
N ASP A 408 30.01 2.93 -13.16
CA ASP A 408 30.86 1.91 -12.58
C ASP A 408 30.35 0.51 -12.86
N CYS A 409 29.05 0.35 -13.05
CA CYS A 409 28.50 -0.98 -13.31
C CYS A 409 28.64 -1.38 -14.77
N VAL A 410 28.52 -0.43 -15.70
CA VAL A 410 28.63 -0.75 -17.11
C VAL A 410 30.09 -0.89 -17.51
N ARG A 411 30.96 0.00 -17.02
CA ARG A 411 32.38 -0.13 -17.29
C ARG A 411 32.97 -1.41 -16.71
N ASP A 412 32.32 -2.00 -15.71
CA ASP A 412 32.75 -3.28 -15.16
C ASP A 412 32.12 -4.46 -15.87
N LEU A 413 31.11 -4.24 -16.72
CA LEU A 413 30.53 -5.33 -17.50
C LEU A 413 31.36 -5.58 -18.76
N TRP A 414 31.54 -4.54 -19.58
CA TRP A 414 32.32 -4.67 -20.81
C TRP A 414 33.80 -4.86 -20.53
N ARG A 415 34.27 -4.50 -19.32
CA ARG A 415 35.64 -4.83 -18.93
C ARG A 415 35.78 -6.31 -18.64
N GLY A 416 34.69 -6.98 -18.28
CA GLY A 416 34.68 -8.42 -18.09
C GLY A 416 34.66 -8.87 -16.64
N GLU A 417 34.65 -7.94 -15.68
CA GLU A 417 34.70 -8.31 -14.28
C GLU A 417 33.45 -9.10 -13.89
N PRO A 418 33.50 -9.85 -12.79
CA PRO A 418 32.32 -10.62 -12.38
C PRO A 418 31.28 -9.73 -11.73
N ARG A 419 31.00 -8.58 -12.35
CA ARG A 419 29.86 -7.79 -11.95
C ARG A 419 28.61 -8.59 -12.26
N THR A 420 27.94 -9.08 -11.22
CA THR A 420 26.71 -9.84 -11.39
C THR A 420 25.77 -9.15 -12.36
N LEU A 421 25.19 -9.95 -13.28
CA LEU A 421 24.25 -9.40 -14.25
C LEU A 421 23.10 -8.71 -13.55
N ALA A 422 22.62 -9.27 -12.43
CA ALA A 422 21.57 -8.64 -11.65
C ALA A 422 21.99 -7.29 -11.09
N GLU A 423 23.28 -6.97 -11.11
CA GLU A 423 23.73 -5.61 -10.84
C GLU A 423 23.68 -4.73 -12.07
N PHE A 424 23.90 -5.31 -13.26
CA PHE A 424 23.78 -4.57 -14.51
C PHE A 424 22.33 -4.46 -14.99
N ALA A 425 21.46 -5.38 -14.55
CA ALA A 425 20.09 -5.41 -15.05
C ALA A 425 19.22 -4.34 -14.43
N SER A 426 19.50 -3.91 -13.20
CA SER A 426 18.77 -2.79 -12.62
C SER A 426 19.26 -1.46 -13.18
N ARG A 427 20.53 -1.38 -13.57
CA ARG A 427 21.03 -0.20 -14.26
C ARG A 427 20.45 -0.10 -15.67
N LEU A 428 20.10 -1.23 -16.28
CA LEU A 428 19.42 -1.20 -17.56
C LEU A 428 17.96 -0.81 -17.39
N THR A 429 17.29 -1.35 -16.36
CA THR A 429 15.92 -0.96 -16.04
C THR A 429 15.82 0.50 -15.62
N GLY A 430 16.93 1.16 -15.34
CA GLY A 430 16.90 2.54 -14.94
C GLY A 430 16.98 2.74 -13.44
N SER A 431 17.76 1.89 -12.78
CA SER A 431 18.13 2.07 -11.37
C SER A 431 16.89 2.08 -10.47
N SER A 432 16.24 0.92 -10.41
CA SER A 432 15.12 0.74 -9.48
C SER A 432 15.60 0.81 -8.04
N ASP A 433 16.70 0.11 -7.74
CA ASP A 433 17.17 -0.03 -6.37
C ASP A 433 17.58 1.30 -5.74
N LEU A 434 17.89 2.31 -6.54
CA LEU A 434 18.33 3.60 -6.02
C LEU A 434 17.21 4.62 -5.90
N TYR A 435 16.23 4.59 -6.79
CA TYR A 435 15.28 5.69 -6.95
C TYR A 435 13.82 5.32 -6.70
N GLN A 436 13.46 4.04 -6.78
CA GLN A 436 12.06 3.66 -6.80
C GLN A 436 11.34 4.01 -5.50
N ASP A 437 11.89 3.58 -4.37
CA ASP A 437 11.26 3.88 -3.08
C ASP A 437 11.17 5.37 -2.82
N ASP A 438 12.12 6.15 -3.32
CA ASP A 438 12.13 7.59 -3.09
C ASP A 438 10.96 8.31 -3.73
N GLY A 439 10.14 7.61 -4.52
CA GLY A 439 9.06 8.24 -5.24
C GLY A 439 9.47 8.83 -6.57
N ARG A 440 10.46 8.25 -7.22
CA ARG A 440 10.98 8.76 -8.50
C ARG A 440 10.67 7.78 -9.61
N ARG A 441 11.00 8.20 -10.83
CA ARG A 441 10.78 7.42 -12.05
C ARG A 441 12.12 7.12 -12.71
N PRO A 442 12.18 6.25 -13.71
CA PRO A 442 13.48 5.93 -14.33
C PRO A 442 14.23 7.15 -14.84
N LEU A 443 13.51 8.18 -15.29
CA LEU A 443 14.15 9.38 -15.81
C LEU A 443 14.94 10.14 -14.75
N ALA A 444 14.85 9.73 -13.47
CA ALA A 444 15.68 10.34 -12.45
C ALA A 444 17.15 9.92 -12.56
N SER A 445 17.44 8.86 -13.31
CA SER A 445 18.80 8.38 -13.50
C SER A 445 19.40 8.99 -14.75
N VAL A 446 20.44 9.80 -14.59
CA VAL A 446 21.22 10.31 -15.72
C VAL A 446 22.34 9.31 -15.96
N ASN A 447 22.17 8.48 -16.98
CA ASN A 447 23.16 7.46 -17.31
C ASN A 447 24.27 8.05 -18.16
N PHE A 448 25.47 7.51 -18.00
CA PHE A 448 26.63 7.98 -18.74
C PHE A 448 27.75 6.96 -18.60
N VAL A 449 28.33 6.55 -19.71
CA VAL A 449 29.49 5.66 -19.68
C VAL A 449 30.77 6.45 -19.46
N THR A 450 30.78 7.72 -19.84
CA THR A 450 31.95 8.58 -19.65
C THR A 450 31.50 10.03 -19.63
N CYS A 451 32.23 10.84 -18.87
CA CYS A 451 31.97 12.27 -18.75
C CYS A 451 33.31 12.99 -18.78
N HIS A 452 33.31 14.26 -18.38
CA HIS A 452 34.57 15.00 -18.39
C HIS A 452 35.58 14.40 -17.41
N ASP A 453 35.09 13.81 -16.33
CA ASP A 453 35.96 13.09 -15.40
C ASP A 453 36.35 11.74 -15.99
N GLY A 454 37.30 11.09 -15.34
CA GLY A 454 37.78 9.81 -15.79
C GLY A 454 38.30 9.84 -17.23
N PHE A 455 38.54 8.65 -17.76
CA PHE A 455 38.94 8.53 -19.16
C PHE A 455 37.83 9.03 -20.07
N THR A 456 38.21 9.48 -21.26
CA THR A 456 37.26 9.67 -22.33
C THR A 456 36.90 8.29 -22.88
N LEU A 457 36.14 8.23 -23.96
CA LEU A 457 35.75 6.93 -24.50
C LEU A 457 36.96 6.21 -25.10
N ARG A 458 37.78 6.93 -25.88
CA ARG A 458 38.96 6.31 -26.46
C ARG A 458 39.95 5.88 -25.38
N ASP A 459 40.15 6.72 -24.36
CA ASP A 459 41.05 6.36 -23.26
C ASP A 459 40.47 5.22 -22.43
N LEU A 460 39.14 5.12 -22.35
CA LEU A 460 38.53 4.08 -21.54
C LEU A 460 38.75 2.70 -22.13
N VAL A 461 38.93 2.60 -23.45
CA VAL A 461 39.18 1.33 -24.11
C VAL A 461 40.62 1.27 -24.64
N SER A 462 41.52 2.07 -24.08
CA SER A 462 42.92 2.01 -24.48
C SER A 462 43.92 2.08 -23.34
N TYR A 463 43.52 2.41 -22.11
CA TYR A 463 44.47 2.64 -21.02
C TYR A 463 43.99 1.95 -19.75
N ASN A 464 44.89 1.24 -19.08
CA ASN A 464 44.58 0.60 -17.80
C ASN A 464 44.66 1.59 -16.65
N GLU A 465 45.72 2.39 -16.60
CA GLU A 465 45.95 3.31 -15.50
C GLU A 465 46.23 4.72 -16.03
N LYS A 466 46.09 5.70 -15.15
CA LYS A 466 46.10 7.10 -15.54
C LYS A 466 47.50 7.56 -15.94
N ARG A 467 47.54 8.69 -16.64
CA ARG A 467 48.77 9.25 -17.20
C ARG A 467 48.82 10.76 -16.98
N ASN A 468 48.60 11.20 -15.73
CA ASN A 468 48.56 12.62 -15.41
C ASN A 468 49.92 13.19 -15.03
N GLU A 469 51.01 12.63 -15.55
CA GLU A 469 52.33 13.20 -15.26
C GLU A 469 52.41 14.67 -15.66
N ALA A 470 51.88 15.01 -16.83
CA ALA A 470 51.93 16.38 -17.34
C ALA A 470 50.92 17.30 -16.67
N ASN A 471 50.23 16.84 -15.62
CA ASN A 471 49.37 17.73 -14.86
C ASN A 471 50.13 18.49 -13.78
N GLY A 472 51.30 18.01 -13.40
CA GLY A 472 52.14 18.68 -12.42
C GLY A 472 52.04 18.14 -11.02
N GLU A 473 51.42 16.98 -10.81
CA GLU A 473 51.20 16.45 -9.48
C GLU A 473 51.68 15.00 -9.36
N GLY A 474 52.70 14.64 -10.12
CA GLY A 474 53.25 13.28 -10.08
C GLY A 474 52.21 12.19 -10.21
N ASN A 475 51.25 12.38 -11.11
CA ASN A 475 50.23 11.37 -11.41
C ASN A 475 49.41 11.05 -10.16
N ARG A 476 49.10 12.07 -9.35
CA ARG A 476 48.37 11.88 -8.10
C ARG A 476 46.95 12.41 -8.15
N ASP A 477 46.47 12.85 -9.30
CA ASP A 477 45.12 13.38 -9.43
C ASP A 477 44.24 12.42 -10.22
N GLY A 478 42.95 12.75 -10.28
CA GLY A 478 41.98 11.94 -11.00
C GLY A 478 41.68 10.61 -10.35
N GLU A 479 40.68 9.90 -10.86
CA GLU A 479 40.39 8.55 -10.39
C GLU A 479 41.57 7.65 -10.69
N ASN A 480 41.90 6.78 -9.73
CA ASN A 480 43.10 5.97 -9.85
C ASN A 480 42.87 4.74 -10.73
N TYR A 481 41.90 3.90 -10.37
CA TYR A 481 41.50 2.79 -11.24
C TYR A 481 40.10 3.07 -11.75
N ASN A 482 39.98 3.21 -13.07
CA ASN A 482 38.76 3.69 -13.72
C ASN A 482 37.95 2.56 -14.34
N ARG A 483 38.05 1.35 -13.80
CA ARG A 483 37.33 0.18 -14.31
C ARG A 483 37.50 0.04 -15.82
N SER A 484 38.72 0.31 -16.29
CA SER A 484 39.04 0.37 -17.71
C SER A 484 39.91 -0.82 -18.10
N TRP A 485 40.01 -1.04 -19.41
CA TRP A 485 40.81 -2.13 -19.94
C TRP A 485 41.34 -1.71 -21.31
N ASN A 486 42.67 -1.72 -21.46
CA ASN A 486 43.32 -1.23 -22.66
C ASN A 486 43.01 -2.06 -23.90
N CYS A 487 42.37 -3.23 -23.75
CA CYS A 487 42.06 -4.19 -24.80
C CYS A 487 43.26 -5.01 -25.25
N GLY A 488 44.31 -5.09 -24.42
CA GLY A 488 45.45 -5.94 -24.72
C GLY A 488 46.79 -5.24 -24.64
N GLU A 489 46.83 -3.98 -25.08
CA GLU A 489 48.06 -3.19 -25.05
C GLU A 489 47.70 -1.73 -24.78
N GLU A 490 48.39 -1.14 -23.80
CA GLU A 490 48.09 0.21 -23.36
C GLU A 490 48.71 1.24 -24.29
N GLY A 491 47.99 2.36 -24.46
CA GLY A 491 48.39 3.37 -25.41
C GLY A 491 47.98 3.01 -26.82
N GLU A 492 48.38 3.87 -27.76
CA GLU A 492 48.11 3.59 -29.16
C GLU A 492 48.92 2.39 -29.64
N THR A 493 48.34 1.66 -30.59
CA THR A 493 49.00 0.47 -31.13
C THR A 493 48.40 0.16 -32.50
N GLU A 494 49.25 -0.31 -33.41
CA GLU A 494 48.86 -0.66 -34.76
C GLU A 494 48.26 -2.05 -34.89
N ASP A 495 48.12 -2.79 -33.78
CA ASP A 495 47.60 -4.15 -33.84
C ASP A 495 46.16 -4.15 -34.34
N VAL A 496 45.95 -4.72 -35.53
CA VAL A 496 44.61 -4.74 -36.14
C VAL A 496 43.60 -5.39 -35.19
N GLY A 497 44.02 -6.44 -34.48
CA GLY A 497 43.13 -7.07 -33.53
C GLY A 497 42.79 -6.16 -32.36
N ILE A 498 43.80 -5.48 -31.81
CA ILE A 498 43.56 -4.57 -30.70
C ILE A 498 42.76 -3.36 -31.17
N THR A 499 43.06 -2.87 -32.38
CA THR A 499 42.37 -1.70 -32.91
C THR A 499 40.87 -1.95 -33.05
N GLU A 500 40.51 -2.98 -33.82
CA GLU A 500 39.09 -3.25 -34.07
C GLU A 500 38.37 -3.65 -32.79
N LEU A 501 39.09 -4.22 -31.83
CA LEU A 501 38.49 -4.50 -30.53
C LEU A 501 38.13 -3.21 -29.80
N ARG A 502 39.08 -2.26 -29.74
CA ARG A 502 38.82 -0.97 -29.11
C ARG A 502 37.71 -0.23 -29.83
N ALA A 503 37.77 -0.17 -31.16
CA ALA A 503 36.77 0.56 -31.93
C ALA A 503 35.37 0.02 -31.69
N ARG A 504 35.26 -1.25 -31.31
CA ARG A 504 33.97 -1.90 -31.07
C ARG A 504 33.61 -1.97 -29.60
N GLN A 505 34.59 -1.96 -28.69
CA GLN A 505 34.31 -1.74 -27.28
C GLN A 505 33.62 -0.40 -27.06
N MET A 506 34.09 0.64 -27.76
CA MET A 506 33.40 1.94 -27.76
C MET A 506 31.95 1.78 -28.19
N ARG A 507 31.73 1.07 -29.30
CA ARG A 507 30.38 0.78 -29.77
C ARG A 507 29.52 0.21 -28.65
N ASN A 508 30.09 -0.69 -27.85
CA ASN A 508 29.36 -1.30 -26.75
C ASN A 508 28.90 -0.24 -25.75
N PHE A 509 29.76 0.72 -25.43
CA PHE A 509 29.44 1.69 -24.38
C PHE A 509 28.31 2.61 -24.80
N LEU A 510 28.32 3.09 -26.04
CA LEU A 510 27.25 3.97 -26.50
C LEU A 510 25.96 3.20 -26.74
N ALA A 511 26.05 1.94 -27.16
CA ALA A 511 24.84 1.14 -27.38
C ALA A 511 24.17 0.79 -26.05
N THR A 512 24.96 0.39 -25.05
CA THR A 512 24.40 0.13 -23.73
C THR A 512 23.78 1.39 -23.13
N LEU A 513 24.33 2.56 -23.46
CA LEU A 513 23.85 3.80 -22.87
C LEU A 513 22.48 4.19 -23.42
N MET A 514 22.28 4.06 -24.73
CA MET A 514 21.03 4.51 -25.33
C MET A 514 19.89 3.55 -25.03
N LEU A 515 20.15 2.24 -25.09
CA LEU A 515 19.14 1.26 -24.74
C LEU A 515 18.76 1.29 -23.27
N SER A 516 19.50 2.03 -22.45
CA SER A 516 19.22 2.14 -21.03
C SER A 516 18.02 3.05 -20.77
N GLN A 517 17.52 2.98 -19.55
CA GLN A 517 16.36 3.76 -19.14
C GLN A 517 16.80 5.01 -18.38
N GLY A 518 16.15 6.13 -18.64
CA GLY A 518 16.47 7.37 -17.96
C GLY A 518 16.92 8.46 -18.90
N VAL A 519 18.00 9.14 -18.55
CA VAL A 519 18.53 10.25 -19.33
C VAL A 519 19.92 9.87 -19.83
N PRO A 520 20.13 9.75 -21.14
CA PRO A 520 21.48 9.47 -21.64
C PRO A 520 22.33 10.74 -21.67
N MET A 521 23.63 10.54 -21.50
CA MET A 521 24.58 11.63 -21.46
C MET A 521 25.83 11.26 -22.22
N LEU A 522 26.31 12.19 -23.04
CA LEU A 522 27.51 12.01 -23.85
C LEU A 522 28.56 13.03 -23.45
N SER A 523 29.79 12.58 -23.23
CA SER A 523 30.91 13.49 -23.10
C SER A 523 31.40 13.89 -24.49
N HIS A 524 31.77 15.16 -24.63
CA HIS A 524 32.05 15.72 -25.95
C HIS A 524 33.33 15.13 -26.53
N GLY A 525 33.27 14.70 -27.78
CA GLY A 525 34.41 14.17 -28.49
C GLY A 525 34.31 12.69 -28.79
N ASP A 526 33.58 11.94 -27.96
CA ASP A 526 33.47 10.50 -28.12
C ASP A 526 32.76 10.09 -29.41
N GLU A 527 32.10 11.04 -30.08
CA GLU A 527 31.50 10.73 -31.38
C GLU A 527 32.59 10.49 -32.43
N PHE A 528 33.68 11.23 -32.36
CA PHE A 528 34.81 11.05 -33.25
C PHE A 528 35.92 10.21 -32.65
N GLY A 529 35.84 9.91 -31.35
CA GLY A 529 36.90 9.18 -30.69
C GLY A 529 37.95 10.08 -30.06
N ARG A 530 37.51 11.01 -29.21
CA ARG A 530 38.44 11.96 -28.61
C ARG A 530 39.34 11.26 -27.60
N THR A 531 40.64 11.47 -27.76
CA THR A 531 41.66 10.93 -26.88
C THR A 531 42.22 12.06 -26.01
N GLN A 532 42.71 11.70 -24.82
CA GLN A 532 43.44 12.64 -23.97
C GLN A 532 44.80 12.08 -23.55
N GLY A 533 45.29 11.06 -24.25
CA GLY A 533 46.58 10.47 -23.96
C GLY A 533 46.72 9.93 -22.56
N GLY A 534 45.78 9.09 -22.13
CA GLY A 534 45.79 8.52 -20.80
C GLY A 534 45.48 9.50 -19.68
N ASN A 535 45.41 10.79 -19.96
CA ASN A 535 45.03 11.77 -18.96
C ASN A 535 43.53 11.71 -18.73
N ASN A 536 43.11 11.51 -17.49
CA ASN A 536 41.70 11.39 -17.18
C ASN A 536 41.12 12.58 -16.43
N ASN A 537 41.93 13.34 -15.71
CA ASN A 537 41.49 14.53 -14.98
C ASN A 537 42.26 15.72 -15.55
N ALA A 538 41.74 16.29 -16.62
CA ALA A 538 42.42 17.32 -17.41
C ALA A 538 41.96 18.72 -17.06
N TYR A 539 41.72 18.97 -15.76
CA TYR A 539 41.25 20.29 -15.32
C TYR A 539 42.17 21.42 -15.76
N CYS A 540 43.47 21.13 -15.94
CA CYS A 540 44.43 22.18 -16.26
C CYS A 540 45.10 22.00 -17.61
N GLN A 541 44.64 21.05 -18.43
CA GLN A 541 45.21 20.84 -19.75
C GLN A 541 44.43 21.67 -20.76
N ASP A 542 44.84 22.93 -20.90
CA ASP A 542 44.19 23.87 -21.80
C ASP A 542 44.97 23.94 -23.10
N ASN A 543 44.95 22.84 -23.85
CA ASN A 543 45.74 22.71 -25.06
C ASN A 543 45.14 21.61 -25.93
N GLU A 544 45.91 21.17 -26.94
CA GLU A 544 45.46 20.15 -27.89
C GLU A 544 45.09 18.84 -27.21
N VAL A 545 45.42 18.65 -25.94
CA VAL A 545 45.04 17.44 -25.22
C VAL A 545 43.53 17.39 -25.02
N SER A 546 42.93 18.51 -24.63
CA SER A 546 41.51 18.56 -24.30
C SER A 546 40.66 19.24 -25.36
N TRP A 547 41.28 19.82 -26.39
CA TRP A 547 40.51 20.30 -27.53
C TRP A 547 39.81 19.15 -28.22
N VAL A 548 38.81 19.47 -29.02
CA VAL A 548 38.10 18.48 -29.81
C VAL A 548 38.64 18.53 -31.22
N ARG A 549 39.38 17.49 -31.61
CA ARG A 549 39.79 17.34 -33.00
C ARG A 549 38.57 17.00 -33.85
N TRP A 550 38.53 17.53 -35.06
CA TRP A 550 37.34 17.23 -35.84
C TRP A 550 37.67 16.33 -37.02
N PRO A 551 36.76 15.44 -37.39
CA PRO A 551 37.10 14.40 -38.37
C PRO A 551 37.14 14.93 -39.79
N LYS A 552 37.89 14.20 -40.61
CA LYS A 552 37.65 14.11 -42.04
C LYS A 552 37.85 12.68 -42.50
N GLU A 556 37.85 8.16 -41.97
CA GLU A 556 36.90 7.08 -42.22
C GLU A 556 36.45 6.38 -40.94
N ALA A 557 37.40 5.90 -40.13
CA ALA A 557 37.02 5.19 -38.90
C ALA A 557 36.35 6.13 -37.91
N GLU A 558 36.82 7.38 -37.82
CA GLU A 558 36.20 8.36 -36.94
C GLU A 558 34.85 8.81 -37.46
N ALA A 559 34.60 8.67 -38.76
CA ALA A 559 33.29 8.93 -39.35
C ALA A 559 32.55 7.63 -39.66
N THR A 560 33.03 6.50 -39.14
CA THR A 560 32.24 5.28 -39.02
C THR A 560 31.54 5.24 -37.67
N LEU A 561 32.30 5.54 -36.60
CA LEU A 561 31.70 5.65 -35.28
C LEU A 561 30.74 6.82 -35.18
N LEU A 562 30.95 7.86 -36.00
CA LEU A 562 30.06 9.03 -35.96
C LEU A 562 28.65 8.65 -36.39
N ARG A 563 28.48 8.18 -37.62
CA ARG A 563 27.15 7.81 -38.09
C ARG A 563 26.57 6.63 -37.31
N PHE A 564 27.43 5.85 -36.65
CA PHE A 564 26.94 4.84 -35.70
C PHE A 564 26.17 5.50 -34.57
N THR A 565 26.79 6.47 -33.90
CA THR A 565 26.20 7.06 -32.69
C THR A 565 24.91 7.79 -33.02
N ARG A 566 24.92 8.59 -34.09
CA ARG A 566 23.72 9.30 -34.53
C ARG A 566 22.56 8.34 -34.73
N SER A 567 22.80 7.24 -35.46
CA SER A 567 21.75 6.26 -35.70
C SER A 567 21.33 5.52 -34.44
N MET A 568 22.22 5.44 -33.43
CA MET A 568 21.81 4.86 -32.15
C MET A 568 20.84 5.79 -31.42
N VAL A 569 21.04 7.11 -31.54
CA VAL A 569 20.11 8.06 -30.96
C VAL A 569 18.76 7.99 -31.65
N ARG A 570 18.77 7.85 -32.98
CA ARG A 570 17.52 7.68 -33.72
C ARG A 570 16.69 6.55 -33.15
N LEU A 571 17.34 5.45 -32.76
CA LEU A 571 16.62 4.29 -32.22
C LEU A 571 15.92 4.65 -30.91
N ARG A 572 16.64 5.27 -29.98
CA ARG A 572 16.03 5.66 -28.71
C ARG A 572 14.90 6.65 -28.94
N ARG A 573 15.15 7.64 -29.80
CA ARG A 573 14.11 8.59 -30.19
C ARG A 573 12.92 7.87 -30.82
N GLU A 574 13.15 7.18 -31.93
CA GLU A 574 12.08 6.58 -32.71
C GLU A 574 11.27 5.58 -31.89
N HIS A 575 11.90 4.93 -30.93
CA HIS A 575 11.27 3.81 -30.21
C HIS A 575 11.13 4.15 -28.72
N PRO A 576 9.91 4.44 -28.25
CA PRO A 576 9.75 4.88 -26.85
C PRO A 576 9.97 3.79 -25.81
N VAL A 577 10.13 2.53 -26.21
CA VAL A 577 10.43 1.47 -25.24
C VAL A 577 11.70 1.80 -24.46
N PHE A 578 12.65 2.46 -25.11
CA PHE A 578 13.93 2.78 -24.48
C PHE A 578 13.88 4.04 -23.61
N ARG A 579 12.74 4.74 -23.56
CA ARG A 579 12.60 5.96 -22.78
C ARG A 579 11.27 5.97 -22.03
N ARG A 580 10.99 4.87 -21.32
CA ARG A 580 9.71 4.72 -20.65
C ARG A 580 9.59 5.63 -19.44
N ARG A 581 8.35 6.06 -19.17
CA ARG A 581 8.07 6.99 -18.08
C ARG A 581 8.07 6.33 -16.71
N ARG A 582 7.81 5.02 -16.63
CA ARG A 582 7.73 4.33 -15.36
C ARG A 582 8.38 2.96 -15.48
N PHE A 583 8.86 2.47 -14.35
CA PHE A 583 9.55 1.18 -14.29
C PHE A 583 8.66 0.07 -14.82
N PHE A 584 9.27 -0.88 -15.53
CA PHE A 584 8.56 -2.13 -15.79
C PHE A 584 8.20 -2.78 -14.47
N HIS A 585 7.10 -3.52 -14.44
CA HIS A 585 6.98 -4.54 -13.40
C HIS A 585 6.91 -5.95 -13.99
N GLY A 586 5.92 -6.25 -14.84
CA GLY A 586 5.83 -7.51 -15.56
C GLY A 586 5.98 -8.78 -14.74
N ARG A 587 5.91 -8.71 -13.41
CA ARG A 587 5.98 -9.95 -12.65
C ARG A 587 4.66 -10.74 -12.75
N PRO A 588 3.52 -10.31 -12.15
CA PRO A 588 2.24 -10.88 -12.58
C PRO A 588 1.51 -9.91 -13.48
N VAL A 589 0.59 -10.45 -14.28
CA VAL A 589 -0.14 -9.67 -15.26
C VAL A 589 -0.84 -8.47 -14.62
N LEU A 596 0.08 -7.51 -18.77
CA LEU A 596 1.02 -7.95 -19.79
C LEU A 596 2.46 -7.93 -19.27
N THR A 597 3.25 -8.92 -19.68
CA THR A 597 4.64 -9.03 -19.25
C THR A 597 5.46 -8.03 -20.05
N ASP A 598 5.90 -6.95 -19.41
CA ASP A 598 6.58 -5.88 -20.13
C ASP A 598 8.10 -6.02 -20.16
N ILE A 599 8.67 -7.00 -19.47
CA ILE A 599 10.08 -7.33 -19.61
C ILE A 599 10.26 -8.81 -19.31
N ALA A 600 11.29 -9.40 -19.92
CA ALA A 600 11.60 -10.81 -19.72
C ALA A 600 13.08 -11.03 -19.99
N TRP A 601 13.67 -11.96 -19.25
CA TRP A 601 15.10 -12.21 -19.28
C TRP A 601 15.34 -13.68 -19.58
N PHE A 602 15.97 -13.96 -20.72
CA PHE A 602 16.30 -15.32 -21.12
C PHE A 602 17.80 -15.51 -21.24
N THR A 603 18.25 -16.74 -21.08
CA THR A 603 19.64 -17.12 -21.27
C THR A 603 19.95 -17.20 -22.76
N PRO A 604 21.23 -17.28 -23.13
CA PRO A 604 21.56 -17.45 -24.56
C PRO A 604 20.88 -18.65 -25.22
N GLU A 605 20.82 -19.79 -24.54
CA GLU A 605 20.23 -20.97 -25.14
C GLU A 605 18.73 -20.84 -25.35
N GLY A 606 18.07 -19.92 -24.63
CA GLY A 606 16.70 -19.59 -24.93
C GLY A 606 15.66 -19.92 -23.88
N GLU A 607 16.04 -19.91 -22.61
CA GLU A 607 15.11 -20.15 -21.52
C GLU A 607 15.21 -19.02 -20.50
N GLU A 608 14.08 -18.73 -19.86
CA GLU A 608 14.02 -17.66 -18.89
C GLU A 608 15.00 -17.91 -17.75
N MET A 609 15.84 -16.91 -17.45
CA MET A 609 16.82 -17.06 -16.40
C MET A 609 16.14 -17.34 -15.07
N THR A 610 16.85 -18.06 -14.21
CA THR A 610 16.34 -18.42 -12.90
C THR A 610 17.11 -17.67 -11.82
N SER A 611 16.58 -17.72 -10.60
CA SER A 611 17.27 -17.12 -9.47
C SER A 611 18.68 -17.71 -9.29
N ARG A 612 18.89 -18.93 -9.76
CA ARG A 612 20.21 -19.55 -9.73
C ARG A 612 21.06 -19.17 -10.93
N ASP A 613 20.45 -19.08 -12.11
CA ASP A 613 21.19 -18.59 -13.27
C ASP A 613 21.52 -17.11 -13.13
N TRP A 614 20.71 -16.35 -12.39
CA TRP A 614 20.82 -14.90 -12.40
C TRP A 614 22.12 -14.44 -11.77
N GLN A 615 22.32 -14.72 -10.49
CA GLN A 615 23.46 -14.19 -9.75
C GLN A 615 24.52 -15.25 -9.47
N ALA A 616 24.49 -16.36 -10.20
CA ALA A 616 25.65 -17.25 -10.21
C ALA A 616 26.89 -16.46 -10.62
N ALA A 617 28.02 -16.77 -9.97
CA ALA A 617 29.18 -15.88 -10.02
C ALA A 617 29.64 -15.52 -11.42
N HIS A 618 30.08 -16.50 -12.20
CA HIS A 618 30.69 -16.24 -13.51
C HIS A 618 29.70 -16.56 -14.61
N ALA A 619 28.82 -15.60 -14.88
CA ALA A 619 27.95 -15.60 -16.04
C ALA A 619 28.03 -14.24 -16.71
N GLN A 620 28.17 -14.22 -18.03
CA GLN A 620 28.43 -12.99 -18.77
C GLN A 620 27.60 -12.92 -20.05
N ALA A 621 26.33 -13.35 -20.00
CA ALA A 621 25.50 -13.39 -21.20
C ALA A 621 24.03 -13.21 -20.83
N LEU A 622 23.30 -12.52 -21.72
CA LEU A 622 21.93 -12.13 -21.46
C LEU A 622 21.14 -12.00 -22.76
N THR A 623 19.83 -12.22 -22.64
CA THR A 623 18.85 -11.83 -23.66
C THR A 623 17.71 -11.11 -22.94
N VAL A 624 17.39 -9.90 -23.40
CA VAL A 624 16.39 -9.06 -22.77
C VAL A 624 15.27 -8.81 -23.76
N PHE A 625 14.03 -9.11 -23.34
CA PHE A 625 12.84 -8.81 -24.13
C PHE A 625 12.20 -7.55 -23.57
N LEU A 626 11.84 -6.62 -24.46
CA LEU A 626 11.23 -5.35 -24.08
C LEU A 626 9.89 -5.26 -24.79
N ASN A 627 8.80 -5.34 -24.03
CA ASN A 627 7.46 -5.46 -24.59
C ASN A 627 6.95 -4.07 -24.97
N GLY A 628 6.85 -3.81 -26.27
CA GLY A 628 6.34 -2.54 -26.74
C GLY A 628 4.84 -2.37 -26.59
N ASN A 629 4.10 -3.46 -26.42
CA ASN A 629 2.67 -3.41 -26.20
C ASN A 629 2.28 -3.28 -24.74
N ALA A 630 3.26 -3.17 -23.84
CA ALA A 630 2.97 -3.08 -22.42
C ALA A 630 3.53 -1.78 -21.85
N ILE A 631 3.31 -0.68 -22.56
CA ILE A 631 3.65 0.65 -22.07
C ILE A 631 2.35 1.25 -21.54
N SER A 632 2.10 1.04 -20.25
CA SER A 632 0.89 1.57 -19.63
C SER A 632 1.12 3.03 -19.25
N GLU A 633 1.57 3.82 -20.22
CA GLU A 633 1.85 5.24 -20.01
C GLU A 633 1.02 6.06 -20.99
N PRO A 634 0.20 6.99 -20.53
CA PRO A 634 -0.45 7.92 -21.45
C PRO A 634 0.54 8.92 -22.01
N GLY A 635 0.33 9.29 -23.26
CA GLY A 635 1.11 10.36 -23.86
C GLY A 635 0.65 11.71 -23.36
N THR A 636 0.97 12.75 -24.14
CA THR A 636 0.58 14.11 -23.78
C THR A 636 -0.93 14.23 -23.57
N GLN A 637 -1.71 13.53 -24.40
CA GLN A 637 -3.16 13.63 -24.40
C GLN A 637 -3.83 12.31 -24.06
N GLY A 638 -3.30 11.60 -23.06
CA GLY A 638 -3.86 10.33 -22.65
C GLY A 638 -3.71 9.26 -23.72
N GLU A 639 -2.99 9.61 -24.78
CA GLU A 639 -2.72 8.67 -25.86
C GLU A 639 -1.84 7.54 -25.36
N ARG A 640 -2.32 6.31 -25.56
CA ARG A 640 -1.58 5.13 -25.12
C ARG A 640 -0.41 4.88 -26.06
N ILE A 641 0.78 4.74 -25.50
CA ILE A 641 2.02 4.72 -26.25
C ILE A 641 2.29 3.31 -26.74
N ALA A 642 2.59 3.19 -28.04
CA ALA A 642 2.91 1.92 -28.67
C ALA A 642 4.33 1.95 -29.22
N ASP A 643 4.89 0.75 -29.43
CA ASP A 643 6.22 0.59 -29.96
C ASP A 643 6.44 -0.87 -30.31
N ASP A 644 7.36 -1.11 -31.25
CA ASP A 644 7.74 -2.47 -31.59
C ASP A 644 8.45 -3.13 -30.41
N SER A 645 8.20 -4.44 -30.24
CA SER A 645 8.86 -5.20 -29.19
C SER A 645 10.29 -5.54 -29.60
N PHE A 646 11.23 -5.31 -28.70
CA PHE A 646 12.65 -5.47 -29.00
C PHE A 646 13.23 -6.67 -28.27
N LEU A 647 14.39 -7.11 -28.76
CA LEU A 647 15.12 -8.25 -28.19
C LEU A 647 16.59 -7.87 -28.13
N LEU A 648 17.03 -7.37 -26.98
CA LEU A 648 18.43 -7.01 -26.78
C LEU A 648 19.19 -8.23 -26.29
N MET A 649 20.31 -8.54 -26.94
CA MET A 649 21.13 -9.69 -26.59
C MET A 649 22.55 -9.21 -26.30
N PHE A 650 22.94 -9.26 -25.02
CA PHE A 650 24.27 -8.89 -24.58
C PHE A 650 25.15 -10.12 -24.45
N ASN A 651 26.41 -9.98 -24.86
CA ASN A 651 27.43 -11.03 -24.71
C ASN A 651 28.69 -10.36 -24.16
N ALA A 652 28.85 -10.41 -22.85
CA ALA A 652 30.05 -9.92 -22.20
C ALA A 652 31.14 -10.99 -22.12
N SER A 653 30.96 -12.10 -22.82
CA SER A 653 31.89 -13.22 -22.71
C SER A 653 33.16 -12.97 -23.53
N ALA A 654 34.25 -13.60 -23.11
CA ALA A 654 35.47 -13.56 -23.88
C ALA A 654 35.38 -14.39 -25.16
N LYS A 655 34.36 -15.24 -25.27
CA LYS A 655 34.28 -16.22 -26.33
C LYS A 655 33.11 -15.93 -27.27
N GLU A 656 33.13 -16.62 -28.40
CA GLU A 656 32.02 -16.64 -29.34
C GLU A 656 30.84 -17.37 -28.71
N LEU A 657 29.66 -16.76 -28.76
CA LEU A 657 28.48 -17.35 -28.14
C LEU A 657 27.37 -17.56 -29.15
N GLU A 658 26.49 -18.49 -28.82
CA GLU A 658 25.38 -18.92 -29.67
C GLU A 658 24.07 -18.53 -29.01
N PHE A 659 23.40 -17.52 -29.54
CA PHE A 659 22.16 -17.01 -28.99
C PHE A 659 20.96 -17.54 -29.76
N VAL A 660 19.98 -18.08 -29.03
CA VAL A 660 18.72 -18.55 -29.59
C VAL A 660 17.66 -17.47 -29.39
N VAL A 661 16.81 -17.28 -30.40
CA VAL A 661 15.79 -16.25 -30.38
C VAL A 661 14.53 -16.84 -29.74
N PRO A 662 14.15 -16.40 -28.55
CA PRO A 662 13.09 -17.08 -27.76
C PRO A 662 11.67 -16.50 -27.87
N ASP A 663 11.03 -16.63 -29.03
CA ASP A 663 9.60 -16.37 -29.09
C ASP A 663 8.78 -17.57 -29.58
N SER A 664 9.04 -18.06 -30.79
CA SER A 664 8.30 -19.11 -31.49
C SER A 664 8.93 -19.15 -32.88
N HIS A 665 8.56 -20.16 -33.65
CA HIS A 665 8.77 -19.99 -35.08
C HIS A 665 7.68 -19.14 -35.73
N GLY A 666 6.62 -18.82 -34.98
CA GLY A 666 5.49 -18.10 -35.54
C GLY A 666 5.88 -16.76 -36.15
N ARG A 667 6.76 -16.03 -35.49
CA ARG A 667 7.02 -14.64 -35.85
C ARG A 667 8.47 -14.46 -36.27
N TYR A 668 8.77 -13.29 -36.82
CA TYR A 668 10.09 -12.94 -37.30
C TYR A 668 10.56 -11.67 -36.62
N TRP A 669 11.82 -11.67 -36.17
CA TRP A 669 12.46 -10.49 -35.62
C TRP A 669 13.64 -10.13 -36.52
N ARG A 670 13.75 -8.84 -36.84
CA ARG A 670 14.84 -8.35 -37.67
C ARG A 670 15.93 -7.74 -36.77
N MET A 671 17.16 -8.17 -36.99
CA MET A 671 18.30 -7.54 -36.33
C MET A 671 18.42 -6.08 -36.78
N VAL A 672 18.57 -5.19 -35.82
CA VAL A 672 18.75 -3.77 -36.13
C VAL A 672 20.01 -3.17 -35.53
N VAL A 673 20.61 -3.78 -34.51
CA VAL A 673 21.83 -3.28 -33.89
C VAL A 673 22.73 -4.48 -33.61
N ASP A 674 24.01 -4.35 -33.91
CA ASP A 674 24.97 -5.43 -33.72
C ASP A 674 26.35 -4.78 -33.59
N THR A 675 26.92 -4.84 -32.38
CA THR A 675 28.17 -4.15 -32.11
C THR A 675 29.31 -4.70 -32.95
N SER A 676 29.32 -6.02 -33.18
CA SER A 676 30.48 -6.70 -33.75
C SER A 676 30.95 -6.10 -35.06
N ASP A 677 30.03 -5.56 -35.85
CA ASP A 677 30.34 -5.29 -37.25
C ASP A 677 31.23 -4.05 -37.38
N PRO A 678 32.27 -4.12 -38.21
CA PRO A 678 33.17 -2.96 -38.35
C PRO A 678 32.57 -1.79 -39.10
N GLU A 679 31.63 -2.04 -40.02
CA GLU A 679 31.00 -0.96 -40.75
C GLU A 679 29.98 -0.18 -39.95
N GLY A 680 29.50 -0.73 -38.84
CA GLY A 680 28.47 -0.09 -38.06
C GLY A 680 27.08 -0.60 -38.38
N MET A 681 26.53 -1.42 -37.49
CA MET A 681 25.20 -2.00 -37.62
C MET A 681 24.05 -1.06 -37.24
N PRO A 682 24.16 -0.24 -36.20
CA PRO A 682 23.07 0.73 -35.93
C PRO A 682 22.77 1.62 -37.13
N PRO A 683 23.74 1.98 -37.98
CA PRO A 683 23.38 2.67 -39.23
C PRO A 683 23.23 1.77 -40.44
N GLN A 684 23.19 0.44 -40.28
CA GLN A 684 23.19 -0.48 -41.42
C GLN A 684 22.33 -1.69 -41.10
N GLN A 685 21.40 -2.02 -42.01
CA GLN A 685 20.42 -3.07 -41.74
C GLN A 685 21.08 -4.45 -41.76
N GLY A 686 20.29 -5.48 -41.41
CA GLY A 686 20.79 -6.83 -41.41
C GLY A 686 19.72 -7.89 -41.54
N PRO A 687 20.13 -9.15 -41.40
CA PRO A 687 19.20 -10.26 -41.63
C PRO A 687 18.20 -10.40 -40.49
N GLU A 688 17.00 -10.88 -40.83
CA GLU A 688 15.96 -11.12 -39.85
C GLU A 688 16.00 -12.59 -39.43
N LEU A 689 15.94 -12.82 -38.12
CA LEU A 689 16.17 -14.13 -37.54
C LEU A 689 14.85 -14.87 -37.42
N ALA A 690 14.91 -16.21 -37.59
CA ALA A 690 13.70 -17.01 -37.74
C ALA A 690 12.78 -16.89 -36.54
N GLY A 691 13.31 -17.12 -35.34
CA GLY A 691 12.50 -17.07 -34.14
C GLY A 691 12.73 -18.27 -33.24
N GLY A 692 13.49 -19.23 -33.73
CA GLY A 692 13.98 -20.33 -32.91
C GLY A 692 15.41 -20.63 -33.31
N GLU A 693 15.88 -19.90 -34.33
CA GLU A 693 17.13 -20.19 -34.99
C GLU A 693 18.31 -19.65 -34.19
N ARG A 694 19.42 -20.41 -34.21
CA ARG A 694 20.59 -20.08 -33.42
C ARG A 694 21.40 -18.98 -34.11
N VAL A 695 21.86 -18.02 -33.32
CA VAL A 695 22.59 -16.87 -33.85
C VAL A 695 23.90 -16.77 -33.09
N THR A 696 25.01 -16.95 -33.79
CA THR A 696 26.33 -16.85 -33.20
C THR A 696 26.70 -15.38 -33.01
N LEU A 697 27.12 -15.03 -31.80
CA LEU A 697 27.31 -13.63 -31.44
C LEU A 697 28.74 -13.47 -30.92
N ALA A 698 29.50 -12.59 -31.58
CA ALA A 698 30.93 -12.47 -31.35
C ALA A 698 31.24 -12.08 -29.90
N PRO A 699 32.49 -12.31 -29.45
CA PRO A 699 32.85 -11.95 -28.07
C PRO A 699 32.88 -10.44 -27.86
N LEU A 700 32.42 -10.01 -26.69
CA LEU A 700 32.27 -8.59 -26.35
C LEU A 700 31.47 -7.87 -27.43
N SER A 701 30.32 -8.44 -27.78
CA SER A 701 29.45 -7.89 -28.81
C SER A 701 28.04 -7.73 -28.25
N LEU A 702 27.23 -6.99 -28.99
CA LEU A 702 25.86 -6.67 -28.62
C LEU A 702 24.98 -6.88 -29.84
N THR A 703 23.69 -7.08 -29.59
CA THR A 703 22.76 -7.30 -30.69
C THR A 703 21.33 -6.96 -30.24
N VAL A 704 20.58 -6.34 -31.15
CA VAL A 704 19.19 -5.95 -30.92
C VAL A 704 18.34 -6.45 -32.08
N LEU A 705 17.16 -6.98 -31.75
CA LEU A 705 16.17 -7.39 -32.74
C LEU A 705 14.89 -6.58 -32.57
N ARG A 706 14.14 -6.44 -33.66
CA ARG A 706 12.96 -5.59 -33.70
C ARG A 706 11.81 -6.34 -34.35
N ARG A 707 10.60 -6.19 -33.78
CA ARG A 707 9.40 -6.87 -34.24
C ARG A 707 8.16 -6.12 -33.77
N PRO A 708 7.18 -5.88 -34.65
CA PRO A 708 5.95 -5.17 -34.30
C PRO A 708 4.80 -6.12 -33.96
N MET B 4 -0.70 -23.46 -10.34
CA MET B 4 -2.02 -24.06 -10.39
C MET B 4 -2.29 -24.88 -9.12
N GLN B 5 -3.57 -25.23 -8.91
CA GLN B 5 -4.00 -26.01 -7.74
C GLN B 5 -3.69 -25.28 -6.43
N VAL B 6 -4.39 -24.17 -6.22
CA VAL B 6 -4.25 -23.37 -5.00
C VAL B 6 -5.63 -23.18 -4.39
N TRP B 7 -5.90 -23.87 -3.28
CA TRP B 7 -7.09 -23.67 -2.47
C TRP B 7 -6.80 -22.70 -1.33
N PRO B 8 -7.83 -22.20 -0.63
CA PRO B 8 -7.55 -21.23 0.44
C PRO B 8 -6.71 -21.78 1.57
N GLY B 9 -6.94 -23.03 1.98
CA GLY B 9 -6.16 -23.62 3.06
C GLY B 9 -6.61 -23.13 4.43
N GLN B 10 -5.70 -23.25 5.39
CA GLN B 10 -5.97 -22.86 6.77
C GLN B 10 -4.80 -22.05 7.33
N ALA B 11 -5.14 -21.10 8.20
CA ALA B 11 -4.15 -20.23 8.84
C ALA B 11 -3.52 -20.86 10.08
N TYR B 12 -3.78 -22.14 10.34
CA TYR B 12 -3.23 -22.80 11.50
C TYR B 12 -3.02 -24.27 11.19
N PRO B 13 -1.89 -24.87 11.61
CA PRO B 13 -0.79 -24.16 12.29
C PRO B 13 0.07 -23.37 11.31
N LEU B 14 0.90 -22.47 11.83
CA LEU B 14 1.76 -21.68 10.98
C LEU B 14 2.89 -22.54 10.42
N GLY B 15 3.16 -22.37 9.13
CA GLY B 15 4.18 -23.14 8.44
C GLY B 15 3.59 -24.21 7.55
N ALA B 16 4.47 -24.80 6.74
CA ALA B 16 4.07 -25.87 5.84
C ALA B 16 3.70 -27.12 6.64
N THR B 17 2.49 -27.63 6.41
CA THR B 17 2.02 -28.84 7.06
C THR B 17 1.51 -29.80 6.00
N TYR B 18 1.90 -31.07 6.13
CA TYR B 18 1.65 -32.08 5.11
C TYR B 18 0.39 -32.87 5.47
N ASP B 19 -0.72 -32.52 4.83
CA ASP B 19 -1.99 -33.19 5.09
C ASP B 19 -2.25 -34.30 4.07
N GLY B 20 -1.33 -35.25 3.93
CA GLY B 20 -1.57 -36.41 3.09
C GLY B 20 -1.55 -36.13 1.59
N ALA B 21 -2.55 -35.42 1.09
CA ALA B 21 -2.64 -35.15 -0.34
C ALA B 21 -1.62 -34.11 -0.77
N GLY B 22 -1.65 -32.93 -0.14
CA GLY B 22 -0.71 -31.88 -0.44
C GLY B 22 -0.21 -31.19 0.81
N THR B 23 0.41 -30.03 0.65
CA THR B 23 0.90 -29.23 1.77
C THR B 23 0.11 -27.93 1.86
N ASN B 24 -0.16 -27.50 3.09
CA ASN B 24 -0.74 -26.20 3.37
C ASN B 24 0.30 -25.32 4.04
N PHE B 25 0.38 -24.06 3.61
CA PHE B 25 1.36 -23.12 4.11
C PHE B 25 0.65 -22.01 4.86
N ALA B 26 1.27 -21.52 5.94
CA ALA B 26 0.69 -20.45 6.73
C ALA B 26 1.81 -19.68 7.42
N VAL B 27 1.93 -18.40 7.10
CA VAL B 27 2.99 -17.55 7.63
C VAL B 27 2.37 -16.21 8.04
N PHE B 28 3.03 -15.55 9.00
CA PHE B 28 2.56 -14.27 9.51
C PHE B 28 3.30 -13.10 8.88
N SER B 29 2.55 -12.06 8.54
CA SER B 29 3.11 -10.74 8.25
C SER B 29 1.99 -9.72 8.34
N GLU B 30 2.09 -8.80 9.29
CA GLU B 30 1.08 -7.74 9.47
C GLU B 30 1.46 -6.44 8.77
N ALA B 31 2.54 -6.46 7.97
CA ALA B 31 2.98 -5.28 7.25
C ALA B 31 3.19 -5.54 5.76
N ALA B 32 3.03 -6.76 5.29
CA ALA B 32 3.18 -7.07 3.88
C ALA B 32 1.92 -6.69 3.12
N HIS B 33 2.11 -6.10 1.94
CA HIS B 33 0.97 -5.82 1.08
C HIS B 33 0.58 -7.04 0.26
N ARG B 34 1.57 -7.73 -0.31
CA ARG B 34 1.35 -8.97 -1.04
C ARG B 34 2.45 -9.95 -0.66
N ILE B 35 2.09 -11.22 -0.51
CA ILE B 35 3.04 -12.27 -0.14
C ILE B 35 2.95 -13.40 -1.16
N GLU B 36 4.10 -13.80 -1.70
CA GLU B 36 4.18 -14.88 -2.69
C GLU B 36 4.96 -16.05 -2.11
N LEU B 37 4.34 -17.22 -2.10
CA LEU B 37 5.02 -18.46 -1.76
C LEU B 37 5.77 -18.96 -2.99
N CYS B 38 7.08 -19.10 -2.86
CA CYS B 38 7.92 -19.64 -3.93
C CYS B 38 8.23 -21.10 -3.65
N LEU B 39 8.05 -21.95 -4.67
CA LEU B 39 8.38 -23.36 -4.59
C LEU B 39 9.63 -23.61 -5.40
N LEU B 40 10.68 -24.08 -4.74
CA LEU B 40 11.98 -24.25 -5.37
C LEU B 40 12.12 -25.65 -5.94
N HIS B 41 12.55 -25.74 -7.18
CA HIS B 41 12.73 -27.00 -7.88
C HIS B 41 14.20 -27.43 -7.78
N ASP B 42 14.56 -28.49 -8.49
CA ASP B 42 15.91 -29.03 -8.43
C ASP B 42 16.83 -28.45 -9.50
N ASP B 43 16.31 -27.75 -10.49
CA ASP B 43 17.13 -26.98 -11.42
C ASP B 43 17.19 -25.51 -11.05
N GLY B 44 16.74 -25.15 -9.85
CA GLY B 44 16.77 -23.77 -9.40
C GLY B 44 15.61 -22.91 -9.85
N SER B 45 14.77 -23.41 -10.75
CA SER B 45 13.61 -22.63 -11.18
C SER B 45 12.62 -22.48 -10.03
N GLU B 46 11.69 -21.54 -10.21
CA GLU B 46 10.73 -21.20 -9.18
C GLU B 46 9.31 -21.40 -9.68
N THR B 47 8.39 -21.51 -8.72
CA THR B 47 6.95 -21.52 -8.98
C THR B 47 6.33 -20.53 -8.01
N ALA B 48 6.15 -19.29 -8.46
CA ALA B 48 5.61 -18.24 -7.60
C ALA B 48 4.08 -18.36 -7.56
N VAL B 49 3.55 -18.43 -6.34
CA VAL B 49 2.10 -18.50 -6.11
C VAL B 49 1.79 -17.65 -4.90
N GLU B 50 0.83 -16.74 -5.05
CA GLU B 50 0.49 -15.81 -3.97
C GLU B 50 -0.36 -16.51 -2.91
N LEU B 51 0.12 -16.55 -1.68
CA LEU B 51 -0.73 -16.89 -0.56
C LEU B 51 -1.70 -15.75 -0.33
N ARG B 52 -2.88 -15.84 -0.96
CA ARG B 52 -3.75 -14.68 -1.05
C ARG B 52 -4.60 -14.51 0.21
N GLU B 53 -5.21 -15.60 0.69
CA GLU B 53 -6.18 -15.49 1.78
C GLU B 53 -5.54 -14.98 3.06
N THR B 54 -5.82 -13.73 3.40
CA THR B 54 -5.41 -13.17 4.68
C THR B 54 -6.46 -13.52 5.74
N ASP B 55 -5.98 -13.79 6.95
CA ASP B 55 -6.86 -13.99 8.09
C ASP B 55 -6.06 -13.66 9.35
N ALA B 56 -6.39 -12.53 9.99
CA ALA B 56 -5.62 -12.00 11.11
C ALA B 56 -4.14 -11.87 10.73
N PHE B 57 -3.90 -11.31 9.55
CA PHE B 57 -2.57 -11.02 9.02
C PHE B 57 -1.71 -12.26 8.85
N VAL B 58 -2.30 -13.45 8.89
CA VAL B 58 -1.66 -14.68 8.47
C VAL B 58 -2.21 -15.05 7.10
N ARG B 59 -1.34 -15.05 6.10
CA ARG B 59 -1.71 -15.40 4.73
C ARG B 59 -1.33 -16.85 4.46
N HIS B 60 -2.19 -17.56 3.72
CA HIS B 60 -2.06 -19.00 3.64
C HIS B 60 -2.65 -19.50 2.33
N ALA B 61 -2.39 -20.77 2.04
CA ALA B 61 -2.96 -21.48 0.89
C ALA B 61 -2.61 -22.95 1.01
N TYR B 62 -3.51 -23.79 0.52
CA TYR B 62 -3.28 -25.22 0.38
C TYR B 62 -2.87 -25.53 -1.04
N LEU B 63 -1.82 -26.33 -1.21
CA LEU B 63 -1.35 -26.76 -2.52
C LEU B 63 -1.42 -28.27 -2.60
N PRO B 64 -2.45 -28.84 -3.22
CA PRO B 64 -2.48 -30.30 -3.39
C PRO B 64 -1.36 -30.77 -4.30
N GLY B 65 -0.81 -31.94 -4.00
CA GLY B 65 0.33 -32.47 -4.71
C GLY B 65 1.66 -32.15 -4.09
N VAL B 66 1.79 -30.97 -3.46
CA VAL B 66 3.05 -30.60 -2.82
C VAL B 66 3.34 -31.57 -1.69
N MET B 67 4.42 -32.30 -1.82
CA MET B 67 4.80 -33.38 -0.93
C MET B 67 5.88 -32.92 0.04
N PRO B 68 6.22 -33.73 1.04
CA PRO B 68 7.41 -33.44 1.85
C PRO B 68 8.66 -33.38 0.97
N GLY B 69 9.70 -32.79 1.53
CA GLY B 69 10.92 -32.57 0.79
C GLY B 69 10.88 -31.42 -0.19
N GLN B 70 9.73 -30.76 -0.34
CA GLN B 70 9.65 -29.59 -1.18
C GLN B 70 10.45 -28.44 -0.59
N ARG B 71 11.31 -27.85 -1.39
CA ARG B 71 12.01 -26.63 -1.00
C ARG B 71 11.13 -25.43 -1.31
N TYR B 72 10.98 -24.54 -0.32
CA TYR B 72 10.04 -23.44 -0.46
C TYR B 72 10.50 -22.27 0.39
N GLY B 73 10.03 -21.08 0.01
CA GLY B 73 10.33 -19.86 0.74
C GLY B 73 9.38 -18.77 0.33
N PHE B 74 9.19 -17.82 1.24
CA PHE B 74 8.26 -16.73 1.01
C PHE B 74 9.00 -15.50 0.49
N ARG B 75 8.31 -14.73 -0.35
CA ARG B 75 8.80 -13.44 -0.84
C ARG B 75 7.77 -12.39 -0.45
N VAL B 76 8.16 -11.51 0.47
CA VAL B 76 7.25 -10.52 1.03
C VAL B 76 7.37 -9.25 0.20
N HIS B 77 6.36 -9.01 -0.65
CA HIS B 77 6.22 -7.71 -1.27
C HIS B 77 5.71 -6.71 -0.24
N GLY B 78 6.38 -5.57 -0.14
CA GLY B 78 5.99 -4.57 0.82
C GLY B 78 6.85 -3.31 0.70
N PRO B 79 6.76 -2.47 1.72
CA PRO B 79 7.53 -1.22 1.70
C PRO B 79 8.91 -1.36 2.31
N TYR B 80 9.93 -0.90 1.58
CA TYR B 80 11.26 -0.73 2.15
C TYR B 80 11.32 0.67 2.75
N ALA B 81 11.41 0.75 4.09
CA ALA B 81 11.38 2.03 4.78
C ALA B 81 11.99 1.91 6.16
N PRO B 82 13.32 1.84 6.28
CA PRO B 82 13.94 1.72 7.61
C PRO B 82 13.86 3.00 8.45
N GLU B 83 13.54 4.15 7.85
CA GLU B 83 13.25 5.32 8.68
C GLU B 83 12.05 5.05 9.58
N ARG B 84 11.09 4.28 9.08
CA ARG B 84 9.95 3.82 9.85
C ARG B 84 10.14 2.40 10.38
N GLY B 85 11.12 1.67 9.86
CA GLY B 85 11.43 0.34 10.36
C GLY B 85 10.98 -0.81 9.50
N LEU B 86 10.68 -0.59 8.22
CA LEU B 86 10.24 -1.62 7.31
C LEU B 86 11.37 -1.96 6.35
N ARG B 87 11.77 -3.22 6.33
CA ARG B 87 12.89 -3.66 5.50
C ARG B 87 12.48 -4.83 4.61
N CYS B 88 11.21 -4.91 4.24
CA CYS B 88 10.77 -5.95 3.33
C CYS B 88 11.45 -5.78 1.97
N ASN B 89 11.90 -6.89 1.40
CA ASN B 89 12.55 -6.88 0.10
C ASN B 89 12.01 -8.04 -0.71
N ALA B 90 11.34 -7.74 -1.82
CA ALA B 90 10.78 -8.78 -2.67
C ALA B 90 11.86 -9.64 -3.31
N ALA B 91 13.10 -9.14 -3.41
CA ALA B 91 14.15 -9.92 -4.06
C ALA B 91 14.61 -11.09 -3.20
N LYS B 92 14.50 -10.96 -1.87
CA LYS B 92 15.04 -11.98 -0.98
C LYS B 92 14.05 -13.13 -0.81
N LEU B 93 14.59 -14.33 -0.63
CA LEU B 93 13.79 -15.53 -0.39
C LEU B 93 13.73 -15.74 1.11
N LEU B 94 12.60 -15.36 1.72
CA LEU B 94 12.48 -15.39 3.16
C LEU B 94 12.20 -16.81 3.65
N LEU B 95 12.98 -17.26 4.64
CA LEU B 95 12.74 -18.55 5.23
C LEU B 95 11.42 -18.57 5.98
N ASP B 96 10.90 -19.77 6.24
CA ASP B 96 9.72 -19.95 7.06
C ASP B 96 10.19 -19.99 8.51
N PRO B 97 9.83 -19.01 9.34
CA PRO B 97 10.22 -19.08 10.76
C PRO B 97 9.71 -20.33 11.45
N TYR B 98 8.67 -20.96 10.92
CA TYR B 98 8.12 -22.23 11.39
C TYR B 98 8.64 -23.40 10.58
N ALA B 99 9.88 -23.31 10.11
CA ALA B 99 10.48 -24.33 9.25
C ALA B 99 10.84 -25.56 10.08
N ARG B 100 10.14 -26.66 9.82
CA ARG B 100 10.48 -27.92 10.47
C ARG B 100 11.74 -28.54 9.90
N ALA B 101 12.29 -27.99 8.82
CA ALA B 101 13.56 -28.42 8.26
C ALA B 101 14.07 -27.35 7.31
N VAL B 102 15.39 -27.21 7.23
CA VAL B 102 16.01 -26.16 6.42
C VAL B 102 17.23 -26.77 5.74
N SER B 103 17.24 -26.75 4.41
CA SER B 103 18.29 -27.40 3.64
C SER B 103 19.41 -26.42 3.29
N GLY B 104 20.65 -26.83 3.50
CA GLY B 104 21.79 -26.08 3.04
C GLY B 104 22.37 -25.12 4.07
N ARG B 105 23.29 -24.30 3.59
CA ARG B 105 23.97 -23.29 4.39
C ARG B 105 23.82 -21.94 3.70
N VAL B 106 24.48 -20.92 4.27
CA VAL B 106 24.50 -19.58 3.67
C VAL B 106 25.80 -19.43 2.89
N ARG B 107 25.69 -18.99 1.65
CA ARG B 107 26.82 -18.82 0.74
C ARG B 107 27.12 -17.33 0.72
N TRP B 108 27.99 -16.90 1.64
CA TRP B 108 28.09 -15.48 1.99
C TRP B 108 28.56 -14.61 0.83
N GLY B 109 27.63 -13.83 0.28
CA GLY B 109 27.94 -12.87 -0.76
C GLY B 109 27.18 -11.57 -0.55
N GLU B 110 27.18 -10.70 -1.56
CA GLU B 110 26.49 -9.41 -1.49
C GLU B 110 24.98 -9.56 -1.54
N ALA B 111 24.46 -10.78 -1.71
CA ALA B 111 23.05 -10.96 -2.03
C ALA B 111 22.16 -11.17 -0.82
N VAL B 112 22.66 -11.83 0.23
CA VAL B 112 21.81 -12.22 1.36
C VAL B 112 21.48 -11.07 2.30
N TYR B 113 21.87 -9.84 1.98
CA TYR B 113 21.96 -8.79 2.98
C TYR B 113 20.81 -7.80 2.97
N GLY B 114 19.97 -7.79 1.94
CA GLY B 114 18.83 -6.88 1.89
C GLY B 114 19.19 -5.42 1.75
N TYR B 115 20.47 -5.07 1.80
CA TYR B 115 20.93 -3.71 1.62
C TYR B 115 22.26 -3.77 0.88
N PRO B 116 22.62 -2.72 0.15
CA PRO B 116 23.93 -2.70 -0.51
C PRO B 116 25.03 -2.26 0.46
N PHE B 117 26.17 -2.94 0.34
CA PHE B 117 27.22 -2.86 1.37
C PHE B 117 27.58 -1.43 1.72
N GLY B 118 27.68 -0.54 0.73
CA GLY B 118 28.13 0.81 1.00
C GLY B 118 27.06 1.66 1.67
N ARG B 119 25.83 1.60 1.17
CA ARG B 119 24.74 2.44 1.64
C ARG B 119 23.77 1.61 2.47
N PRO B 120 23.81 1.71 3.80
CA PRO B 120 23.01 0.80 4.63
C PRO B 120 21.50 0.91 4.42
N ASP B 121 20.99 2.08 4.02
CA ASP B 121 19.56 2.30 3.97
C ASP B 121 18.98 2.24 2.56
N ALA B 122 19.79 1.86 1.57
CA ALA B 122 19.30 1.78 0.20
C ALA B 122 18.61 0.43 -0.01
N ARG B 123 18.26 0.12 -1.26
CA ARG B 123 17.51 -1.08 -1.61
C ARG B 123 18.43 -2.06 -2.34
N ASN B 124 18.56 -3.26 -1.81
CA ASN B 124 19.31 -4.33 -2.46
C ASN B 124 18.33 -5.17 -3.27
N ASP B 125 18.57 -5.26 -4.58
CA ASP B 125 17.65 -5.93 -5.49
C ASP B 125 18.15 -7.30 -5.94
N LEU B 126 19.06 -7.91 -5.19
CA LEU B 126 19.64 -9.19 -5.57
C LEU B 126 18.77 -10.33 -5.07
N ASP B 127 18.58 -11.32 -5.94
CA ASP B 127 17.70 -12.46 -5.67
C ASP B 127 18.41 -13.41 -4.72
N SER B 128 18.08 -13.33 -3.43
CA SER B 128 18.74 -14.09 -2.37
C SER B 128 18.48 -15.60 -2.44
N ALA B 129 17.81 -16.14 -3.45
CA ALA B 129 17.45 -17.55 -3.45
C ALA B 129 18.65 -18.50 -3.42
N PRO B 130 19.63 -18.41 -4.34
CA PRO B 130 20.67 -19.45 -4.36
C PRO B 130 21.62 -19.42 -3.20
N ASP B 131 21.85 -18.25 -2.59
CA ASP B 131 22.83 -18.10 -1.53
C ASP B 131 22.28 -18.45 -0.15
N THR B 132 20.97 -18.55 -0.01
CA THR B 132 20.33 -18.62 1.30
C THR B 132 19.84 -20.03 1.58
N MET B 133 19.43 -20.25 2.83
CA MET B 133 18.85 -21.50 3.27
C MET B 133 17.40 -21.61 2.81
N THR B 134 16.94 -22.84 2.62
CA THR B 134 15.61 -23.11 2.08
C THR B 134 14.84 -23.97 3.07
N SER B 135 13.75 -23.43 3.61
CA SER B 135 12.88 -24.19 4.50
C SER B 135 12.15 -25.29 3.72
N VAL B 136 12.07 -26.47 4.30
CA VAL B 136 11.60 -27.66 3.62
C VAL B 136 10.35 -28.20 4.30
N VAL B 137 9.42 -28.73 3.50
CA VAL B 137 8.26 -29.44 4.03
C VAL B 137 8.72 -30.75 4.66
N VAL B 138 8.06 -31.14 5.75
CA VAL B 138 8.44 -32.33 6.50
C VAL B 138 7.23 -33.25 6.63
N ASN B 139 7.49 -34.56 6.57
CA ASN B 139 6.48 -35.57 6.84
C ASN B 139 6.55 -35.90 8.33
N PRO B 140 5.52 -35.59 9.12
CA PRO B 140 5.64 -35.69 10.58
C PRO B 140 5.64 -37.12 11.12
N TYR B 141 5.58 -38.14 10.27
CA TYR B 141 5.49 -39.50 10.77
C TYR B 141 6.76 -39.91 11.51
N PHE B 142 6.58 -40.63 12.61
CA PHE B 142 7.67 -41.35 13.26
C PHE B 142 7.13 -42.37 14.26
N ASP B 143 7.63 -43.60 14.18
CA ASP B 143 7.21 -44.67 15.09
C ASP B 143 7.98 -44.53 16.40
N TRP B 144 7.42 -43.77 17.34
CA TRP B 144 7.88 -43.75 18.73
C TRP B 144 7.17 -44.89 19.43
N GLY B 145 7.75 -46.08 19.40
CA GLY B 145 6.98 -47.23 19.85
C GLY B 145 6.61 -47.19 21.32
N ASP B 146 7.55 -47.50 22.21
CA ASP B 146 7.35 -47.24 23.63
C ASP B 146 8.17 -46.07 24.13
N ASP B 147 8.02 -44.89 23.52
CA ASP B 147 8.91 -43.77 23.86
C ASP B 147 8.44 -43.09 25.15
N ARG B 148 8.54 -43.85 26.24
CA ARG B 148 8.37 -43.29 27.57
C ARG B 148 9.35 -42.15 27.77
N ARG B 149 8.82 -40.93 27.94
CA ARG B 149 9.67 -39.87 28.46
C ARG B 149 10.17 -40.33 29.81
N PRO B 150 11.45 -40.64 29.96
CA PRO B 150 11.92 -41.23 31.22
C PRO B 150 11.87 -40.20 32.33
N ARG B 151 10.68 -39.97 32.88
CA ARG B 151 10.42 -38.82 33.72
C ARG B 151 11.17 -38.97 35.04
N THR B 152 12.48 -38.85 34.97
CA THR B 152 13.31 -38.81 36.16
C THR B 152 13.01 -37.53 36.94
N GLU B 153 12.78 -37.66 38.24
CA GLU B 153 12.41 -36.52 39.06
C GLU B 153 13.61 -35.58 39.22
N TYR B 154 13.38 -34.48 39.95
CA TYR B 154 14.37 -33.41 39.99
C TYR B 154 15.45 -33.65 41.03
N HIS B 155 15.20 -34.50 42.03
CA HIS B 155 16.21 -34.81 43.04
C HIS B 155 16.99 -36.09 42.72
N HIS B 156 16.97 -36.51 41.45
CA HIS B 156 17.81 -37.61 40.98
C HIS B 156 18.69 -37.19 39.81
N THR B 157 18.56 -35.96 39.32
CA THR B 157 19.17 -35.56 38.07
C THR B 157 20.68 -35.44 38.18
N VAL B 158 21.37 -35.73 37.07
CA VAL B 158 22.72 -35.28 36.79
C VAL B 158 22.70 -34.76 35.37
N ILE B 159 22.81 -33.45 35.20
CA ILE B 159 22.76 -32.81 33.89
C ILE B 159 24.15 -32.87 33.27
N TYR B 160 24.21 -33.18 31.98
CA TYR B 160 25.47 -33.39 31.26
C TYR B 160 25.46 -32.51 30.02
N GLU B 161 25.94 -31.28 30.15
CA GLU B 161 26.00 -30.38 29.02
C GLU B 161 27.04 -30.85 28.02
N ALA B 162 26.61 -31.11 26.80
CA ALA B 162 27.50 -31.62 25.75
C ALA B 162 27.07 -31.04 24.42
N HIS B 163 28.05 -30.84 23.54
CA HIS B 163 27.76 -30.39 22.18
C HIS B 163 27.59 -31.60 21.28
N VAL B 164 26.64 -31.48 20.34
CA VAL B 164 26.35 -32.57 19.42
C VAL B 164 27.57 -32.91 18.56
N LYS B 165 28.35 -31.89 18.19
CA LYS B 165 29.48 -32.12 17.29
C LYS B 165 30.75 -32.49 18.04
N GLY B 166 30.98 -31.88 19.21
CA GLY B 166 32.17 -32.23 19.97
C GLY B 166 32.12 -33.65 20.50
N LEU B 167 30.97 -34.04 21.09
CA LEU B 167 30.86 -35.29 21.85
C LEU B 167 31.37 -36.50 21.08
N THR B 168 31.09 -36.58 19.78
CA THR B 168 31.36 -37.78 19.01
C THR B 168 32.39 -37.61 17.90
N MET B 169 32.79 -36.37 17.58
CA MET B 169 33.68 -36.13 16.44
C MET B 169 34.94 -36.98 16.51
N LEU B 170 35.49 -37.16 17.71
CA LEU B 170 36.73 -37.90 17.92
C LEU B 170 36.51 -39.18 18.71
N HIS B 171 35.35 -39.80 18.56
CA HIS B 171 35.10 -41.09 19.21
C HIS B 171 35.67 -42.21 18.34
N PRO B 172 36.79 -42.84 18.77
CA PRO B 172 37.38 -43.97 18.03
C PRO B 172 36.62 -45.28 18.23
N ASP B 173 35.29 -45.20 18.21
CA ASP B 173 34.44 -46.36 18.40
C ASP B 173 33.37 -46.40 17.32
N LEU B 174 32.99 -45.24 16.81
CA LEU B 174 31.90 -45.10 15.86
C LEU B 174 32.42 -45.14 14.44
N PRO B 175 31.58 -45.50 13.47
CA PRO B 175 31.95 -45.32 12.07
C PRO B 175 32.09 -43.85 11.74
N GLU B 176 32.97 -43.54 10.78
CA GLU B 176 33.26 -42.15 10.44
C GLU B 176 32.01 -41.40 9.99
N GLU B 177 31.07 -42.09 9.34
CA GLU B 177 29.88 -41.43 8.80
C GLU B 177 29.11 -40.71 9.91
N LEU B 178 28.99 -41.35 11.07
CA LEU B 178 28.17 -40.80 12.16
C LEU B 178 28.95 -39.93 13.12
N ARG B 179 30.27 -39.87 13.01
CA ARG B 179 31.12 -39.15 13.96
C ARG B 179 30.83 -37.66 13.86
N GLY B 180 30.11 -37.12 14.83
CA GLY B 180 29.78 -35.71 14.89
C GLY B 180 28.31 -35.41 14.74
N THR B 181 27.50 -36.35 14.27
CA THR B 181 26.10 -36.12 13.96
C THR B 181 25.23 -36.36 15.19
N TYR B 182 23.92 -36.27 15.00
CA TYR B 182 23.01 -36.73 16.05
C TYR B 182 23.02 -38.25 16.16
N ALA B 183 23.32 -38.95 15.06
CA ALA B 183 23.32 -40.40 15.07
C ALA B 183 24.38 -40.94 16.01
N GLY B 184 25.61 -40.43 15.91
CA GLY B 184 26.67 -40.83 16.83
C GLY B 184 26.34 -40.54 18.28
N LEU B 185 25.46 -39.58 18.55
CA LEU B 185 25.02 -39.30 19.90
C LEU B 185 24.19 -40.43 20.49
N ALA B 186 23.60 -41.28 19.64
CA ALA B 186 22.78 -42.40 20.10
C ALA B 186 23.49 -43.74 19.91
N HIS B 187 24.78 -43.74 19.60
CA HIS B 187 25.50 -44.99 19.43
C HIS B 187 25.67 -45.66 20.79
N PRO B 188 25.46 -46.98 20.89
CA PRO B 188 25.48 -47.63 22.22
C PRO B 188 26.81 -47.47 22.95
N SER B 189 27.90 -47.24 22.24
CA SER B 189 29.17 -46.96 22.90
C SER B 189 29.14 -45.60 23.60
N VAL B 190 28.46 -44.62 23.00
CA VAL B 190 28.28 -43.33 23.65
C VAL B 190 27.24 -43.45 24.76
N ILE B 191 26.05 -43.95 24.42
CA ILE B 191 25.00 -44.18 25.41
C ILE B 191 25.53 -45.03 26.56
N GLY B 192 26.48 -45.92 26.28
CA GLY B 192 27.15 -46.63 27.35
C GLY B 192 27.93 -45.70 28.26
N HIS B 193 28.68 -44.76 27.68
CA HIS B 193 29.51 -43.88 28.49
C HIS B 193 28.67 -42.93 29.33
N LEU B 194 27.58 -42.40 28.76
CA LEU B 194 26.67 -41.58 29.55
C LEU B 194 26.02 -42.40 30.66
N ARG B 195 25.76 -43.68 30.39
CA ARG B 195 25.25 -44.57 31.43
C ARG B 195 26.35 -44.95 32.41
N GLU B 196 27.56 -45.24 31.91
CA GLU B 196 28.70 -45.51 32.78
C GLU B 196 28.91 -44.39 33.78
N LEU B 197 28.52 -43.17 33.42
CA LEU B 197 28.85 -41.97 34.20
C LEU B 197 27.74 -41.57 35.16
N GLY B 198 26.50 -41.99 34.91
CA GLY B 198 25.40 -41.67 35.81
C GLY B 198 24.63 -40.43 35.48
N VAL B 199 24.67 -39.96 34.24
CA VAL B 199 23.91 -38.77 33.85
C VAL B 199 22.48 -39.16 33.55
N THR B 200 21.54 -38.30 33.93
CA THR B 200 20.13 -38.53 33.67
C THR B 200 19.55 -37.51 32.70
N ALA B 201 20.39 -36.69 32.09
CA ALA B 201 19.91 -35.65 31.18
C ALA B 201 21.05 -35.23 30.26
N LEU B 202 20.76 -35.13 28.97
CA LEU B 202 21.73 -34.72 27.96
C LEU B 202 21.42 -33.28 27.58
N GLU B 203 22.02 -32.33 28.29
CA GLU B 203 21.86 -30.93 27.91
C GLU B 203 22.61 -30.69 26.61
N LEU B 204 21.87 -30.40 25.55
CA LEU B 204 22.38 -30.37 24.19
C LEU B 204 22.51 -28.92 23.75
N MET B 205 23.76 -28.44 23.64
CA MET B 205 24.06 -27.10 23.16
C MET B 205 23.33 -26.84 21.85
N PRO B 206 22.96 -25.58 21.54
CA PRO B 206 21.83 -25.33 20.62
C PRO B 206 21.76 -26.23 19.40
N VAL B 207 20.67 -26.98 19.29
CA VAL B 207 20.40 -27.81 18.13
C VAL B 207 19.53 -27.06 17.13
N HIS B 208 18.80 -26.03 17.56
CA HIS B 208 18.14 -25.13 16.64
C HIS B 208 19.10 -24.69 15.56
N GLN B 209 18.65 -24.78 14.30
CA GLN B 209 19.53 -24.50 13.17
C GLN B 209 20.01 -23.06 13.21
N PHE B 210 21.32 -22.88 13.35
CA PHE B 210 21.93 -21.56 13.37
C PHE B 210 22.54 -21.24 12.00
N VAL B 211 23.27 -20.13 11.94
CA VAL B 211 23.92 -19.68 10.71
C VAL B 211 25.38 -19.36 11.02
N ASN B 212 26.28 -19.82 10.15
CA ASN B 212 27.69 -19.50 10.29
C ASN B 212 27.89 -17.99 10.18
N ASP B 213 28.39 -17.39 11.26
CA ASP B 213 28.65 -15.94 11.29
C ASP B 213 29.54 -15.53 10.13
N HIS B 214 29.14 -14.47 9.42
CA HIS B 214 29.89 -14.04 8.25
C HIS B 214 31.29 -13.57 8.62
N ARG B 215 31.39 -12.73 9.65
CA ARG B 215 32.71 -12.28 10.12
C ARG B 215 33.58 -13.47 10.50
N LEU B 216 32.98 -14.57 10.97
CA LEU B 216 33.76 -15.76 11.30
C LEU B 216 34.22 -16.49 10.06
N VAL B 217 33.32 -16.68 9.09
CA VAL B 217 33.71 -17.33 7.83
C VAL B 217 34.73 -16.48 7.09
N ASP B 218 34.61 -15.15 7.16
CA ASP B 218 35.57 -14.23 6.56
C ASP B 218 36.92 -14.25 7.26
N ALA B 219 37.11 -15.09 8.27
CA ALA B 219 38.36 -15.15 9.03
C ALA B 219 39.01 -16.52 9.03
N GLY B 220 38.43 -17.51 8.37
CA GLY B 220 38.87 -18.88 8.50
C GLY B 220 38.24 -19.63 9.66
N LEU B 221 37.05 -19.21 10.09
CA LEU B 221 36.41 -19.75 11.28
C LEU B 221 34.97 -20.13 10.98
N SER B 222 34.20 -20.43 12.02
CA SER B 222 32.77 -20.67 11.91
C SER B 222 32.19 -20.54 13.31
N ASN B 223 30.87 -20.56 13.38
CA ASN B 223 30.20 -20.61 14.68
C ASN B 223 30.11 -22.08 15.11
N TYR B 224 30.88 -22.44 16.12
CA TYR B 224 30.94 -23.82 16.58
C TYR B 224 29.86 -24.13 17.62
N TRP B 225 29.61 -23.21 18.56
CA TRP B 225 28.55 -23.42 19.55
C TRP B 225 27.17 -23.31 18.90
N GLY B 226 26.92 -22.21 18.19
CA GLY B 226 25.68 -22.02 17.48
C GLY B 226 24.65 -21.16 18.18
N TYR B 227 25.08 -20.19 18.99
CA TYR B 227 24.13 -19.26 19.60
C TYR B 227 23.83 -18.13 18.63
N ASN B 228 23.47 -18.49 17.39
CA ASN B 228 23.06 -17.50 16.38
C ASN B 228 22.07 -18.20 15.43
N THR B 229 20.80 -18.20 15.81
CA THR B 229 19.83 -19.14 15.26
C THR B 229 18.75 -18.42 14.45
N ILE B 230 18.31 -19.05 13.37
CA ILE B 230 17.18 -18.55 12.57
C ILE B 230 16.06 -19.58 12.49
N GLY B 231 16.40 -20.86 12.51
CA GLY B 231 15.40 -21.90 12.34
C GLY B 231 14.97 -22.50 13.66
N PHE B 232 13.83 -22.06 14.17
CA PHE B 232 13.41 -22.40 15.52
C PHE B 232 12.64 -23.71 15.59
N PHE B 233 12.45 -24.39 14.45
CA PHE B 233 11.77 -25.68 14.42
C PHE B 233 12.62 -26.76 13.79
N ALA B 234 13.82 -26.43 13.27
CA ALA B 234 14.60 -27.36 12.49
C ALA B 234 15.87 -27.78 13.22
N PRO B 235 16.22 -29.07 13.20
CA PRO B 235 17.54 -29.48 13.67
C PRO B 235 18.62 -29.00 12.71
N HIS B 236 19.81 -28.77 13.24
CA HIS B 236 20.89 -28.17 12.46
C HIS B 236 21.32 -29.12 11.36
N ASN B 237 21.32 -28.63 10.11
CA ASN B 237 21.62 -29.48 8.97
C ASN B 237 23.04 -30.01 8.99
N ALA B 238 23.97 -29.25 9.58
CA ALA B 238 25.36 -29.67 9.63
C ALA B 238 25.61 -30.87 10.53
N TYR B 239 24.63 -31.25 11.36
CA TYR B 239 24.77 -32.36 12.30
C TYR B 239 24.06 -33.62 11.84
N ALA B 240 23.70 -33.73 10.56
CA ALA B 240 22.88 -34.83 10.07
C ALA B 240 23.56 -35.49 8.88
N SER B 241 24.10 -36.69 9.09
CA SER B 241 24.75 -37.45 8.03
C SER B 241 23.76 -38.12 7.09
N TRP B 242 22.45 -38.04 7.37
CA TRP B 242 21.46 -38.69 6.51
C TRP B 242 20.92 -37.76 5.44
N GLY B 243 20.96 -36.46 5.65
CA GLY B 243 20.46 -35.51 4.67
C GLY B 243 20.07 -34.21 5.34
N ASP B 244 19.47 -33.33 4.53
CA ASP B 244 19.01 -32.03 5.01
C ASP B 244 17.61 -31.64 4.57
N ARG B 245 17.06 -32.27 3.51
CA ARG B 245 15.73 -31.93 3.01
C ARG B 245 14.67 -32.72 3.80
N GLY B 246 14.50 -32.32 5.06
CA GLY B 246 13.52 -32.96 5.92
C GLY B 246 13.93 -34.30 6.46
N GLN B 247 15.20 -34.68 6.33
CA GLN B 247 15.70 -35.93 6.86
C GLN B 247 16.49 -35.77 8.16
N GLN B 248 16.96 -34.56 8.44
CA GLN B 248 17.65 -34.27 9.69
C GLN B 248 16.72 -34.32 10.89
N VAL B 249 15.41 -34.09 10.68
CA VAL B 249 14.45 -34.27 11.77
C VAL B 249 14.34 -35.74 12.15
N LEU B 250 14.42 -36.63 11.15
CA LEU B 250 14.38 -38.06 11.41
C LEU B 250 15.54 -38.50 12.28
N GLU B 251 16.74 -37.96 12.03
CA GLU B 251 17.91 -38.32 12.83
C GLU B 251 17.72 -37.92 14.28
N PHE B 252 17.29 -36.67 14.52
CA PHE B 252 17.15 -36.18 15.88
C PHE B 252 16.13 -37.00 16.65
N LYS B 253 15.00 -37.34 16.01
CA LYS B 253 13.98 -38.13 16.68
C LYS B 253 14.50 -39.50 17.07
N SER B 254 15.08 -40.23 16.11
CA SER B 254 15.60 -41.57 16.40
C SER B 254 16.74 -41.52 17.40
N ALA B 255 17.47 -40.39 17.46
CA ALA B 255 18.53 -40.26 18.46
C ALA B 255 17.94 -40.14 19.87
N VAL B 256 16.88 -39.34 20.03
CA VAL B 256 16.24 -39.21 21.33
C VAL B 256 15.63 -40.54 21.76
N ARG B 257 14.92 -41.21 20.85
CA ARG B 257 14.29 -42.48 21.17
C ARG B 257 15.31 -43.51 21.66
N ALA B 258 16.52 -43.49 21.09
CA ALA B 258 17.57 -44.37 21.58
C ALA B 258 18.09 -43.92 22.93
N LEU B 259 18.07 -42.61 23.21
CA LEU B 259 18.51 -42.13 24.50
C LEU B 259 17.49 -42.41 25.59
N HIS B 260 16.20 -42.26 25.27
CA HIS B 260 15.15 -42.56 26.23
C HIS B 260 15.16 -44.04 26.60
N GLN B 261 15.46 -44.91 25.63
CA GLN B 261 15.53 -46.35 25.88
C GLN B 261 16.54 -46.70 26.96
N ALA B 262 17.51 -45.81 27.24
CA ALA B 262 18.49 -46.02 28.28
C ALA B 262 18.24 -45.16 29.52
N GLY B 263 17.08 -44.52 29.60
CA GLY B 263 16.79 -43.65 30.72
C GLY B 263 17.60 -42.37 30.72
N ILE B 264 17.76 -41.73 29.56
CA ILE B 264 18.52 -40.49 29.44
C ILE B 264 17.61 -39.46 28.77
N GLU B 265 17.31 -38.38 29.48
CA GLU B 265 16.49 -37.31 28.93
C GLU B 265 17.30 -36.43 28.00
N VAL B 266 16.60 -35.57 27.26
CA VAL B 266 17.22 -34.61 26.35
C VAL B 266 16.76 -33.22 26.76
N ILE B 267 17.68 -32.41 27.28
CA ILE B 267 17.40 -31.02 27.61
C ILE B 267 18.16 -30.14 26.61
N LEU B 268 17.54 -29.80 25.49
CA LEU B 268 18.29 -29.07 24.48
C LEU B 268 18.34 -27.59 24.82
N ASP B 269 19.43 -26.95 24.39
CA ASP B 269 19.65 -25.54 24.65
C ASP B 269 18.88 -24.71 23.65
N VAL B 270 18.10 -23.75 24.15
CA VAL B 270 17.24 -22.92 23.31
C VAL B 270 17.75 -21.48 23.35
N VAL B 271 17.83 -20.86 22.18
CA VAL B 271 18.29 -19.47 22.05
C VAL B 271 17.14 -18.71 21.40
N TYR B 272 16.25 -18.14 22.21
CA TYR B 272 15.12 -17.37 21.72
C TYR B 272 15.30 -15.87 21.88
N ASN B 273 16.37 -15.44 22.55
CA ASN B 273 16.56 -14.03 22.88
C ASN B 273 17.02 -13.20 21.69
N HIS B 274 17.74 -13.82 20.74
CA HIS B 274 18.26 -13.10 19.60
C HIS B 274 18.24 -14.01 18.38
N THR B 275 18.48 -13.42 17.21
CA THR B 275 18.40 -14.12 15.95
C THR B 275 19.70 -13.89 15.18
N ALA B 276 20.01 -14.82 14.27
CA ALA B 276 21.25 -14.74 13.50
C ALA B 276 21.30 -13.52 12.58
N GLU B 277 20.15 -12.89 12.31
CA GLU B 277 20.16 -11.72 11.44
C GLU B 277 20.78 -10.50 12.11
N GLY B 278 20.93 -10.53 13.44
CA GLY B 278 21.56 -9.45 14.18
C GLY B 278 20.91 -8.09 13.95
N ASN B 279 21.69 -7.03 14.13
CA ASN B 279 21.22 -5.68 13.86
C ASN B 279 21.21 -5.45 12.36
N HIS B 280 20.99 -4.19 11.94
CA HIS B 280 21.14 -3.85 10.53
C HIS B 280 22.61 -4.03 10.15
N LEU B 281 22.94 -3.82 8.88
CA LEU B 281 24.18 -4.28 8.25
C LEU B 281 24.26 -5.80 8.21
N GLY B 282 23.22 -6.48 8.66
CA GLY B 282 23.20 -7.92 8.64
C GLY B 282 22.29 -8.46 7.54
N PRO B 283 22.21 -9.77 7.42
CA PRO B 283 21.43 -10.37 6.33
C PRO B 283 19.93 -10.19 6.56
N THR B 284 19.16 -10.54 5.52
CA THR B 284 17.70 -10.56 5.58
C THR B 284 17.31 -11.96 5.13
N LEU B 285 17.09 -12.84 6.11
CA LEU B 285 16.87 -14.25 5.83
C LEU B 285 15.47 -14.70 6.24
N SER B 286 15.08 -14.49 7.50
CA SER B 286 13.82 -15.04 8.00
C SER B 286 12.82 -13.96 8.41
N MET B 287 13.17 -13.08 9.33
CA MET B 287 12.20 -12.20 9.96
C MET B 287 12.31 -10.74 9.54
N ARG B 288 13.51 -10.26 9.22
CA ARG B 288 13.68 -8.91 8.72
C ARG B 288 12.80 -8.65 7.50
N GLY B 289 12.68 -9.65 6.62
CA GLY B 289 11.92 -9.48 5.40
C GLY B 289 10.43 -9.75 5.54
N LEU B 290 10.02 -10.50 6.55
CA LEU B 290 8.59 -10.76 6.73
C LEU B 290 7.90 -9.58 7.40
N ASP B 291 8.24 -9.31 8.66
CA ASP B 291 7.63 -8.23 9.42
C ASP B 291 8.68 -7.76 10.43
N ASN B 292 9.44 -6.73 10.06
CA ASN B 292 10.57 -6.32 10.89
C ASN B 292 10.13 -5.71 12.22
N PRO B 293 9.26 -4.69 12.26
CA PRO B 293 8.95 -4.06 13.55
C PRO B 293 8.12 -4.92 14.49
N SER B 294 7.48 -5.97 14.00
CA SER B 294 6.64 -6.81 14.86
C SER B 294 7.34 -8.06 15.35
N TYR B 295 8.55 -8.35 14.87
CA TYR B 295 9.37 -9.42 15.40
C TYR B 295 10.51 -8.92 16.28
N TYR B 296 11.32 -7.99 15.78
CA TYR B 296 12.51 -7.53 16.47
C TYR B 296 12.23 -6.31 17.33
N ARG B 297 13.04 -6.14 18.37
CA ARG B 297 12.97 -4.99 19.26
C ARG B 297 13.74 -3.83 18.62
N LEU B 298 13.01 -2.83 18.14
CA LEU B 298 13.62 -1.70 17.46
C LEU B 298 13.88 -0.56 18.43
N ALA B 299 14.97 0.15 18.21
CA ALA B 299 15.31 1.30 19.03
C ALA B 299 14.41 2.48 18.68
N ASP B 300 14.63 3.61 19.38
CA ASP B 300 13.83 4.79 19.12
C ASP B 300 14.38 5.55 17.91
N ASP B 301 14.70 4.79 16.87
CA ASP B 301 14.95 5.20 15.50
C ASP B 301 14.85 3.90 14.72
N PRO B 302 13.66 3.50 14.26
CA PRO B 302 13.44 2.11 13.82
C PRO B 302 14.43 1.58 12.79
N ARG B 303 15.30 2.45 12.28
CA ARG B 303 16.44 2.00 11.49
C ARG B 303 17.44 1.20 12.31
N TYR B 304 17.46 1.41 13.63
CA TYR B 304 18.43 0.78 14.51
C TYR B 304 17.75 -0.24 15.41
N TYR B 305 18.56 -1.12 16.00
CA TYR B 305 18.06 -2.32 16.66
C TYR B 305 18.45 -2.29 18.14
N MET B 306 17.46 -2.43 19.02
CA MET B 306 17.75 -2.61 20.43
C MET B 306 18.41 -3.96 20.66
N ASP B 307 19.34 -3.99 21.62
CA ASP B 307 20.09 -5.20 21.92
C ASP B 307 20.26 -5.34 23.42
N THR B 308 19.89 -6.50 23.95
CA THR B 308 20.15 -6.88 25.33
C THR B 308 21.00 -8.13 25.41
N THR B 309 21.64 -8.51 24.30
CA THR B 309 22.45 -9.72 24.22
C THR B 309 23.88 -9.48 23.75
N GLY B 310 24.20 -8.28 23.27
CA GLY B 310 25.50 -8.04 22.67
C GLY B 310 25.72 -8.74 21.35
N THR B 311 24.66 -9.30 20.76
CA THR B 311 24.74 -10.09 19.53
C THR B 311 23.91 -9.47 18.42
N GLY B 312 23.93 -8.14 18.33
CA GLY B 312 23.22 -7.45 17.26
C GLY B 312 21.81 -7.05 17.61
N ASN B 313 20.94 -8.03 17.82
CA ASN B 313 19.51 -7.75 17.97
C ASN B 313 18.91 -8.36 19.23
N SER B 314 17.58 -8.28 19.34
CA SER B 314 16.83 -8.82 20.46
C SER B 314 15.37 -8.91 20.04
N LEU B 315 14.65 -9.87 20.64
CA LEU B 315 13.29 -10.18 20.23
C LEU B 315 12.28 -9.48 21.12
N LEU B 316 11.16 -9.06 20.51
CA LEU B 316 10.13 -8.25 21.17
C LEU B 316 9.15 -9.16 21.89
N MET B 317 9.23 -9.20 23.22
CA MET B 317 8.42 -10.13 24.01
C MET B 317 7.01 -9.61 24.29
N ARG B 318 6.56 -8.57 23.58
CA ARG B 318 5.19 -8.08 23.74
C ARG B 318 4.33 -8.27 22.51
N SER B 319 4.92 -8.44 21.33
CA SER B 319 4.16 -8.72 20.13
C SER B 319 3.77 -10.19 20.15
N PRO B 320 2.46 -10.50 20.26
CA PRO B 320 2.01 -11.88 20.53
C PRO B 320 2.67 -12.95 19.67
N HIS B 321 2.98 -12.61 18.42
CA HIS B 321 3.51 -13.63 17.52
C HIS B 321 4.97 -13.96 17.80
N VAL B 322 5.72 -13.05 18.42
CA VAL B 322 7.02 -13.45 18.96
C VAL B 322 6.82 -14.45 20.08
N LEU B 323 5.80 -14.24 20.92
CA LEU B 323 5.49 -15.20 21.96
C LEU B 323 4.89 -16.48 21.37
N GLN B 324 3.98 -16.32 20.39
CA GLN B 324 3.43 -17.50 19.72
C GLN B 324 4.51 -18.32 19.04
N LEU B 325 5.43 -17.65 18.34
CA LEU B 325 6.53 -18.36 17.69
C LEU B 325 7.42 -19.06 18.71
N ILE B 326 7.48 -18.55 19.94
CA ILE B 326 8.27 -19.22 20.97
C ILE B 326 7.52 -20.43 21.52
N MET B 327 6.23 -20.26 21.83
CA MET B 327 5.44 -21.35 22.37
C MET B 327 5.27 -22.48 21.36
N ASP B 328 4.78 -22.14 20.17
CA ASP B 328 4.65 -23.14 19.11
C ASP B 328 5.98 -23.82 18.83
N SER B 329 7.09 -23.15 19.11
CA SER B 329 8.40 -23.79 19.02
C SER B 329 8.62 -24.72 20.20
N LEU B 330 8.40 -24.22 21.42
CA LEU B 330 8.65 -25.00 22.63
C LEU B 330 7.83 -26.29 22.63
N ARG B 331 6.51 -26.17 22.49
CA ARG B 331 5.63 -27.34 22.47
C ARG B 331 6.05 -28.33 21.41
N TYR B 332 6.29 -27.85 20.18
CA TYR B 332 6.64 -28.73 19.07
C TYR B 332 7.84 -29.60 19.40
N TRP B 333 8.89 -29.01 19.96
CA TRP B 333 10.05 -29.81 20.34
C TRP B 333 9.71 -30.81 21.43
N VAL B 334 8.63 -30.60 22.18
CA VAL B 334 8.18 -31.54 23.20
C VAL B 334 7.12 -32.48 22.66
N THR B 335 6.06 -31.95 22.05
CA THR B 335 4.96 -32.76 21.56
C THR B 335 5.28 -33.49 20.25
N GLU B 336 6.38 -33.15 19.59
CA GLU B 336 6.74 -33.80 18.32
C GLU B 336 8.12 -34.45 18.33
N MET B 337 9.08 -33.88 19.06
CA MET B 337 10.42 -34.44 19.16
C MET B 337 10.65 -35.23 20.44
N HIS B 338 9.73 -35.13 21.40
CA HIS B 338 9.81 -35.81 22.69
C HIS B 338 10.97 -35.28 23.53
N VAL B 339 11.33 -34.01 23.34
CA VAL B 339 12.33 -33.38 24.19
C VAL B 339 11.79 -33.29 25.62
N ASP B 340 12.70 -33.39 26.59
CA ASP B 340 12.34 -33.46 28.00
C ASP B 340 12.45 -32.13 28.74
N GLY B 341 13.21 -31.17 28.22
CA GLY B 341 13.36 -29.91 28.91
C GLY B 341 14.16 -28.93 28.09
N PHE B 342 14.21 -27.70 28.57
CA PHE B 342 14.93 -26.63 27.90
C PHE B 342 15.74 -25.82 28.90
N ARG B 343 16.91 -25.37 28.46
CA ARG B 343 17.68 -24.34 29.14
C ARG B 343 17.62 -23.09 28.28
N PHE B 344 16.86 -22.09 28.72
CA PHE B 344 16.67 -20.87 27.96
C PHE B 344 17.91 -20.00 28.12
N ASP B 345 18.64 -19.80 27.03
CA ASP B 345 19.84 -19.00 27.08
C ASP B 345 19.52 -17.52 27.26
N LEU B 346 20.35 -16.83 28.05
CA LEU B 346 20.16 -15.43 28.40
C LEU B 346 18.70 -15.17 28.74
N ALA B 347 18.17 -16.00 29.63
CA ALA B 347 16.74 -16.05 29.91
C ALA B 347 16.21 -14.74 30.48
N ALA B 348 17.07 -13.83 30.94
CA ALA B 348 16.60 -12.54 31.41
C ALA B 348 16.07 -11.68 30.27
N THR B 349 16.65 -11.82 29.06
CA THR B 349 16.16 -11.06 27.92
C THR B 349 14.72 -11.44 27.57
N LEU B 350 14.34 -12.70 27.81
CA LEU B 350 12.98 -13.13 27.48
C LEU B 350 11.95 -12.47 28.38
N ALA B 351 12.33 -12.04 29.58
CA ALA B 351 11.40 -11.41 30.49
C ALA B 351 11.19 -9.94 30.21
N ARG B 352 12.02 -9.33 29.37
CA ARG B 352 11.90 -7.91 29.04
C ARG B 352 10.67 -7.70 28.17
N GLN B 353 9.59 -7.23 28.79
CA GLN B 353 8.38 -6.98 28.02
C GLN B 353 8.41 -5.61 27.35
N PHE B 354 8.79 -4.57 28.10
CA PHE B 354 9.04 -3.27 27.48
C PHE B 354 10.50 -2.86 27.59
N HIS B 355 11.02 -2.64 28.80
CA HIS B 355 12.45 -2.39 28.97
C HIS B 355 13.04 -3.15 30.14
N GLU B 356 12.30 -3.27 31.23
CA GLU B 356 12.81 -3.87 32.45
C GLU B 356 12.61 -5.39 32.43
N VAL B 357 13.28 -6.07 33.35
CA VAL B 357 13.08 -7.49 33.54
C VAL B 357 11.77 -7.67 34.30
N ASP B 358 10.74 -8.11 33.58
CA ASP B 358 9.37 -8.15 34.10
C ASP B 358 9.07 -9.58 34.53
N ARG B 359 9.00 -9.81 35.85
CA ARG B 359 8.72 -11.16 36.32
C ARG B 359 7.26 -11.56 36.15
N LEU B 360 6.37 -10.60 35.88
CA LEU B 360 5.03 -10.88 35.40
C LEU B 360 4.94 -10.74 33.88
N SER B 361 6.05 -10.96 33.18
CA SER B 361 6.05 -10.85 31.72
C SER B 361 5.06 -11.84 31.12
N SER B 362 4.51 -11.47 29.96
CA SER B 362 3.66 -12.38 29.22
C SER B 362 4.38 -13.67 28.88
N PHE B 363 5.71 -13.65 28.84
CA PHE B 363 6.47 -14.89 28.64
C PHE B 363 6.41 -15.78 29.88
N PHE B 364 6.58 -15.19 31.07
CA PHE B 364 6.58 -16.00 32.29
C PHE B 364 5.19 -16.55 32.61
N ASP B 365 4.14 -15.74 32.39
CA ASP B 365 2.79 -16.26 32.55
C ASP B 365 2.49 -17.36 31.53
N LEU B 366 3.02 -17.20 30.31
CA LEU B 366 2.70 -18.14 29.23
C LEU B 366 3.24 -19.53 29.54
N VAL B 367 4.49 -19.63 29.97
CA VAL B 367 5.07 -20.94 30.25
C VAL B 367 4.40 -21.56 31.48
N GLN B 368 4.07 -20.73 32.47
CA GLN B 368 3.53 -21.23 33.73
C GLN B 368 2.17 -21.88 33.56
N GLN B 369 1.48 -21.64 32.44
CA GLN B 369 0.14 -22.16 32.23
C GLN B 369 0.04 -23.21 31.12
N ASP B 370 0.92 -23.17 30.13
CA ASP B 370 0.83 -24.12 29.03
C ASP B 370 1.11 -25.52 29.55
N PRO B 371 0.14 -26.44 29.49
CA PRO B 371 0.33 -27.75 30.14
C PRO B 371 1.40 -28.62 29.49
N VAL B 372 1.81 -28.31 28.26
CA VAL B 372 2.91 -29.04 27.64
C VAL B 372 4.25 -28.58 28.20
N VAL B 373 4.50 -27.27 28.16
CA VAL B 373 5.83 -26.73 28.45
C VAL B 373 6.07 -26.51 29.94
N SER B 374 5.03 -26.39 30.75
CA SER B 374 5.23 -26.23 32.19
C SER B 374 5.79 -27.50 32.82
N GLN B 375 5.33 -28.66 32.35
CA GLN B 375 5.67 -29.93 33.00
C GLN B 375 7.06 -30.45 32.63
N VAL B 376 7.66 -29.95 31.56
CA VAL B 376 9.03 -30.31 31.23
C VAL B 376 9.95 -29.52 32.14
N LYS B 377 11.22 -29.92 32.20
CA LYS B 377 12.20 -29.16 32.98
C LYS B 377 12.44 -27.80 32.34
N LEU B 378 12.54 -26.76 33.17
CA LEU B 378 12.72 -25.40 32.70
C LEU B 378 13.92 -24.81 33.44
N ILE B 379 15.05 -24.71 32.73
CA ILE B 379 16.30 -24.22 33.28
C ILE B 379 16.58 -22.86 32.66
N ALA B 380 17.03 -21.91 33.50
CA ALA B 380 17.23 -20.53 33.07
C ALA B 380 18.65 -20.08 33.36
N GLU B 381 19.22 -19.31 32.44
CA GLU B 381 20.46 -18.59 32.67
C GLU B 381 20.08 -17.18 33.05
N PRO B 382 19.96 -16.88 34.35
CA PRO B 382 19.20 -15.70 34.80
C PRO B 382 19.98 -14.40 34.74
N TRP B 383 20.47 -14.06 33.54
CA TRP B 383 21.14 -12.78 33.34
C TRP B 383 21.20 -12.49 31.85
N ASP B 384 21.51 -11.23 31.54
CA ASP B 384 21.77 -10.78 30.19
C ASP B 384 22.49 -9.44 30.25
N VAL B 385 23.27 -9.14 29.21
CA VAL B 385 24.10 -7.95 29.22
C VAL B 385 23.29 -6.66 29.22
N GLY B 386 21.97 -6.75 29.12
CA GLY B 386 21.13 -5.57 29.00
C GLY B 386 20.86 -4.87 30.31
N GLU B 387 19.79 -4.08 30.31
CA GLU B 387 19.47 -3.23 31.44
C GLU B 387 19.01 -4.04 32.64
N GLY B 388 19.69 -3.87 33.77
CA GLY B 388 19.41 -4.65 34.97
C GLY B 388 19.46 -6.14 34.67
N GLY B 389 20.64 -6.61 34.29
CA GLY B 389 20.78 -7.96 33.77
C GLY B 389 20.72 -9.06 34.81
N TYR B 390 21.44 -8.89 35.91
CA TYR B 390 21.64 -9.97 36.87
C TYR B 390 20.33 -10.27 37.59
N GLN B 391 19.83 -11.49 37.44
CA GLN B 391 18.62 -11.94 38.12
C GLN B 391 18.78 -13.34 38.68
N VAL B 392 19.93 -13.63 39.28
CA VAL B 392 20.16 -14.94 39.89
C VAL B 392 19.24 -15.05 41.10
N GLY B 393 18.24 -15.92 41.02
CA GLY B 393 17.26 -16.05 42.08
C GLY B 393 16.03 -15.18 41.94
N ASN B 394 15.74 -14.67 40.73
CA ASN B 394 14.66 -13.72 40.53
C ASN B 394 13.74 -14.15 39.39
N PHE B 395 13.65 -15.44 39.13
CA PHE B 395 12.67 -16.01 38.21
C PHE B 395 11.49 -16.57 39.00
N PRO B 396 10.39 -16.91 38.32
CA PRO B 396 9.27 -17.55 39.03
C PRO B 396 9.70 -18.85 39.68
N PRO B 397 8.99 -19.32 40.70
CA PRO B 397 9.39 -20.56 41.38
C PRO B 397 9.36 -21.77 40.46
N LEU B 398 8.55 -21.75 39.40
CA LEU B 398 8.55 -22.83 38.43
C LEU B 398 9.90 -23.03 37.76
N TRP B 399 10.77 -22.02 37.82
CA TRP B 399 11.96 -21.98 36.99
C TRP B 399 13.19 -22.43 37.76
N THR B 400 14.10 -23.09 37.06
CA THR B 400 15.40 -23.48 37.60
C THR B 400 16.47 -22.60 36.99
N GLU B 401 17.54 -22.38 37.75
CA GLU B 401 18.57 -21.42 37.36
C GLU B 401 19.94 -22.05 37.40
N TRP B 402 20.80 -21.61 36.50
CA TRP B 402 22.24 -21.80 36.66
C TRP B 402 22.70 -20.95 37.82
N ASN B 403 23.03 -21.59 38.94
CA ASN B 403 23.44 -20.83 40.12
C ASN B 403 24.82 -20.26 39.85
N GLY B 404 24.88 -19.20 39.03
CA GLY B 404 26.15 -18.58 38.72
C GLY B 404 26.93 -18.20 39.96
N LYS B 405 26.23 -17.81 41.03
CA LYS B 405 26.87 -17.58 42.31
C LYS B 405 27.40 -18.86 42.94
N TYR B 406 27.01 -20.04 42.45
CA TYR B 406 27.65 -21.26 42.94
C TYR B 406 28.94 -21.54 42.19
N ARG B 407 28.93 -21.35 40.87
CA ARG B 407 30.13 -21.57 40.07
C ARG B 407 31.30 -20.76 40.61
N ASP B 408 31.07 -19.47 40.91
CA ASP B 408 32.15 -18.62 41.40
C ASP B 408 32.52 -18.93 42.83
N CYS B 409 31.53 -18.97 43.72
CA CYS B 409 31.81 -19.14 45.15
C CYS B 409 32.35 -20.52 45.49
N VAL B 410 32.59 -21.37 44.50
CA VAL B 410 33.36 -22.59 44.68
C VAL B 410 34.71 -22.49 44.01
N ARG B 411 34.76 -21.94 42.79
CA ARG B 411 36.04 -21.63 42.15
C ARG B 411 36.93 -20.84 43.08
N ASP B 412 36.36 -19.89 43.82
CA ASP B 412 37.15 -19.06 44.73
C ASP B 412 37.63 -19.84 45.94
N LEU B 413 36.83 -20.81 46.41
CA LEU B 413 37.25 -21.62 47.55
C LEU B 413 38.53 -22.39 47.23
N TRP B 414 38.64 -22.90 46.01
CA TRP B 414 39.81 -23.63 45.57
C TRP B 414 40.84 -22.75 44.88
N ARG B 415 40.41 -21.61 44.33
CA ARG B 415 41.38 -20.62 43.84
C ARG B 415 42.31 -20.17 44.94
N GLY B 416 41.77 -19.92 46.14
CA GLY B 416 42.59 -19.55 47.27
C GLY B 416 42.07 -18.34 48.03
N GLU B 417 41.11 -17.63 47.44
CA GLU B 417 40.57 -16.40 48.03
C GLU B 417 40.08 -16.62 49.45
N PRO B 418 40.23 -15.64 50.34
CA PRO B 418 39.64 -15.77 51.67
C PRO B 418 38.15 -15.45 51.63
N ARG B 419 37.43 -15.99 50.65
CA ARG B 419 35.97 -15.95 50.67
C ARG B 419 35.49 -16.58 51.95
N THR B 420 34.85 -15.78 52.82
CA THR B 420 34.31 -16.29 54.08
C THR B 420 33.47 -17.53 53.81
N LEU B 421 33.76 -18.61 54.54
CA LEU B 421 33.08 -19.88 54.30
C LEU B 421 31.56 -19.73 54.27
N ALA B 422 31.04 -18.70 54.95
CA ALA B 422 29.66 -18.28 54.82
C ALA B 422 29.24 -18.21 53.35
N GLU B 423 30.11 -17.67 52.51
CA GLU B 423 29.83 -17.61 51.07
C GLU B 423 29.69 -19.01 50.47
N PHE B 424 30.41 -19.99 51.01
CA PHE B 424 30.40 -21.35 50.47
C PHE B 424 29.50 -22.30 51.25
N ALA B 425 29.23 -22.01 52.52
CA ALA B 425 28.42 -22.93 53.34
C ALA B 425 27.02 -23.10 52.77
N SER B 426 26.35 -21.99 52.45
CA SER B 426 25.00 -22.07 51.94
C SER B 426 24.95 -22.71 50.55
N ARG B 427 26.04 -22.60 49.79
CA ARG B 427 26.05 -23.14 48.44
C ARG B 427 26.05 -24.67 48.48
N LEU B 428 26.75 -25.27 49.43
CA LEU B 428 26.54 -26.66 49.76
C LEU B 428 25.08 -26.91 50.11
N THR B 429 24.57 -26.13 51.07
CA THR B 429 23.21 -26.28 51.59
C THR B 429 22.15 -26.18 50.49
N GLY B 430 22.47 -25.53 49.38
CA GLY B 430 21.54 -25.48 48.27
C GLY B 430 21.01 -24.07 47.99
N SER B 431 21.86 -23.07 48.25
CA SER B 431 21.54 -21.68 47.98
C SER B 431 20.25 -21.25 48.70
N SER B 432 20.31 -21.32 50.03
CA SER B 432 19.17 -20.93 50.84
C SER B 432 18.85 -19.45 50.68
N ASP B 433 19.89 -18.61 50.60
CA ASP B 433 19.68 -17.18 50.49
C ASP B 433 18.92 -16.81 49.22
N LEU B 434 19.23 -17.48 48.11
CA LEU B 434 18.68 -17.09 46.82
C LEU B 434 17.32 -17.72 46.53
N TYR B 435 17.03 -18.91 47.07
CA TYR B 435 15.86 -19.66 46.64
C TYR B 435 14.90 -20.06 47.74
N GLN B 436 15.27 -19.91 49.02
CA GLN B 436 14.34 -20.25 50.09
C GLN B 436 13.17 -19.26 50.15
N ASP B 437 13.48 -17.98 50.32
CA ASP B 437 12.44 -16.96 50.39
C ASP B 437 11.57 -16.86 49.14
N ASP B 438 12.14 -17.09 47.96
CA ASP B 438 11.37 -17.12 46.72
C ASP B 438 10.34 -18.25 46.67
N GLY B 439 10.26 -19.04 47.74
CA GLY B 439 9.34 -20.15 47.80
C GLY B 439 9.71 -21.43 47.10
N ARG B 440 10.98 -21.59 46.70
CA ARG B 440 11.42 -22.74 45.93
C ARG B 440 12.19 -23.71 46.82
N ARG B 441 12.63 -24.80 46.20
CA ARG B 441 13.41 -25.86 46.80
C ARG B 441 14.89 -25.66 46.51
N PRO B 442 15.77 -26.38 47.21
CA PRO B 442 17.20 -26.28 46.86
C PRO B 442 17.49 -26.77 45.44
N LEU B 443 16.70 -27.71 44.92
CA LEU B 443 16.89 -28.24 43.59
C LEU B 443 16.81 -27.18 42.50
N ALA B 444 16.30 -25.98 42.84
CA ALA B 444 16.14 -24.90 41.87
C ALA B 444 17.47 -24.23 41.52
N SER B 445 18.56 -24.56 42.20
CA SER B 445 19.87 -23.97 41.93
C SER B 445 20.74 -25.04 41.28
N VAL B 446 20.80 -25.05 39.95
CA VAL B 446 21.72 -25.95 39.26
C VAL B 446 23.14 -25.52 39.55
N ASN B 447 23.93 -26.44 40.10
CA ASN B 447 25.31 -26.18 40.45
C ASN B 447 26.24 -26.78 39.41
N PHE B 448 27.38 -26.13 39.21
CA PHE B 448 28.35 -26.54 38.20
C PHE B 448 29.65 -25.79 38.43
N VAL B 449 30.76 -26.50 38.28
CA VAL B 449 32.07 -25.86 38.40
C VAL B 449 32.54 -25.35 37.04
N THR B 450 32.08 -25.94 35.95
CA THR B 450 32.47 -25.51 34.61
C THR B 450 31.43 -25.99 33.60
N CYS B 451 31.15 -25.14 32.62
CA CYS B 451 30.21 -25.43 31.55
C CYS B 451 30.85 -24.96 30.24
N HIS B 452 30.05 -24.90 29.18
CA HIS B 452 30.60 -24.55 27.86
C HIS B 452 31.29 -23.18 27.88
N ASP B 453 30.77 -22.24 28.66
CA ASP B 453 31.44 -20.96 28.81
C ASP B 453 32.63 -21.08 29.76
N GLY B 454 33.56 -20.14 29.64
CA GLY B 454 34.70 -20.18 30.51
C GLY B 454 35.60 -21.39 30.24
N PHE B 455 36.48 -21.64 31.21
CA PHE B 455 37.48 -22.68 31.06
C PHE B 455 36.83 -24.06 31.10
N THR B 456 37.64 -25.06 30.77
CA THR B 456 37.37 -26.45 31.12
C THR B 456 38.15 -26.78 32.38
N LEU B 457 37.80 -27.91 33.01
CA LEU B 457 38.34 -28.23 34.32
C LEU B 457 39.86 -28.35 34.29
N ARG B 458 40.41 -28.93 33.23
CA ARG B 458 41.87 -28.90 33.03
C ARG B 458 42.38 -27.47 33.06
N ASP B 459 41.77 -26.60 32.24
CA ASP B 459 42.23 -25.21 32.17
C ASP B 459 41.84 -24.41 33.41
N LEU B 460 40.70 -24.74 34.03
CA LEU B 460 40.27 -24.01 35.22
C LEU B 460 41.29 -24.14 36.34
N VAL B 461 42.04 -25.24 36.38
CA VAL B 461 43.09 -25.42 37.36
C VAL B 461 44.48 -25.12 36.78
N SER B 462 44.53 -24.57 35.57
CA SER B 462 45.83 -24.44 34.90
C SER B 462 46.11 -23.11 34.22
N TYR B 463 45.14 -22.21 34.05
CA TYR B 463 45.36 -20.98 33.29
C TYR B 463 44.83 -19.78 34.08
N ASN B 464 45.74 -18.91 34.51
CA ASN B 464 45.33 -17.71 35.23
C ASN B 464 44.52 -16.77 34.35
N GLU B 465 44.91 -16.63 33.08
CA GLU B 465 44.20 -15.77 32.15
C GLU B 465 43.95 -16.52 30.85
N LYS B 466 43.10 -15.93 30.01
CA LYS B 466 42.60 -16.60 28.82
C LYS B 466 43.60 -16.51 27.67
N ARG B 467 43.40 -17.38 26.69
CA ARG B 467 44.28 -17.48 25.52
C ARG B 467 43.44 -17.58 24.25
N ASN B 468 42.50 -16.65 24.07
CA ASN B 468 41.57 -16.67 22.95
C ASN B 468 42.04 -15.83 21.76
N GLU B 469 43.34 -15.69 21.55
CA GLU B 469 43.79 -14.99 20.35
C GLU B 469 43.48 -15.77 19.08
N ALA B 470 43.23 -17.08 19.20
CA ALA B 470 42.79 -17.89 18.09
C ALA B 470 41.38 -17.55 17.64
N ASN B 471 40.72 -16.61 18.31
CA ASN B 471 39.41 -16.13 17.92
C ASN B 471 39.48 -14.82 17.14
N GLY B 472 40.69 -14.37 16.79
CA GLY B 472 40.85 -13.19 15.96
C GLY B 472 40.30 -11.91 16.54
N GLU B 473 40.10 -11.84 17.86
CA GLU B 473 39.62 -10.62 18.50
C GLU B 473 40.53 -10.23 19.66
N GLY B 474 41.83 -10.38 19.47
CA GLY B 474 42.82 -9.78 20.36
C GLY B 474 42.62 -10.09 21.83
N ASN B 475 42.18 -11.30 22.15
CA ASN B 475 42.02 -11.74 23.54
C ASN B 475 41.03 -10.86 24.31
N ARG B 476 40.10 -10.23 23.58
CA ARG B 476 39.16 -9.29 24.16
C ARG B 476 37.80 -9.92 24.48
N ASP B 477 37.52 -11.11 23.96
CA ASP B 477 36.25 -11.79 24.19
C ASP B 477 36.37 -12.78 25.35
N GLY B 478 35.23 -13.14 25.91
CA GLY B 478 35.17 -14.09 27.00
C GLY B 478 35.55 -13.48 28.33
N GLU B 479 35.24 -14.23 29.40
CA GLU B 479 35.56 -13.81 30.75
C GLU B 479 37.04 -13.49 30.88
N ASN B 480 37.35 -12.44 31.62
CA ASN B 480 38.72 -11.95 31.74
C ASN B 480 39.45 -12.51 32.95
N TYR B 481 38.88 -12.40 34.15
CA TYR B 481 39.33 -13.18 35.30
C TYR B 481 38.24 -14.17 35.64
N ASN B 482 38.52 -15.45 35.42
CA ASN B 482 37.56 -16.53 35.58
C ASN B 482 37.53 -17.07 37.01
N ARG B 483 38.19 -16.38 37.95
CA ARG B 483 38.42 -16.89 39.30
C ARG B 483 39.09 -18.27 39.25
N SER B 484 40.17 -18.35 38.48
CA SER B 484 40.91 -19.57 38.28
C SER B 484 42.29 -19.47 38.91
N TRP B 485 42.86 -20.63 39.25
CA TRP B 485 44.21 -20.72 39.78
C TRP B 485 44.96 -21.81 39.04
N ASN B 486 46.12 -21.45 38.50
CA ASN B 486 46.87 -22.33 37.60
C ASN B 486 47.67 -23.40 38.31
N CYS B 487 47.75 -23.35 39.64
CA CYS B 487 48.48 -24.33 40.46
C CYS B 487 49.99 -24.21 40.31
N GLY B 488 50.49 -23.03 39.92
CA GLY B 488 51.92 -22.80 39.99
C GLY B 488 52.58 -22.38 38.68
N GLU B 489 52.15 -22.95 37.57
CA GLU B 489 52.67 -22.57 36.26
C GLU B 489 51.54 -22.59 35.23
N GLU B 490 51.40 -21.49 34.50
CA GLU B 490 50.36 -21.38 33.48
C GLU B 490 50.76 -22.20 32.26
N GLY B 491 49.85 -23.07 31.83
CA GLY B 491 50.13 -24.00 30.75
C GLY B 491 50.54 -25.36 31.26
N GLU B 492 50.93 -26.21 30.31
CA GLU B 492 51.34 -27.58 30.64
C GLU B 492 52.78 -27.59 31.14
N THR B 493 53.04 -28.48 32.10
CA THR B 493 54.37 -28.63 32.68
C THR B 493 54.67 -30.13 32.83
N GLU B 494 55.96 -30.44 32.95
CA GLU B 494 56.38 -31.79 33.30
C GLU B 494 56.34 -32.04 34.81
N ASP B 495 56.53 -30.97 35.59
CA ASP B 495 56.64 -31.07 37.07
C ASP B 495 55.52 -31.93 37.63
N VAL B 496 55.84 -33.01 38.31
CA VAL B 496 54.79 -33.89 38.89
C VAL B 496 54.09 -33.13 40.00
N GLY B 497 54.83 -32.38 40.80
CA GLY B 497 54.25 -31.61 41.92
C GLY B 497 53.01 -30.84 41.55
N ILE B 498 53.04 -30.09 40.47
CA ILE B 498 51.82 -29.38 40.03
C ILE B 498 51.05 -30.35 39.15
N THR B 499 51.66 -31.42 38.64
CA THR B 499 50.84 -32.31 37.78
C THR B 499 49.93 -33.21 38.58
N GLU B 500 50.08 -33.30 39.90
CA GLU B 500 49.11 -34.07 40.69
C GLU B 500 48.09 -33.07 41.19
N LEU B 501 48.54 -32.07 41.94
CA LEU B 501 47.70 -30.99 42.52
C LEU B 501 46.66 -30.52 41.50
N ARG B 502 47.04 -30.33 40.26
CA ARG B 502 45.98 -30.07 39.30
C ARG B 502 44.98 -31.22 39.27
N ALA B 503 45.48 -32.46 39.23
CA ALA B 503 44.59 -33.62 39.10
C ALA B 503 43.67 -33.77 40.29
N ARG B 504 44.11 -33.33 41.48
CA ARG B 504 43.26 -33.42 42.66
C ARG B 504 42.47 -32.13 42.90
N GLN B 505 42.95 -30.99 42.40
CA GLN B 505 42.07 -29.83 42.28
C GLN B 505 40.86 -30.17 41.43
N MET B 506 41.06 -31.00 40.40
CA MET B 506 39.95 -31.47 39.57
C MET B 506 39.09 -32.46 40.35
N ARG B 507 39.70 -33.29 41.19
CA ARG B 507 38.92 -34.16 42.06
C ARG B 507 38.11 -33.38 43.09
N ASN B 508 38.63 -32.23 43.52
CA ASN B 508 37.94 -31.42 44.52
C ASN B 508 36.71 -30.73 43.93
N PHE B 509 36.87 -30.12 42.75
CA PHE B 509 35.72 -29.52 42.06
C PHE B 509 34.62 -30.54 41.85
N LEU B 510 34.98 -31.74 41.37
CA LEU B 510 33.99 -32.76 41.08
C LEU B 510 33.29 -33.24 42.35
N ALA B 511 34.05 -33.36 43.46
CA ALA B 511 33.47 -33.83 44.70
C ALA B 511 32.53 -32.78 45.30
N THR B 512 33.00 -31.54 45.42
CA THR B 512 32.14 -30.47 45.94
C THR B 512 30.88 -30.31 45.10
N LEU B 513 31.00 -30.50 43.79
CA LEU B 513 29.83 -30.44 42.92
C LEU B 513 28.85 -31.57 43.22
N MET B 514 29.36 -32.72 43.61
CA MET B 514 28.54 -33.92 43.81
C MET B 514 28.08 -34.11 45.24
N LEU B 515 28.51 -33.25 46.16
CA LEU B 515 28.01 -33.28 47.54
C LEU B 515 27.15 -32.08 47.89
N SER B 516 27.05 -31.10 47.00
CA SER B 516 26.25 -29.91 47.26
C SER B 516 24.80 -30.14 46.88
N GLN B 517 23.89 -29.51 47.62
CA GLN B 517 22.48 -29.74 47.42
C GLN B 517 22.02 -29.17 46.08
N GLY B 518 20.87 -29.66 45.62
CA GLY B 518 20.31 -29.20 44.37
C GLY B 518 20.54 -30.16 43.22
N VAL B 519 20.89 -29.61 42.06
CA VAL B 519 21.01 -30.38 40.83
C VAL B 519 22.38 -30.11 40.21
N PRO B 520 23.24 -31.10 40.05
CA PRO B 520 24.56 -30.87 39.48
C PRO B 520 24.52 -30.81 37.96
N MET B 521 25.65 -30.39 37.38
CA MET B 521 25.80 -30.40 35.94
C MET B 521 27.28 -30.51 35.59
N LEU B 522 27.59 -31.45 34.71
CA LEU B 522 28.94 -31.61 34.18
C LEU B 522 29.05 -30.91 32.83
N SER B 523 30.28 -30.67 32.41
CA SER B 523 30.59 -30.25 31.05
C SER B 523 31.28 -31.40 30.36
N HIS B 524 30.86 -31.70 29.13
CA HIS B 524 31.40 -32.84 28.40
C HIS B 524 32.91 -32.71 28.26
N GLY B 525 33.63 -33.64 28.87
CA GLY B 525 35.09 -33.62 28.85
C GLY B 525 35.73 -33.48 30.21
N ASP B 526 34.97 -33.21 31.28
CA ASP B 526 35.55 -33.19 32.62
C ASP B 526 35.71 -34.59 33.21
N GLU B 527 35.13 -35.60 32.56
CA GLU B 527 35.47 -36.97 32.91
C GLU B 527 36.90 -37.31 32.48
N PHE B 528 37.31 -36.82 31.32
CA PHE B 528 38.66 -37.03 30.80
C PHE B 528 39.55 -35.82 30.99
N GLY B 529 39.03 -34.73 31.53
CA GLY B 529 39.80 -33.49 31.57
C GLY B 529 40.13 -33.00 30.18
N ARG B 530 39.10 -32.66 29.41
CA ARG B 530 39.30 -32.12 28.08
C ARG B 530 39.87 -30.72 28.18
N THR B 531 40.79 -30.39 27.28
CA THR B 531 41.50 -29.12 27.31
C THR B 531 41.20 -28.33 26.05
N GLN B 532 40.82 -27.07 26.21
CA GLN B 532 40.65 -26.14 25.10
C GLN B 532 41.87 -25.24 24.90
N GLY B 533 43.00 -25.59 25.51
CA GLY B 533 44.24 -24.89 25.29
C GLY B 533 44.33 -23.52 25.93
N GLY B 534 43.69 -23.33 27.08
CA GLY B 534 43.58 -22.01 27.68
C GLY B 534 42.50 -21.14 27.07
N ASN B 535 41.85 -21.60 26.00
CA ASN B 535 40.72 -20.87 25.43
C ASN B 535 39.51 -21.04 26.34
N ASN B 536 38.93 -19.92 26.77
CA ASN B 536 37.78 -19.97 27.66
C ASN B 536 36.45 -19.69 26.96
N ASN B 537 36.46 -18.95 25.85
CA ASN B 537 35.24 -18.69 25.09
C ASN B 537 35.53 -19.13 23.66
N ALA B 538 35.31 -20.43 23.40
CA ALA B 538 35.70 -21.09 22.16
C ALA B 538 34.53 -21.25 21.20
N TYR B 539 33.65 -20.26 21.12
CA TYR B 539 32.45 -20.36 20.30
C TYR B 539 32.77 -20.62 18.83
N CYS B 540 33.98 -20.30 18.38
CA CYS B 540 34.31 -20.37 16.97
C CYS B 540 35.24 -21.52 16.61
N GLN B 541 35.64 -22.34 17.58
CA GLN B 541 36.62 -23.40 17.34
C GLN B 541 35.90 -24.69 16.97
N ASP B 542 35.73 -24.88 15.66
CA ASP B 542 35.21 -26.13 15.11
C ASP B 542 36.36 -27.05 14.73
N ASN B 543 37.21 -27.34 15.71
CA ASN B 543 38.45 -28.05 15.46
C ASN B 543 38.86 -28.81 16.72
N GLU B 544 40.05 -29.42 16.68
CA GLU B 544 40.57 -30.23 17.78
C GLU B 544 40.73 -29.45 19.08
N VAL B 545 40.64 -28.11 19.04
CA VAL B 545 40.65 -27.34 20.27
C VAL B 545 39.50 -27.77 21.18
N SER B 546 38.33 -28.02 20.59
CA SER B 546 37.12 -28.30 21.36
C SER B 546 36.74 -29.78 21.38
N TRP B 547 36.79 -30.44 20.22
CA TRP B 547 36.36 -31.83 20.10
C TRP B 547 36.97 -32.69 21.22
N VAL B 548 36.16 -33.57 21.79
CA VAL B 548 36.58 -34.35 22.96
C VAL B 548 37.52 -35.46 22.50
N ARG B 549 38.71 -35.48 23.07
CA ARG B 549 39.58 -36.63 22.94
C ARG B 549 39.03 -37.79 23.76
N TRP B 550 39.21 -39.00 23.26
CA TRP B 550 38.75 -40.10 24.08
C TRP B 550 39.94 -40.92 24.57
N PRO B 551 39.94 -41.30 25.85
CA PRO B 551 41.19 -41.63 26.53
C PRO B 551 41.68 -43.04 26.27
N LYS B 552 43.00 -43.19 26.39
CA LYS B 552 43.65 -44.49 26.48
C LYS B 552 44.82 -44.47 27.46
N GLU B 556 46.62 -43.38 31.57
CA GLU B 556 46.45 -43.70 32.98
C GLU B 556 45.64 -42.63 33.72
N ALA B 557 46.15 -41.40 33.73
CA ALA B 557 45.49 -40.33 34.47
C ALA B 557 44.11 -40.02 33.90
N GLU B 558 43.99 -39.98 32.57
CA GLU B 558 42.72 -39.70 31.93
C GLU B 558 41.67 -40.77 32.19
N ALA B 559 42.07 -41.92 32.74
CA ALA B 559 41.14 -42.96 33.20
C ALA B 559 40.83 -42.87 34.68
N THR B 560 41.85 -42.58 35.51
CA THR B 560 41.62 -42.45 36.95
C THR B 560 40.61 -41.35 37.25
N LEU B 561 40.66 -40.26 36.47
CA LEU B 561 39.67 -39.19 36.62
C LEU B 561 38.27 -39.69 36.27
N LEU B 562 38.15 -40.43 35.18
CA LEU B 562 36.85 -40.95 34.75
C LEU B 562 36.21 -41.81 35.84
N ARG B 563 36.94 -42.83 36.31
CA ARG B 563 36.42 -43.70 37.36
C ARG B 563 36.33 -43.00 38.71
N PHE B 564 36.87 -41.78 38.84
CA PHE B 564 36.60 -40.96 40.01
C PHE B 564 35.21 -40.31 39.90
N THR B 565 34.94 -39.68 38.75
CA THR B 565 33.65 -39.03 38.53
C THR B 565 32.51 -40.04 38.66
N ARG B 566 32.62 -41.17 37.97
CA ARG B 566 31.55 -42.17 37.96
C ARG B 566 31.21 -42.64 39.37
N SER B 567 32.22 -42.79 40.23
CA SER B 567 31.97 -43.23 41.59
C SER B 567 31.43 -42.10 42.46
N MET B 568 31.79 -40.84 42.15
CA MET B 568 31.19 -39.73 42.87
C MET B 568 29.73 -39.53 42.49
N VAL B 569 29.39 -39.82 41.23
CA VAL B 569 27.99 -39.79 40.82
C VAL B 569 27.22 -40.91 41.50
N ARG B 570 27.87 -42.06 41.72
CA ARG B 570 27.27 -43.11 42.54
C ARG B 570 26.98 -42.60 43.94
N LEU B 571 27.96 -41.95 44.58
CA LEU B 571 27.82 -41.55 45.97
C LEU B 571 26.70 -40.53 46.14
N ARG B 572 26.40 -39.74 45.11
CA ARG B 572 25.24 -38.86 45.19
C ARG B 572 23.96 -39.61 44.85
N ARG B 573 24.00 -40.46 43.82
CA ARG B 573 22.82 -41.22 43.44
C ARG B 573 22.33 -42.11 44.59
N GLU B 574 23.26 -42.70 45.34
CA GLU B 574 22.87 -43.64 46.38
C GLU B 574 22.31 -42.93 47.61
N HIS B 575 23.08 -42.02 48.18
CA HIS B 575 22.77 -41.46 49.49
C HIS B 575 21.96 -40.18 49.34
N PRO B 576 20.71 -40.14 49.84
CA PRO B 576 19.83 -38.98 49.56
C PRO B 576 20.17 -37.72 50.34
N VAL B 577 21.18 -37.72 51.22
CA VAL B 577 21.46 -36.49 51.97
C VAL B 577 22.00 -35.39 51.04
N PHE B 578 22.65 -35.77 49.93
CA PHE B 578 23.18 -34.78 49.00
C PHE B 578 22.16 -34.32 47.97
N ARG B 579 20.93 -34.83 48.01
CA ARG B 579 19.90 -34.43 47.06
C ARG B 579 18.56 -34.23 47.77
N ARG B 580 18.58 -33.53 48.90
CA ARG B 580 17.37 -33.36 49.70
C ARG B 580 16.35 -32.48 48.99
N ARG B 581 15.08 -32.79 49.22
CA ARG B 581 13.97 -32.00 48.68
C ARG B 581 13.66 -30.77 49.50
N ARG B 582 14.36 -30.55 50.62
CA ARG B 582 14.16 -29.38 51.45
C ARG B 582 15.51 -28.91 51.98
N PHE B 583 15.55 -27.68 52.49
CA PHE B 583 16.77 -27.17 53.10
C PHE B 583 16.91 -27.70 54.53
N PHE B 584 18.14 -27.62 55.03
CA PHE B 584 18.41 -27.96 56.41
C PHE B 584 17.92 -26.83 57.33
N HIS B 585 17.78 -27.14 58.62
CA HIS B 585 17.56 -26.09 59.60
C HIS B 585 18.53 -26.23 60.78
N GLY B 586 18.90 -27.47 61.11
CA GLY B 586 19.97 -27.72 62.05
C GLY B 586 19.71 -27.32 63.48
N ARG B 587 18.69 -26.52 63.75
CA ARG B 587 18.38 -26.09 65.11
C ARG B 587 16.88 -26.17 65.37
N PRO B 588 16.42 -27.09 66.21
CA PRO B 588 15.07 -26.96 66.76
C PRO B 588 15.04 -25.87 67.82
N VAL B 589 13.82 -25.46 68.19
CA VAL B 589 13.66 -24.48 69.24
C VAL B 589 13.07 -25.14 70.48
N LEU B 596 15.45 -32.56 65.80
CA LEU B 596 16.77 -33.14 65.52
C LEU B 596 17.66 -32.15 64.79
N THR B 597 18.97 -32.35 64.91
CA THR B 597 19.97 -31.57 64.19
C THR B 597 20.30 -32.29 62.89
N ASP B 598 19.82 -31.76 61.77
CA ASP B 598 20.09 -32.37 60.47
C ASP B 598 21.35 -31.86 59.81
N ILE B 599 21.96 -30.79 60.34
CA ILE B 599 23.21 -30.26 59.82
C ILE B 599 23.98 -29.60 60.96
N ALA B 600 25.30 -29.70 60.89
CA ALA B 600 26.17 -29.09 61.89
C ALA B 600 27.46 -28.65 61.21
N TRP B 601 28.02 -27.55 61.70
CA TRP B 601 29.19 -26.92 61.10
C TRP B 601 30.29 -26.83 62.16
N PHE B 602 31.24 -27.76 62.12
CA PHE B 602 32.35 -27.78 63.06
C PHE B 602 33.61 -27.22 62.42
N THR B 603 34.44 -26.60 63.24
CA THR B 603 35.80 -26.30 62.85
C THR B 603 36.59 -27.59 62.76
N PRO B 604 37.67 -27.61 61.98
CA PRO B 604 38.55 -28.80 61.97
C PRO B 604 39.10 -29.12 63.35
N GLU B 605 39.15 -28.14 64.25
CA GLU B 605 39.67 -28.34 65.59
C GLU B 605 38.81 -29.31 66.41
N GLY B 606 37.57 -29.53 65.98
CA GLY B 606 36.68 -30.49 66.62
C GLY B 606 35.43 -29.89 67.22
N GLU B 607 35.40 -28.57 67.43
CA GLU B 607 34.28 -27.91 68.10
C GLU B 607 33.43 -27.14 67.12
N GLU B 608 32.20 -26.85 67.56
CA GLU B 608 31.24 -26.13 66.72
C GLU B 608 31.68 -24.69 66.53
N MET B 609 31.32 -24.13 65.37
CA MET B 609 31.70 -22.76 65.05
C MET B 609 30.80 -21.77 65.76
N THR B 610 31.34 -20.57 65.97
CA THR B 610 30.62 -19.48 66.58
C THR B 610 30.34 -18.40 65.53
N SER B 611 29.41 -17.51 65.86
CA SER B 611 29.06 -16.44 64.92
C SER B 611 30.26 -15.57 64.58
N ARG B 612 31.24 -15.50 65.46
CA ARG B 612 32.51 -14.86 65.12
C ARG B 612 33.45 -15.80 64.39
N ASP B 613 33.35 -17.10 64.65
CA ASP B 613 34.13 -18.07 63.90
C ASP B 613 33.68 -18.15 62.44
N TRP B 614 32.41 -17.85 62.17
CA TRP B 614 31.90 -17.94 60.80
C TRP B 614 32.44 -16.78 59.96
N GLN B 615 32.11 -15.55 60.33
CA GLN B 615 32.64 -14.39 59.63
C GLN B 615 34.06 -14.05 60.07
N ALA B 616 34.74 -14.98 60.73
CA ALA B 616 36.19 -14.90 60.88
C ALA B 616 36.83 -14.71 59.52
N ALA B 617 37.56 -13.60 59.37
CA ALA B 617 38.07 -13.23 58.06
C ALA B 617 39.01 -14.29 57.49
N HIS B 618 39.99 -14.71 58.28
CA HIS B 618 41.04 -15.62 57.78
C HIS B 618 40.68 -17.07 58.08
N ALA B 619 39.54 -17.49 57.54
CA ALA B 619 39.05 -18.85 57.67
C ALA B 619 39.12 -19.54 56.31
N GLN B 620 39.65 -20.77 56.28
CA GLN B 620 39.72 -21.53 55.05
C GLN B 620 39.45 -23.01 55.23
N ALA B 621 39.11 -23.47 56.44
CA ALA B 621 38.81 -24.86 56.70
C ALA B 621 37.40 -25.02 57.24
N LEU B 622 36.91 -26.25 57.18
CA LEU B 622 35.51 -26.53 57.51
C LEU B 622 35.34 -28.01 57.83
N THR B 623 34.25 -28.32 58.52
CA THR B 623 33.80 -29.68 58.74
C THR B 623 32.28 -29.65 58.79
N VAL B 624 31.63 -30.40 57.89
CA VAL B 624 30.18 -30.40 57.77
C VAL B 624 29.66 -31.79 58.10
N PHE B 625 28.67 -31.85 58.99
CA PHE B 625 28.03 -33.09 59.39
C PHE B 625 26.59 -33.07 58.90
N LEU B 626 26.19 -34.13 58.19
CA LEU B 626 24.89 -34.20 57.54
C LEU B 626 24.17 -35.46 58.03
N ASN B 627 23.19 -35.29 58.91
CA ASN B 627 22.52 -36.44 59.51
C ASN B 627 21.68 -37.19 58.48
N GLY B 628 21.65 -38.51 58.61
CA GLY B 628 20.99 -39.36 57.64
C GLY B 628 19.58 -39.78 58.02
N ASN B 629 19.30 -39.86 59.33
CA ASN B 629 17.96 -40.17 59.81
C ASN B 629 17.09 -38.93 59.94
N ALA B 630 17.63 -37.74 59.67
CA ALA B 630 16.92 -36.48 59.85
C ALA B 630 16.41 -35.92 58.52
N ILE B 631 15.99 -36.81 57.61
CA ILE B 631 15.45 -36.39 56.32
C ILE B 631 13.94 -36.29 56.50
N SER B 632 13.46 -35.07 56.74
CA SER B 632 12.03 -34.84 56.94
C SER B 632 11.30 -34.74 55.62
N GLU B 633 11.46 -35.75 54.76
CA GLU B 633 10.86 -35.73 53.43
C GLU B 633 10.22 -37.10 53.14
N PRO B 634 8.96 -37.12 52.72
CA PRO B 634 8.36 -38.38 52.27
C PRO B 634 8.82 -38.74 50.87
N GLY B 635 8.94 -40.04 50.63
CA GLY B 635 9.34 -40.57 49.34
C GLY B 635 8.21 -40.59 48.34
N THR B 636 8.23 -41.59 47.47
CA THR B 636 7.16 -41.74 46.48
C THR B 636 5.82 -42.02 47.14
N GLN B 637 5.83 -42.71 48.29
CA GLN B 637 4.60 -43.23 48.87
C GLN B 637 4.54 -42.97 50.38
N GLY B 638 5.02 -41.81 50.81
CA GLY B 638 5.01 -41.45 52.22
C GLY B 638 6.12 -42.07 53.04
N GLU B 639 6.86 -43.04 52.49
CA GLU B 639 8.05 -43.58 53.11
C GLU B 639 8.98 -42.48 53.59
N ARG B 640 9.59 -42.69 54.76
CA ARG B 640 10.68 -41.82 55.19
C ARG B 640 11.98 -42.27 54.56
N ILE B 641 12.77 -41.31 54.09
CA ILE B 641 14.01 -41.58 53.37
C ILE B 641 15.15 -41.50 54.38
N ALA B 642 15.80 -42.63 54.63
CA ALA B 642 16.91 -42.70 55.56
C ALA B 642 18.23 -42.62 54.82
N ASP B 643 19.32 -42.58 55.60
CA ASP B 643 20.67 -42.47 55.05
C ASP B 643 21.67 -42.67 56.17
N ASP B 644 22.92 -42.91 55.79
CA ASP B 644 24.03 -42.88 56.72
C ASP B 644 24.52 -41.44 56.90
N SER B 645 24.81 -41.07 58.13
CA SER B 645 25.27 -39.71 58.41
C SER B 645 26.69 -39.53 57.91
N PHE B 646 26.91 -38.47 57.13
CA PHE B 646 28.20 -38.18 56.54
C PHE B 646 28.89 -37.03 57.26
N LEU B 647 30.22 -37.10 57.30
CA LEU B 647 31.06 -36.05 57.88
C LEU B 647 31.97 -35.52 56.77
N LEU B 648 31.60 -34.36 56.21
CA LEU B 648 32.40 -33.74 55.16
C LEU B 648 33.49 -32.89 55.79
N MET B 649 34.73 -33.12 55.38
CA MET B 649 35.89 -32.39 55.89
C MET B 649 36.52 -31.61 54.76
N PHE B 650 36.22 -30.32 54.68
CA PHE B 650 36.83 -29.44 53.70
C PHE B 650 38.11 -28.83 54.25
N ASN B 651 39.08 -28.64 53.36
CA ASN B 651 40.33 -27.97 53.73
C ASN B 651 40.85 -27.26 52.48
N ALA B 652 40.64 -25.95 52.42
CA ALA B 652 41.17 -25.12 51.35
C ALA B 652 42.48 -24.44 51.74
N SER B 653 43.18 -24.98 52.73
CA SER B 653 44.41 -24.37 53.21
C SER B 653 45.59 -24.78 52.32
N ALA B 654 46.57 -23.89 52.23
CA ALA B 654 47.79 -24.17 51.48
C ALA B 654 48.71 -25.16 52.19
N LYS B 655 48.43 -25.47 53.45
CA LYS B 655 49.22 -26.42 54.23
C LYS B 655 48.32 -27.50 54.80
N GLU B 656 48.95 -28.48 55.45
CA GLU B 656 48.19 -29.50 56.15
C GLU B 656 47.38 -28.90 57.29
N LEU B 657 46.27 -29.54 57.63
CA LEU B 657 45.50 -29.19 58.81
C LEU B 657 45.02 -30.45 59.50
N GLU B 658 45.17 -30.47 60.83
CA GLU B 658 44.66 -31.58 61.62
C GLU B 658 43.15 -31.43 61.83
N PHE B 659 42.43 -32.53 61.64
CA PHE B 659 40.99 -32.57 61.80
C PHE B 659 40.62 -33.51 62.94
N VAL B 660 39.64 -33.12 63.73
CA VAL B 660 39.18 -33.88 64.90
C VAL B 660 37.74 -34.30 64.65
N VAL B 661 37.50 -35.62 64.67
CA VAL B 661 36.17 -36.17 64.42
C VAL B 661 35.34 -35.99 65.69
N PRO B 662 34.09 -35.54 65.59
CA PRO B 662 33.22 -35.45 66.76
C PRO B 662 32.60 -36.81 67.09
N HIS B 665 32.72 -38.81 70.04
CA HIS B 665 33.92 -39.57 70.40
C HIS B 665 33.71 -41.08 70.37
N GLY B 666 32.59 -41.56 70.91
CA GLY B 666 32.40 -42.97 71.14
C GLY B 666 32.47 -43.88 69.92
N ARG B 667 31.65 -43.62 68.92
CA ARG B 667 31.41 -44.55 67.84
C ARG B 667 32.49 -44.43 66.76
N TYR B 668 32.30 -45.12 65.64
CA TYR B 668 33.31 -45.28 64.59
C TYR B 668 32.80 -44.74 63.26
N TRP B 669 33.67 -44.01 62.56
CA TRP B 669 33.35 -43.42 61.27
C TRP B 669 34.30 -43.97 60.21
N ARG B 670 33.79 -44.11 58.98
CA ARG B 670 34.50 -44.75 57.88
C ARG B 670 34.75 -43.75 56.76
N MET B 671 36.01 -43.63 56.34
CA MET B 671 36.40 -42.69 55.29
C MET B 671 35.98 -43.25 53.93
N VAL B 672 35.08 -42.55 53.26
CA VAL B 672 34.57 -43.02 51.97
C VAL B 672 35.16 -42.23 50.81
N VAL B 673 35.60 -40.99 51.03
CA VAL B 673 36.21 -40.18 49.98
C VAL B 673 37.45 -39.50 50.52
N ASP B 674 38.55 -39.62 49.78
CA ASP B 674 39.75 -38.83 50.01
C ASP B 674 40.24 -38.34 48.66
N THR B 675 40.23 -37.01 48.48
CA THR B 675 40.78 -36.43 47.25
C THR B 675 42.28 -36.65 47.16
N SER B 676 43.00 -36.50 48.27
CA SER B 676 44.45 -36.39 48.24
C SER B 676 45.15 -37.64 47.74
N ASP B 677 44.48 -38.81 47.75
CA ASP B 677 45.36 -39.83 47.19
C ASP B 677 45.11 -39.99 45.70
N PRO B 678 46.18 -40.28 44.93
CA PRO B 678 46.10 -40.17 43.46
C PRO B 678 45.51 -41.38 42.75
N GLU B 679 44.98 -42.37 43.47
CA GLU B 679 44.34 -43.49 42.81
C GLU B 679 42.87 -43.23 42.57
N GLY B 680 42.33 -42.25 43.30
CA GLY B 680 40.91 -41.98 43.28
C GLY B 680 40.24 -42.74 44.41
N MET B 681 39.74 -42.04 45.42
CA MET B 681 39.24 -42.81 46.54
C MET B 681 37.79 -42.49 46.87
N PRO B 682 36.93 -42.26 45.88
CA PRO B 682 35.56 -42.78 45.96
C PRO B 682 35.43 -44.18 45.36
N PRO B 683 36.34 -44.61 44.47
CA PRO B 683 36.27 -46.01 44.03
C PRO B 683 37.11 -47.02 44.81
N GLN B 684 37.85 -46.63 45.84
CA GLN B 684 38.58 -47.62 46.61
C GLN B 684 38.43 -47.32 48.10
N GLN B 685 38.33 -48.39 48.89
CA GLN B 685 38.06 -48.25 50.32
C GLN B 685 39.25 -47.65 51.05
N GLY B 686 38.98 -47.16 52.26
CA GLY B 686 40.01 -46.58 53.08
C GLY B 686 39.88 -46.92 54.55
N PRO B 687 40.71 -46.30 55.38
CA PRO B 687 40.66 -46.57 56.82
C PRO B 687 39.39 -46.04 57.43
N GLU B 688 39.10 -46.52 58.64
CA GLU B 688 38.11 -45.89 59.49
C GLU B 688 38.84 -45.16 60.61
N LEU B 689 38.31 -44.00 60.98
CA LEU B 689 38.91 -43.19 62.02
C LEU B 689 38.16 -43.40 63.32
N ALA B 690 38.82 -43.06 64.43
CA ALA B 690 38.26 -43.35 65.75
C ALA B 690 36.94 -42.65 65.95
N GLY B 691 36.95 -41.31 65.95
CA GLY B 691 35.76 -40.54 66.31
C GLY B 691 36.12 -39.51 67.35
N GLY B 692 37.36 -39.56 67.83
CA GLY B 692 37.90 -38.57 68.72
C GLY B 692 39.36 -38.31 68.40
N GLU B 693 39.84 -38.92 67.33
CA GLU B 693 41.25 -38.84 66.94
C GLU B 693 41.51 -37.74 65.93
N ARG B 694 42.73 -37.20 65.97
CA ARG B 694 43.17 -36.25 64.97
C ARG B 694 43.36 -36.92 63.62
N VAL B 695 43.16 -36.15 62.54
CA VAL B 695 43.32 -36.65 61.18
C VAL B 695 44.11 -35.61 60.41
N THR B 696 45.35 -35.92 60.05
CA THR B 696 46.16 -35.03 59.24
C THR B 696 45.66 -35.06 57.80
N LEU B 697 45.37 -33.89 57.24
CA LEU B 697 44.65 -33.79 55.98
C LEU B 697 45.42 -32.89 55.03
N ALA B 698 45.57 -33.33 53.78
CA ALA B 698 46.42 -32.66 52.82
C ALA B 698 45.95 -31.23 52.53
N PRO B 699 46.81 -30.38 51.99
CA PRO B 699 46.39 -29.02 51.63
C PRO B 699 45.55 -29.01 50.36
N LEU B 700 44.50 -28.19 50.38
CA LEU B 700 43.51 -28.14 49.30
C LEU B 700 42.94 -29.54 49.04
N SER B 701 42.28 -30.09 50.05
CA SER B 701 41.82 -31.46 50.03
C SER B 701 40.41 -31.54 50.61
N LEU B 702 39.84 -32.75 50.57
CA LEU B 702 38.48 -32.99 50.98
C LEU B 702 38.36 -34.43 51.46
N THR B 703 37.67 -34.64 52.57
CA THR B 703 37.50 -35.97 53.14
C THR B 703 36.06 -36.18 53.57
N VAL B 704 35.48 -37.30 53.17
CA VAL B 704 34.09 -37.63 53.45
C VAL B 704 34.07 -38.89 54.31
N LEU B 705 33.51 -38.79 55.51
CA LEU B 705 33.34 -39.93 56.40
C LEU B 705 31.89 -40.40 56.36
N ARG B 706 31.69 -41.67 56.72
CA ARG B 706 30.37 -42.28 56.68
C ARG B 706 30.08 -43.01 57.98
N ARG B 707 28.80 -43.01 58.37
CA ARG B 707 28.28 -43.78 59.49
C ARG B 707 26.76 -43.78 59.44
N PRO B 708 26.10 -44.92 59.69
CA PRO B 708 24.63 -44.94 59.74
C PRO B 708 24.10 -44.73 61.15
N GLN C 5 30.48 41.74 -42.24
CA GLN C 5 29.41 40.78 -42.07
C GLN C 5 28.07 41.50 -42.23
N VAL C 6 27.33 41.14 -43.28
CA VAL C 6 26.12 41.85 -43.67
C VAL C 6 25.02 40.82 -43.90
N TRP C 7 24.01 40.79 -42.99
CA TRP C 7 22.85 39.92 -43.05
C TRP C 7 21.67 40.63 -43.68
N PRO C 8 20.77 39.90 -44.37
CA PRO C 8 19.64 40.57 -45.03
C PRO C 8 18.71 41.30 -44.07
N GLY C 9 18.48 40.74 -42.89
CA GLY C 9 17.61 41.40 -41.92
C GLY C 9 16.15 41.46 -42.37
N GLN C 10 15.40 42.24 -41.61
CA GLN C 10 13.97 42.43 -41.86
C GLN C 10 13.69 43.88 -42.23
N ALA C 11 12.62 44.08 -42.99
CA ALA C 11 12.23 45.39 -43.49
C ALA C 11 11.44 46.20 -42.46
N TYR C 12 11.33 45.71 -41.23
CA TYR C 12 10.53 46.35 -40.19
C TYR C 12 11.11 45.99 -38.84
N PRO C 13 11.10 46.91 -37.87
CA PRO C 13 10.63 48.30 -37.99
C PRO C 13 11.59 49.17 -38.80
N LEU C 14 11.12 50.35 -39.20
CA LEU C 14 11.92 51.24 -40.02
C LEU C 14 12.94 51.98 -39.15
N GLY C 15 14.18 52.02 -39.62
CA GLY C 15 15.24 52.68 -38.90
C GLY C 15 16.16 51.70 -38.19
N ALA C 16 17.06 52.28 -37.40
CA ALA C 16 18.00 51.48 -36.62
C ALA C 16 17.26 50.76 -35.51
N THR C 17 17.36 49.43 -35.50
CA THR C 17 16.74 48.59 -34.48
C THR C 17 17.80 47.71 -33.85
N TYR C 18 18.06 47.90 -32.56
CA TYR C 18 19.09 47.13 -31.84
C TYR C 18 18.44 45.88 -31.27
N ASP C 19 18.46 44.80 -32.06
CA ASP C 19 17.90 43.53 -31.65
C ASP C 19 18.92 42.71 -30.84
N GLY C 20 19.46 43.35 -29.80
CA GLY C 20 20.27 42.66 -28.81
C GLY C 20 21.66 42.31 -29.31
N ALA C 21 21.76 41.39 -30.25
CA ALA C 21 23.07 40.97 -30.75
C ALA C 21 23.68 42.05 -31.62
N GLY C 22 22.94 42.51 -32.62
CA GLY C 22 23.40 43.59 -33.48
C GLY C 22 22.27 44.50 -33.87
N THR C 23 22.50 45.38 -34.84
CA THR C 23 21.51 46.36 -35.25
C THR C 23 20.99 46.05 -36.65
N ASN C 24 19.74 46.44 -36.90
CA ASN C 24 19.08 46.30 -38.19
C ASN C 24 18.68 47.68 -38.69
N PHE C 25 19.26 48.09 -39.81
CA PHE C 25 18.97 49.37 -40.45
C PHE C 25 18.04 49.14 -41.63
N ALA C 26 16.96 49.92 -41.69
CA ALA C 26 15.98 49.78 -42.76
C ALA C 26 15.38 51.16 -43.06
N VAL C 27 15.24 51.46 -44.35
CA VAL C 27 14.71 52.75 -44.79
C VAL C 27 13.98 52.54 -46.11
N PHE C 28 13.09 53.46 -46.43
CA PHE C 28 12.32 53.41 -47.66
C PHE C 28 12.79 54.48 -48.65
N SER C 29 12.89 54.09 -49.92
CA SER C 29 12.88 55.03 -51.04
C SER C 29 12.55 54.30 -52.33
N GLU C 30 11.45 54.66 -52.99
CA GLU C 30 11.06 54.00 -54.24
C GLU C 30 11.67 54.67 -55.46
N ALA C 31 12.39 55.78 -55.29
CA ALA C 31 13.09 56.47 -56.36
C ALA C 31 14.59 56.45 -56.13
N ALA C 32 15.11 55.31 -55.67
CA ALA C 32 16.52 55.15 -55.36
C ALA C 32 17.00 53.86 -56.02
N HIS C 33 17.84 54.00 -57.04
CA HIS C 33 18.40 52.83 -57.72
C HIS C 33 19.13 51.94 -56.72
N ARG C 34 20.08 52.51 -56.00
CA ARG C 34 20.82 51.79 -54.96
C ARG C 34 20.83 52.63 -53.70
N ILE C 35 20.77 51.96 -52.55
CA ILE C 35 20.88 52.62 -51.26
C ILE C 35 22.04 51.98 -50.50
N GLU C 36 22.97 52.81 -50.04
CA GLU C 36 24.07 52.37 -49.19
C GLU C 36 23.81 52.80 -47.76
N LEU C 37 24.68 52.35 -46.87
CA LEU C 37 24.58 52.66 -45.44
C LEU C 37 25.97 53.05 -44.96
N CYS C 38 26.20 54.34 -44.79
CA CYS C 38 27.44 54.82 -44.22
C CYS C 38 27.45 54.62 -42.72
N LEU C 39 28.54 54.09 -42.20
CA LEU C 39 28.75 53.92 -40.77
C LEU C 39 29.94 54.79 -40.40
N LEU C 40 29.69 55.93 -39.79
CA LEU C 40 30.75 56.87 -39.47
C LEU C 40 31.45 56.47 -38.18
N HIS C 41 32.78 56.54 -38.20
CA HIS C 41 33.59 56.28 -37.03
C HIS C 41 33.98 57.60 -36.36
N ASP C 42 34.65 57.49 -35.22
CA ASP C 42 35.05 58.67 -34.47
C ASP C 42 36.03 59.57 -35.22
N ASP C 43 36.59 59.10 -36.33
CA ASP C 43 37.53 59.89 -37.13
C ASP C 43 36.93 60.34 -38.46
N GLY C 44 35.60 60.41 -38.55
CA GLY C 44 34.94 60.90 -39.73
C GLY C 44 35.02 60.02 -40.95
N SER C 45 35.60 58.84 -40.86
CA SER C 45 35.68 57.94 -42.01
C SER C 45 34.36 57.21 -42.19
N GLU C 46 34.06 56.90 -43.45
CA GLU C 46 32.84 56.20 -43.81
C GLU C 46 33.11 54.70 -43.96
N THR C 47 32.18 53.89 -43.46
CA THR C 47 32.17 52.45 -43.69
C THR C 47 30.88 52.12 -44.43
N ALA C 48 31.01 51.86 -45.72
CA ALA C 48 29.84 51.63 -46.56
C ALA C 48 29.39 50.18 -46.48
N VAL C 49 28.08 49.98 -46.45
CA VAL C 49 27.45 48.67 -46.51
C VAL C 49 26.16 48.82 -47.30
N GLU C 50 26.06 48.16 -48.44
CA GLU C 50 24.88 48.33 -49.28
C GLU C 50 23.68 47.60 -48.68
N LEU C 51 22.59 48.34 -48.49
CA LEU C 51 21.30 47.73 -48.17
C LEU C 51 20.75 47.18 -49.48
N ARG C 52 21.09 45.93 -49.78
CA ARG C 52 20.66 45.33 -51.03
C ARG C 52 19.23 44.81 -50.95
N GLU C 53 18.85 44.20 -49.83
CA GLU C 53 17.56 43.54 -49.72
C GLU C 53 16.45 44.57 -49.74
N THR C 54 15.78 44.69 -50.88
CA THR C 54 14.61 45.56 -51.00
C THR C 54 13.36 44.74 -50.77
N ASP C 55 12.41 45.32 -50.03
CA ASP C 55 11.12 44.66 -49.78
C ASP C 55 10.06 45.76 -49.75
N ALA C 56 9.31 45.89 -50.85
CA ALA C 56 8.31 46.93 -51.01
C ALA C 56 8.93 48.32 -50.84
N PHE C 57 10.08 48.52 -51.47
CA PHE C 57 10.83 49.78 -51.52
C PHE C 57 11.40 50.18 -50.17
N VAL C 58 11.28 49.33 -49.16
CA VAL C 58 12.12 49.44 -47.96
C VAL C 58 13.38 48.62 -48.21
N ARG C 59 14.53 49.27 -48.12
CA ARG C 59 15.82 48.61 -48.23
C ARG C 59 16.35 48.37 -46.83
N HIS C 60 16.96 47.19 -46.62
CA HIS C 60 17.28 46.79 -45.27
C HIS C 60 18.44 45.79 -45.26
N ALA C 61 19.18 45.81 -44.16
CA ALA C 61 20.20 44.82 -43.87
C ALA C 61 20.47 44.82 -42.38
N TYR C 62 20.55 43.63 -41.79
CA TYR C 62 20.95 43.48 -40.40
C TYR C 62 22.48 43.44 -40.34
N LEU C 63 23.07 44.39 -39.63
CA LEU C 63 24.53 44.42 -39.50
C LEU C 63 24.91 43.92 -38.12
N PRO C 64 25.25 42.64 -37.97
CA PRO C 64 25.56 42.11 -36.64
C PRO C 64 26.78 42.78 -36.03
N GLY C 65 26.72 43.05 -34.73
CA GLY C 65 27.78 43.68 -33.99
C GLY C 65 27.58 45.17 -33.76
N VAL C 66 26.81 45.84 -34.63
CA VAL C 66 26.55 47.26 -34.46
C VAL C 66 25.79 47.50 -33.17
N MET C 67 26.27 48.42 -32.35
CA MET C 67 25.76 48.69 -31.02
C MET C 67 25.43 50.17 -30.88
N PRO C 68 24.60 50.54 -29.90
CA PRO C 68 24.18 51.93 -29.78
C PRO C 68 25.36 52.88 -29.65
N GLY C 69 25.10 54.15 -29.98
CA GLY C 69 26.16 55.10 -30.18
C GLY C 69 26.82 55.03 -31.53
N GLN C 70 26.40 54.10 -32.39
CA GLN C 70 26.98 53.96 -33.73
C GLN C 70 26.34 54.99 -34.63
N ARG C 71 27.09 56.06 -34.94
CA ARG C 71 26.60 57.05 -35.88
C ARG C 71 26.54 56.44 -37.28
N TYR C 72 25.37 56.55 -37.90
CA TYR C 72 25.13 55.96 -39.22
C TYR C 72 24.45 56.99 -40.11
N GLY C 73 24.34 56.64 -41.40
CA GLY C 73 23.72 57.51 -42.38
C GLY C 73 23.50 56.82 -43.71
N PHE C 74 22.49 57.27 -44.46
CA PHE C 74 22.14 56.67 -45.73
C PHE C 74 22.69 57.52 -46.88
N ARG C 75 23.09 56.83 -47.95
CA ARG C 75 23.54 57.48 -49.18
C ARG C 75 22.71 56.93 -50.33
N VAL C 76 21.82 57.76 -50.86
CA VAL C 76 20.87 57.33 -51.89
C VAL C 76 21.47 57.61 -53.26
N HIS C 77 21.78 56.54 -53.98
CA HIS C 77 22.20 56.62 -55.37
C HIS C 77 20.94 56.57 -56.24
N GLY C 78 20.63 57.67 -56.91
CA GLY C 78 19.44 57.78 -57.72
C GLY C 78 19.50 58.98 -58.63
N PRO C 79 18.56 59.07 -59.57
CA PRO C 79 18.60 60.15 -60.57
C PRO C 79 18.39 61.51 -59.92
N TYR C 80 19.24 62.47 -60.30
CA TYR C 80 19.05 63.87 -59.95
C TYR C 80 18.46 64.57 -61.16
N ALA C 81 17.18 64.92 -61.09
CA ALA C 81 16.48 65.58 -62.18
C ALA C 81 15.34 66.39 -61.60
N PRO C 82 15.62 67.64 -61.18
CA PRO C 82 14.56 68.45 -60.56
C PRO C 82 13.36 68.72 -61.46
N GLU C 83 13.47 68.50 -62.77
CA GLU C 83 12.30 68.65 -63.62
C GLU C 83 11.26 67.58 -63.32
N ARG C 84 11.71 66.37 -62.99
CA ARG C 84 10.81 65.29 -62.62
C ARG C 84 10.43 65.31 -61.15
N GLY C 85 11.29 65.87 -60.29
CA GLY C 85 11.04 65.92 -58.87
C GLY C 85 12.01 65.12 -58.03
N LEU C 86 12.88 64.32 -58.64
CA LEU C 86 13.90 63.59 -57.90
C LEU C 86 15.10 64.50 -57.65
N ARG C 87 15.59 64.48 -56.41
CA ARG C 87 16.76 65.26 -56.02
C ARG C 87 17.76 64.42 -55.24
N CYS C 88 17.76 63.11 -55.47
CA CYS C 88 18.68 62.23 -54.78
C CYS C 88 20.12 62.57 -55.15
N ASN C 89 20.98 62.64 -54.12
CA ASN C 89 22.40 62.86 -54.31
C ASN C 89 23.15 61.86 -53.44
N ALA C 90 24.06 61.10 -54.06
CA ALA C 90 24.82 60.10 -53.33
C ALA C 90 25.88 60.73 -52.44
N ALA C 91 26.38 61.91 -52.80
CA ALA C 91 27.43 62.56 -52.04
C ALA C 91 26.95 63.13 -50.71
N LYS C 92 25.66 63.07 -50.43
CA LYS C 92 25.10 63.61 -49.20
C LYS C 92 24.81 62.49 -48.20
N LEU C 93 24.94 62.81 -46.91
CA LEU C 93 24.64 61.88 -45.83
C LEU C 93 23.21 62.14 -45.37
N LEU C 94 22.27 61.43 -45.98
CA LEU C 94 20.87 61.60 -45.64
C LEU C 94 20.59 61.00 -44.27
N LEU C 95 19.88 61.75 -43.43
CA LEU C 95 19.52 61.26 -42.11
C LEU C 95 18.42 60.20 -42.21
N ASP C 96 18.43 59.29 -41.26
CA ASP C 96 17.35 58.33 -41.10
C ASP C 96 16.18 59.05 -40.47
N PRO C 97 15.08 59.23 -41.21
CA PRO C 97 13.93 59.98 -40.66
C PRO C 97 13.35 59.33 -39.41
N TYR C 98 13.75 58.11 -39.10
CA TYR C 98 13.30 57.39 -37.91
C TYR C 98 14.36 57.38 -36.81
N ALA C 99 15.38 58.23 -36.92
CA ALA C 99 16.45 58.26 -35.93
C ALA C 99 15.91 58.63 -34.56
N ARG C 100 15.93 57.67 -33.63
CA ARG C 100 15.49 57.90 -32.27
C ARG C 100 16.41 58.83 -31.49
N ALA C 101 17.50 59.28 -32.10
CA ALA C 101 18.38 60.29 -31.54
C ALA C 101 19.35 60.73 -32.62
N VAL C 102 19.67 62.02 -32.65
CA VAL C 102 20.58 62.58 -33.63
C VAL C 102 21.60 63.44 -32.91
N SER C 103 22.88 63.30 -33.29
CA SER C 103 23.97 63.99 -32.65
C SER C 103 24.52 65.09 -33.56
N GLY C 104 24.98 66.17 -32.94
CA GLY C 104 25.54 67.30 -33.67
C GLY C 104 24.47 68.21 -34.23
N ARG C 105 24.93 69.28 -34.87
CA ARG C 105 24.05 70.20 -35.57
C ARG C 105 24.70 70.56 -36.91
N VAL C 106 24.00 71.38 -37.69
CA VAL C 106 24.39 71.62 -39.08
C VAL C 106 25.48 72.69 -39.14
N ARG C 107 26.61 72.36 -39.77
CA ARG C 107 27.70 73.30 -40.00
C ARG C 107 27.44 73.95 -41.35
N TRP C 108 26.74 75.08 -41.32
CA TRP C 108 26.20 75.69 -42.55
C TRP C 108 27.31 76.05 -43.52
N GLY C 109 27.23 75.49 -44.72
CA GLY C 109 28.20 75.75 -45.75
C GLY C 109 27.68 75.31 -47.10
N GLU C 110 28.58 75.29 -48.09
CA GLU C 110 28.23 74.91 -49.45
C GLU C 110 27.88 73.43 -49.60
N ALA C 111 28.12 72.61 -48.58
CA ALA C 111 27.98 71.16 -48.72
C ALA C 111 26.55 70.67 -48.52
N VAL C 112 25.80 71.26 -47.58
CA VAL C 112 24.56 70.67 -47.10
C VAL C 112 23.38 71.03 -48.01
N TYR C 113 23.66 71.64 -49.16
CA TYR C 113 22.60 72.20 -49.96
C TYR C 113 22.26 71.42 -51.22
N GLY C 114 23.13 70.52 -51.68
CA GLY C 114 22.78 69.66 -52.80
C GLY C 114 22.55 70.37 -54.12
N TYR C 115 22.78 71.68 -54.18
CA TYR C 115 22.75 72.41 -55.44
C TYR C 115 23.86 73.45 -55.35
N PRO C 116 24.67 73.62 -56.38
CA PRO C 116 25.65 74.70 -56.37
C PRO C 116 24.96 76.03 -56.14
N PHE C 117 25.52 76.83 -55.22
CA PHE C 117 24.81 77.97 -54.64
C PHE C 117 24.14 78.85 -55.69
N GLY C 118 24.80 79.03 -56.84
CA GLY C 118 24.28 79.93 -57.86
C GLY C 118 23.43 79.28 -58.93
N ARG C 119 23.37 77.94 -58.97
CA ARG C 119 22.67 77.22 -60.03
C ARG C 119 21.71 76.23 -59.40
N PRO C 120 20.47 76.64 -59.12
CA PRO C 120 19.52 75.76 -58.44
C PRO C 120 19.21 74.48 -59.19
N ASP C 121 19.35 74.45 -60.51
CA ASP C 121 19.07 73.26 -61.30
C ASP C 121 20.30 72.42 -61.59
N ALA C 122 21.41 72.70 -60.91
CA ALA C 122 22.60 71.88 -61.02
C ALA C 122 22.71 70.93 -59.83
N ARG C 123 23.66 70.01 -59.92
CA ARG C 123 23.87 68.98 -58.91
C ARG C 123 25.15 69.29 -58.16
N ASN C 124 25.04 69.50 -56.84
CA ASN C 124 26.20 69.76 -56.00
C ASN C 124 26.75 68.42 -55.52
N ASP C 125 28.02 68.16 -55.86
CA ASP C 125 28.65 66.87 -55.54
C ASP C 125 29.60 66.98 -54.36
N LEU C 126 29.27 67.82 -53.38
CA LEU C 126 30.07 67.98 -52.18
C LEU C 126 29.58 67.05 -51.07
N ASP C 127 30.52 66.59 -50.25
CA ASP C 127 30.19 65.73 -49.12
C ASP C 127 29.50 66.55 -48.04
N SER C 128 28.23 66.23 -47.77
CA SER C 128 27.51 66.90 -46.69
C SER C 128 27.88 66.34 -45.32
N ALA C 129 28.50 65.16 -45.28
CA ALA C 129 28.69 64.46 -44.01
C ALA C 129 29.46 65.25 -42.97
N PRO C 130 30.61 65.86 -43.27
CA PRO C 130 31.33 66.62 -42.24
C PRO C 130 30.74 67.99 -41.94
N ASP C 131 29.65 68.37 -42.62
CA ASP C 131 28.91 69.58 -42.29
C ASP C 131 27.52 69.29 -41.73
N THR C 132 27.07 68.04 -41.78
CA THR C 132 25.71 67.67 -41.42
C THR C 132 25.66 67.05 -40.03
N MET C 133 24.45 66.92 -39.52
CA MET C 133 24.16 66.08 -38.36
C MET C 133 24.29 64.60 -38.75
N THR C 134 24.23 63.74 -37.74
CA THR C 134 24.42 62.31 -37.95
C THR C 134 23.48 61.50 -37.07
N SER C 135 22.78 60.56 -37.67
CA SER C 135 21.87 59.69 -36.93
C SER C 135 22.65 58.70 -36.07
N VAL C 136 22.07 58.36 -34.92
CA VAL C 136 22.73 57.54 -33.91
C VAL C 136 21.79 56.43 -33.46
N VAL C 137 22.35 55.25 -33.20
CA VAL C 137 21.57 54.11 -32.74
C VAL C 137 21.34 54.23 -31.24
N VAL C 138 20.09 53.97 -30.82
CA VAL C 138 19.68 54.11 -29.44
C VAL C 138 19.50 52.74 -28.81
N ASN C 139 19.99 52.58 -27.58
CA ASN C 139 19.64 51.43 -26.77
C ASN C 139 18.26 51.67 -26.18
N PRO C 140 17.25 50.93 -26.62
CA PRO C 140 15.87 51.30 -26.27
C PRO C 140 15.49 51.02 -24.83
N TYR C 141 16.44 50.61 -23.98
CA TYR C 141 16.11 50.24 -22.62
C TYR C 141 15.94 51.45 -21.72
N PHE C 142 14.89 51.42 -20.91
CA PHE C 142 14.69 52.36 -19.81
C PHE C 142 13.71 51.73 -18.84
N ASP C 143 14.14 51.51 -17.60
CA ASP C 143 13.32 50.81 -16.62
C ASP C 143 12.30 51.79 -16.04
N TRP C 144 11.15 51.90 -16.72
CA TRP C 144 10.00 52.59 -16.16
C TRP C 144 9.49 51.77 -14.98
N GLY C 145 9.63 52.28 -13.76
CA GLY C 145 9.29 51.48 -12.60
C GLY C 145 7.80 51.25 -12.43
N ASP C 146 7.07 52.30 -12.02
CA ASP C 146 5.60 52.28 -11.98
C ASP C 146 5.17 53.57 -12.66
N ASP C 147 5.10 53.55 -13.98
CA ASP C 147 4.89 54.78 -14.75
C ASP C 147 3.40 54.91 -15.11
N ARG C 148 2.61 55.14 -14.08
CA ARG C 148 1.20 55.45 -14.28
C ARG C 148 1.07 56.75 -15.04
N ARG C 149 0.71 56.66 -16.33
CA ARG C 149 0.35 57.87 -17.06
C ARG C 149 -0.81 58.51 -16.31
N PRO C 150 -0.63 59.69 -15.74
CA PRO C 150 -1.73 60.29 -14.99
C PRO C 150 -2.83 60.72 -15.93
N ARG C 151 -3.69 59.78 -16.33
CA ARG C 151 -4.73 60.08 -17.31
C ARG C 151 -5.75 61.00 -16.67
N THR C 152 -5.32 62.21 -16.30
CA THR C 152 -6.21 63.21 -15.75
C THR C 152 -7.21 63.61 -16.83
N GLU C 153 -8.48 63.37 -16.57
CA GLU C 153 -9.52 63.56 -17.57
C GLU C 153 -9.53 65.00 -18.06
N TYR C 154 -10.21 65.21 -19.20
CA TYR C 154 -10.19 66.52 -19.84
C TYR C 154 -10.77 67.59 -18.95
N HIS C 155 -11.81 67.25 -18.17
CA HIS C 155 -12.47 68.22 -17.31
C HIS C 155 -11.72 68.46 -16.00
N HIS C 156 -10.48 67.99 -15.87
CA HIS C 156 -9.61 68.37 -14.76
C HIS C 156 -8.31 68.99 -15.25
N THR C 157 -8.18 69.21 -16.56
CA THR C 157 -6.91 69.60 -17.16
C THR C 157 -6.68 71.10 -17.07
N VAL C 158 -5.42 71.48 -16.84
CA VAL C 158 -4.95 72.86 -16.93
C VAL C 158 -3.59 72.81 -17.63
N ILE C 159 -3.52 73.39 -18.81
CA ILE C 159 -2.38 73.19 -19.71
C ILE C 159 -1.44 74.38 -19.58
N TYR C 160 -0.19 74.09 -19.19
CA TYR C 160 0.87 75.08 -19.07
C TYR C 160 1.83 74.86 -20.24
N GLU C 161 1.86 75.80 -21.17
CA GLU C 161 2.73 75.71 -22.35
C GLU C 161 4.10 76.27 -21.97
N ALA C 162 5.09 75.40 -21.92
CA ALA C 162 6.44 75.78 -21.57
C ALA C 162 7.41 75.42 -22.69
N HIS C 163 8.49 76.17 -22.77
CA HIS C 163 9.63 75.80 -23.60
C HIS C 163 10.64 75.07 -22.74
N VAL C 164 11.29 74.06 -23.32
CA VAL C 164 12.29 73.30 -22.57
C VAL C 164 13.39 74.21 -22.07
N LYS C 165 13.87 75.10 -22.95
CA LYS C 165 15.00 75.97 -22.60
C LYS C 165 14.57 77.11 -21.68
N GLY C 166 13.56 77.86 -22.10
CA GLY C 166 13.12 79.04 -21.36
C GLY C 166 12.79 78.82 -19.90
N LEU C 167 11.92 77.84 -19.64
CA LEU C 167 11.39 77.54 -18.31
C LEU C 167 12.51 77.50 -17.27
N THR C 168 13.65 76.91 -17.60
CA THR C 168 14.65 76.58 -16.60
C THR C 168 15.98 77.30 -16.75
N MET C 169 16.18 78.08 -17.82
CA MET C 169 17.51 78.61 -18.11
C MET C 169 17.97 79.63 -17.06
N LEU C 170 17.04 80.42 -16.51
CA LEU C 170 17.39 81.49 -15.59
C LEU C 170 16.86 81.22 -14.18
N HIS C 171 16.69 79.95 -13.82
CA HIS C 171 16.11 79.59 -12.53
C HIS C 171 17.22 79.57 -11.49
N PRO C 172 17.23 80.50 -10.52
CA PRO C 172 18.33 80.51 -9.54
C PRO C 172 18.16 79.43 -8.48
N ASP C 173 17.80 78.24 -8.92
CA ASP C 173 17.60 77.09 -8.06
C ASP C 173 18.22 75.82 -8.63
N LEU C 174 18.60 75.83 -9.90
CA LEU C 174 19.17 74.70 -10.60
C LEU C 174 20.65 74.95 -10.85
N PRO C 175 21.48 73.91 -10.85
CA PRO C 175 22.87 74.09 -11.24
C PRO C 175 22.97 74.56 -12.68
N GLU C 176 24.08 75.24 -12.98
CA GLU C 176 24.34 75.68 -14.35
C GLU C 176 24.36 74.49 -15.31
N GLU C 177 24.65 73.29 -14.80
CA GLU C 177 24.64 72.10 -15.65
C GLU C 177 23.25 71.82 -16.20
N LEU C 178 22.23 71.90 -15.35
CA LEU C 178 20.88 71.51 -15.73
C LEU C 178 20.08 72.64 -16.36
N ARG C 179 20.44 73.90 -16.10
CA ARG C 179 19.66 75.05 -16.54
C ARG C 179 19.41 75.00 -18.04
N GLY C 180 18.14 74.97 -18.43
CA GLY C 180 17.77 75.00 -19.82
C GLY C 180 17.87 73.66 -20.54
N THR C 181 17.73 72.56 -19.81
CA THR C 181 17.79 71.22 -20.39
C THR C 181 16.58 70.41 -19.93
N TYR C 182 16.47 69.18 -20.45
CA TYR C 182 15.33 68.34 -20.10
C TYR C 182 15.32 67.98 -18.62
N ALA C 183 16.50 67.79 -18.03
CA ALA C 183 16.57 67.37 -16.64
C ALA C 183 16.11 68.46 -15.70
N GLY C 184 16.55 69.71 -15.93
CA GLY C 184 16.08 70.82 -15.12
C GLY C 184 14.59 71.01 -15.20
N LEU C 185 13.97 70.61 -16.32
CA LEU C 185 12.52 70.60 -16.43
C LEU C 185 11.89 69.67 -15.41
N ALA C 186 12.64 68.71 -14.87
CA ALA C 186 12.15 67.79 -13.86
C ALA C 186 12.86 67.96 -12.53
N HIS C 187 13.53 69.11 -12.32
CA HIS C 187 14.07 69.42 -11.01
C HIS C 187 12.93 69.61 -10.02
N PRO C 188 13.07 69.12 -8.78
CA PRO C 188 11.95 69.22 -7.82
C PRO C 188 11.52 70.63 -7.50
N SER C 189 12.33 71.64 -7.84
CA SER C 189 11.91 73.03 -7.62
C SER C 189 10.99 73.51 -8.74
N VAL C 190 11.17 72.99 -9.95
CA VAL C 190 10.29 73.35 -11.07
C VAL C 190 8.97 72.60 -10.95
N ILE C 191 9.04 71.27 -10.84
CA ILE C 191 7.85 70.46 -10.57
C ILE C 191 7.11 70.99 -9.36
N GLY C 192 7.85 71.49 -8.37
CA GLY C 192 7.22 72.14 -7.24
C GLY C 192 6.43 73.38 -7.62
N HIS C 193 6.87 74.08 -8.67
CA HIS C 193 6.19 75.31 -9.07
C HIS C 193 4.95 75.02 -9.91
N LEU C 194 5.04 74.09 -10.86
CA LEU C 194 3.89 73.80 -11.70
C LEU C 194 2.75 73.17 -10.91
N ARG C 195 3.08 72.39 -9.87
CA ARG C 195 2.03 71.75 -9.08
C ARG C 195 1.32 72.76 -8.19
N GLU C 196 2.07 73.65 -7.55
CA GLU C 196 1.45 74.73 -6.79
C GLU C 196 0.52 75.56 -7.67
N LEU C 197 0.92 75.79 -8.92
CA LEU C 197 0.09 76.53 -9.85
C LEU C 197 -1.18 75.76 -10.21
N GLY C 198 -1.19 74.44 -10.04
CA GLY C 198 -2.37 73.66 -10.34
C GLY C 198 -2.49 73.25 -11.79
N VAL C 199 -1.37 73.04 -12.48
CA VAL C 199 -1.40 72.54 -13.84
C VAL C 199 -1.36 71.01 -13.80
N THR C 200 -2.08 70.39 -14.72
CA THR C 200 -2.13 68.93 -14.82
C THR C 200 -1.52 68.41 -16.11
N ALA C 201 -1.27 69.27 -17.09
CA ALA C 201 -0.58 68.91 -18.32
C ALA C 201 0.46 69.97 -18.64
N LEU C 202 1.56 69.55 -19.25
CA LEU C 202 2.70 70.43 -19.50
C LEU C 202 3.01 70.35 -20.98
N GLU C 203 2.79 71.44 -21.70
CA GLU C 203 2.92 71.49 -23.15
C GLU C 203 4.29 72.08 -23.51
N LEU C 204 5.11 71.26 -24.16
CA LEU C 204 6.50 71.62 -24.48
C LEU C 204 6.59 72.06 -25.93
N MET C 205 7.07 73.29 -26.14
CA MET C 205 7.36 73.80 -27.48
C MET C 205 8.41 72.88 -28.12
N PRO C 206 8.46 72.81 -29.49
CA PRO C 206 8.96 71.62 -30.17
C PRO C 206 10.18 70.97 -29.55
N VAL C 207 10.03 69.70 -29.16
CA VAL C 207 11.12 68.88 -28.65
C VAL C 207 11.70 67.98 -29.73
N HIS C 208 10.99 67.81 -30.85
CA HIS C 208 11.57 67.14 -32.01
C HIS C 208 12.83 67.89 -32.41
N GLN C 209 13.89 67.16 -32.72
CA GLN C 209 15.14 67.81 -33.07
C GLN C 209 14.96 68.67 -34.30
N PHE C 210 15.33 69.95 -34.17
CA PHE C 210 15.13 70.93 -35.22
C PHE C 210 16.48 71.44 -35.70
N VAL C 211 16.44 72.26 -36.75
CA VAL C 211 17.63 72.77 -37.41
C VAL C 211 17.62 74.29 -37.33
N ASN C 212 18.78 74.85 -37.01
CA ASN C 212 18.94 76.30 -37.02
C ASN C 212 18.75 76.82 -38.44
N ASP C 213 17.65 77.55 -38.67
CA ASP C 213 17.40 78.13 -39.99
C ASP C 213 18.62 78.89 -40.47
N HIS C 214 19.17 78.45 -41.60
CA HIS C 214 20.41 79.05 -42.11
C HIS C 214 20.29 80.56 -42.23
N ARG C 215 19.11 81.05 -42.59
CA ARG C 215 18.87 82.49 -42.62
C ARG C 215 19.12 83.12 -41.24
N LEU C 216 18.74 82.42 -40.17
CA LEU C 216 18.87 82.98 -38.83
C LEU C 216 20.32 82.98 -38.36
N VAL C 217 21.00 81.84 -38.46
CA VAL C 217 22.38 81.80 -37.99
C VAL C 217 23.27 82.67 -38.87
N ASP C 218 22.96 82.77 -40.15
CA ASP C 218 23.53 83.83 -40.98
C ASP C 218 22.65 85.07 -40.90
N ALA C 219 22.27 85.39 -39.66
CA ALA C 219 21.77 86.72 -39.33
C ALA C 219 22.19 87.15 -37.92
N GLY C 220 23.04 86.38 -37.25
CA GLY C 220 23.29 86.60 -35.83
C GLY C 220 22.22 86.06 -34.90
N LEU C 221 21.29 85.26 -35.42
CA LEU C 221 20.15 84.74 -34.67
C LEU C 221 20.19 83.22 -34.67
N SER C 222 19.12 82.60 -34.17
CA SER C 222 19.02 81.15 -34.11
C SER C 222 17.58 80.77 -33.83
N ASN C 223 17.09 79.74 -34.53
CA ASN C 223 15.75 79.24 -34.29
C ASN C 223 15.59 78.84 -32.84
N TYR C 224 14.70 79.53 -32.13
CA TYR C 224 14.50 79.31 -30.71
C TYR C 224 13.33 78.38 -30.42
N TRP C 225 12.15 78.69 -30.95
CA TRP C 225 10.98 77.85 -30.75
C TRP C 225 11.22 76.43 -31.25
N GLY C 226 11.80 76.30 -32.44
CA GLY C 226 12.09 75.00 -33.00
C GLY C 226 11.05 74.45 -33.93
N TYR C 227 10.22 75.31 -34.53
CA TYR C 227 9.27 74.88 -35.55
C TYR C 227 9.98 74.74 -36.90
N ASN C 228 11.06 73.96 -36.88
CA ASN C 228 11.80 73.62 -38.09
C ASN C 228 12.46 72.25 -37.88
N THR C 229 11.72 71.17 -38.15
CA THR C 229 12.08 69.86 -37.63
C THR C 229 12.40 68.88 -38.76
N ILE C 230 13.39 68.01 -38.51
CA ILE C 230 13.74 66.95 -39.45
C ILE C 230 13.69 65.58 -38.79
N GLY C 231 13.95 65.52 -37.48
CA GLY C 231 13.89 64.25 -36.78
C GLY C 231 12.67 64.15 -35.91
N PHE C 232 11.66 63.41 -36.38
CA PHE C 232 10.40 63.28 -35.65
C PHE C 232 10.46 62.19 -34.60
N PHE C 233 11.57 61.46 -34.50
CA PHE C 233 11.77 60.44 -33.49
C PHE C 233 12.89 60.79 -32.52
N ALA C 234 13.57 61.90 -32.73
CA ALA C 234 14.73 62.27 -31.95
C ALA C 234 14.42 63.45 -31.04
N PRO C 235 14.79 63.37 -29.76
CA PRO C 235 14.74 64.57 -28.92
C PRO C 235 15.85 65.53 -29.32
N HIS C 236 15.53 66.83 -29.29
CA HIS C 236 16.48 67.85 -29.70
C HIS C 236 17.74 67.77 -28.84
N ASN C 237 18.90 67.74 -29.50
CA ASN C 237 20.16 67.53 -28.81
C ASN C 237 20.51 68.71 -27.91
N ALA C 238 20.36 69.95 -28.42
CA ALA C 238 20.78 71.14 -27.71
C ALA C 238 20.01 71.38 -26.42
N TYR C 239 19.01 70.56 -26.10
CA TYR C 239 18.28 70.66 -24.83
C TYR C 239 18.71 69.61 -23.83
N ALA C 240 19.87 68.99 -24.03
CA ALA C 240 20.28 67.83 -23.24
C ALA C 240 21.72 67.99 -22.79
N SER C 241 21.92 68.20 -21.50
CA SER C 241 23.26 68.26 -20.91
C SER C 241 23.87 66.89 -20.67
N TRP C 242 23.21 65.80 -21.09
CA TRP C 242 23.71 64.45 -20.88
C TRP C 242 24.38 63.85 -22.12
N GLY C 243 24.36 64.56 -23.25
CA GLY C 243 25.00 64.05 -24.45
C GLY C 243 24.07 63.97 -25.65
N ASP C 244 24.65 63.88 -26.86
CA ASP C 244 23.89 63.85 -28.09
C ASP C 244 23.93 62.50 -28.81
N ARG C 245 24.79 61.58 -28.38
CA ARG C 245 24.85 60.25 -29.00
C ARG C 245 23.85 59.30 -28.36
N GLY C 246 22.58 59.66 -28.50
CA GLY C 246 21.49 58.92 -27.92
C GLY C 246 21.15 59.32 -26.50
N GLN C 247 22.13 59.81 -25.75
CA GLN C 247 21.95 60.07 -24.32
C GLN C 247 20.94 61.16 -24.03
N GLN C 248 20.41 61.83 -25.06
CA GLN C 248 19.26 62.71 -24.89
C GLN C 248 17.93 61.97 -24.83
N VAL C 249 17.90 60.70 -25.22
CA VAL C 249 16.69 59.90 -25.00
C VAL C 249 16.58 59.53 -23.52
N LEU C 250 17.72 59.41 -22.83
CA LEU C 250 17.70 59.12 -21.40
C LEU C 250 17.16 60.30 -20.60
N GLU C 251 17.60 61.52 -20.92
CA GLU C 251 17.04 62.71 -20.29
C GLU C 251 15.54 62.77 -20.47
N PHE C 252 15.08 62.74 -21.72
CA PHE C 252 13.66 62.97 -22.00
C PHE C 252 12.80 61.91 -21.33
N LYS C 253 13.20 60.64 -21.42
CA LYS C 253 12.45 59.57 -20.76
C LYS C 253 12.42 59.77 -19.25
N SER C 254 13.58 60.07 -18.65
CA SER C 254 13.66 60.18 -17.19
C SER C 254 12.92 61.42 -16.70
N ALA C 255 13.02 62.53 -17.43
CA ALA C 255 12.26 63.72 -17.04
C ALA C 255 10.76 63.45 -17.04
N VAL C 256 10.29 62.59 -17.94
CA VAL C 256 8.90 62.14 -17.89
C VAL C 256 8.69 61.22 -16.69
N ARG C 257 9.61 60.26 -16.49
CA ARG C 257 9.52 59.33 -15.38
C ARG C 257 9.32 60.06 -14.04
N ALA C 258 9.93 61.24 -13.90
CA ALA C 258 9.77 62.02 -12.68
C ALA C 258 8.63 63.01 -12.75
N LEU C 259 8.28 63.48 -13.96
CA LEU C 259 7.05 64.27 -14.13
C LEU C 259 5.83 63.40 -13.90
N HIS C 260 5.81 62.21 -14.51
CA HIS C 260 4.73 61.25 -14.28
C HIS C 260 4.73 60.71 -12.86
N GLN C 261 5.73 61.05 -12.06
CA GLN C 261 5.73 60.74 -10.63
C GLN C 261 5.04 61.80 -9.80
N ALA C 262 4.71 62.96 -10.40
CA ALA C 262 4.00 64.02 -9.71
C ALA C 262 2.54 64.13 -10.11
N GLY C 263 2.11 63.42 -11.15
CA GLY C 263 0.77 63.58 -11.66
C GLY C 263 0.63 64.61 -12.76
N ILE C 264 1.73 64.98 -13.42
CA ILE C 264 1.75 66.04 -14.41
C ILE C 264 1.98 65.40 -15.77
N GLU C 265 0.98 65.50 -16.65
CA GLU C 265 1.10 65.00 -18.01
C GLU C 265 2.10 65.85 -18.81
N VAL C 266 2.45 65.34 -19.99
CA VAL C 266 3.36 66.04 -20.90
C VAL C 266 2.75 65.97 -22.30
N ILE C 267 2.30 67.11 -22.81
CA ILE C 267 1.76 67.21 -24.15
C ILE C 267 2.77 67.96 -25.02
N LEU C 268 3.69 67.25 -25.66
CA LEU C 268 4.72 67.93 -26.42
C LEU C 268 4.18 68.41 -27.76
N ASP C 269 4.77 69.47 -28.27
CA ASP C 269 4.36 70.06 -29.54
C ASP C 269 4.94 69.26 -30.69
N VAL C 270 4.11 68.94 -31.68
CA VAL C 270 4.49 68.11 -32.81
C VAL C 270 4.29 68.93 -34.09
N VAL C 271 5.37 69.08 -34.86
CA VAL C 271 5.38 69.92 -36.05
C VAL C 271 5.55 68.98 -37.25
N TYR C 272 4.43 68.61 -37.89
CA TYR C 272 4.46 67.60 -38.94
C TYR C 272 4.16 68.14 -40.33
N ASN C 273 3.64 69.36 -40.42
CA ASN C 273 3.20 69.86 -41.72
C ASN C 273 4.36 70.26 -42.61
N HIS C 274 5.51 70.61 -42.03
CA HIS C 274 6.64 71.11 -42.78
C HIS C 274 7.93 70.59 -42.17
N THR C 275 8.99 70.60 -42.98
CA THR C 275 10.30 70.10 -42.59
C THR C 275 11.30 71.25 -42.60
N ALA C 276 12.38 71.07 -41.83
CA ALA C 276 13.48 72.03 -41.82
C ALA C 276 14.22 72.09 -43.15
N GLU C 277 13.93 71.18 -44.07
CA GLU C 277 14.53 71.23 -45.40
C GLU C 277 13.94 72.35 -46.26
N GLY C 278 12.89 73.02 -45.79
CA GLY C 278 12.27 74.11 -46.51
C GLY C 278 11.86 73.75 -47.93
N ASN C 279 11.71 74.78 -48.77
CA ASN C 279 11.51 74.56 -50.20
C ASN C 279 12.85 74.26 -50.84
N HIS C 280 12.88 74.19 -52.17
CA HIS C 280 14.14 74.21 -52.89
C HIS C 280 14.89 75.49 -52.54
N LEU C 281 16.19 75.51 -52.84
CA LEU C 281 17.19 76.41 -52.28
C LEU C 281 17.43 76.10 -50.81
N GLY C 282 16.71 75.15 -50.23
CA GLY C 282 16.98 74.70 -48.89
C GLY C 282 17.96 73.54 -48.90
N PRO C 283 18.25 72.99 -47.73
CA PRO C 283 19.24 71.91 -47.64
C PRO C 283 18.65 70.55 -47.97
N THR C 284 19.53 69.65 -48.38
CA THR C 284 19.20 68.23 -48.53
C THR C 284 19.86 67.53 -47.36
N LEU C 285 19.08 67.26 -46.32
CA LEU C 285 19.59 66.66 -45.10
C LEU C 285 18.97 65.31 -44.80
N SER C 286 17.65 65.20 -44.80
CA SER C 286 17.00 63.94 -44.47
C SER C 286 16.19 63.37 -45.63
N MET C 287 15.22 64.11 -46.16
CA MET C 287 14.15 63.52 -46.94
C MET C 287 14.16 63.87 -48.42
N ARG C 288 14.78 64.98 -48.81
CA ARG C 288 14.88 65.32 -50.22
C ARG C 288 15.75 64.32 -50.97
N GLY C 289 16.80 63.84 -50.32
CA GLY C 289 17.69 62.88 -50.95
C GLY C 289 17.23 61.44 -50.90
N LEU C 290 16.28 61.10 -50.03
CA LEU C 290 15.76 59.73 -49.98
C LEU C 290 14.71 59.51 -51.07
N ASP C 291 13.59 60.21 -50.96
CA ASP C 291 12.54 60.18 -51.99
C ASP C 291 11.80 61.53 -51.91
N ASN C 292 12.25 62.47 -52.73
CA ASN C 292 11.62 63.79 -52.72
C ASN C 292 10.16 63.78 -53.18
N PRO C 293 9.78 63.08 -54.25
CA PRO C 293 8.37 63.14 -54.69
C PRO C 293 7.39 62.44 -53.77
N SER C 294 7.84 61.61 -52.84
CA SER C 294 6.92 60.87 -51.97
C SER C 294 6.70 61.54 -50.62
N TYR C 295 7.55 62.49 -50.23
CA TYR C 295 7.44 63.14 -48.94
C TYR C 295 6.88 64.55 -49.02
N TYR C 296 7.46 65.41 -49.86
CA TYR C 296 7.05 66.80 -49.96
C TYR C 296 6.05 66.99 -51.08
N ARG C 297 5.09 67.87 -50.85
CA ARG C 297 4.08 68.23 -51.85
C ARG C 297 4.72 69.20 -52.83
N LEU C 298 5.15 68.69 -53.98
CA LEU C 298 5.77 69.52 -55.00
C LEU C 298 4.72 70.34 -55.74
N ALA C 299 5.18 71.35 -56.45
CA ALA C 299 4.29 72.20 -57.24
C ALA C 299 3.87 71.44 -58.50
N ASP C 300 3.15 72.12 -59.38
CA ASP C 300 2.81 71.58 -60.69
C ASP C 300 3.98 71.65 -61.65
N ASP C 301 5.16 71.97 -61.13
CA ASP C 301 6.42 71.90 -61.88
C ASP C 301 7.39 71.32 -60.88
N PRO C 302 7.65 70.00 -60.91
CA PRO C 302 8.24 69.29 -59.77
C PRO C 302 9.55 69.87 -59.24
N ARG C 303 10.09 70.87 -59.93
CA ARG C 303 11.23 71.61 -59.40
C ARG C 303 10.84 72.43 -58.17
N TYR C 304 9.64 72.98 -58.16
CA TYR C 304 9.22 73.92 -57.14
C TYR C 304 8.33 73.21 -56.11
N TYR C 305 7.75 73.97 -55.19
CA TYR C 305 7.15 73.39 -54.00
C TYR C 305 5.82 74.06 -53.65
N MET C 306 4.77 73.26 -53.54
CA MET C 306 3.53 73.72 -52.93
C MET C 306 3.78 74.01 -51.45
N ASP C 307 3.11 75.04 -50.94
CA ASP C 307 3.43 75.52 -49.59
C ASP C 307 2.16 76.10 -48.97
N THR C 308 1.53 75.33 -48.09
CA THR C 308 0.43 75.82 -47.27
C THR C 308 0.87 76.09 -45.83
N THR C 309 2.16 76.30 -45.62
CA THR C 309 2.72 76.42 -44.28
C THR C 309 3.44 77.73 -44.03
N GLY C 310 3.79 78.48 -45.08
CA GLY C 310 4.59 79.68 -44.94
C GLY C 310 6.04 79.45 -44.60
N THR C 311 6.48 78.19 -44.50
CA THR C 311 7.82 77.84 -44.06
C THR C 311 8.51 76.94 -45.07
N GLY C 312 8.41 77.27 -46.35
CA GLY C 312 9.12 76.53 -47.37
C GLY C 312 8.36 75.40 -48.03
N ASN C 313 7.95 74.39 -47.25
CA ASN C 313 7.39 73.18 -47.84
C ASN C 313 6.15 72.76 -47.06
N SER C 314 5.50 71.73 -47.59
CA SER C 314 4.36 71.09 -46.94
C SER C 314 4.42 69.61 -47.30
N LEU C 315 4.29 68.75 -46.30
CA LEU C 315 4.42 67.32 -46.55
C LEU C 315 3.29 66.81 -47.42
N LEU C 316 3.64 65.92 -48.34
CA LEU C 316 2.65 65.29 -49.21
C LEU C 316 1.81 64.38 -48.32
N MET C 317 0.60 64.83 -47.98
CA MET C 317 -0.23 64.16 -46.99
C MET C 317 -1.11 63.07 -47.58
N ARG C 318 -0.73 62.51 -48.73
CA ARG C 318 -1.48 61.43 -49.34
C ARG C 318 -0.63 60.22 -49.71
N SER C 319 0.69 60.33 -49.70
CA SER C 319 1.53 59.14 -49.85
C SER C 319 1.42 58.29 -48.59
N PRO C 320 1.25 56.96 -48.74
CA PRO C 320 1.23 56.10 -47.54
C PRO C 320 2.56 56.08 -46.81
N HIS C 321 3.66 56.44 -47.48
CA HIS C 321 4.95 56.52 -46.81
C HIS C 321 4.97 57.64 -45.78
N VAL C 322 4.38 58.80 -46.13
CA VAL C 322 4.34 59.92 -45.20
C VAL C 322 3.37 59.64 -44.06
N LEU C 323 2.20 59.05 -44.38
CA LEU C 323 1.26 58.69 -43.33
C LEU C 323 1.88 57.69 -42.36
N GLN C 324 2.62 56.71 -42.88
CA GLN C 324 3.30 55.76 -42.03
C GLN C 324 4.36 56.43 -41.17
N LEU C 325 5.01 57.48 -41.70
CA LEU C 325 6.07 58.14 -40.94
C LEU C 325 5.51 58.98 -39.80
N ILE C 326 4.42 59.71 -40.05
CA ILE C 326 3.85 60.56 -39.00
C ILE C 326 3.24 59.69 -37.90
N MET C 327 2.54 58.62 -38.28
CA MET C 327 1.90 57.78 -37.27
C MET C 327 2.92 56.96 -36.47
N ASP C 328 4.01 56.54 -37.11
CA ASP C 328 5.05 55.82 -36.38
C ASP C 328 5.69 56.71 -35.30
N SER C 329 5.75 58.02 -35.54
CA SER C 329 6.24 58.93 -34.52
C SER C 329 5.17 59.24 -33.48
N LEU C 330 3.90 59.28 -33.90
CA LEU C 330 2.81 59.39 -32.93
C LEU C 330 2.81 58.22 -31.97
N ARG C 331 3.13 57.02 -32.47
CA ARG C 331 3.15 55.81 -31.67
C ARG C 331 4.48 55.55 -30.99
N TYR C 332 5.54 56.29 -31.35
CA TYR C 332 6.81 56.10 -30.68
C TYR C 332 6.94 56.96 -29.42
N TRP C 333 6.47 58.20 -29.47
CA TRP C 333 6.52 59.04 -28.28
C TRP C 333 5.52 58.58 -27.22
N VAL C 334 4.45 57.89 -27.64
CA VAL C 334 3.49 57.34 -26.68
C VAL C 334 4.00 56.03 -26.09
N THR C 335 4.43 55.10 -26.93
CA THR C 335 4.68 53.73 -26.49
C THR C 335 6.11 53.50 -26.01
N GLU C 336 7.03 54.42 -26.25
CA GLU C 336 8.40 54.24 -25.78
C GLU C 336 8.96 55.42 -24.99
N MET C 337 8.45 56.63 -25.17
CA MET C 337 8.81 57.74 -24.30
C MET C 337 7.63 58.23 -23.48
N HIS C 338 6.48 57.55 -23.57
CA HIS C 338 5.35 57.72 -22.67
C HIS C 338 4.85 59.17 -22.67
N VAL C 339 4.63 59.70 -23.86
CA VAL C 339 4.03 61.02 -24.00
C VAL C 339 2.55 60.94 -23.72
N ASP C 340 2.01 61.95 -23.02
CA ASP C 340 0.62 61.90 -22.63
C ASP C 340 -0.32 62.41 -23.72
N GLY C 341 0.15 63.31 -24.58
CA GLY C 341 -0.69 63.84 -25.63
C GLY C 341 0.11 64.70 -26.57
N PHE C 342 -0.58 65.21 -27.59
CA PHE C 342 0.07 65.99 -28.64
C PHE C 342 -0.73 67.24 -28.95
N ARG C 343 -0.01 68.29 -29.36
CA ARG C 343 -0.59 69.49 -29.94
C ARG C 343 -0.05 69.61 -31.35
N PHE C 344 -0.93 69.45 -32.34
CA PHE C 344 -0.52 69.32 -33.73
C PHE C 344 -0.41 70.71 -34.35
N ASP C 345 0.82 71.09 -34.69
CA ASP C 345 1.08 72.41 -35.26
C ASP C 345 0.52 72.52 -36.67
N LEU C 346 -0.11 73.66 -36.98
CA LEU C 346 -0.76 73.90 -38.27
C LEU C 346 -1.55 72.67 -38.71
N ALA C 347 -2.33 72.14 -37.77
CA ALA C 347 -2.95 70.82 -37.94
C ALA C 347 -3.86 70.76 -39.16
N ALA C 348 -4.34 71.89 -39.65
CA ALA C 348 -5.19 71.88 -40.84
C ALA C 348 -4.40 71.49 -42.09
N THR C 349 -3.08 71.73 -42.10
CA THR C 349 -2.25 71.24 -43.19
C THR C 349 -2.21 69.72 -43.23
N LEU C 350 -2.29 69.08 -42.05
CA LEU C 350 -2.21 67.63 -41.96
C LEU C 350 -3.40 66.94 -42.61
N ALA C 351 -4.50 67.66 -42.84
CA ALA C 351 -5.70 67.09 -43.45
C ALA C 351 -5.77 67.34 -44.95
N ARG C 352 -4.84 68.11 -45.52
CA ARG C 352 -4.86 68.36 -46.95
C ARG C 352 -4.45 67.13 -47.71
N GLN C 353 -5.43 66.30 -48.10
CA GLN C 353 -5.15 65.08 -48.84
C GLN C 353 -4.49 65.40 -50.18
N PHE C 354 -5.21 66.09 -51.06
CA PHE C 354 -4.65 66.56 -52.32
C PHE C 354 -4.60 68.08 -52.40
N HIS C 355 -5.75 68.75 -52.39
CA HIS C 355 -5.82 70.19 -52.28
C HIS C 355 -6.68 70.66 -51.12
N GLU C 356 -7.92 70.18 -51.04
CA GLU C 356 -8.85 70.64 -50.03
C GLU C 356 -8.46 70.09 -48.66
N VAL C 357 -8.95 70.76 -47.62
CA VAL C 357 -8.85 70.24 -46.26
C VAL C 357 -9.94 69.19 -46.11
N ASP C 358 -9.54 67.92 -46.16
CA ASP C 358 -10.49 66.82 -46.08
C ASP C 358 -10.66 66.39 -44.62
N ARG C 359 -11.91 66.36 -44.17
CA ARG C 359 -12.20 65.79 -42.86
C ARG C 359 -12.19 64.28 -42.89
N LEU C 360 -12.60 63.69 -44.03
CA LEU C 360 -12.44 62.26 -44.29
C LEU C 360 -11.04 61.90 -44.73
N SER C 361 -10.07 62.80 -44.53
CA SER C 361 -8.70 62.55 -44.92
C SER C 361 -8.18 61.28 -44.27
N SER C 362 -7.21 60.66 -44.93
CA SER C 362 -6.61 59.44 -44.39
C SER C 362 -5.90 59.70 -43.06
N PHE C 363 -5.46 60.94 -42.84
CA PHE C 363 -4.85 61.29 -41.56
C PHE C 363 -5.86 61.20 -40.43
N PHE C 364 -7.02 61.85 -40.59
CA PHE C 364 -8.07 61.75 -39.58
C PHE C 364 -8.58 60.31 -39.47
N ASP C 365 -8.66 59.60 -40.59
CA ASP C 365 -8.98 58.18 -40.53
C ASP C 365 -7.99 57.43 -39.65
N LEU C 366 -6.71 57.79 -39.73
CA LEU C 366 -5.67 57.07 -39.01
C LEU C 366 -5.65 57.45 -37.53
N VAL C 367 -5.67 58.75 -37.24
CA VAL C 367 -5.67 59.21 -35.85
C VAL C 367 -6.91 58.71 -35.13
N GLN C 368 -8.00 58.49 -35.85
CA GLN C 368 -9.21 57.94 -35.24
C GLN C 368 -9.05 56.47 -34.89
N GLN C 369 -8.52 55.68 -35.84
CA GLN C 369 -8.59 54.22 -35.70
C GLN C 369 -7.48 53.68 -34.80
N ASP C 370 -6.30 54.27 -34.85
CA ASP C 370 -5.14 53.66 -34.20
C ASP C 370 -5.32 53.64 -32.68
N PRO C 371 -5.25 52.48 -32.03
CA PRO C 371 -5.56 52.44 -30.60
C PRO C 371 -4.53 53.14 -29.73
N VAL C 372 -3.26 53.13 -30.14
CA VAL C 372 -2.22 53.78 -29.34
C VAL C 372 -2.49 55.28 -29.24
N VAL C 373 -2.79 55.92 -30.36
CA VAL C 373 -2.81 57.38 -30.43
C VAL C 373 -4.21 57.94 -30.16
N SER C 374 -5.27 57.25 -30.62
CA SER C 374 -6.62 57.80 -30.50
C SER C 374 -7.07 57.97 -29.05
N GLN C 375 -6.31 57.46 -28.08
CA GLN C 375 -6.67 57.61 -26.67
C GLN C 375 -5.87 58.66 -25.93
N VAL C 376 -4.65 58.96 -26.38
CA VAL C 376 -3.86 60.04 -25.79
C VAL C 376 -4.46 61.36 -26.22
N LYS C 377 -4.07 62.45 -25.57
CA LYS C 377 -4.69 63.75 -25.84
C LYS C 377 -4.37 64.21 -27.25
N LEU C 378 -5.41 64.53 -28.01
CA LEU C 378 -5.29 64.99 -29.39
C LEU C 378 -5.78 66.42 -29.43
N ILE C 379 -4.86 67.36 -29.59
CA ILE C 379 -5.17 68.79 -29.55
C ILE C 379 -4.60 69.43 -30.81
N ALA C 380 -5.40 70.25 -31.48
CA ALA C 380 -5.08 70.74 -32.80
C ALA C 380 -5.10 72.26 -32.85
N GLU C 381 -4.19 72.82 -33.64
CA GLU C 381 -4.23 74.22 -34.05
C GLU C 381 -4.88 74.24 -35.42
N PRO C 382 -6.21 74.40 -35.48
CA PRO C 382 -6.95 74.06 -36.71
C PRO C 382 -6.98 75.18 -37.75
N TRP C 383 -5.81 75.48 -38.31
CA TRP C 383 -5.72 76.42 -39.42
C TRP C 383 -4.36 76.27 -40.09
N ASP C 384 -4.24 76.92 -41.25
CA ASP C 384 -2.99 77.01 -41.97
C ASP C 384 -3.12 78.13 -43.00
N VAL C 385 -1.98 78.51 -43.57
CA VAL C 385 -1.88 79.73 -44.38
C VAL C 385 -2.21 79.45 -45.83
N GLY C 386 -2.74 78.26 -46.12
CA GLY C 386 -3.18 77.91 -47.45
C GLY C 386 -4.63 78.31 -47.69
N GLU C 387 -5.15 77.87 -48.83
CA GLU C 387 -6.54 78.15 -49.18
C GLU C 387 -7.47 77.20 -48.45
N GLY C 388 -8.57 77.73 -47.93
CA GLY C 388 -9.42 76.95 -47.05
C GLY C 388 -8.77 76.66 -45.72
N GLY C 389 -8.04 77.62 -45.17
CA GLY C 389 -7.20 77.40 -44.02
C GLY C 389 -7.88 77.34 -42.68
N TYR C 390 -8.68 78.36 -42.35
CA TYR C 390 -9.25 78.46 -41.01
C TYR C 390 -10.26 77.35 -40.79
N GLN C 391 -10.07 76.57 -39.72
CA GLN C 391 -10.89 75.39 -39.46
C GLN C 391 -11.28 75.26 -38.00
N VAL C 392 -11.43 76.38 -37.29
CA VAL C 392 -11.89 76.32 -35.90
C VAL C 392 -13.32 75.84 -35.89
N GLY C 393 -13.56 74.71 -35.22
CA GLY C 393 -14.90 74.20 -35.06
C GLY C 393 -15.39 73.27 -36.16
N ASN C 394 -14.49 72.58 -36.86
CA ASN C 394 -14.91 71.67 -37.93
C ASN C 394 -14.23 70.30 -37.88
N PHE C 395 -13.17 70.13 -37.09
CA PHE C 395 -12.43 68.87 -37.04
C PHE C 395 -13.32 67.72 -36.59
N PRO C 396 -12.87 66.48 -36.79
CA PRO C 396 -13.61 65.34 -36.24
C PRO C 396 -13.77 65.47 -34.75
N PRO C 397 -14.82 64.86 -34.18
CA PRO C 397 -15.19 65.14 -32.78
C PRO C 397 -14.20 64.61 -31.75
N LEU C 398 -13.32 63.66 -32.10
CA LEU C 398 -12.33 63.19 -31.14
C LEU C 398 -11.32 64.27 -30.78
N TRP C 399 -11.29 65.38 -31.51
CA TRP C 399 -10.24 66.37 -31.35
C TRP C 399 -10.61 67.40 -30.28
N THR C 400 -9.60 68.18 -29.89
CA THR C 400 -9.76 69.30 -28.99
C THR C 400 -8.97 70.47 -29.58
N GLU C 401 -9.65 71.58 -29.87
CA GLU C 401 -9.10 72.60 -30.74
C GLU C 401 -8.63 73.83 -29.96
N TRP C 402 -7.59 74.47 -30.47
CA TRP C 402 -7.24 75.81 -30.01
C TRP C 402 -8.34 76.79 -30.44
N ASN C 403 -9.16 77.21 -29.48
CA ASN C 403 -10.28 78.12 -29.77
C ASN C 403 -9.71 79.52 -29.90
N GLY C 404 -9.22 79.83 -31.10
CA GLY C 404 -8.75 81.17 -31.37
C GLY C 404 -9.84 82.21 -31.22
N LYS C 405 -11.07 81.87 -31.63
CA LYS C 405 -12.21 82.76 -31.50
C LYS C 405 -12.61 83.00 -30.05
N TYR C 406 -11.94 82.35 -29.09
CA TYR C 406 -11.98 82.76 -27.69
C TYR C 406 -10.89 83.78 -27.41
N ARG C 407 -9.64 83.47 -27.81
CA ARG C 407 -8.53 84.40 -27.63
C ARG C 407 -8.82 85.74 -28.30
N ASP C 408 -9.30 85.71 -29.54
CA ASP C 408 -9.55 86.94 -30.28
C ASP C 408 -10.69 87.73 -29.66
N CYS C 409 -11.74 87.06 -29.21
CA CYS C 409 -12.97 87.70 -28.79
C CYS C 409 -13.07 87.89 -27.28
N VAL C 410 -12.02 87.56 -26.54
CA VAL C 410 -11.88 87.96 -25.16
C VAL C 410 -10.94 89.15 -25.03
N ARG C 411 -9.77 89.06 -25.69
CA ARG C 411 -8.89 90.22 -25.85
C ARG C 411 -9.68 91.44 -26.29
N ASP C 412 -10.67 91.20 -27.16
CA ASP C 412 -11.52 92.28 -27.65
C ASP C 412 -12.40 92.84 -26.53
N LEU C 413 -12.87 91.97 -25.62
CA LEU C 413 -13.77 92.42 -24.56
C LEU C 413 -13.09 93.44 -23.65
N TRP C 414 -11.91 93.09 -23.14
CA TRP C 414 -11.18 94.00 -22.27
C TRP C 414 -10.48 95.11 -23.03
N ARG C 415 -10.31 94.96 -24.36
CA ARG C 415 -9.83 96.06 -25.17
C ARG C 415 -10.86 97.18 -25.26
N GLY C 416 -12.13 96.90 -24.96
CA GLY C 416 -13.18 97.87 -25.04
C GLY C 416 -13.89 97.93 -26.37
N GLU C 417 -13.39 97.22 -27.38
CA GLU C 417 -14.05 97.15 -28.67
C GLU C 417 -15.53 96.80 -28.48
N PRO C 418 -16.42 97.38 -29.28
CA PRO C 418 -17.83 96.99 -29.18
C PRO C 418 -18.08 95.58 -29.68
N ARG C 419 -17.22 94.65 -29.30
CA ARG C 419 -17.60 93.25 -29.35
C ARG C 419 -18.78 93.07 -28.43
N THR C 420 -19.90 92.63 -28.99
CA THR C 420 -21.08 92.52 -28.16
C THR C 420 -20.89 91.33 -27.22
N LEU C 421 -21.80 91.17 -26.27
CA LEU C 421 -21.65 90.10 -25.30
C LEU C 421 -22.18 88.76 -25.83
N ALA C 422 -22.76 88.75 -27.03
CA ALA C 422 -23.12 87.49 -27.67
C ALA C 422 -21.90 86.75 -28.20
N GLU C 423 -20.95 87.48 -28.81
CA GLU C 423 -19.66 86.91 -29.16
C GLU C 423 -18.82 86.57 -27.92
N PHE C 424 -19.29 86.91 -26.73
CA PHE C 424 -18.57 86.60 -25.49
C PHE C 424 -19.33 85.68 -24.55
N ALA C 425 -20.65 85.80 -24.48
CA ALA C 425 -21.43 84.93 -23.60
C ALA C 425 -21.19 83.47 -23.92
N SER C 426 -21.39 83.10 -25.19
CA SER C 426 -21.10 81.73 -25.61
C SER C 426 -19.62 81.40 -25.51
N ARG C 427 -18.73 82.40 -25.42
CA ARG C 427 -17.33 82.10 -25.16
C ARG C 427 -17.06 81.79 -23.70
N LEU C 428 -17.90 82.29 -22.80
CA LEU C 428 -17.85 81.81 -21.43
C LEU C 428 -18.48 80.43 -21.31
N THR C 429 -19.51 80.16 -22.11
CA THR C 429 -20.20 78.88 -22.09
C THR C 429 -19.40 77.77 -22.76
N GLY C 430 -18.38 78.12 -23.54
CA GLY C 430 -17.58 77.15 -24.24
C GLY C 430 -17.75 77.10 -25.74
N SER C 431 -18.28 78.17 -26.36
CA SER C 431 -18.45 78.25 -27.81
C SER C 431 -19.39 77.17 -28.33
N SER C 432 -20.64 77.23 -27.85
CA SER C 432 -21.68 76.34 -28.37
C SER C 432 -21.90 76.57 -29.86
N ASP C 433 -21.62 77.77 -30.35
CA ASP C 433 -21.76 78.05 -31.77
C ASP C 433 -20.72 77.33 -32.61
N LEU C 434 -19.62 76.89 -32.01
CA LEU C 434 -18.55 76.19 -32.73
C LEU C 434 -18.62 74.68 -32.60
N TYR C 435 -19.00 74.16 -31.42
CA TYR C 435 -18.76 72.76 -31.11
C TYR C 435 -20.00 71.95 -30.73
N GLN C 436 -21.15 72.58 -30.50
CA GLN C 436 -22.32 71.82 -30.05
C GLN C 436 -22.89 70.99 -31.20
N ASP C 437 -23.32 71.65 -32.28
CA ASP C 437 -23.93 70.94 -33.38
C ASP C 437 -22.96 69.95 -34.02
N ASP C 438 -21.65 70.23 -33.96
CA ASP C 438 -20.65 69.24 -34.35
C ASP C 438 -20.88 67.91 -33.66
N GLY C 439 -21.29 67.96 -32.40
CA GLY C 439 -21.40 66.76 -31.59
C GLY C 439 -20.26 66.65 -30.61
N ARG C 440 -19.80 67.79 -30.10
CA ARG C 440 -18.65 67.85 -29.21
C ARG C 440 -19.07 68.43 -27.86
N ARG C 441 -18.10 68.53 -26.96
CA ARG C 441 -18.31 68.90 -25.58
C ARG C 441 -17.65 70.24 -25.26
N PRO C 442 -18.07 70.92 -24.20
CA PRO C 442 -17.42 72.18 -23.82
C PRO C 442 -15.91 72.05 -23.65
N LEU C 443 -15.43 70.90 -23.19
CA LEU C 443 -14.01 70.66 -23.00
C LEU C 443 -13.26 70.49 -24.32
N ALA C 444 -13.89 70.79 -25.46
CA ALA C 444 -13.20 70.77 -26.75
C ALA C 444 -12.55 72.09 -27.10
N SER C 445 -12.83 73.15 -26.35
CA SER C 445 -12.28 74.47 -26.60
C SER C 445 -11.06 74.66 -25.69
N VAL C 446 -9.87 74.64 -26.28
CA VAL C 446 -8.66 74.96 -25.53
C VAL C 446 -8.59 76.47 -25.43
N ASN C 447 -9.15 77.02 -24.36
CA ASN C 447 -9.20 78.46 -24.20
C ASN C 447 -7.84 79.00 -23.77
N PHE C 448 -7.46 80.14 -24.33
CA PHE C 448 -6.21 80.79 -23.97
C PHE C 448 -6.32 82.27 -24.32
N VAL C 449 -5.84 83.12 -23.41
CA VAL C 449 -5.77 84.55 -23.70
C VAL C 449 -4.46 84.91 -24.38
N THR C 450 -3.44 84.06 -24.26
CA THR C 450 -2.19 84.22 -24.98
C THR C 450 -1.56 82.85 -25.18
N CYS C 451 -0.68 82.77 -26.16
CA CYS C 451 0.07 81.55 -26.43
C CYS C 451 1.51 81.96 -26.76
N HIS C 452 2.28 81.01 -27.28
CA HIS C 452 3.66 81.32 -27.62
C HIS C 452 3.76 82.31 -28.77
N ASP C 453 2.78 82.29 -29.68
CA ASP C 453 2.66 83.32 -30.70
C ASP C 453 2.02 84.57 -30.11
N GLY C 454 2.24 85.69 -30.77
CA GLY C 454 1.65 86.93 -30.32
C GLY C 454 2.20 87.41 -28.99
N PHE C 455 1.55 88.44 -28.46
CA PHE C 455 1.98 89.05 -27.21
C PHE C 455 1.82 88.07 -26.04
N THR C 456 2.63 88.28 -25.02
CA THR C 456 2.46 87.62 -23.73
C THR C 456 1.36 88.35 -22.97
N LEU C 457 1.21 88.06 -21.68
CA LEU C 457 0.18 88.75 -20.91
C LEU C 457 0.60 90.17 -20.56
N ARG C 458 1.87 90.36 -20.20
CA ARG C 458 2.38 91.71 -19.93
C ARG C 458 2.27 92.59 -21.16
N ASP C 459 2.93 92.18 -22.25
CA ASP C 459 2.93 92.95 -23.49
C ASP C 459 1.56 93.04 -24.15
N LEU C 460 0.57 92.29 -23.68
CA LEU C 460 -0.78 92.41 -24.22
C LEU C 460 -1.48 93.65 -23.72
N VAL C 461 -1.21 94.07 -22.48
CA VAL C 461 -1.85 95.24 -21.89
C VAL C 461 -0.93 96.45 -21.92
N SER C 462 0.20 96.37 -22.61
CA SER C 462 1.20 97.43 -22.59
C SER C 462 1.62 97.90 -23.97
N TYR C 463 1.15 97.29 -25.05
CA TYR C 463 1.64 97.59 -26.39
C TYR C 463 0.49 97.61 -27.37
N ASN C 464 0.29 98.74 -28.05
CA ASN C 464 -0.69 98.78 -29.14
C ASN C 464 -0.25 97.91 -30.30
N GLU C 465 1.03 97.98 -30.67
CA GLU C 465 1.53 97.32 -31.86
C GLU C 465 2.84 96.61 -31.54
N LYS C 466 3.22 95.69 -32.43
CA LYS C 466 4.40 94.87 -32.23
C LYS C 466 5.68 95.71 -32.29
N ARG C 467 6.75 95.14 -31.75
CA ARG C 467 8.07 95.78 -31.70
C ARG C 467 9.16 94.79 -32.09
N ASN C 468 8.97 94.12 -33.25
CA ASN C 468 9.79 92.99 -33.65
C ASN C 468 11.01 93.36 -34.47
N GLU C 469 11.59 94.55 -34.24
CA GLU C 469 12.84 94.88 -34.92
C GLU C 469 14.00 93.99 -34.48
N ALA C 470 13.85 93.23 -33.39
CA ALA C 470 14.91 92.32 -32.98
C ALA C 470 15.01 91.13 -33.92
N ASN C 471 13.86 90.58 -34.34
CA ASN C 471 13.84 89.46 -35.27
C ASN C 471 14.55 89.77 -36.59
N GLY C 472 14.86 91.04 -36.86
CA GLY C 472 15.61 91.38 -38.04
C GLY C 472 14.88 91.18 -39.35
N GLU C 473 13.55 91.20 -39.33
CA GLU C 473 12.75 91.14 -40.55
C GLU C 473 11.86 92.37 -40.65
N GLY C 474 12.38 93.52 -40.23
CA GLY C 474 11.68 94.78 -40.38
C GLY C 474 10.29 94.85 -39.79
N ASN C 475 10.10 94.22 -38.63
CA ASN C 475 8.81 94.24 -37.93
C ASN C 475 7.68 93.76 -38.84
N ARG C 476 7.97 92.77 -39.67
CA ARG C 476 6.98 92.20 -40.58
C ARG C 476 6.40 90.89 -40.08
N ASP C 477 7.13 90.15 -39.26
CA ASP C 477 6.65 88.87 -38.75
C ASP C 477 5.60 89.09 -37.66
N GLY C 478 5.00 87.98 -37.23
CA GLY C 478 4.00 88.02 -36.17
C GLY C 478 2.65 88.50 -36.66
N GLU C 479 1.74 88.65 -35.69
CA GLU C 479 0.43 89.21 -35.97
C GLU C 479 0.52 90.73 -36.15
N ASN C 480 -0.35 91.26 -37.00
CA ASN C 480 -0.24 92.67 -37.39
C ASN C 480 -0.89 93.58 -36.37
N TYR C 481 -2.16 93.32 -36.03
CA TYR C 481 -2.81 93.95 -34.88
C TYR C 481 -3.22 92.84 -33.92
N ASN C 482 -2.67 92.89 -32.71
CA ASN C 482 -2.83 91.82 -31.74
C ASN C 482 -4.07 91.98 -30.86
N ARG C 483 -5.00 92.84 -31.25
CA ARG C 483 -6.20 93.14 -30.47
C ARG C 483 -5.82 93.54 -29.04
N SER C 484 -4.94 94.53 -28.94
CA SER C 484 -4.35 94.93 -27.68
C SER C 484 -4.70 96.37 -27.37
N TRP C 485 -4.49 96.76 -26.10
CA TRP C 485 -4.55 98.15 -25.70
C TRP C 485 -3.50 98.39 -24.63
N ASN C 486 -2.83 99.53 -24.73
CA ASN C 486 -1.65 99.85 -23.94
C ASN C 486 -1.95 100.32 -22.53
N CYS C 487 -3.21 100.63 -22.22
CA CYS C 487 -3.63 101.12 -20.90
C CYS C 487 -3.04 102.50 -20.59
N GLY C 488 -3.12 103.40 -21.57
CA GLY C 488 -2.76 104.79 -21.37
C GLY C 488 -1.43 105.20 -21.97
N GLU C 489 -0.41 104.37 -21.80
CA GLU C 489 0.88 104.57 -22.43
C GLU C 489 1.37 103.25 -23.00
N GLU C 490 2.14 103.34 -24.09
CA GLU C 490 2.77 102.19 -24.70
C GLU C 490 4.20 102.07 -24.18
N GLY C 491 4.62 100.84 -23.89
CA GLY C 491 5.91 100.61 -23.29
C GLY C 491 5.91 100.86 -21.80
N GLU C 492 7.01 100.48 -21.16
CA GLU C 492 7.15 100.59 -19.73
C GLU C 492 6.99 102.05 -19.28
N THR C 493 6.15 102.27 -18.27
CA THR C 493 5.88 103.59 -17.74
C THR C 493 5.94 103.56 -16.22
N GLU C 494 6.06 104.74 -15.63
CA GLU C 494 6.11 104.93 -14.20
C GLU C 494 4.76 105.34 -13.60
N ASP C 495 3.80 105.73 -14.44
CA ASP C 495 2.50 106.18 -13.95
C ASP C 495 1.81 105.05 -13.18
N VAL C 496 1.45 105.33 -11.93
CA VAL C 496 0.93 104.29 -11.05
C VAL C 496 -0.41 103.75 -11.57
N GLY C 497 -1.35 104.65 -11.84
CA GLY C 497 -2.66 104.22 -12.31
C GLY C 497 -2.71 103.32 -13.53
N ILE C 498 -1.85 103.59 -14.52
CA ILE C 498 -1.72 102.67 -15.65
C ILE C 498 -1.05 101.34 -15.27
N THR C 499 -0.11 101.43 -14.33
CA THR C 499 0.55 100.22 -13.83
C THR C 499 -0.55 99.39 -13.17
N GLU C 500 -1.33 100.01 -12.28
CA GLU C 500 -2.41 99.30 -11.62
C GLU C 500 -3.45 98.81 -12.62
N LEU C 501 -3.73 99.61 -13.65
CA LEU C 501 -4.69 99.18 -14.67
C LEU C 501 -4.16 97.98 -15.44
N ARG C 502 -2.89 98.00 -15.82
CA ARG C 502 -2.29 96.86 -16.50
C ARG C 502 -2.28 95.63 -15.59
N ALA C 503 -1.79 95.79 -14.37
CA ALA C 503 -1.68 94.66 -13.45
C ALA C 503 -3.04 94.01 -13.18
N ARG C 504 -4.12 94.81 -13.21
CA ARG C 504 -5.45 94.25 -12.99
C ARG C 504 -6.14 93.88 -14.29
N GLN C 505 -5.79 94.51 -15.41
CA GLN C 505 -6.21 93.97 -16.71
C GLN C 505 -5.72 92.53 -16.85
N MET C 506 -4.46 92.28 -16.48
CA MET C 506 -3.94 90.92 -16.44
C MET C 506 -4.76 90.05 -15.49
N ARG C 507 -5.22 90.63 -14.38
CA ARG C 507 -6.06 89.89 -13.45
C ARG C 507 -7.38 89.48 -14.11
N ASN C 508 -7.93 90.34 -14.96
CA ASN C 508 -9.15 89.99 -15.70
C ASN C 508 -8.93 88.78 -16.58
N PHE C 509 -7.81 88.75 -17.33
CA PHE C 509 -7.59 87.69 -18.31
C PHE C 509 -7.43 86.34 -17.64
N LEU C 510 -6.53 86.24 -16.66
CA LEU C 510 -6.32 84.97 -15.98
C LEU C 510 -7.57 84.51 -15.26
N ALA C 511 -8.34 85.45 -14.69
CA ALA C 511 -9.60 85.10 -14.07
C ALA C 511 -10.61 84.64 -15.13
N THR C 512 -10.77 85.42 -16.19
CA THR C 512 -11.69 85.04 -17.26
C THR C 512 -11.33 83.68 -17.84
N LEU C 513 -10.04 83.37 -17.94
CA LEU C 513 -9.62 82.11 -18.53
C LEU C 513 -10.00 80.93 -17.66
N MET C 514 -9.95 81.09 -16.34
CA MET C 514 -10.18 79.98 -15.42
C MET C 514 -11.63 79.89 -14.96
N LEU C 515 -12.45 80.90 -15.22
CA LEU C 515 -13.88 80.80 -15.00
C LEU C 515 -14.65 80.28 -16.22
N SER C 516 -13.97 80.17 -17.36
CA SER C 516 -14.62 79.83 -18.62
C SER C 516 -14.62 78.34 -18.87
N GLN C 517 -15.62 77.88 -19.61
CA GLN C 517 -15.77 76.47 -19.92
C GLN C 517 -14.63 75.99 -20.82
N GLY C 518 -14.48 74.68 -20.89
CA GLY C 518 -13.43 74.08 -21.70
C GLY C 518 -12.17 73.78 -20.92
N VAL C 519 -11.07 73.71 -21.64
CA VAL C 519 -9.75 73.43 -21.08
C VAL C 519 -8.90 74.69 -21.24
N PRO C 520 -8.45 75.31 -20.15
CA PRO C 520 -7.66 76.52 -20.27
C PRO C 520 -6.20 76.21 -20.54
N MET C 521 -5.48 77.24 -20.98
CA MET C 521 -4.07 77.10 -21.34
C MET C 521 -3.31 78.34 -20.90
N LEU C 522 -2.17 78.12 -20.25
CA LEU C 522 -1.27 79.18 -19.85
C LEU C 522 -0.04 79.19 -20.75
N SER C 523 0.45 80.39 -21.06
CA SER C 523 1.77 80.56 -21.66
C SER C 523 2.76 80.83 -20.54
N HIS C 524 3.93 80.20 -20.63
CA HIS C 524 4.84 80.15 -19.49
C HIS C 524 5.31 81.54 -19.10
N GLY C 525 5.31 81.81 -17.79
CA GLY C 525 5.79 83.06 -17.24
C GLY C 525 4.70 84.08 -16.94
N ASP C 526 3.48 83.85 -17.40
CA ASP C 526 2.40 84.83 -17.23
C ASP C 526 1.99 85.01 -15.78
N GLU C 527 2.52 84.22 -14.84
CA GLU C 527 2.22 84.44 -13.43
C GLU C 527 3.13 85.51 -12.83
N PHE C 528 4.38 85.59 -13.28
CA PHE C 528 5.26 86.68 -12.90
C PHE C 528 5.15 87.87 -13.84
N GLY C 529 4.27 87.81 -14.83
CA GLY C 529 4.18 88.85 -15.83
C GLY C 529 5.42 88.89 -16.69
N ARG C 530 5.72 87.77 -17.35
CA ARG C 530 6.90 87.70 -18.20
C ARG C 530 6.71 88.60 -19.42
N THR C 531 7.78 89.30 -19.78
CA THR C 531 7.76 90.35 -20.79
C THR C 531 8.72 90.00 -21.92
N GLN C 532 8.33 90.36 -23.15
CA GLN C 532 9.20 90.18 -24.32
C GLN C 532 9.53 91.51 -24.99
N GLY C 533 9.43 92.63 -24.26
CA GLY C 533 9.84 93.92 -24.77
C GLY C 533 9.09 94.40 -25.98
N GLY C 534 7.85 93.94 -26.18
CA GLY C 534 7.09 94.29 -27.36
C GLY C 534 7.22 93.33 -28.51
N ASN C 535 8.13 92.36 -28.44
CA ASN C 535 8.21 91.33 -29.46
C ASN C 535 7.09 90.32 -29.24
N ASN C 536 6.33 90.05 -30.30
CA ASN C 536 5.23 89.10 -30.23
C ASN C 536 5.54 87.78 -30.91
N ASN C 537 6.51 87.75 -31.83
CA ASN C 537 6.93 86.52 -32.51
C ASN C 537 8.44 86.41 -32.30
N ALA C 538 8.81 85.83 -31.15
CA ALA C 538 10.20 85.75 -30.72
C ALA C 538 10.87 84.44 -31.12
N TYR C 539 10.46 83.86 -32.25
CA TYR C 539 10.94 82.57 -32.70
C TYR C 539 12.46 82.52 -32.90
N CYS C 540 13.14 83.66 -32.90
CA CYS C 540 14.59 83.68 -33.09
C CYS C 540 15.32 84.43 -31.99
N GLN C 541 14.62 84.88 -30.95
CA GLN C 541 15.27 85.58 -29.83
C GLN C 541 15.64 84.55 -28.77
N ASP C 542 16.82 83.98 -28.91
CA ASP C 542 17.35 82.97 -27.99
C ASP C 542 18.18 83.61 -26.88
N ASN C 543 17.60 84.59 -26.20
CA ASN C 543 18.33 85.39 -25.22
C ASN C 543 17.38 85.76 -24.07
N GLU C 544 17.80 86.74 -23.27
CA GLU C 544 17.00 87.20 -22.14
C GLU C 544 15.60 87.62 -22.57
N VAL C 545 15.43 87.99 -23.84
CA VAL C 545 14.12 88.40 -24.35
C VAL C 545 13.07 87.33 -24.07
N SER C 546 13.43 86.06 -24.29
CA SER C 546 12.47 84.98 -24.23
C SER C 546 12.63 84.06 -23.03
N TRP C 547 13.66 84.25 -22.20
CA TRP C 547 13.73 83.46 -20.97
C TRP C 547 12.62 83.85 -20.01
N VAL C 548 12.49 83.08 -18.94
CA VAL C 548 11.52 83.32 -17.89
C VAL C 548 12.28 83.87 -16.69
N ARG C 549 12.09 85.15 -16.39
CA ARG C 549 12.77 85.80 -15.28
C ARG C 549 12.07 85.39 -13.97
N TRP C 550 12.85 84.84 -13.03
CA TRP C 550 12.19 84.31 -11.84
C TRP C 550 12.16 85.36 -10.74
N PRO C 551 11.02 85.55 -10.09
CA PRO C 551 10.79 86.79 -9.34
C PRO C 551 11.45 86.81 -7.98
N LYS C 552 11.80 88.04 -7.55
CA LYS C 552 12.18 88.34 -6.18
C LYS C 552 11.51 89.63 -5.73
N GLU C 556 7.54 92.05 -5.21
CA GLU C 556 6.22 92.00 -4.59
C GLU C 556 5.11 91.87 -5.64
N ALA C 557 5.03 92.83 -6.55
CA ALA C 557 3.95 92.82 -7.54
C ALA C 557 4.08 91.64 -8.49
N GLU C 558 5.29 91.11 -8.67
CA GLU C 558 5.48 89.93 -9.50
C GLU C 558 4.96 88.68 -8.80
N ALA C 559 4.91 88.70 -7.47
CA ALA C 559 4.39 87.56 -6.72
C ALA C 559 2.92 87.72 -6.34
N THR C 560 2.47 88.96 -6.11
CA THR C 560 1.05 89.19 -5.87
C THR C 560 0.22 88.70 -7.04
N LEU C 561 0.74 88.81 -8.26
CA LEU C 561 0.07 88.24 -9.42
C LEU C 561 0.23 86.72 -9.46
N LEU C 562 1.35 86.19 -8.94
CA LEU C 562 1.53 84.75 -8.91
C LEU C 562 0.53 84.08 -7.98
N ARG C 563 0.47 84.54 -6.73
CA ARG C 563 -0.51 83.97 -5.80
C ARG C 563 -1.94 84.29 -6.19
N PHE C 564 -2.14 85.26 -7.10
CA PHE C 564 -3.42 85.40 -7.79
C PHE C 564 -3.67 84.20 -8.69
N THR C 565 -2.78 83.99 -9.66
CA THR C 565 -3.00 82.98 -10.70
C THR C 565 -3.22 81.60 -10.10
N ARG C 566 -2.53 81.30 -9.00
CA ARG C 566 -2.64 79.97 -8.38
C ARG C 566 -4.03 79.75 -7.79
N SER C 567 -4.50 80.68 -6.96
CA SER C 567 -5.79 80.53 -6.30
C SER C 567 -6.95 80.54 -7.28
N MET C 568 -6.77 81.16 -8.46
CA MET C 568 -7.78 81.02 -9.51
C MET C 568 -7.85 79.60 -10.05
N VAL C 569 -6.73 78.88 -10.03
CA VAL C 569 -6.76 77.47 -10.39
C VAL C 569 -7.39 76.66 -9.26
N ARG C 570 -7.15 77.05 -8.01
CA ARG C 570 -7.89 76.47 -6.90
C ARG C 570 -9.39 76.61 -7.11
N LEU C 571 -9.83 77.82 -7.47
CA LEU C 571 -11.25 78.06 -7.70
C LEU C 571 -11.78 77.25 -8.87
N ARG C 572 -10.90 76.75 -9.75
CA ARG C 572 -11.32 75.78 -10.75
C ARG C 572 -11.34 74.37 -10.19
N ARG C 573 -10.25 73.97 -9.52
CA ARG C 573 -10.11 72.60 -9.05
C ARG C 573 -11.24 72.21 -8.10
N GLU C 574 -11.70 73.15 -7.26
CA GLU C 574 -12.65 72.80 -6.22
C GLU C 574 -14.09 72.86 -6.71
N HIS C 575 -14.40 73.75 -7.65
CA HIS C 575 -15.77 73.99 -8.06
C HIS C 575 -16.00 73.48 -9.48
N PRO C 576 -16.69 72.34 -9.65
CA PRO C 576 -16.81 71.73 -10.98
C PRO C 576 -17.72 72.45 -11.96
N VAL C 577 -18.41 73.53 -11.56
CA VAL C 577 -19.29 74.22 -12.50
C VAL C 577 -18.47 74.86 -13.62
N PHE C 578 -17.34 75.47 -13.27
CA PHE C 578 -16.51 76.14 -14.26
C PHE C 578 -15.90 75.16 -15.26
N ARG C 579 -15.89 73.88 -14.95
CA ARG C 579 -15.37 72.87 -15.86
C ARG C 579 -16.46 71.88 -16.23
N ARG C 580 -17.64 72.40 -16.58
CA ARG C 580 -18.78 71.54 -16.87
C ARG C 580 -18.47 70.58 -18.03
N ARG C 581 -19.09 69.41 -17.96
CA ARG C 581 -18.90 68.33 -18.92
C ARG C 581 -19.91 68.38 -20.04
N ARG C 582 -20.94 69.22 -19.92
CA ARG C 582 -21.95 69.42 -20.95
C ARG C 582 -22.23 70.91 -21.07
N PHE C 583 -22.94 71.28 -22.12
CA PHE C 583 -23.27 72.69 -22.32
C PHE C 583 -24.42 73.09 -21.42
N PHE C 584 -24.62 74.40 -21.31
CA PHE C 584 -25.71 74.96 -20.52
C PHE C 584 -26.94 75.13 -21.42
N HIS C 585 -28.11 74.88 -20.86
CA HIS C 585 -29.32 75.15 -21.63
C HIS C 585 -30.32 76.02 -20.88
N GLY C 586 -30.48 75.81 -19.57
CA GLY C 586 -31.15 76.75 -18.69
C GLY C 586 -32.57 77.19 -19.03
N ARG C 587 -33.19 76.58 -20.04
CA ARG C 587 -34.54 76.95 -20.47
C ARG C 587 -35.38 75.70 -20.67
N PRO C 588 -35.86 75.09 -19.59
CA PRO C 588 -36.85 74.01 -19.74
C PRO C 588 -38.18 74.55 -20.21
N VAL C 589 -39.06 73.64 -20.60
CA VAL C 589 -40.39 74.00 -21.04
C VAL C 589 -41.42 72.99 -20.50
N LEU C 596 -34.46 72.38 -14.35
CA LEU C 596 -33.89 73.46 -13.56
C LEU C 596 -33.06 74.41 -14.42
N THR C 597 -32.94 75.64 -13.96
CA THR C 597 -32.11 76.64 -14.63
C THR C 597 -30.66 76.45 -14.22
N ASP C 598 -29.79 76.13 -15.18
CA ASP C 598 -28.38 75.97 -14.91
C ASP C 598 -27.56 77.19 -15.27
N ILE C 599 -28.13 78.13 -16.04
CA ILE C 599 -27.47 79.38 -16.36
C ILE C 599 -28.54 80.43 -16.63
N ALA C 600 -28.23 81.68 -16.28
CA ALA C 600 -29.15 82.79 -16.47
C ALA C 600 -28.34 84.06 -16.59
N TRP C 601 -28.71 84.90 -17.55
CA TRP C 601 -27.94 86.09 -17.91
C TRP C 601 -28.73 87.33 -17.52
N PHE C 602 -28.13 88.19 -16.70
CA PHE C 602 -28.79 89.35 -16.14
C PHE C 602 -28.11 90.64 -16.58
N THR C 603 -28.84 91.74 -16.45
CA THR C 603 -28.45 93.11 -16.72
C THR C 603 -27.75 93.70 -15.49
N PRO C 604 -26.79 94.61 -15.66
CA PRO C 604 -26.16 95.23 -14.48
C PRO C 604 -27.15 95.80 -13.47
N GLU C 605 -28.27 96.39 -13.91
CA GLU C 605 -29.28 96.83 -12.97
C GLU C 605 -29.99 95.67 -12.27
N GLY C 606 -29.81 94.45 -12.75
CA GLY C 606 -30.22 93.27 -12.02
C GLY C 606 -31.45 92.52 -12.52
N GLU C 607 -31.92 92.76 -13.74
CA GLU C 607 -33.05 92.03 -14.27
C GLU C 607 -32.61 91.15 -15.43
N GLU C 608 -33.37 90.07 -15.64
CA GLU C 608 -33.01 89.06 -16.62
C GLU C 608 -32.98 89.66 -18.03
N MET C 609 -31.90 89.40 -18.76
CA MET C 609 -31.70 90.01 -20.06
C MET C 609 -32.69 89.45 -21.08
N THR C 610 -33.12 90.32 -21.99
CA THR C 610 -33.93 89.96 -23.13
C THR C 610 -33.05 89.99 -24.38
N SER C 611 -33.65 89.68 -25.53
CA SER C 611 -32.89 89.66 -26.77
C SER C 611 -32.65 91.06 -27.33
N ARG C 612 -33.38 92.07 -26.84
CA ARG C 612 -33.04 93.45 -27.14
C ARG C 612 -31.80 93.92 -26.41
N ASP C 613 -31.27 93.12 -25.49
CA ASP C 613 -30.08 93.46 -24.72
C ASP C 613 -28.82 92.82 -25.27
N TRP C 614 -28.93 91.64 -25.88
CA TRP C 614 -27.73 90.94 -26.35
C TRP C 614 -27.12 91.59 -27.58
N GLN C 615 -27.94 92.07 -28.52
CA GLN C 615 -27.41 92.61 -29.75
C GLN C 615 -27.44 94.14 -29.79
N ALA C 616 -27.79 94.79 -28.69
CA ALA C 616 -27.58 96.23 -28.58
C ALA C 616 -26.09 96.51 -28.56
N ALA C 617 -25.64 97.39 -29.46
CA ALA C 617 -24.21 97.54 -29.74
C ALA C 617 -23.45 97.95 -28.48
N HIS C 618 -23.76 99.14 -27.95
CA HIS C 618 -23.00 99.69 -26.81
C HIS C 618 -23.54 99.09 -25.51
N ALA C 619 -23.22 97.82 -25.32
CA ALA C 619 -23.58 97.07 -24.11
C ALA C 619 -22.36 96.29 -23.66
N GLN C 620 -21.81 96.62 -22.49
CA GLN C 620 -20.49 96.13 -22.12
C GLN C 620 -20.40 95.62 -20.69
N ALA C 621 -21.51 95.20 -20.07
CA ALA C 621 -21.48 94.68 -18.72
C ALA C 621 -22.48 93.53 -18.59
N LEU C 622 -22.11 92.54 -17.78
CA LEU C 622 -22.91 91.32 -17.67
C LEU C 622 -22.80 90.78 -16.25
N THR C 623 -23.82 90.04 -15.85
CA THR C 623 -23.81 89.25 -14.62
C THR C 623 -24.31 87.85 -14.94
N VAL C 624 -23.40 86.88 -14.97
CA VAL C 624 -23.74 85.49 -15.31
C VAL C 624 -24.04 84.74 -14.02
N PHE C 625 -25.10 83.93 -14.04
CA PHE C 625 -25.45 83.06 -12.93
C PHE C 625 -25.18 81.62 -13.33
N LEU C 626 -24.33 80.94 -12.58
CA LEU C 626 -24.02 79.53 -12.79
C LEU C 626 -24.57 78.74 -11.62
N ASN C 627 -25.53 77.86 -11.90
CA ASN C 627 -26.16 77.07 -10.85
C ASN C 627 -25.25 75.91 -10.45
N GLY C 628 -25.14 75.68 -9.14
CA GLY C 628 -24.26 74.64 -8.63
C GLY C 628 -24.93 73.29 -8.52
N ASN C 629 -26.26 73.28 -8.38
CA ASN C 629 -27.03 72.05 -8.23
C ASN C 629 -27.58 71.52 -9.54
N ALA C 630 -27.48 72.29 -10.63
CA ALA C 630 -28.00 71.91 -11.93
C ALA C 630 -26.94 71.28 -12.81
N ILE C 631 -26.00 70.55 -12.20
CA ILE C 631 -24.99 69.82 -12.95
C ILE C 631 -25.61 68.52 -13.45
N SER C 632 -26.17 68.54 -14.65
CA SER C 632 -26.79 67.37 -15.23
C SER C 632 -25.73 66.44 -15.83
N GLU C 633 -24.72 66.10 -15.03
CA GLU C 633 -23.64 65.23 -15.43
C GLU C 633 -23.38 64.26 -14.27
N PRO C 634 -23.21 62.97 -14.56
CA PRO C 634 -22.84 62.03 -13.51
C PRO C 634 -21.34 62.05 -13.26
N GLY C 635 -20.96 61.56 -12.09
CA GLY C 635 -19.57 61.48 -11.71
C GLY C 635 -18.89 60.28 -12.34
N THR C 636 -17.74 59.91 -11.79
CA THR C 636 -17.01 58.75 -12.29
C THR C 636 -17.73 57.44 -11.97
N GLN C 637 -18.62 57.44 -10.97
CA GLN C 637 -19.38 56.25 -10.60
C GLN C 637 -20.87 56.53 -10.56
N GLY C 638 -21.36 57.40 -11.44
CA GLY C 638 -22.76 57.77 -11.45
C GLY C 638 -23.18 58.74 -10.36
N GLU C 639 -22.29 59.04 -9.42
CA GLU C 639 -22.53 60.06 -8.41
C GLU C 639 -23.02 61.36 -9.03
N ARG C 640 -23.92 62.05 -8.34
CA ARG C 640 -24.36 63.36 -8.78
C ARG C 640 -23.32 64.41 -8.39
N ILE C 641 -22.91 65.20 -9.37
CA ILE C 641 -21.91 66.24 -9.14
C ILE C 641 -22.60 67.46 -8.53
N ALA C 642 -22.06 67.96 -7.43
CA ALA C 642 -22.65 69.08 -6.70
C ALA C 642 -21.65 70.22 -6.58
N ASP C 643 -22.17 71.42 -6.32
CA ASP C 643 -21.34 72.61 -6.27
C ASP C 643 -22.14 73.73 -5.64
N ASP C 644 -21.41 74.75 -5.17
CA ASP C 644 -22.01 76.00 -4.74
C ASP C 644 -22.36 76.85 -5.97
N SER C 645 -23.55 77.43 -5.98
CA SER C 645 -23.95 78.29 -7.08
C SER C 645 -23.07 79.54 -7.12
N PHE C 646 -22.82 80.04 -8.33
CA PHE C 646 -21.90 81.15 -8.54
C PHE C 646 -22.59 82.28 -9.30
N LEU C 647 -21.94 83.44 -9.28
CA LEU C 647 -22.48 84.66 -9.86
C LEU C 647 -21.31 85.52 -10.34
N LEU C 648 -21.08 85.53 -11.64
CA LEU C 648 -20.02 86.35 -12.23
C LEU C 648 -20.55 87.73 -12.57
N MET C 649 -19.65 88.72 -12.58
CA MET C 649 -20.04 90.11 -12.79
C MET C 649 -18.94 90.81 -13.57
N PHE C 650 -19.20 91.09 -14.85
CA PHE C 650 -18.21 91.61 -15.79
C PHE C 650 -18.51 93.08 -16.08
N ASN C 651 -17.49 93.93 -16.01
CA ASN C 651 -17.62 95.34 -16.36
C ASN C 651 -16.48 95.70 -17.31
N ALA C 652 -16.71 95.52 -18.62
CA ALA C 652 -15.78 95.96 -19.63
C ALA C 652 -15.94 97.43 -19.98
N SER C 653 -16.93 98.09 -19.38
CA SER C 653 -17.16 99.51 -19.63
C SER C 653 -15.96 100.33 -19.14
N ALA C 654 -15.82 101.52 -19.72
CA ALA C 654 -14.75 102.43 -19.33
C ALA C 654 -15.05 103.20 -18.05
N LYS C 655 -16.23 103.01 -17.46
CA LYS C 655 -16.62 103.72 -16.25
C LYS C 655 -17.32 102.75 -15.31
N GLU C 656 -17.43 103.18 -14.05
CA GLU C 656 -18.13 102.39 -13.05
C GLU C 656 -19.58 102.15 -13.48
N LEU C 657 -20.11 100.98 -13.12
CA LEU C 657 -21.51 100.66 -13.32
C LEU C 657 -22.07 100.08 -12.04
N GLU C 658 -23.26 100.52 -11.68
CA GLU C 658 -23.89 100.16 -10.41
C GLU C 658 -24.64 98.84 -10.60
N PHE C 659 -24.01 97.74 -10.18
CA PHE C 659 -24.58 96.41 -10.31
C PHE C 659 -25.50 96.09 -9.15
N VAL C 660 -26.53 95.29 -9.42
CA VAL C 660 -27.49 94.87 -8.41
C VAL C 660 -27.53 93.35 -8.41
N VAL C 661 -27.23 92.75 -7.25
CA VAL C 661 -27.22 91.28 -7.14
C VAL C 661 -28.62 90.76 -7.39
N PRO C 662 -28.99 89.84 -8.42
CA PRO C 662 -30.38 89.00 -8.90
C PRO C 662 -30.61 87.95 -7.82
N ASP C 663 -31.69 87.19 -7.92
CA ASP C 663 -31.96 86.09 -6.97
C ASP C 663 -32.08 86.57 -5.52
N SER C 664 -33.21 87.21 -5.21
CA SER C 664 -33.67 87.58 -3.85
C SER C 664 -32.90 88.69 -3.12
N HIS C 665 -33.58 89.24 -2.11
CA HIS C 665 -33.06 90.30 -1.20
C HIS C 665 -32.63 89.61 0.07
N GLY C 666 -33.02 88.35 0.20
CA GLY C 666 -32.58 87.58 1.33
C GLY C 666 -31.30 86.77 1.18
N ARG C 667 -31.24 85.84 0.21
CA ARG C 667 -30.09 84.93 0.06
C ARG C 667 -28.76 85.66 0.12
N TYR C 668 -27.95 85.36 1.13
CA TYR C 668 -26.64 85.97 1.28
C TYR C 668 -25.63 85.31 0.37
N TRP C 669 -24.83 86.14 -0.30
CA TRP C 669 -23.77 85.66 -1.20
C TRP C 669 -22.42 86.08 -0.61
N ARG C 670 -21.36 85.53 -1.19
CA ARG C 670 -20.00 85.77 -0.71
C ARG C 670 -19.10 86.17 -1.87
N MET C 671 -18.55 87.39 -1.80
CA MET C 671 -17.56 87.83 -2.77
C MET C 671 -16.31 86.96 -2.67
N VAL C 672 -15.89 86.41 -3.81
CA VAL C 672 -14.77 85.47 -3.79
C VAL C 672 -13.73 85.85 -4.84
N VAL C 673 -14.09 86.72 -5.77
CA VAL C 673 -13.16 87.24 -6.77
C VAL C 673 -13.41 88.73 -6.94
N ASP C 674 -12.32 89.51 -6.99
CA ASP C 674 -12.42 90.93 -7.32
C ASP C 674 -11.09 91.34 -7.96
N THR C 675 -11.11 91.48 -9.29
CA THR C 675 -9.95 91.93 -10.04
C THR C 675 -9.36 93.22 -9.47
N SER C 676 -10.23 94.14 -9.06
CA SER C 676 -9.83 95.54 -8.90
C SER C 676 -8.80 95.73 -7.79
N ASP C 677 -9.07 95.23 -6.59
CA ASP C 677 -8.22 95.55 -5.45
C ASP C 677 -6.84 94.92 -5.63
N PRO C 678 -5.76 95.70 -5.46
CA PRO C 678 -4.44 95.23 -5.89
C PRO C 678 -3.75 94.25 -4.94
N GLU C 679 -4.31 94.00 -3.76
CA GLU C 679 -3.78 92.95 -2.91
C GLU C 679 -3.94 91.57 -3.52
N GLY C 680 -4.88 91.42 -4.45
CA GLY C 680 -5.17 90.13 -5.03
C GLY C 680 -6.34 89.47 -4.33
N MET C 681 -7.46 89.28 -5.02
CA MET C 681 -8.61 88.69 -4.35
C MET C 681 -9.12 87.43 -5.05
N PRO C 682 -8.25 86.53 -5.49
CA PRO C 682 -8.56 85.10 -5.38
C PRO C 682 -7.89 84.43 -4.18
N PRO C 683 -6.85 85.05 -3.52
CA PRO C 683 -6.37 84.44 -2.27
C PRO C 683 -6.96 85.01 -0.99
N GLN C 684 -7.55 86.20 -1.04
CA GLN C 684 -7.92 86.91 0.18
C GLN C 684 -9.43 87.12 0.26
N GLN C 685 -9.95 86.93 1.47
CA GLN C 685 -11.39 87.00 1.72
C GLN C 685 -11.88 88.45 1.66
N GLY C 686 -13.19 88.60 1.77
CA GLY C 686 -13.79 89.92 1.75
C GLY C 686 -15.29 89.92 1.97
N PRO C 687 -15.95 90.95 1.47
CA PRO C 687 -17.34 91.22 1.87
C PRO C 687 -18.31 90.17 1.40
N GLU C 688 -19.46 90.16 2.06
CA GLU C 688 -20.64 89.40 1.61
C GLU C 688 -21.73 90.41 1.26
N LEU C 689 -22.37 90.21 0.13
CA LEU C 689 -23.38 91.15 -0.33
C LEU C 689 -24.75 90.77 0.22
N ALA C 690 -25.69 91.71 0.10
CA ALA C 690 -27.02 91.48 0.65
C ALA C 690 -27.79 90.46 -0.19
N GLY C 691 -27.64 90.52 -1.51
CA GLY C 691 -28.39 89.69 -2.42
C GLY C 691 -29.24 90.47 -3.41
N GLY C 692 -29.58 91.71 -3.07
CA GLY C 692 -30.32 92.57 -3.98
C GLY C 692 -29.85 94.01 -3.89
N GLU C 693 -28.65 94.20 -3.33
CA GLU C 693 -28.10 95.53 -3.08
C GLU C 693 -27.13 95.89 -4.20
N ARG C 694 -26.87 97.18 -4.33
CA ARG C 694 -26.03 97.71 -5.40
C ARG C 694 -24.56 97.53 -5.06
N VAL C 695 -23.75 97.29 -6.09
CA VAL C 695 -22.30 97.23 -5.96
C VAL C 695 -21.70 97.99 -7.13
N THR C 696 -21.22 99.20 -6.86
CA THR C 696 -20.56 100.00 -7.89
C THR C 696 -19.22 99.37 -8.22
N LEU C 697 -19.14 98.72 -9.38
CA LEU C 697 -17.99 97.92 -9.75
C LEU C 697 -17.05 98.76 -10.61
N ALA C 698 -15.75 98.61 -10.38
CA ALA C 698 -14.74 99.46 -11.00
C ALA C 698 -14.78 99.29 -12.53
N PRO C 699 -14.23 100.26 -13.27
CA PRO C 699 -14.13 100.10 -14.72
C PRO C 699 -13.03 99.10 -15.09
N LEU C 700 -13.32 98.27 -16.09
CA LEU C 700 -12.48 97.14 -16.46
C LEU C 700 -12.14 96.29 -15.23
N SER C 701 -13.19 95.79 -14.59
CA SER C 701 -13.06 95.00 -13.37
C SER C 701 -14.04 93.84 -13.41
N LEU C 702 -13.78 92.85 -12.57
CA LEU C 702 -14.57 91.63 -12.50
C LEU C 702 -14.92 91.33 -11.05
N THR C 703 -15.98 90.55 -10.86
CA THR C 703 -16.42 90.16 -9.53
C THR C 703 -17.22 88.86 -9.63
N VAL C 704 -16.92 87.93 -8.73
CA VAL C 704 -17.60 86.64 -8.66
C VAL C 704 -18.07 86.41 -7.22
N LEU C 705 -19.26 85.82 -7.07
CA LEU C 705 -19.85 85.54 -5.78
C LEU C 705 -20.19 84.06 -5.67
N ARG C 706 -20.05 83.52 -4.46
CA ARG C 706 -20.31 82.12 -4.18
C ARG C 706 -21.40 82.00 -3.13
N ARG C 707 -22.46 81.24 -3.45
CA ARG C 707 -23.52 80.94 -2.51
C ARG C 707 -23.58 79.44 -2.30
N PRO C 708 -23.39 78.95 -1.07
CA PRO C 708 -23.51 77.52 -0.79
C PRO C 708 -24.80 76.95 -1.35
N ALA C 709 -24.69 75.79 -2.00
CA ALA C 709 -25.84 75.17 -2.64
C ALA C 709 -25.65 73.65 -2.71
N MET D 4 -5.60 -44.32 55.26
CA MET D 4 -4.36 -45.05 55.51
C MET D 4 -3.12 -44.36 54.94
N GLN D 5 -3.14 -44.06 53.64
CA GLN D 5 -1.94 -43.75 52.89
C GLN D 5 -2.03 -42.37 52.27
N VAL D 6 -1.00 -41.55 52.50
CA VAL D 6 -0.83 -40.25 51.86
C VAL D 6 0.44 -40.31 51.01
N TRP D 7 0.31 -39.95 49.73
CA TRP D 7 1.44 -39.86 48.83
C TRP D 7 1.65 -38.42 48.39
N PRO D 8 2.87 -38.04 48.01
CA PRO D 8 3.11 -36.63 47.64
C PRO D 8 2.44 -36.25 46.32
N GLY D 9 2.43 -37.14 45.34
CA GLY D 9 1.77 -36.88 44.07
C GLY D 9 2.39 -35.72 43.29
N GLN D 10 1.71 -35.37 42.20
CA GLN D 10 2.16 -34.36 41.26
C GLN D 10 1.36 -33.08 41.40
N ALA D 11 2.03 -31.95 41.19
CA ALA D 11 1.40 -30.64 41.33
C ALA D 11 0.57 -30.23 40.12
N TYR D 12 0.73 -30.91 38.99
CA TYR D 12 -0.11 -30.70 37.82
C TYR D 12 -0.79 -32.00 37.43
N PRO D 13 -2.06 -31.97 37.02
CA PRO D 13 -2.85 -30.75 36.87
C PRO D 13 -3.55 -30.30 38.14
N LEU D 14 -3.84 -29.00 38.23
CA LEU D 14 -4.58 -28.46 39.36
C LEU D 14 -5.98 -29.05 39.40
N GLY D 15 -6.44 -29.38 40.60
CA GLY D 15 -7.70 -30.05 40.79
C GLY D 15 -7.50 -31.54 41.01
N ALA D 16 -8.63 -32.21 41.26
CA ALA D 16 -8.63 -33.65 41.49
C ALA D 16 -8.61 -34.40 40.17
N THR D 17 -7.64 -35.30 40.01
CA THR D 17 -7.52 -36.11 38.80
C THR D 17 -7.41 -37.57 39.18
N TYR D 18 -8.40 -38.36 38.73
CA TYR D 18 -8.53 -39.78 39.06
C TYR D 18 -7.57 -40.57 38.20
N ASP D 19 -6.37 -40.83 38.73
CA ASP D 19 -5.36 -41.58 38.00
C ASP D 19 -5.57 -43.09 38.13
N GLY D 20 -6.77 -43.55 37.83
CA GLY D 20 -7.07 -44.97 37.81
C GLY D 20 -7.25 -45.59 39.19
N ALA D 21 -6.20 -45.58 40.00
CA ALA D 21 -6.24 -46.21 41.32
C ALA D 21 -6.66 -45.22 42.40
N GLY D 22 -6.07 -44.03 42.41
CA GLY D 22 -6.42 -43.01 43.38
C GLY D 22 -6.71 -41.68 42.73
N THR D 23 -6.67 -40.61 43.52
CA THR D 23 -6.96 -39.27 43.02
C THR D 23 -5.84 -38.32 43.45
N ASN D 24 -5.48 -37.40 42.56
CA ASN D 24 -4.40 -36.45 42.78
C ASN D 24 -5.00 -35.06 42.99
N PHE D 25 -4.93 -34.56 44.23
CA PHE D 25 -5.43 -33.25 44.58
C PHE D 25 -4.32 -32.21 44.53
N ALA D 26 -4.64 -31.03 44.02
CA ALA D 26 -3.71 -29.92 43.98
C ALA D 26 -4.48 -28.62 43.80
N VAL D 27 -4.21 -27.66 44.69
CA VAL D 27 -4.83 -26.34 44.64
C VAL D 27 -3.72 -25.31 44.81
N PHE D 28 -4.00 -24.08 44.41
CA PHE D 28 -3.05 -22.98 44.51
C PHE D 28 -3.40 -22.05 45.66
N SER D 29 -2.39 -21.69 46.46
CA SER D 29 -2.52 -20.56 47.39
C SER D 29 -1.10 -20.14 47.76
N GLU D 30 -0.69 -18.94 47.31
CA GLU D 30 0.62 -18.41 47.65
C GLU D 30 0.57 -17.49 48.86
N ALA D 31 -0.48 -17.59 49.69
CA ALA D 31 -0.56 -16.84 50.92
C ALA D 31 -1.15 -17.69 52.06
N ALA D 32 -1.00 -19.01 51.97
CA ALA D 32 -1.54 -19.92 52.97
C ALA D 32 -0.37 -20.70 53.60
N HIS D 33 -0.22 -20.58 54.92
CA HIS D 33 0.87 -21.26 55.60
C HIS D 33 0.67 -22.77 55.61
N ARG D 34 -0.54 -23.22 55.93
CA ARG D 34 -0.89 -24.63 55.88
C ARG D 34 -2.21 -24.79 55.14
N ILE D 35 -2.30 -25.80 54.29
CA ILE D 35 -3.52 -26.13 53.56
C ILE D 35 -3.89 -27.57 53.88
N GLU D 36 -5.09 -27.77 54.40
CA GLU D 36 -5.63 -29.10 54.68
C GLU D 36 -6.65 -29.50 53.61
N LEU D 37 -6.67 -30.79 53.31
CA LEU D 37 -7.65 -31.37 52.41
C LEU D 37 -8.69 -32.09 53.25
N CYS D 38 -9.94 -31.65 53.16
CA CYS D 38 -11.03 -32.24 53.91
C CYS D 38 -11.85 -33.15 53.01
N LEU D 39 -12.06 -34.38 53.46
CA LEU D 39 -12.81 -35.39 52.72
C LEU D 39 -14.14 -35.61 53.44
N LEU D 40 -15.23 -35.19 52.80
CA LEU D 40 -16.55 -35.29 53.41
C LEU D 40 -17.18 -36.64 53.10
N HIS D 41 -17.88 -37.18 54.07
CA HIS D 41 -18.63 -38.42 53.91
C HIS D 41 -20.11 -38.09 53.75
N ASP D 42 -20.94 -39.12 53.67
CA ASP D 42 -22.38 -38.93 53.53
C ASP D 42 -23.07 -38.62 54.85
N ASP D 43 -22.34 -38.67 55.97
CA ASP D 43 -22.87 -38.23 57.25
C ASP D 43 -22.31 -36.87 57.67
N GLY D 44 -21.70 -36.14 56.75
CA GLY D 44 -21.23 -34.80 57.02
C GLY D 44 -19.94 -34.69 57.82
N SER D 45 -19.25 -35.80 58.06
CA SER D 45 -18.02 -35.78 58.84
C SER D 45 -16.81 -35.60 57.93
N GLU D 46 -15.85 -34.81 58.40
CA GLU D 46 -14.63 -34.52 57.65
C GLU D 46 -13.57 -35.58 57.92
N THR D 47 -12.73 -35.81 56.91
CA THR D 47 -11.52 -36.63 57.05
C THR D 47 -10.38 -35.79 56.48
N ALA D 48 -9.66 -35.10 57.37
CA ALA D 48 -8.71 -34.07 56.97
C ALA D 48 -7.35 -34.67 56.61
N VAL D 49 -6.69 -34.05 55.64
CA VAL D 49 -5.35 -34.43 55.19
C VAL D 49 -4.61 -33.15 54.83
N GLU D 50 -3.35 -33.03 55.26
CA GLU D 50 -2.55 -31.86 54.95
C GLU D 50 -1.82 -32.07 53.63
N LEU D 51 -2.16 -31.25 52.63
CA LEU D 51 -1.40 -31.18 51.39
C LEU D 51 -0.13 -30.39 51.69
N ARG D 52 0.96 -31.11 51.92
CA ARG D 52 2.21 -30.51 52.41
C ARG D 52 3.19 -30.16 51.30
N GLU D 53 3.31 -31.00 50.28
CA GLU D 53 4.36 -30.82 49.30
C GLU D 53 4.11 -29.60 48.42
N THR D 54 4.56 -28.43 48.88
CA THR D 54 4.42 -27.22 48.09
C THR D 54 5.56 -27.08 47.08
N ASP D 55 5.19 -26.86 45.82
CA ASP D 55 6.10 -26.62 44.72
C ASP D 55 5.52 -25.47 43.91
N ALA D 56 6.19 -24.32 43.93
CA ALA D 56 5.70 -23.10 43.28
C ALA D 56 4.34 -22.69 43.81
N PHE D 57 4.17 -22.81 45.14
CA PHE D 57 3.01 -22.36 45.90
C PHE D 57 1.76 -23.19 45.63
N VAL D 58 1.87 -24.29 44.88
CA VAL D 58 0.77 -25.22 44.72
C VAL D 58 1.00 -26.38 45.69
N ARG D 59 0.08 -26.54 46.65
CA ARG D 59 0.12 -27.67 47.55
C ARG D 59 -0.62 -28.85 46.94
N HIS D 60 -0.19 -30.06 47.28
CA HIS D 60 -0.78 -31.24 46.68
C HIS D 60 -0.52 -32.47 47.54
N ALA D 61 -1.11 -33.58 47.10
CA ALA D 61 -0.89 -34.91 47.64
C ALA D 61 -1.61 -35.90 46.74
N TYR D 62 -1.20 -37.16 46.83
CA TYR D 62 -1.90 -38.26 46.17
C TYR D 62 -2.50 -39.16 47.25
N LEU D 63 -3.83 -39.34 47.19
CA LEU D 63 -4.54 -40.20 48.14
C LEU D 63 -5.10 -41.40 47.39
N PRO D 64 -4.37 -42.51 47.32
CA PRO D 64 -4.85 -43.67 46.57
C PRO D 64 -6.11 -44.26 47.20
N GLY D 65 -6.92 -44.88 46.36
CA GLY D 65 -8.19 -45.44 46.79
C GLY D 65 -9.37 -44.51 46.62
N VAL D 66 -9.16 -43.23 46.89
CA VAL D 66 -10.21 -42.22 46.72
C VAL D 66 -10.67 -42.21 45.27
N MET D 67 -11.97 -42.36 45.07
CA MET D 67 -12.55 -42.57 43.75
C MET D 67 -13.61 -41.51 43.48
N PRO D 68 -14.23 -41.45 42.28
CA PRO D 68 -15.28 -40.46 42.04
C PRO D 68 -16.41 -40.49 43.05
N GLY D 69 -17.20 -39.42 43.10
CA GLY D 69 -18.21 -39.25 44.13
C GLY D 69 -17.67 -38.79 45.46
N GLN D 70 -16.37 -38.90 45.70
CA GLN D 70 -15.78 -38.38 46.93
C GLN D 70 -15.91 -36.86 46.98
N ARG D 71 -16.79 -36.38 47.84
CA ARG D 71 -16.97 -34.94 48.00
C ARG D 71 -15.86 -34.38 48.86
N TYR D 72 -15.29 -33.25 48.43
CA TYR D 72 -14.10 -32.72 49.09
C TYR D 72 -14.13 -31.21 49.08
N GLY D 73 -13.33 -30.63 49.96
CA GLY D 73 -13.15 -29.20 50.07
C GLY D 73 -11.80 -28.90 50.69
N PHE D 74 -11.42 -27.62 50.68
CA PHE D 74 -10.13 -27.18 51.16
C PHE D 74 -10.31 -26.28 52.37
N ARG D 75 -9.63 -26.63 53.47
CA ARG D 75 -9.53 -25.76 54.63
C ARG D 75 -8.15 -25.11 54.63
N VAL D 76 -8.11 -23.80 54.45
CA VAL D 76 -6.88 -23.05 54.26
C VAL D 76 -6.56 -22.29 55.53
N HIS D 77 -5.39 -22.54 56.09
CA HIS D 77 -4.90 -21.83 57.27
C HIS D 77 -3.93 -20.75 56.83
N GLY D 78 -4.29 -19.50 57.07
CA GLY D 78 -3.47 -18.37 56.72
C GLY D 78 -3.95 -17.13 57.45
N PRO D 79 -3.24 -16.01 57.27
CA PRO D 79 -3.57 -14.80 58.03
C PRO D 79 -4.89 -14.18 57.56
N TYR D 80 -5.80 -13.97 58.50
CA TYR D 80 -7.00 -13.18 58.26
C TYR D 80 -6.69 -11.74 58.67
N ALA D 81 -6.38 -10.91 57.69
CA ALA D 81 -6.11 -9.50 57.94
C ALA D 81 -6.56 -8.72 56.72
N PRO D 82 -7.75 -8.09 56.77
CA PRO D 82 -8.21 -7.31 55.61
C PRO D 82 -7.40 -6.05 55.34
N GLU D 83 -6.48 -5.66 56.24
CA GLU D 83 -5.56 -4.58 55.91
C GLU D 83 -4.58 -5.03 54.84
N ARG D 84 -4.04 -6.24 54.99
CA ARG D 84 -3.10 -6.79 54.02
C ARG D 84 -3.79 -7.35 52.78
N GLY D 85 -5.11 -7.49 52.80
CA GLY D 85 -5.85 -8.07 51.71
C GLY D 85 -6.17 -9.54 51.89
N LEU D 86 -5.42 -10.25 52.71
CA LEU D 86 -5.67 -11.66 52.96
C LEU D 86 -6.97 -11.84 53.73
N ARG D 87 -7.83 -12.74 53.25
CA ARG D 87 -9.03 -13.13 53.96
C ARG D 87 -9.07 -14.64 54.20
N CYS D 88 -7.89 -15.25 54.30
CA CYS D 88 -7.78 -16.66 54.62
C CYS D 88 -8.47 -16.95 55.95
N ASN D 89 -9.43 -17.88 55.92
CA ASN D 89 -10.12 -18.32 57.13
C ASN D 89 -10.32 -19.82 57.04
N ALA D 90 -9.76 -20.55 57.99
CA ALA D 90 -9.81 -22.01 57.98
C ALA D 90 -11.17 -22.57 58.36
N ALA D 91 -12.06 -21.75 58.92
CA ALA D 91 -13.38 -22.24 59.30
C ALA D 91 -14.31 -22.44 58.12
N LYS D 92 -13.91 -22.03 56.92
CA LYS D 92 -14.75 -22.15 55.74
C LYS D 92 -14.31 -23.34 54.90
N LEU D 93 -15.29 -24.01 54.27
CA LEU D 93 -15.03 -25.14 53.40
C LEU D 93 -14.92 -24.62 51.98
N LEU D 94 -13.71 -24.19 51.61
CA LEU D 94 -13.47 -23.63 50.29
C LEU D 94 -13.83 -24.65 49.21
N LEU D 95 -14.20 -24.12 48.05
CA LEU D 95 -14.40 -24.97 46.88
C LEU D 95 -13.08 -25.09 46.11
N ASP D 96 -12.99 -26.17 45.35
CA ASP D 96 -11.86 -26.34 44.45
C ASP D 96 -12.13 -25.48 43.22
N PRO D 97 -11.38 -24.40 42.99
CA PRO D 97 -11.62 -23.60 41.78
C PRO D 97 -11.59 -24.41 40.52
N TYR D 98 -10.82 -25.51 40.51
CA TYR D 98 -10.82 -26.49 39.44
C TYR D 98 -11.83 -27.61 39.65
N ALA D 99 -12.89 -27.36 40.42
CA ALA D 99 -13.90 -28.40 40.66
C ALA D 99 -14.54 -28.84 39.36
N ARG D 100 -14.30 -30.08 38.96
CA ARG D 100 -14.90 -30.60 37.74
C ARG D 100 -16.40 -30.82 37.88
N ALA D 101 -16.90 -30.88 39.11
CA ALA D 101 -18.34 -31.01 39.36
C ALA D 101 -18.60 -30.69 40.82
N VAL D 102 -19.53 -29.75 41.05
CA VAL D 102 -19.86 -29.29 42.40
C VAL D 102 -21.28 -29.74 42.72
N SER D 103 -21.48 -30.23 43.94
CA SER D 103 -22.75 -30.72 44.42
C SER D 103 -23.47 -29.68 45.27
N GLY D 104 -24.78 -29.86 45.41
CA GLY D 104 -25.59 -29.03 46.28
C GLY D 104 -25.67 -27.58 45.87
N ARG D 105 -26.40 -26.80 46.68
CA ARG D 105 -26.56 -25.36 46.51
C ARG D 105 -26.07 -24.66 47.78
N VAL D 106 -26.31 -23.35 47.85
CA VAL D 106 -25.83 -22.51 48.94
C VAL D 106 -26.95 -22.30 49.94
N ARG D 107 -26.71 -22.69 51.19
CA ARG D 107 -27.66 -22.50 52.28
C ARG D 107 -27.33 -21.18 52.97
N TRP D 108 -28.04 -20.13 52.58
CA TRP D 108 -27.68 -18.76 52.92
C TRP D 108 -27.98 -18.49 54.39
N GLY D 109 -26.94 -18.50 55.22
CA GLY D 109 -27.03 -18.12 56.60
C GLY D 109 -25.93 -17.12 56.95
N GLU D 110 -25.55 -17.10 58.22
CA GLU D 110 -24.45 -16.26 58.69
C GLU D 110 -23.11 -17.00 58.68
N ALA D 111 -23.03 -18.15 58.02
CA ALA D 111 -21.84 -18.99 58.08
C ALA D 111 -20.93 -18.84 56.87
N VAL D 112 -21.46 -18.56 55.69
CA VAL D 112 -20.70 -18.64 54.45
C VAL D 112 -19.91 -17.37 54.19
N TYR D 113 -19.92 -16.44 55.14
CA TYR D 113 -19.49 -15.08 54.84
C TYR D 113 -18.07 -14.74 55.27
N GLY D 114 -17.50 -15.43 56.26
CA GLY D 114 -16.14 -15.17 56.65
C GLY D 114 -15.94 -13.97 57.56
N TYR D 115 -16.99 -13.18 57.79
CA TYR D 115 -16.95 -12.01 58.65
C TYR D 115 -18.28 -11.95 59.41
N PRO D 116 -18.28 -11.40 60.61
CA PRO D 116 -19.55 -11.27 61.34
C PRO D 116 -20.49 -10.28 60.64
N PHE D 117 -21.78 -10.60 60.65
CA PHE D 117 -22.77 -9.71 60.03
C PHE D 117 -22.72 -8.30 60.60
N GLY D 118 -22.23 -8.13 61.82
CA GLY D 118 -22.14 -6.82 62.42
C GLY D 118 -20.87 -6.07 62.09
N ARG D 119 -19.73 -6.77 62.08
CA ARG D 119 -18.42 -6.13 61.92
C ARG D 119 -17.71 -6.68 60.69
N PRO D 120 -17.66 -5.93 59.59
CA PRO D 120 -17.06 -6.45 58.35
C PRO D 120 -15.62 -6.91 58.49
N ASP D 121 -14.80 -6.20 59.25
CA ASP D 121 -13.37 -6.46 59.32
C ASP D 121 -12.98 -7.32 60.52
N ALA D 122 -13.84 -8.25 60.90
CA ALA D 122 -13.54 -9.25 61.91
C ALA D 122 -13.65 -10.64 61.32
N ARG D 123 -13.26 -11.64 62.11
CA ARG D 123 -13.22 -13.03 61.65
C ARG D 123 -14.52 -13.74 62.01
N ASN D 124 -14.98 -14.61 61.11
CA ASN D 124 -16.14 -15.46 61.35
C ASN D 124 -15.65 -16.89 61.48
N ASP D 125 -15.83 -17.46 62.68
CA ASP D 125 -15.33 -18.79 63.00
C ASP D 125 -16.43 -19.84 62.96
N LEU D 126 -17.37 -19.71 62.02
CA LEU D 126 -18.49 -20.62 61.91
C LEU D 126 -18.22 -21.61 60.79
N ASP D 127 -18.35 -22.90 61.10
CA ASP D 127 -18.17 -23.95 60.11
C ASP D 127 -19.07 -23.73 58.91
N SER D 128 -18.47 -23.44 57.75
CA SER D 128 -19.23 -23.24 56.53
C SER D 128 -19.54 -24.54 55.81
N ALA D 129 -18.92 -25.65 56.24
CA ALA D 129 -19.05 -26.91 55.50
C ALA D 129 -20.47 -27.39 55.29
N PRO D 130 -21.39 -27.35 56.28
CA PRO D 130 -22.73 -27.89 56.02
C PRO D 130 -23.60 -27.00 55.15
N ASP D 131 -23.33 -25.70 55.08
CA ASP D 131 -24.14 -24.78 54.29
C ASP D 131 -23.51 -24.42 52.94
N THR D 132 -22.28 -24.83 52.69
CA THR D 132 -21.58 -24.51 51.45
C THR D 132 -21.82 -25.57 50.40
N MET D 133 -21.52 -25.22 49.16
CA MET D 133 -21.43 -26.20 48.09
C MET D 133 -20.25 -27.14 48.34
N THR D 134 -20.22 -28.25 47.59
CA THR D 134 -19.21 -29.28 47.80
C THR D 134 -18.67 -29.74 46.46
N SER D 135 -17.35 -29.71 46.32
CA SER D 135 -16.70 -30.18 45.11
C SER D 135 -16.58 -31.70 45.14
N VAL D 136 -16.73 -32.31 43.96
CA VAL D 136 -16.76 -33.77 43.83
C VAL D 136 -15.64 -34.22 42.92
N VAL D 137 -15.08 -35.39 43.22
CA VAL D 137 -14.10 -36.02 42.35
C VAL D 137 -14.82 -36.67 41.19
N VAL D 138 -14.32 -36.44 39.97
CA VAL D 138 -15.00 -36.85 38.75
C VAL D 138 -14.17 -37.89 38.01
N ASN D 139 -14.85 -38.83 37.36
CA ASN D 139 -14.21 -39.74 36.43
C ASN D 139 -14.32 -39.16 35.03
N PRO D 140 -13.22 -38.73 34.42
CA PRO D 140 -13.31 -37.96 33.17
C PRO D 140 -13.53 -38.78 31.90
N TYR D 141 -13.94 -40.04 32.06
CA TYR D 141 -14.10 -40.93 30.91
C TYR D 141 -15.42 -40.69 30.20
N PHE D 142 -15.40 -40.90 28.88
CA PHE D 142 -16.59 -40.86 28.04
C PHE D 142 -16.22 -41.41 26.66
N ASP D 143 -17.11 -42.26 26.12
CA ASP D 143 -16.91 -42.86 24.80
C ASP D 143 -17.68 -42.04 23.78
N TRP D 144 -17.01 -41.07 23.17
CA TRP D 144 -17.50 -40.44 21.95
C TRP D 144 -17.19 -41.36 20.78
N GLY D 145 -18.23 -41.85 20.11
CA GLY D 145 -18.04 -42.86 19.09
C GLY D 145 -17.30 -42.34 17.87
N ASP D 146 -17.96 -41.48 17.09
CA ASP D 146 -17.32 -40.72 16.01
C ASP D 146 -17.77 -39.28 16.19
N ASP D 147 -17.08 -38.56 17.07
CA ASP D 147 -17.52 -37.22 17.48
C ASP D 147 -16.94 -36.18 16.53
N ARG D 148 -17.41 -36.26 15.28
CA ARG D 148 -17.00 -35.32 14.25
C ARG D 148 -17.50 -33.92 14.62
N ARG D 149 -16.60 -33.07 15.08
CA ARG D 149 -16.95 -31.69 15.36
C ARG D 149 -17.35 -31.01 14.05
N PRO D 150 -18.59 -30.53 13.92
CA PRO D 150 -19.00 -29.89 12.67
C PRO D 150 -18.40 -28.49 12.55
N ARG D 151 -17.17 -28.40 12.04
CA ARG D 151 -16.46 -27.13 12.01
C ARG D 151 -17.10 -26.19 11.00
N THR D 152 -18.26 -25.66 11.37
CA THR D 152 -19.01 -24.77 10.49
C THR D 152 -18.28 -23.43 10.38
N GLU D 153 -17.86 -23.10 9.16
CA GLU D 153 -17.15 -21.85 8.94
C GLU D 153 -18.04 -20.66 9.28
N TYR D 154 -17.40 -19.51 9.53
CA TYR D 154 -18.12 -18.33 10.00
C TYR D 154 -19.16 -17.86 8.98
N HIS D 155 -18.91 -18.06 7.69
CA HIS D 155 -19.85 -17.62 6.66
C HIS D 155 -20.94 -18.66 6.37
N HIS D 156 -21.18 -19.57 7.32
CA HIS D 156 -22.37 -20.41 7.33
C HIS D 156 -23.00 -20.46 8.72
N THR D 157 -22.48 -19.71 9.68
CA THR D 157 -22.90 -19.83 11.07
C THR D 157 -24.16 -19.01 11.33
N VAL D 158 -25.16 -19.65 11.92
CA VAL D 158 -26.38 -19.00 12.40
C VAL D 158 -26.45 -19.28 13.89
N ILE D 159 -26.14 -18.26 14.69
CA ILE D 159 -26.01 -18.41 16.14
C ILE D 159 -27.38 -18.28 16.78
N TYR D 160 -27.71 -19.22 17.67
CA TYR D 160 -28.98 -19.22 18.39
C TYR D 160 -28.66 -19.20 19.88
N GLU D 161 -28.84 -18.04 20.50
CA GLU D 161 -28.64 -17.89 21.94
C GLU D 161 -29.90 -18.35 22.66
N ALA D 162 -29.74 -19.35 23.52
CA ALA D 162 -30.85 -19.90 24.27
C ALA D 162 -30.43 -20.12 25.71
N HIS D 163 -31.38 -20.57 26.53
CA HIS D 163 -31.12 -20.94 27.91
C HIS D 163 -31.39 -22.43 28.07
N VAL D 164 -30.55 -23.11 28.85
CA VAL D 164 -30.71 -24.54 29.05
C VAL D 164 -32.06 -24.85 29.68
N LYS D 165 -32.52 -24.00 30.60
CA LYS D 165 -33.79 -24.23 31.27
C LYS D 165 -34.97 -23.75 30.43
N GLY D 166 -34.99 -22.45 30.12
CA GLY D 166 -36.18 -21.85 29.51
C GLY D 166 -36.55 -22.47 28.17
N LEU D 167 -35.55 -22.88 27.39
CA LEU D 167 -35.81 -23.50 26.09
C LEU D 167 -36.74 -24.70 26.22
N THR D 168 -36.40 -25.62 27.13
CA THR D 168 -37.00 -26.95 27.12
C THR D 168 -37.97 -27.21 28.25
N MET D 169 -38.07 -26.33 29.25
CA MET D 169 -38.91 -26.63 30.41
C MET D 169 -40.41 -26.60 30.07
N LEU D 170 -40.83 -25.80 29.10
CA LEU D 170 -42.24 -25.75 28.75
C LEU D 170 -42.57 -26.58 27.51
N HIS D 171 -41.60 -27.32 26.98
CA HIS D 171 -41.82 -28.17 25.82
C HIS D 171 -42.88 -29.22 26.11
N PRO D 172 -44.01 -29.24 25.37
CA PRO D 172 -44.99 -30.30 25.55
C PRO D 172 -44.63 -31.53 24.71
N ASP D 173 -43.34 -31.81 24.61
CA ASP D 173 -42.83 -33.04 24.01
C ASP D 173 -41.82 -33.76 24.87
N LEU D 174 -41.10 -33.05 25.78
CA LEU D 174 -40.20 -33.68 26.73
C LEU D 174 -41.01 -34.27 27.87
N PRO D 175 -40.68 -35.48 28.33
CA PRO D 175 -41.21 -35.94 29.61
C PRO D 175 -40.87 -34.94 30.70
N GLU D 176 -41.76 -34.85 31.70
CA GLU D 176 -41.58 -33.91 32.80
C GLU D 176 -40.22 -34.05 33.48
N GLU D 177 -39.57 -35.21 33.33
CA GLU D 177 -38.22 -35.38 33.86
C GLU D 177 -37.21 -34.53 33.09
N LEU D 178 -37.21 -34.65 31.75
CA LEU D 178 -36.18 -34.02 30.93
C LEU D 178 -36.43 -32.54 30.66
N ARG D 179 -37.58 -32.00 31.04
CA ARG D 179 -37.86 -30.59 30.75
C ARG D 179 -36.93 -29.69 31.55
N GLY D 180 -36.25 -28.78 30.84
CA GLY D 180 -35.41 -27.80 31.51
C GLY D 180 -34.07 -28.30 32.00
N THR D 181 -33.54 -29.37 31.40
CA THR D 181 -32.25 -29.92 31.79
C THR D 181 -31.33 -29.99 30.58
N TYR D 182 -30.03 -30.15 30.86
CA TYR D 182 -29.05 -30.36 29.80
C TYR D 182 -29.48 -31.46 28.85
N ALA D 183 -29.93 -32.59 29.41
CA ALA D 183 -30.37 -33.71 28.58
C ALA D 183 -31.54 -33.30 27.69
N GLY D 184 -32.54 -32.62 28.27
CA GLY D 184 -33.67 -32.16 27.48
C GLY D 184 -33.29 -31.28 26.31
N LEU D 185 -32.18 -30.55 26.45
CA LEU D 185 -31.66 -29.76 25.33
C LEU D 185 -31.29 -30.65 24.15
N ALA D 186 -30.95 -31.92 24.40
CA ALA D 186 -30.53 -32.85 23.37
C ALA D 186 -31.66 -33.72 22.84
N HIS D 187 -32.91 -33.37 23.14
CA HIS D 187 -34.05 -34.19 22.80
C HIS D 187 -34.36 -34.09 21.30
N PRO D 188 -34.89 -35.17 20.70
CA PRO D 188 -35.23 -35.11 19.26
C PRO D 188 -36.24 -34.04 18.89
N SER D 189 -37.07 -33.59 19.83
CA SER D 189 -38.02 -32.53 19.52
C SER D 189 -37.36 -31.16 19.47
N VAL D 190 -36.34 -30.94 20.29
CA VAL D 190 -35.58 -29.69 20.24
C VAL D 190 -34.63 -29.68 19.04
N ILE D 191 -33.81 -30.73 18.93
CA ILE D 191 -32.80 -30.82 17.87
C ILE D 191 -33.44 -30.64 16.50
N GLY D 192 -34.64 -31.18 16.32
CA GLY D 192 -35.33 -30.98 15.04
C GLY D 192 -35.60 -29.52 14.75
N HIS D 193 -36.11 -28.79 15.74
CA HIS D 193 -36.45 -27.39 15.54
C HIS D 193 -35.23 -26.55 15.20
N LEU D 194 -34.13 -26.75 15.92
CA LEU D 194 -32.92 -25.99 15.66
C LEU D 194 -32.42 -26.21 14.23
N ARG D 195 -32.40 -27.47 13.79
CA ARG D 195 -32.14 -27.76 12.39
C ARG D 195 -33.21 -27.14 11.50
N GLU D 196 -34.48 -27.39 11.81
CA GLU D 196 -35.59 -26.77 11.10
C GLU D 196 -35.39 -25.27 10.94
N LEU D 197 -35.02 -24.60 12.03
CA LEU D 197 -34.87 -23.15 12.02
C LEU D 197 -33.75 -22.72 11.08
N GLY D 198 -32.61 -23.40 11.16
CA GLY D 198 -31.47 -23.09 10.31
C GLY D 198 -30.24 -22.70 11.09
N VAL D 199 -30.29 -22.87 12.41
CA VAL D 199 -29.19 -22.47 13.27
C VAL D 199 -28.09 -23.53 13.21
N THR D 200 -26.84 -23.08 13.39
CA THR D 200 -25.69 -23.96 13.36
C THR D 200 -24.96 -24.05 14.69
N ALA D 201 -25.07 -23.03 15.53
CA ALA D 201 -24.32 -22.96 16.79
C ALA D 201 -25.25 -22.56 17.91
N LEU D 202 -25.28 -23.37 18.97
CA LEU D 202 -26.13 -23.11 20.13
C LEU D 202 -25.34 -22.31 21.17
N GLU D 203 -25.65 -21.02 21.29
CA GLU D 203 -25.10 -20.21 22.37
C GLU D 203 -25.86 -20.53 23.65
N LEU D 204 -25.23 -21.31 24.52
CA LEU D 204 -25.81 -21.66 25.82
C LEU D 204 -25.50 -20.56 26.82
N MET D 205 -26.55 -19.88 27.29
CA MET D 205 -26.41 -18.91 28.36
C MET D 205 -25.76 -19.59 29.57
N PRO D 206 -25.12 -18.80 30.47
CA PRO D 206 -24.06 -19.35 31.34
C PRO D 206 -24.30 -20.74 31.90
N VAL D 207 -23.36 -21.65 31.62
CA VAL D 207 -23.48 -23.04 32.02
C VAL D 207 -22.48 -23.43 33.11
N HIS D 208 -21.44 -22.63 33.35
CA HIS D 208 -20.62 -22.83 34.53
C HIS D 208 -21.52 -22.83 35.75
N GLN D 209 -21.11 -23.55 36.79
CA GLN D 209 -21.95 -23.60 37.98
C GLN D 209 -21.98 -22.25 38.66
N PHE D 210 -23.17 -21.71 38.84
CA PHE D 210 -23.35 -20.39 39.40
C PHE D 210 -24.20 -20.47 40.66
N VAL D 211 -24.26 -19.35 41.38
CA VAL D 211 -24.80 -19.28 42.73
C VAL D 211 -26.06 -18.42 42.72
N ASN D 212 -27.14 -18.93 43.30
CA ASN D 212 -28.36 -18.16 43.47
C ASN D 212 -28.08 -17.01 44.44
N ASP D 213 -28.06 -15.78 43.91
CA ASP D 213 -27.61 -14.62 44.68
C ASP D 213 -28.42 -14.47 45.96
N HIS D 214 -27.74 -14.07 47.05
CA HIS D 214 -28.37 -14.03 48.36
C HIS D 214 -29.47 -12.97 48.42
N ARG D 215 -29.18 -11.76 47.94
CA ARG D 215 -30.21 -10.72 47.93
C ARG D 215 -31.43 -11.15 47.12
N LEU D 216 -31.26 -12.07 46.18
CA LEU D 216 -32.40 -12.64 45.46
C LEU D 216 -33.09 -13.71 46.29
N VAL D 217 -32.32 -14.51 47.04
CA VAL D 217 -32.89 -15.60 47.82
C VAL D 217 -33.82 -15.05 48.89
N ASP D 218 -33.37 -14.02 49.61
CA ASP D 218 -34.18 -13.39 50.64
C ASP D 218 -35.23 -12.44 50.09
N ALA D 219 -35.49 -12.47 48.78
CA ALA D 219 -36.49 -11.61 48.17
C ALA D 219 -37.52 -12.39 47.37
N GLY D 220 -37.60 -13.71 47.56
CA GLY D 220 -38.52 -14.53 46.79
C GLY D 220 -38.05 -14.89 45.40
N LEU D 221 -36.79 -14.58 45.06
CA LEU D 221 -36.27 -14.76 43.71
C LEU D 221 -35.08 -15.73 43.74
N SER D 222 -34.49 -15.94 42.57
CA SER D 222 -33.30 -16.76 42.43
C SER D 222 -32.59 -16.38 41.14
N ASN D 223 -31.27 -16.51 41.15
CA ASN D 223 -30.46 -16.14 39.98
C ASN D 223 -30.79 -17.08 38.83
N TYR D 224 -31.40 -16.55 37.78
CA TYR D 224 -31.86 -17.38 36.65
C TYR D 224 -30.82 -17.48 35.54
N TRP D 225 -30.39 -16.32 34.99
CA TRP D 225 -29.47 -16.33 33.86
C TRP D 225 -28.21 -17.11 34.18
N GLY D 226 -27.54 -16.77 35.27
CA GLY D 226 -26.35 -17.47 35.70
C GLY D 226 -25.07 -16.68 35.60
N TYR D 227 -25.12 -15.37 35.43
CA TYR D 227 -23.90 -14.58 35.34
C TYR D 227 -23.39 -14.26 36.74
N ASN D 228 -23.26 -15.30 37.58
CA ASN D 228 -22.67 -15.14 38.91
C ASN D 228 -22.16 -16.52 39.35
N THR D 229 -20.89 -16.81 39.03
CA THR D 229 -20.38 -18.16 39.12
C THR D 229 -19.14 -18.24 40.01
N ILE D 230 -18.86 -19.45 40.50
CA ILE D 230 -17.65 -19.71 41.27
C ILE D 230 -16.83 -20.87 40.71
N GLY D 231 -17.41 -21.76 39.92
CA GLY D 231 -16.68 -22.87 39.36
C GLY D 231 -16.82 -22.94 37.85
N PHE D 232 -15.70 -22.76 37.14
CA PHE D 232 -15.70 -22.73 35.68
C PHE D 232 -15.35 -24.08 35.07
N PHE D 233 -15.30 -25.13 35.89
CA PHE D 233 -15.05 -26.48 35.41
C PHE D 233 -16.21 -27.41 35.71
N ALA D 234 -17.28 -26.90 36.33
CA ALA D 234 -18.41 -27.72 36.71
C ALA D 234 -19.63 -27.30 35.92
N PRO D 235 -20.31 -28.22 35.24
CA PRO D 235 -21.64 -27.90 34.70
C PRO D 235 -22.58 -27.57 35.85
N HIS D 236 -23.50 -26.64 35.60
CA HIS D 236 -24.43 -26.23 36.65
C HIS D 236 -25.26 -27.43 37.10
N ASN D 237 -25.28 -27.69 38.40
CA ASN D 237 -25.93 -28.88 38.92
C ASN D 237 -27.44 -28.82 38.75
N ALA D 238 -28.03 -27.63 38.95
CA ALA D 238 -29.48 -27.48 38.92
C ALA D 238 -30.06 -27.60 37.53
N TYR D 239 -29.24 -27.73 36.49
CA TYR D 239 -29.71 -28.03 35.15
C TYR D 239 -29.57 -29.51 34.81
N ALA D 240 -29.34 -30.38 35.79
CA ALA D 240 -28.92 -31.75 35.54
C ALA D 240 -29.85 -32.72 36.26
N SER D 241 -30.62 -33.49 35.49
CA SER D 241 -31.54 -34.48 36.02
C SER D 241 -30.92 -35.87 36.13
N TRP D 242 -29.60 -35.99 36.03
CA TRP D 242 -28.92 -37.27 36.21
C TRP D 242 -28.12 -37.36 37.50
N GLY D 243 -28.00 -36.28 38.26
CA GLY D 243 -27.26 -36.30 39.51
C GLY D 243 -26.23 -35.19 39.61
N ASP D 244 -25.97 -34.78 40.86
CA ASP D 244 -24.98 -33.74 41.15
C ASP D 244 -23.66 -34.28 41.65
N ARG D 245 -23.56 -35.59 41.93
CA ARG D 245 -22.30 -36.22 42.31
C ARG D 245 -21.45 -36.52 41.08
N GLY D 246 -21.14 -35.46 40.34
CA GLY D 246 -20.36 -35.61 39.13
C GLY D 246 -21.06 -36.37 38.03
N GLN D 247 -22.39 -36.38 38.01
CA GLN D 247 -23.14 -37.01 36.93
C GLN D 247 -23.73 -35.99 35.97
N GLN D 248 -23.77 -34.71 36.36
CA GLN D 248 -23.99 -33.64 35.41
C GLN D 248 -22.88 -33.59 34.36
N VAL D 249 -21.66 -33.98 34.75
CA VAL D 249 -20.53 -34.01 33.82
C VAL D 249 -20.79 -35.03 32.72
N LEU D 250 -21.66 -36.00 32.96
CA LEU D 250 -22.08 -36.98 31.97
C LEU D 250 -23.26 -36.48 31.14
N GLU D 251 -24.25 -35.87 31.80
CA GLU D 251 -25.33 -35.18 31.10
C GLU D 251 -24.79 -34.23 30.04
N PHE D 252 -23.98 -33.27 30.46
CA PHE D 252 -23.43 -32.29 29.52
C PHE D 252 -22.67 -32.99 28.40
N LYS D 253 -21.80 -33.94 28.76
CA LYS D 253 -21.00 -34.62 27.74
C LYS D 253 -21.88 -35.39 26.76
N SER D 254 -22.89 -36.12 27.28
CA SER D 254 -23.81 -36.81 26.39
C SER D 254 -24.62 -35.84 25.55
N ALA D 255 -24.91 -34.64 26.09
CA ALA D 255 -25.75 -33.69 25.38
C ALA D 255 -25.03 -33.05 24.20
N VAL D 256 -23.71 -32.86 24.29
CA VAL D 256 -22.96 -32.30 23.17
C VAL D 256 -22.89 -33.29 22.02
N ARG D 257 -22.50 -34.53 22.32
CA ARG D 257 -22.39 -35.55 21.28
C ARG D 257 -23.71 -35.69 20.52
N ALA D 258 -24.83 -35.61 21.23
CA ALA D 258 -26.13 -35.63 20.56
C ALA D 258 -26.27 -34.43 19.61
N LEU D 259 -25.77 -33.27 20.01
CA LEU D 259 -25.80 -32.08 19.16
C LEU D 259 -24.79 -32.17 18.02
N HIS D 260 -23.61 -32.72 18.30
CA HIS D 260 -22.62 -32.90 17.23
C HIS D 260 -23.09 -33.91 16.20
N GLN D 261 -23.95 -34.85 16.62
CA GLN D 261 -24.50 -35.82 15.68
C GLN D 261 -25.35 -35.14 14.62
N ALA D 262 -26.17 -34.17 15.03
CA ALA D 262 -27.02 -33.44 14.10
C ALA D 262 -26.32 -32.23 13.47
N GLY D 263 -25.10 -31.95 13.87
CA GLY D 263 -24.36 -30.84 13.29
C GLY D 263 -24.68 -29.49 13.89
N ILE D 264 -24.87 -29.43 15.21
CA ILE D 264 -25.21 -28.19 15.90
C ILE D 264 -24.08 -27.88 16.87
N GLU D 265 -23.40 -26.76 16.66
CA GLU D 265 -22.29 -26.37 17.50
C GLU D 265 -22.79 -25.85 18.85
N VAL D 266 -21.90 -25.91 19.85
CA VAL D 266 -22.17 -25.42 21.20
C VAL D 266 -21.15 -24.33 21.51
N ILE D 267 -21.62 -23.09 21.55
CA ILE D 267 -20.78 -21.92 21.86
C ILE D 267 -21.34 -21.33 23.15
N LEU D 268 -20.82 -21.76 24.29
CA LEU D 268 -21.45 -21.39 25.55
C LEU D 268 -20.94 -20.03 26.05
N ASP D 269 -21.66 -19.52 27.05
CA ASP D 269 -21.54 -18.13 27.52
C ASP D 269 -20.70 -18.14 28.80
N VAL D 270 -19.44 -17.74 28.68
CA VAL D 270 -18.49 -17.82 29.79
C VAL D 270 -18.43 -16.47 30.51
N VAL D 271 -18.21 -16.53 31.82
CA VAL D 271 -18.13 -15.34 32.67
C VAL D 271 -16.82 -15.44 33.45
N TYR D 272 -15.76 -14.82 32.92
CA TYR D 272 -14.47 -14.78 33.59
C TYR D 272 -14.16 -13.42 34.19
N ASN D 273 -15.04 -12.43 34.02
CA ASN D 273 -14.76 -11.09 34.52
C ASN D 273 -14.98 -10.98 36.03
N HIS D 274 -15.89 -11.79 36.58
CA HIS D 274 -16.26 -11.66 37.99
C HIS D 274 -16.59 -13.02 38.55
N THR D 275 -16.79 -13.05 39.88
CA THR D 275 -17.03 -14.27 40.62
C THR D 275 -18.28 -14.09 41.47
N ALA D 276 -18.95 -15.20 41.78
CA ALA D 276 -20.18 -15.21 42.57
C ALA D 276 -19.99 -14.69 44.00
N GLU D 277 -18.76 -14.31 44.38
CA GLU D 277 -18.49 -13.80 45.72
C GLU D 277 -18.74 -12.30 45.84
N GLY D 278 -18.76 -11.59 44.72
CA GLY D 278 -18.95 -10.16 44.74
C GLY D 278 -17.83 -9.44 45.47
N ASN D 279 -18.17 -8.28 46.02
CA ASN D 279 -17.22 -7.46 46.76
C ASN D 279 -17.00 -8.06 48.14
N HIS D 280 -16.35 -7.31 49.02
CA HIS D 280 -16.39 -7.67 50.43
C HIS D 280 -17.82 -7.58 50.93
N LEU D 281 -18.04 -7.99 52.19
CA LEU D 281 -19.36 -8.16 52.78
C LEU D 281 -20.14 -9.30 52.11
N GLY D 282 -19.49 -10.10 51.28
CA GLY D 282 -20.14 -11.21 50.62
C GLY D 282 -19.58 -12.55 51.09
N PRO D 283 -19.97 -13.63 50.41
CA PRO D 283 -19.53 -14.96 50.85
C PRO D 283 -18.04 -15.18 50.60
N THR D 284 -17.51 -16.22 51.25
CA THR D 284 -16.13 -16.65 51.10
C THR D 284 -16.16 -18.11 50.71
N LEU D 285 -16.24 -18.37 49.41
CA LEU D 285 -16.52 -19.72 48.90
C LEU D 285 -15.39 -20.32 48.10
N SER D 286 -14.89 -19.60 47.08
CA SER D 286 -14.00 -20.21 46.08
C SER D 286 -12.59 -19.66 46.12
N MET D 287 -12.42 -18.35 45.97
CA MET D 287 -11.09 -17.77 45.78
C MET D 287 -10.72 -16.74 46.83
N ARG D 288 -11.70 -16.11 47.47
CA ARG D 288 -11.42 -15.19 48.58
C ARG D 288 -10.63 -15.89 49.68
N GLY D 289 -11.11 -17.06 50.11
CA GLY D 289 -10.49 -17.75 51.23
C GLY D 289 -9.21 -18.49 50.90
N LEU D 290 -8.97 -18.77 49.62
CA LEU D 290 -7.71 -19.41 49.23
C LEU D 290 -6.58 -18.40 49.17
N ASP D 291 -6.69 -17.45 48.25
CA ASP D 291 -5.67 -16.41 48.08
C ASP D 291 -6.40 -15.16 47.57
N ASN D 292 -6.76 -14.28 48.50
CA ASN D 292 -7.53 -13.09 48.11
C ASN D 292 -6.72 -12.13 47.24
N PRO D 293 -5.47 -11.78 47.56
CA PRO D 293 -4.77 -10.76 46.74
C PRO D 293 -4.53 -11.18 45.30
N SER D 294 -4.05 -12.39 45.06
CA SER D 294 -3.62 -12.79 43.73
C SER D 294 -4.72 -13.44 42.91
N TYR D 295 -5.93 -13.58 43.44
CA TYR D 295 -7.07 -14.04 42.65
C TYR D 295 -7.98 -12.90 42.22
N TYR D 296 -8.20 -11.92 43.09
CA TYR D 296 -9.10 -10.81 42.84
C TYR D 296 -8.33 -9.52 42.62
N ARG D 297 -8.94 -8.59 41.88
CA ARG D 297 -8.37 -7.26 41.72
C ARG D 297 -8.75 -6.41 42.92
N LEU D 298 -7.75 -5.99 43.69
CA LEU D 298 -7.95 -5.19 44.88
C LEU D 298 -7.65 -3.72 44.59
N ALA D 299 -8.43 -2.85 45.22
CA ALA D 299 -8.21 -1.42 45.07
C ALA D 299 -6.95 -1.01 45.84
N ASP D 300 -6.62 0.30 45.78
CA ASP D 300 -5.47 0.77 46.53
C ASP D 300 -5.86 0.99 47.98
N ASP D 301 -6.58 0.01 48.52
CA ASP D 301 -6.93 -0.28 49.89
C ASP D 301 -7.34 -1.75 49.87
N PRO D 302 -6.40 -2.70 50.03
CA PRO D 302 -6.69 -4.11 49.72
C PRO D 302 -7.90 -4.69 50.42
N ARG D 303 -8.54 -3.91 51.31
CA ARG D 303 -9.78 -4.33 51.93
C ARG D 303 -10.89 -4.49 50.89
N TYR D 304 -11.07 -3.49 50.02
CA TYR D 304 -12.17 -3.47 49.07
C TYR D 304 -11.75 -4.09 47.74
N TYR D 305 -12.66 -4.06 46.76
CA TYR D 305 -12.47 -4.78 45.51
C TYR D 305 -12.83 -3.88 44.33
N MET D 306 -11.90 -3.69 43.41
CA MET D 306 -12.21 -3.04 42.15
C MET D 306 -13.22 -3.86 41.36
N ASP D 307 -14.12 -3.17 40.67
CA ASP D 307 -15.22 -3.85 39.98
C ASP D 307 -15.54 -3.07 38.71
N THR D 308 -14.98 -3.52 37.58
CA THR D 308 -15.31 -2.97 36.28
C THR D 308 -16.45 -3.70 35.60
N THR D 309 -17.23 -4.48 36.36
CA THR D 309 -18.34 -5.25 35.83
C THR D 309 -19.69 -4.85 36.40
N GLY D 310 -19.72 -4.05 37.47
CA GLY D 310 -20.96 -3.68 38.11
C GLY D 310 -21.58 -4.75 38.97
N THR D 311 -20.87 -5.85 39.21
CA THR D 311 -21.38 -7.00 39.94
C THR D 311 -20.39 -7.43 41.03
N GLY D 312 -19.91 -6.46 41.80
CA GLY D 312 -19.13 -6.78 42.98
C GLY D 312 -17.62 -6.75 42.81
N ASN D 313 -17.09 -7.62 41.95
CA ASN D 313 -15.65 -7.81 41.86
C ASN D 313 -15.23 -7.90 40.40
N SER D 314 -13.93 -8.08 40.19
CA SER D 314 -13.33 -8.20 38.87
C SER D 314 -11.97 -8.87 39.03
N LEU D 315 -11.66 -9.82 38.16
CA LEU D 315 -10.49 -10.65 38.34
C LEU D 315 -9.20 -9.91 37.94
N LEU D 316 -8.10 -10.30 38.59
CA LEU D 316 -6.79 -9.72 38.35
C LEU D 316 -6.20 -10.37 37.10
N MET D 317 -6.29 -9.67 35.97
CA MET D 317 -5.94 -10.24 34.68
C MET D 317 -4.43 -10.27 34.42
N ARG D 318 -3.60 -9.98 35.42
CA ARG D 318 -2.15 -10.08 35.24
C ARG D 318 -1.51 -11.19 36.04
N SER D 319 -2.08 -11.58 37.18
CA SER D 319 -1.50 -12.67 37.94
C SER D 319 -1.59 -13.97 37.14
N PRO D 320 -0.53 -14.76 37.07
CA PRO D 320 -0.56 -15.95 36.22
C PRO D 320 -1.61 -16.97 36.61
N HIS D 321 -1.94 -17.07 37.90
CA HIS D 321 -2.84 -18.11 38.37
C HIS D 321 -4.31 -17.81 38.05
N VAL D 322 -4.64 -16.60 37.60
CA VAL D 322 -5.95 -16.38 36.99
C VAL D 322 -5.93 -16.78 35.52
N LEU D 323 -4.93 -16.28 34.78
CA LEU D 323 -4.79 -16.65 33.38
C LEU D 323 -4.63 -18.15 33.21
N GLN D 324 -3.96 -18.82 34.15
CA GLN D 324 -3.89 -20.27 34.11
C GLN D 324 -5.26 -20.90 34.35
N LEU D 325 -6.07 -20.28 35.21
CA LEU D 325 -7.40 -20.81 35.49
C LEU D 325 -8.34 -20.62 34.31
N ILE D 326 -8.31 -19.45 33.68
CA ILE D 326 -9.19 -19.19 32.54
C ILE D 326 -8.81 -20.08 31.37
N MET D 327 -7.50 -20.31 31.16
CA MET D 327 -7.07 -21.18 30.08
C MET D 327 -7.40 -22.64 30.37
N ASP D 328 -6.99 -23.13 31.56
CA ASP D 328 -7.31 -24.50 31.94
C ASP D 328 -8.79 -24.80 31.84
N SER D 329 -9.63 -23.78 31.97
CA SER D 329 -11.07 -23.95 31.75
C SER D 329 -11.42 -23.85 30.28
N LEU D 330 -10.98 -22.78 29.61
CA LEU D 330 -11.20 -22.63 28.17
C LEU D 330 -10.73 -23.86 27.40
N ARG D 331 -9.69 -24.53 27.89
CA ARG D 331 -9.25 -25.78 27.29
C ARG D 331 -10.13 -26.94 27.69
N TYR D 332 -10.52 -27.01 28.97
CA TYR D 332 -11.18 -28.20 29.52
C TYR D 332 -12.52 -28.46 28.85
N TRP D 333 -13.24 -27.40 28.46
CA TRP D 333 -14.51 -27.59 27.78
C TRP D 333 -14.34 -27.94 26.31
N VAL D 334 -13.16 -27.69 25.74
CA VAL D 334 -12.91 -28.03 24.33
C VAL D 334 -12.34 -29.43 24.19
N THR D 335 -11.37 -29.81 25.03
CA THR D 335 -10.70 -31.08 24.91
C THR D 335 -11.25 -32.16 25.83
N GLU D 336 -12.31 -31.87 26.58
CA GLU D 336 -12.98 -32.94 27.34
C GLU D 336 -14.49 -32.95 27.18
N MET D 337 -15.14 -31.82 26.88
CA MET D 337 -16.60 -31.77 26.72
C MET D 337 -17.03 -31.28 25.35
N HIS D 338 -16.06 -31.04 24.45
CA HIS D 338 -16.33 -30.86 23.03
C HIS D 338 -17.15 -29.59 22.76
N VAL D 339 -16.97 -28.57 23.59
CA VAL D 339 -17.59 -27.28 23.34
C VAL D 339 -16.97 -26.65 22.11
N ASP D 340 -17.82 -26.10 21.23
CA ASP D 340 -17.37 -25.63 19.93
C ASP D 340 -16.84 -24.20 19.94
N GLY D 341 -17.23 -23.39 20.92
CA GLY D 341 -16.77 -22.02 20.97
C GLY D 341 -17.14 -21.39 22.29
N PHE D 342 -16.75 -20.12 22.44
CA PHE D 342 -17.00 -19.37 23.66
C PHE D 342 -17.52 -17.98 23.34
N ARG D 343 -18.45 -17.51 24.16
CA ARG D 343 -18.87 -16.11 24.19
C ARG D 343 -18.48 -15.53 25.54
N PHE D 344 -17.70 -14.45 25.53
CA PHE D 344 -17.18 -13.85 26.75
C PHE D 344 -18.10 -12.73 27.20
N ASP D 345 -18.53 -12.80 28.47
CA ASP D 345 -19.36 -11.76 29.06
C ASP D 345 -18.48 -10.60 29.53
N LEU D 346 -18.76 -9.40 29.03
CA LEU D 346 -17.98 -8.20 29.34
C LEU D 346 -16.49 -8.46 29.15
N ALA D 347 -16.13 -8.84 27.91
CA ALA D 347 -14.77 -9.23 27.61
C ALA D 347 -13.76 -8.10 27.78
N ALA D 348 -14.22 -6.84 27.78
CA ALA D 348 -13.30 -5.72 27.95
C ALA D 348 -12.62 -5.72 29.31
N THR D 349 -13.20 -6.41 30.30
CA THR D 349 -12.55 -6.53 31.59
C THR D 349 -11.41 -7.56 31.57
N LEU D 350 -11.53 -8.58 30.74
CA LEU D 350 -10.51 -9.62 30.68
C LEU D 350 -9.18 -9.11 30.16
N ALA D 351 -9.18 -7.99 29.43
CA ALA D 351 -7.96 -7.41 28.91
C ALA D 351 -7.39 -6.31 29.81
N ARG D 352 -8.05 -6.02 30.93
CA ARG D 352 -7.56 -5.01 31.87
C ARG D 352 -6.41 -5.60 32.67
N GLN D 353 -5.18 -5.34 32.21
CA GLN D 353 -4.01 -5.89 32.91
C GLN D 353 -3.81 -5.19 34.25
N PHE D 354 -3.67 -3.86 34.23
CA PHE D 354 -3.59 -3.10 35.47
C PHE D 354 -4.76 -2.14 35.65
N HIS D 355 -4.92 -1.16 34.77
CA HIS D 355 -6.09 -0.27 34.82
C HIS D 355 -6.82 -0.23 33.50
N GLU D 356 -6.07 -0.05 32.42
CA GLU D 356 -6.60 0.21 31.08
C GLU D 356 -6.92 -1.11 30.37
N VAL D 357 -7.66 -0.98 29.26
CA VAL D 357 -7.96 -2.12 28.40
C VAL D 357 -6.79 -2.30 27.45
N ASP D 358 -5.92 -3.25 27.76
CA ASP D 358 -4.71 -3.48 26.98
C ASP D 358 -5.00 -4.44 25.83
N ARG D 359 -4.63 -4.03 24.61
CA ARG D 359 -4.62 -4.97 23.50
C ARG D 359 -3.47 -5.95 23.61
N LEU D 360 -2.34 -5.51 24.19
CA LEU D 360 -1.18 -6.35 24.42
C LEU D 360 -1.28 -7.12 25.72
N SER D 361 -2.46 -7.17 26.33
CA SER D 361 -2.65 -7.81 27.63
C SER D 361 -2.15 -9.25 27.60
N SER D 362 -1.72 -9.72 28.77
CA SER D 362 -1.28 -11.11 28.91
C SER D 362 -2.37 -12.06 28.42
N PHE D 363 -3.62 -11.81 28.82
CA PHE D 363 -4.74 -12.62 28.37
C PHE D 363 -4.81 -12.72 26.85
N PHE D 364 -4.86 -11.57 26.17
CA PHE D 364 -5.04 -11.57 24.72
C PHE D 364 -3.92 -12.31 24.01
N ASP D 365 -2.69 -12.21 24.53
CA ASP D 365 -1.59 -12.96 23.95
C ASP D 365 -1.76 -14.46 24.15
N LEU D 366 -2.44 -14.87 25.22
CA LEU D 366 -2.59 -16.28 25.53
C LEU D 366 -3.64 -16.95 24.65
N VAL D 367 -4.83 -16.34 24.54
CA VAL D 367 -5.88 -16.89 23.70
C VAL D 367 -5.38 -17.06 22.27
N GLN D 368 -4.71 -16.04 21.75
CA GLN D 368 -4.26 -16.05 20.36
C GLN D 368 -3.30 -17.20 20.08
N GLN D 369 -2.47 -17.56 21.04
CA GLN D 369 -1.40 -18.53 20.81
C GLN D 369 -1.76 -19.95 21.19
N ASP D 370 -2.59 -20.15 22.20
CA ASP D 370 -2.88 -21.52 22.65
C ASP D 370 -3.66 -22.27 21.56
N PRO D 371 -3.19 -23.44 21.14
CA PRO D 371 -3.81 -24.10 19.97
C PRO D 371 -5.19 -24.68 20.24
N VAL D 372 -5.55 -24.95 21.49
CA VAL D 372 -6.87 -25.51 21.76
C VAL D 372 -7.94 -24.44 21.62
N VAL D 373 -7.73 -23.28 22.23
CA VAL D 373 -8.75 -22.24 22.27
C VAL D 373 -8.71 -21.33 21.04
N SER D 374 -7.57 -21.25 20.34
CA SER D 374 -7.48 -20.38 19.17
C SER D 374 -8.30 -20.89 18.00
N GLN D 375 -8.67 -22.17 17.99
CA GLN D 375 -9.38 -22.77 16.86
C GLN D 375 -10.86 -22.95 17.11
N VAL D 376 -11.36 -22.59 18.30
CA VAL D 376 -12.78 -22.60 18.58
C VAL D 376 -13.33 -21.20 18.36
N LYS D 377 -14.64 -21.12 18.15
CA LYS D 377 -15.29 -19.85 17.81
C LYS D 377 -15.21 -18.91 19.02
N LEU D 378 -14.35 -17.90 18.92
CA LEU D 378 -14.13 -16.94 19.99
C LEU D 378 -14.97 -15.70 19.73
N ILE D 379 -15.84 -15.36 20.67
CA ILE D 379 -16.80 -14.27 20.50
C ILE D 379 -16.79 -13.44 21.77
N ALA D 380 -16.81 -12.11 21.62
CA ALA D 380 -16.56 -11.20 22.73
C ALA D 380 -17.68 -10.21 22.90
N GLU D 381 -18.00 -9.89 24.16
CA GLU D 381 -18.79 -8.72 24.48
C GLU D 381 -17.84 -7.56 24.74
N PRO D 382 -17.68 -6.65 23.77
CA PRO D 382 -16.56 -5.69 23.79
C PRO D 382 -16.84 -4.44 24.61
N TRP D 383 -17.23 -4.61 25.86
CA TRP D 383 -17.48 -3.46 26.73
C TRP D 383 -17.56 -3.89 28.18
N ASP D 384 -17.46 -2.91 29.07
CA ASP D 384 -17.64 -3.08 30.50
C ASP D 384 -18.05 -1.74 31.07
N VAL D 385 -18.51 -1.75 32.33
CA VAL D 385 -19.01 -0.53 32.95
C VAL D 385 -17.90 0.40 33.42
N GLY D 386 -16.63 0.01 33.24
CA GLY D 386 -15.53 0.86 33.64
C GLY D 386 -15.16 1.90 32.61
N GLU D 387 -14.23 2.76 32.98
CA GLU D 387 -13.79 3.82 32.08
C GLU D 387 -13.11 3.24 30.85
N GLY D 388 -13.45 3.78 29.69
CA GLY D 388 -12.94 3.24 28.44
C GLY D 388 -13.52 1.89 28.09
N GLY D 389 -14.77 1.63 28.47
CA GLY D 389 -15.33 0.30 28.28
C GLY D 389 -15.67 0.00 26.83
N TYR D 390 -16.17 0.99 26.10
CA TYR D 390 -16.65 0.75 24.74
C TYR D 390 -15.46 0.48 23.83
N GLN D 391 -15.17 -0.81 23.62
CA GLN D 391 -14.07 -1.25 22.78
C GLN D 391 -14.57 -1.95 21.52
N VAL D 392 -15.76 -1.56 21.05
CA VAL D 392 -16.32 -2.19 19.85
C VAL D 392 -15.42 -1.86 18.66
N GLY D 393 -14.91 -2.90 18.00
CA GLY D 393 -13.93 -2.74 16.95
C GLY D 393 -12.49 -2.64 17.42
N ASN D 394 -12.23 -2.83 18.72
CA ASN D 394 -10.91 -2.70 19.28
C ASN D 394 -10.23 -4.03 19.61
N PHE D 395 -10.93 -5.14 19.46
CA PHE D 395 -10.39 -6.44 19.86
C PHE D 395 -9.40 -6.95 18.83
N PRO D 396 -8.59 -7.96 19.19
CA PRO D 396 -7.63 -8.52 18.23
C PRO D 396 -8.33 -9.14 17.03
N PRO D 397 -7.62 -9.29 15.91
CA PRO D 397 -8.28 -9.76 14.68
C PRO D 397 -8.76 -11.21 14.73
N LEU D 398 -8.29 -12.00 15.69
CA LEU D 398 -8.83 -13.35 15.84
C LEU D 398 -10.24 -13.33 16.41
N TRP D 399 -10.64 -12.23 17.04
CA TRP D 399 -11.89 -12.14 17.78
C TRP D 399 -13.04 -11.72 16.89
N THR D 400 -14.25 -12.05 17.36
CA THR D 400 -15.50 -11.60 16.77
C THR D 400 -16.34 -10.99 17.89
N GLU D 401 -17.10 -9.95 17.57
CA GLU D 401 -17.71 -9.12 18.60
C GLU D 401 -19.21 -8.99 18.39
N TRP D 402 -19.94 -8.85 19.50
CA TRP D 402 -21.34 -8.45 19.44
C TRP D 402 -21.43 -7.00 18.97
N ASN D 403 -22.03 -6.78 17.81
CA ASN D 403 -22.12 -5.43 17.25
C ASN D 403 -23.27 -4.70 17.92
N GLY D 404 -22.99 -4.08 19.06
CA GLY D 404 -23.97 -3.19 19.67
C GLY D 404 -24.39 -2.09 18.72
N LYS D 405 -23.44 -1.56 17.95
CA LYS D 405 -23.77 -0.50 16.98
C LYS D 405 -24.63 -1.00 15.83
N TYR D 406 -24.70 -2.31 15.62
CA TYR D 406 -25.67 -2.84 14.66
C TYR D 406 -27.05 -2.97 15.30
N ARG D 407 -27.11 -3.61 16.46
CA ARG D 407 -28.36 -3.73 17.20
C ARG D 407 -29.05 -2.38 17.37
N ASP D 408 -28.28 -1.37 17.77
CA ASP D 408 -28.85 -0.03 17.96
C ASP D 408 -29.30 0.57 16.63
N CYS D 409 -28.42 0.58 15.63
CA CYS D 409 -28.72 1.26 14.37
C CYS D 409 -29.79 0.55 13.54
N VAL D 410 -30.16 -0.67 13.90
CA VAL D 410 -31.28 -1.33 13.24
C VAL D 410 -32.57 -1.12 14.02
N ARG D 411 -32.52 -1.32 15.34
CA ARG D 411 -33.66 -0.98 16.20
C ARG D 411 -34.05 0.48 16.03
N ASP D 412 -33.08 1.35 15.73
CA ASP D 412 -33.37 2.76 15.50
C ASP D 412 -33.91 3.03 14.11
N LEU D 413 -33.52 2.22 13.11
CA LEU D 413 -34.04 2.41 11.76
C LEU D 413 -35.53 2.15 11.71
N TRP D 414 -35.97 1.01 12.24
CA TRP D 414 -37.39 0.69 12.26
C TRP D 414 -38.15 1.45 13.35
N ARG D 415 -37.46 1.95 14.37
CA ARG D 415 -38.04 2.92 15.27
C ARG D 415 -38.36 4.24 14.57
N GLY D 416 -37.90 4.42 13.33
CA GLY D 416 -38.15 5.65 12.61
C GLY D 416 -37.32 6.82 13.03
N GLU D 417 -36.39 6.64 13.97
CA GLU D 417 -35.47 7.70 14.33
C GLU D 417 -34.75 8.19 13.08
N PRO D 418 -34.31 9.47 13.08
CA PRO D 418 -33.51 10.01 11.96
C PRO D 418 -32.10 9.42 11.89
N ARG D 419 -32.00 8.11 12.12
CA ARG D 419 -30.74 7.41 11.94
C ARG D 419 -30.34 7.51 10.47
N THR D 420 -29.27 8.26 10.21
CA THR D 420 -28.74 8.40 8.87
C THR D 420 -28.65 7.03 8.21
N LEU D 421 -29.26 6.92 7.02
CA LEU D 421 -29.17 5.68 6.25
C LEU D 421 -27.73 5.21 6.12
N ALA D 422 -26.79 6.14 6.08
CA ALA D 422 -25.38 5.79 5.95
C ALA D 422 -24.92 4.87 7.07
N GLU D 423 -25.19 5.25 8.32
CA GLU D 423 -24.74 4.40 9.42
C GLU D 423 -25.42 3.04 9.39
N PHE D 424 -26.64 2.96 8.84
CA PHE D 424 -27.28 1.67 8.61
C PHE D 424 -26.68 0.96 7.42
N ALA D 425 -26.30 1.70 6.37
CA ALA D 425 -25.76 1.07 5.17
C ALA D 425 -24.45 0.36 5.46
N SER D 426 -23.61 0.95 6.32
CA SER D 426 -22.40 0.28 6.73
C SER D 426 -22.72 -0.94 7.59
N ARG D 427 -23.78 -0.86 8.41
CA ARG D 427 -24.24 -2.04 9.12
C ARG D 427 -24.69 -3.12 8.15
N LEU D 428 -25.33 -2.72 7.04
CA LEU D 428 -25.74 -3.68 6.02
C LEU D 428 -24.54 -4.24 5.27
N THR D 429 -23.50 -3.41 5.06
CA THR D 429 -22.30 -3.87 4.39
C THR D 429 -21.44 -4.79 5.26
N GLY D 430 -21.70 -4.84 6.56
CA GLY D 430 -20.92 -5.61 7.48
C GLY D 430 -20.10 -4.80 8.46
N SER D 431 -20.43 -3.52 8.67
CA SER D 431 -19.70 -2.64 9.58
C SER D 431 -18.24 -2.50 9.15
N SER D 432 -18.05 -1.99 7.94
CA SER D 432 -16.70 -1.72 7.44
C SER D 432 -15.98 -0.71 8.31
N ASP D 433 -16.71 0.21 8.94
CA ASP D 433 -16.10 1.19 9.82
C ASP D 433 -15.54 0.57 11.09
N LEU D 434 -15.99 -0.63 11.45
CA LEU D 434 -15.60 -1.25 12.71
C LEU D 434 -14.44 -2.22 12.59
N TYR D 435 -14.31 -2.92 11.46
CA TYR D 435 -13.45 -4.08 11.39
C TYR D 435 -12.50 -4.12 10.21
N GLN D 436 -12.56 -3.14 9.30
CA GLN D 436 -11.74 -3.18 8.11
C GLN D 436 -10.30 -2.76 8.40
N ASP D 437 -10.12 -1.63 9.09
CA ASP D 437 -8.77 -1.18 9.41
C ASP D 437 -8.06 -2.18 10.29
N ASP D 438 -8.82 -2.92 11.11
CA ASP D 438 -8.25 -3.94 11.98
C ASP D 438 -7.72 -5.15 11.22
N GLY D 439 -7.94 -5.22 9.91
CA GLY D 439 -7.48 -6.34 9.12
C GLY D 439 -8.43 -7.51 9.16
N ARG D 440 -9.71 -7.26 9.41
CA ARG D 440 -10.70 -8.32 9.54
C ARG D 440 -11.62 -8.35 8.32
N ARG D 441 -12.66 -9.18 8.40
CA ARG D 441 -13.64 -9.42 7.36
C ARG D 441 -15.03 -9.05 7.89
N PRO D 442 -16.07 -9.05 7.06
CA PRO D 442 -17.42 -8.80 7.60
C PRO D 442 -17.86 -9.82 8.63
N LEU D 443 -17.29 -11.03 8.63
CA LEU D 443 -17.59 -12.02 9.65
C LEU D 443 -17.11 -11.61 11.04
N ALA D 444 -16.50 -10.43 11.18
CA ALA D 444 -16.11 -9.93 12.50
C ALA D 444 -17.27 -9.30 13.25
N SER D 445 -18.39 -9.04 12.58
CA SER D 445 -19.56 -8.44 13.21
C SER D 445 -20.60 -9.52 13.46
N VAL D 446 -20.77 -9.92 14.71
CA VAL D 446 -21.90 -10.76 15.07
C VAL D 446 -23.12 -9.84 15.11
N ASN D 447 -23.90 -9.86 14.04
CA ASN D 447 -25.08 -9.01 13.96
C ASN D 447 -26.23 -9.64 14.71
N PHE D 448 -27.02 -8.80 15.37
CA PHE D 448 -28.17 -9.27 16.13
C PHE D 448 -29.10 -8.09 16.38
N VAL D 449 -30.40 -8.35 16.31
CA VAL D 449 -31.41 -7.32 16.55
C VAL D 449 -31.76 -7.31 18.03
N THR D 450 -32.24 -8.45 18.54
CA THR D 450 -32.56 -8.63 19.94
C THR D 450 -31.80 -9.83 20.50
N CYS D 451 -31.46 -9.75 21.78
CA CYS D 451 -30.68 -10.78 22.45
C CYS D 451 -31.27 -11.00 23.83
N HIS D 452 -30.54 -11.73 24.68
CA HIS D 452 -31.02 -11.93 26.05
C HIS D 452 -30.94 -10.65 26.87
N ASP D 453 -30.10 -9.69 26.49
CA ASP D 453 -30.12 -8.37 27.09
C ASP D 453 -31.12 -7.49 26.36
N GLY D 454 -31.88 -6.70 27.13
CA GLY D 454 -32.87 -5.83 26.55
C GLY D 454 -34.18 -6.56 26.30
N PHE D 455 -34.99 -5.95 25.44
CA PHE D 455 -36.28 -6.54 25.08
C PHE D 455 -36.09 -7.78 24.22
N THR D 456 -37.13 -8.60 24.17
CA THR D 456 -37.22 -9.66 23.17
C THR D 456 -37.72 -9.03 21.87
N LEU D 457 -38.00 -9.86 20.86
CA LEU D 457 -38.56 -9.32 19.62
C LEU D 457 -40.00 -8.87 19.81
N ARG D 458 -40.80 -9.67 20.53
CA ARG D 458 -42.18 -9.29 20.84
C ARG D 458 -42.22 -7.97 21.60
N ASP D 459 -41.57 -7.91 22.77
CA ASP D 459 -41.62 -6.72 23.60
C ASP D 459 -41.03 -5.51 22.90
N LEU D 460 -40.07 -5.73 21.99
CA LEU D 460 -39.39 -4.62 21.33
C LEU D 460 -40.38 -3.74 20.57
N VAL D 461 -41.34 -4.36 19.90
CA VAL D 461 -42.30 -3.63 19.08
C VAL D 461 -43.64 -3.47 19.80
N SER D 462 -43.65 -3.60 21.13
CA SER D 462 -44.88 -3.42 21.89
C SER D 462 -44.71 -2.59 23.15
N TYR D 463 -43.50 -2.08 23.44
CA TYR D 463 -43.27 -1.28 24.63
C TYR D 463 -42.26 -0.20 24.31
N ASN D 464 -42.41 0.95 24.98
CA ASN D 464 -41.47 2.07 24.84
C ASN D 464 -40.44 2.11 25.95
N GLU D 465 -40.78 1.62 27.13
CA GLU D 465 -39.86 1.58 28.26
C GLU D 465 -40.04 0.27 29.01
N LYS D 466 -39.15 0.02 29.97
CA LYS D 466 -39.09 -1.26 30.64
C LYS D 466 -40.16 -1.38 31.71
N ARG D 467 -40.39 -2.62 32.16
CA ARG D 467 -41.37 -2.95 33.18
C ARG D 467 -40.76 -3.92 34.18
N ASN D 468 -39.59 -3.57 34.71
CA ASN D 468 -38.79 -4.48 35.55
C ASN D 468 -39.10 -4.36 37.04
N GLU D 469 -40.33 -4.00 37.42
CA GLU D 469 -40.64 -3.89 38.84
C GLU D 469 -40.68 -5.26 39.50
N ALA D 470 -41.02 -6.32 38.75
CA ALA D 470 -40.99 -7.66 39.31
C ALA D 470 -39.60 -8.13 39.65
N ASN D 471 -38.56 -7.43 39.19
CA ASN D 471 -37.18 -7.79 39.51
C ASN D 471 -36.76 -7.36 40.91
N GLY D 472 -37.60 -6.63 41.63
CA GLY D 472 -37.34 -6.29 43.01
C GLY D 472 -36.48 -5.06 43.23
N GLU D 473 -35.97 -4.42 42.18
CA GLU D 473 -35.12 -3.25 42.33
C GLU D 473 -35.81 -1.98 41.83
N GLY D 474 -37.12 -1.93 41.90
CA GLY D 474 -37.86 -0.72 41.55
C GLY D 474 -37.54 -0.15 40.19
N ASN D 475 -37.39 -1.03 39.19
CA ASN D 475 -37.24 -0.63 37.79
C ASN D 475 -35.98 0.20 37.54
N ARG D 476 -34.91 -0.09 38.29
CA ARG D 476 -33.66 0.64 38.14
C ARG D 476 -32.64 -0.07 37.26
N ASP D 477 -32.82 -1.36 37.00
CA ASP D 477 -31.86 -2.17 36.26
C ASP D 477 -32.18 -2.20 34.78
N GLY D 478 -31.13 -2.44 33.98
CA GLY D 478 -31.29 -2.59 32.55
C GLY D 478 -31.29 -1.27 31.81
N GLU D 479 -31.32 -1.38 30.48
CA GLU D 479 -31.35 -0.20 29.64
C GLU D 479 -32.67 0.53 29.80
N ASN D 480 -32.62 1.85 29.77
CA ASN D 480 -33.81 2.68 29.98
C ASN D 480 -34.57 2.90 28.69
N TYR D 481 -33.92 3.47 27.68
CA TYR D 481 -34.53 3.62 26.35
C TYR D 481 -33.80 2.66 25.41
N ASN D 482 -34.42 1.52 25.15
CA ASN D 482 -33.86 0.43 24.36
C ASN D 482 -33.98 0.67 22.87
N ARG D 483 -34.21 1.92 22.45
CA ARG D 483 -34.44 2.26 21.05
C ARG D 483 -35.59 1.42 20.47
N SER D 484 -36.73 1.50 21.14
CA SER D 484 -37.90 0.71 20.81
C SER D 484 -39.09 1.61 20.46
N TRP D 485 -40.14 0.98 19.94
CA TRP D 485 -41.41 1.66 19.70
C TRP D 485 -42.54 0.66 19.88
N ASN D 486 -43.58 1.07 20.62
CA ASN D 486 -44.70 0.20 20.93
C ASN D 486 -45.70 0.05 19.78
N CYS D 487 -45.46 0.70 18.64
CA CYS D 487 -46.30 0.55 17.43
C CYS D 487 -47.76 0.92 17.68
N GLY D 488 -47.98 2.05 18.36
CA GLY D 488 -49.30 2.63 18.50
C GLY D 488 -49.94 2.45 19.86
N GLU D 489 -49.58 1.41 20.61
CA GLU D 489 -50.13 1.23 21.94
C GLU D 489 -49.18 0.39 22.78
N GLU D 490 -49.04 0.78 24.05
CA GLU D 490 -48.15 0.09 24.98
C GLU D 490 -48.92 -0.99 25.72
N GLY D 491 -48.37 -2.21 25.72
CA GLY D 491 -49.01 -3.36 26.30
C GLY D 491 -49.67 -4.24 25.25
N GLU D 492 -50.14 -5.40 25.72
CA GLU D 492 -50.83 -6.33 24.84
C GLU D 492 -52.24 -5.84 24.61
N THR D 493 -52.61 -5.67 23.33
CA THR D 493 -53.80 -4.91 22.97
C THR D 493 -54.62 -5.68 21.93
N GLU D 494 -55.74 -5.06 21.54
CA GLU D 494 -56.72 -5.67 20.65
C GLU D 494 -56.71 -5.12 19.23
N ASP D 495 -56.16 -3.93 19.03
CA ASP D 495 -56.19 -3.30 17.71
C ASP D 495 -55.48 -4.18 16.69
N VAL D 496 -56.21 -4.58 15.65
CA VAL D 496 -55.62 -5.42 14.60
C VAL D 496 -54.61 -4.61 13.79
N GLY D 497 -54.92 -3.34 13.53
CA GLY D 497 -53.98 -2.49 12.81
C GLY D 497 -52.68 -2.26 13.57
N ILE D 498 -52.72 -2.31 14.90
CA ILE D 498 -51.50 -2.32 15.68
C ILE D 498 -50.91 -3.73 15.73
N THR D 499 -51.76 -4.73 15.96
CA THR D 499 -51.31 -6.12 15.97
C THR D 499 -50.59 -6.45 14.68
N GLU D 500 -51.18 -6.10 13.54
CA GLU D 500 -50.54 -6.37 12.26
C GLU D 500 -49.28 -5.52 12.08
N LEU D 501 -49.31 -4.28 12.55
CA LEU D 501 -48.12 -3.42 12.47
C LEU D 501 -46.98 -4.02 13.30
N ARG D 502 -47.27 -4.39 14.54
CA ARG D 502 -46.29 -5.10 15.37
C ARG D 502 -45.80 -6.36 14.68
N ALA D 503 -46.75 -7.19 14.23
CA ALA D 503 -46.39 -8.50 13.67
C ALA D 503 -45.47 -8.37 12.48
N ARG D 504 -45.66 -7.34 11.66
CA ARG D 504 -44.81 -7.14 10.49
C ARG D 504 -43.57 -6.31 10.77
N GLN D 505 -43.66 -5.51 11.82
CA GLN D 505 -42.46 -4.77 12.22
C GLN D 505 -41.49 -5.74 12.87
N MET D 506 -41.85 -7.02 12.93
CA MET D 506 -41.04 -8.10 13.53
C MET D 506 -40.48 -8.94 12.39
N ARG D 507 -41.08 -8.87 11.21
CA ARG D 507 -40.59 -9.68 10.09
C ARG D 507 -39.56 -8.88 9.31
N ASN D 508 -39.44 -7.60 9.63
CA ASN D 508 -38.47 -6.72 8.95
C ASN D 508 -37.20 -6.70 9.80
N PHE D 509 -37.29 -7.10 11.06
CA PHE D 509 -36.10 -7.15 11.94
C PHE D 509 -35.38 -8.45 11.67
N LEU D 510 -36.14 -9.51 11.51
CA LEU D 510 -35.61 -10.80 11.12
C LEU D 510 -35.16 -10.81 9.67
N ALA D 511 -35.77 -9.97 8.82
CA ALA D 511 -35.31 -9.83 7.45
C ALA D 511 -34.06 -8.95 7.39
N THR D 512 -34.02 -7.88 8.16
CA THR D 512 -32.85 -7.00 8.17
C THR D 512 -31.63 -7.69 8.79
N LEU D 513 -31.85 -8.68 9.65
CA LEU D 513 -30.73 -9.40 10.25
C LEU D 513 -30.11 -10.38 9.26
N MET D 514 -30.92 -11.25 8.66
CA MET D 514 -30.39 -12.29 7.78
C MET D 514 -29.98 -11.78 6.41
N LEU D 515 -30.46 -10.59 6.00
CA LEU D 515 -29.93 -9.96 4.80
C LEU D 515 -28.62 -9.22 5.06
N SER D 516 -28.32 -8.91 6.33
CA SER D 516 -27.10 -8.22 6.68
C SER D 516 -25.90 -9.15 6.61
N GLN D 517 -24.72 -8.56 6.46
CA GLN D 517 -23.48 -9.32 6.44
C GLN D 517 -23.04 -9.67 7.85
N GLY D 518 -22.33 -10.79 7.97
CA GLY D 518 -21.72 -11.19 9.23
C GLY D 518 -22.24 -12.56 9.68
N VAL D 519 -22.39 -12.69 11.00
CA VAL D 519 -22.82 -13.95 11.60
C VAL D 519 -24.05 -13.67 12.46
N PRO D 520 -25.25 -14.00 11.99
CA PRO D 520 -26.46 -13.55 12.69
C PRO D 520 -26.70 -14.32 13.97
N MET D 521 -27.58 -13.75 14.81
CA MET D 521 -27.85 -14.28 16.14
C MET D 521 -29.33 -14.14 16.46
N LEU D 522 -29.96 -15.25 16.82
CA LEU D 522 -31.34 -15.27 17.27
C LEU D 522 -31.36 -15.54 18.78
N SER D 523 -32.00 -14.65 19.53
CA SER D 523 -32.29 -14.97 20.91
C SER D 523 -33.48 -15.91 20.97
N HIS D 524 -33.48 -16.78 21.99
CA HIS D 524 -34.39 -17.92 22.00
C HIS D 524 -35.84 -17.47 22.15
N GLY D 525 -36.73 -18.17 21.45
CA GLY D 525 -38.15 -17.93 21.52
C GLY D 525 -38.70 -16.95 20.51
N ASP D 526 -37.87 -16.04 19.99
CA ASP D 526 -38.39 -15.00 19.10
C ASP D 526 -38.82 -15.52 17.73
N GLU D 527 -38.71 -16.82 17.47
CA GLU D 527 -39.40 -17.40 16.34
C GLU D 527 -40.89 -17.55 16.62
N PHE D 528 -41.28 -17.66 17.89
CA PHE D 528 -42.67 -17.73 18.31
C PHE D 528 -43.21 -16.37 18.71
N GLY D 529 -42.38 -15.32 18.65
CA GLY D 529 -42.71 -14.09 19.33
C GLY D 529 -42.66 -14.31 20.84
N ARG D 530 -41.45 -14.54 21.36
CA ARG D 530 -41.29 -14.75 22.78
C ARG D 530 -41.55 -13.44 23.53
N THR D 531 -42.53 -13.47 24.42
CA THR D 531 -42.87 -12.32 25.25
C THR D 531 -42.35 -12.54 26.66
N GLN D 532 -41.67 -11.53 27.20
CA GLN D 532 -41.30 -11.51 28.61
C GLN D 532 -42.10 -10.47 29.39
N GLY D 533 -43.10 -9.85 28.76
CA GLY D 533 -43.93 -8.87 29.43
C GLY D 533 -43.22 -7.56 29.69
N GLY D 534 -42.51 -7.03 28.70
CA GLY D 534 -41.81 -5.78 28.87
C GLY D 534 -40.66 -5.80 29.85
N ASN D 535 -40.30 -6.97 30.37
CA ASN D 535 -39.10 -7.09 31.18
C ASN D 535 -37.88 -7.23 30.27
N ASN D 536 -36.90 -6.35 30.46
CA ASN D 536 -35.73 -6.33 29.61
C ASN D 536 -34.46 -6.83 30.29
N ASN D 537 -34.46 -6.97 31.62
CA ASN D 537 -33.37 -7.61 32.36
C ASN D 537 -34.03 -8.62 33.29
N ALA D 538 -34.33 -9.80 32.75
CA ALA D 538 -34.99 -10.86 33.52
C ALA D 538 -33.97 -11.86 34.03
N TYR D 539 -33.06 -11.37 34.85
CA TYR D 539 -31.97 -12.19 35.37
C TYR D 539 -32.40 -13.06 36.54
N CYS D 540 -33.44 -12.64 37.27
CA CYS D 540 -33.95 -13.41 38.38
C CYS D 540 -35.29 -14.08 38.08
N GLN D 541 -35.91 -13.74 36.96
CA GLN D 541 -37.24 -14.24 36.60
C GLN D 541 -37.12 -15.68 36.10
N ASP D 542 -37.15 -16.62 37.03
CA ASP D 542 -37.19 -18.05 36.73
C ASP D 542 -38.64 -18.50 36.86
N ASN D 543 -39.43 -18.13 35.87
CA ASN D 543 -40.87 -18.38 35.88
C ASN D 543 -41.40 -18.16 34.46
N GLU D 544 -42.74 -18.10 34.33
CA GLU D 544 -43.40 -17.95 33.04
C GLU D 544 -42.95 -16.72 32.27
N VAL D 545 -42.23 -15.80 32.91
CA VAL D 545 -41.79 -14.59 32.22
C VAL D 545 -40.81 -14.91 31.12
N SER D 546 -39.73 -15.63 31.46
CA SER D 546 -38.66 -15.89 30.50
C SER D 546 -38.67 -17.32 29.95
N TRP D 547 -39.55 -18.19 30.44
CA TRP D 547 -39.77 -19.45 29.75
C TRP D 547 -40.23 -19.20 28.32
N VAL D 548 -40.08 -20.20 27.47
CA VAL D 548 -40.60 -20.13 26.12
C VAL D 548 -42.00 -20.73 26.10
N ARG D 549 -42.90 -20.08 25.37
CA ARG D 549 -44.23 -20.63 25.11
C ARG D 549 -44.18 -21.32 23.75
N TRP D 550 -44.29 -22.64 23.74
CA TRP D 550 -44.11 -23.37 22.50
C TRP D 550 -45.40 -23.34 21.68
N PRO D 551 -45.30 -23.27 20.35
CA PRO D 551 -46.42 -22.79 19.55
C PRO D 551 -47.51 -23.81 19.31
N LYS D 552 -48.77 -23.34 19.36
CA LYS D 552 -49.92 -24.09 18.88
C LYS D 552 -50.94 -23.17 18.23
N GLU D 556 -51.75 -19.81 15.06
CA GLU D 556 -51.54 -19.42 13.66
C GLU D 556 -50.55 -18.27 13.54
N ALA D 557 -50.83 -17.14 14.21
CA ALA D 557 -49.95 -15.97 14.12
C ALA D 557 -48.54 -16.30 14.60
N GLU D 558 -48.41 -17.23 15.55
CA GLU D 558 -47.10 -17.66 16.01
C GLU D 558 -46.45 -18.63 15.03
N ALA D 559 -47.25 -19.49 14.39
CA ALA D 559 -46.73 -20.40 13.38
C ALA D 559 -46.49 -19.72 12.04
N THR D 560 -46.93 -18.47 11.89
CA THR D 560 -46.57 -17.69 10.71
C THR D 560 -45.18 -17.09 10.85
N LEU D 561 -44.92 -16.46 12.00
CA LEU D 561 -43.60 -15.88 12.25
C LEU D 561 -42.51 -16.95 12.20
N LEU D 562 -42.82 -18.16 12.66
CA LEU D 562 -41.82 -19.24 12.65
C LEU D 562 -41.51 -19.66 11.22
N ARG D 563 -42.55 -19.99 10.44
CA ARG D 563 -42.36 -20.35 9.04
C ARG D 563 -41.66 -19.23 8.26
N PHE D 564 -41.90 -17.98 8.66
CA PHE D 564 -41.13 -16.85 8.14
C PHE D 564 -39.65 -17.04 8.46
N THR D 565 -39.31 -17.12 9.75
CA THR D 565 -37.91 -17.19 10.17
C THR D 565 -37.21 -18.40 9.56
N ARG D 566 -37.87 -19.56 9.58
CA ARG D 566 -37.29 -20.76 9.00
C ARG D 566 -36.93 -20.57 7.53
N SER D 567 -37.75 -19.82 6.80
CA SER D 567 -37.57 -19.63 5.37
C SER D 567 -36.67 -18.46 5.02
N MET D 568 -36.36 -17.57 5.98
CA MET D 568 -35.38 -16.52 5.72
C MET D 568 -33.96 -16.99 5.95
N VAL D 569 -33.76 -18.00 6.80
CA VAL D 569 -32.44 -18.60 6.93
C VAL D 569 -32.10 -19.41 5.68
N ARG D 570 -33.11 -19.99 5.03
CA ARG D 570 -32.91 -20.62 3.72
C ARG D 570 -32.23 -19.66 2.76
N LEU D 571 -32.72 -18.41 2.72
CA LEU D 571 -32.22 -17.44 1.75
C LEU D 571 -30.76 -17.11 1.98
N ARG D 572 -30.37 -16.98 3.26
CA ARG D 572 -28.96 -16.79 3.57
C ARG D 572 -28.18 -18.08 3.41
N ARG D 573 -28.84 -19.24 3.57
CA ARG D 573 -28.19 -20.53 3.34
C ARG D 573 -27.80 -20.70 1.89
N GLU D 574 -28.78 -20.61 0.99
CA GLU D 574 -28.59 -20.99 -0.40
C GLU D 574 -27.83 -19.95 -1.21
N HIS D 575 -27.72 -18.71 -0.73
CA HIS D 575 -27.23 -17.61 -1.55
C HIS D 575 -26.07 -16.91 -0.86
N PRO D 576 -24.86 -16.93 -1.43
CA PRO D 576 -23.67 -16.49 -0.69
C PRO D 576 -23.50 -14.99 -0.55
N VAL D 577 -24.22 -14.17 -1.33
CA VAL D 577 -24.01 -12.72 -1.24
C VAL D 577 -24.34 -12.21 0.15
N PHE D 578 -25.33 -12.79 0.81
CA PHE D 578 -25.73 -12.36 2.15
C PHE D 578 -24.77 -12.81 3.23
N ARG D 579 -23.71 -13.53 2.89
CA ARG D 579 -22.72 -14.00 3.84
C ARG D 579 -21.32 -13.85 3.26
N ARG D 580 -21.04 -12.69 2.67
CA ARG D 580 -19.79 -12.49 1.93
C ARG D 580 -18.58 -12.60 2.85
N ARG D 581 -17.54 -13.27 2.34
CA ARG D 581 -16.29 -13.40 3.08
C ARG D 581 -15.51 -12.09 3.14
N ARG D 582 -15.74 -11.18 2.20
CA ARG D 582 -15.03 -9.92 2.14
C ARG D 582 -16.03 -8.78 2.04
N PHE D 583 -15.58 -7.59 2.43
CA PHE D 583 -16.39 -6.39 2.26
C PHE D 583 -16.59 -6.08 0.78
N PHE D 584 -17.49 -5.14 0.51
CA PHE D 584 -17.67 -4.63 -0.83
C PHE D 584 -16.82 -3.39 -1.06
N HIS D 585 -16.53 -3.09 -2.32
CA HIS D 585 -16.02 -1.77 -2.70
C HIS D 585 -16.75 -1.13 -3.88
N GLY D 586 -17.35 -1.91 -4.78
CA GLY D 586 -18.25 -1.38 -5.80
C GLY D 586 -17.79 -0.24 -6.69
N LEU D 596 -16.36 -5.49 -12.16
CA LEU D 596 -17.74 -5.65 -11.74
C LEU D 596 -18.01 -4.94 -10.41
N THR D 597 -19.03 -4.10 -10.41
CA THR D 597 -19.50 -3.47 -9.18
C THR D 597 -20.27 -4.48 -8.35
N ASP D 598 -19.80 -4.76 -7.13
CA ASP D 598 -20.47 -5.74 -6.30
C ASP D 598 -21.58 -5.16 -5.44
N ILE D 599 -21.80 -3.84 -5.49
CA ILE D 599 -22.90 -3.22 -4.74
C ILE D 599 -23.22 -1.84 -5.27
N ALA D 600 -24.52 -1.52 -5.37
CA ALA D 600 -24.95 -0.21 -5.85
C ALA D 600 -26.19 0.21 -5.09
N TRP D 601 -26.21 1.45 -4.62
CA TRP D 601 -27.30 1.97 -3.80
C TRP D 601 -28.20 2.86 -4.65
N PHE D 602 -29.49 2.55 -4.68
CA PHE D 602 -30.45 3.27 -5.50
C PHE D 602 -31.55 3.86 -4.64
N THR D 603 -32.09 5.00 -5.09
CA THR D 603 -33.15 5.75 -4.44
C THR D 603 -34.51 5.21 -4.88
N PRO D 604 -35.52 5.21 -3.99
CA PRO D 604 -36.87 4.82 -4.41
C PRO D 604 -37.36 5.49 -5.68
N GLU D 605 -36.90 6.72 -5.95
CA GLU D 605 -37.18 7.39 -7.22
C GLU D 605 -36.79 6.53 -8.40
N GLY D 606 -35.82 5.65 -8.23
CA GLY D 606 -35.32 4.78 -9.29
C GLY D 606 -33.94 5.14 -9.78
N GLU D 607 -33.38 6.26 -9.33
CA GLU D 607 -32.09 6.75 -9.79
C GLU D 607 -31.05 6.64 -8.68
N GLU D 608 -29.79 6.50 -9.10
CA GLU D 608 -28.71 6.22 -8.15
C GLU D 608 -28.54 7.36 -7.16
N MET D 609 -28.31 7.00 -5.90
CA MET D 609 -28.12 7.98 -4.83
C MET D 609 -26.85 8.80 -5.01
N THR D 610 -26.89 10.03 -4.49
CA THR D 610 -25.76 10.94 -4.48
C THR D 610 -25.31 11.15 -3.04
N SER D 611 -24.23 11.94 -2.89
CA SER D 611 -23.74 12.24 -1.56
C SER D 611 -24.77 13.04 -0.76
N ARG D 612 -25.51 13.93 -1.42
CA ARG D 612 -26.46 14.77 -0.71
C ARG D 612 -27.68 14.00 -0.25
N ASP D 613 -28.14 13.04 -1.08
CA ASP D 613 -29.29 12.23 -0.68
C ASP D 613 -28.94 11.22 0.40
N TRP D 614 -27.66 10.97 0.65
CA TRP D 614 -27.26 9.97 1.65
C TRP D 614 -27.44 10.51 3.06
N GLN D 615 -26.68 11.54 3.41
CA GLN D 615 -26.83 12.20 4.71
C GLN D 615 -27.87 13.31 4.67
N ALA D 616 -28.77 13.27 3.70
CA ALA D 616 -30.00 14.05 3.78
C ALA D 616 -30.70 13.71 5.09
N ALA D 617 -30.91 14.72 5.94
CA ALA D 617 -31.43 14.49 7.28
C ALA D 617 -32.70 13.64 7.25
N HIS D 618 -33.60 13.92 6.31
CA HIS D 618 -34.85 13.19 6.19
C HIS D 618 -34.81 12.35 4.91
N ALA D 619 -34.47 11.07 5.07
CA ALA D 619 -34.55 10.10 3.98
C ALA D 619 -34.64 8.73 4.64
N GLN D 620 -35.80 8.08 4.53
CA GLN D 620 -36.10 6.88 5.30
C GLN D 620 -36.39 5.68 4.41
N ALA D 621 -35.84 5.65 3.20
CA ALA D 621 -36.06 4.53 2.29
C ALA D 621 -34.84 4.35 1.41
N LEU D 622 -34.76 3.20 0.75
CA LEU D 622 -33.53 2.85 0.03
C LEU D 622 -33.82 1.67 -0.89
N THR D 623 -32.97 1.53 -1.90
CA THR D 623 -32.91 0.32 -2.73
C THR D 623 -31.45 -0.09 -2.89
N VAL D 624 -31.10 -1.27 -2.36
CA VAL D 624 -29.75 -1.80 -2.42
C VAL D 624 -29.67 -2.78 -3.57
N PHE D 625 -28.49 -2.88 -4.18
CA PHE D 625 -28.21 -3.86 -5.22
C PHE D 625 -27.02 -4.71 -4.78
N LEU D 626 -27.15 -6.03 -4.93
CA LEU D 626 -26.13 -6.98 -4.50
C LEU D 626 -25.78 -7.88 -5.69
N ASN D 627 -24.74 -7.50 -6.43
CA ASN D 627 -24.32 -8.28 -7.59
C ASN D 627 -23.89 -9.68 -7.14
N GLY D 628 -24.37 -10.70 -7.85
CA GLY D 628 -24.12 -12.07 -7.48
C GLY D 628 -22.97 -12.72 -8.24
N ASN D 629 -22.70 -12.25 -9.45
CA ASN D 629 -21.55 -12.73 -10.20
C ASN D 629 -20.24 -12.16 -9.67
N ALA D 630 -20.29 -11.01 -9.02
CA ALA D 630 -19.09 -10.36 -8.48
C ALA D 630 -18.86 -10.75 -7.03
N ILE D 631 -18.63 -12.04 -6.82
CA ILE D 631 -18.10 -12.55 -5.56
C ILE D 631 -16.65 -12.92 -5.82
N SER D 632 -15.73 -12.02 -5.45
CA SER D 632 -14.32 -12.21 -5.74
C SER D 632 -13.65 -13.09 -4.70
N GLU D 633 -14.21 -14.28 -4.50
CA GLU D 633 -13.78 -15.14 -3.40
C GLU D 633 -13.64 -16.58 -3.84
N PRO D 634 -12.58 -17.27 -3.39
CA PRO D 634 -12.46 -18.70 -3.68
C PRO D 634 -13.11 -19.56 -2.60
N GLY D 635 -13.88 -20.56 -3.01
CA GLY D 635 -14.54 -21.45 -2.08
C GLY D 635 -13.59 -22.41 -1.40
N THR D 636 -14.09 -23.58 -1.01
CA THR D 636 -13.25 -24.55 -0.31
C THR D 636 -12.17 -25.15 -1.21
N GLN D 637 -12.23 -24.93 -2.53
CA GLN D 637 -11.24 -25.50 -3.44
C GLN D 637 -10.76 -24.46 -4.46
N GLY D 638 -10.63 -23.20 -4.06
CA GLY D 638 -10.35 -22.17 -5.03
C GLY D 638 -11.45 -21.96 -6.03
N GLU D 639 -12.61 -22.58 -5.84
CA GLU D 639 -13.72 -22.46 -6.77
C GLU D 639 -14.32 -21.05 -6.75
N ARG D 640 -14.79 -20.60 -7.92
CA ARG D 640 -15.46 -19.32 -7.98
C ARG D 640 -16.88 -19.45 -7.41
N ILE D 641 -17.34 -18.37 -6.77
CA ILE D 641 -18.62 -18.36 -6.08
C ILE D 641 -19.60 -17.54 -6.91
N ALA D 642 -20.76 -18.12 -7.20
CA ALA D 642 -21.76 -17.49 -8.06
C ALA D 642 -23.11 -17.51 -7.36
N ASP D 643 -23.83 -16.40 -7.49
CA ASP D 643 -25.14 -16.23 -6.89
C ASP D 643 -26.00 -15.42 -7.84
N ASP D 644 -27.32 -15.58 -7.72
CA ASP D 644 -28.22 -14.66 -8.38
C ASP D 644 -28.07 -13.27 -7.78
N SER D 645 -28.18 -12.25 -8.62
CA SER D 645 -28.20 -10.90 -8.10
C SER D 645 -29.49 -10.65 -7.35
N PHE D 646 -29.43 -9.77 -6.34
CA PHE D 646 -30.59 -9.43 -5.55
C PHE D 646 -30.83 -7.92 -5.59
N LEU D 647 -31.96 -7.51 -5.02
CA LEU D 647 -32.37 -6.11 -5.03
C LEU D 647 -33.15 -5.86 -3.76
N LEU D 648 -32.51 -5.21 -2.79
CA LEU D 648 -33.09 -4.96 -1.48
C LEU D 648 -33.81 -3.62 -1.50
N MET D 649 -35.03 -3.59 -0.98
CA MET D 649 -35.85 -2.37 -0.97
C MET D 649 -36.35 -2.12 0.45
N PHE D 650 -35.74 -1.16 1.14
CA PHE D 650 -36.14 -0.75 2.47
C PHE D 650 -37.00 0.51 2.40
N ASN D 651 -38.06 0.54 3.19
CA ASN D 651 -38.92 1.72 3.34
C ASN D 651 -39.20 1.87 4.82
N ALA D 652 -38.38 2.66 5.51
CA ALA D 652 -38.59 2.97 6.92
C ALA D 652 -39.43 4.24 7.09
N SER D 653 -40.15 4.65 6.06
CA SER D 653 -41.01 5.82 6.13
C SER D 653 -42.42 5.42 6.59
N ALA D 654 -43.13 6.41 7.13
CA ALA D 654 -44.50 6.19 7.61
C ALA D 654 -45.52 6.16 6.48
N LYS D 655 -45.14 6.52 5.27
CA LYS D 655 -46.07 6.68 4.16
C LYS D 655 -45.85 5.62 3.10
N GLU D 656 -46.95 5.23 2.44
CA GLU D 656 -46.92 4.35 1.28
C GLU D 656 -46.08 4.99 0.18
N LEU D 657 -44.91 4.41 -0.10
CA LEU D 657 -43.95 5.00 -1.02
C LEU D 657 -43.85 4.17 -2.30
N GLU D 658 -43.50 4.85 -3.39
CA GLU D 658 -43.51 4.28 -4.73
C GLU D 658 -42.07 3.99 -5.15
N PHE D 659 -41.75 2.71 -5.30
CA PHE D 659 -40.41 2.28 -5.65
C PHE D 659 -40.32 1.95 -7.14
N VAL D 660 -39.10 2.06 -7.69
CA VAL D 660 -38.81 1.77 -9.08
C VAL D 660 -37.64 0.78 -9.14
N VAL D 661 -37.76 -0.24 -10.21
CA VAL D 661 -36.80 -1.33 -10.34
C VAL D 661 -35.69 -0.87 -11.29
N PRO D 662 -34.48 -0.58 -10.79
CA PRO D 662 -33.43 0.05 -11.62
C PRO D 662 -32.43 -0.89 -12.28
N ASP D 663 -32.89 -1.68 -13.26
CA ASP D 663 -31.93 -2.34 -14.15
C ASP D 663 -32.13 -1.99 -15.62
N SER D 664 -33.30 -2.31 -16.17
CA SER D 664 -33.67 -2.08 -17.57
C SER D 664 -35.07 -2.64 -17.75
N HIS D 665 -35.53 -2.58 -19.08
CA HIS D 665 -36.78 -3.23 -19.45
C HIS D 665 -36.58 -4.66 -19.93
N GLY D 666 -35.42 -4.96 -20.51
CA GLY D 666 -35.13 -6.29 -21.00
C GLY D 666 -35.14 -7.35 -19.92
N ARG D 667 -34.34 -7.14 -18.88
CA ARG D 667 -34.26 -8.12 -17.81
C ARG D 667 -35.39 -7.97 -16.81
N TYR D 668 -35.66 -9.06 -16.10
CA TYR D 668 -36.80 -9.18 -15.22
C TYR D 668 -36.31 -9.31 -13.78
N TRP D 669 -37.23 -9.50 -12.86
CA TRP D 669 -36.90 -9.68 -11.44
C TRP D 669 -38.06 -10.44 -10.80
N ARG D 670 -37.73 -11.41 -9.95
CA ARG D 670 -38.74 -12.17 -9.21
C ARG D 670 -38.75 -11.71 -7.76
N MET D 671 -39.95 -11.38 -7.26
CA MET D 671 -40.09 -10.91 -5.88
C MET D 671 -40.12 -12.10 -4.93
N VAL D 672 -39.24 -12.10 -3.95
CA VAL D 672 -39.08 -13.26 -3.07
C VAL D 672 -39.37 -12.89 -1.62
N VAL D 673 -39.12 -11.63 -1.23
CA VAL D 673 -39.36 -11.16 0.12
C VAL D 673 -40.18 -9.88 0.07
N ASP D 674 -41.22 -9.81 0.92
CA ASP D 674 -42.09 -8.63 0.99
C ASP D 674 -42.77 -8.68 2.36
N THR D 675 -42.28 -7.87 3.30
CA THR D 675 -42.85 -7.89 4.65
C THR D 675 -44.36 -7.69 4.64
N SER D 676 -44.85 -6.84 3.74
CA SER D 676 -46.17 -6.23 3.92
C SER D 676 -47.29 -7.26 4.04
N ASP D 677 -47.23 -8.35 3.28
CA ASP D 677 -48.33 -9.31 3.39
C ASP D 677 -48.19 -10.10 4.68
N PRO D 678 -49.27 -10.26 5.46
CA PRO D 678 -49.17 -11.00 6.72
C PRO D 678 -49.12 -12.51 6.55
N GLU D 679 -49.35 -13.02 5.35
CA GLU D 679 -49.21 -14.45 5.12
C GLU D 679 -47.79 -14.95 5.18
N GLY D 680 -46.80 -14.05 5.16
CA GLY D 680 -45.41 -14.42 5.22
C GLY D 680 -44.84 -14.56 3.82
N MET D 681 -44.02 -13.61 3.41
CA MET D 681 -43.57 -13.61 2.03
C MET D 681 -42.39 -14.52 1.74
N PRO D 682 -41.34 -14.58 2.57
CA PRO D 682 -40.19 -15.47 2.27
C PRO D 682 -40.63 -16.87 1.89
N PRO D 683 -41.60 -17.50 2.62
CA PRO D 683 -42.02 -18.85 2.19
C PRO D 683 -42.76 -18.87 0.87
N GLN D 684 -43.83 -18.07 0.73
CA GLN D 684 -44.62 -18.14 -0.50
C GLN D 684 -43.99 -17.29 -1.60
N GLN D 685 -44.52 -17.42 -2.81
CA GLN D 685 -43.96 -16.74 -3.96
C GLN D 685 -44.51 -15.33 -4.06
N GLY D 686 -44.15 -14.64 -5.14
CA GLY D 686 -44.71 -13.35 -5.44
C GLY D 686 -44.72 -13.06 -6.92
N PRO D 687 -45.03 -11.83 -7.29
CA PRO D 687 -45.05 -11.48 -8.72
C PRO D 687 -43.65 -11.38 -9.29
N GLU D 688 -43.56 -11.02 -10.58
CA GLU D 688 -42.29 -10.77 -11.25
C GLU D 688 -42.32 -9.31 -11.68
N LEU D 689 -41.46 -8.50 -11.07
CA LEU D 689 -41.44 -7.08 -11.35
C LEU D 689 -40.61 -6.78 -12.59
N ALA D 690 -41.16 -5.94 -13.48
CA ALA D 690 -40.62 -5.80 -14.83
C ALA D 690 -39.16 -5.36 -14.80
N GLY D 691 -38.89 -4.18 -14.24
CA GLY D 691 -37.56 -3.63 -14.28
C GLY D 691 -37.55 -2.19 -14.70
N GLY D 692 -38.73 -1.64 -14.98
CA GLY D 692 -38.86 -0.21 -15.20
C GLY D 692 -40.07 0.37 -14.50
N GLU D 693 -40.98 -0.48 -14.04
CA GLU D 693 -42.27 -0.02 -13.55
C GLU D 693 -42.22 0.28 -12.05
N ARG D 694 -43.16 1.12 -11.64
CA ARG D 694 -43.29 1.48 -10.23
C ARG D 694 -43.84 0.31 -9.43
N VAL D 695 -43.54 0.32 -8.13
CA VAL D 695 -43.87 -0.76 -7.23
C VAL D 695 -44.32 -0.16 -5.91
N THR D 696 -45.62 -0.21 -5.63
CA THR D 696 -46.15 0.31 -4.38
C THR D 696 -45.66 -0.54 -3.22
N LEU D 697 -45.00 0.09 -2.25
CA LEU D 697 -44.33 -0.61 -1.16
C LEU D 697 -44.82 0.03 0.14
N ALA D 698 -45.51 -0.77 0.96
CA ALA D 698 -46.18 -0.33 2.19
C ALA D 698 -45.22 0.42 3.12
N PRO D 699 -45.73 1.23 4.06
CA PRO D 699 -44.85 1.85 5.04
C PRO D 699 -44.25 0.83 5.99
N LEU D 700 -43.01 1.09 6.41
CA LEU D 700 -42.24 0.14 7.22
C LEU D 700 -42.31 -1.27 6.62
N SER D 701 -41.99 -1.34 5.33
CA SER D 701 -41.98 -2.59 4.59
C SER D 701 -40.60 -2.83 3.99
N LEU D 702 -40.34 -4.08 3.66
CA LEU D 702 -39.10 -4.50 3.02
C LEU D 702 -39.44 -5.41 1.84
N THR D 703 -38.64 -5.34 0.79
CA THR D 703 -38.89 -6.12 -0.41
C THR D 703 -37.57 -6.52 -1.06
N VAL D 704 -37.50 -7.76 -1.51
CA VAL D 704 -36.30 -8.32 -2.13
C VAL D 704 -36.70 -8.94 -3.46
N LEU D 705 -35.86 -8.72 -4.47
CA LEU D 705 -36.02 -9.32 -5.78
C LEU D 705 -34.80 -10.21 -6.08
N ARG D 706 -34.97 -11.12 -7.04
CA ARG D 706 -33.93 -12.10 -7.35
C ARG D 706 -33.94 -12.39 -8.85
N ARG D 707 -32.80 -12.17 -9.51
CA ARG D 707 -32.66 -12.51 -10.92
C ARG D 707 -31.41 -13.33 -11.14
N PRO D 708 -31.48 -14.36 -11.98
CA PRO D 708 -30.31 -15.16 -12.32
C PRO D 708 -29.44 -14.47 -13.37
N ALA D 709 -28.34 -15.12 -13.72
CA ALA D 709 -27.43 -14.62 -14.74
C ALA D 709 -26.60 -15.77 -15.32
N GLN E 5 -36.24 -47.47 30.08
CA GLN E 5 -36.08 -47.24 28.65
C GLN E 5 -35.07 -48.23 28.07
N VAL E 6 -35.38 -48.79 26.91
CA VAL E 6 -34.58 -49.87 26.32
C VAL E 6 -34.46 -49.62 24.82
N TRP E 7 -33.23 -49.55 24.32
CA TRP E 7 -32.82 -49.39 22.93
C TRP E 7 -32.25 -50.69 22.37
N PRO E 8 -32.30 -50.90 21.05
CA PRO E 8 -31.81 -52.17 20.49
C PRO E 8 -30.32 -52.40 20.70
N GLY E 9 -29.51 -51.34 20.77
CA GLY E 9 -28.11 -51.51 21.05
C GLY E 9 -27.30 -52.05 19.88
N GLN E 10 -26.05 -52.34 20.19
CA GLN E 10 -25.10 -52.86 19.21
C GLN E 10 -24.75 -54.31 19.56
N ALA E 11 -24.66 -55.15 18.54
CA ALA E 11 -24.32 -56.56 18.72
C ALA E 11 -22.87 -56.77 19.13
N TYR E 12 -22.08 -55.71 19.21
CA TYR E 12 -20.66 -55.78 19.52
C TYR E 12 -20.31 -54.60 20.41
N PRO E 13 -19.37 -54.80 21.36
CA PRO E 13 -18.76 -56.10 21.65
C PRO E 13 -19.59 -56.92 22.62
N LEU E 14 -19.24 -58.19 22.77
CA LEU E 14 -20.01 -59.09 23.61
C LEU E 14 -19.75 -58.79 25.08
N GLY E 15 -20.82 -58.53 25.83
CA GLY E 15 -20.69 -58.19 27.23
C GLY E 15 -21.29 -56.84 27.57
N ALA E 16 -20.89 -56.28 28.71
CA ALA E 16 -21.38 -55.00 29.17
C ALA E 16 -20.32 -53.94 28.91
N THR E 17 -20.63 -52.98 28.04
CA THR E 17 -19.70 -51.92 27.67
C THR E 17 -20.36 -50.58 27.97
N TYR E 18 -19.71 -49.79 28.82
CA TYR E 18 -20.26 -48.52 29.30
C TYR E 18 -19.91 -47.42 28.30
N ASP E 19 -20.91 -47.00 27.51
CA ASP E 19 -20.71 -45.97 26.49
C ASP E 19 -21.02 -44.58 27.02
N GLY E 20 -20.44 -44.22 28.17
CA GLY E 20 -20.56 -42.85 28.66
C GLY E 20 -21.93 -42.53 29.21
N ALA E 21 -22.93 -42.52 28.32
CA ALA E 21 -24.30 -42.25 28.74
C ALA E 21 -24.89 -43.45 29.47
N GLY E 22 -24.88 -44.61 28.83
CA GLY E 22 -25.42 -45.82 29.42
C GLY E 22 -24.59 -47.05 29.12
N THR E 23 -25.21 -48.22 29.19
CA THR E 23 -24.52 -49.48 29.01
C THR E 23 -25.21 -50.32 27.94
N ASN E 24 -24.41 -50.99 27.12
CA ASN E 24 -24.90 -51.92 26.11
C ASN E 24 -24.52 -53.34 26.51
N PHE E 25 -25.50 -54.23 26.51
CA PHE E 25 -25.32 -55.62 26.88
C PHE E 25 -25.53 -56.51 25.66
N ALA E 26 -24.62 -57.46 25.46
CA ALA E 26 -24.71 -58.42 24.37
C ALA E 26 -24.26 -59.78 24.86
N VAL E 27 -24.99 -60.82 24.47
CA VAL E 27 -24.69 -62.19 24.87
C VAL E 27 -25.08 -63.12 23.74
N PHE E 28 -24.31 -64.21 23.60
CA PHE E 28 -24.52 -65.17 22.53
C PHE E 28 -25.29 -66.39 23.01
N SER E 29 -26.29 -66.79 22.22
CA SER E 29 -26.92 -68.10 22.40
C SER E 29 -27.65 -68.44 21.11
N GLU E 30 -27.16 -69.45 20.39
CA GLU E 30 -27.76 -69.85 19.11
C GLU E 30 -28.86 -70.88 19.28
N ALA E 31 -29.20 -71.26 20.50
CA ALA E 31 -30.26 -72.23 20.78
C ALA E 31 -31.16 -71.72 21.89
N ALA E 32 -31.39 -70.41 21.93
CA ALA E 32 -32.22 -69.77 22.94
C ALA E 32 -33.45 -69.19 22.28
N HIS E 33 -34.63 -69.62 22.72
CA HIS E 33 -35.88 -69.04 22.22
C HIS E 33 -35.95 -67.56 22.58
N ARG E 34 -35.86 -67.25 23.88
CA ARG E 34 -35.86 -65.89 24.37
C ARG E 34 -34.72 -65.72 25.37
N ILE E 35 -34.28 -64.48 25.55
CA ILE E 35 -33.27 -64.14 26.54
C ILE E 35 -33.73 -62.88 27.26
N GLU E 36 -33.64 -62.89 28.59
CA GLU E 36 -33.94 -61.72 29.40
C GLU E 36 -32.70 -61.28 30.18
N LEU E 37 -32.61 -59.98 30.41
CA LEU E 37 -31.50 -59.37 31.13
C LEU E 37 -32.02 -58.96 32.51
N CYS E 38 -31.59 -59.68 33.54
CA CYS E 38 -31.99 -59.39 34.91
C CYS E 38 -31.07 -58.30 35.47
N LEU E 39 -31.63 -57.13 35.74
CA LEU E 39 -30.89 -56.02 36.34
C LEU E 39 -31.03 -56.15 37.85
N LEU E 40 -30.00 -56.69 38.48
CA LEU E 40 -30.06 -57.01 39.90
C LEU E 40 -29.95 -55.76 40.75
N HIS E 41 -30.81 -55.67 41.75
CA HIS E 41 -30.80 -54.57 42.72
C HIS E 41 -30.29 -55.10 44.06
N ASP E 42 -29.90 -54.17 44.93
CA ASP E 42 -29.19 -54.51 46.15
C ASP E 42 -30.03 -55.29 47.15
N ASP E 43 -31.35 -55.33 47.00
CA ASP E 43 -32.20 -56.12 47.88
C ASP E 43 -32.70 -57.39 47.19
N GLY E 44 -31.85 -58.00 46.37
CA GLY E 44 -32.14 -59.29 45.77
C GLY E 44 -33.28 -59.31 44.77
N SER E 45 -33.63 -58.17 44.20
CA SER E 45 -34.74 -58.09 43.25
C SER E 45 -34.21 -58.01 41.83
N GLU E 46 -35.01 -58.51 40.89
CA GLU E 46 -34.67 -58.55 39.48
C GLU E 46 -35.52 -57.57 38.69
N THR E 47 -34.90 -56.90 37.72
CA THR E 47 -35.58 -55.97 36.81
C THR E 47 -35.28 -56.46 35.40
N ALA E 48 -36.15 -57.35 34.90
CA ALA E 48 -35.90 -58.05 33.65
C ALA E 48 -36.09 -57.13 32.43
N VAL E 49 -35.25 -57.36 31.42
CA VAL E 49 -35.30 -56.62 30.16
C VAL E 49 -34.97 -57.60 29.05
N GLU E 50 -35.92 -57.83 28.14
CA GLU E 50 -35.69 -58.78 27.06
C GLU E 50 -34.68 -58.22 26.06
N LEU E 51 -33.70 -59.05 25.70
CA LEU E 51 -32.76 -58.72 24.63
C LEU E 51 -33.35 -59.22 23.30
N ARG E 52 -34.42 -58.55 22.89
CA ARG E 52 -35.20 -59.02 21.75
C ARG E 52 -34.39 -58.98 20.46
N GLU E 53 -33.58 -57.94 20.28
CA GLU E 53 -32.87 -57.76 19.01
C GLU E 53 -31.79 -58.81 18.87
N THR E 54 -32.09 -59.85 18.10
CA THR E 54 -31.14 -60.90 17.79
C THR E 54 -30.36 -60.54 16.53
N ASP E 55 -29.07 -60.84 16.51
CA ASP E 55 -28.25 -60.64 15.32
C ASP E 55 -27.19 -61.73 15.28
N ALA E 56 -27.32 -62.64 14.32
CA ALA E 56 -26.44 -63.81 14.20
C ALA E 56 -26.39 -64.57 15.52
N PHE E 57 -27.58 -64.84 16.06
CA PHE E 57 -27.75 -65.59 17.30
C PHE E 57 -27.17 -64.87 18.51
N VAL E 58 -26.67 -63.65 18.31
CA VAL E 58 -26.25 -62.79 19.39
C VAL E 58 -27.37 -61.79 19.65
N ARG E 59 -27.84 -61.75 20.89
CA ARG E 59 -28.89 -60.82 21.29
C ARG E 59 -28.27 -59.62 22.02
N HIS E 60 -28.97 -58.49 21.95
CA HIS E 60 -28.36 -57.26 22.42
C HIS E 60 -29.44 -56.19 22.62
N ALA E 61 -29.24 -55.38 23.65
CA ALA E 61 -30.04 -54.18 23.87
C ALA E 61 -29.21 -53.19 24.68
N TYR E 62 -29.16 -51.95 24.20
CA TYR E 62 -28.52 -50.89 24.95
C TYR E 62 -29.51 -50.32 25.95
N LEU E 63 -29.12 -50.30 27.23
CA LEU E 63 -29.96 -49.74 28.28
C LEU E 63 -29.40 -48.40 28.70
N PRO E 64 -29.96 -47.28 28.23
CA PRO E 64 -29.44 -45.98 28.63
C PRO E 64 -29.60 -45.75 30.13
N GLY E 65 -28.49 -45.41 30.79
CA GLY E 65 -28.50 -45.08 32.20
C GLY E 65 -27.88 -46.11 33.12
N VAL E 66 -27.64 -47.33 32.65
CA VAL E 66 -27.03 -48.36 33.50
C VAL E 66 -25.60 -47.95 33.81
N MET E 67 -25.31 -47.70 35.08
CA MET E 67 -24.01 -47.24 35.54
C MET E 67 -23.13 -48.42 35.92
N PRO E 68 -21.83 -48.21 36.06
CA PRO E 68 -20.97 -49.25 36.64
C PRO E 68 -21.42 -49.60 38.04
N GLY E 69 -20.93 -50.75 38.53
CA GLY E 69 -21.43 -51.31 39.78
C GLY E 69 -22.78 -51.96 39.66
N GLN E 70 -23.48 -51.78 38.54
CA GLN E 70 -24.80 -52.36 38.34
C GLN E 70 -24.67 -53.86 38.19
N ARG E 71 -25.11 -54.60 39.21
CA ARG E 71 -25.13 -56.05 39.11
C ARG E 71 -26.18 -56.49 38.08
N TYR E 72 -25.81 -57.47 37.26
CA TYR E 72 -26.72 -57.95 36.22
C TYR E 72 -26.45 -59.42 35.97
N GLY E 73 -27.33 -60.03 35.18
CA GLY E 73 -27.21 -61.44 34.82
C GLY E 73 -28.13 -61.75 33.66
N PHE E 74 -28.05 -63.00 33.22
CA PHE E 74 -28.80 -63.45 32.05
C PHE E 74 -29.65 -64.67 32.40
N ARG E 75 -30.89 -64.68 31.90
CA ARG E 75 -31.83 -65.77 32.09
C ARG E 75 -32.29 -66.23 30.72
N VAL E 76 -31.93 -67.45 30.35
CA VAL E 76 -32.17 -67.98 29.01
C VAL E 76 -33.38 -68.90 29.05
N HIS E 77 -34.42 -68.55 28.30
CA HIS E 77 -35.58 -69.42 28.11
C HIS E 77 -35.25 -70.37 26.96
N GLY E 78 -34.77 -71.58 27.30
CA GLY E 78 -34.35 -72.51 26.30
C GLY E 78 -34.88 -73.92 26.54
N PRO E 79 -34.73 -74.78 25.54
CA PRO E 79 -35.20 -76.17 25.69
C PRO E 79 -34.32 -76.92 26.68
N TYR E 80 -34.98 -77.63 27.61
CA TYR E 80 -34.27 -78.56 28.49
C TYR E 80 -34.41 -79.96 27.90
N ALA E 81 -33.31 -80.48 27.36
CA ALA E 81 -33.28 -81.80 26.75
C ALA E 81 -31.84 -82.30 26.69
N PRO E 82 -31.30 -82.84 27.79
CA PRO E 82 -29.93 -83.38 27.73
C PRO E 82 -29.76 -84.51 26.72
N GLU E 83 -30.86 -85.05 26.18
CA GLU E 83 -30.74 -85.99 25.07
C GLU E 83 -30.27 -85.29 23.80
N ARG E 84 -30.63 -84.01 23.65
CA ARG E 84 -30.15 -83.19 22.55
C ARG E 84 -28.86 -82.45 22.89
N GLY E 85 -28.48 -82.42 24.16
CA GLY E 85 -27.32 -81.66 24.61
C GLY E 85 -27.66 -80.33 25.22
N LEU E 86 -28.93 -79.94 25.20
CA LEU E 86 -29.35 -78.64 25.69
C LEU E 86 -29.72 -78.73 27.16
N ARG E 87 -29.15 -77.83 27.98
CA ARG E 87 -29.48 -77.75 29.39
C ARG E 87 -29.87 -76.34 29.79
N CYS E 88 -30.34 -75.54 28.82
CA CYS E 88 -30.75 -74.17 29.09
C CYS E 88 -31.87 -74.16 30.12
N ASN E 89 -31.83 -73.16 31.00
CA ASN E 89 -32.80 -73.10 32.10
C ASN E 89 -32.92 -71.65 32.54
N ALA E 90 -34.11 -71.09 32.40
CA ALA E 90 -34.37 -69.71 32.81
C ALA E 90 -34.50 -69.54 34.32
N ALA E 91 -34.56 -70.64 35.08
CA ALA E 91 -34.55 -70.53 36.53
C ALA E 91 -33.20 -70.10 37.07
N LYS E 92 -32.14 -70.30 36.30
CA LYS E 92 -30.78 -70.03 36.76
C LYS E 92 -30.30 -68.69 36.25
N LEU E 93 -29.53 -67.99 37.07
CA LEU E 93 -28.98 -66.69 36.71
C LEU E 93 -27.60 -66.93 36.08
N LEU E 94 -27.57 -66.95 34.75
CA LEU E 94 -26.32 -67.20 34.05
C LEU E 94 -25.39 -65.99 34.14
N LEU E 95 -24.10 -66.25 34.13
CA LEU E 95 -23.12 -65.18 34.09
C LEU E 95 -22.91 -64.71 32.66
N ASP E 96 -22.31 -63.54 32.54
CA ASP E 96 -21.82 -63.05 31.27
C ASP E 96 -20.41 -63.58 31.12
N PRO E 97 -20.18 -64.58 30.26
CA PRO E 97 -18.80 -65.08 30.12
C PRO E 97 -17.80 -63.99 29.77
N TYR E 98 -18.27 -62.89 29.19
CA TYR E 98 -17.47 -61.71 28.94
C TYR E 98 -17.48 -60.72 30.10
N ALA E 99 -17.88 -61.15 31.29
CA ALA E 99 -17.97 -60.24 32.43
C ALA E 99 -16.59 -59.71 32.80
N ARG E 100 -16.45 -58.38 32.76
CA ARG E 100 -15.20 -57.76 33.16
C ARG E 100 -14.98 -57.80 34.65
N ALA E 101 -16.03 -58.05 35.43
CA ALA E 101 -15.91 -58.20 36.88
C ALA E 101 -17.11 -58.99 37.38
N VAL E 102 -16.88 -59.80 38.41
CA VAL E 102 -17.92 -60.66 38.97
C VAL E 102 -17.92 -60.49 40.48
N SER E 103 -19.07 -60.11 41.03
CA SER E 103 -19.22 -59.94 42.46
C SER E 103 -19.48 -61.28 43.14
N GLY E 104 -19.45 -61.26 44.47
CA GLY E 104 -19.85 -62.38 45.29
C GLY E 104 -19.14 -63.70 45.07
N ARG E 105 -19.65 -64.76 45.67
CA ARG E 105 -19.12 -66.11 45.51
C ARG E 105 -20.28 -67.08 45.63
N VAL E 106 -20.04 -68.34 45.27
CA VAL E 106 -21.12 -69.32 45.18
C VAL E 106 -21.44 -69.85 46.56
N ARG E 107 -22.67 -69.60 47.03
CA ARG E 107 -23.20 -70.22 48.23
C ARG E 107 -23.71 -71.61 47.86
N TRP E 108 -22.98 -72.64 48.23
CA TRP E 108 -23.19 -73.97 47.66
C TRP E 108 -24.50 -74.57 48.15
N GLY E 109 -25.35 -74.97 47.20
CA GLY E 109 -26.63 -75.57 47.53
C GLY E 109 -27.28 -76.17 46.30
N GLU E 110 -28.52 -76.63 46.50
CA GLU E 110 -29.28 -77.30 45.44
C GLU E 110 -29.76 -76.35 44.35
N ALA E 111 -29.72 -75.04 44.59
CA ALA E 111 -30.32 -74.09 43.66
C ALA E 111 -29.41 -73.74 42.49
N VAL E 112 -28.15 -74.17 42.49
CA VAL E 112 -27.18 -73.74 41.50
C VAL E 112 -26.85 -74.81 40.47
N TYR E 113 -27.52 -75.96 40.52
CA TYR E 113 -27.07 -77.11 39.75
C TYR E 113 -27.87 -77.41 38.49
N GLY E 114 -29.11 -76.94 38.40
CA GLY E 114 -29.88 -77.18 37.19
C GLY E 114 -30.50 -78.55 37.05
N TYR E 115 -30.25 -79.46 38.00
CA TYR E 115 -30.93 -80.74 38.07
C TYR E 115 -31.18 -81.08 39.52
N PRO E 116 -32.22 -81.85 39.82
CA PRO E 116 -32.43 -82.30 41.21
C PRO E 116 -31.41 -83.36 41.60
N PHE E 117 -30.96 -83.28 42.85
CA PHE E 117 -29.78 -84.04 43.28
C PHE E 117 -29.95 -85.54 43.08
N GLY E 118 -31.18 -86.04 43.13
CA GLY E 118 -31.41 -87.45 42.90
C GLY E 118 -31.58 -87.79 41.44
N ARG E 119 -32.20 -86.88 40.68
CA ARG E 119 -32.53 -87.10 39.27
C ARG E 119 -31.59 -86.30 38.38
N PRO E 120 -30.62 -86.95 37.72
CA PRO E 120 -29.69 -86.20 36.84
C PRO E 120 -30.39 -85.65 35.61
N ASP E 121 -31.17 -86.48 34.93
CA ASP E 121 -31.81 -86.11 33.68
C ASP E 121 -33.01 -85.20 33.84
N ALA E 122 -33.42 -84.88 35.07
CA ALA E 122 -34.61 -84.07 35.30
C ALA E 122 -34.24 -82.59 35.26
N ARG E 123 -35.17 -81.74 35.69
CA ARG E 123 -35.03 -80.29 35.63
C ARG E 123 -35.12 -79.71 37.04
N ASN E 124 -34.16 -78.86 37.39
CA ASN E 124 -34.19 -78.10 38.63
C ASN E 124 -34.70 -76.71 38.31
N ASP E 125 -35.78 -76.30 38.97
CA ASP E 125 -36.45 -75.03 38.69
C ASP E 125 -36.33 -74.07 39.86
N LEU E 126 -35.21 -74.09 40.57
CA LEU E 126 -35.00 -73.21 41.72
C LEU E 126 -34.22 -71.98 41.28
N ASP E 127 -34.68 -70.81 41.73
CA ASP E 127 -34.03 -69.55 41.37
C ASP E 127 -32.59 -69.55 41.89
N SER E 128 -31.68 -69.00 41.08
CA SER E 128 -30.25 -69.04 41.37
C SER E 128 -29.71 -67.77 42.05
N ALA E 129 -30.45 -66.66 41.98
CA ALA E 129 -29.94 -65.36 42.39
C ALA E 129 -29.39 -65.27 43.82
N PRO E 130 -29.95 -65.96 44.83
CA PRO E 130 -29.38 -65.82 46.18
C PRO E 130 -28.09 -66.58 46.43
N ASP E 131 -27.71 -67.53 45.56
CA ASP E 131 -26.57 -68.38 45.79
C ASP E 131 -25.45 -68.24 44.77
N THR E 132 -25.69 -67.56 43.65
CA THR E 132 -24.82 -67.61 42.49
C THR E 132 -23.96 -66.34 42.39
N MET E 133 -22.88 -66.43 41.62
CA MET E 133 -22.06 -65.27 41.33
C MET E 133 -22.82 -64.30 40.41
N THR E 134 -22.39 -63.04 40.45
CA THR E 134 -23.16 -61.95 39.84
C THR E 134 -22.23 -61.06 39.05
N SER E 135 -22.54 -60.88 37.77
CA SER E 135 -21.74 -60.02 36.90
C SER E 135 -21.92 -58.56 37.28
N VAL E 136 -20.86 -57.77 37.02
CA VAL E 136 -20.86 -56.34 37.33
C VAL E 136 -20.42 -55.56 36.10
N VAL E 137 -21.12 -54.47 35.81
CA VAL E 137 -20.67 -53.53 34.78
C VAL E 137 -19.39 -52.84 35.26
N VAL E 138 -18.54 -52.47 34.32
CA VAL E 138 -17.21 -51.96 34.64
C VAL E 138 -16.96 -50.69 33.85
N ASN E 139 -16.62 -49.61 34.54
CA ASN E 139 -16.11 -48.42 33.89
C ASN E 139 -14.69 -48.70 33.43
N PRO E 140 -14.39 -48.67 32.13
CA PRO E 140 -13.10 -49.13 31.64
C PRO E 140 -11.94 -48.19 31.93
N TYR E 141 -12.19 -47.03 32.54
CA TYR E 141 -11.16 -46.01 32.64
C TYR E 141 -10.00 -46.44 33.53
N PHE E 142 -8.80 -46.04 33.11
CA PHE E 142 -7.56 -46.17 33.85
C PHE E 142 -6.52 -45.32 33.15
N ASP E 143 -5.75 -44.57 33.90
CA ASP E 143 -4.72 -43.70 33.33
C ASP E 143 -3.37 -44.38 33.46
N TRP E 144 -3.05 -45.23 32.48
CA TRP E 144 -1.67 -45.63 32.25
C TRP E 144 -0.94 -44.41 31.70
N GLY E 145 -0.23 -43.68 32.55
CA GLY E 145 0.39 -42.45 32.14
C GLY E 145 1.51 -42.67 31.15
N ASP E 146 2.62 -43.24 31.62
CA ASP E 146 3.70 -43.72 30.75
C ASP E 146 3.87 -45.20 31.07
N ASP E 147 3.04 -46.04 30.45
CA ASP E 147 3.07 -47.47 30.71
C ASP E 147 3.88 -48.15 29.61
N ARG E 148 5.19 -47.92 29.67
CA ARG E 148 6.14 -48.60 28.79
C ARG E 148 6.11 -50.08 29.16
N ARG E 149 5.47 -50.89 28.33
CA ARG E 149 5.56 -52.33 28.49
C ARG E 149 7.03 -52.73 28.40
N PRO E 150 7.62 -53.26 29.47
CA PRO E 150 9.04 -53.58 29.41
C PRO E 150 9.29 -54.73 28.46
N ARG E 151 9.37 -54.43 27.17
CA ARG E 151 9.48 -55.47 26.15
C ARG E 151 10.83 -56.13 26.27
N THR E 152 11.04 -56.85 27.37
CA THR E 152 12.30 -57.52 27.63
C THR E 152 12.50 -58.65 26.63
N GLU E 153 13.69 -58.70 26.03
CA GLU E 153 13.98 -59.69 25.01
C GLU E 153 13.80 -61.10 25.57
N TYR E 154 13.67 -62.06 24.66
CA TYR E 154 13.37 -63.43 25.07
C TYR E 154 14.60 -64.13 25.65
N HIS E 155 15.80 -63.70 25.28
CA HIS E 155 17.03 -64.24 25.83
C HIS E 155 17.46 -63.50 27.10
N HIS E 156 16.64 -62.59 27.60
CA HIS E 156 16.90 -61.91 28.87
C HIS E 156 15.89 -62.30 29.94
N THR E 157 14.98 -63.21 29.64
CA THR E 157 13.84 -63.48 30.50
C THR E 157 14.21 -64.38 31.67
N VAL E 158 13.64 -64.08 32.84
CA VAL E 158 13.66 -64.97 34.00
C VAL E 158 12.27 -64.96 34.60
N ILE E 159 11.50 -66.00 34.36
CA ILE E 159 10.11 -66.07 34.77
C ILE E 159 10.01 -66.58 36.21
N TYR E 160 9.23 -65.90 37.03
CA TYR E 160 9.03 -66.23 38.44
C TYR E 160 7.57 -66.66 38.61
N GLU E 161 7.31 -67.96 38.57
CA GLU E 161 5.97 -68.46 38.80
C GLU E 161 5.57 -68.16 40.24
N ALA E 162 4.60 -67.27 40.42
CA ALA E 162 4.23 -66.80 41.75
C ALA E 162 2.71 -66.76 41.86
N HIS E 163 2.19 -67.24 42.98
CA HIS E 163 0.76 -67.14 43.23
C HIS E 163 0.48 -65.83 43.95
N VAL E 164 -0.60 -65.16 43.53
CA VAL E 164 -0.92 -63.84 44.05
C VAL E 164 -1.14 -63.86 45.55
N LYS E 165 -1.73 -64.94 46.06
CA LYS E 165 -2.00 -65.03 47.49
C LYS E 165 -0.81 -65.59 48.28
N GLY E 166 -0.14 -66.60 47.74
CA GLY E 166 0.98 -67.21 48.46
C GLY E 166 2.16 -66.27 48.62
N LEU E 167 2.47 -65.48 47.58
CA LEU E 167 3.64 -64.62 47.61
C LEU E 167 3.62 -63.68 48.82
N THR E 168 2.50 -62.99 49.03
CA THR E 168 2.45 -61.85 49.96
C THR E 168 1.47 -62.06 51.10
N MET E 169 1.10 -63.30 51.42
CA MET E 169 0.22 -63.51 52.57
C MET E 169 1.00 -63.49 53.89
N LEU E 170 2.22 -64.01 53.89
CA LEU E 170 3.02 -64.08 55.11
C LEU E 170 4.14 -63.06 55.15
N HIS E 171 4.13 -62.09 54.25
CA HIS E 171 5.17 -61.07 54.20
C HIS E 171 5.08 -60.16 55.42
N PRO E 172 6.07 -60.15 56.32
CA PRO E 172 6.00 -59.26 57.47
C PRO E 172 6.43 -57.84 57.12
N ASP E 173 5.96 -57.37 55.96
CA ASP E 173 6.29 -56.05 55.49
C ASP E 173 5.09 -55.32 54.89
N LEU E 174 3.92 -55.97 54.82
CA LEU E 174 2.73 -55.40 54.24
C LEU E 174 1.68 -55.16 55.32
N PRO E 175 0.86 -54.13 55.16
CA PRO E 175 -0.30 -53.99 56.05
C PRO E 175 -1.25 -55.17 55.88
N GLU E 176 -1.92 -55.54 56.98
CA GLU E 176 -2.81 -56.70 56.98
C GLU E 176 -3.85 -56.65 55.86
N GLU E 177 -4.23 -55.44 55.45
CA GLU E 177 -5.21 -55.29 54.38
C GLU E 177 -4.70 -55.83 53.06
N LEU E 178 -3.45 -55.51 52.71
CA LEU E 178 -2.94 -55.79 51.38
C LEU E 178 -2.35 -57.18 51.23
N ARG E 179 -2.00 -57.85 52.33
CA ARG E 179 -1.43 -59.19 52.25
C ARG E 179 -2.35 -60.14 51.51
N GLY E 180 -1.82 -60.79 50.49
CA GLY E 180 -2.60 -61.72 49.69
C GLY E 180 -3.46 -61.09 48.62
N THR E 181 -3.13 -59.88 48.18
CA THR E 181 -3.93 -59.17 47.19
C THR E 181 -3.04 -58.67 46.06
N TYR E 182 -3.68 -58.29 44.94
CA TYR E 182 -2.96 -57.71 43.82
C TYR E 182 -2.11 -56.52 44.26
N ALA E 183 -2.59 -55.75 45.23
CA ALA E 183 -1.81 -54.61 45.73
C ALA E 183 -0.58 -55.08 46.49
N GLY E 184 -0.69 -56.17 47.24
CA GLY E 184 0.48 -56.74 47.89
C GLY E 184 1.54 -57.20 46.91
N LEU E 185 1.14 -57.52 45.68
CA LEU E 185 2.10 -57.87 44.63
C LEU E 185 2.96 -56.68 44.21
N ALA E 186 2.49 -55.46 44.43
CA ALA E 186 3.12 -54.24 43.92
C ALA E 186 3.68 -53.36 45.03
N HIS E 187 3.85 -53.91 46.23
CA HIS E 187 4.49 -53.17 47.30
C HIS E 187 5.94 -52.88 46.93
N PRO E 188 6.52 -51.78 47.44
CA PRO E 188 7.94 -51.52 47.15
C PRO E 188 8.87 -52.65 47.56
N SER E 189 8.60 -53.30 48.70
CA SER E 189 9.47 -54.36 49.18
C SER E 189 9.17 -55.71 48.56
N VAL E 190 8.05 -55.86 47.87
CA VAL E 190 7.77 -57.09 47.12
C VAL E 190 8.35 -57.00 45.72
N ILE E 191 8.09 -55.89 45.04
CA ILE E 191 8.76 -55.61 43.77
C ILE E 191 10.28 -55.63 43.97
N GLY E 192 10.74 -54.98 45.04
CA GLY E 192 12.17 -54.91 45.30
C GLY E 192 12.82 -56.27 45.44
N HIS E 193 12.18 -57.19 46.17
CA HIS E 193 12.71 -58.55 46.28
C HIS E 193 12.85 -59.19 44.91
N LEU E 194 11.79 -59.11 44.10
CA LEU E 194 11.84 -59.67 42.74
C LEU E 194 12.97 -59.03 41.95
N ARG E 195 13.06 -57.70 41.98
CA ARG E 195 14.12 -56.99 41.27
C ARG E 195 15.51 -57.45 41.72
N GLU E 196 15.68 -57.61 43.04
CA GLU E 196 16.96 -58.11 43.56
C GLU E 196 17.31 -59.46 42.95
N LEU E 197 16.32 -60.33 42.81
CA LEU E 197 16.58 -61.69 42.32
C LEU E 197 16.90 -61.71 40.83
N GLY E 198 16.54 -60.66 40.09
CA GLY E 198 16.85 -60.61 38.68
C GLY E 198 15.79 -61.26 37.82
N VAL E 199 14.54 -60.84 37.99
CA VAL E 199 13.42 -61.42 37.27
C VAL E 199 12.90 -60.41 36.27
N THR E 200 12.37 -60.91 35.17
CA THR E 200 11.82 -60.08 34.11
C THR E 200 10.33 -60.25 33.91
N ALA E 201 9.77 -61.41 34.26
CA ALA E 201 8.37 -61.69 34.03
C ALA E 201 7.79 -62.37 35.26
N LEU E 202 6.57 -61.98 35.61
CA LEU E 202 5.88 -62.48 36.80
C LEU E 202 4.75 -63.38 36.36
N GLU E 203 4.88 -64.68 36.63
CA GLU E 203 3.84 -65.64 36.27
C GLU E 203 2.85 -65.76 37.42
N LEU E 204 1.69 -65.13 37.25
CA LEU E 204 0.62 -65.19 38.24
C LEU E 204 -0.18 -66.46 38.06
N MET E 205 -0.16 -67.33 39.07
CA MET E 205 -1.03 -68.48 39.04
C MET E 205 -2.49 -68.01 38.92
N PRO E 206 -3.37 -68.81 38.28
CA PRO E 206 -4.57 -68.27 37.62
C PRO E 206 -5.29 -67.13 38.32
N VAL E 207 -5.58 -66.07 37.56
CA VAL E 207 -6.24 -64.89 38.11
C VAL E 207 -7.61 -64.64 37.51
N HIS E 208 -7.95 -65.26 36.37
CA HIS E 208 -9.33 -65.33 35.95
C HIS E 208 -10.18 -65.86 37.11
N GLN E 209 -11.31 -65.22 37.35
CA GLN E 209 -12.08 -65.55 38.55
C GLN E 209 -12.54 -67.00 38.50
N PHE E 210 -12.20 -67.75 39.54
CA PHE E 210 -12.47 -69.16 39.62
C PHE E 210 -13.46 -69.46 40.73
N VAL E 211 -14.22 -70.54 40.56
CA VAL E 211 -15.22 -70.97 41.52
C VAL E 211 -14.59 -71.99 42.46
N ASN E 212 -14.96 -71.92 43.74
CA ASN E 212 -14.47 -72.86 44.73
C ASN E 212 -15.24 -74.16 44.61
N ASP E 213 -14.56 -75.21 44.16
CA ASP E 213 -15.22 -76.47 43.83
C ASP E 213 -16.06 -76.98 44.99
N HIS E 214 -17.31 -77.34 44.68
CA HIS E 214 -18.21 -77.91 45.68
C HIS E 214 -17.58 -79.13 46.36
N ARG E 215 -16.84 -79.92 45.58
CA ARG E 215 -16.09 -81.04 46.13
C ARG E 215 -15.15 -80.60 47.25
N LEU E 216 -14.57 -79.40 47.13
CA LEU E 216 -13.59 -78.91 48.10
C LEU E 216 -14.26 -78.17 49.26
N VAL E 217 -15.15 -77.23 48.96
CA VAL E 217 -15.84 -76.50 50.02
C VAL E 217 -16.58 -77.47 50.93
N ASP E 218 -17.32 -78.41 50.34
CA ASP E 218 -17.92 -79.47 51.15
C ASP E 218 -16.94 -80.61 51.40
N ALA E 219 -15.70 -80.26 51.76
CA ALA E 219 -14.73 -81.19 52.31
C ALA E 219 -13.82 -80.48 53.31
N GLY E 220 -14.09 -79.22 53.63
CA GLY E 220 -13.24 -78.45 54.51
C GLY E 220 -12.05 -77.80 53.85
N LEU E 221 -12.06 -77.66 52.53
CA LEU E 221 -10.94 -77.09 51.78
C LEU E 221 -11.41 -75.90 50.96
N SER E 222 -10.51 -75.40 50.11
CA SER E 222 -10.85 -74.40 49.12
C SER E 222 -9.96 -74.61 47.91
N ASN E 223 -10.43 -74.14 46.75
CA ASN E 223 -9.58 -74.14 45.57
C ASN E 223 -8.54 -73.04 45.72
N TYR E 224 -7.27 -73.45 45.81
CA TYR E 224 -6.19 -72.53 46.11
C TYR E 224 -5.48 -72.02 44.87
N TRP E 225 -5.04 -72.92 44.00
CA TRP E 225 -4.39 -72.49 42.76
C TRP E 225 -5.36 -71.72 41.88
N GLY E 226 -6.50 -72.31 41.57
CA GLY E 226 -7.52 -71.65 40.79
C GLY E 226 -7.66 -72.16 39.36
N TYR E 227 -7.17 -73.36 39.05
CA TYR E 227 -7.29 -73.89 37.70
C TYR E 227 -8.68 -74.48 37.50
N ASN E 228 -9.71 -73.69 37.86
CA ASN E 228 -11.11 -74.08 37.68
C ASN E 228 -11.91 -72.78 37.58
N THR E 229 -12.04 -72.27 36.35
CA THR E 229 -12.41 -70.87 36.13
C THR E 229 -13.72 -70.74 35.36
N ILE E 230 -14.43 -69.64 35.62
CA ILE E 230 -15.56 -69.23 34.78
C ILE E 230 -15.46 -67.79 34.31
N GLY E 231 -14.75 -66.90 35.00
CA GLY E 231 -14.63 -65.54 34.52
C GLY E 231 -13.34 -65.30 33.78
N PHE E 232 -13.39 -65.39 32.45
CA PHE E 232 -12.21 -65.26 31.61
C PHE E 232 -11.84 -63.80 31.34
N PHE E 233 -12.56 -62.85 31.95
CA PHE E 233 -12.28 -61.44 31.78
C PHE E 233 -12.11 -60.69 33.09
N ALA E 234 -12.50 -61.28 34.23
CA ALA E 234 -12.47 -60.64 35.52
C ALA E 234 -11.28 -61.11 36.35
N PRO E 235 -10.74 -60.24 37.18
CA PRO E 235 -9.79 -60.68 38.20
C PRO E 235 -10.53 -61.35 39.35
N HIS E 236 -9.80 -62.19 40.08
CA HIS E 236 -10.42 -62.96 41.15
C HIS E 236 -10.86 -62.05 42.29
N ASN E 237 -12.08 -62.27 42.77
CA ASN E 237 -12.73 -61.40 43.74
C ASN E 237 -12.19 -61.57 45.16
N ALA E 238 -11.35 -62.57 45.41
CA ALA E 238 -10.72 -62.73 46.71
C ALA E 238 -9.31 -62.17 46.76
N TYR E 239 -8.67 -61.97 45.61
CA TYR E 239 -7.32 -61.41 45.54
C TYR E 239 -7.31 -59.89 45.52
N ALA E 240 -8.43 -59.26 45.88
CA ALA E 240 -8.54 -57.80 45.83
C ALA E 240 -9.31 -57.32 47.06
N SER E 241 -8.67 -56.50 47.88
CA SER E 241 -9.33 -55.87 49.01
C SER E 241 -10.05 -54.58 48.64
N TRP E 242 -10.05 -54.20 47.35
CA TRP E 242 -10.70 -52.97 46.93
C TRP E 242 -12.15 -53.15 46.50
N GLY E 243 -12.65 -54.38 46.41
CA GLY E 243 -14.07 -54.60 46.19
C GLY E 243 -14.36 -55.61 45.09
N ASP E 244 -15.66 -55.88 44.91
CA ASP E 244 -16.12 -56.84 43.92
C ASP E 244 -17.10 -56.27 42.90
N ARG E 245 -17.58 -55.05 43.09
CA ARG E 245 -18.44 -54.40 42.11
C ARG E 245 -17.64 -53.61 41.08
N GLY E 246 -16.65 -54.28 40.47
CA GLY E 246 -15.82 -53.67 39.48
C GLY E 246 -14.51 -53.12 40.01
N GLN E 247 -14.41 -52.86 41.31
CA GLN E 247 -13.19 -52.28 41.84
C GLN E 247 -12.06 -53.30 41.98
N GLN E 248 -12.29 -54.55 41.60
CA GLN E 248 -11.19 -55.51 41.52
C GLN E 248 -10.44 -55.38 40.20
N VAL E 249 -11.10 -54.91 39.13
CA VAL E 249 -10.38 -54.67 37.89
C VAL E 249 -9.44 -53.49 38.05
N LEU E 250 -9.67 -52.65 39.06
CA LEU E 250 -8.78 -51.53 39.33
C LEU E 250 -7.49 -52.01 39.99
N GLU E 251 -7.60 -52.96 40.93
CA GLU E 251 -6.41 -53.48 41.60
C GLU E 251 -5.43 -54.05 40.60
N PHE E 252 -5.92 -54.81 39.62
CA PHE E 252 -5.04 -55.46 38.68
C PHE E 252 -4.35 -54.43 37.77
N LYS E 253 -5.11 -53.48 37.23
CA LYS E 253 -4.52 -52.43 36.42
C LYS E 253 -3.51 -51.61 37.22
N SER E 254 -3.78 -51.40 38.50
CA SER E 254 -2.82 -50.72 39.36
C SER E 254 -1.72 -51.64 39.85
N ALA E 255 -1.97 -52.95 39.91
CA ALA E 255 -0.89 -53.89 40.20
C ALA E 255 0.00 -54.12 38.99
N VAL E 256 -0.50 -53.89 37.78
CA VAL E 256 0.29 -54.01 36.56
C VAL E 256 1.04 -52.72 36.26
N ARG E 257 0.38 -51.57 36.46
CA ARG E 257 1.05 -50.28 36.27
C ARG E 257 2.27 -50.13 37.17
N ALA E 258 2.22 -50.72 38.37
CA ALA E 258 3.34 -50.60 39.29
C ALA E 258 4.50 -51.49 38.86
N LEU E 259 4.22 -52.75 38.50
CA LEU E 259 5.28 -53.67 38.09
C LEU E 259 5.90 -53.27 36.76
N HIS E 260 5.13 -52.64 35.87
CA HIS E 260 5.69 -52.15 34.62
C HIS E 260 6.63 -50.99 34.84
N GLN E 261 6.44 -50.25 35.94
CA GLN E 261 7.35 -49.17 36.29
C GLN E 261 8.75 -49.70 36.58
N ALA E 262 8.83 -50.83 37.29
CA ALA E 262 10.11 -51.40 37.69
C ALA E 262 10.67 -52.40 36.68
N GLY E 263 10.08 -52.49 35.49
CA GLY E 263 10.62 -53.33 34.44
C GLY E 263 10.33 -54.81 34.58
N ILE E 264 9.35 -55.19 35.39
CA ILE E 264 9.02 -56.60 35.61
C ILE E 264 7.76 -56.91 34.82
N GLU E 265 7.89 -57.76 33.81
CA GLU E 265 6.73 -58.12 32.99
C GLU E 265 5.75 -58.97 33.80
N VAL E 266 4.52 -59.01 33.31
CA VAL E 266 3.43 -59.75 33.97
C VAL E 266 2.91 -60.78 32.98
N ILE E 267 3.12 -62.05 33.28
CA ILE E 267 2.65 -63.16 32.46
C ILE E 267 1.69 -63.98 33.32
N LEU E 268 0.39 -63.70 33.25
CA LEU E 268 -0.53 -64.46 34.08
C LEU E 268 -0.86 -65.81 33.44
N ASP E 269 -1.15 -66.79 34.29
CA ASP E 269 -1.49 -68.13 33.84
C ASP E 269 -2.95 -68.17 33.40
N VAL E 270 -3.19 -68.78 32.23
CA VAL E 270 -4.53 -68.90 31.69
C VAL E 270 -4.94 -70.38 31.68
N VAL E 271 -6.21 -70.65 31.97
CA VAL E 271 -6.74 -72.00 32.03
C VAL E 271 -7.94 -72.01 31.09
N TYR E 272 -7.72 -72.36 29.83
CA TYR E 272 -8.73 -72.22 28.79
C TYR E 272 -9.32 -73.55 28.33
N ASN E 273 -8.87 -74.67 28.90
CA ASN E 273 -9.28 -75.97 28.39
C ASN E 273 -10.61 -76.44 28.95
N HIS E 274 -10.98 -75.97 30.13
CA HIS E 274 -12.16 -76.46 30.83
C HIS E 274 -12.85 -75.29 31.51
N THR E 275 -13.85 -75.61 32.34
CA THR E 275 -14.62 -74.61 33.05
C THR E 275 -14.92 -75.11 34.45
N ALA E 276 -15.21 -74.17 35.36
CA ALA E 276 -15.65 -74.51 36.70
C ALA E 276 -17.04 -75.13 36.72
N GLU E 277 -17.67 -75.33 35.56
CA GLU E 277 -18.97 -75.99 35.49
C GLU E 277 -18.86 -77.51 35.57
N GLY E 278 -17.70 -78.07 35.24
CA GLY E 278 -17.52 -79.50 35.21
C GLY E 278 -18.48 -80.17 34.21
N ASN E 279 -18.47 -81.51 34.26
CA ASN E 279 -19.39 -82.29 33.43
C ASN E 279 -20.82 -82.11 33.95
N HIS E 280 -21.76 -82.80 33.33
CA HIS E 280 -23.08 -82.93 33.93
C HIS E 280 -22.92 -83.50 35.34
N LEU E 281 -23.84 -83.13 36.22
CA LEU E 281 -23.76 -83.20 37.68
C LEU E 281 -22.93 -82.04 38.22
N GLY E 282 -22.40 -81.18 37.36
CA GLY E 282 -21.77 -79.95 37.80
C GLY E 282 -22.78 -78.82 37.82
N PRO E 283 -22.35 -77.64 38.21
CA PRO E 283 -23.28 -76.50 38.29
C PRO E 283 -23.61 -75.96 36.90
N THR E 284 -24.72 -75.22 36.84
CA THR E 284 -25.09 -74.45 35.67
C THR E 284 -24.98 -72.99 36.09
N LEU E 285 -23.82 -72.39 35.81
CA LEU E 285 -23.53 -71.03 36.23
C LEU E 285 -23.35 -70.08 35.07
N SER E 286 -22.53 -70.44 34.08
CA SER E 286 -22.20 -69.51 33.01
C SER E 286 -22.70 -69.96 31.64
N MET E 287 -22.31 -71.13 31.17
CA MET E 287 -22.44 -71.47 29.75
C MET E 287 -23.33 -72.65 29.46
N ARG E 288 -23.39 -73.63 30.37
CA ARG E 288 -24.34 -74.74 30.30
C ARG E 288 -25.75 -74.23 30.02
N GLY E 289 -26.12 -73.13 30.66
CA GLY E 289 -27.43 -72.53 30.52
C GLY E 289 -27.58 -71.51 29.42
N LEU E 290 -26.49 -71.14 28.74
CA LEU E 290 -26.59 -70.24 27.59
C LEU E 290 -26.71 -71.03 26.28
N ASP E 291 -25.69 -71.82 25.98
CA ASP E 291 -25.68 -72.67 24.79
C ASP E 291 -24.72 -73.82 25.07
N ASN E 292 -25.27 -74.99 25.36
CA ASN E 292 -24.40 -76.11 25.71
C ASN E 292 -23.73 -76.76 24.49
N PRO E 293 -24.44 -77.00 23.37
CA PRO E 293 -23.79 -77.70 22.26
C PRO E 293 -22.60 -76.97 21.66
N SER E 294 -22.65 -75.64 21.58
CA SER E 294 -21.62 -74.88 20.90
C SER E 294 -20.56 -74.31 21.84
N TYR E 295 -20.57 -74.71 23.11
CA TYR E 295 -19.53 -74.31 24.05
C TYR E 295 -18.65 -75.48 24.47
N TYR E 296 -19.25 -76.57 24.93
CA TYR E 296 -18.52 -77.71 25.46
C TYR E 296 -18.42 -78.81 24.42
N ARG E 297 -17.28 -79.49 24.40
CA ARG E 297 -17.14 -80.69 23.58
C ARG E 297 -17.91 -81.84 24.21
N LEU E 298 -19.16 -82.02 23.81
CA LEU E 298 -19.98 -83.10 24.32
C LEU E 298 -19.52 -84.44 23.72
N ALA E 299 -19.86 -85.52 24.42
CA ALA E 299 -19.55 -86.84 23.93
C ALA E 299 -20.46 -87.18 22.74
N ASP E 300 -20.32 -88.40 22.23
CA ASP E 300 -21.32 -88.90 21.29
C ASP E 300 -22.54 -89.44 22.01
N ASP E 301 -22.97 -88.68 22.99
CA ASP E 301 -24.16 -88.80 23.82
C ASP E 301 -24.36 -87.43 24.43
N PRO E 302 -25.20 -86.58 23.84
CA PRO E 302 -25.22 -85.17 24.21
C PRO E 302 -25.51 -84.91 25.69
N ARG E 303 -25.81 -85.96 26.46
CA ARG E 303 -25.95 -85.86 27.91
C ARG E 303 -24.62 -85.81 28.64
N TYR E 304 -23.54 -86.31 28.03
CA TYR E 304 -22.26 -86.45 28.69
C TYR E 304 -21.20 -85.64 27.96
N TYR E 305 -20.15 -85.29 28.70
CA TYR E 305 -19.09 -84.39 28.23
C TYR E 305 -17.79 -85.18 28.14
N MET E 306 -17.21 -85.22 26.93
CA MET E 306 -15.83 -85.70 26.82
C MET E 306 -14.90 -84.80 27.61
N ASP E 307 -13.80 -85.38 28.08
CA ASP E 307 -12.84 -84.64 28.90
C ASP E 307 -11.44 -85.01 28.46
N THR E 308 -10.68 -84.02 28.01
CA THR E 308 -9.26 -84.19 27.70
C THR E 308 -8.37 -83.48 28.71
N THR E 309 -8.94 -83.05 29.83
CA THR E 309 -8.19 -82.39 30.90
C THR E 309 -8.26 -83.12 32.23
N GLY E 310 -9.21 -84.03 32.41
CA GLY E 310 -9.39 -84.67 33.70
C GLY E 310 -10.05 -83.80 34.74
N THR E 311 -10.80 -82.78 34.33
CA THR E 311 -11.42 -81.83 35.24
C THR E 311 -12.89 -81.63 34.92
N GLY E 312 -13.58 -82.69 34.50
CA GLY E 312 -14.99 -82.61 34.18
C GLY E 312 -15.34 -82.36 32.73
N ASN E 313 -14.87 -81.25 32.16
CA ASN E 313 -15.32 -80.87 30.82
C ASN E 313 -14.17 -80.46 29.91
N SER E 314 -14.51 -80.01 28.71
CA SER E 314 -13.55 -79.57 27.71
C SER E 314 -14.24 -78.59 26.77
N LEU E 315 -13.52 -77.55 26.36
CA LEU E 315 -14.10 -76.51 25.50
C LEU E 315 -13.97 -76.91 24.04
N LEU E 316 -15.07 -76.72 23.30
CA LEU E 316 -15.04 -76.94 21.86
C LEU E 316 -14.06 -75.99 21.19
N MET E 317 -13.05 -76.55 20.53
CA MET E 317 -12.04 -75.75 19.84
C MET E 317 -12.34 -75.62 18.35
N ARG E 318 -13.51 -76.07 17.92
CA ARG E 318 -13.97 -75.89 16.55
C ARG E 318 -15.14 -74.92 16.43
N SER E 319 -15.89 -74.71 17.51
CA SER E 319 -16.98 -73.75 17.49
C SER E 319 -16.40 -72.34 17.47
N PRO E 320 -16.75 -71.50 16.49
CA PRO E 320 -16.15 -70.15 16.43
C PRO E 320 -16.44 -69.30 17.66
N HIS E 321 -17.60 -69.49 18.29
CA HIS E 321 -17.98 -68.65 19.42
C HIS E 321 -17.14 -68.93 20.65
N VAL E 322 -16.61 -70.16 20.79
CA VAL E 322 -15.63 -70.42 21.85
C VAL E 322 -14.27 -69.87 21.44
N LEU E 323 -13.87 -70.10 20.19
CA LEU E 323 -12.66 -69.49 19.66
C LEU E 323 -12.72 -67.98 19.79
N GLN E 324 -13.89 -67.39 19.53
CA GLN E 324 -14.03 -65.94 19.60
C GLN E 324 -13.89 -65.43 21.02
N LEU E 325 -14.47 -66.15 22.00
CA LEU E 325 -14.40 -65.70 23.38
C LEU E 325 -12.98 -65.75 23.90
N ILE E 326 -12.24 -66.83 23.59
CA ILE E 326 -10.87 -66.95 24.05
C ILE E 326 -10.00 -65.86 23.43
N MET E 327 -10.13 -65.67 22.11
CA MET E 327 -9.40 -64.60 21.45
C MET E 327 -9.77 -63.23 22.01
N ASP E 328 -11.07 -62.99 22.22
CA ASP E 328 -11.50 -61.73 22.82
C ASP E 328 -11.03 -61.58 24.26
N SER E 329 -10.73 -62.69 24.94
CA SER E 329 -10.20 -62.60 26.29
C SER E 329 -8.71 -62.32 26.28
N LEU E 330 -7.95 -63.08 25.47
CA LEU E 330 -6.51 -62.85 25.36
C LEU E 330 -6.20 -61.42 24.95
N ARG E 331 -6.99 -60.86 24.02
CA ARG E 331 -6.77 -59.49 23.61
C ARG E 331 -7.12 -58.51 24.72
N TYR E 332 -8.18 -58.80 25.49
CA TYR E 332 -8.58 -57.90 26.57
C TYR E 332 -7.51 -57.82 27.65
N TRP E 333 -6.92 -58.95 28.02
CA TRP E 333 -5.86 -58.90 29.01
C TRP E 333 -4.58 -58.27 28.47
N VAL E 334 -4.44 -58.17 27.15
CA VAL E 334 -3.30 -57.47 26.55
C VAL E 334 -3.60 -55.98 26.42
N THR E 335 -4.64 -55.65 25.66
CA THR E 335 -4.92 -54.26 25.31
C THR E 335 -5.76 -53.52 26.35
N GLU E 336 -6.12 -54.17 27.45
CA GLU E 336 -6.83 -53.48 28.53
C GLU E 336 -6.25 -53.77 29.90
N MET E 337 -5.52 -54.87 30.07
CA MET E 337 -4.91 -55.18 31.35
C MET E 337 -3.38 -55.07 31.26
N HIS E 338 -2.91 -54.78 30.04
CA HIS E 338 -1.50 -54.50 29.76
C HIS E 338 -0.62 -55.71 30.13
N VAL E 339 -1.20 -56.91 30.12
CA VAL E 339 -0.41 -58.11 30.35
C VAL E 339 0.57 -58.31 29.19
N ASP E 340 1.74 -58.87 29.50
CA ASP E 340 2.82 -59.02 28.54
C ASP E 340 2.93 -60.44 27.99
N GLY E 341 2.23 -61.42 28.56
CA GLY E 341 2.31 -62.78 28.05
C GLY E 341 1.34 -63.69 28.77
N PHE E 342 1.18 -64.88 28.20
CA PHE E 342 0.27 -65.87 28.76
C PHE E 342 0.94 -67.24 28.81
N ARG E 343 0.52 -68.04 29.77
CA ARG E 343 0.89 -69.45 29.87
C ARG E 343 -0.39 -70.28 29.78
N PHE E 344 -0.44 -71.20 28.81
CA PHE E 344 -1.67 -71.90 28.46
C PHE E 344 -1.66 -73.27 29.12
N ASP E 345 -2.36 -73.38 30.25
CA ASP E 345 -2.45 -74.65 30.96
C ASP E 345 -3.18 -75.70 30.12
N LEU E 346 -2.61 -76.90 30.05
CA LEU E 346 -3.09 -78.00 29.20
C LEU E 346 -3.43 -77.48 27.80
N ALA E 347 -2.42 -76.86 27.18
CA ALA E 347 -2.63 -76.23 25.88
C ALA E 347 -2.94 -77.25 24.78
N ALA E 348 -2.46 -78.48 24.95
CA ALA E 348 -2.74 -79.52 23.95
C ALA E 348 -4.23 -79.74 23.78
N THR E 349 -5.02 -79.50 24.83
CA THR E 349 -6.48 -79.54 24.70
C THR E 349 -6.98 -78.38 23.85
N LEU E 350 -6.35 -77.20 23.98
CA LEU E 350 -6.72 -76.05 23.15
C LEU E 350 -6.46 -76.30 21.67
N ALA E 351 -5.77 -77.38 21.31
CA ALA E 351 -5.47 -77.71 19.93
C ALA E 351 -6.40 -78.76 19.34
N ARG E 352 -7.20 -79.44 20.15
CA ARG E 352 -7.99 -80.56 19.67
C ARG E 352 -9.13 -80.08 18.80
N GLN E 353 -8.91 -80.06 17.48
CA GLN E 353 -9.90 -79.50 16.56
C GLN E 353 -11.17 -80.34 16.56
N PHE E 354 -11.06 -81.63 16.24
CA PHE E 354 -12.17 -82.55 16.42
C PHE E 354 -11.88 -83.59 17.50
N HIS E 355 -10.87 -84.42 17.32
CA HIS E 355 -10.32 -85.24 18.39
C HIS E 355 -8.81 -85.22 18.43
N GLU E 356 -8.15 -85.24 17.28
CA GLU E 356 -6.70 -85.32 17.21
C GLU E 356 -6.08 -83.95 17.48
N VAL E 357 -4.80 -83.98 17.82
CA VAL E 357 -4.03 -82.75 17.97
C VAL E 357 -3.79 -82.19 16.58
N ASP E 358 -4.54 -81.17 16.20
CA ASP E 358 -4.43 -80.56 14.88
C ASP E 358 -3.33 -79.51 14.93
N ARG E 359 -2.23 -79.77 14.22
CA ARG E 359 -1.19 -78.75 14.08
C ARG E 359 -1.76 -77.49 13.44
N LEU E 360 -2.66 -77.66 12.47
CA LEU E 360 -3.36 -76.55 11.83
C LEU E 360 -4.69 -76.24 12.48
N SER E 361 -4.83 -76.55 13.77
CA SER E 361 -6.06 -76.20 14.49
C SER E 361 -6.34 -74.72 14.35
N SER E 362 -7.64 -74.39 14.29
CA SER E 362 -8.05 -72.99 14.18
C SER E 362 -7.45 -72.15 15.29
N PHE E 363 -7.31 -72.74 16.48
CA PHE E 363 -6.72 -72.04 17.62
C PHE E 363 -5.33 -71.51 17.28
N PHE E 364 -4.42 -72.39 16.85
CA PHE E 364 -3.10 -71.94 16.43
C PHE E 364 -3.19 -70.96 15.28
N ASP E 365 -4.08 -71.23 14.32
CA ASP E 365 -4.29 -70.29 13.22
C ASP E 365 -4.77 -68.93 13.73
N LEU E 366 -5.48 -68.92 14.87
CA LEU E 366 -6.04 -67.68 15.40
C LEU E 366 -4.99 -66.89 16.18
N VAL E 367 -4.31 -67.55 17.12
CA VAL E 367 -3.29 -66.88 17.92
C VAL E 367 -2.14 -66.41 17.04
N GLN E 368 -1.86 -67.16 15.97
CA GLN E 368 -0.74 -66.81 15.10
C GLN E 368 -0.98 -65.49 14.37
N GLN E 369 -2.18 -65.31 13.83
CA GLN E 369 -2.43 -64.20 12.92
C GLN E 369 -2.90 -62.93 13.62
N ASP E 370 -3.36 -63.02 14.86
CA ASP E 370 -3.91 -61.85 15.52
C ASP E 370 -2.80 -60.88 15.91
N PRO E 371 -2.84 -59.63 15.44
CA PRO E 371 -1.73 -58.70 15.74
C PRO E 371 -1.56 -58.39 17.21
N VAL E 372 -2.61 -58.58 18.02
CA VAL E 372 -2.49 -58.33 19.46
C VAL E 372 -1.77 -59.48 20.15
N VAL E 373 -2.29 -60.70 20.00
CA VAL E 373 -1.85 -61.82 20.84
C VAL E 373 -0.61 -62.51 20.28
N SER E 374 -0.41 -62.49 18.95
CA SER E 374 0.77 -63.14 18.39
C SER E 374 2.07 -62.50 18.84
N GLN E 375 2.01 -61.26 19.34
CA GLN E 375 3.22 -60.54 19.70
C GLN E 375 3.60 -60.69 21.17
N VAL E 376 2.63 -60.93 22.05
CA VAL E 376 2.94 -61.14 23.46
C VAL E 376 3.52 -62.55 23.61
N LYS E 377 4.13 -62.81 24.77
CA LYS E 377 4.73 -64.11 25.02
C LYS E 377 3.66 -65.19 25.05
N LEU E 378 3.84 -66.22 24.21
CA LEU E 378 2.92 -67.35 24.12
C LEU E 378 3.66 -68.58 24.67
N ILE E 379 3.34 -68.95 25.90
CA ILE E 379 3.97 -70.08 26.57
C ILE E 379 2.93 -71.17 26.75
N ALA E 380 3.32 -72.41 26.46
CA ALA E 380 2.37 -73.52 26.41
C ALA E 380 2.82 -74.67 27.29
N GLU E 381 1.85 -75.30 27.95
CA GLU E 381 2.04 -76.59 28.59
C GLU E 381 1.69 -77.66 27.56
N PRO E 382 2.68 -78.24 26.88
CA PRO E 382 2.41 -79.02 25.67
C PRO E 382 2.02 -80.48 25.96
N TRP E 383 0.90 -80.64 26.68
CA TRP E 383 0.35 -81.96 26.91
C TRP E 383 -1.06 -81.82 27.46
N ASP E 384 -1.81 -82.91 27.38
CA ASP E 384 -3.13 -83.01 28.01
C ASP E 384 -3.47 -84.48 28.15
N VAL E 385 -4.23 -84.80 29.19
CA VAL E 385 -4.40 -86.18 29.65
C VAL E 385 -5.15 -87.04 28.64
N GLY E 386 -5.59 -86.45 27.53
CA GLY E 386 -6.28 -87.20 26.51
C GLY E 386 -5.36 -88.02 25.62
N GLU E 387 -6.00 -88.82 24.76
CA GLU E 387 -5.28 -89.65 23.80
C GLU E 387 -4.32 -88.81 22.97
N GLY E 388 -3.12 -89.35 22.74
CA GLY E 388 -2.08 -88.63 22.04
C GLY E 388 -1.75 -87.32 22.73
N GLY E 389 -1.52 -87.38 24.03
CA GLY E 389 -1.42 -86.19 24.85
C GLY E 389 -0.08 -85.49 24.87
N TYR E 390 0.98 -86.23 25.17
CA TYR E 390 2.29 -85.60 25.36
C TYR E 390 2.78 -84.99 24.07
N GLN E 391 2.74 -83.65 23.98
CA GLN E 391 3.10 -82.91 22.79
C GLN E 391 4.34 -82.04 23.01
N VAL E 392 5.28 -82.53 23.81
CA VAL E 392 6.53 -81.80 24.02
C VAL E 392 7.32 -81.81 22.72
N GLY E 393 7.59 -80.62 22.18
CA GLY E 393 8.43 -80.49 21.01
C GLY E 393 7.72 -80.58 19.67
N ASN E 394 6.41 -80.36 19.63
CA ASN E 394 5.67 -80.47 18.38
C ASN E 394 4.77 -79.28 18.07
N PHE E 395 4.65 -78.31 18.98
CA PHE E 395 3.78 -77.16 18.74
C PHE E 395 4.31 -76.34 17.57
N PRO E 396 3.47 -75.44 17.03
CA PRO E 396 3.94 -74.50 16.00
C PRO E 396 5.14 -73.70 16.47
N PRO E 397 5.97 -73.24 15.53
CA PRO E 397 7.25 -72.60 15.94
C PRO E 397 7.07 -71.31 16.74
N LEU E 398 5.97 -70.58 16.56
CA LEU E 398 5.76 -69.34 17.30
C LEU E 398 5.63 -69.57 18.79
N TRP E 399 5.43 -70.80 19.24
CA TRP E 399 5.13 -71.11 20.64
C TRP E 399 6.39 -71.43 21.43
N THR E 400 6.33 -71.12 22.72
CA THR E 400 7.27 -71.61 23.72
C THR E 400 6.63 -72.77 24.46
N GLU E 401 7.46 -73.59 25.10
CA GLU E 401 6.95 -74.80 25.75
C GLU E 401 7.59 -74.98 27.13
N TRP E 402 6.86 -75.68 27.99
CA TRP E 402 7.33 -76.10 29.31
C TRP E 402 8.07 -77.41 29.13
N ASN E 403 9.40 -77.36 29.19
CA ASN E 403 10.22 -78.53 28.89
C ASN E 403 10.17 -79.48 30.09
N GLY E 404 9.15 -80.35 30.11
CA GLY E 404 9.11 -81.39 31.11
C GLY E 404 10.30 -82.31 31.05
N LYS E 405 10.83 -82.56 29.85
CA LYS E 405 12.02 -83.37 29.69
C LYS E 405 13.29 -82.65 30.12
N TYR E 406 13.22 -81.38 30.48
CA TYR E 406 14.33 -80.74 31.17
C TYR E 406 14.20 -80.94 32.68
N ARG E 407 13.02 -80.65 33.23
CA ARG E 407 12.76 -80.89 34.65
C ARG E 407 13.12 -82.32 35.03
N ASP E 408 12.59 -83.30 34.27
CA ASP E 408 12.85 -84.70 34.59
C ASP E 408 14.33 -85.05 34.43
N CYS E 409 14.86 -84.89 33.22
CA CYS E 409 16.22 -85.33 32.91
C CYS E 409 17.30 -84.55 33.66
N VAL E 410 16.93 -83.52 34.42
CA VAL E 410 17.84 -82.85 35.34
C VAL E 410 17.69 -83.39 36.75
N ARG E 411 16.45 -83.47 37.23
CA ARG E 411 16.21 -84.06 38.55
C ARG E 411 16.74 -85.48 38.64
N ASP E 412 16.76 -86.20 37.52
CA ASP E 412 17.37 -87.53 37.50
C ASP E 412 18.89 -87.44 37.60
N LEU E 413 19.50 -86.34 37.14
CA LEU E 413 20.95 -86.26 37.12
C LEU E 413 21.53 -86.13 38.53
N TRP E 414 20.93 -85.30 39.37
CA TRP E 414 21.34 -85.22 40.77
C TRP E 414 20.68 -86.29 41.61
N ARG E 415 19.64 -86.94 41.10
CA ARG E 415 19.08 -88.11 41.76
C ARG E 415 20.10 -89.23 41.87
N GLY E 416 20.96 -89.35 40.87
CA GLY E 416 21.92 -90.43 40.79
C GLY E 416 21.58 -91.51 39.79
N GLU E 417 20.42 -91.42 39.14
CA GLU E 417 20.05 -92.37 38.12
C GLU E 417 21.13 -92.43 37.04
N PRO E 418 21.41 -93.60 36.47
CA PRO E 418 22.40 -93.63 35.38
C PRO E 418 21.79 -93.13 34.09
N ARG E 419 21.09 -91.99 34.17
CA ARG E 419 20.65 -91.30 32.97
C ARG E 419 21.89 -90.89 32.19
N THR E 420 22.11 -91.52 31.05
CA THR E 420 23.21 -91.17 30.16
C THR E 420 23.33 -89.66 30.02
N LEU E 421 24.54 -89.14 30.29
CA LEU E 421 24.78 -87.70 30.17
C LEU E 421 24.26 -87.16 28.85
N ALA E 422 24.25 -88.01 27.80
CA ALA E 422 23.68 -87.63 26.52
C ALA E 422 22.25 -87.12 26.65
N GLU E 423 21.45 -87.75 27.53
CA GLU E 423 20.09 -87.28 27.73
C GLU E 423 20.04 -85.98 28.53
N PHE E 424 21.10 -85.66 29.26
CA PHE E 424 21.25 -84.36 29.90
C PHE E 424 22.08 -83.39 29.08
N ALA E 425 23.02 -83.90 28.28
CA ALA E 425 23.97 -83.04 27.59
C ALA E 425 23.27 -82.01 26.72
N SER E 426 22.39 -82.47 25.83
CA SER E 426 21.68 -81.53 24.95
C SER E 426 20.68 -80.68 25.71
N ARG E 427 20.38 -81.00 26.97
CA ARG E 427 19.56 -80.12 27.80
C ARG E 427 20.34 -78.91 28.30
N LEU E 428 21.67 -79.00 28.35
CA LEU E 428 22.49 -77.82 28.55
C LEU E 428 22.68 -77.04 27.26
N THR E 429 22.41 -77.67 26.13
CA THR E 429 22.36 -77.01 24.83
C THR E 429 20.98 -76.41 24.55
N GLY E 430 20.04 -76.56 25.47
CA GLY E 430 18.69 -76.07 25.26
C GLY E 430 17.75 -77.05 24.61
N SER E 431 18.00 -78.36 24.75
CA SER E 431 17.14 -79.42 24.23
C SER E 431 16.98 -79.29 22.71
N SER E 432 18.11 -79.49 22.02
CA SER E 432 18.10 -79.48 20.56
C SER E 432 17.21 -80.58 20.01
N ASP E 433 17.21 -81.75 20.65
CA ASP E 433 16.46 -82.89 20.13
C ASP E 433 14.95 -82.66 20.13
N LEU E 434 14.45 -81.67 20.87
CA LEU E 434 13.03 -81.33 20.86
C LEU E 434 12.68 -80.19 19.91
N TYR E 435 13.58 -79.24 19.73
CA TYR E 435 13.21 -77.94 19.16
C TYR E 435 13.96 -77.56 17.89
N GLN E 436 15.16 -78.10 17.66
CA GLN E 436 15.96 -77.63 16.53
C GLN E 436 15.28 -77.91 15.19
N ASP E 437 14.77 -79.14 15.02
CA ASP E 437 14.15 -79.49 13.75
C ASP E 437 12.85 -78.73 13.48
N ASP E 438 12.18 -78.29 14.54
CA ASP E 438 10.98 -77.46 14.38
C ASP E 438 11.28 -76.12 13.72
N GLY E 439 12.54 -75.83 13.42
CA GLY E 439 12.96 -74.50 13.04
C GLY E 439 13.20 -73.54 14.19
N ARG E 440 13.04 -74.00 15.42
CA ARG E 440 13.02 -73.12 16.59
C ARG E 440 14.43 -72.80 17.08
N ARG E 441 14.49 -72.23 18.27
CA ARG E 441 15.68 -71.76 18.94
C ARG E 441 15.75 -72.37 20.33
N PRO E 442 16.90 -72.31 20.99
CA PRO E 442 16.97 -72.82 22.38
C PRO E 442 16.06 -72.07 23.33
N LEU E 443 15.74 -70.80 23.05
CA LEU E 443 14.86 -70.02 23.91
C LEU E 443 13.44 -70.59 23.98
N ALA E 444 13.14 -71.62 23.18
CA ALA E 444 11.82 -72.25 23.26
C ALA E 444 11.68 -73.14 24.48
N SER E 445 12.77 -73.49 25.13
CA SER E 445 12.75 -74.37 26.29
C SER E 445 12.58 -73.53 27.55
N VAL E 446 11.39 -73.58 28.15
CA VAL E 446 11.20 -72.97 29.46
C VAL E 446 11.76 -73.93 30.49
N ASN E 447 13.04 -73.76 30.81
CA ASN E 447 13.71 -74.65 31.75
C ASN E 447 13.30 -74.34 33.18
N PHE E 448 13.24 -75.39 34.00
CA PHE E 448 12.82 -75.26 35.39
C PHE E 448 13.15 -76.54 36.12
N VAL E 449 13.61 -76.40 37.36
CA VAL E 449 13.81 -77.55 38.22
C VAL E 449 12.54 -77.92 38.97
N THR E 450 11.68 -76.93 39.23
CA THR E 450 10.45 -77.16 39.96
C THR E 450 9.47 -76.03 39.64
N CYS E 451 8.19 -76.38 39.65
CA CYS E 451 7.10 -75.42 39.43
C CYS E 451 6.02 -75.73 40.47
N HIS E 452 4.83 -75.16 40.27
CA HIS E 452 3.78 -75.31 41.28
C HIS E 452 3.38 -76.77 41.46
N ASP E 453 3.33 -77.54 40.37
CA ASP E 453 3.11 -78.97 40.48
C ASP E 453 4.36 -79.65 41.05
N GLY E 454 4.21 -80.93 41.39
CA GLY E 454 5.34 -81.66 41.93
C GLY E 454 5.88 -81.05 43.21
N PHE E 455 7.12 -81.41 43.53
CA PHE E 455 7.75 -80.94 44.75
C PHE E 455 8.37 -79.56 44.54
N THR E 456 8.34 -78.76 45.60
CA THR E 456 9.19 -77.57 45.67
C THR E 456 10.64 -78.02 45.81
N LEU E 457 11.56 -77.05 45.85
CA LEU E 457 12.97 -77.41 45.85
C LEU E 457 13.37 -78.16 47.12
N ARG E 458 12.88 -77.71 48.28
CA ARG E 458 13.15 -78.42 49.53
C ARG E 458 12.55 -79.82 49.49
N ASP E 459 11.24 -79.91 49.28
CA ASP E 459 10.57 -81.22 49.20
C ASP E 459 11.08 -82.06 48.04
N LEU E 460 11.83 -81.47 47.11
CA LEU E 460 12.46 -82.25 46.05
C LEU E 460 13.72 -82.95 46.52
N VAL E 461 14.36 -82.45 47.58
CA VAL E 461 15.58 -83.03 48.11
C VAL E 461 15.39 -83.58 49.52
N SER E 462 14.14 -83.71 49.98
CA SER E 462 13.88 -84.15 51.34
C SER E 462 12.76 -85.17 51.46
N TYR E 463 12.21 -85.65 50.34
CA TYR E 463 11.16 -86.66 50.39
C TYR E 463 11.26 -87.53 49.15
N ASN E 464 11.27 -88.85 49.35
CA ASN E 464 11.21 -89.75 48.20
C ASN E 464 9.87 -89.64 47.49
N GLU E 465 8.78 -89.50 48.24
CA GLU E 465 7.44 -89.58 47.68
C GLU E 465 6.53 -88.54 48.31
N LYS E 466 5.39 -88.34 47.66
CA LYS E 466 4.39 -87.37 48.06
C LYS E 466 3.81 -87.68 49.44
N ARG E 467 3.14 -86.68 50.02
CA ARG E 467 2.45 -86.81 51.29
C ARG E 467 1.11 -86.07 51.22
N ASN E 468 0.34 -86.32 50.15
CA ASN E 468 -0.88 -85.57 49.87
C ASN E 468 -2.11 -86.12 50.59
N GLU E 469 -1.93 -86.83 51.71
CA GLU E 469 -3.09 -87.27 52.48
C GLU E 469 -3.91 -86.10 52.99
N ALA E 470 -3.26 -84.99 53.34
CA ALA E 470 -3.97 -83.81 53.80
C ALA E 470 -4.95 -83.29 52.77
N ASN E 471 -4.75 -83.63 51.49
CA ASN E 471 -5.68 -83.28 50.42
C ASN E 471 -6.98 -84.06 50.50
N GLY E 472 -7.12 -84.84 51.56
CA GLY E 472 -8.28 -85.67 51.78
C GLY E 472 -8.43 -86.85 50.84
N GLU E 473 -7.58 -86.97 49.82
CA GLU E 473 -7.74 -88.00 48.81
C GLU E 473 -6.82 -89.20 49.04
N GLY E 474 -6.53 -89.54 50.30
CA GLY E 474 -5.74 -90.71 50.63
C GLY E 474 -4.47 -90.89 49.82
N ASN E 475 -3.84 -89.78 49.45
CA ASN E 475 -2.55 -89.79 48.74
C ASN E 475 -2.67 -90.42 47.36
N ARG E 476 -3.76 -90.12 46.65
CA ARG E 476 -3.94 -90.57 45.27
C ARG E 476 -3.50 -89.50 44.27
N ASP E 477 -3.82 -88.23 44.55
CA ASP E 477 -3.57 -87.14 43.63
C ASP E 477 -2.07 -86.88 43.44
N GLY E 478 -1.76 -86.23 42.32
CA GLY E 478 -0.43 -85.70 42.09
C GLY E 478 0.50 -86.65 41.36
N GLU E 479 1.68 -86.14 41.05
CA GLU E 479 2.73 -86.94 40.44
C GLU E 479 3.23 -87.96 41.46
N ASN E 480 3.30 -89.23 41.06
CA ASN E 480 3.51 -90.30 42.03
C ASN E 480 4.98 -90.57 42.34
N TYR E 481 5.84 -90.64 41.33
CA TYR E 481 7.29 -90.59 41.56
C TYR E 481 7.86 -89.41 40.79
N ASN E 482 8.27 -88.38 41.52
CA ASN E 482 8.69 -87.11 40.98
C ASN E 482 10.18 -87.06 40.65
N ARG E 483 10.84 -88.22 40.64
CA ARG E 483 12.28 -88.32 40.35
C ARG E 483 13.09 -87.45 41.31
N SER E 484 13.02 -87.80 42.59
CA SER E 484 13.68 -87.10 43.67
C SER E 484 14.59 -88.05 44.45
N TRP E 485 15.27 -87.51 45.45
CA TRP E 485 16.08 -88.30 46.36
C TRP E 485 16.03 -87.63 47.74
N ASN E 486 15.91 -88.45 48.78
CA ASN E 486 15.65 -87.96 50.12
C ASN E 486 16.90 -87.60 50.91
N CYS E 487 18.10 -87.87 50.36
CA CYS E 487 19.37 -87.47 50.94
C CYS E 487 19.69 -88.21 52.25
N GLY E 488 19.16 -89.42 52.41
CA GLY E 488 19.48 -90.23 53.57
C GLY E 488 18.30 -90.56 54.46
N GLU E 489 17.44 -89.58 54.73
CA GLU E 489 16.20 -89.80 55.44
C GLU E 489 15.12 -88.89 54.88
N GLU E 490 13.87 -89.33 54.99
CA GLU E 490 12.74 -88.61 54.43
C GLU E 490 12.16 -87.66 55.48
N GLY E 491 11.92 -86.42 55.08
CA GLY E 491 11.39 -85.42 55.98
C GLY E 491 12.49 -84.56 56.59
N GLU E 492 12.07 -83.73 57.55
CA GLU E 492 13.02 -82.90 58.26
C GLU E 492 13.98 -83.77 59.07
N THR E 493 15.19 -83.25 59.28
CA THR E 493 16.28 -84.05 59.81
C THR E 493 17.03 -83.25 60.87
N GLU E 494 18.01 -83.91 61.48
CA GLU E 494 18.99 -83.26 62.33
C GLU E 494 20.43 -83.62 61.97
N ASP E 495 20.65 -84.70 61.21
CA ASP E 495 21.98 -85.05 60.74
C ASP E 495 22.54 -83.93 59.88
N VAL E 496 23.60 -83.28 60.35
CA VAL E 496 24.21 -82.16 59.63
C VAL E 496 24.68 -82.62 58.25
N GLY E 497 24.99 -83.90 58.09
CA GLY E 497 25.28 -84.46 56.78
C GLY E 497 24.14 -84.29 55.79
N ILE E 498 22.96 -84.79 56.14
CA ILE E 498 21.79 -84.59 55.29
C ILE E 498 21.39 -83.11 55.23
N THR E 499 21.71 -82.35 56.28
CA THR E 499 21.32 -80.95 56.33
C THR E 499 22.12 -80.18 55.27
N GLU E 500 23.45 -80.30 55.32
CA GLU E 500 24.28 -79.54 54.39
C GLU E 500 24.19 -80.10 52.97
N LEU E 501 24.15 -81.42 52.83
CA LEU E 501 24.00 -82.03 51.51
C LEU E 501 22.72 -81.55 50.83
N ARG E 502 21.63 -81.46 51.59
CA ARG E 502 20.35 -81.04 51.02
C ARG E 502 20.41 -79.59 50.55
N ALA E 503 20.75 -78.67 51.46
CA ALA E 503 20.89 -77.27 51.10
C ALA E 503 21.87 -77.07 49.94
N ARG E 504 22.73 -78.05 49.70
CA ARG E 504 23.69 -78.05 48.60
C ARG E 504 23.12 -78.67 47.34
N GLN E 505 22.32 -79.73 47.46
CA GLN E 505 21.55 -80.20 46.31
C GLN E 505 20.68 -79.09 45.76
N MET E 506 20.08 -78.29 46.63
CA MET E 506 19.30 -77.14 46.19
C MET E 506 20.19 -76.13 45.47
N ARG E 507 21.49 -76.11 45.78
CA ARG E 507 22.41 -75.27 45.02
C ARG E 507 22.64 -75.84 43.62
N ASN E 508 22.89 -77.16 43.54
CA ASN E 508 23.10 -77.83 42.26
C ASN E 508 21.99 -77.49 41.27
N PHE E 509 20.74 -77.71 41.66
CA PHE E 509 19.60 -77.51 40.75
C PHE E 509 19.54 -76.07 40.26
N LEU E 510 19.63 -75.11 41.18
CA LEU E 510 19.53 -73.70 40.79
C LEU E 510 20.68 -73.30 39.89
N ALA E 511 21.89 -73.80 40.16
CA ALA E 511 23.00 -73.60 39.24
C ALA E 511 22.72 -74.25 37.90
N THR E 512 22.28 -75.51 37.92
CA THR E 512 21.93 -76.21 36.69
C THR E 512 20.81 -75.50 35.93
N LEU E 513 19.95 -74.77 36.64
CA LEU E 513 18.85 -74.08 35.99
C LEU E 513 19.29 -72.79 35.32
N MET E 514 20.19 -72.04 35.95
CA MET E 514 20.58 -70.73 35.45
C MET E 514 21.71 -70.78 34.44
N LEU E 515 22.50 -71.86 34.42
CA LEU E 515 23.55 -72.00 33.42
C LEU E 515 23.02 -72.57 32.11
N SER E 516 21.78 -73.08 32.08
CA SER E 516 21.27 -73.79 30.93
C SER E 516 20.79 -72.83 29.85
N GLN E 517 20.62 -73.36 28.65
CA GLN E 517 20.14 -72.60 27.51
C GLN E 517 18.63 -72.49 27.52
N GLY E 518 18.13 -71.37 27.00
CA GLY E 518 16.70 -71.19 26.85
C GLY E 518 16.09 -70.12 27.73
N VAL E 519 15.02 -70.47 28.41
CA VAL E 519 14.30 -69.55 29.29
C VAL E 519 14.10 -70.21 30.64
N PRO E 520 14.71 -69.70 31.71
CA PRO E 520 14.57 -70.33 33.02
C PRO E 520 13.30 -69.88 33.73
N MET E 521 12.89 -70.70 34.71
CA MET E 521 11.70 -70.40 35.50
C MET E 521 11.93 -70.82 36.95
N LEU E 522 11.67 -69.90 37.86
CA LEU E 522 11.74 -70.16 39.30
C LEU E 522 10.33 -70.24 39.86
N SER E 523 9.98 -71.39 40.46
CA SER E 523 8.77 -71.45 41.26
C SER E 523 8.99 -70.63 42.53
N HIS E 524 7.96 -69.91 42.95
CA HIS E 524 8.10 -68.98 44.05
C HIS E 524 8.54 -69.70 45.32
N GLY E 525 9.32 -68.99 46.15
CA GLY E 525 9.74 -69.49 47.43
C GLY E 525 10.91 -70.45 47.42
N ASP E 526 11.48 -70.75 46.25
CA ASP E 526 12.64 -71.64 46.20
C ASP E 526 13.91 -70.98 46.71
N GLU E 527 13.90 -69.67 46.97
CA GLU E 527 15.07 -69.00 47.53
C GLU E 527 15.13 -69.16 49.05
N PHE E 528 13.97 -69.22 49.72
CA PHE E 528 13.92 -69.59 51.12
C PHE E 528 13.66 -71.07 51.32
N GLY E 529 13.64 -71.84 50.23
CA GLY E 529 13.34 -73.27 50.31
C GLY E 529 11.99 -73.54 50.94
N ARG E 530 10.93 -73.00 50.32
CA ARG E 530 9.60 -73.17 50.87
C ARG E 530 9.21 -74.63 50.88
N THR E 531 8.74 -75.10 52.04
CA THR E 531 8.41 -76.49 52.26
C THR E 531 6.90 -76.65 52.39
N GLN E 532 6.31 -77.44 51.49
CA GLN E 532 4.90 -77.79 51.57
C GLN E 532 4.67 -79.05 52.40
N GLY E 533 5.65 -79.47 53.18
CA GLY E 533 5.57 -80.66 54.00
C GLY E 533 5.78 -81.96 53.27
N GLY E 534 6.07 -81.91 51.97
CA GLY E 534 6.11 -83.11 51.15
C GLY E 534 4.92 -83.26 50.23
N ASN E 535 3.95 -82.35 50.31
CA ASN E 535 2.82 -82.36 49.39
C ASN E 535 3.28 -81.83 48.03
N ASN E 536 2.92 -82.54 46.96
CA ASN E 536 3.30 -82.12 45.62
C ASN E 536 2.12 -81.63 44.79
N ASN E 537 0.89 -81.88 45.22
CA ASN E 537 -0.31 -81.31 44.58
C ASN E 537 -1.12 -80.64 45.68
N ALA E 538 -0.75 -79.39 46.00
CA ALA E 538 -1.37 -78.64 47.08
C ALA E 538 -2.40 -77.63 46.58
N TYR E 539 -3.01 -77.91 45.42
CA TYR E 539 -4.05 -77.05 44.86
C TYR E 539 -5.20 -76.83 45.83
N CYS E 540 -5.36 -77.68 46.84
CA CYS E 540 -6.45 -77.57 47.81
C CYS E 540 -5.95 -77.20 49.20
N GLN E 541 -4.73 -76.68 49.30
CA GLN E 541 -4.14 -76.25 50.57
C GLN E 541 -3.92 -74.74 50.53
N ASP E 542 -4.98 -74.00 50.87
CA ASP E 542 -4.89 -72.56 51.06
C ASP E 542 -4.61 -72.30 52.54
N ASN E 543 -3.40 -72.67 52.95
CA ASN E 543 -3.02 -72.62 54.36
C ASN E 543 -1.50 -72.68 54.46
N GLU E 544 -1.02 -72.80 55.71
CA GLU E 544 0.41 -72.68 56.03
C GLU E 544 1.29 -73.51 55.09
N VAL E 545 0.75 -74.61 54.55
CA VAL E 545 1.52 -75.46 53.66
C VAL E 545 2.02 -74.66 52.45
N SER E 546 1.13 -73.90 51.83
CA SER E 546 1.40 -73.27 50.55
C SER E 546 1.67 -71.77 50.66
N TRP E 547 1.84 -71.24 51.87
CA TRP E 547 2.29 -69.86 52.01
C TRP E 547 3.81 -69.80 51.97
N VAL E 548 4.33 -68.61 51.68
CA VAL E 548 5.76 -68.37 51.59
C VAL E 548 6.21 -67.79 52.93
N ARG E 549 7.04 -68.54 53.66
CA ARG E 549 7.65 -68.02 54.88
C ARG E 549 8.72 -67.00 54.51
N TRP E 550 8.58 -65.78 55.02
CA TRP E 550 9.65 -64.89 54.55
C TRP E 550 10.77 -64.83 55.58
N PRO E 551 12.02 -64.74 55.12
CA PRO E 551 13.15 -65.13 55.96
C PRO E 551 13.48 -64.14 57.06
N SER E 555 16.29 -65.64 59.07
CA SER E 555 17.25 -66.61 59.56
C SER E 555 18.61 -66.41 58.90
N GLU E 556 19.52 -67.34 59.16
CA GLU E 556 20.84 -67.39 58.53
C GLU E 556 20.89 -68.35 57.35
N ALA E 557 20.42 -69.58 57.52
CA ALA E 557 20.46 -70.56 56.45
C ALA E 557 19.55 -70.15 55.29
N GLU E 558 18.32 -69.73 55.61
CA GLU E 558 17.37 -69.35 54.56
C GLU E 558 17.87 -68.17 53.75
N ALA E 559 18.73 -67.33 54.32
CA ALA E 559 19.22 -66.15 53.63
C ALA E 559 20.40 -66.47 52.72
N THR E 560 21.31 -67.35 53.17
CA THR E 560 22.46 -67.71 52.35
C THR E 560 22.05 -68.34 51.03
N LEU E 561 20.97 -69.12 51.03
CA LEU E 561 20.44 -69.63 49.77
C LEU E 561 19.84 -68.52 48.93
N LEU E 562 19.19 -67.55 49.58
CA LEU E 562 18.64 -66.41 48.85
C LEU E 562 19.73 -65.65 48.12
N ARG E 563 20.83 -65.33 48.81
CA ARG E 563 21.92 -64.61 48.17
C ARG E 563 22.72 -65.49 47.23
N PHE E 564 22.58 -66.81 47.33
CA PHE E 564 23.09 -67.71 46.29
C PHE E 564 22.26 -67.55 45.01
N THR E 565 20.95 -67.80 45.12
CA THR E 565 20.07 -67.70 43.95
C THR E 565 20.02 -66.27 43.42
N ARG E 566 20.11 -65.27 44.30
CA ARG E 566 20.22 -63.89 43.84
C ARG E 566 21.47 -63.68 43.01
N SER E 567 22.60 -64.22 43.45
CA SER E 567 23.86 -64.04 42.76
C SER E 567 24.02 -64.94 41.54
N MET E 568 23.23 -66.01 41.43
CA MET E 568 23.34 -66.89 40.27
C MET E 568 22.72 -66.25 39.03
N VAL E 569 21.59 -65.57 39.18
CA VAL E 569 20.99 -64.87 38.06
C VAL E 569 21.88 -63.73 37.59
N ARG E 570 22.63 -63.12 38.52
CA ARG E 570 23.66 -62.15 38.15
C ARG E 570 24.58 -62.72 37.08
N LEU E 571 25.14 -63.91 37.34
CA LEU E 571 26.08 -64.51 36.41
C LEU E 571 25.44 -64.83 35.07
N ARG E 572 24.12 -65.02 35.04
CA ARG E 572 23.43 -65.18 33.77
C ARG E 572 23.25 -63.84 33.07
N ARG E 573 22.75 -62.83 33.80
CA ARG E 573 22.45 -61.54 33.19
C ARG E 573 23.69 -60.90 32.59
N GLU E 574 24.83 -61.05 33.26
CA GLU E 574 26.05 -60.35 32.86
C GLU E 574 26.86 -61.10 31.81
N HIS E 575 26.56 -62.36 31.56
CA HIS E 575 27.39 -63.20 30.69
C HIS E 575 26.53 -63.84 29.60
N PRO E 576 26.71 -63.45 28.33
CA PRO E 576 25.78 -63.89 27.28
C PRO E 576 25.96 -65.33 26.83
N VAL E 577 26.95 -66.07 27.34
CA VAL E 577 27.15 -67.45 26.88
C VAL E 577 25.97 -68.32 27.29
N PHE E 578 25.53 -68.19 28.55
CA PHE E 578 24.48 -69.07 29.07
C PHE E 578 23.12 -68.83 28.40
N ARG E 579 22.93 -67.67 27.77
CA ARG E 579 21.62 -67.31 27.22
C ARG E 579 21.70 -67.10 25.71
N ARG E 580 22.32 -68.05 25.01
CA ARG E 580 22.54 -67.91 23.58
C ARG E 580 21.22 -67.91 22.81
N ARG E 581 21.22 -67.20 21.68
CA ARG E 581 20.04 -67.08 20.84
C ARG E 581 19.95 -68.18 19.79
N ARG E 582 21.07 -68.83 19.46
CA ARG E 582 21.10 -69.92 18.50
C ARG E 582 21.65 -71.17 19.17
N PHE E 583 21.72 -72.26 18.41
CA PHE E 583 22.19 -73.53 18.92
C PHE E 583 23.72 -73.61 18.83
N PHE E 584 24.26 -74.61 19.53
CA PHE E 584 25.68 -74.92 19.46
C PHE E 584 25.94 -75.90 18.33
N HIS E 585 27.11 -75.76 17.71
CA HIS E 585 27.54 -76.68 16.66
C HIS E 585 28.89 -77.32 16.91
N GLY E 586 29.79 -76.69 17.68
CA GLY E 586 30.90 -77.38 18.30
C GLY E 586 31.95 -77.94 17.36
N ARG E 587 31.68 -78.02 16.07
CA ARG E 587 32.59 -78.69 15.14
C ARG E 587 32.73 -77.89 13.86
N PRO E 588 33.93 -77.40 13.56
CA PRO E 588 34.17 -76.73 12.28
C PRO E 588 34.41 -77.76 11.19
N VAL E 589 34.66 -77.26 9.98
CA VAL E 589 35.03 -78.11 8.85
C VAL E 589 36.07 -77.40 8.00
N LEU E 596 35.43 -72.25 13.97
CA LEU E 596 35.74 -72.08 15.40
C LEU E 596 35.04 -73.15 16.22
N THR E 597 35.41 -73.24 17.50
CA THR E 597 34.85 -74.22 18.42
C THR E 597 34.10 -73.45 19.52
N ASP E 598 32.78 -73.46 19.46
CA ASP E 598 31.96 -72.71 20.41
C ASP E 598 31.67 -73.49 21.68
N ILE E 599 31.66 -74.82 21.62
CA ILE E 599 31.43 -75.64 22.80
C ILE E 599 32.23 -76.92 22.66
N ALA E 600 32.80 -77.38 23.77
CA ALA E 600 33.57 -78.61 23.81
C ALA E 600 33.15 -79.42 25.03
N TRP E 601 33.40 -80.73 24.95
CA TRP E 601 32.98 -81.66 26.00
C TRP E 601 34.18 -82.51 26.41
N PHE E 602 34.64 -82.31 27.63
CA PHE E 602 35.83 -82.97 28.15
C PHE E 602 35.48 -83.94 29.24
N THR E 603 36.39 -84.86 29.51
CA THR E 603 36.29 -85.77 30.63
C THR E 603 36.82 -85.12 31.90
N PRO E 604 36.32 -85.48 33.08
CA PRO E 604 37.03 -85.09 34.32
C PRO E 604 38.50 -85.50 34.31
N GLU E 605 38.86 -86.52 33.55
CA GLU E 605 40.27 -86.81 33.31
C GLU E 605 40.96 -85.64 32.62
N GLY E 606 40.29 -85.04 31.63
CA GLY E 606 40.84 -83.88 30.95
C GLY E 606 40.99 -84.05 29.46
N GLU E 607 40.49 -85.15 28.91
CA GLU E 607 40.53 -85.40 27.47
C GLU E 607 39.11 -85.41 26.92
N GLU E 608 38.98 -84.94 25.68
CA GLU E 608 37.67 -84.85 25.04
C GLU E 608 37.01 -86.22 24.98
N MET E 609 35.68 -86.21 24.99
CA MET E 609 34.91 -87.44 25.02
C MET E 609 34.51 -87.87 23.61
N THR E 610 34.25 -89.15 23.48
CA THR E 610 33.88 -89.77 22.20
C THR E 610 32.45 -90.29 22.28
N SER E 611 31.91 -90.60 21.10
CA SER E 611 30.52 -91.03 21.01
C SER E 611 30.26 -92.30 21.81
N ARG E 612 31.29 -93.14 22.00
CA ARG E 612 31.10 -94.36 22.77
C ARG E 612 31.15 -94.08 24.27
N ASP E 613 32.00 -93.14 24.70
CA ASP E 613 32.03 -92.76 26.10
C ASP E 613 30.83 -91.91 26.50
N TRP E 614 30.01 -91.47 25.54
CA TRP E 614 28.78 -90.76 25.88
C TRP E 614 27.71 -91.73 26.36
N GLN E 615 27.31 -92.67 25.51
CA GLN E 615 26.30 -93.66 25.87
C GLN E 615 26.84 -94.74 26.81
N ALA E 616 28.04 -94.57 27.35
CA ALA E 616 28.55 -95.50 28.35
C ALA E 616 27.68 -95.40 29.60
N ALA E 617 26.87 -96.44 29.83
CA ALA E 617 25.74 -96.36 30.74
C ALA E 617 26.13 -95.75 32.09
N HIS E 618 27.13 -96.33 32.76
CA HIS E 618 27.55 -95.86 34.07
C HIS E 618 28.59 -94.77 33.90
N ALA E 619 28.14 -93.52 33.90
CA ALA E 619 28.99 -92.35 33.80
C ALA E 619 28.21 -91.15 34.32
N GLN E 620 28.81 -90.39 35.24
CA GLN E 620 28.08 -89.36 35.96
C GLN E 620 28.88 -88.07 36.12
N ALA E 621 29.80 -87.78 35.20
CA ALA E 621 30.64 -86.60 35.35
C ALA E 621 30.84 -85.92 34.00
N LEU E 622 31.12 -84.63 34.05
CA LEU E 622 31.18 -83.79 32.85
C LEU E 622 32.03 -82.57 33.11
N THR E 623 32.66 -82.08 32.03
CA THR E 623 33.34 -80.78 32.03
C THR E 623 33.04 -80.11 30.70
N VAL E 624 32.20 -79.08 30.72
CA VAL E 624 31.73 -78.40 29.52
C VAL E 624 32.42 -77.05 29.41
N PHE E 625 33.20 -76.88 28.35
CA PHE E 625 33.75 -75.58 28.00
C PHE E 625 32.75 -74.84 27.12
N LEU E 626 32.69 -73.52 27.30
CA LEU E 626 31.76 -72.67 26.57
C LEU E 626 32.52 -71.47 26.03
N ASN E 627 32.76 -71.46 24.72
CA ASN E 627 33.55 -70.40 24.11
C ASN E 627 32.78 -69.09 24.12
N GLY E 628 33.32 -68.08 24.80
CA GLY E 628 32.69 -66.77 24.82
C GLY E 628 32.99 -65.93 23.61
N ASN E 629 34.12 -66.18 22.95
CA ASN E 629 34.52 -65.43 21.77
C ASN E 629 33.95 -66.01 20.48
N ALA E 630 33.08 -67.01 20.57
CA ALA E 630 32.50 -67.65 19.40
C ALA E 630 30.98 -67.62 19.47
N ILE E 631 30.41 -66.48 19.85
CA ILE E 631 28.96 -66.30 19.86
C ILE E 631 28.60 -65.81 18.47
N SER E 632 28.22 -66.75 17.60
CA SER E 632 27.98 -66.44 16.20
C SER E 632 26.61 -65.78 16.03
N GLU E 633 26.43 -64.65 16.72
CA GLU E 633 25.15 -63.97 16.80
C GLU E 633 25.33 -62.46 16.72
N PRO E 634 24.40 -61.76 16.09
CA PRO E 634 24.42 -60.30 16.11
C PRO E 634 23.65 -59.74 17.29
N GLY E 635 23.97 -58.49 17.62
CA GLY E 635 23.33 -57.79 18.71
C GLY E 635 22.20 -56.89 18.22
N THR E 636 21.64 -56.13 19.17
CA THR E 636 20.49 -55.27 18.88
C THR E 636 20.75 -54.36 17.67
N GLN E 637 22.00 -54.02 17.40
CA GLN E 637 22.38 -53.23 16.24
C GLN E 637 23.52 -53.89 15.48
N GLY E 638 23.47 -55.22 15.36
CA GLY E 638 24.47 -55.96 14.61
C GLY E 638 25.80 -56.13 15.28
N GLU E 639 25.94 -55.69 16.53
CA GLU E 639 27.20 -55.80 17.26
C GLU E 639 27.60 -57.27 17.42
N ARG E 640 28.89 -57.48 17.71
CA ARG E 640 29.37 -58.81 18.05
C ARG E 640 29.33 -58.97 19.57
N ILE E 641 28.68 -60.04 20.02
CA ILE E 641 28.55 -60.31 21.45
C ILE E 641 29.76 -61.12 21.90
N ALA E 642 30.48 -60.60 22.88
CA ALA E 642 31.66 -61.25 23.42
C ALA E 642 31.44 -61.57 24.89
N ASP E 643 32.22 -62.51 25.40
CA ASP E 643 32.13 -62.93 26.79
C ASP E 643 33.39 -63.69 27.16
N ASP E 644 33.66 -63.75 28.46
CA ASP E 644 34.65 -64.68 28.98
C ASP E 644 34.19 -66.11 28.72
N SER E 645 35.14 -66.99 28.43
CA SER E 645 34.82 -68.40 28.33
C SER E 645 34.69 -69.00 29.73
N PHE E 646 33.63 -69.77 29.93
CA PHE E 646 33.38 -70.43 31.21
C PHE E 646 33.77 -71.90 31.11
N LEU E 647 33.84 -72.54 32.28
CA LEU E 647 34.18 -73.96 32.39
C LEU E 647 33.30 -74.60 33.44
N LEU E 648 32.29 -75.34 33.01
CA LEU E 648 31.38 -76.01 33.92
C LEU E 648 31.92 -77.40 34.24
N MET E 649 32.00 -77.73 35.53
CA MET E 649 32.58 -78.99 35.99
C MET E 649 31.53 -79.74 36.81
N PHE E 650 30.82 -80.65 36.15
CA PHE E 650 29.73 -81.39 36.77
C PHE E 650 30.24 -82.65 37.45
N ASN E 651 29.84 -82.86 38.70
CA ASN E 651 30.17 -84.07 39.46
C ASN E 651 28.91 -84.56 40.15
N ALA E 652 28.14 -85.40 39.46
CA ALA E 652 27.01 -86.09 40.05
C ALA E 652 27.36 -87.50 40.50
N SER E 653 28.62 -87.73 40.84
CA SER E 653 29.09 -89.02 41.31
C SER E 653 28.85 -89.17 42.81
N ALA E 654 28.87 -90.43 43.26
CA ALA E 654 28.69 -90.70 44.68
C ALA E 654 29.95 -90.47 45.49
N LYS E 655 31.11 -90.39 44.83
CA LYS E 655 32.38 -90.15 45.48
C LYS E 655 33.00 -88.85 44.96
N GLU E 656 34.03 -88.40 45.65
CA GLU E 656 34.82 -87.29 45.13
C GLU E 656 35.51 -87.71 43.83
N LEU E 657 35.74 -86.73 42.96
CA LEU E 657 36.49 -86.97 41.74
C LEU E 657 37.52 -85.85 41.55
N GLU E 658 38.56 -86.17 40.79
CA GLU E 658 39.65 -85.26 40.51
C GLU E 658 39.44 -84.65 39.14
N PHE E 659 39.21 -83.34 39.08
CA PHE E 659 38.88 -82.66 37.85
C PHE E 659 40.10 -81.90 37.34
N VAL E 660 40.43 -82.12 36.07
CA VAL E 660 41.58 -81.50 35.42
C VAL E 660 41.08 -80.38 34.51
N VAL E 661 41.86 -79.30 34.43
CA VAL E 661 41.48 -78.10 33.70
C VAL E 661 42.06 -78.20 32.29
N PRO E 662 41.25 -78.44 31.25
CA PRO E 662 41.77 -78.75 29.90
C PRO E 662 41.90 -77.57 28.95
N ASP E 663 42.82 -76.65 29.22
CA ASP E 663 43.21 -75.69 28.18
C ASP E 663 44.70 -75.72 27.88
N SER E 664 45.55 -75.43 28.86
CA SER E 664 47.01 -75.39 28.74
C SER E 664 47.55 -74.98 30.10
N ARG E 667 47.47 -70.38 30.34
CA ARG E 667 46.30 -69.56 30.62
C ARG E 667 45.77 -69.83 32.02
N TYR E 668 45.27 -68.79 32.68
CA TYR E 668 44.81 -68.83 34.05
C TYR E 668 43.30 -68.67 34.10
N TRP E 669 42.63 -69.56 34.84
CA TRP E 669 41.19 -69.47 35.04
C TRP E 669 40.88 -69.13 36.50
N ARG E 670 39.68 -68.62 36.72
CA ARG E 670 39.29 -68.05 38.01
C ARG E 670 37.97 -68.65 38.43
N MET E 671 37.95 -69.38 39.55
CA MET E 671 36.76 -70.10 39.98
C MET E 671 35.67 -69.11 40.38
N VAL E 672 34.50 -69.25 39.74
CA VAL E 672 33.40 -68.33 39.98
C VAL E 672 32.23 -68.98 40.72
N VAL E 673 32.02 -70.29 40.57
CA VAL E 673 30.92 -70.99 41.22
C VAL E 673 31.46 -72.22 41.95
N ASP E 674 30.90 -72.49 43.13
CA ASP E 674 31.18 -73.73 43.85
C ASP E 674 29.94 -74.10 44.65
N THR E 675 29.36 -75.27 44.32
CA THR E 675 28.16 -75.72 45.02
C THR E 675 28.47 -76.23 46.42
N SER E 676 29.70 -76.71 46.65
CA SER E 676 29.99 -77.49 47.85
C SER E 676 30.00 -76.62 49.11
N ASP E 677 30.88 -75.62 49.13
CA ASP E 677 31.14 -74.90 50.38
C ASP E 677 29.87 -74.18 50.86
N PRO E 678 29.52 -74.31 52.14
CA PRO E 678 28.24 -73.76 52.62
C PRO E 678 28.17 -72.23 52.61
N GLU E 679 29.29 -71.54 52.44
CA GLU E 679 29.25 -70.09 52.36
C GLU E 679 28.45 -69.57 51.19
N GLY E 680 28.29 -70.37 50.15
CA GLY E 680 27.55 -69.95 48.97
C GLY E 680 28.52 -69.30 48.02
N MET E 681 28.76 -69.89 46.85
CA MET E 681 29.87 -69.32 46.10
C MET E 681 29.55 -68.98 44.65
N PRO E 682 28.38 -68.41 44.36
CA PRO E 682 28.33 -67.33 43.37
C PRO E 682 28.71 -65.98 43.95
N PRO E 683 28.32 -65.65 45.22
CA PRO E 683 28.54 -64.26 45.68
C PRO E 683 29.90 -64.00 46.31
N GLN E 684 30.63 -65.03 46.73
CA GLN E 684 31.98 -64.84 47.23
C GLN E 684 32.98 -65.37 46.21
N GLN E 685 34.18 -64.79 46.23
CA GLN E 685 35.17 -65.09 45.21
C GLN E 685 35.69 -66.52 45.36
N GLY E 686 36.50 -66.93 44.37
CA GLY E 686 37.19 -68.18 44.44
C GLY E 686 38.63 -68.05 43.99
N PRO E 687 39.45 -69.03 44.32
CA PRO E 687 40.87 -68.96 43.94
C PRO E 687 41.07 -69.07 42.44
N GLU E 688 42.32 -68.95 41.99
CA GLU E 688 42.67 -69.20 40.61
C GLU E 688 43.31 -70.58 40.51
N LEU E 689 42.85 -71.37 39.55
CA LEU E 689 43.49 -72.65 39.28
C LEU E 689 44.68 -72.43 38.33
N ALA E 690 45.60 -73.39 38.37
CA ALA E 690 46.81 -73.27 37.55
C ALA E 690 46.46 -73.19 36.07
N GLY E 691 45.77 -74.21 35.57
CA GLY E 691 45.44 -74.30 34.15
C GLY E 691 45.54 -75.72 33.64
N GLY E 692 46.26 -76.56 34.37
CA GLY E 692 46.30 -77.98 34.06
C GLY E 692 46.21 -78.83 35.32
N GLU E 693 46.18 -78.16 36.46
CA GLU E 693 46.23 -78.86 37.75
C GLU E 693 44.95 -79.64 38.01
N ARG E 694 45.09 -80.72 38.77
CA ARG E 694 43.93 -81.45 39.24
C ARG E 694 43.24 -80.71 40.38
N VAL E 695 41.95 -81.00 40.55
CA VAL E 695 41.15 -80.41 41.60
C VAL E 695 40.22 -81.47 42.16
N THR E 696 40.24 -81.65 43.48
CA THR E 696 39.30 -82.54 44.13
C THR E 696 37.94 -81.87 44.22
N LEU E 697 36.92 -82.52 43.68
CA LEU E 697 35.57 -81.97 43.64
C LEU E 697 34.65 -82.89 44.46
N ALA E 698 33.95 -82.28 45.42
CA ALA E 698 33.08 -83.04 46.31
C ALA E 698 31.97 -83.72 45.50
N PRO E 699 31.41 -84.82 46.03
CA PRO E 699 30.37 -85.55 45.29
C PRO E 699 29.04 -84.82 45.33
N LEU E 700 28.32 -84.89 44.21
CA LEU E 700 27.11 -84.10 43.98
C LEU E 700 27.39 -82.62 44.21
N SER E 701 28.32 -82.09 43.41
CA SER E 701 28.72 -80.71 43.52
C SER E 701 29.07 -80.16 42.14
N LEU E 702 29.13 -78.84 42.04
CA LEU E 702 29.34 -78.15 40.77
C LEU E 702 30.41 -77.07 40.93
N THR E 703 31.24 -76.93 39.90
CA THR E 703 32.35 -75.98 39.90
C THR E 703 32.42 -75.31 38.54
N VAL E 704 32.59 -73.99 38.53
CA VAL E 704 32.63 -73.21 37.30
C VAL E 704 33.80 -72.24 37.36
N LEU E 705 34.59 -72.17 36.29
CA LEU E 705 35.73 -71.29 36.18
C LEU E 705 35.54 -70.35 35.00
N ARG E 706 36.15 -69.16 35.09
CA ARG E 706 35.89 -68.07 34.15
C ARG E 706 37.20 -67.53 33.62
N ARG E 707 37.36 -67.55 32.29
CA ARG E 707 38.52 -66.98 31.63
C ARG E 707 38.07 -66.11 30.46
N PRO E 708 38.64 -64.89 30.31
CA PRO E 708 38.31 -63.99 29.19
C PRO E 708 38.76 -64.50 27.83
N MET F 4 -14.21 10.23 -20.79
CA MET F 4 -13.29 10.74 -19.78
C MET F 4 -12.01 11.32 -20.40
N GLN F 5 -12.09 12.56 -20.85
CA GLN F 5 -10.92 13.24 -21.39
C GLN F 5 -10.06 13.68 -20.21
N VAL F 6 -9.04 12.89 -19.90
CA VAL F 6 -8.16 13.09 -18.76
C VAL F 6 -6.73 12.97 -19.25
N TRP F 7 -6.07 14.10 -19.47
CA TRP F 7 -4.67 14.13 -19.85
C TRP F 7 -3.79 14.12 -18.61
N PRO F 8 -2.54 13.65 -18.73
CA PRO F 8 -1.66 13.59 -17.54
C PRO F 8 -1.46 14.93 -16.87
N GLY F 9 -1.49 16.03 -17.62
CA GLY F 9 -1.33 17.35 -17.04
C GLY F 9 0.06 17.59 -16.49
N GLN F 10 0.21 18.75 -15.88
CA GLN F 10 1.46 19.13 -15.22
C GLN F 10 1.31 19.02 -13.70
N ALA F 11 2.45 18.91 -13.03
CA ALA F 11 2.50 18.86 -11.58
C ALA F 11 2.66 20.23 -10.96
N TYR F 12 2.82 21.28 -11.77
CA TYR F 12 3.00 22.64 -11.30
C TYR F 12 2.13 23.59 -12.11
N PRO F 13 1.50 24.59 -11.46
CA PRO F 13 1.53 24.70 -9.99
C PRO F 13 0.44 23.90 -9.31
N LEU F 14 0.56 23.76 -7.99
CA LEU F 14 -0.45 23.05 -7.22
C LEU F 14 -1.72 23.88 -7.13
N GLY F 15 -2.86 23.22 -7.26
CA GLY F 15 -4.16 23.89 -7.34
C GLY F 15 -4.74 23.83 -8.74
N ALA F 16 -5.91 24.42 -8.87
CA ALA F 16 -6.66 24.41 -10.12
C ALA F 16 -6.32 25.65 -10.93
N THR F 17 -5.56 25.47 -12.01
CA THR F 17 -5.19 26.55 -12.92
C THR F 17 -5.86 26.33 -14.26
N TYR F 18 -6.35 27.41 -14.85
CA TYR F 18 -7.23 27.36 -16.02
C TYR F 18 -6.41 27.61 -17.28
N ASP F 19 -6.11 26.53 -18.00
CA ASP F 19 -5.27 26.63 -19.20
C ASP F 19 -6.11 26.81 -20.48
N GLY F 20 -7.02 27.78 -20.47
CA GLY F 20 -7.77 28.09 -21.66
C GLY F 20 -8.78 27.02 -22.05
N ALA F 21 -8.27 25.87 -22.51
CA ALA F 21 -9.16 24.79 -22.92
C ALA F 21 -9.76 24.05 -21.73
N GLY F 22 -9.04 23.96 -20.63
CA GLY F 22 -9.53 23.27 -19.45
C GLY F 22 -8.81 23.74 -18.20
N THR F 23 -8.76 22.86 -17.21
CA THR F 23 -8.14 23.15 -15.92
C THR F 23 -7.29 21.97 -15.50
N ASN F 24 -6.12 22.26 -14.94
CA ASN F 24 -5.23 21.24 -14.39
C ASN F 24 -5.29 21.28 -12.87
N PHE F 25 -5.31 20.09 -12.26
CA PHE F 25 -5.32 19.95 -10.82
C PHE F 25 -4.07 19.22 -10.37
N ALA F 26 -3.45 19.69 -9.29
CA ALA F 26 -2.26 19.07 -8.75
C ALA F 26 -2.30 19.19 -7.23
N VAL F 27 -2.19 18.05 -6.55
CA VAL F 27 -2.23 18.00 -5.10
C VAL F 27 -1.08 17.14 -4.60
N PHE F 28 -0.58 17.46 -3.42
CA PHE F 28 0.52 16.72 -2.81
C PHE F 28 0.00 15.78 -1.73
N SER F 29 0.46 14.53 -1.77
CA SER F 29 0.25 13.59 -0.68
C SER F 29 1.28 12.48 -0.82
N GLU F 30 2.18 12.38 0.16
CA GLU F 30 3.27 11.41 0.13
C GLU F 30 2.92 10.13 0.90
N ALA F 31 1.75 10.06 1.52
CA ALA F 31 1.27 8.87 2.20
C ALA F 31 -0.13 8.52 1.71
N ALA F 32 -0.35 8.64 0.41
CA ALA F 32 -1.64 8.35 -0.21
C ALA F 32 -1.41 7.38 -1.36
N HIS F 33 -2.01 6.19 -1.27
CA HIS F 33 -1.83 5.20 -2.30
C HIS F 33 -2.65 5.52 -3.55
N ARG F 34 -3.87 6.03 -3.36
CA ARG F 34 -4.77 6.37 -4.45
C ARG F 34 -5.43 7.71 -4.14
N ILE F 35 -5.35 8.64 -5.11
CA ILE F 35 -5.97 9.96 -4.99
C ILE F 35 -6.93 10.14 -6.15
N GLU F 36 -8.17 10.51 -5.84
CA GLU F 36 -9.22 10.68 -6.83
C GLU F 36 -9.70 12.12 -6.82
N LEU F 37 -10.01 12.63 -8.02
CA LEU F 37 -10.53 13.98 -8.20
C LEU F 37 -12.04 13.91 -8.29
N CYS F 38 -12.72 14.31 -7.23
CA CYS F 38 -14.17 14.44 -7.25
C CYS F 38 -14.55 15.79 -7.83
N LEU F 39 -15.46 15.78 -8.80
CA LEU F 39 -15.98 16.99 -9.41
C LEU F 39 -17.47 17.08 -9.09
N LEU F 40 -17.85 18.10 -8.34
CA LEU F 40 -19.22 18.23 -7.85
C LEU F 40 -20.09 18.94 -8.87
N HIS F 41 -21.33 18.50 -8.97
CA HIS F 41 -22.34 19.13 -9.81
C HIS F 41 -23.29 19.93 -8.92
N ASP F 42 -24.34 20.49 -9.51
CA ASP F 42 -25.27 21.32 -8.77
C ASP F 42 -26.36 20.51 -8.07
N ASP F 43 -26.57 19.26 -8.46
CA ASP F 43 -27.40 18.33 -7.69
C ASP F 43 -26.54 17.38 -6.85
N GLY F 44 -25.35 17.82 -6.45
CA GLY F 44 -24.52 17.12 -5.49
C GLY F 44 -23.85 15.87 -5.99
N SER F 45 -24.24 15.34 -7.14
CA SER F 45 -23.63 14.12 -7.65
C SER F 45 -22.16 14.35 -7.98
N GLU F 46 -21.34 13.35 -7.69
CA GLU F 46 -19.90 13.44 -7.93
C GLU F 46 -19.54 12.88 -9.30
N THR F 47 -18.31 13.18 -9.72
CA THR F 47 -17.72 12.61 -10.93
C THR F 47 -16.24 12.43 -10.64
N ALA F 48 -15.86 11.23 -10.23
CA ALA F 48 -14.51 10.94 -9.77
C ALA F 48 -13.61 10.53 -10.91
N VAL F 49 -12.34 10.92 -10.82
CA VAL F 49 -11.31 10.58 -11.79
C VAL F 49 -9.99 10.50 -11.04
N GLU F 50 -9.17 9.50 -11.37
CA GLU F 50 -7.92 9.29 -10.66
C GLU F 50 -6.86 10.27 -11.14
N LEU F 51 -6.33 11.07 -10.20
CA LEU F 51 -5.10 11.81 -10.43
C LEU F 51 -3.96 10.80 -10.34
N ARG F 52 -3.73 10.10 -11.46
CA ARG F 52 -2.83 8.95 -11.44
C ARG F 52 -1.36 9.38 -11.45
N GLU F 53 -1.04 10.42 -12.21
CA GLU F 53 0.36 10.71 -12.52
C GLU F 53 1.11 11.21 -11.30
N THR F 54 1.71 10.30 -10.54
CA THR F 54 2.48 10.67 -9.37
C THR F 54 3.88 11.09 -9.81
N ASP F 55 4.20 12.37 -9.59
CA ASP F 55 5.50 12.96 -9.84
C ASP F 55 5.94 13.67 -8.58
N ALA F 56 7.00 13.16 -7.95
CA ALA F 56 7.55 13.73 -6.72
C ALA F 56 6.47 13.96 -5.67
N PHE F 57 5.67 12.92 -5.44
CA PHE F 57 4.58 12.91 -4.48
C PHE F 57 3.58 14.04 -4.73
N VAL F 58 3.54 14.56 -5.95
CA VAL F 58 2.47 15.44 -6.41
C VAL F 58 1.71 14.69 -7.48
N ARG F 59 0.50 14.23 -7.15
CA ARG F 59 -0.38 13.60 -8.11
C ARG F 59 -1.21 14.66 -8.80
N HIS F 60 -1.54 14.41 -10.07
CA HIS F 60 -2.13 15.47 -10.89
C HIS F 60 -2.80 14.86 -12.12
N ALA F 61 -3.44 15.73 -12.90
CA ALA F 61 -4.04 15.47 -14.20
C ALA F 61 -4.56 16.79 -14.73
N TYR F 62 -4.94 16.78 -16.02
CA TYR F 62 -5.51 17.95 -16.68
C TYR F 62 -6.80 17.52 -17.37
N LEU F 63 -7.86 18.29 -17.16
CA LEU F 63 -9.18 17.95 -17.70
C LEU F 63 -9.64 19.02 -18.67
N PRO F 64 -9.65 18.75 -19.98
CA PRO F 64 -10.15 19.74 -20.93
C PRO F 64 -11.63 20.00 -20.74
N GLY F 65 -12.05 21.20 -21.14
CA GLY F 65 -13.45 21.58 -21.08
C GLY F 65 -13.94 21.98 -19.71
N VAL F 66 -13.23 21.62 -18.65
CA VAL F 66 -13.68 21.95 -17.29
C VAL F 66 -13.48 23.45 -17.08
N MET F 67 -14.58 24.17 -16.93
CA MET F 67 -14.59 25.63 -16.90
C MET F 67 -14.44 26.14 -15.47
N PRO F 68 -14.26 27.45 -15.28
CA PRO F 68 -14.20 28.00 -13.93
C PRO F 68 -15.59 28.03 -13.28
N GLY F 69 -15.58 28.06 -11.95
CA GLY F 69 -16.80 27.89 -11.19
C GLY F 69 -17.11 26.45 -10.84
N GLN F 70 -16.36 25.50 -11.39
CA GLN F 70 -16.57 24.09 -11.10
C GLN F 70 -16.20 23.80 -9.65
N ARG F 71 -17.16 23.27 -8.89
CA ARG F 71 -16.89 22.83 -7.52
C ARG F 71 -16.21 21.46 -7.55
N TYR F 72 -15.08 21.35 -6.86
CA TYR F 72 -14.28 20.13 -6.91
C TYR F 72 -13.66 19.85 -5.55
N GLY F 73 -13.05 18.68 -5.45
CA GLY F 73 -12.39 18.27 -4.23
C GLY F 73 -11.72 16.92 -4.43
N PHE F 74 -10.76 16.64 -3.56
CA PHE F 74 -9.98 15.40 -3.63
C PHE F 74 -10.40 14.46 -2.51
N ARG F 75 -10.46 13.17 -2.84
CA ARG F 75 -10.71 12.11 -1.87
C ARG F 75 -9.50 11.20 -1.84
N VAL F 76 -8.83 11.14 -0.69
CA VAL F 76 -7.53 10.51 -0.57
C VAL F 76 -7.72 9.15 0.11
N HIS F 77 -7.64 8.09 -0.69
CA HIS F 77 -7.62 6.74 -0.16
C HIS F 77 -6.25 6.43 0.42
N GLY F 78 -6.23 5.96 1.68
CA GLY F 78 -4.99 5.65 2.35
C GLY F 78 -5.22 4.98 3.69
N PRO F 79 -4.18 4.99 4.52
CA PRO F 79 -4.31 4.37 5.85
C PRO F 79 -5.03 5.29 6.82
N TYR F 80 -5.94 4.71 7.60
CA TYR F 80 -6.49 5.36 8.78
C TYR F 80 -5.90 4.65 9.99
N ALA F 81 -4.88 5.26 10.59
CA ALA F 81 -4.20 4.68 11.75
C ALA F 81 -3.62 5.81 12.58
N PRO F 82 -4.35 6.30 13.57
CA PRO F 82 -3.85 7.40 14.40
C PRO F 82 -2.71 7.02 15.34
N GLU F 83 -2.30 5.76 15.41
CA GLU F 83 -1.10 5.43 16.16
C GLU F 83 0.17 5.81 15.40
N ARG F 84 0.07 5.95 14.08
CA ARG F 84 1.17 6.40 13.25
C ARG F 84 1.05 7.86 12.83
N GLY F 85 -0.12 8.47 13.05
CA GLY F 85 -0.37 9.83 12.62
C GLY F 85 -1.07 9.97 11.30
N LEU F 86 -1.73 8.92 10.82
CA LEU F 86 -2.41 8.91 9.53
C LEU F 86 -3.91 8.89 9.76
N ARG F 87 -4.60 9.91 9.24
CA ARG F 87 -6.06 9.98 9.31
C ARG F 87 -6.65 10.13 7.91
N CYS F 88 -6.00 9.52 6.92
CA CYS F 88 -6.54 9.51 5.57
C CYS F 88 -7.94 8.92 5.58
N ASN F 89 -8.89 9.65 4.99
CA ASN F 89 -10.28 9.19 4.92
C ASN F 89 -10.81 9.50 3.54
N ALA F 90 -11.05 8.46 2.74
CA ALA F 90 -11.59 8.59 1.40
C ALA F 90 -13.10 8.80 1.40
N ALA F 91 -13.71 8.98 2.57
CA ALA F 91 -15.11 9.37 2.65
C ALA F 91 -15.25 10.89 2.77
N LYS F 92 -14.31 11.53 3.46
CA LYS F 92 -14.33 12.97 3.61
C LYS F 92 -13.88 13.63 2.32
N LEU F 93 -14.61 14.66 1.92
CA LEU F 93 -14.30 15.42 0.71
C LEU F 93 -13.26 16.48 1.07
N LEU F 94 -11.99 16.15 0.87
CA LEU F 94 -10.92 17.05 1.26
C LEU F 94 -10.91 18.28 0.36
N LEU F 95 -10.66 19.43 0.98
CA LEU F 95 -10.57 20.68 0.23
C LEU F 95 -9.25 20.73 -0.53
N ASP F 96 -9.08 21.80 -1.31
CA ASP F 96 -7.84 22.03 -2.02
C ASP F 96 -7.02 23.05 -1.25
N PRO F 97 -5.89 22.67 -0.65
CA PRO F 97 -5.06 23.67 0.06
C PRO F 97 -4.64 24.84 -0.83
N TYR F 98 -4.71 24.68 -2.15
CA TYR F 98 -4.42 25.74 -3.10
C TYR F 98 -5.70 26.19 -3.82
N ALA F 99 -6.80 26.27 -3.07
CA ALA F 99 -8.08 26.68 -3.63
C ALA F 99 -8.11 28.19 -3.75
N ARG F 100 -8.18 28.68 -4.99
CA ARG F 100 -8.23 30.11 -5.23
C ARG F 100 -9.62 30.71 -4.94
N ALA F 101 -10.60 29.89 -4.58
CA ALA F 101 -11.86 30.33 -4.01
C ALA F 101 -12.60 29.11 -3.47
N VAL F 102 -13.18 29.25 -2.28
CA VAL F 102 -13.90 28.15 -1.63
C VAL F 102 -15.34 28.58 -1.42
N SER F 103 -16.27 27.78 -1.94
CA SER F 103 -17.69 28.07 -1.85
C SER F 103 -18.33 27.36 -0.66
N GLY F 104 -19.47 27.89 -0.23
CA GLY F 104 -20.25 27.27 0.82
C GLY F 104 -19.60 27.43 2.19
N ARG F 105 -20.26 26.81 3.17
CA ARG F 105 -19.81 26.83 4.55
C ARG F 105 -19.90 25.42 5.12
N VAL F 106 -19.32 25.24 6.30
CA VAL F 106 -19.34 23.95 6.98
C VAL F 106 -20.66 23.80 7.73
N ARG F 107 -21.42 22.77 7.39
CA ARG F 107 -22.64 22.41 8.11
C ARG F 107 -22.25 21.43 9.20
N TRP F 108 -22.12 21.92 10.42
CA TRP F 108 -21.55 21.13 11.50
C TRP F 108 -22.41 19.91 11.84
N GLY F 109 -21.89 18.72 11.56
CA GLY F 109 -22.53 17.48 11.90
C GLY F 109 -21.48 16.42 12.14
N GLU F 110 -21.93 15.22 12.50
CA GLU F 110 -21.01 14.12 12.75
C GLU F 110 -20.27 13.66 11.49
N ALA F 111 -20.56 14.25 10.32
CA ALA F 111 -20.01 13.77 9.06
C ALA F 111 -18.78 14.54 8.58
N VAL F 112 -18.52 15.72 9.15
CA VAL F 112 -17.33 16.49 8.78
C VAL F 112 -16.19 16.12 9.72
N TYR F 113 -16.37 15.06 10.50
CA TYR F 113 -15.51 14.86 11.66
C TYR F 113 -14.57 13.66 11.57
N GLY F 114 -14.74 12.77 10.59
CA GLY F 114 -13.69 11.81 10.30
C GLY F 114 -13.52 10.67 11.28
N TYR F 115 -13.98 10.87 12.52
CA TYR F 115 -13.95 9.84 13.54
C TYR F 115 -15.31 9.78 14.21
N PRO F 116 -15.70 8.62 14.74
CA PRO F 116 -16.97 8.54 15.47
C PRO F 116 -16.90 9.34 16.77
N PHE F 117 -17.96 10.11 17.02
CA PHE F 117 -17.95 11.07 18.11
C PHE F 117 -17.57 10.44 19.44
N GLY F 118 -17.99 9.19 19.68
CA GLY F 118 -17.70 8.53 20.95
C GLY F 118 -16.31 7.93 21.04
N ARG F 119 -15.65 7.71 19.90
CA ARG F 119 -14.37 7.01 19.85
C ARG F 119 -13.39 7.77 18.97
N PRO F 120 -12.34 8.37 19.54
CA PRO F 120 -11.48 9.25 18.74
C PRO F 120 -10.72 8.54 17.63
N ASP F 121 -10.22 7.33 17.87
CA ASP F 121 -9.30 6.68 16.96
C ASP F 121 -9.97 5.69 16.02
N ALA F 122 -11.30 5.59 16.05
CA ALA F 122 -12.01 4.70 15.14
C ALA F 122 -12.16 5.39 13.78
N ARG F 123 -12.98 4.82 12.90
CA ARG F 123 -13.13 5.30 11.53
C ARG F 123 -14.57 5.72 11.26
N ASN F 124 -14.70 6.80 10.50
CA ASN F 124 -16.00 7.35 10.11
C ASN F 124 -16.07 7.34 8.59
N ASP F 125 -17.05 6.63 8.05
CA ASP F 125 -17.27 6.56 6.61
C ASP F 125 -18.47 7.40 6.15
N LEU F 126 -18.88 8.36 6.96
CA LEU F 126 -19.94 9.28 6.53
C LEU F 126 -19.42 10.19 5.42
N ASP F 127 -20.18 10.27 4.33
CA ASP F 127 -19.83 11.19 3.25
C ASP F 127 -19.85 12.62 3.78
N SER F 128 -18.77 13.36 3.50
CA SER F 128 -18.64 14.74 3.96
C SER F 128 -19.09 15.76 2.91
N ALA F 129 -19.36 15.32 1.69
CA ALA F 129 -19.54 16.23 0.56
C ALA F 129 -20.52 17.37 0.79
N PRO F 130 -21.78 17.15 1.24
CA PRO F 130 -22.71 18.28 1.35
C PRO F 130 -22.51 19.12 2.61
N ASP F 131 -22.02 18.52 3.69
CA ASP F 131 -21.80 19.23 4.94
C ASP F 131 -20.51 20.04 4.93
N THR F 132 -19.82 20.12 3.81
CA THR F 132 -18.48 20.70 3.76
C THR F 132 -18.43 21.85 2.76
N MET F 133 -17.50 22.77 3.01
CA MET F 133 -17.10 23.75 2.01
C MET F 133 -16.58 23.05 0.75
N THR F 134 -16.53 23.78 -0.35
CA THR F 134 -16.08 23.22 -1.62
C THR F 134 -15.08 24.17 -2.28
N SER F 135 -13.93 23.62 -2.67
CA SER F 135 -12.91 24.37 -3.37
C SER F 135 -13.30 24.53 -4.84
N VAL F 136 -13.23 25.76 -5.35
CA VAL F 136 -13.74 26.10 -6.66
C VAL F 136 -12.60 26.50 -7.58
N VAL F 137 -12.75 26.17 -8.86
CA VAL F 137 -11.84 26.66 -9.88
C VAL F 137 -12.11 28.14 -10.14
N VAL F 138 -11.05 28.91 -10.36
CA VAL F 138 -11.14 30.34 -10.58
C VAL F 138 -10.47 30.69 -11.89
N ASN F 139 -11.09 31.61 -12.64
CA ASN F 139 -10.47 32.16 -13.83
C ASN F 139 -9.60 33.34 -13.43
N PRO F 140 -8.29 33.30 -13.69
CA PRO F 140 -7.39 34.28 -13.07
C PRO F 140 -7.48 35.69 -13.64
N TYR F 141 -8.28 35.91 -14.68
CA TYR F 141 -8.30 37.21 -15.33
C TYR F 141 -8.78 38.31 -14.39
N PHE F 142 -8.14 39.46 -14.51
CA PHE F 142 -8.59 40.71 -13.91
C PHE F 142 -7.77 41.84 -14.54
N ASP F 143 -8.45 42.93 -14.90
CA ASP F 143 -7.81 43.99 -15.68
C ASP F 143 -7.41 45.13 -14.74
N TRP F 144 -6.23 45.00 -14.14
CA TRP F 144 -5.58 46.09 -13.42
C TRP F 144 -4.96 47.02 -14.45
N GLY F 145 -5.80 47.89 -15.01
CA GLY F 145 -5.40 48.75 -16.11
C GLY F 145 -4.10 49.48 -15.88
N ASP F 146 -4.10 50.42 -14.94
CA ASP F 146 -2.87 51.02 -14.40
C ASP F 146 -3.01 50.97 -12.88
N ASP F 147 -2.65 49.82 -12.29
CA ASP F 147 -2.74 49.63 -10.85
C ASP F 147 -1.37 49.91 -10.25
N ARG F 148 -1.08 51.19 -10.09
CA ARG F 148 0.13 51.62 -9.39
C ARG F 148 0.02 51.21 -7.94
N ARG F 149 0.77 50.17 -7.57
CA ARG F 149 0.95 49.86 -6.16
C ARG F 149 1.48 51.12 -5.49
N PRO F 150 0.71 51.76 -4.62
CA PRO F 150 1.23 52.99 -4.00
C PRO F 150 2.31 52.66 -2.99
N ARG F 151 3.54 52.48 -3.49
CA ARG F 151 4.62 51.95 -2.68
C ARG F 151 5.09 53.01 -1.69
N THR F 152 4.17 53.38 -0.78
CA THR F 152 4.47 54.34 0.26
C THR F 152 5.71 53.90 1.04
N GLU F 153 6.55 54.88 1.36
CA GLU F 153 7.79 54.60 2.09
C GLU F 153 7.46 54.11 3.50
N TYR F 154 8.51 53.73 4.23
CA TYR F 154 8.27 53.24 5.58
C TYR F 154 8.06 54.36 6.58
N HIS F 155 8.71 55.50 6.38
CA HIS F 155 8.55 56.65 7.27
C HIS F 155 7.50 57.63 6.77
N HIS F 156 6.45 57.11 6.12
CA HIS F 156 5.22 57.85 5.91
C HIS F 156 3.99 57.01 6.24
N THR F 157 4.18 55.77 6.70
CA THR F 157 3.07 54.85 6.88
C THR F 157 2.24 55.22 8.11
N VAL F 158 0.92 55.07 7.98
CA VAL F 158 -0.01 55.16 9.10
C VAL F 158 -0.93 53.94 8.96
N ILE F 159 -0.67 52.92 9.77
CA ILE F 159 -1.42 51.67 9.65
C ILE F 159 -2.76 51.82 10.36
N TYR F 160 -3.81 51.29 9.73
CA TYR F 160 -5.17 51.35 10.24
C TYR F 160 -5.73 49.94 10.22
N GLU F 161 -5.59 49.23 11.34
CA GLU F 161 -6.11 47.87 11.42
C GLU F 161 -7.63 47.89 11.43
N ALA F 162 -8.23 47.26 10.44
CA ALA F 162 -9.67 47.23 10.29
C ALA F 162 -10.13 45.81 9.96
N HIS F 163 -11.36 45.51 10.38
CA HIS F 163 -12.03 44.29 9.98
C HIS F 163 -12.97 44.59 8.82
N VAL F 164 -13.09 43.63 7.91
CA VAL F 164 -13.78 43.90 6.65
C VAL F 164 -15.27 44.09 6.87
N LYS F 165 -15.83 43.50 7.93
CA LYS F 165 -17.26 43.53 8.14
C LYS F 165 -17.69 44.70 9.02
N GLY F 166 -17.04 44.86 10.18
CA GLY F 166 -17.43 45.92 11.10
C GLY F 166 -17.24 47.31 10.53
N LEU F 167 -16.21 47.48 9.70
CA LEU F 167 -15.89 48.79 9.14
C LEU F 167 -17.08 49.36 8.37
N THR F 168 -17.85 48.50 7.70
CA THR F 168 -18.86 48.95 6.76
C THR F 168 -20.26 48.39 7.00
N MET F 169 -20.44 47.43 7.91
CA MET F 169 -21.77 46.87 8.15
C MET F 169 -22.75 47.92 8.65
N LEU F 170 -22.25 48.98 9.29
CA LEU F 170 -23.10 49.98 9.92
C LEU F 170 -22.83 51.38 9.38
N HIS F 171 -22.35 51.48 8.15
CA HIS F 171 -22.09 52.79 7.56
C HIS F 171 -23.36 53.29 6.87
N PRO F 172 -23.96 54.39 7.33
CA PRO F 172 -25.21 54.86 6.72
C PRO F 172 -25.00 55.58 5.40
N ASP F 173 -24.15 55.02 4.55
CA ASP F 173 -23.92 55.52 3.21
C ASP F 173 -23.89 54.44 2.15
N LEU F 174 -23.63 53.20 2.53
CA LEU F 174 -23.59 52.16 1.50
C LEU F 174 -24.98 51.57 1.33
N PRO F 175 -25.30 51.05 0.15
CA PRO F 175 -26.52 50.26 0.01
C PRO F 175 -26.41 48.97 0.82
N GLU F 176 -27.56 48.50 1.31
CA GLU F 176 -27.58 47.37 2.23
C GLU F 176 -26.88 46.15 1.65
N GLU F 177 -26.86 46.03 0.32
CA GLU F 177 -26.09 44.97 -0.32
C GLU F 177 -24.62 45.03 0.07
N LEU F 178 -24.06 46.24 0.14
CA LEU F 178 -22.62 46.43 0.24
C LEU F 178 -22.14 46.67 1.67
N ARG F 179 -23.04 46.71 2.66
CA ARG F 179 -22.62 46.91 4.04
C ARG F 179 -21.93 45.65 4.54
N GLY F 180 -20.64 45.75 4.84
CA GLY F 180 -19.90 44.66 5.42
C GLY F 180 -19.20 43.73 4.46
N THR F 181 -19.15 44.07 3.18
CA THR F 181 -18.49 43.25 2.16
C THR F 181 -17.24 43.96 1.66
N TYR F 182 -16.45 43.24 0.85
CA TYR F 182 -15.22 43.82 0.32
C TYR F 182 -15.50 45.05 -0.53
N ALA F 183 -16.60 45.02 -1.29
CA ALA F 183 -16.93 46.16 -2.15
C ALA F 183 -17.28 47.39 -1.33
N GLY F 184 -18.04 47.22 -0.26
CA GLY F 184 -18.31 48.34 0.64
C GLY F 184 -17.05 48.86 1.31
N LEU F 185 -16.02 48.02 1.42
CA LEU F 185 -14.73 48.46 1.94
C LEU F 185 -14.03 49.43 1.00
N ALA F 186 -14.41 49.44 -0.29
CA ALA F 186 -13.81 50.31 -1.27
C ALA F 186 -14.80 51.34 -1.83
N HIS F 187 -15.92 51.53 -1.15
CA HIS F 187 -16.86 52.60 -1.48
C HIS F 187 -16.15 53.95 -1.32
N PRO F 188 -16.57 54.98 -2.07
CA PRO F 188 -15.92 56.29 -1.89
C PRO F 188 -16.10 56.86 -0.49
N SER F 189 -17.22 56.58 0.17
CA SER F 189 -17.44 57.12 1.52
C SER F 189 -16.49 56.54 2.55
N VAL F 190 -15.82 55.43 2.25
CA VAL F 190 -14.89 54.81 3.18
C VAL F 190 -13.46 55.26 2.83
N ILE F 191 -13.07 55.06 1.57
CA ILE F 191 -11.75 55.52 1.13
C ILE F 191 -11.62 57.03 1.31
N GLY F 192 -12.73 57.75 1.21
CA GLY F 192 -12.71 59.17 1.54
C GLY F 192 -12.40 59.41 3.00
N HIS F 193 -12.91 58.55 3.88
CA HIS F 193 -12.61 58.70 5.31
C HIS F 193 -11.15 58.35 5.61
N LEU F 194 -10.66 57.24 5.03
CA LEU F 194 -9.25 56.89 5.21
C LEU F 194 -8.34 57.96 4.62
N ARG F 195 -8.73 58.53 3.48
CA ARG F 195 -8.01 59.69 2.94
C ARG F 195 -8.14 60.87 3.89
N GLU F 196 -9.35 61.11 4.40
CA GLU F 196 -9.56 62.19 5.37
C GLU F 196 -8.74 61.98 6.63
N LEU F 197 -8.48 60.73 7.01
CA LEU F 197 -7.76 60.45 8.24
C LEU F 197 -6.25 60.53 8.05
N GLY F 198 -5.76 60.27 6.85
CA GLY F 198 -4.34 60.32 6.57
C GLY F 198 -3.61 59.00 6.64
N VAL F 199 -4.32 57.88 6.58
CA VAL F 199 -3.68 56.58 6.62
C VAL F 199 -3.08 56.27 5.26
N THR F 200 -2.03 55.43 5.26
CA THR F 200 -1.44 54.93 4.04
C THR F 200 -1.51 53.40 3.94
N ALA F 201 -2.14 52.74 4.91
CA ALA F 201 -2.21 51.29 4.92
C ALA F 201 -3.48 50.86 5.64
N LEU F 202 -4.12 49.82 5.11
CA LEU F 202 -5.35 49.25 5.65
C LEU F 202 -5.04 47.83 6.12
N GLU F 203 -4.62 47.68 7.37
CA GLU F 203 -4.41 46.34 7.90
C GLU F 203 -5.74 45.61 7.96
N LEU F 204 -5.85 44.51 7.23
CA LEU F 204 -7.10 43.78 7.03
C LEU F 204 -7.05 42.51 7.88
N MET F 205 -7.82 42.52 8.97
CA MET F 205 -7.98 41.35 9.83
C MET F 205 -8.42 40.18 8.96
N PRO F 206 -8.02 38.94 9.30
CA PRO F 206 -7.91 37.87 8.30
C PRO F 206 -9.01 37.80 7.24
N VAL F 207 -8.59 37.86 5.97
CA VAL F 207 -9.49 37.59 4.86
C VAL F 207 -9.27 36.20 4.28
N HIS F 208 -8.19 35.52 4.66
CA HIS F 208 -8.03 34.10 4.35
C HIS F 208 -9.24 33.36 4.83
N GLN F 209 -9.91 32.65 3.91
CA GLN F 209 -11.22 32.10 4.22
C GLN F 209 -11.11 31.10 5.37
N PHE F 210 -11.92 31.32 6.40
CA PHE F 210 -11.85 30.59 7.66
C PHE F 210 -13.20 29.93 7.93
N VAL F 211 -13.26 29.17 9.02
CA VAL F 211 -14.45 28.42 9.39
C VAL F 211 -14.90 28.86 10.77
N ASN F 212 -16.20 29.09 10.92
CA ASN F 212 -16.77 29.31 12.24
C ASN F 212 -16.75 28.01 13.02
N ASP F 213 -16.17 28.05 14.22
CA ASP F 213 -15.90 26.82 14.96
C ASP F 213 -17.18 26.15 15.41
N HIS F 214 -17.21 24.82 15.23
CA HIS F 214 -18.23 23.99 15.89
C HIS F 214 -18.31 24.35 17.36
N ARG F 215 -17.15 24.52 18.00
CA ARG F 215 -17.05 25.04 19.36
C ARG F 215 -17.91 26.28 19.54
N LEU F 216 -17.93 27.19 18.56
CA LEU F 216 -18.64 28.45 18.69
C LEU F 216 -20.09 28.38 18.25
N VAL F 217 -20.42 27.50 17.31
CA VAL F 217 -21.75 27.53 16.72
C VAL F 217 -22.78 26.83 17.62
N ASP F 218 -22.37 25.85 18.42
CA ASP F 218 -23.30 25.35 19.43
C ASP F 218 -23.19 26.20 20.69
N ALA F 219 -23.17 27.52 20.52
CA ALA F 219 -23.24 28.42 21.67
C ALA F 219 -24.08 29.65 21.39
N GLY F 220 -24.60 29.84 20.18
CA GLY F 220 -25.22 31.09 19.80
C GLY F 220 -24.25 32.12 19.24
N LEU F 221 -22.96 31.78 19.14
CA LEU F 221 -21.93 32.69 18.69
C LEU F 221 -21.40 32.27 17.32
N SER F 222 -20.39 32.99 16.83
CA SER F 222 -19.82 32.74 15.52
C SER F 222 -18.45 33.40 15.44
N ASN F 223 -17.47 32.67 14.92
CA ASN F 223 -16.13 33.22 14.73
C ASN F 223 -16.19 34.47 13.86
N TYR F 224 -15.71 35.58 14.39
CA TYR F 224 -15.79 36.88 13.73
C TYR F 224 -14.44 37.35 13.23
N TRP F 225 -13.41 37.33 14.09
CA TRP F 225 -12.08 37.75 13.67
C TRP F 225 -11.54 36.85 12.57
N GLY F 226 -11.69 35.54 12.72
CA GLY F 226 -11.28 34.62 11.68
C GLY F 226 -9.86 34.13 11.75
N TYR F 227 -9.25 34.12 12.94
CA TYR F 227 -7.92 33.53 13.07
C TYR F 227 -8.04 32.02 13.20
N ASN F 228 -8.82 31.39 12.31
CA ASN F 228 -9.02 29.94 12.33
C ASN F 228 -9.30 29.54 10.87
N THR F 229 -8.22 29.25 10.14
CA THR F 229 -8.24 29.31 8.68
C THR F 229 -7.99 27.96 8.04
N ILE F 230 -8.67 27.71 6.93
CA ILE F 230 -8.37 26.58 6.06
C ILE F 230 -7.92 27.06 4.68
N GLY F 231 -8.58 28.08 4.13
CA GLY F 231 -8.29 28.55 2.80
C GLY F 231 -7.16 29.55 2.76
N PHE F 232 -5.98 29.09 2.35
CA PHE F 232 -4.80 29.94 2.32
C PHE F 232 -4.67 30.72 1.02
N PHE F 233 -5.54 30.48 0.04
CA PHE F 233 -5.54 31.22 -1.21
C PHE F 233 -6.86 31.93 -1.49
N ALA F 234 -7.89 31.71 -0.68
CA ALA F 234 -9.21 32.20 -1.02
C ALA F 234 -9.60 33.39 -0.14
N PRO F 235 -10.39 34.32 -0.67
CA PRO F 235 -11.02 35.33 0.18
C PRO F 235 -12.23 34.74 0.88
N HIS F 236 -12.41 35.14 2.14
CA HIS F 236 -13.52 34.63 2.94
C HIS F 236 -14.85 34.90 2.25
N ASN F 237 -15.56 33.82 1.89
CA ASN F 237 -16.77 33.96 1.10
C ASN F 237 -17.86 34.72 1.85
N ALA F 238 -17.84 34.69 3.18
CA ALA F 238 -18.80 35.41 3.99
C ALA F 238 -18.51 36.91 4.07
N TYR F 239 -17.58 37.40 3.25
CA TYR F 239 -17.36 38.83 3.06
C TYR F 239 -17.73 39.28 1.65
N ALA F 240 -18.43 38.44 0.89
CA ALA F 240 -18.65 38.67 -0.53
C ALA F 240 -20.12 38.99 -0.80
N SER F 241 -20.36 40.16 -1.39
CA SER F 241 -21.70 40.51 -1.86
C SER F 241 -21.95 40.05 -3.28
N TRP F 242 -20.94 39.51 -3.97
CA TRP F 242 -21.05 39.17 -5.38
C TRP F 242 -21.20 37.68 -5.64
N GLY F 243 -20.94 36.82 -4.67
CA GLY F 243 -21.09 35.38 -4.83
C GLY F 243 -19.90 34.63 -4.26
N ASP F 244 -20.06 33.30 -4.24
CA ASP F 244 -19.03 32.42 -3.69
C ASP F 244 -18.43 31.47 -4.71
N ARG F 245 -19.00 31.34 -5.90
CA ARG F 245 -18.49 30.41 -6.90
C ARG F 245 -17.29 31.00 -7.63
N GLY F 246 -16.27 31.43 -6.88
CA GLY F 246 -15.12 32.07 -7.46
C GLY F 246 -15.26 33.57 -7.66
N GLN F 247 -16.45 34.13 -7.44
CA GLN F 247 -16.70 35.54 -7.69
C GLN F 247 -16.22 36.43 -6.55
N GLN F 248 -16.05 35.88 -5.35
CA GLN F 248 -15.50 36.65 -4.23
C GLN F 248 -14.07 37.09 -4.49
N VAL F 249 -13.33 36.32 -5.31
CA VAL F 249 -11.97 36.71 -5.64
C VAL F 249 -11.97 37.99 -6.47
N LEU F 250 -13.04 38.23 -7.21
CA LEU F 250 -13.16 39.45 -7.99
C LEU F 250 -13.42 40.65 -7.10
N GLU F 251 -14.33 40.48 -6.13
CA GLU F 251 -14.56 41.49 -5.11
C GLU F 251 -13.25 42.01 -4.53
N PHE F 252 -12.39 41.10 -4.10
CA PHE F 252 -11.11 41.49 -3.52
C PHE F 252 -10.24 42.22 -4.53
N LYS F 253 -10.07 41.63 -5.72
CA LYS F 253 -9.23 42.25 -6.74
C LYS F 253 -9.72 43.63 -7.12
N SER F 254 -11.04 43.82 -7.16
CA SER F 254 -11.60 45.13 -7.46
C SER F 254 -11.63 46.05 -6.25
N ALA F 255 -11.60 45.49 -5.03
CA ALA F 255 -11.50 46.31 -3.84
C ALA F 255 -10.08 46.81 -3.62
N VAL F 256 -9.08 46.08 -4.12
CA VAL F 256 -7.71 46.57 -4.06
C VAL F 256 -7.47 47.63 -5.15
N ARG F 257 -8.05 47.41 -6.34
CA ARG F 257 -7.95 48.39 -7.42
C ARG F 257 -8.40 49.77 -6.97
N ALA F 258 -9.48 49.84 -6.18
CA ALA F 258 -10.00 51.13 -5.76
C ALA F 258 -9.10 51.78 -4.71
N LEU F 259 -8.75 51.03 -3.66
CA LEU F 259 -7.86 51.58 -2.63
C LEU F 259 -6.54 52.03 -3.23
N HIS F 260 -6.02 51.29 -4.21
CA HIS F 260 -4.75 51.65 -4.83
C HIS F 260 -4.85 52.88 -5.72
N GLN F 261 -6.04 53.20 -6.23
CA GLN F 261 -6.19 54.41 -7.03
C GLN F 261 -6.16 55.66 -6.16
N ALA F 262 -6.72 55.59 -4.96
CA ALA F 262 -6.65 56.68 -4.00
C ALA F 262 -5.40 56.63 -3.14
N GLY F 263 -4.50 55.68 -3.40
CA GLY F 263 -3.19 55.67 -2.78
C GLY F 263 -3.10 55.03 -1.41
N ILE F 264 -4.01 54.12 -1.07
CA ILE F 264 -4.01 53.47 0.24
C ILE F 264 -3.60 52.01 0.07
N GLU F 265 -2.55 51.61 0.77
CA GLU F 265 -2.00 50.26 0.62
C GLU F 265 -2.91 49.23 1.27
N VAL F 266 -2.65 47.96 0.97
CA VAL F 266 -3.36 46.84 1.58
C VAL F 266 -2.37 46.00 2.34
N ILE F 267 -2.57 45.88 3.65
CA ILE F 267 -1.83 44.99 4.53
C ILE F 267 -2.88 44.05 5.12
N LEU F 268 -2.72 42.75 4.92
CA LEU F 268 -3.72 41.83 5.47
C LEU F 268 -3.11 40.90 6.51
N ASP F 269 -3.98 40.47 7.42
CA ASP F 269 -3.62 39.64 8.55
C ASP F 269 -3.61 38.17 8.11
N VAL F 270 -2.42 37.57 8.06
CA VAL F 270 -2.27 36.19 7.64
C VAL F 270 -2.17 35.31 8.87
N VAL F 271 -2.76 34.13 8.81
CA VAL F 271 -2.73 33.15 9.90
C VAL F 271 -2.12 31.88 9.32
N TYR F 272 -0.79 31.76 9.43
CA TYR F 272 -0.10 30.59 8.92
C TYR F 272 0.34 29.62 10.00
N ASN F 273 0.34 30.06 11.26
CA ASN F 273 0.83 29.20 12.34
C ASN F 273 -0.07 28.00 12.58
N HIS F 274 -1.38 28.14 12.36
CA HIS F 274 -2.33 27.11 12.75
C HIS F 274 -3.46 27.02 11.73
N THR F 275 -4.19 25.91 11.80
CA THR F 275 -5.26 25.60 10.87
C THR F 275 -6.59 25.53 11.61
N ALA F 276 -7.68 25.65 10.84
CA ALA F 276 -9.04 25.57 11.36
C ALA F 276 -9.49 24.15 11.66
N GLU F 277 -8.65 23.14 11.46
CA GLU F 277 -8.97 21.78 11.88
C GLU F 277 -8.58 21.51 13.32
N GLY F 278 -7.80 22.40 13.93
CA GLY F 278 -7.41 22.28 15.32
C GLY F 278 -6.65 20.98 15.59
N ASN F 279 -6.75 20.53 16.83
CA ASN F 279 -6.16 19.28 17.27
C ASN F 279 -7.04 18.13 16.78
N HIS F 280 -6.73 16.93 17.26
CA HIS F 280 -7.65 15.83 17.02
C HIS F 280 -8.93 16.09 17.80
N LEU F 281 -9.87 15.15 17.72
CA LEU F 281 -11.27 15.34 18.11
C LEU F 281 -11.95 16.37 17.23
N GLY F 282 -11.28 16.87 16.19
CA GLY F 282 -11.82 17.92 15.36
C GLY F 282 -12.11 17.42 13.95
N PRO F 283 -12.42 18.36 13.06
CA PRO F 283 -12.83 17.97 11.70
C PRO F 283 -11.66 17.46 10.87
N THR F 284 -12.02 16.74 9.80
CA THR F 284 -11.12 16.44 8.70
C THR F 284 -11.66 17.22 7.50
N LEU F 285 -11.03 18.35 7.19
CA LEU F 285 -11.51 19.22 6.13
C LEU F 285 -10.54 19.31 4.96
N SER F 286 -9.31 19.75 5.20
CA SER F 286 -8.35 19.91 4.12
C SER F 286 -7.08 19.08 4.32
N MET F 287 -6.38 19.25 5.44
CA MET F 287 -5.04 18.71 5.58
C MET F 287 -4.94 17.53 6.54
N ARG F 288 -5.97 17.28 7.35
CA ARG F 288 -6.02 16.03 8.11
C ARG F 288 -6.04 14.83 7.18
N GLY F 289 -6.88 14.88 6.15
CA GLY F 289 -7.06 13.75 5.25
C GLY F 289 -6.14 13.72 4.05
N LEU F 290 -5.49 14.85 3.74
CA LEU F 290 -4.60 14.87 2.57
C LEU F 290 -3.29 14.16 2.88
N ASP F 291 -2.48 14.75 3.76
CA ASP F 291 -1.29 14.08 4.29
C ASP F 291 -1.05 14.66 5.67
N ASN F 292 -1.58 13.97 6.69
CA ASN F 292 -1.55 14.51 8.06
C ASN F 292 -0.14 14.68 8.60
N PRO F 293 0.73 13.66 8.62
CA PRO F 293 2.00 13.80 9.33
C PRO F 293 2.96 14.81 8.70
N SER F 294 2.81 15.12 7.41
CA SER F 294 3.68 16.09 6.77
C SER F 294 3.14 17.52 6.83
N TYR F 295 1.88 17.71 7.23
CA TYR F 295 1.28 19.03 7.34
C TYR F 295 1.32 19.57 8.77
N TYR F 296 0.90 18.78 9.74
CA TYR F 296 0.77 19.24 11.11
C TYR F 296 1.96 18.79 11.95
N ARG F 297 2.34 19.64 12.91
CA ARG F 297 3.41 19.32 13.85
C ARG F 297 2.88 18.31 14.87
N LEU F 298 3.31 17.07 14.74
CA LEU F 298 2.79 16.00 15.58
C LEU F 298 3.61 15.89 16.87
N ALA F 299 3.06 15.14 17.82
CA ALA F 299 3.65 15.02 19.15
C ALA F 299 4.62 13.83 19.19
N ASP F 300 5.11 13.50 20.39
CA ASP F 300 5.83 12.25 20.61
C ASP F 300 4.89 11.05 20.70
N ASP F 301 3.63 11.25 20.36
CA ASP F 301 2.62 10.23 20.14
C ASP F 301 1.84 10.68 18.92
N PRO F 302 2.06 10.04 17.76
CA PRO F 302 1.52 10.60 16.50
C PRO F 302 0.02 10.79 16.49
N ARG F 303 -0.68 10.32 17.52
CA ARG F 303 -2.11 10.55 17.65
C ARG F 303 -2.42 12.00 17.98
N TYR F 304 -1.54 12.68 18.70
CA TYR F 304 -1.82 13.99 19.27
C TYR F 304 -1.00 15.06 18.54
N TYR F 305 -1.50 16.29 18.59
CA TYR F 305 -0.93 17.40 17.83
C TYR F 305 -0.23 18.37 18.76
N MET F 306 1.03 18.66 18.47
CA MET F 306 1.72 19.74 19.16
C MET F 306 0.98 21.06 18.91
N ASP F 307 1.04 21.94 19.90
CA ASP F 307 0.27 23.18 19.84
C ASP F 307 1.08 24.27 20.57
N THR F 308 1.88 25.01 19.79
CA THR F 308 2.61 26.15 20.31
C THR F 308 1.79 27.44 20.27
N THR F 309 0.53 27.35 19.87
CA THR F 309 -0.35 28.50 19.76
C THR F 309 -1.49 28.51 20.76
N GLY F 310 -1.96 27.35 21.19
CA GLY F 310 -3.13 27.27 22.04
C GLY F 310 -4.45 27.25 21.30
N THR F 311 -4.42 27.04 19.98
CA THR F 311 -5.60 27.10 19.12
C THR F 311 -5.83 25.77 18.43
N GLY F 312 -5.64 24.68 19.16
CA GLY F 312 -5.78 23.35 18.58
C GLY F 312 -4.49 22.75 18.06
N ASN F 313 -3.93 23.30 16.98
CA ASN F 313 -2.79 22.65 16.34
C ASN F 313 -1.72 23.70 16.01
N SER F 314 -0.68 23.22 15.32
CA SER F 314 0.43 24.05 14.85
C SER F 314 1.00 23.39 13.61
N LEU F 315 1.67 24.18 12.78
CA LEU F 315 2.14 23.71 11.48
C LEU F 315 3.62 23.33 11.53
N LEU F 316 3.96 22.32 10.73
CA LEU F 316 5.34 21.83 10.62
C LEU F 316 6.15 22.80 9.79
N MET F 317 7.04 23.55 10.44
CA MET F 317 7.86 24.55 9.77
C MET F 317 9.19 24.00 9.30
N ARG F 318 9.28 22.70 9.07
CA ARG F 318 10.46 22.08 8.49
C ARG F 318 10.15 21.14 7.34
N SER F 319 8.90 20.74 7.16
CA SER F 319 8.52 19.96 5.99
C SER F 319 8.52 20.87 4.78
N PRO F 320 9.34 20.60 3.76
CA PRO F 320 9.42 21.53 2.61
C PRO F 320 8.08 21.91 2.01
N HIS F 321 7.07 21.06 2.13
CA HIS F 321 5.79 21.27 1.47
C HIS F 321 4.79 22.04 2.33
N VAL F 322 5.16 22.41 3.55
CA VAL F 322 4.35 23.38 4.30
C VAL F 322 4.87 24.79 4.07
N LEU F 323 6.20 24.96 4.06
CA LEU F 323 6.78 26.26 3.71
C LEU F 323 6.43 26.64 2.28
N GLN F 324 6.38 25.66 1.37
CA GLN F 324 6.00 25.95 0.00
C GLN F 324 4.56 26.42 -0.09
N LEU F 325 3.68 25.85 0.74
CA LEU F 325 2.28 26.29 0.75
C LEU F 325 2.18 27.72 1.27
N ILE F 326 3.00 28.08 2.27
CA ILE F 326 3.02 29.45 2.77
C ILE F 326 3.51 30.40 1.67
N MET F 327 4.65 30.06 1.06
CA MET F 327 5.25 30.94 0.06
C MET F 327 4.35 31.09 -1.16
N ASP F 328 3.90 29.97 -1.73
CA ASP F 328 2.99 30.05 -2.87
C ASP F 328 1.73 30.82 -2.53
N SER F 329 1.35 30.87 -1.25
CA SER F 329 0.29 31.76 -0.81
C SER F 329 0.79 33.20 -0.77
N LEU F 330 1.89 33.44 -0.05
CA LEU F 330 2.44 34.79 0.09
C LEU F 330 2.63 35.47 -1.26
N ARG F 331 3.30 34.80 -2.20
CA ARG F 331 3.48 35.35 -3.53
C ARG F 331 2.19 35.47 -4.31
N TYR F 332 1.14 34.76 -3.90
CA TYR F 332 -0.13 34.80 -4.63
C TYR F 332 -0.95 36.03 -4.29
N TRP F 333 -0.80 36.58 -3.09
CA TRP F 333 -1.55 37.79 -2.75
C TRP F 333 -0.85 39.07 -3.18
N VAL F 334 0.45 39.02 -3.47
CA VAL F 334 1.16 40.17 -4.01
C VAL F 334 1.13 40.17 -5.53
N THR F 335 1.49 39.04 -6.15
CA THR F 335 1.61 38.99 -7.61
C THR F 335 0.27 38.84 -8.31
N GLU F 336 -0.75 38.32 -7.63
CA GLU F 336 -2.05 38.10 -8.25
C GLU F 336 -3.16 38.98 -7.71
N MET F 337 -3.05 39.48 -6.48
CA MET F 337 -4.07 40.35 -5.91
C MET F 337 -3.51 41.69 -5.45
N HIS F 338 -2.26 42.00 -5.79
CA HIS F 338 -1.71 43.36 -5.66
C HIS F 338 -1.76 43.87 -4.23
N VAL F 339 -1.55 42.97 -3.27
CA VAL F 339 -1.39 43.37 -1.88
C VAL F 339 -0.01 44.01 -1.69
N ASP F 340 0.10 44.86 -0.66
CA ASP F 340 1.32 45.58 -0.39
C ASP F 340 2.07 45.10 0.85
N GLY F 341 1.49 44.20 1.65
CA GLY F 341 2.20 43.71 2.83
C GLY F 341 1.33 42.76 3.62
N PHE F 342 1.97 42.10 4.58
CA PHE F 342 1.32 41.11 5.42
C PHE F 342 1.74 41.28 6.87
N ARG F 343 0.79 41.10 7.79
CA ARG F 343 1.07 40.99 9.22
C ARG F 343 1.02 39.52 9.59
N PHE F 344 2.16 38.96 9.97
CA PHE F 344 2.22 37.56 10.36
C PHE F 344 1.80 37.43 11.83
N ASP F 345 0.80 36.59 12.07
CA ASP F 345 0.29 36.36 13.41
C ASP F 345 1.05 35.23 14.09
N LEU F 346 1.35 35.43 15.37
CA LEU F 346 2.08 34.45 16.17
C LEU F 346 3.35 34.03 15.44
N ALA F 347 4.00 35.01 14.80
CA ALA F 347 5.09 34.74 13.86
C ALA F 347 6.28 34.04 14.49
N ALA F 348 6.31 33.89 15.81
CA ALA F 348 7.33 33.06 16.43
C ALA F 348 7.08 31.58 16.18
N THR F 349 5.84 31.19 15.90
CA THR F 349 5.55 29.81 15.55
C THR F 349 6.10 29.47 14.17
N LEU F 350 6.17 30.47 13.28
CA LEU F 350 6.68 30.24 11.94
C LEU F 350 8.17 29.91 11.95
N ALA F 351 8.89 30.37 12.97
CA ALA F 351 10.32 30.13 13.09
C ALA F 351 10.66 28.92 13.96
N ARG F 352 9.66 28.31 14.61
CA ARG F 352 9.90 27.08 15.34
C ARG F 352 10.11 25.93 14.36
N GLN F 353 11.35 25.69 13.97
CA GLN F 353 11.58 24.65 12.96
C GLN F 353 11.50 23.26 13.57
N PHE F 354 12.12 23.05 14.74
CA PHE F 354 11.81 21.86 15.52
C PHE F 354 11.23 22.20 16.90
N HIS F 355 11.99 22.83 17.79
CA HIS F 355 11.45 23.18 19.11
C HIS F 355 11.66 24.64 19.46
N GLU F 356 12.88 25.14 19.34
CA GLU F 356 13.19 26.49 19.76
C GLU F 356 12.94 27.47 18.63
N VAL F 357 12.69 28.72 19.00
CA VAL F 357 12.43 29.76 18.01
C VAL F 357 13.73 30.08 17.31
N ASP F 358 13.90 29.56 16.10
CA ASP F 358 15.14 29.63 15.36
C ASP F 358 15.07 30.79 14.37
N ARG F 359 15.94 31.79 14.56
CA ARG F 359 15.98 32.90 13.61
C ARG F 359 16.74 32.53 12.34
N LEU F 360 17.38 31.37 12.30
CA LEU F 360 17.89 30.77 11.07
C LEU F 360 16.96 29.70 10.52
N SER F 361 15.68 29.77 10.87
CA SER F 361 14.72 28.82 10.35
C SER F 361 14.54 29.01 8.85
N SER F 362 14.23 27.92 8.16
CA SER F 362 14.08 27.96 6.70
C SER F 362 13.07 29.03 6.27
N PHE F 363 12.00 29.20 7.04
CA PHE F 363 11.00 30.22 6.73
C PHE F 363 11.63 31.61 6.67
N PHE F 364 12.48 31.94 7.65
CA PHE F 364 13.14 33.24 7.63
C PHE F 364 14.11 33.36 6.46
N ASP F 365 14.75 32.25 6.08
CA ASP F 365 15.62 32.25 4.91
C ASP F 365 14.86 32.21 3.61
N LEU F 366 13.57 31.87 3.64
CA LEU F 366 12.73 31.86 2.45
C LEU F 366 12.14 33.23 2.15
N VAL F 367 11.60 33.90 3.17
CA VAL F 367 11.09 35.25 2.99
C VAL F 367 12.21 36.20 2.59
N GLN F 368 13.36 36.11 3.29
CA GLN F 368 14.45 37.05 3.08
C GLN F 368 14.94 37.05 1.64
N GLN F 369 14.88 35.91 0.96
CA GLN F 369 15.46 35.80 -0.38
C GLN F 369 14.45 36.16 -1.47
N ASP F 370 13.18 35.82 -1.29
CA ASP F 370 12.25 35.78 -2.43
C ASP F 370 12.02 37.18 -2.98
N PRO F 371 12.18 37.38 -4.29
CA PRO F 371 12.03 38.74 -4.84
C PRO F 371 10.63 39.32 -4.69
N VAL F 372 9.62 38.47 -4.52
CA VAL F 372 8.25 38.94 -4.39
C VAL F 372 7.91 39.32 -2.95
N VAL F 373 8.39 38.52 -1.98
CA VAL F 373 7.95 38.66 -0.60
C VAL F 373 8.95 39.42 0.27
N SER F 374 10.23 39.46 -0.10
CA SER F 374 11.19 40.26 0.66
C SER F 374 11.02 41.75 0.42
N GLN F 375 10.23 42.15 -0.57
CA GLN F 375 10.07 43.56 -0.91
C GLN F 375 8.81 44.19 -0.33
N VAL F 376 7.76 43.39 -0.09
CA VAL F 376 6.55 43.91 0.51
C VAL F 376 6.80 44.24 1.97
N LYS F 377 5.87 44.94 2.59
CA LYS F 377 5.97 45.22 4.02
C LYS F 377 5.85 43.93 4.81
N LEU F 378 6.87 43.63 5.61
CA LEU F 378 6.91 42.42 6.42
C LEU F 378 6.74 42.84 7.88
N ILE F 379 5.50 42.77 8.36
CA ILE F 379 5.16 43.13 9.74
C ILE F 379 4.91 41.84 10.50
N ALA F 380 5.46 41.75 11.70
CA ALA F 380 5.35 40.56 12.52
C ALA F 380 4.71 40.88 13.86
N GLU F 381 4.01 39.88 14.41
CA GLU F 381 3.60 39.89 15.80
C GLU F 381 4.56 38.97 16.53
N PRO F 382 5.63 39.48 17.13
CA PRO F 382 6.79 38.64 17.48
C PRO F 382 6.64 37.92 18.81
N TRP F 383 5.62 37.07 18.91
CA TRP F 383 5.48 36.21 20.09
C TRP F 383 4.49 35.10 19.79
N ASP F 384 4.71 33.95 20.42
CA ASP F 384 3.73 32.89 20.53
C ASP F 384 3.65 32.46 21.99
N VAL F 385 2.62 31.69 22.32
CA VAL F 385 2.43 31.27 23.71
C VAL F 385 3.35 30.12 24.12
N GLY F 386 4.05 29.52 23.17
CA GLY F 386 4.94 28.43 23.47
C GLY F 386 6.17 28.87 24.26
N GLU F 387 6.98 27.88 24.62
CA GLU F 387 8.19 28.15 25.39
C GLU F 387 9.21 28.88 24.52
N GLY F 388 9.88 29.86 25.12
CA GLY F 388 10.70 30.76 24.34
C GLY F 388 9.89 31.62 23.40
N GLY F 389 8.66 31.96 23.78
CA GLY F 389 7.73 32.60 22.87
C GLY F 389 7.96 34.07 22.65
N TYR F 390 8.09 34.84 23.73
CA TYR F 390 8.29 36.29 23.62
C TYR F 390 9.64 36.56 22.96
N GLN F 391 9.62 37.04 21.73
CA GLN F 391 10.83 37.30 20.95
C GLN F 391 10.79 38.70 20.35
N VAL F 392 10.37 39.69 21.15
CA VAL F 392 10.33 41.06 20.67
C VAL F 392 11.74 41.61 20.61
N GLY F 393 12.16 42.04 19.42
CA GLY F 393 13.51 42.49 19.19
C GLY F 393 14.49 41.42 18.76
N ASN F 394 14.00 40.24 18.38
CA ASN F 394 14.87 39.13 18.03
C ASN F 394 14.63 38.60 16.62
N PHE F 395 13.68 39.15 15.88
CA PHE F 395 13.47 38.76 14.50
C PHE F 395 14.61 39.27 13.63
N PRO F 396 14.74 38.77 12.39
CA PRO F 396 15.78 39.28 11.49
C PRO F 396 15.62 40.77 11.24
N PRO F 397 16.65 41.44 10.73
CA PRO F 397 16.54 42.88 10.48
C PRO F 397 15.60 43.24 9.34
N LEU F 398 15.27 42.29 8.46
CA LEU F 398 14.29 42.55 7.42
C LEU F 398 12.88 42.74 7.96
N TRP F 399 12.65 42.45 9.23
CA TRP F 399 11.31 42.33 9.77
C TRP F 399 10.93 43.55 10.61
N THR F 400 9.63 43.77 10.71
CA THR F 400 9.04 44.79 11.57
C THR F 400 8.12 44.10 12.57
N GLU F 401 7.99 44.70 13.75
CA GLU F 401 7.25 44.09 14.83
C GLU F 401 6.21 45.05 15.40
N TRP F 402 5.08 44.49 15.81
CA TRP F 402 4.25 45.17 16.79
C TRP F 402 5.06 45.35 18.07
N ASN F 403 5.18 46.58 18.53
CA ASN F 403 6.02 46.87 19.69
C ASN F 403 5.19 46.63 20.94
N GLY F 404 5.18 45.37 21.39
CA GLY F 404 4.45 45.03 22.59
C GLY F 404 4.97 45.74 23.83
N LYS F 405 6.26 46.05 23.85
CA LYS F 405 6.83 46.83 24.95
C LYS F 405 6.56 48.33 24.81
N TYR F 406 6.02 48.78 23.68
CA TYR F 406 5.51 50.14 23.63
C TYR F 406 4.10 50.23 24.22
N ARG F 407 3.20 49.36 23.74
CA ARG F 407 1.80 49.41 24.17
C ARG F 407 1.68 49.39 25.69
N ASP F 408 2.38 48.47 26.34
CA ASP F 408 2.26 48.33 27.80
C ASP F 408 2.78 49.57 28.52
N CYS F 409 3.86 50.17 28.01
CA CYS F 409 4.57 51.21 28.74
C CYS F 409 3.97 52.60 28.56
N VAL F 410 3.18 52.81 27.50
CA VAL F 410 2.40 54.03 27.39
C VAL F 410 1.04 53.88 28.07
N ARG F 411 0.44 52.69 27.97
CA ARG F 411 -0.71 52.36 28.79
C ARG F 411 -0.40 52.59 30.27
N ASP F 412 0.83 52.25 30.68
CA ASP F 412 1.22 52.40 32.08
C ASP F 412 1.37 53.88 32.46
N LEU F 413 2.09 54.64 31.64
CA LEU F 413 2.40 56.03 31.96
C LEU F 413 1.14 56.83 32.28
N TRP F 414 0.22 56.91 31.32
CA TRP F 414 -1.01 57.64 31.53
C TRP F 414 -1.92 56.97 32.56
N ARG F 415 -1.67 55.70 32.87
CA ARG F 415 -2.35 55.04 33.98
C ARG F 415 -1.73 55.44 35.32
N GLY F 416 -0.48 55.88 35.34
CA GLY F 416 0.12 56.48 36.52
C GLY F 416 1.27 55.70 37.14
N GLU F 417 1.65 54.55 36.61
CA GLU F 417 2.59 53.68 37.30
C GLU F 417 3.92 54.39 37.55
N PRO F 418 4.52 54.24 38.74
CA PRO F 418 5.77 54.95 39.07
C PRO F 418 7.03 54.22 38.63
N ARG F 419 7.04 53.71 37.40
CA ARG F 419 8.26 53.15 36.85
C ARG F 419 8.60 53.66 35.46
N THR F 420 7.58 53.89 34.62
CA THR F 420 7.76 54.02 33.17
C THR F 420 8.04 55.48 32.80
N LEU F 421 9.24 55.95 33.14
CA LEU F 421 9.76 57.19 32.59
C LEU F 421 11.00 56.97 31.74
N ALA F 422 12.05 56.36 32.29
CA ALA F 422 13.21 56.04 31.46
C ALA F 422 12.86 55.03 30.38
N GLU F 423 11.88 54.17 30.65
CA GLU F 423 11.42 53.22 29.64
C GLU F 423 10.60 53.92 28.57
N PHE F 424 9.62 54.73 28.98
CA PHE F 424 8.82 55.50 28.03
C PHE F 424 9.69 56.38 27.15
N ALA F 425 10.81 56.87 27.70
CA ALA F 425 11.72 57.71 26.94
C ALA F 425 12.21 57.01 25.68
N SER F 426 12.77 55.80 25.84
CA SER F 426 13.24 55.06 24.68
C SER F 426 12.11 54.71 23.73
N ARG F 427 10.89 54.53 24.26
CA ARG F 427 9.76 54.22 23.40
C ARG F 427 9.36 55.40 22.53
N LEU F 428 9.64 56.63 23.00
CA LEU F 428 9.55 57.79 22.11
C LEU F 428 10.77 57.86 21.19
N THR F 429 11.94 57.51 21.71
CA THR F 429 13.16 57.50 20.91
C THR F 429 13.06 56.55 19.73
N GLY F 430 12.15 55.58 19.79
CA GLY F 430 12.08 54.52 18.81
C GLY F 430 12.45 53.16 19.34
N SER F 431 12.38 52.95 20.66
CA SER F 431 12.76 51.69 21.29
C SER F 431 14.22 51.34 20.96
N SER F 432 15.12 52.25 21.36
CA SER F 432 16.54 52.05 21.14
C SER F 432 17.02 50.72 21.72
N ASP F 433 16.42 50.31 22.84
CA ASP F 433 16.82 49.06 23.47
C ASP F 433 16.53 47.86 22.57
N LEU F 434 15.37 47.87 21.91
CA LEU F 434 14.88 46.67 21.24
C LEU F 434 15.36 46.51 19.80
N TYR F 435 15.82 47.59 19.15
CA TYR F 435 16.07 47.51 17.71
C TYR F 435 17.39 48.09 17.23
N GLN F 436 18.06 48.96 18.00
CA GLN F 436 19.25 49.63 17.47
C GLN F 436 20.36 48.62 17.15
N ASP F 437 20.71 47.78 18.12
CA ASP F 437 21.79 46.82 17.90
C ASP F 437 21.47 45.75 16.85
N ASP F 438 20.18 45.43 16.67
CA ASP F 438 19.80 44.43 15.67
C ASP F 438 20.13 44.84 14.24
N GLY F 439 20.52 46.09 14.04
CA GLY F 439 20.72 46.61 12.70
C GLY F 439 19.54 47.27 12.05
N ARG F 440 18.51 47.62 12.82
CA ARG F 440 17.28 48.18 12.30
C ARG F 440 17.18 49.66 12.67
N ARG F 441 16.13 50.29 12.20
CA ARG F 441 15.81 51.69 12.41
C ARG F 441 14.63 51.81 13.38
N PRO F 442 14.31 53.03 13.83
CA PRO F 442 13.10 53.20 14.65
C PRO F 442 11.84 52.70 13.98
N LEU F 443 11.81 52.61 12.64
CA LEU F 443 10.63 52.18 11.93
C LEU F 443 10.33 50.69 12.11
N ALA F 444 11.32 49.92 12.58
CA ALA F 444 11.12 48.48 12.76
C ALA F 444 10.15 48.15 13.88
N SER F 445 9.60 49.15 14.57
CA SER F 445 8.66 48.94 15.67
C SER F 445 7.33 49.58 15.30
N VAL F 446 6.30 48.75 15.10
CA VAL F 446 4.94 49.26 14.94
C VAL F 446 4.43 49.65 16.32
N ASN F 447 4.30 50.96 16.55
CA ASN F 447 3.75 51.46 17.80
C ASN F 447 2.23 51.39 17.75
N PHE F 448 1.63 51.03 18.88
CA PHE F 448 0.18 51.01 18.98
C PHE F 448 -0.21 50.96 20.46
N VAL F 449 -1.27 51.67 20.79
CA VAL F 449 -1.85 51.59 22.12
C VAL F 449 -2.95 50.53 22.17
N THR F 450 -3.75 50.46 21.12
CA THR F 450 -4.87 49.53 21.05
C THR F 450 -4.96 48.94 19.65
N CYS F 451 -5.41 47.69 19.59
CA CYS F 451 -5.55 46.95 18.34
C CYS F 451 -6.87 46.18 18.44
N HIS F 452 -7.04 45.19 17.55
CA HIS F 452 -8.22 44.33 17.66
C HIS F 452 -8.23 43.60 18.99
N ASP F 453 -7.08 43.10 19.43
CA ASP F 453 -6.96 42.49 20.74
C ASP F 453 -7.09 43.55 21.83
N GLY F 454 -7.43 43.08 23.03
CA GLY F 454 -7.52 43.99 24.15
C GLY F 454 -8.69 44.96 24.00
N PHE F 455 -8.60 46.05 24.75
CA PHE F 455 -9.63 47.07 24.73
C PHE F 455 -9.47 47.99 23.52
N THR F 456 -10.59 48.51 23.03
CA THR F 456 -10.55 49.70 22.21
C THR F 456 -10.08 50.88 23.06
N LEU F 457 -9.87 52.03 22.42
CA LEU F 457 -9.32 53.15 23.16
C LEU F 457 -10.32 53.71 24.16
N ARG F 458 -11.61 53.71 23.84
CA ARG F 458 -12.60 54.18 24.81
C ARG F 458 -12.70 53.23 25.99
N ASP F 459 -12.85 51.92 25.73
CA ASP F 459 -12.80 50.94 26.80
C ASP F 459 -11.49 51.04 27.58
N LEU F 460 -10.40 51.40 26.91
CA LEU F 460 -9.10 51.52 27.56
C LEU F 460 -9.14 52.53 28.71
N VAL F 461 -9.98 53.56 28.60
CA VAL F 461 -10.10 54.58 29.63
C VAL F 461 -11.43 54.50 30.36
N SER F 462 -12.16 53.38 30.21
CA SER F 462 -13.48 53.26 30.81
C SER F 462 -13.69 51.91 31.51
N TYR F 463 -12.65 51.07 31.61
CA TYR F 463 -12.76 49.80 32.29
C TYR F 463 -11.42 49.45 32.92
N ASN F 464 -11.48 48.81 34.08
CA ASN F 464 -10.28 48.31 34.74
C ASN F 464 -9.99 46.84 34.42
N GLU F 465 -11.03 46.06 34.15
CA GLU F 465 -10.86 44.64 33.84
C GLU F 465 -11.90 44.22 32.80
N LYS F 466 -11.68 43.05 32.23
CA LYS F 466 -12.44 42.59 31.06
C LYS F 466 -13.91 42.35 31.41
N ARG F 467 -14.73 42.31 30.36
CA ARG F 467 -16.18 42.09 30.49
C ARG F 467 -16.66 41.14 29.39
N ASN F 468 -15.97 40.02 29.20
CA ASN F 468 -16.22 39.12 28.09
C ASN F 468 -17.18 37.98 28.43
N GLU F 469 -18.17 38.23 29.29
CA GLU F 469 -19.16 37.20 29.61
C GLU F 469 -19.88 36.72 28.36
N ALA F 470 -20.14 37.63 27.41
CA ALA F 470 -20.88 37.27 26.20
C ALA F 470 -20.15 36.26 25.34
N ASN F 471 -18.85 36.03 25.59
CA ASN F 471 -18.09 35.09 24.77
C ASN F 471 -18.36 33.63 25.13
N GLY F 472 -18.95 33.37 26.29
CA GLY F 472 -19.32 32.02 26.64
C GLY F 472 -18.31 31.22 27.43
N GLU F 473 -17.24 31.84 27.89
CA GLU F 473 -16.27 31.17 28.77
C GLU F 473 -16.18 31.87 30.11
N GLY F 474 -17.30 32.39 30.60
CA GLY F 474 -17.38 33.01 31.91
C GLY F 474 -16.24 33.93 32.30
N ASN F 475 -15.84 34.81 31.39
CA ASN F 475 -14.86 35.86 31.67
C ASN F 475 -13.48 35.29 31.97
N ARG F 476 -13.10 34.21 31.26
CA ARG F 476 -11.80 33.58 31.47
C ARG F 476 -10.80 33.87 30.35
N ASP F 477 -11.27 34.32 29.19
CA ASP F 477 -10.40 34.52 28.03
C ASP F 477 -9.73 35.89 28.07
N GLY F 478 -8.82 36.09 27.11
CA GLY F 478 -8.19 37.38 26.93
C GLY F 478 -7.19 37.73 28.02
N GLU F 479 -6.69 38.96 27.93
CA GLU F 479 -5.81 39.50 28.96
C GLU F 479 -6.56 39.65 30.27
N ASN F 480 -5.87 39.38 31.37
CA ASN F 480 -6.47 39.54 32.69
C ASN F 480 -6.26 40.95 33.25
N TYR F 481 -5.05 41.48 33.14
CA TYR F 481 -4.83 42.91 33.33
C TYR F 481 -4.24 43.49 32.06
N ASN F 482 -4.90 44.54 31.55
CA ASN F 482 -4.54 45.18 30.29
C ASN F 482 -3.90 46.54 30.49
N ARG F 483 -3.48 46.85 31.73
CA ARG F 483 -2.80 48.11 32.06
C ARG F 483 -3.66 49.32 31.67
N SER F 484 -4.81 49.43 32.34
CA SER F 484 -5.82 50.44 32.02
C SER F 484 -6.30 51.11 33.30
N TRP F 485 -7.10 52.16 33.11
CA TRP F 485 -7.70 52.90 34.22
C TRP F 485 -9.12 53.29 33.85
N ASN F 486 -10.03 53.22 34.82
CA ASN F 486 -11.43 53.54 34.60
C ASN F 486 -11.73 55.03 34.70
N CYS F 487 -10.76 55.84 35.12
CA CYS F 487 -10.90 57.30 35.21
C CYS F 487 -11.96 57.70 36.24
N GLY F 488 -12.13 56.91 37.29
CA GLY F 488 -13.07 57.26 38.34
C GLY F 488 -14.19 56.26 38.53
N GLU F 489 -14.73 55.74 37.42
CA GLU F 489 -15.78 54.74 37.49
C GLU F 489 -15.68 53.84 36.27
N GLU F 490 -15.73 52.53 36.50
CA GLU F 490 -15.70 51.56 35.42
C GLU F 490 -17.10 51.40 34.83
N GLY F 491 -17.21 51.58 33.52
CA GLY F 491 -18.50 51.60 32.86
C GLY F 491 -18.94 53.00 32.49
N GLU F 492 -20.19 53.09 32.05
CA GLU F 492 -20.73 54.36 31.60
C GLU F 492 -21.11 55.23 32.78
N THR F 493 -20.72 56.51 32.72
CA THR F 493 -21.06 57.51 33.71
C THR F 493 -21.66 58.72 33.01
N GLU F 494 -22.03 59.72 33.81
CA GLU F 494 -22.41 61.02 33.30
C GLU F 494 -21.65 62.16 33.95
N ASP F 495 -20.85 61.89 34.98
CA ASP F 495 -19.97 62.89 35.55
C ASP F 495 -19.09 63.48 34.47
N VAL F 496 -19.24 64.78 34.23
CA VAL F 496 -18.50 65.42 33.15
C VAL F 496 -17.01 65.51 33.47
N GLY F 497 -16.66 65.51 34.76
CA GLY F 497 -15.26 65.46 35.13
C GLY F 497 -14.56 64.20 34.63
N ILE F 498 -15.19 63.05 34.83
CA ILE F 498 -14.64 61.80 34.33
C ILE F 498 -14.73 61.74 32.80
N THR F 499 -15.89 62.05 32.26
CA THR F 499 -16.12 61.93 30.82
C THR F 499 -15.09 62.77 30.06
N GLU F 500 -14.81 63.98 30.53
CA GLU F 500 -13.77 64.79 29.91
C GLU F 500 -12.40 64.15 30.10
N LEU F 501 -12.14 63.60 31.29
CA LEU F 501 -10.85 62.94 31.52
C LEU F 501 -10.67 61.77 30.57
N ARG F 502 -11.72 60.98 30.37
CA ARG F 502 -11.66 59.89 29.40
C ARG F 502 -11.42 60.43 27.99
N ALA F 503 -12.30 61.34 27.53
CA ALA F 503 -12.16 61.90 26.20
C ALA F 503 -10.82 62.59 26.00
N ARG F 504 -10.25 63.15 27.07
CA ARG F 504 -8.93 63.74 27.00
C ARG F 504 -7.82 62.73 27.21
N GLN F 505 -8.09 61.64 27.94
CA GLN F 505 -7.13 60.53 27.99
C GLN F 505 -6.98 59.88 26.62
N MET F 506 -8.10 59.67 25.93
CA MET F 506 -8.05 59.17 24.56
C MET F 506 -7.16 60.05 23.70
N ARG F 507 -7.20 61.36 23.93
CA ARG F 507 -6.31 62.28 23.25
C ARG F 507 -4.85 62.05 23.64
N ASN F 508 -4.61 61.56 24.87
CA ASN F 508 -3.23 61.45 25.35
C ASN F 508 -2.48 60.32 24.66
N PHE F 509 -3.13 59.16 24.47
CA PHE F 509 -2.49 58.06 23.76
C PHE F 509 -2.26 58.42 22.29
N LEU F 510 -3.32 58.82 21.59
CA LEU F 510 -3.20 59.17 20.18
C LEU F 510 -2.16 60.27 19.96
N ALA F 511 -2.07 61.21 20.91
CA ALA F 511 -1.02 62.22 20.82
C ALA F 511 0.36 61.57 20.90
N THR F 512 0.57 60.71 21.90
CA THR F 512 1.85 60.04 22.05
C THR F 512 2.10 59.05 20.92
N LEU F 513 1.05 58.52 20.29
CA LEU F 513 1.24 57.54 19.23
C LEU F 513 1.72 58.18 17.93
N MET F 514 1.23 59.39 17.63
CA MET F 514 1.66 60.09 16.42
C MET F 514 2.94 60.89 16.62
N LEU F 515 3.39 61.09 17.86
CA LEU F 515 4.65 61.75 18.14
C LEU F 515 5.77 60.77 18.47
N SER F 516 5.47 59.48 18.53
CA SER F 516 6.47 58.47 18.85
C SER F 516 7.19 58.03 17.59
N GLN F 517 8.50 57.79 17.72
CA GLN F 517 9.30 57.33 16.59
C GLN F 517 8.79 55.98 16.09
N GLY F 518 8.92 55.77 14.78
CA GLY F 518 8.56 54.50 14.19
C GLY F 518 7.32 54.55 13.32
N VAL F 519 6.61 53.43 13.24
CA VAL F 519 5.43 53.30 12.39
C VAL F 519 4.22 53.13 13.30
N PRO F 520 3.21 53.99 13.21
CA PRO F 520 2.05 53.88 14.09
C PRO F 520 0.95 53.00 13.51
N MET F 521 0.04 52.58 14.40
CA MET F 521 -1.10 51.78 14.02
C MET F 521 -2.34 52.27 14.75
N LEU F 522 -3.45 52.33 14.03
CA LEU F 522 -4.74 52.73 14.60
C LEU F 522 -5.71 51.58 14.48
N SER F 523 -6.34 51.21 15.59
CA SER F 523 -7.42 50.23 15.54
C SER F 523 -8.68 50.92 15.04
N HIS F 524 -9.42 50.22 14.18
CA HIS F 524 -10.58 50.80 13.53
C HIS F 524 -11.63 51.21 14.55
N GLY F 525 -12.01 52.49 14.54
CA GLY F 525 -13.08 53.00 15.36
C GLY F 525 -12.66 53.93 16.47
N ASP F 526 -11.37 54.03 16.78
CA ASP F 526 -10.91 54.91 17.84
C ASP F 526 -10.90 56.37 17.43
N GLU F 527 -11.40 56.71 16.24
CA GLU F 527 -11.63 58.10 15.89
C GLU F 527 -12.97 58.60 16.40
N PHE F 528 -13.97 57.72 16.45
CA PHE F 528 -15.29 58.05 16.95
C PHE F 528 -15.48 57.67 18.40
N GLY F 529 -14.44 57.12 19.05
CA GLY F 529 -14.59 56.63 20.41
C GLY F 529 -15.45 55.39 20.47
N ARG F 530 -15.10 54.38 19.67
CA ARG F 530 -15.88 53.14 19.64
C ARG F 530 -15.76 52.40 20.96
N THR F 531 -16.84 51.71 21.32
CA THR F 531 -16.94 51.01 22.60
C THR F 531 -17.43 49.59 22.36
N GLN F 532 -16.66 48.62 22.85
CA GLN F 532 -17.07 47.22 22.81
C GLN F 532 -17.75 46.77 24.09
N GLY F 533 -18.26 47.70 24.89
CA GLY F 533 -18.96 47.36 26.11
C GLY F 533 -18.13 46.63 27.14
N GLY F 534 -16.83 46.88 27.17
CA GLY F 534 -15.93 46.19 28.07
C GLY F 534 -15.39 44.87 27.56
N ASN F 535 -15.86 44.41 26.40
CA ASN F 535 -15.33 43.20 25.77
C ASN F 535 -13.91 43.46 25.31
N ASN F 536 -12.92 42.85 25.96
CA ASN F 536 -11.54 43.05 25.57
C ASN F 536 -11.03 41.97 24.61
N ASN F 537 -11.73 40.85 24.45
CA ASN F 537 -11.40 39.85 23.45
C ASN F 537 -12.71 39.47 22.77
N ALA F 538 -13.08 40.23 21.74
CA ALA F 538 -14.39 40.13 21.10
C ALA F 538 -14.35 39.32 19.82
N TYR F 539 -13.52 38.27 19.77
CA TYR F 539 -13.33 37.51 18.54
C TYR F 539 -14.62 36.86 18.04
N CYS F 540 -15.61 36.65 18.91
CA CYS F 540 -16.84 35.99 18.51
C CYS F 540 -18.04 36.92 18.43
N GLN F 541 -17.90 38.19 18.81
CA GLN F 541 -19.01 39.13 18.79
C GLN F 541 -19.15 39.73 17.39
N ASP F 542 -19.89 39.01 16.54
CA ASP F 542 -20.30 39.53 15.23
C ASP F 542 -21.64 40.25 15.39
N ASN F 543 -21.59 41.35 16.14
CA ASN F 543 -22.77 42.15 16.45
C ASN F 543 -22.30 43.53 16.89
N GLU F 544 -23.24 44.35 17.38
CA GLU F 544 -22.99 45.76 17.66
C GLU F 544 -21.79 45.98 18.56
N VAL F 545 -21.36 44.97 19.32
CA VAL F 545 -20.20 45.10 20.20
C VAL F 545 -18.99 45.59 19.41
N SER F 546 -18.65 44.88 18.35
CA SER F 546 -17.50 45.25 17.53
C SER F 546 -17.86 45.96 16.24
N TRP F 547 -19.16 46.08 15.92
CA TRP F 547 -19.54 46.90 14.77
C TRP F 547 -19.05 48.33 14.97
N VAL F 548 -18.40 48.88 13.95
CA VAL F 548 -17.93 50.26 14.02
C VAL F 548 -19.13 51.20 13.94
N ARG F 549 -19.32 51.98 14.99
CA ARG F 549 -20.42 52.95 15.05
C ARG F 549 -19.98 54.24 14.38
N TRP F 550 -20.65 54.61 13.29
CA TRP F 550 -20.33 55.86 12.63
C TRP F 550 -21.04 57.02 13.34
N PRO F 551 -20.38 58.18 13.43
CA PRO F 551 -20.86 59.22 14.34
C PRO F 551 -21.92 60.14 13.76
N LYS F 552 -22.85 60.53 14.64
CA LYS F 552 -23.76 61.65 14.41
C LYS F 552 -23.87 62.47 15.68
N GLU F 556 -21.77 65.09 18.85
CA GLU F 556 -20.93 66.27 19.01
C GLU F 556 -19.52 65.91 19.45
N ALA F 557 -19.40 65.19 20.58
CA ALA F 557 -18.08 64.82 21.08
C ALA F 557 -17.39 63.83 20.17
N GLU F 558 -18.16 62.89 19.60
CA GLU F 558 -17.57 61.88 18.72
C GLU F 558 -16.88 62.52 17.52
N ALA F 559 -17.42 63.63 17.02
CA ALA F 559 -16.83 64.36 15.90
C ALA F 559 -15.85 65.43 16.35
N THR F 560 -15.51 65.48 17.64
CA THR F 560 -14.46 66.36 18.13
C THR F 560 -13.13 65.60 18.23
N LEU F 561 -13.15 64.43 18.87
CA LEU F 561 -11.98 63.56 18.85
C LEU F 561 -11.60 63.17 17.43
N LEU F 562 -12.59 63.06 16.54
CA LEU F 562 -12.32 62.70 15.15
C LEU F 562 -11.36 63.69 14.51
N ARG F 563 -11.74 64.97 14.49
CA ARG F 563 -10.86 65.99 13.91
C ARG F 563 -9.61 66.22 14.75
N PHE F 564 -9.58 65.76 16.00
CA PHE F 564 -8.33 65.72 16.75
C PHE F 564 -7.34 64.77 16.06
N THR F 565 -7.74 63.50 15.89
CA THR F 565 -6.84 62.50 15.33
C THR F 565 -6.35 62.90 13.95
N ARG F 566 -7.27 63.25 13.06
CA ARG F 566 -6.91 63.63 11.69
C ARG F 566 -5.88 64.76 11.68
N SER F 567 -6.01 65.71 12.61
CA SER F 567 -5.04 66.81 12.67
C SER F 567 -3.71 66.35 13.26
N MET F 568 -3.72 65.30 14.09
CA MET F 568 -2.47 64.76 14.61
C MET F 568 -1.72 63.95 13.56
N VAL F 569 -2.43 63.11 12.80
CA VAL F 569 -1.80 62.36 11.73
C VAL F 569 -1.20 63.29 10.70
N ARG F 570 -1.82 64.46 10.50
CA ARG F 570 -1.20 65.50 9.68
C ARG F 570 0.09 66.01 10.32
N LEU F 571 0.03 66.35 11.62
CA LEU F 571 1.21 66.89 12.30
C LEU F 571 2.40 65.96 12.19
N ARG F 572 2.14 64.64 12.15
CA ARG F 572 3.18 63.70 11.77
C ARG F 572 3.66 63.95 10.34
N ARG F 573 2.71 63.92 9.40
CA ARG F 573 3.01 64.10 7.97
C ARG F 573 3.90 65.31 7.73
N GLU F 574 3.41 66.50 8.10
CA GLU F 574 4.02 67.76 7.68
C GLU F 574 5.33 68.06 8.42
N HIS F 575 5.71 67.25 9.40
CA HIS F 575 6.95 67.48 10.14
C HIS F 575 7.69 66.16 10.34
N PRO F 576 8.81 65.96 9.64
CA PRO F 576 9.45 64.63 9.63
C PRO F 576 10.15 64.23 10.92
N VAL F 577 10.29 65.13 11.90
CA VAL F 577 11.02 64.77 13.12
C VAL F 577 10.30 63.66 13.88
N PHE F 578 8.97 63.73 13.92
CA PHE F 578 8.20 62.68 14.60
C PHE F 578 8.24 61.34 13.85
N ARG F 579 8.75 61.32 12.63
CA ARG F 579 8.85 60.10 11.83
C ARG F 579 10.25 59.97 11.26
N ARG F 580 11.27 60.14 12.12
CA ARG F 580 12.65 60.11 11.69
C ARG F 580 13.02 58.73 11.15
N ARG F 581 14.16 58.70 10.46
CA ARG F 581 14.61 57.53 9.73
C ARG F 581 15.88 56.91 10.31
N ARG F 582 16.49 57.57 11.29
CA ARG F 582 17.62 57.03 12.04
C ARG F 582 17.34 57.22 13.53
N PHE F 583 18.30 56.84 14.36
CA PHE F 583 18.18 57.02 15.80
C PHE F 583 18.80 58.34 16.22
N PHE F 584 18.32 58.86 17.35
CA PHE F 584 18.95 60.01 17.96
C PHE F 584 20.29 59.63 18.57
N HIS F 585 21.20 60.60 18.64
CA HIS F 585 22.44 60.42 19.39
C HIS F 585 22.64 61.45 20.48
N GLY F 586 21.92 62.57 20.44
CA GLY F 586 21.87 63.50 21.57
C GLY F 586 23.06 64.39 21.81
N ARG F 587 24.25 63.81 21.91
CA ARG F 587 25.40 64.63 22.25
C ARG F 587 26.62 64.37 21.38
N PRO F 588 27.19 65.38 20.54
CA PRO F 588 28.49 65.54 19.49
C PRO F 588 29.57 65.36 20.56
N VAL F 589 29.87 64.14 21.01
CA VAL F 589 30.99 64.03 22.01
C VAL F 589 32.24 64.54 21.27
N GLU F 590 32.60 65.80 21.54
CA GLU F 590 33.65 66.74 21.02
C GLU F 590 32.91 68.06 20.76
N LEU F 596 26.13 68.93 16.97
CA LEU F 596 24.70 69.24 17.05
C LEU F 596 23.98 68.30 18.01
N THR F 597 23.03 68.86 18.76
CA THR F 597 22.22 68.12 19.71
C THR F 597 20.84 67.90 19.09
N ASP F 598 20.54 66.68 18.68
CA ASP F 598 19.28 66.37 18.02
C ASP F 598 18.20 65.90 18.98
N ILE F 599 18.50 65.77 20.27
CA ILE F 599 17.47 65.55 21.28
C ILE F 599 18.05 65.90 22.64
N ALA F 600 17.22 66.52 23.48
CA ALA F 600 17.62 66.87 24.84
C ALA F 600 16.39 66.79 25.73
N TRP F 601 16.53 66.10 26.86
CA TRP F 601 15.43 65.91 27.80
C TRP F 601 15.57 66.91 28.94
N PHE F 602 14.50 67.63 29.24
CA PHE F 602 14.49 68.64 30.28
C PHE F 602 13.51 68.26 31.38
N THR F 603 13.77 68.77 32.58
CA THR F 603 12.85 68.65 33.70
C THR F 603 11.68 69.62 33.51
N PRO F 604 10.56 69.36 34.19
CA PRO F 604 9.49 70.38 34.23
C PRO F 604 9.97 71.70 34.80
N GLU F 605 10.97 71.66 35.69
CA GLU F 605 11.53 72.89 36.23
C GLU F 605 12.25 73.70 35.16
N GLY F 606 12.87 73.05 34.19
CA GLY F 606 13.49 73.74 33.08
C GLY F 606 14.97 73.51 32.91
N GLU F 607 15.50 72.46 33.52
CA GLU F 607 16.92 72.12 33.43
C GLU F 607 17.09 70.69 32.93
N GLU F 608 18.20 70.49 32.21
CA GLU F 608 18.53 69.18 31.62
C GLU F 608 18.63 68.20 32.76
N MET F 609 18.15 66.98 32.58
CA MET F 609 18.14 66.03 33.72
C MET F 609 19.50 65.42 34.03
N THR F 610 19.53 64.59 35.07
CA THR F 610 20.77 63.93 35.50
C THR F 610 20.48 62.44 35.65
N SER F 611 21.45 61.58 35.36
CA SER F 611 21.29 60.14 35.47
C SER F 611 20.66 59.75 36.80
N ARG F 612 20.88 60.54 37.85
CA ARG F 612 20.14 60.34 39.10
C ARG F 612 18.68 60.76 38.94
N ASP F 613 18.46 61.99 38.48
CA ASP F 613 17.10 62.51 38.31
C ASP F 613 16.33 61.75 37.25
N TRP F 614 17.02 61.03 36.36
CA TRP F 614 16.33 60.19 35.38
C TRP F 614 15.65 59.02 36.05
N GLN F 615 16.43 58.13 36.67
CA GLN F 615 15.89 56.94 37.31
C GLN F 615 15.40 57.21 38.73
N ALA F 616 15.20 58.47 39.09
CA ALA F 616 14.42 58.80 40.27
C ALA F 616 13.04 58.20 40.13
N ALA F 617 12.67 57.33 41.06
CA ALA F 617 11.45 56.53 40.94
C ALA F 617 10.22 57.42 40.76
N HIS F 618 9.99 58.32 41.71
CA HIS F 618 8.81 59.18 41.67
C HIS F 618 9.05 60.32 40.69
N ALA F 619 8.58 60.14 39.46
CA ALA F 619 8.70 61.17 38.44
C ALA F 619 7.69 60.86 37.34
N GLN F 620 6.80 61.81 37.06
CA GLN F 620 5.80 61.66 36.01
C GLN F 620 5.66 62.91 35.17
N ALA F 621 6.74 63.69 35.04
CA ALA F 621 6.74 64.90 34.23
C ALA F 621 7.94 64.87 33.30
N LEU F 622 7.82 65.60 32.18
CA LEU F 622 8.86 65.56 31.15
C LEU F 622 8.74 66.73 30.21
N THR F 623 9.91 67.19 29.74
CA THR F 623 10.01 68.10 28.61
C THR F 623 11.06 67.54 27.67
N VAL F 624 10.69 67.36 26.40
CA VAL F 624 11.56 66.82 25.38
C VAL F 624 11.81 67.91 24.34
N PHE F 625 13.08 68.07 23.95
CA PHE F 625 13.45 68.94 22.85
C PHE F 625 13.84 68.09 21.64
N LEU F 626 13.41 68.54 20.46
CA LEU F 626 13.75 67.89 19.20
C LEU F 626 14.31 68.92 18.25
N ASN F 627 15.48 68.65 17.68
CA ASN F 627 16.16 69.59 16.80
C ASN F 627 15.71 69.34 15.37
N GLY F 628 14.90 70.24 14.83
CA GLY F 628 14.45 70.13 13.45
C GLY F 628 15.56 70.33 12.43
N ASN F 629 16.64 71.02 12.81
CA ASN F 629 17.74 71.32 11.90
C ASN F 629 18.84 70.27 11.92
N ALA F 630 18.73 69.26 12.79
CA ALA F 630 19.77 68.25 12.96
C ALA F 630 19.28 66.87 12.56
N ILE F 631 18.53 66.79 11.45
CA ILE F 631 18.11 65.52 10.88
C ILE F 631 19.24 65.05 9.97
N SER F 632 20.13 64.22 10.51
CA SER F 632 21.28 63.71 9.76
C SER F 632 20.87 62.55 8.86
N GLU F 633 19.88 62.82 8.01
CA GLU F 633 19.36 61.84 7.06
C GLU F 633 19.27 62.47 5.68
N PRO F 634 19.56 61.71 4.62
CA PRO F 634 19.34 62.21 3.27
C PRO F 634 17.86 62.20 2.91
N GLY F 635 17.54 62.65 1.71
CA GLY F 635 16.19 62.54 1.18
C GLY F 635 16.17 61.62 -0.01
N THR F 636 15.05 61.58 -0.75
CA THR F 636 14.97 60.72 -1.93
C THR F 636 16.05 61.07 -2.95
N GLN F 637 16.49 62.32 -3.00
CA GLN F 637 17.50 62.74 -3.95
C GLN F 637 18.71 63.35 -3.25
N GLY F 638 19.19 62.70 -2.18
CA GLY F 638 20.33 63.18 -1.43
C GLY F 638 20.10 64.47 -0.65
N GLU F 639 18.94 65.08 -0.80
CA GLU F 639 18.61 66.34 -0.13
C GLU F 639 18.68 66.19 1.38
N ARG F 640 18.74 67.34 2.07
CA ARG F 640 18.66 67.35 3.52
C ARG F 640 17.20 67.55 3.95
N ILE F 641 16.84 66.92 5.05
CA ILE F 641 15.53 67.10 5.66
C ILE F 641 15.61 68.29 6.62
N ALA F 642 14.65 69.20 6.53
CA ALA F 642 14.56 70.35 7.40
C ALA F 642 13.20 70.38 8.08
N ASP F 643 13.14 70.98 9.26
CA ASP F 643 11.93 70.95 10.07
C ASP F 643 11.99 72.06 11.10
N ASP F 644 10.82 72.45 11.59
CA ASP F 644 10.74 73.25 12.80
C ASP F 644 11.07 72.36 14.00
N SER F 645 11.70 72.95 15.00
CA SER F 645 12.06 72.22 16.22
C SER F 645 10.88 72.22 17.18
N PHE F 646 10.66 71.08 17.83
CA PHE F 646 9.53 70.89 18.71
C PHE F 646 9.97 70.76 20.16
N LEU F 647 9.03 71.04 21.07
CA LEU F 647 9.26 70.96 22.51
C LEU F 647 8.05 70.27 23.13
N LEU F 648 8.18 69.00 23.48
CA LEU F 648 7.08 68.18 23.92
C LEU F 648 7.08 68.11 25.44
N MET F 649 5.92 68.43 26.04
CA MET F 649 5.81 68.57 27.50
C MET F 649 4.80 67.55 28.03
N PHE F 650 5.31 66.46 28.60
CA PHE F 650 4.48 65.41 29.18
C PHE F 650 4.23 65.70 30.65
N ASN F 651 2.97 65.59 31.07
CA ASN F 651 2.61 65.64 32.49
C ASN F 651 1.66 64.49 32.77
N ALA F 652 2.21 63.34 33.16
CA ALA F 652 1.42 62.22 33.65
C ALA F 652 1.21 62.29 35.15
N SER F 653 1.48 63.44 35.76
CA SER F 653 1.24 63.62 37.18
C SER F 653 -0.26 63.76 37.45
N ALA F 654 -0.65 63.48 38.69
CA ALA F 654 -2.04 63.60 39.11
C ALA F 654 -2.46 65.05 39.32
N LYS F 655 -1.54 66.00 39.25
CA LYS F 655 -1.88 67.40 39.47
C LYS F 655 -1.25 68.30 38.42
N GLU F 656 -1.35 69.61 38.59
CA GLU F 656 -0.75 70.56 37.67
C GLU F 656 0.71 70.77 38.01
N LEU F 657 1.53 70.95 36.97
CA LEU F 657 2.94 71.25 37.13
C LEU F 657 3.34 72.36 36.17
N GLU F 658 4.07 73.34 36.66
CA GLU F 658 4.49 74.48 35.85
C GLU F 658 5.67 74.07 34.98
N PHE F 659 5.49 74.12 33.66
CA PHE F 659 6.50 73.71 32.71
C PHE F 659 7.22 74.92 32.14
N VAL F 660 8.55 74.85 32.10
CA VAL F 660 9.39 75.96 31.68
C VAL F 660 9.95 75.68 30.29
N VAL F 661 9.94 76.71 29.45
CA VAL F 661 10.54 76.65 28.11
C VAL F 661 12.00 77.01 28.24
N PRO F 662 12.93 76.20 27.73
CA PRO F 662 14.34 76.62 27.69
C PRO F 662 14.58 77.71 26.65
N HIS F 665 15.76 81.12 26.82
CA HIS F 665 15.01 82.27 27.32
C HIS F 665 14.67 83.29 26.23
N GLY F 666 15.65 83.64 25.39
CA GLY F 666 15.52 84.83 24.57
C GLY F 666 14.47 84.76 23.48
N ARG F 667 14.28 83.58 22.88
CA ARG F 667 13.48 83.46 21.67
C ARG F 667 12.00 83.32 22.02
N TYR F 668 11.20 82.87 21.04
CA TYR F 668 9.77 82.60 21.16
C TYR F 668 9.49 81.14 20.82
N TRP F 669 8.29 80.68 21.18
CA TRP F 669 7.78 79.38 20.77
C TRP F 669 6.27 79.46 20.66
N ARG F 670 5.68 78.59 19.84
CA ARG F 670 4.25 78.57 19.58
C ARG F 670 3.65 77.24 20.02
N MET F 671 2.54 77.30 20.76
CA MET F 671 1.86 76.11 21.25
C MET F 671 0.93 75.57 20.17
N VAL F 672 1.14 74.33 19.77
CA VAL F 672 0.39 73.71 18.69
C VAL F 672 -0.51 72.59 19.19
N VAL F 673 -0.05 71.80 20.16
CA VAL F 673 -0.81 70.67 20.68
C VAL F 673 -1.11 70.92 22.15
N ASP F 674 -2.36 70.71 22.53
CA ASP F 674 -2.73 70.68 23.95
C ASP F 674 -3.85 69.68 24.13
N THR F 675 -3.64 68.71 25.01
CA THR F 675 -4.64 67.71 25.33
C THR F 675 -5.74 68.23 26.26
N SER F 676 -5.46 69.28 27.04
CA SER F 676 -6.34 69.65 28.14
C SER F 676 -7.63 70.29 27.67
N ASP F 677 -7.55 71.35 26.86
CA ASP F 677 -8.76 72.12 26.56
C ASP F 677 -9.72 71.30 25.70
N PRO F 678 -11.01 71.24 26.07
CA PRO F 678 -11.94 70.28 25.45
C PRO F 678 -12.47 70.61 24.06
N GLU F 679 -11.95 71.64 23.40
CA GLU F 679 -12.26 71.79 21.99
C GLU F 679 -11.42 70.94 21.07
N GLY F 680 -10.34 70.37 21.60
CA GLY F 680 -9.38 69.64 20.81
C GLY F 680 -8.33 70.55 20.22
N MET F 681 -7.07 70.43 20.64
CA MET F 681 -6.14 71.44 20.17
C MET F 681 -4.92 70.89 19.44
N PRO F 682 -5.05 69.89 18.57
CA PRO F 682 -4.24 69.88 17.34
C PRO F 682 -4.97 70.46 16.13
N PRO F 683 -6.29 70.64 16.14
CA PRO F 683 -6.92 71.42 15.06
C PRO F 683 -7.16 72.89 15.37
N GLN F 684 -6.87 73.32 16.59
CA GLN F 684 -7.20 74.64 17.07
C GLN F 684 -5.92 75.38 17.40
N GLN F 685 -5.76 76.57 16.83
CA GLN F 685 -4.50 77.30 16.99
C GLN F 685 -4.36 77.83 18.41
N GLY F 686 -3.11 78.04 18.82
CA GLY F 686 -2.83 78.37 20.19
C GLY F 686 -1.93 79.58 20.38
N PRO F 687 -1.68 79.92 21.64
CA PRO F 687 -0.86 81.12 21.93
C PRO F 687 0.60 80.96 21.56
N GLU F 688 1.39 81.97 21.88
CA GLU F 688 2.83 81.96 21.68
C GLU F 688 3.50 82.09 23.03
N LEU F 689 4.27 81.06 23.40
CA LEU F 689 4.91 81.02 24.70
C LEU F 689 6.27 81.69 24.64
N ALA F 690 6.66 82.34 25.75
CA ALA F 690 7.81 83.23 25.71
C ALA F 690 9.10 82.49 25.35
N GLY F 691 9.58 81.62 26.23
CA GLY F 691 10.89 81.01 26.02
C GLY F 691 11.66 80.88 27.31
N GLY F 692 11.23 81.61 28.34
CA GLY F 692 11.66 81.36 29.69
C GLY F 692 10.46 81.19 30.60
N GLU F 693 9.33 81.71 30.12
CA GLU F 693 8.10 81.81 30.91
C GLU F 693 7.66 80.46 31.44
N ARG F 694 7.05 80.49 32.64
CA ARG F 694 6.43 79.33 33.24
C ARG F 694 5.04 79.11 32.66
N VAL F 695 4.67 77.84 32.49
CA VAL F 695 3.41 77.46 31.84
C VAL F 695 2.73 76.40 32.67
N THR F 696 1.44 76.60 32.94
CA THR F 696 0.66 75.62 33.71
C THR F 696 0.17 74.52 32.78
N LEU F 697 0.49 73.27 33.13
CA LEU F 697 0.07 72.11 32.36
C LEU F 697 -0.77 71.22 33.25
N ALA F 698 -2.01 70.95 32.83
CA ALA F 698 -2.98 70.24 33.64
C ALA F 698 -2.51 68.80 33.90
N PRO F 699 -3.09 68.14 34.90
CA PRO F 699 -2.75 66.73 35.15
C PRO F 699 -3.19 65.83 34.01
N LEU F 700 -2.30 64.90 33.65
CA LEU F 700 -2.54 63.95 32.55
C LEU F 700 -2.90 64.70 31.27
N SER F 701 -1.94 65.49 30.79
CA SER F 701 -2.11 66.27 29.58
C SER F 701 -0.77 66.43 28.88
N LEU F 702 -0.82 66.92 27.65
CA LEU F 702 0.35 67.01 26.78
C LEU F 702 0.41 68.41 26.17
N THR F 703 1.59 68.79 25.69
CA THR F 703 1.80 70.10 25.08
C THR F 703 3.02 70.03 24.17
N VAL F 704 2.94 70.72 23.03
CA VAL F 704 3.99 70.73 22.01
C VAL F 704 4.19 72.16 21.53
N LEU F 705 5.47 72.58 21.40
CA LEU F 705 5.82 73.92 20.95
C LEU F 705 6.56 73.86 19.61
N ARG F 706 6.40 74.91 18.81
CA ARG F 706 6.79 74.87 17.40
C ARG F 706 7.49 76.15 16.94
N ARG F 707 8.54 76.59 17.63
CA ARG F 707 9.35 77.66 17.03
C ARG F 707 10.11 77.09 15.83
N PRO F 708 10.02 77.73 14.66
CA PRO F 708 10.82 77.28 13.51
C PRO F 708 12.31 77.44 13.78
N ALA F 709 13.08 76.47 13.33
CA ALA F 709 14.53 76.52 13.45
C ALA F 709 15.17 76.66 12.08
N MET G 4 -29.13 48.02 -12.13
CA MET G 4 -29.66 49.17 -11.40
C MET G 4 -28.53 50.09 -10.95
N GLN G 5 -27.30 49.75 -11.35
CA GLN G 5 -26.14 50.61 -11.11
C GLN G 5 -25.42 50.79 -12.43
N VAL G 6 -25.47 52.01 -12.98
CA VAL G 6 -25.00 52.32 -14.32
C VAL G 6 -23.93 53.39 -14.22
N TRP G 7 -22.77 53.14 -14.85
CA TRP G 7 -21.62 54.03 -14.77
C TRP G 7 -21.35 54.67 -16.14
N PRO G 8 -20.75 55.87 -16.17
CA PRO G 8 -20.51 56.52 -17.47
C PRO G 8 -19.54 55.77 -18.37
N GLY G 9 -18.45 55.26 -17.81
CA GLY G 9 -17.52 54.44 -18.59
C GLY G 9 -16.78 55.22 -19.67
N GLN G 10 -16.02 54.46 -20.45
CA GLN G 10 -15.18 55.01 -21.49
C GLN G 10 -15.69 54.60 -22.88
N ALA G 11 -15.38 55.43 -23.87
CA ALA G 11 -15.83 55.21 -25.25
C ALA G 11 -14.93 54.24 -26.02
N TYR G 12 -13.87 53.73 -25.39
CA TYR G 12 -12.93 52.83 -26.04
C TYR G 12 -12.54 51.77 -25.03
N PRO G 13 -12.35 50.51 -25.47
CA PRO G 13 -12.52 50.05 -26.84
C PRO G 13 -13.97 49.79 -27.23
N LEU G 14 -14.27 49.94 -28.51
CA LEU G 14 -15.63 49.70 -28.98
C LEU G 14 -16.03 48.24 -28.74
N GLY G 15 -17.25 48.05 -28.26
CA GLY G 15 -17.75 46.73 -27.92
C GLY G 15 -17.85 46.54 -26.41
N ALA G 16 -18.17 45.32 -26.03
CA ALA G 16 -18.27 44.95 -24.63
C ALA G 16 -16.97 44.28 -24.20
N THR G 17 -16.27 44.91 -23.25
CA THR G 17 -15.02 44.38 -22.71
C THR G 17 -15.19 44.13 -21.22
N TYR G 18 -14.95 42.89 -20.81
CA TYR G 18 -15.03 42.50 -19.41
C TYR G 18 -13.83 43.06 -18.65
N ASP G 19 -14.01 44.23 -18.04
CA ASP G 19 -12.91 44.91 -17.34
C ASP G 19 -12.85 44.51 -15.87
N GLY G 20 -12.75 43.19 -15.66
CA GLY G 20 -12.50 42.65 -14.34
C GLY G 20 -13.70 42.64 -13.42
N ALA G 21 -14.11 43.83 -12.95
CA ALA G 21 -15.23 43.92 -12.02
C ALA G 21 -16.57 43.98 -12.73
N GLY G 22 -16.62 44.63 -13.90
CA GLY G 22 -17.82 44.69 -14.70
C GLY G 22 -17.53 44.70 -16.19
N THR G 23 -18.45 45.23 -16.98
CA THR G 23 -18.29 45.26 -18.43
C THR G 23 -18.59 46.67 -18.92
N ASN G 24 -17.73 47.17 -19.82
CA ASN G 24 -17.94 48.46 -20.46
C ASN G 24 -18.51 48.24 -21.85
N PHE G 25 -19.56 48.99 -22.17
CA PHE G 25 -20.20 48.91 -23.47
C PHE G 25 -20.07 50.25 -24.17
N ALA G 26 -19.78 50.20 -25.48
CA ALA G 26 -19.64 51.40 -26.28
C ALA G 26 -19.85 51.03 -27.74
N VAL G 27 -20.75 51.73 -28.42
CA VAL G 27 -21.09 51.45 -29.81
C VAL G 27 -21.30 52.79 -30.51
N PHE G 28 -20.90 52.84 -31.79
CA PHE G 28 -20.93 54.08 -32.56
C PHE G 28 -22.25 54.25 -33.30
N SER G 29 -22.77 55.47 -33.27
CA SER G 29 -23.88 55.86 -34.14
C SER G 29 -23.93 57.38 -34.16
N GLU G 30 -23.82 57.97 -35.35
CA GLU G 30 -23.84 59.41 -35.51
C GLU G 30 -25.23 59.94 -35.89
N ALA G 31 -26.23 59.07 -36.00
CA ALA G 31 -27.59 59.50 -36.32
C ALA G 31 -28.62 58.88 -35.38
N ALA G 32 -28.21 58.49 -34.17
CA ALA G 32 -29.10 57.90 -33.18
C ALA G 32 -29.47 58.94 -32.15
N HIS G 33 -30.76 59.22 -32.00
CA HIS G 33 -31.21 60.12 -30.96
C HIS G 33 -30.94 59.53 -29.58
N ARG G 34 -31.29 58.27 -29.39
CA ARG G 34 -31.07 57.57 -28.13
C ARG G 34 -30.70 56.12 -28.41
N ILE G 35 -29.78 55.58 -27.61
CA ILE G 35 -29.38 54.18 -27.71
C ILE G 35 -29.57 53.55 -26.33
N GLU G 36 -30.21 52.38 -26.32
CA GLU G 36 -30.54 51.69 -25.07
C GLU G 36 -29.99 50.28 -25.11
N LEU G 37 -29.11 49.97 -24.15
CA LEU G 37 -28.58 48.62 -24.02
C LEU G 37 -29.67 47.68 -23.52
N CYS G 38 -29.76 46.51 -24.15
CA CYS G 38 -30.73 45.48 -23.78
C CYS G 38 -29.95 44.24 -23.32
N LEU G 39 -29.90 44.03 -22.01
CA LEU G 39 -29.19 42.88 -21.44
C LEU G 39 -30.12 41.68 -21.50
N LEU G 40 -29.86 40.79 -22.45
CA LEU G 40 -30.74 39.65 -22.67
C LEU G 40 -30.59 38.62 -21.57
N HIS G 41 -31.72 38.15 -21.06
CA HIS G 41 -31.76 37.08 -20.06
C HIS G 41 -31.92 35.73 -20.77
N ASP G 42 -32.13 34.68 -19.99
CA ASP G 42 -32.42 33.36 -20.55
C ASP G 42 -33.92 33.14 -20.79
N ASP G 43 -34.78 33.86 -20.07
CA ASP G 43 -36.23 33.75 -20.24
C ASP G 43 -36.79 34.81 -21.17
N GLY G 44 -35.99 35.27 -22.12
CA GLY G 44 -36.45 36.22 -23.12
C GLY G 44 -36.79 37.60 -22.63
N SER G 45 -36.52 37.91 -21.36
CA SER G 45 -36.86 39.22 -20.83
C SER G 45 -35.77 40.23 -21.17
N GLU G 46 -36.15 41.51 -21.14
CA GLU G 46 -35.25 42.61 -21.42
C GLU G 46 -34.93 43.35 -20.12
N THR G 47 -33.69 43.84 -20.02
CA THR G 47 -33.28 44.75 -18.94
C THR G 47 -32.68 45.96 -19.64
N ALA G 48 -33.53 46.93 -19.96
CA ALA G 48 -33.09 48.09 -20.74
C ALA G 48 -32.32 49.08 -19.86
N VAL G 49 -31.21 49.56 -20.40
CA VAL G 49 -30.40 50.59 -19.77
C VAL G 49 -29.83 51.47 -20.86
N GLU G 50 -29.96 52.80 -20.71
CA GLU G 50 -29.57 53.73 -21.75
C GLU G 50 -28.09 54.06 -21.63
N LEU G 51 -27.38 53.99 -22.76
CA LEU G 51 -26.02 54.52 -22.87
C LEU G 51 -26.15 56.00 -23.19
N ARG G 52 -26.32 56.81 -22.15
CA ARG G 52 -26.54 58.25 -22.34
C ARG G 52 -25.26 58.97 -22.73
N GLU G 53 -24.15 58.67 -22.06
CA GLU G 53 -22.93 59.44 -22.21
C GLU G 53 -22.35 59.22 -23.61
N THR G 54 -22.47 60.23 -24.46
CA THR G 54 -21.94 60.19 -25.81
C THR G 54 -20.68 61.05 -25.93
N ASP G 55 -19.66 60.47 -26.56
CA ASP G 55 -18.36 61.09 -26.75
C ASP G 55 -17.91 60.73 -28.16
N ALA G 56 -17.91 61.71 -29.06
CA ALA G 56 -17.55 61.51 -30.47
C ALA G 56 -18.48 60.52 -31.16
N PHE G 57 -19.78 60.66 -30.89
CA PHE G 57 -20.85 59.87 -31.50
C PHE G 57 -20.83 58.41 -31.08
N VAL G 58 -20.14 58.08 -29.99
CA VAL G 58 -20.14 56.73 -29.43
C VAL G 58 -20.75 56.81 -28.04
N ARG G 59 -21.90 56.18 -27.86
CA ARG G 59 -22.64 56.22 -26.61
C ARG G 59 -22.22 55.03 -25.75
N HIS G 60 -21.85 55.29 -24.50
CA HIS G 60 -21.18 54.28 -23.69
C HIS G 60 -21.68 54.32 -22.25
N ALA G 61 -21.48 53.19 -21.57
CA ALA G 61 -21.79 53.06 -20.15
C ALA G 61 -21.11 51.81 -19.63
N TYR G 62 -20.86 51.78 -18.33
CA TYR G 62 -20.17 50.67 -17.67
C TYR G 62 -21.09 50.08 -16.62
N LEU G 63 -21.51 48.82 -16.83
CA LEU G 63 -22.36 48.14 -15.86
C LEU G 63 -21.52 47.19 -15.02
N PRO G 64 -21.18 47.55 -13.79
CA PRO G 64 -20.41 46.63 -12.95
C PRO G 64 -21.25 45.44 -12.54
N GLY G 65 -20.63 44.26 -12.58
CA GLY G 65 -21.30 43.01 -12.26
C GLY G 65 -21.69 42.20 -13.48
N VAL G 66 -21.97 42.85 -14.61
CA VAL G 66 -22.25 42.13 -15.85
C VAL G 66 -21.01 41.35 -16.26
N MET G 67 -21.19 40.06 -16.48
CA MET G 67 -20.09 39.13 -16.67
C MET G 67 -20.34 38.28 -17.92
N PRO G 68 -19.30 37.62 -18.44
CA PRO G 68 -19.43 36.90 -19.71
C PRO G 68 -20.54 35.84 -19.68
N GLY G 69 -20.86 35.35 -20.87
CA GLY G 69 -22.07 34.59 -21.07
C GLY G 69 -23.32 35.43 -21.13
N GLN G 70 -23.20 36.74 -21.01
CA GLN G 70 -24.34 37.65 -20.93
C GLN G 70 -24.73 38.06 -22.35
N ARG G 71 -25.84 37.50 -22.84
CA ARG G 71 -26.39 37.92 -24.12
C ARG G 71 -26.87 39.37 -24.03
N TYR G 72 -26.58 40.15 -25.08
CA TYR G 72 -26.92 41.56 -25.07
C TYR G 72 -27.12 42.06 -26.49
N GLY G 73 -27.77 43.21 -26.60
CA GLY G 73 -28.03 43.87 -27.87
C GLY G 73 -28.39 45.32 -27.66
N PHE G 74 -28.36 46.07 -28.76
CA PHE G 74 -28.64 47.50 -28.75
C PHE G 74 -29.91 47.80 -29.53
N ARG G 75 -30.71 48.72 -29.01
CA ARG G 75 -31.89 49.24 -29.69
C ARG G 75 -31.66 50.72 -29.98
N VAL G 76 -31.50 51.05 -31.26
CA VAL G 76 -31.17 52.41 -31.68
C VAL G 76 -32.49 53.16 -31.89
N HIS G 77 -32.77 54.11 -31.00
CA HIS G 77 -33.87 55.05 -31.21
C HIS G 77 -33.41 56.12 -32.19
N GLY G 78 -33.66 55.87 -33.47
CA GLY G 78 -33.36 56.82 -34.50
C GLY G 78 -34.57 57.11 -35.35
N PRO G 79 -34.40 57.90 -36.40
CA PRO G 79 -35.52 58.12 -37.32
C PRO G 79 -35.56 57.10 -38.45
N TYR G 80 -36.70 56.44 -38.63
CA TYR G 80 -36.90 55.63 -39.83
C TYR G 80 -37.38 56.53 -40.95
N ALA G 81 -36.50 56.77 -41.93
CA ALA G 81 -36.81 57.65 -43.05
C ALA G 81 -36.02 57.18 -44.25
N PRO G 82 -36.40 56.05 -44.86
CA PRO G 82 -35.52 55.45 -45.86
C PRO G 82 -35.63 56.16 -47.20
N GLU G 83 -35.59 57.49 -47.18
CA GLU G 83 -35.34 58.34 -48.35
C GLU G 83 -34.16 59.25 -48.13
N ARG G 84 -34.01 59.79 -46.93
CA ARG G 84 -32.75 60.40 -46.53
C ARG G 84 -31.64 59.37 -46.41
N GLY G 85 -31.99 58.10 -46.20
CA GLY G 85 -31.02 57.03 -46.04
C GLY G 85 -31.08 56.33 -44.71
N LEU G 86 -31.73 56.94 -43.72
CA LEU G 86 -31.76 56.39 -42.36
C LEU G 86 -32.83 55.32 -42.24
N ARG G 87 -32.45 54.15 -41.72
CA ARG G 87 -33.35 53.02 -41.56
C ARG G 87 -33.39 52.53 -40.12
N CYS G 88 -33.05 53.38 -39.17
CA CYS G 88 -32.97 52.96 -37.78
C CYS G 88 -34.37 52.62 -37.24
N ASN G 89 -34.43 51.56 -36.45
CA ASN G 89 -35.69 51.08 -35.89
C ASN G 89 -35.43 50.55 -34.49
N ALA G 90 -36.10 51.14 -33.50
CA ALA G 90 -35.95 50.70 -32.12
C ALA G 90 -36.52 49.30 -31.90
N ALA G 91 -37.46 48.86 -32.74
CA ALA G 91 -38.08 47.55 -32.57
C ALA G 91 -37.09 46.41 -32.77
N LYS G 92 -36.00 46.64 -33.50
CA LYS G 92 -35.02 45.60 -33.78
C LYS G 92 -34.00 45.49 -32.66
N LEU G 93 -33.60 44.26 -32.36
CA LEU G 93 -32.51 44.00 -31.41
C LEU G 93 -31.23 43.92 -32.23
N LEU G 94 -30.55 45.06 -32.36
CA LEU G 94 -29.38 45.14 -33.23
C LEU G 94 -28.19 44.46 -32.58
N LEU G 95 -27.32 43.91 -33.42
CA LEU G 95 -26.12 43.24 -32.97
C LEU G 95 -24.98 44.24 -32.76
N ASP G 96 -24.12 43.92 -31.82
CA ASP G 96 -22.87 44.63 -31.62
C ASP G 96 -21.91 44.21 -32.72
N PRO G 97 -21.54 45.08 -33.66
CA PRO G 97 -20.56 44.67 -34.67
C PRO G 97 -19.24 44.22 -34.05
N TYR G 98 -18.87 44.80 -32.92
CA TYR G 98 -17.67 44.42 -32.18
C TYR G 98 -17.90 43.22 -31.26
N ALA G 99 -18.97 42.46 -31.49
CA ALA G 99 -19.25 41.30 -30.65
C ALA G 99 -18.16 40.24 -30.83
N ARG G 100 -17.50 39.90 -29.73
CA ARG G 100 -16.48 38.86 -29.75
C ARG G 100 -17.07 37.45 -29.75
N ALA G 101 -18.39 37.31 -29.64
CA ALA G 101 -19.05 36.03 -29.76
C ALA G 101 -20.54 36.26 -29.95
N VAL G 102 -21.13 35.49 -30.85
CA VAL G 102 -22.56 35.57 -31.13
C VAL G 102 -23.22 34.27 -30.71
N SER G 103 -24.45 34.37 -30.21
CA SER G 103 -25.19 33.21 -29.72
C SER G 103 -26.49 33.08 -30.50
N GLY G 104 -26.78 31.87 -30.96
CA GLY G 104 -28.02 31.58 -31.65
C GLY G 104 -27.88 31.62 -33.16
N ARG G 105 -29.03 31.67 -33.82
CA ARG G 105 -29.12 31.79 -35.26
C ARG G 105 -30.41 32.52 -35.62
N VAL G 106 -30.44 33.11 -36.81
CA VAL G 106 -31.58 33.93 -37.21
C VAL G 106 -32.77 32.99 -37.42
N ARG G 107 -33.76 33.07 -36.52
CA ARG G 107 -35.01 32.39 -36.75
C ARG G 107 -35.76 33.13 -37.85
N TRP G 108 -35.58 32.69 -39.09
CA TRP G 108 -36.07 33.43 -40.26
C TRP G 108 -37.57 33.62 -40.23
N GLY G 109 -38.00 34.88 -40.10
CA GLY G 109 -39.40 35.24 -40.18
C GLY G 109 -39.54 36.60 -40.84
N GLU G 110 -40.69 37.24 -40.67
CA GLU G 110 -40.88 38.59 -41.17
C GLU G 110 -40.42 39.66 -40.19
N ALA G 111 -40.32 39.31 -38.90
CA ALA G 111 -40.09 40.31 -37.87
C ALA G 111 -38.69 40.90 -37.91
N VAL G 112 -37.74 40.25 -38.60
CA VAL G 112 -36.34 40.68 -38.55
C VAL G 112 -36.00 41.59 -39.71
N TYR G 113 -37.00 42.04 -40.46
CA TYR G 113 -36.76 42.64 -41.76
C TYR G 113 -36.79 44.17 -41.77
N GLY G 114 -37.32 44.81 -40.72
CA GLY G 114 -37.32 46.25 -40.65
C GLY G 114 -38.34 46.96 -41.51
N TYR G 115 -38.96 46.26 -42.46
CA TYR G 115 -40.01 46.82 -43.30
C TYR G 115 -41.10 45.77 -43.45
N PRO G 116 -42.35 46.20 -43.63
CA PRO G 116 -43.42 45.23 -43.91
C PRO G 116 -43.20 44.57 -45.26
N PHE G 117 -43.50 43.27 -45.33
CA PHE G 117 -43.17 42.48 -46.51
C PHE G 117 -43.88 42.98 -47.77
N GLY G 118 -44.77 43.96 -47.66
CA GLY G 118 -45.42 44.51 -48.82
C GLY G 118 -44.85 45.83 -49.31
N ARG G 119 -44.65 46.77 -48.38
CA ARG G 119 -44.21 48.12 -48.72
C ARG G 119 -42.76 48.32 -48.30
N PRO G 120 -41.81 48.31 -49.23
CA PRO G 120 -40.38 48.36 -48.85
C PRO G 120 -39.95 49.64 -48.16
N ASP G 121 -40.74 50.71 -48.22
CA ASP G 121 -40.39 51.97 -47.59
C ASP G 121 -41.19 52.25 -46.33
N ALA G 122 -41.96 51.28 -45.85
CA ALA G 122 -42.73 51.44 -44.63
C ALA G 122 -41.95 50.90 -43.43
N ARG G 123 -42.51 51.12 -42.24
CA ARG G 123 -41.81 50.86 -40.99
C ARG G 123 -42.35 49.59 -40.33
N ASN G 124 -41.46 48.64 -40.05
CA ASN G 124 -41.79 47.45 -39.29
C ASN G 124 -41.52 47.72 -37.82
N ASP G 125 -42.48 47.34 -36.97
CA ASP G 125 -42.36 47.57 -35.53
C ASP G 125 -42.42 46.26 -34.74
N LEU G 126 -42.11 45.14 -35.39
CA LEU G 126 -42.10 43.86 -34.71
C LEU G 126 -40.83 43.70 -33.89
N ASP G 127 -40.98 43.27 -32.64
CA ASP G 127 -39.83 43.06 -31.77
C ASP G 127 -38.99 41.94 -32.35
N SER G 128 -37.84 42.29 -32.92
CA SER G 128 -36.96 41.32 -33.57
C SER G 128 -36.20 40.43 -32.58
N ALA G 129 -36.36 40.67 -31.29
CA ALA G 129 -35.56 39.96 -30.28
C ALA G 129 -35.70 38.44 -30.32
N PRO G 130 -36.91 37.85 -30.38
CA PRO G 130 -37.00 36.38 -30.31
C PRO G 130 -36.43 35.66 -31.51
N ASP G 131 -36.16 36.35 -32.62
CA ASP G 131 -35.73 35.70 -33.86
C ASP G 131 -34.31 36.06 -34.29
N THR G 132 -33.67 37.03 -33.64
CA THR G 132 -32.36 37.50 -34.04
C THR G 132 -31.26 36.73 -33.30
N MET G 133 -30.05 36.81 -33.83
CA MET G 133 -28.89 36.38 -33.08
C MET G 133 -28.61 37.35 -31.94
N THR G 134 -27.63 37.02 -31.11
CA THR G 134 -27.34 37.82 -29.94
C THR G 134 -25.84 37.95 -29.73
N SER G 135 -25.39 39.17 -29.47
CA SER G 135 -24.01 39.42 -29.05
C SER G 135 -23.84 39.04 -27.58
N VAL G 136 -22.65 38.54 -27.25
CA VAL G 136 -22.36 38.04 -25.91
C VAL G 136 -21.02 38.59 -25.45
N VAL G 137 -20.92 38.79 -24.13
CA VAL G 137 -19.69 39.29 -23.51
C VAL G 137 -18.71 38.12 -23.39
N VAL G 138 -17.46 38.37 -23.77
CA VAL G 138 -16.43 37.32 -23.80
C VAL G 138 -15.32 37.67 -22.82
N ASN G 139 -15.02 36.74 -21.94
CA ASN G 139 -13.84 36.80 -21.08
C ASN G 139 -12.61 36.54 -21.95
N PRO G 140 -11.80 37.55 -22.26
CA PRO G 140 -10.78 37.40 -23.30
C PRO G 140 -9.55 36.61 -22.87
N TYR G 141 -9.50 36.11 -21.63
CA TYR G 141 -8.32 35.41 -21.15
C TYR G 141 -8.08 34.13 -21.92
N PHE G 142 -6.80 33.81 -22.11
CA PHE G 142 -6.35 32.53 -22.65
C PHE G 142 -4.86 32.38 -22.39
N ASP G 143 -4.45 31.25 -21.80
CA ASP G 143 -3.05 31.05 -21.47
C ASP G 143 -2.37 30.23 -22.56
N TRP G 144 -1.94 30.93 -23.61
CA TRP G 144 -0.87 30.42 -24.45
C TRP G 144 0.44 30.61 -23.69
N GLY G 145 1.06 29.51 -23.27
CA GLY G 145 2.36 29.66 -22.67
C GLY G 145 3.44 29.80 -23.72
N ASP G 146 3.67 28.73 -24.46
CA ASP G 146 4.60 28.75 -25.60
C ASP G 146 3.85 28.81 -26.93
N ASP G 147 3.12 29.90 -27.15
CA ASP G 147 2.62 30.19 -28.49
C ASP G 147 3.66 31.07 -29.18
N ARG G 148 4.52 30.45 -29.96
CA ARG G 148 5.43 31.18 -30.83
C ARG G 148 4.85 31.11 -32.23
N ARG G 149 4.34 32.24 -32.71
CA ARG G 149 3.82 32.34 -34.05
C ARG G 149 4.81 31.71 -35.03
N PRO G 150 4.42 30.70 -35.80
CA PRO G 150 5.36 30.05 -36.71
C PRO G 150 5.69 30.96 -37.88
N ARG G 151 6.63 31.87 -37.71
CA ARG G 151 6.93 32.83 -38.76
C ARG G 151 7.65 32.15 -39.92
N THR G 152 6.90 31.33 -40.64
CA THR G 152 7.36 30.79 -41.91
C THR G 152 7.35 31.90 -42.96
N GLU G 153 8.48 32.09 -43.63
CA GLU G 153 8.58 33.12 -44.66
C GLU G 153 7.78 32.69 -45.88
N TYR G 154 7.82 33.52 -46.92
CA TYR G 154 7.04 33.23 -48.13
C TYR G 154 7.69 32.15 -48.99
N HIS G 155 9.02 32.15 -49.07
CA HIS G 155 9.74 31.19 -49.90
C HIS G 155 9.87 29.81 -49.25
N HIS G 156 9.10 29.55 -48.20
CA HIS G 156 8.98 28.22 -47.60
C HIS G 156 7.53 27.75 -47.53
N THR G 157 6.58 28.56 -47.99
CA THR G 157 5.18 28.40 -47.65
C THR G 157 4.45 27.51 -48.65
N VAL G 158 3.50 26.73 -48.14
CA VAL G 158 2.56 25.96 -48.95
C VAL G 158 1.19 26.17 -48.32
N ILE G 159 0.38 27.04 -48.93
CA ILE G 159 -0.93 27.37 -48.36
C ILE G 159 -1.95 26.31 -48.77
N TYR G 160 -2.83 25.96 -47.84
CA TYR G 160 -3.83 24.92 -48.04
C TYR G 160 -5.19 25.49 -47.67
N GLU G 161 -6.02 25.76 -48.67
CA GLU G 161 -7.33 26.36 -48.42
C GLU G 161 -8.31 25.29 -48.01
N ALA G 162 -8.84 25.40 -46.79
CA ALA G 162 -9.79 24.43 -46.26
C ALA G 162 -11.01 25.14 -45.71
N HIS G 163 -12.11 24.39 -45.63
CA HIS G 163 -13.30 24.85 -44.91
C HIS G 163 -13.33 24.17 -43.55
N VAL G 164 -13.78 24.90 -42.53
CA VAL G 164 -13.78 24.39 -41.17
C VAL G 164 -14.55 23.07 -41.09
N LYS G 165 -15.72 23.03 -41.73
CA LYS G 165 -16.58 21.86 -41.65
C LYS G 165 -16.11 20.74 -42.56
N GLY G 166 -15.87 21.05 -43.84
CA GLY G 166 -15.68 20.02 -44.84
C GLY G 166 -14.51 19.08 -44.55
N LEU G 167 -13.39 19.65 -44.11
CA LEU G 167 -12.19 18.83 -43.92
C LEU G 167 -12.35 17.81 -42.81
N THR G 168 -13.23 18.06 -41.82
CA THR G 168 -13.20 17.26 -40.60
C THR G 168 -14.57 16.71 -40.19
N MET G 169 -15.56 16.69 -41.08
CA MET G 169 -16.82 16.03 -40.72
C MET G 169 -16.92 14.60 -41.23
N LEU G 170 -16.16 14.23 -42.26
CA LEU G 170 -16.15 12.86 -42.74
C LEU G 170 -14.86 12.12 -42.39
N HIS G 171 -14.10 12.64 -41.43
CA HIS G 171 -12.88 11.98 -41.00
C HIS G 171 -13.22 10.75 -40.16
N PRO G 172 -12.79 9.55 -40.56
CA PRO G 172 -13.03 8.37 -39.73
C PRO G 172 -12.01 8.23 -38.62
N ASP G 173 -11.66 9.36 -38.01
CA ASP G 173 -10.72 9.37 -36.90
C ASP G 173 -11.17 10.23 -35.74
N LEU G 174 -12.10 11.17 -35.93
CA LEU G 174 -12.59 12.06 -34.89
C LEU G 174 -13.85 11.48 -34.28
N PRO G 175 -14.03 11.61 -32.98
CA PRO G 175 -15.33 11.30 -32.39
C PRO G 175 -16.40 12.15 -33.06
N GLU G 176 -17.61 11.59 -33.16
CA GLU G 176 -18.72 12.29 -33.81
C GLU G 176 -18.89 13.70 -33.26
N GLU G 177 -18.58 13.89 -31.97
CA GLU G 177 -18.69 15.20 -31.37
C GLU G 177 -17.75 16.21 -32.02
N LEU G 178 -16.52 15.79 -32.31
CA LEU G 178 -15.51 16.68 -32.88
C LEU G 178 -15.55 16.74 -34.39
N ARG G 179 -16.44 15.99 -35.04
CA ARG G 179 -16.47 15.95 -36.50
C ARG G 179 -16.99 17.27 -37.05
N GLY G 180 -16.15 18.00 -37.78
CA GLY G 180 -16.56 19.19 -38.48
C GLY G 180 -16.35 20.50 -37.74
N THR G 181 -15.95 20.46 -36.47
CA THR G 181 -15.90 21.66 -35.65
C THR G 181 -14.52 22.32 -35.73
N TYR G 182 -14.35 23.41 -34.98
CA TYR G 182 -13.03 24.01 -34.83
C TYR G 182 -12.06 23.06 -34.17
N ALA G 183 -12.46 22.50 -33.02
CA ALA G 183 -11.57 21.64 -32.25
C ALA G 183 -11.16 20.40 -33.04
N GLY G 184 -12.13 19.74 -33.68
CA GLY G 184 -11.83 18.57 -34.50
C GLY G 184 -10.80 18.84 -35.58
N LEU G 185 -10.65 20.10 -35.99
CA LEU G 185 -9.64 20.48 -36.96
C LEU G 185 -8.24 20.35 -36.39
N ALA G 186 -8.09 20.36 -35.07
CA ALA G 186 -6.80 20.30 -34.39
C ALA G 186 -6.47 18.90 -33.88
N HIS G 187 -7.14 17.87 -34.39
CA HIS G 187 -6.90 16.51 -33.93
C HIS G 187 -5.56 16.02 -34.48
N PRO G 188 -4.82 15.21 -33.71
CA PRO G 188 -3.50 14.74 -34.18
C PRO G 188 -3.57 14.00 -35.51
N SER G 189 -4.63 13.23 -35.76
CA SER G 189 -4.78 12.57 -37.05
C SER G 189 -5.08 13.54 -38.18
N VAL G 190 -5.47 14.76 -37.88
CA VAL G 190 -5.69 15.78 -38.90
C VAL G 190 -4.44 16.63 -39.11
N ILE G 191 -3.81 17.05 -38.02
CA ILE G 191 -2.63 17.92 -38.13
C ILE G 191 -1.47 17.17 -38.76
N GLY G 192 -1.39 15.85 -38.54
CA GLY G 192 -0.33 15.07 -39.16
C GLY G 192 -0.52 14.90 -40.65
N HIS G 193 -1.77 14.83 -41.11
CA HIS G 193 -2.01 14.80 -42.55
C HIS G 193 -1.51 16.05 -43.23
N LEU G 194 -1.48 17.17 -42.50
CA LEU G 194 -0.88 18.40 -43.03
C LEU G 194 0.64 18.37 -42.88
N ARG G 195 1.14 17.88 -41.75
CA ARG G 195 2.58 17.83 -41.52
C ARG G 195 3.28 16.82 -42.41
N GLU G 196 2.54 15.90 -43.04
CA GLU G 196 3.13 14.99 -44.01
C GLU G 196 3.10 15.58 -45.42
N LEU G 197 1.94 16.04 -45.88
CA LEU G 197 1.82 16.74 -47.14
C LEU G 197 2.65 18.02 -47.16
N GLY G 198 3.14 18.47 -46.01
CA GLY G 198 4.01 19.63 -45.95
C GLY G 198 3.34 20.93 -46.29
N VAL G 199 2.27 21.27 -45.58
CA VAL G 199 1.63 22.56 -45.71
C VAL G 199 1.99 23.38 -44.47
N THR G 200 2.26 24.67 -44.69
CA THR G 200 2.71 25.55 -43.63
C THR G 200 1.76 26.71 -43.39
N ALA G 201 0.56 26.66 -43.98
CA ALA G 201 -0.44 27.71 -43.77
C ALA G 201 -1.80 27.15 -44.14
N LEU G 202 -2.68 27.04 -43.15
CA LEU G 202 -4.01 26.47 -43.31
C LEU G 202 -4.97 27.63 -43.53
N GLU G 203 -5.40 27.82 -44.79
CA GLU G 203 -6.29 28.92 -45.13
C GLU G 203 -7.73 28.45 -44.92
N LEU G 204 -8.41 29.07 -43.95
CA LEU G 204 -9.73 28.63 -43.52
C LEU G 204 -10.79 29.38 -44.29
N MET G 205 -11.69 28.65 -44.95
CA MET G 205 -12.82 29.28 -45.62
C MET G 205 -13.68 29.98 -44.57
N PRO G 206 -14.24 31.18 -44.89
CA PRO G 206 -14.51 32.20 -43.85
C PRO G 206 -15.03 31.69 -42.51
N VAL G 207 -14.40 32.17 -41.44
CA VAL G 207 -14.75 31.80 -40.07
C VAL G 207 -15.43 32.92 -39.31
N HIS G 208 -15.37 34.17 -39.80
CA HIS G 208 -16.27 35.20 -39.31
C HIS G 208 -17.70 34.68 -39.40
N GLN G 209 -18.45 34.82 -38.31
CA GLN G 209 -19.78 34.26 -38.27
C GLN G 209 -20.64 34.83 -39.38
N PHE G 210 -21.31 33.94 -40.10
CA PHE G 210 -22.15 34.27 -41.23
C PHE G 210 -23.59 33.91 -40.91
N VAL G 211 -24.47 34.18 -41.87
CA VAL G 211 -25.90 33.95 -41.73
C VAL G 211 -26.37 33.03 -42.84
N ASN G 212 -27.20 32.05 -42.48
CA ASN G 212 -27.87 31.22 -43.48
C ASN G 212 -28.91 32.09 -44.21
N ASP G 213 -28.67 32.33 -45.49
CA ASP G 213 -29.48 33.28 -46.24
C ASP G 213 -30.94 32.84 -46.28
N HIS G 214 -31.84 33.78 -45.98
CA HIS G 214 -33.27 33.50 -45.95
C HIS G 214 -33.75 32.86 -47.25
N ARG G 215 -33.13 33.22 -48.38
CA ARG G 215 -33.44 32.58 -49.66
C ARG G 215 -32.95 31.14 -49.72
N LEU G 216 -31.98 30.77 -48.88
CA LEU G 216 -31.51 29.39 -48.81
C LEU G 216 -32.24 28.56 -47.76
N VAL G 217 -32.76 29.18 -46.70
CA VAL G 217 -33.59 28.43 -45.76
C VAL G 217 -34.92 28.05 -46.40
N ASP G 218 -35.52 28.99 -47.14
CA ASP G 218 -36.67 28.65 -47.97
C ASP G 218 -36.25 28.08 -49.31
N ALA G 219 -35.24 27.19 -49.31
CA ALA G 219 -34.86 26.47 -50.51
C ALA G 219 -34.39 25.05 -50.22
N GLY G 220 -34.54 24.55 -49.00
CA GLY G 220 -33.97 23.27 -48.64
C GLY G 220 -32.46 23.25 -48.58
N LEU G 221 -31.82 24.42 -48.44
CA LEU G 221 -30.36 24.51 -48.45
C LEU G 221 -29.83 25.35 -47.29
N SER G 222 -28.54 25.67 -47.34
CA SER G 222 -27.89 26.50 -46.33
C SER G 222 -26.59 27.03 -46.92
N ASN G 223 -26.11 28.13 -46.34
CA ASN G 223 -24.86 28.72 -46.78
C ASN G 223 -23.71 27.91 -46.21
N TYR G 224 -23.01 27.17 -47.08
CA TYR G 224 -21.97 26.24 -46.65
C TYR G 224 -20.60 26.92 -46.56
N TRP G 225 -20.23 27.68 -47.59
CA TRP G 225 -18.92 28.34 -47.59
C TRP G 225 -18.85 29.41 -46.51
N GLY G 226 -19.90 30.22 -46.39
CA GLY G 226 -19.96 31.24 -45.38
C GLY G 226 -19.52 32.61 -45.83
N TYR G 227 -19.62 32.92 -47.13
CA TYR G 227 -19.29 34.25 -47.59
C TYR G 227 -20.51 35.16 -47.49
N ASN G 228 -21.15 35.18 -46.32
CA ASN G 228 -22.23 36.13 -46.03
C ASN G 228 -22.20 36.42 -44.52
N THR G 229 -21.37 37.38 -44.12
CA THR G 229 -21.00 37.55 -42.73
C THR G 229 -21.53 38.84 -42.15
N ILE G 230 -21.73 38.85 -40.84
CA ILE G 230 -22.02 40.06 -40.09
C ILE G 230 -21.06 40.19 -38.93
N GLY G 231 -20.99 39.16 -38.09
CA GLY G 231 -20.06 39.16 -36.98
C GLY G 231 -18.62 39.15 -37.46
N PHE G 232 -17.94 40.28 -37.32
CA PHE G 232 -16.57 40.42 -37.80
C PHE G 232 -15.54 40.17 -36.71
N PHE G 233 -15.96 40.12 -35.44
CA PHE G 233 -15.04 39.91 -34.32
C PHE G 233 -15.23 38.55 -33.65
N ALA G 234 -16.03 37.67 -34.24
CA ALA G 234 -16.48 36.47 -33.54
C ALA G 234 -16.39 35.23 -34.42
N PRO G 235 -15.93 34.10 -33.88
CA PRO G 235 -15.95 32.85 -34.64
C PRO G 235 -17.37 32.31 -34.77
N HIS G 236 -17.65 31.73 -35.94
CA HIS G 236 -18.99 31.24 -36.25
C HIS G 236 -19.46 30.23 -35.21
N ASN G 237 -20.76 30.29 -34.88
CA ASN G 237 -21.29 29.44 -33.82
C ASN G 237 -21.55 28.02 -34.28
N ALA G 238 -21.96 27.83 -35.55
CA ALA G 238 -22.30 26.49 -36.02
C ALA G 238 -21.09 25.59 -36.15
N TYR G 239 -19.89 26.15 -36.21
CA TYR G 239 -18.67 25.37 -36.21
C TYR G 239 -18.18 25.04 -34.81
N ALA G 240 -18.91 25.44 -33.78
CA ALA G 240 -18.45 25.33 -32.40
C ALA G 240 -19.17 24.18 -31.71
N SER G 241 -18.40 23.20 -31.26
CA SER G 241 -18.97 22.12 -30.46
C SER G 241 -19.05 22.48 -28.99
N TRP G 242 -18.17 23.37 -28.51
CA TRP G 242 -18.04 23.60 -27.08
C TRP G 242 -19.17 24.47 -26.53
N GLY G 243 -19.72 25.35 -27.35
CA GLY G 243 -20.77 26.25 -26.89
C GLY G 243 -20.72 27.56 -27.64
N ASP G 244 -21.80 28.33 -27.47
CA ASP G 244 -21.94 29.60 -28.19
C ASP G 244 -22.02 30.83 -27.28
N ARG G 245 -22.07 30.65 -25.96
CA ARG G 245 -22.10 31.79 -25.04
C ARG G 245 -20.70 32.30 -24.76
N GLY G 246 -19.95 32.61 -25.81
CA GLY G 246 -18.55 32.96 -25.65
C GLY G 246 -17.64 31.76 -25.50
N GLN G 247 -18.12 30.58 -25.88
CA GLN G 247 -17.32 29.36 -25.79
C GLN G 247 -16.78 28.89 -27.14
N GLN G 248 -17.32 29.40 -28.24
CA GLN G 248 -16.68 29.21 -29.54
C GLN G 248 -15.33 29.92 -29.58
N VAL G 249 -15.21 31.06 -28.89
CA VAL G 249 -13.98 31.81 -28.85
C VAL G 249 -12.88 31.02 -28.15
N LEU G 250 -13.25 30.06 -27.31
CA LEU G 250 -12.28 29.22 -26.64
C LEU G 250 -11.82 28.07 -27.53
N GLU G 251 -12.75 27.50 -28.31
CA GLU G 251 -12.39 26.55 -29.35
C GLU G 251 -11.31 27.12 -30.26
N PHE G 252 -11.64 28.23 -30.92
CA PHE G 252 -10.75 28.78 -31.94
C PHE G 252 -9.39 29.12 -31.36
N LYS G 253 -9.35 29.68 -30.15
CA LYS G 253 -8.06 30.02 -29.55
C LYS G 253 -7.21 28.79 -29.33
N SER G 254 -7.78 27.75 -28.71
CA SER G 254 -7.04 26.51 -28.51
C SER G 254 -6.73 25.83 -29.85
N ALA G 255 -7.69 25.85 -30.78
CA ALA G 255 -7.49 25.23 -32.08
C ALA G 255 -6.28 25.82 -32.80
N VAL G 256 -5.95 27.08 -32.51
CA VAL G 256 -4.72 27.67 -33.05
C VAL G 256 -3.51 27.18 -32.27
N ARG G 257 -3.60 27.15 -30.94
CA ARG G 257 -2.48 26.75 -30.10
C ARG G 257 -1.92 25.39 -30.52
N ALA G 258 -2.81 24.42 -30.76
CA ALA G 258 -2.37 23.14 -31.28
C ALA G 258 -1.74 23.31 -32.66
N LEU G 259 -2.44 24.00 -33.56
CA LEU G 259 -1.91 24.25 -34.90
C LEU G 259 -0.55 24.95 -34.85
N HIS G 260 -0.45 26.00 -34.02
CA HIS G 260 0.83 26.66 -33.84
C HIS G 260 1.86 25.73 -33.22
N GLN G 261 1.43 24.82 -32.33
CA GLN G 261 2.37 23.90 -31.70
C GLN G 261 2.99 22.96 -32.73
N ALA G 262 2.25 22.59 -33.76
CA ALA G 262 2.77 21.78 -34.85
C ALA G 262 3.28 22.62 -36.02
N GLY G 263 3.46 23.92 -35.80
CA GLY G 263 4.10 24.79 -36.78
C GLY G 263 3.31 25.03 -38.05
N ILE G 264 2.00 25.24 -37.94
CA ILE G 264 1.14 25.47 -39.10
C ILE G 264 0.44 26.81 -38.92
N GLU G 265 0.72 27.75 -39.82
CA GLU G 265 0.10 29.06 -39.76
C GLU G 265 -1.39 28.98 -40.12
N VAL G 266 -2.17 29.91 -39.57
CA VAL G 266 -3.59 30.01 -39.82
C VAL G 266 -3.85 31.29 -40.61
N ILE G 267 -4.20 31.14 -41.89
CA ILE G 267 -4.56 32.27 -42.74
C ILE G 267 -6.07 32.25 -42.96
N LEU G 268 -6.83 32.88 -42.08
CA LEU G 268 -8.28 32.80 -42.18
C LEU G 268 -8.81 33.78 -43.22
N ASP G 269 -9.88 33.37 -43.89
CA ASP G 269 -10.44 34.10 -45.02
C ASP G 269 -11.39 35.18 -44.50
N VAL G 270 -11.22 36.40 -44.99
CA VAL G 270 -11.98 37.56 -44.52
C VAL G 270 -12.85 38.09 -45.65
N VAL G 271 -14.07 38.50 -45.30
CA VAL G 271 -15.02 39.08 -46.25
C VAL G 271 -15.46 40.42 -45.65
N TYR G 272 -14.75 41.49 -46.01
CA TYR G 272 -15.06 42.82 -45.50
C TYR G 272 -15.83 43.67 -46.50
N ASN G 273 -16.02 43.18 -47.73
CA ASN G 273 -16.62 43.96 -48.78
C ASN G 273 -18.15 43.96 -48.74
N HIS G 274 -18.77 43.04 -48.00
CA HIS G 274 -20.22 42.97 -47.94
C HIS G 274 -20.66 42.38 -46.61
N THR G 275 -21.94 42.55 -46.32
CA THR G 275 -22.53 42.14 -45.05
C THR G 275 -23.79 41.33 -45.31
N ALA G 276 -24.17 40.52 -44.32
CA ALA G 276 -25.18 39.49 -44.47
C ALA G 276 -26.61 40.01 -44.40
N GLU G 277 -26.82 41.32 -44.46
CA GLU G 277 -28.16 41.87 -44.62
C GLU G 277 -28.41 42.39 -46.02
N GLY G 278 -27.49 42.16 -46.95
CA GLY G 278 -27.67 42.43 -48.36
C GLY G 278 -28.10 43.86 -48.64
N ASN G 279 -28.87 44.03 -49.70
CA ASN G 279 -29.42 45.33 -50.11
C ASN G 279 -30.64 45.63 -49.25
N HIS G 280 -31.40 46.65 -49.65
CA HIS G 280 -32.74 46.82 -49.10
C HIS G 280 -33.58 45.60 -49.46
N LEU G 281 -34.78 45.53 -48.85
CA LEU G 281 -35.65 44.36 -48.86
C LEU G 281 -35.06 43.25 -47.99
N GLY G 282 -33.85 43.49 -47.48
CA GLY G 282 -33.16 42.51 -46.66
C GLY G 282 -33.39 42.76 -45.19
N PRO G 283 -32.81 41.90 -44.34
CA PRO G 283 -33.03 42.03 -42.90
C PRO G 283 -32.34 43.26 -42.33
N THR G 284 -32.79 43.65 -41.14
CA THR G 284 -32.16 44.70 -40.35
C THR G 284 -31.58 44.02 -39.12
N LEU G 285 -30.30 43.67 -39.18
CA LEU G 285 -29.68 42.79 -38.20
C LEU G 285 -28.62 43.47 -37.36
N SER G 286 -27.57 44.00 -37.98
CA SER G 286 -26.43 44.51 -37.22
C SER G 286 -26.19 46.00 -37.45
N MET G 287 -26.03 46.44 -38.70
CA MET G 287 -25.59 47.79 -39.01
C MET G 287 -26.68 48.67 -39.62
N ARG G 288 -27.67 48.05 -40.27
CA ARG G 288 -28.82 48.79 -40.80
C ARG G 288 -29.41 49.73 -39.77
N GLY G 289 -29.72 49.20 -38.58
CA GLY G 289 -30.34 50.00 -37.54
C GLY G 289 -29.40 50.89 -36.77
N LEU G 290 -28.09 50.59 -36.77
CA LEU G 290 -27.16 51.40 -36.00
C LEU G 290 -26.93 52.76 -36.65
N ASP G 291 -26.34 52.74 -37.86
CA ASP G 291 -26.12 53.95 -38.64
C ASP G 291 -25.98 53.49 -40.08
N ASN G 292 -27.08 53.51 -40.82
CA ASN G 292 -27.07 52.98 -42.17
C ASN G 292 -26.17 53.75 -43.13
N PRO G 293 -26.27 55.09 -43.25
CA PRO G 293 -25.49 55.77 -44.29
C PRO G 293 -24.00 55.83 -44.02
N SER G 294 -23.56 55.66 -42.77
CA SER G 294 -22.13 55.71 -42.47
C SER G 294 -21.49 54.33 -42.43
N TYR G 295 -22.28 53.26 -42.60
CA TYR G 295 -21.74 51.91 -42.75
C TYR G 295 -21.76 51.44 -44.19
N TYR G 296 -22.93 51.47 -44.82
CA TYR G 296 -23.11 50.93 -46.15
C TYR G 296 -23.00 52.02 -47.22
N ARG G 297 -22.44 51.62 -48.36
CA ARG G 297 -22.22 52.53 -49.49
C ARG G 297 -23.55 52.72 -50.19
N LEU G 298 -24.26 53.78 -49.81
CA LEU G 298 -25.56 54.07 -50.40
C LEU G 298 -25.40 54.65 -51.79
N ALA G 299 -26.31 54.29 -52.68
CA ALA G 299 -26.30 54.81 -54.04
C ALA G 299 -26.70 56.29 -54.02
N ASP G 300 -26.74 56.89 -55.21
CA ASP G 300 -27.25 58.26 -55.33
C ASP G 300 -28.76 58.22 -55.35
N ASP G 301 -29.32 57.44 -54.44
CA ASP G 301 -30.71 57.26 -54.09
C ASP G 301 -30.70 56.62 -52.72
N PRO G 302 -30.66 57.42 -51.63
CA PRO G 302 -30.29 56.89 -50.31
C PRO G 302 -31.11 55.69 -49.85
N ARG G 303 -32.11 55.32 -50.64
CA ARG G 303 -32.90 54.13 -50.36
C ARG G 303 -32.15 52.85 -50.72
N TYR G 304 -31.32 52.89 -51.75
CA TYR G 304 -30.71 51.71 -52.34
C TYR G 304 -29.23 51.62 -51.97
N TYR G 305 -28.59 50.56 -52.42
CA TYR G 305 -27.26 50.19 -51.95
C TYR G 305 -26.34 49.91 -53.15
N MET G 306 -25.19 50.59 -53.18
CA MET G 306 -24.19 50.30 -54.20
C MET G 306 -23.62 48.90 -53.96
N ASP G 307 -23.49 48.13 -55.03
CA ASP G 307 -23.20 46.69 -54.94
C ASP G 307 -22.08 46.34 -55.91
N THR G 308 -20.84 46.41 -55.43
CA THR G 308 -19.68 45.96 -56.20
C THR G 308 -19.21 44.58 -55.78
N THR G 309 -20.13 43.74 -55.29
CA THR G 309 -19.81 42.40 -54.85
C THR G 309 -20.72 41.37 -55.50
N GLY G 310 -21.92 41.79 -55.89
CA GLY G 310 -22.95 40.89 -56.37
C GLY G 310 -23.77 40.26 -55.27
N THR G 311 -23.56 40.65 -54.02
CA THR G 311 -24.18 40.03 -52.85
C THR G 311 -25.05 41.01 -52.09
N GLY G 312 -25.72 41.91 -52.81
CA GLY G 312 -26.60 42.87 -52.17
C GLY G 312 -25.99 44.22 -51.88
N ASN G 313 -24.98 44.28 -51.02
CA ASN G 313 -24.48 45.57 -50.56
C ASN G 313 -22.97 45.72 -50.63
N SER G 314 -22.46 46.81 -50.06
CA SER G 314 -21.03 47.06 -49.92
C SER G 314 -20.85 48.17 -48.90
N LEU G 315 -19.69 48.17 -48.26
CA LEU G 315 -19.40 49.12 -47.19
C LEU G 315 -18.83 50.43 -47.73
N LEU G 316 -18.88 51.46 -46.89
CA LEU G 316 -18.21 52.72 -47.17
C LEU G 316 -16.76 52.59 -46.72
N MET G 317 -15.83 52.55 -47.68
CA MET G 317 -14.42 52.46 -47.36
C MET G 317 -13.76 53.83 -47.21
N ARG G 318 -14.56 54.89 -47.08
CA ARG G 318 -14.07 56.20 -46.67
C ARG G 318 -14.54 56.60 -45.28
N SER G 319 -15.69 56.10 -44.84
CA SER G 319 -16.23 56.43 -43.54
C SER G 319 -15.27 55.96 -42.45
N PRO G 320 -14.70 56.87 -41.65
CA PRO G 320 -13.66 56.46 -40.70
C PRO G 320 -14.11 55.43 -39.69
N HIS G 321 -15.40 55.35 -39.39
CA HIS G 321 -15.87 54.39 -38.40
C HIS G 321 -15.98 52.97 -38.97
N VAL G 322 -16.12 52.83 -40.28
CA VAL G 322 -16.01 51.51 -40.89
C VAL G 322 -14.56 51.05 -40.90
N LEU G 323 -13.66 51.92 -41.36
CA LEU G 323 -12.23 51.61 -41.38
C LEU G 323 -11.74 51.24 -39.99
N GLN G 324 -12.16 51.98 -38.96
CA GLN G 324 -11.81 51.62 -37.60
C GLN G 324 -12.26 50.21 -37.27
N LEU G 325 -13.38 49.77 -37.84
CA LEU G 325 -13.88 48.42 -37.57
C LEU G 325 -13.12 47.37 -38.37
N ILE G 326 -12.77 47.69 -39.62
CA ILE G 326 -11.96 46.77 -40.41
C ILE G 326 -10.61 46.54 -39.73
N MET G 327 -10.02 47.61 -39.20
CA MET G 327 -8.73 47.49 -38.52
C MET G 327 -8.90 46.86 -37.15
N ASP G 328 -9.89 47.31 -36.39
CA ASP G 328 -10.14 46.72 -35.07
C ASP G 328 -10.42 45.23 -35.18
N SER G 329 -10.93 44.78 -36.33
CA SER G 329 -11.14 43.35 -36.55
C SER G 329 -9.83 42.66 -36.92
N LEU G 330 -9.07 43.24 -37.84
CA LEU G 330 -7.81 42.64 -38.26
C LEU G 330 -6.86 42.45 -37.08
N ARG G 331 -6.64 43.52 -36.30
CA ARG G 331 -5.73 43.44 -35.17
C ARG G 331 -6.20 42.43 -34.14
N TYR G 332 -7.52 42.33 -33.94
CA TYR G 332 -8.05 41.46 -32.88
C TYR G 332 -7.75 39.99 -33.18
N TRP G 333 -7.83 39.59 -34.45
CA TRP G 333 -7.47 38.21 -34.78
C TRP G 333 -5.97 37.98 -34.74
N VAL G 334 -5.16 39.03 -34.85
CA VAL G 334 -3.71 38.87 -34.78
C VAL G 334 -3.24 38.84 -33.33
N THR G 335 -3.61 39.86 -32.55
CA THR G 335 -3.09 40.01 -31.20
C THR G 335 -3.86 39.20 -30.16
N GLU G 336 -5.10 38.81 -30.44
CA GLU G 336 -5.90 38.08 -29.47
C GLU G 336 -6.21 36.65 -29.87
N MET G 337 -6.33 36.37 -31.17
CA MET G 337 -6.50 35.01 -31.66
C MET G 337 -5.20 34.36 -32.12
N HIS G 338 -4.14 35.14 -32.28
CA HIS G 338 -2.84 34.66 -32.77
C HIS G 338 -3.00 34.00 -34.14
N VAL G 339 -3.59 34.77 -35.06
CA VAL G 339 -3.72 34.37 -36.46
C VAL G 339 -2.53 34.93 -37.23
N ASP G 340 -2.03 34.14 -38.19
CA ASP G 340 -0.81 34.52 -38.89
C ASP G 340 -1.06 35.29 -40.17
N GLY G 341 -2.22 35.12 -40.80
CA GLY G 341 -2.46 35.81 -42.07
C GLY G 341 -3.92 35.90 -42.42
N PHE G 342 -4.19 36.62 -43.50
CA PHE G 342 -5.54 36.80 -44.02
C PHE G 342 -5.53 36.72 -45.55
N ARG G 343 -6.60 36.14 -46.10
CA ARG G 343 -6.89 36.18 -47.52
C ARG G 343 -8.10 37.08 -47.71
N PHE G 344 -7.88 38.25 -48.32
CA PHE G 344 -8.93 39.26 -48.44
C PHE G 344 -9.79 38.96 -49.65
N ASP G 345 -11.07 38.66 -49.41
CA ASP G 345 -11.99 38.40 -50.50
C ASP G 345 -12.46 39.70 -51.15
N LEU G 346 -12.64 39.66 -52.46
CA LEU G 346 -13.03 40.81 -53.27
C LEU G 346 -12.25 42.05 -52.83
N ALA G 347 -10.93 41.88 -52.76
CA ALA G 347 -10.08 42.91 -52.17
C ALA G 347 -10.10 44.21 -52.95
N ALA G 348 -10.47 44.19 -54.23
CA ALA G 348 -10.57 45.42 -54.99
C ALA G 348 -11.66 46.33 -54.46
N THR G 349 -12.73 45.75 -53.91
CA THR G 349 -13.84 46.54 -53.37
C THR G 349 -13.40 47.39 -52.18
N LEU G 350 -12.35 46.98 -51.46
CA LEU G 350 -11.89 47.73 -50.31
C LEU G 350 -11.10 48.97 -50.70
N ALA G 351 -10.55 49.02 -51.91
CA ALA G 351 -9.86 50.20 -52.40
C ALA G 351 -10.78 51.21 -53.07
N ARG G 352 -12.06 50.89 -53.23
CA ARG G 352 -13.01 51.80 -53.85
C ARG G 352 -13.33 52.95 -52.92
N GLN G 353 -12.51 53.99 -52.92
CA GLN G 353 -12.81 55.12 -52.06
C GLN G 353 -14.13 55.76 -52.49
N PHE G 354 -14.17 56.45 -53.63
CA PHE G 354 -15.41 57.10 -54.05
C PHE G 354 -16.18 56.23 -55.05
N HIS G 355 -15.64 56.09 -56.24
CA HIS G 355 -16.08 55.19 -57.31
C HIS G 355 -14.96 54.35 -57.88
N GLU G 356 -13.76 54.94 -57.99
CA GLU G 356 -12.64 54.31 -58.67
C GLU G 356 -11.83 53.48 -57.70
N VAL G 357 -11.14 52.47 -58.24
CA VAL G 357 -10.33 51.58 -57.44
C VAL G 357 -9.02 52.30 -57.12
N ASP G 358 -9.00 52.99 -55.98
CA ASP G 358 -7.88 53.84 -55.61
C ASP G 358 -6.84 53.01 -54.85
N ARG G 359 -5.65 52.88 -55.42
CA ARG G 359 -4.58 52.19 -54.70
C ARG G 359 -3.99 53.04 -53.59
N LEU G 360 -4.31 54.33 -53.54
CA LEU G 360 -4.02 55.19 -52.40
C LEU G 360 -5.20 55.28 -51.44
N SER G 361 -6.11 54.30 -51.48
CA SER G 361 -7.31 54.36 -50.66
C SER G 361 -6.96 54.43 -49.18
N SER G 362 -7.96 54.84 -48.38
CA SER G 362 -7.79 54.86 -46.94
C SER G 362 -7.39 53.49 -46.42
N PHE G 363 -8.07 52.45 -46.90
CA PHE G 363 -7.77 51.08 -46.51
C PHE G 363 -6.30 50.74 -46.73
N PHE G 364 -5.83 50.88 -47.97
CA PHE G 364 -4.45 50.56 -48.30
C PHE G 364 -3.47 51.33 -47.41
N ASP G 365 -3.71 52.63 -47.25
CA ASP G 365 -2.85 53.44 -46.40
C ASP G 365 -2.87 52.94 -44.95
N LEU G 366 -4.02 52.45 -44.50
CA LEU G 366 -4.16 52.03 -43.11
C LEU G 366 -3.49 50.68 -42.84
N VAL G 367 -3.58 49.75 -43.80
CA VAL G 367 -2.96 48.44 -43.61
C VAL G 367 -1.45 48.57 -43.52
N GLN G 368 -0.85 49.33 -44.44
CA GLN G 368 0.59 49.38 -44.57
C GLN G 368 1.27 49.98 -43.32
N GLN G 369 0.57 50.84 -42.59
CA GLN G 369 1.17 51.54 -41.48
C GLN G 369 1.10 50.78 -40.15
N ASP G 370 0.07 49.97 -39.95
CA ASP G 370 -0.13 49.33 -38.66
C ASP G 370 0.93 48.27 -38.43
N PRO G 371 1.73 48.36 -37.35
CA PRO G 371 2.79 47.37 -37.14
C PRO G 371 2.27 45.98 -36.83
N VAL G 372 1.02 45.86 -36.39
CA VAL G 372 0.46 44.55 -36.10
C VAL G 372 0.00 43.87 -37.39
N VAL G 373 -0.77 44.58 -38.21
CA VAL G 373 -1.36 43.96 -39.40
C VAL G 373 -0.35 43.89 -40.55
N SER G 374 0.41 44.96 -40.77
CA SER G 374 1.32 45.00 -41.92
C SER G 374 2.40 43.93 -41.85
N GLN G 375 2.67 43.39 -40.66
CA GLN G 375 3.68 42.34 -40.53
C GLN G 375 3.15 40.95 -40.79
N VAL G 376 1.87 40.72 -40.56
CA VAL G 376 1.27 39.41 -40.81
C VAL G 376 0.97 39.28 -42.30
N LYS G 377 0.69 38.06 -42.75
CA LYS G 377 0.50 37.80 -44.18
C LYS G 377 -0.76 38.47 -44.68
N LEU G 378 -0.66 39.10 -45.85
CA LEU G 378 -1.76 39.85 -46.47
C LEU G 378 -1.95 39.30 -47.88
N ILE G 379 -2.85 38.33 -48.01
CA ILE G 379 -3.22 37.76 -49.30
C ILE G 379 -4.53 38.40 -49.73
N ALA G 380 -4.63 38.71 -51.03
CA ALA G 380 -5.77 39.45 -51.54
C ALA G 380 -6.33 38.77 -52.78
N GLU G 381 -7.64 38.89 -52.96
CA GLU G 381 -8.28 38.53 -54.22
C GLU G 381 -8.32 39.77 -55.08
N PRO G 382 -7.41 39.92 -56.04
CA PRO G 382 -7.24 41.18 -56.77
C PRO G 382 -8.27 41.45 -57.86
N TRP G 383 -9.55 41.31 -57.51
CA TRP G 383 -10.62 41.66 -58.43
C TRP G 383 -11.93 41.81 -57.66
N ASP G 384 -12.96 42.24 -58.38
CA ASP G 384 -14.33 42.31 -57.91
C ASP G 384 -15.22 42.57 -59.12
N VAL G 385 -16.53 42.56 -58.90
CA VAL G 385 -17.48 42.60 -60.01
C VAL G 385 -17.77 44.01 -60.52
N GLY G 386 -17.13 45.03 -59.96
CA GLY G 386 -17.41 46.41 -60.32
C GLY G 386 -16.65 46.86 -61.57
N GLU G 387 -16.66 48.19 -61.76
CA GLU G 387 -15.95 48.79 -62.89
C GLU G 387 -14.46 48.74 -62.67
N GLY G 388 -13.72 48.28 -63.69
CA GLY G 388 -12.27 48.13 -63.56
C GLY G 388 -11.87 47.26 -62.38
N GLY G 389 -12.60 46.16 -62.18
CA GLY G 389 -12.33 45.31 -61.04
C GLY G 389 -11.09 44.47 -61.18
N TYR G 390 -10.75 44.05 -62.40
CA TYR G 390 -9.64 43.13 -62.57
C TYR G 390 -8.32 43.85 -62.31
N GLN G 391 -7.86 43.78 -61.07
CA GLN G 391 -6.68 44.52 -60.63
C GLN G 391 -5.50 43.60 -60.31
N VAL G 392 -5.42 42.46 -60.99
CA VAL G 392 -4.30 41.55 -60.78
C VAL G 392 -3.00 42.27 -61.10
N GLY G 393 -2.04 42.18 -60.17
CA GLY G 393 -0.78 42.88 -60.33
C GLY G 393 -0.88 44.38 -60.24
N ASN G 394 -1.86 44.90 -59.50
CA ASN G 394 -2.03 46.33 -59.35
C ASN G 394 -2.09 46.79 -57.90
N PHE G 395 -2.05 45.86 -56.94
CA PHE G 395 -2.12 46.22 -55.53
C PHE G 395 -0.80 46.84 -55.08
N PRO G 396 -0.79 47.48 -53.92
CA PRO G 396 0.47 48.02 -53.38
C PRO G 396 1.52 46.93 -53.24
N PRO G 397 2.81 47.31 -53.20
CA PRO G 397 3.87 46.29 -53.19
C PRO G 397 3.89 45.44 -51.93
N LEU G 398 3.33 45.93 -50.82
CA LEU G 398 3.30 45.15 -49.59
C LEU G 398 2.52 43.86 -49.75
N TRP G 399 1.57 43.82 -50.68
CA TRP G 399 0.56 42.78 -50.71
C TRP G 399 1.03 41.56 -51.52
N THR G 400 0.27 40.47 -51.39
CA THR G 400 0.48 39.25 -52.14
C THR G 400 -0.86 38.84 -52.74
N GLU G 401 -0.86 38.46 -54.01
CA GLU G 401 -2.08 38.33 -54.78
C GLU G 401 -2.29 36.89 -55.24
N TRP G 402 -3.55 36.44 -55.16
CA TRP G 402 -3.98 35.27 -55.91
C TRP G 402 -3.67 35.46 -57.39
N ASN G 403 -2.80 34.62 -57.93
CA ASN G 403 -2.45 34.75 -59.34
C ASN G 403 -3.59 34.26 -60.21
N GLY G 404 -4.53 35.16 -60.54
CA GLY G 404 -5.64 34.79 -61.39
C GLY G 404 -5.24 34.46 -62.81
N LYS G 405 -4.11 34.97 -63.28
CA LYS G 405 -3.58 34.64 -64.59
C LYS G 405 -2.72 33.38 -64.57
N TYR G 406 -2.50 32.78 -63.42
CA TYR G 406 -1.90 31.45 -63.37
C TYR G 406 -2.95 30.37 -63.62
N ARG G 407 -4.05 30.42 -62.84
CA ARG G 407 -5.12 29.44 -62.98
C ARG G 407 -5.59 29.33 -64.42
N ASP G 408 -5.89 30.47 -65.05
CA ASP G 408 -6.40 30.45 -66.42
C ASP G 408 -5.37 29.94 -67.40
N CYS G 409 -4.18 30.55 -67.41
CA CYS G 409 -3.19 30.26 -68.43
C CYS G 409 -2.55 28.88 -68.27
N VAL G 410 -2.64 28.27 -67.09
CA VAL G 410 -2.16 26.90 -66.92
C VAL G 410 -3.26 25.91 -67.30
N ARG G 411 -4.45 26.10 -66.75
CA ARG G 411 -5.59 25.27 -67.13
C ARG G 411 -5.89 25.36 -68.62
N ASP G 412 -5.47 26.44 -69.27
CA ASP G 412 -5.52 26.51 -70.73
C ASP G 412 -4.46 25.59 -71.35
N LEU G 413 -3.27 25.53 -70.75
CA LEU G 413 -2.16 24.80 -71.36
C LEU G 413 -2.48 23.32 -71.49
N TRP G 414 -2.74 22.65 -70.36
CA TRP G 414 -3.08 21.23 -70.41
C TRP G 414 -4.44 20.98 -71.05
N ARG G 415 -5.24 22.01 -71.28
CA ARG G 415 -6.49 21.87 -72.01
C ARG G 415 -6.28 21.66 -73.50
N GLY G 416 -5.04 21.77 -73.98
CA GLY G 416 -4.76 21.66 -75.39
C GLY G 416 -4.94 22.94 -76.17
N GLU G 417 -5.57 23.96 -75.58
CA GLU G 417 -5.64 25.25 -76.24
C GLU G 417 -4.23 25.77 -76.49
N PRO G 418 -3.91 26.18 -77.73
CA PRO G 418 -2.56 26.61 -78.08
C PRO G 418 -2.14 27.95 -77.48
N ARG G 419 -2.45 28.12 -76.19
CA ARG G 419 -2.07 29.33 -75.48
C ARG G 419 -0.56 29.50 -75.56
N THR G 420 -0.12 30.54 -76.27
CA THR G 420 1.28 30.71 -76.62
C THR G 420 2.18 30.52 -75.41
N LEU G 421 3.24 29.74 -75.60
CA LEU G 421 4.15 29.39 -74.52
C LEU G 421 4.68 30.61 -73.78
N ALA G 422 4.68 31.78 -74.44
CA ALA G 422 5.08 33.01 -73.76
C ALA G 422 4.14 33.33 -72.60
N GLU G 423 2.84 33.10 -72.79
CA GLU G 423 1.88 33.36 -71.72
C GLU G 423 2.07 32.42 -70.53
N PHE G 424 2.64 31.24 -70.76
CA PHE G 424 2.91 30.28 -69.70
C PHE G 424 4.35 30.33 -69.21
N ALA G 425 5.29 30.77 -70.06
CA ALA G 425 6.69 30.83 -69.66
C ALA G 425 6.91 31.75 -68.46
N SER G 426 6.26 32.91 -68.47
CA SER G 426 6.40 33.82 -67.34
C SER G 426 5.63 33.33 -66.13
N ARG G 427 4.55 32.56 -66.34
CA ARG G 427 3.84 31.96 -65.22
C ARG G 427 4.74 31.00 -64.45
N LEU G 428 5.55 30.23 -65.17
CA LEU G 428 6.54 29.36 -64.51
C LEU G 428 7.57 30.20 -63.76
N THR G 429 7.96 31.33 -64.34
CA THR G 429 8.97 32.21 -63.74
C THR G 429 8.43 32.98 -62.54
N GLY G 430 7.11 33.01 -62.36
CA GLY G 430 6.54 33.73 -61.23
C GLY G 430 5.98 35.08 -61.63
N SER G 431 5.40 35.16 -62.82
CA SER G 431 4.76 36.36 -63.34
C SER G 431 5.73 37.53 -63.37
N SER G 432 6.74 37.39 -64.24
CA SER G 432 7.69 38.47 -64.47
C SER G 432 6.97 39.74 -64.93
N ASP G 433 5.98 39.59 -65.81
CA ASP G 433 5.27 40.76 -66.32
C ASP G 433 4.41 41.41 -65.25
N LEU G 434 3.77 40.59 -64.40
CA LEU G 434 2.76 41.12 -63.48
C LEU G 434 3.37 41.78 -62.25
N TYR G 435 4.51 41.29 -61.77
CA TYR G 435 5.01 41.74 -60.47
C TYR G 435 6.47 42.15 -60.43
N GLN G 436 7.18 42.19 -61.56
CA GLN G 436 8.55 42.71 -61.51
C GLN G 436 8.56 44.24 -61.50
N ASP G 437 7.75 44.86 -62.35
CA ASP G 437 7.75 46.30 -62.50
C ASP G 437 6.94 47.02 -61.42
N ASP G 438 6.09 46.31 -60.69
CA ASP G 438 5.44 46.88 -59.52
C ASP G 438 6.42 47.04 -58.35
N GLY G 439 7.60 46.44 -58.44
CA GLY G 439 8.57 46.46 -57.38
C GLY G 439 8.59 45.24 -56.48
N ARG G 440 7.78 44.22 -56.79
CA ARG G 440 7.63 43.07 -55.92
C ARG G 440 8.55 41.94 -56.35
N ARG G 441 8.35 40.78 -55.72
CA ARG G 441 9.09 39.55 -55.91
C ARG G 441 8.17 38.49 -56.50
N PRO G 442 8.72 37.42 -57.09
CA PRO G 442 7.84 36.31 -57.53
C PRO G 442 7.00 35.73 -56.39
N LEU G 443 7.44 35.90 -55.15
CA LEU G 443 6.66 35.53 -53.96
C LEU G 443 5.32 36.25 -53.91
N ALA G 444 5.11 37.29 -54.72
CA ALA G 444 3.84 37.99 -54.75
C ALA G 444 2.73 37.21 -55.45
N SER G 445 3.07 36.11 -56.12
CA SER G 445 2.09 35.35 -56.91
C SER G 445 1.73 34.09 -56.13
N VAL G 446 0.50 34.06 -55.60
CA VAL G 446 -0.03 32.87 -54.95
C VAL G 446 -0.54 31.94 -56.04
N ASN G 447 0.30 31.01 -56.49
CA ASN G 447 -0.06 30.13 -57.59
C ASN G 447 -1.06 29.08 -57.13
N PHE G 448 -1.95 28.71 -58.05
CA PHE G 448 -2.95 27.69 -57.82
C PHE G 448 -3.62 27.34 -59.14
N VAL G 449 -3.87 26.07 -59.36
CA VAL G 449 -4.72 25.68 -60.48
C VAL G 449 -6.18 25.67 -60.06
N THR G 450 -6.46 25.37 -58.80
CA THR G 450 -7.82 25.25 -58.30
C THR G 450 -7.93 25.90 -56.93
N CYS G 451 -9.17 26.22 -56.57
CA CYS G 451 -9.51 26.79 -55.28
C CYS G 451 -10.91 26.27 -54.93
N HIS G 452 -11.56 26.92 -53.96
CA HIS G 452 -12.94 26.54 -53.64
C HIS G 452 -13.87 26.94 -54.78
N ASP G 453 -13.57 28.02 -55.49
CA ASP G 453 -14.28 28.35 -56.70
C ASP G 453 -13.76 27.54 -57.88
N GLY G 454 -14.55 27.50 -58.95
CA GLY G 454 -14.20 26.68 -60.09
C GLY G 454 -14.27 25.20 -59.75
N PHE G 455 -13.65 24.41 -60.61
CA PHE G 455 -13.67 22.97 -60.45
C PHE G 455 -12.66 22.53 -59.38
N THR G 456 -12.85 21.31 -58.88
CA THR G 456 -11.86 20.66 -58.04
C THR G 456 -10.78 20.07 -58.94
N LEU G 457 -9.87 19.27 -58.39
CA LEU G 457 -8.83 18.69 -59.23
C LEU G 457 -9.28 17.44 -59.96
N ARG G 458 -10.28 16.70 -59.45
CA ARG G 458 -10.84 15.64 -60.26
C ARG G 458 -11.80 16.20 -61.30
N ASP G 459 -12.67 17.13 -60.91
CA ASP G 459 -13.66 17.68 -61.81
C ASP G 459 -13.09 18.65 -62.83
N LEU G 460 -11.85 19.13 -62.64
CA LEU G 460 -11.24 19.99 -63.65
C LEU G 460 -10.83 19.20 -64.88
N VAL G 461 -10.52 17.92 -64.72
CA VAL G 461 -10.19 17.04 -65.83
C VAL G 461 -11.32 16.06 -66.11
N SER G 462 -12.52 16.29 -65.56
CA SER G 462 -13.65 15.38 -65.70
C SER G 462 -14.83 15.96 -66.46
N TYR G 463 -15.14 17.24 -66.27
CA TYR G 463 -16.33 17.86 -66.84
C TYR G 463 -15.93 19.03 -67.74
N ASN G 464 -16.49 19.04 -68.96
CA ASN G 464 -16.38 20.22 -69.82
C ASN G 464 -17.09 21.41 -69.18
N GLU G 465 -18.32 21.21 -68.73
CA GLU G 465 -19.22 22.29 -68.36
C GLU G 465 -19.74 22.09 -66.95
N LYS G 466 -20.19 23.19 -66.35
CA LYS G 466 -20.65 23.20 -64.97
C LYS G 466 -21.89 22.34 -64.79
N ARG G 467 -22.14 21.93 -63.55
CA ARG G 467 -23.25 21.08 -63.17
C ARG G 467 -23.93 21.63 -61.93
N ASN G 468 -24.27 22.91 -61.95
CA ASN G 468 -24.74 23.64 -60.78
C ASN G 468 -26.26 23.69 -60.66
N GLU G 469 -26.97 22.64 -61.09
CA GLU G 469 -28.41 22.60 -60.84
C GLU G 469 -28.72 22.55 -59.36
N ALA G 470 -27.79 22.05 -58.55
CA ALA G 470 -28.05 21.86 -57.13
C ALA G 470 -28.37 23.18 -56.43
N ASN G 471 -27.72 24.27 -56.85
CA ASN G 471 -27.97 25.57 -56.23
C ASN G 471 -29.41 26.04 -56.40
N GLY G 472 -30.21 25.37 -57.23
CA GLY G 472 -31.57 25.77 -57.47
C GLY G 472 -31.74 26.88 -58.48
N GLU G 473 -30.66 27.32 -59.12
CA GLU G 473 -30.69 28.48 -60.01
C GLU G 473 -30.84 28.12 -61.48
N GLY G 474 -31.09 26.85 -61.80
CA GLY G 474 -31.10 26.45 -63.18
C GLY G 474 -29.73 26.50 -63.82
N ASN G 475 -28.69 26.18 -63.07
CA ASN G 475 -27.32 26.12 -63.56
C ASN G 475 -26.91 27.46 -64.18
N ARG G 476 -27.14 28.54 -63.44
CA ARG G 476 -26.78 29.87 -63.89
C ARG G 476 -25.54 30.44 -63.21
N ASP G 477 -25.19 29.94 -62.02
CA ASP G 477 -24.07 30.47 -61.27
C ASP G 477 -22.78 29.72 -61.59
N GLY G 478 -21.67 30.26 -61.11
CA GLY G 478 -20.36 29.68 -61.34
C GLY G 478 -19.79 30.09 -62.68
N GLU G 479 -18.48 29.90 -62.81
CA GLU G 479 -17.79 30.18 -64.07
C GLU G 479 -18.43 29.35 -65.19
N ASN G 480 -18.63 29.99 -66.35
CA ASN G 480 -19.41 29.36 -67.41
C ASN G 480 -18.56 28.41 -68.23
N TYR G 481 -17.37 28.83 -68.66
CA TYR G 481 -16.38 27.91 -69.20
C TYR G 481 -15.11 28.05 -68.37
N ASN G 482 -14.76 26.99 -67.67
CA ASN G 482 -13.68 26.97 -66.69
C ASN G 482 -12.32 26.68 -67.30
N ARG G 483 -12.22 26.69 -68.63
CA ARG G 483 -11.01 26.26 -69.34
C ARG G 483 -10.62 24.84 -68.94
N SER G 484 -11.62 23.96 -68.94
CA SER G 484 -11.47 22.58 -68.49
C SER G 484 -11.71 21.62 -69.66
N TRP G 485 -11.51 20.33 -69.39
CA TRP G 485 -11.66 19.31 -70.43
C TRP G 485 -12.01 17.99 -69.77
N ASN G 486 -13.02 17.31 -70.33
CA ASN G 486 -13.54 16.07 -69.77
C ASN G 486 -12.63 14.89 -70.01
N CYS G 487 -11.55 15.05 -70.77
CA CYS G 487 -10.55 14.03 -71.06
C CYS G 487 -11.09 12.85 -71.86
N GLY G 488 -12.31 12.96 -72.40
CA GLY G 488 -12.85 11.88 -73.20
C GLY G 488 -14.32 11.62 -72.93
N GLU G 489 -14.77 11.85 -71.71
CA GLU G 489 -16.17 11.71 -71.34
C GLU G 489 -16.47 12.63 -70.17
N GLU G 490 -17.56 13.39 -70.28
CA GLU G 490 -17.95 14.31 -69.22
C GLU G 490 -18.76 13.56 -68.18
N GLY G 491 -18.20 13.39 -67.00
CA GLY G 491 -18.78 12.59 -65.94
C GLY G 491 -17.88 11.43 -65.59
N GLU G 492 -18.43 10.53 -64.77
CA GLU G 492 -17.68 9.35 -64.33
C GLU G 492 -17.62 8.34 -65.46
N THR G 493 -16.41 7.82 -65.71
CA THR G 493 -16.19 6.82 -66.75
C THR G 493 -15.24 5.77 -66.19
N GLU G 494 -15.71 4.53 -66.12
CA GLU G 494 -14.92 3.43 -65.57
C GLU G 494 -13.91 2.87 -66.56
N ASP G 495 -13.92 3.35 -67.80
CA ASP G 495 -12.88 2.97 -68.76
C ASP G 495 -11.53 3.44 -68.26
N VAL G 496 -10.54 2.53 -68.30
CA VAL G 496 -9.22 2.86 -67.78
C VAL G 496 -8.49 3.84 -68.70
N GLY G 497 -8.83 3.86 -69.99
CA GLY G 497 -8.15 4.73 -70.92
C GLY G 497 -8.18 6.20 -70.54
N ILE G 498 -9.39 6.73 -70.27
CA ILE G 498 -9.51 8.11 -69.84
C ILE G 498 -9.14 8.26 -68.37
N THR G 499 -9.44 7.24 -67.56
CA THR G 499 -9.20 7.31 -66.12
C THR G 499 -7.71 7.44 -65.85
N GLU G 500 -6.85 6.96 -66.75
CA GLU G 500 -5.42 7.17 -66.59
C GLU G 500 -5.00 8.54 -67.10
N LEU G 501 -5.54 8.94 -68.25
CA LEU G 501 -5.37 10.32 -68.73
C LEU G 501 -5.77 11.31 -67.66
N ARG G 502 -6.95 11.09 -67.05
CA ARG G 502 -7.42 11.96 -65.98
C ARG G 502 -6.45 11.99 -64.80
N ALA G 503 -6.13 10.82 -64.26
CA ALA G 503 -5.32 10.74 -63.04
C ALA G 503 -3.94 11.33 -63.22
N ARG G 504 -3.43 11.40 -64.45
CA ARG G 504 -2.12 11.97 -64.69
C ARG G 504 -2.16 13.43 -65.10
N GLN G 505 -3.24 13.90 -65.73
CA GLN G 505 -3.43 15.34 -65.88
C GLN G 505 -3.51 16.00 -64.51
N MET G 506 -4.15 15.33 -63.54
CA MET G 506 -4.11 15.78 -62.16
C MET G 506 -2.67 15.84 -61.66
N ARG G 507 -1.85 14.87 -62.05
CA ARG G 507 -0.43 14.92 -61.71
C ARG G 507 0.26 16.10 -62.38
N ASN G 508 -0.21 16.50 -63.56
CA ASN G 508 0.39 17.63 -64.26
C ASN G 508 0.11 18.94 -63.52
N PHE G 509 -1.15 19.17 -63.14
CA PHE G 509 -1.51 20.39 -62.45
C PHE G 509 -0.71 20.54 -61.16
N LEU G 510 -0.58 19.46 -60.39
CA LEU G 510 0.19 19.52 -59.15
C LEU G 510 1.68 19.61 -59.42
N ALA G 511 2.17 18.92 -60.45
CA ALA G 511 3.58 19.06 -60.83
C ALA G 511 3.89 20.49 -61.25
N THR G 512 3.11 21.03 -62.19
CA THR G 512 3.32 22.40 -62.63
C THR G 512 3.14 23.39 -61.49
N LEU G 513 2.18 23.13 -60.59
CA LEU G 513 1.96 24.02 -59.46
C LEU G 513 3.19 24.08 -58.56
N MET G 514 3.67 22.92 -58.11
CA MET G 514 4.77 22.87 -57.17
C MET G 514 6.13 23.13 -57.82
N LEU G 515 6.17 23.36 -59.12
CA LEU G 515 7.40 23.71 -59.81
C LEU G 515 7.42 25.16 -60.26
N SER G 516 6.38 25.92 -59.97
CA SER G 516 6.31 27.32 -60.37
C SER G 516 6.81 28.22 -59.25
N GLN G 517 7.35 29.37 -59.64
CA GLN G 517 7.96 30.28 -58.68
C GLN G 517 6.91 30.95 -57.81
N GLY G 518 7.27 31.21 -56.56
CA GLY G 518 6.43 31.97 -55.65
C GLY G 518 5.74 31.09 -54.62
N VAL G 519 4.42 31.21 -54.53
CA VAL G 519 3.64 30.51 -53.51
C VAL G 519 2.69 29.52 -54.18
N PRO G 520 2.59 28.27 -53.69
CA PRO G 520 1.54 27.37 -54.17
C PRO G 520 0.27 27.46 -53.32
N MET G 521 -0.82 26.87 -53.81
CA MET G 521 -2.06 26.82 -53.07
C MET G 521 -2.84 25.57 -53.45
N LEU G 522 -3.48 24.95 -52.47
CA LEU G 522 -4.27 23.75 -52.69
C LEU G 522 -5.67 23.94 -52.14
N SER G 523 -6.67 23.67 -52.97
CA SER G 523 -8.04 23.57 -52.47
C SER G 523 -8.18 22.26 -51.69
N HIS G 524 -8.80 22.33 -50.52
CA HIS G 524 -8.79 21.20 -49.59
C HIS G 524 -9.35 19.93 -50.23
N GLY G 525 -8.63 18.82 -50.04
CA GLY G 525 -9.06 17.52 -50.47
C GLY G 525 -8.38 17.00 -51.73
N ASP G 526 -7.79 17.88 -52.54
CA ASP G 526 -7.33 17.52 -53.88
C ASP G 526 -6.28 16.41 -53.88
N GLU G 527 -5.73 16.02 -52.72
CA GLU G 527 -4.80 14.90 -52.70
C GLU G 527 -5.51 13.58 -52.98
N PHE G 528 -6.74 13.43 -52.52
CA PHE G 528 -7.53 12.23 -52.76
C PHE G 528 -8.39 12.32 -54.02
N GLY G 529 -8.31 13.43 -54.74
CA GLY G 529 -9.23 13.68 -55.83
C GLY G 529 -10.65 13.78 -55.33
N ARG G 530 -10.89 14.76 -54.45
CA ARG G 530 -12.23 15.04 -53.99
C ARG G 530 -13.08 15.55 -55.15
N THR G 531 -14.36 15.22 -55.12
CA THR G 531 -15.25 15.50 -56.23
C THR G 531 -16.52 16.19 -55.74
N GLN G 532 -16.85 17.33 -56.33
CA GLN G 532 -18.07 18.06 -56.03
C GLN G 532 -19.17 17.77 -57.04
N GLY G 533 -19.16 16.58 -57.64
CA GLY G 533 -20.16 16.20 -58.62
C GLY G 533 -20.25 17.10 -59.82
N GLY G 534 -19.18 17.81 -60.15
CA GLY G 534 -19.21 18.79 -61.22
C GLY G 534 -19.64 20.17 -60.79
N ASN G 535 -20.06 20.34 -59.54
CA ASN G 535 -20.47 21.64 -59.04
C ASN G 535 -19.23 22.51 -58.88
N ASN G 536 -19.12 23.57 -59.68
CA ASN G 536 -17.97 24.46 -59.62
C ASN G 536 -18.19 25.64 -58.68
N ASN G 537 -19.42 25.92 -58.27
CA ASN G 537 -19.73 26.97 -57.28
C ASN G 537 -20.66 26.36 -56.24
N ALA G 538 -20.08 25.71 -55.24
CA ALA G 538 -20.82 24.90 -54.27
C ALA G 538 -21.05 25.63 -52.95
N TYR G 539 -21.32 26.94 -53.01
CA TYR G 539 -21.43 27.74 -51.80
C TYR G 539 -22.53 27.23 -50.87
N CYS G 540 -23.56 26.60 -51.41
CA CYS G 540 -24.73 26.21 -50.63
C CYS G 540 -24.84 24.70 -50.43
N GLN G 541 -23.82 23.93 -50.81
CA GLN G 541 -23.88 22.48 -50.75
C GLN G 541 -23.19 22.02 -49.47
N ASP G 542 -23.98 21.99 -48.39
CA ASP G 542 -23.50 21.58 -47.05
C ASP G 542 -23.84 20.11 -46.82
N ASN G 543 -23.26 19.26 -47.66
CA ASN G 543 -23.66 17.86 -47.72
C ASN G 543 -22.60 17.07 -48.51
N GLU G 544 -22.96 15.85 -48.89
CA GLU G 544 -22.03 14.88 -49.49
C GLU G 544 -21.19 15.44 -50.63
N VAL G 545 -21.66 16.47 -51.33
CA VAL G 545 -20.98 16.93 -52.53
C VAL G 545 -19.63 17.55 -52.18
N SER G 546 -19.58 18.37 -51.13
CA SER G 546 -18.40 19.17 -50.84
C SER G 546 -17.66 18.78 -49.57
N TRP G 547 -18.15 17.81 -48.80
CA TRP G 547 -17.33 17.28 -47.72
C TRP G 547 -16.06 16.65 -48.30
N VAL G 548 -15.07 16.48 -47.44
CA VAL G 548 -13.83 15.81 -47.82
C VAL G 548 -13.98 14.32 -47.53
N ARG G 549 -13.97 13.52 -48.59
CA ARG G 549 -14.05 12.07 -48.44
C ARG G 549 -12.68 11.51 -48.13
N TRP G 550 -12.59 10.73 -47.08
CA TRP G 550 -11.26 10.26 -46.74
C TRP G 550 -11.01 8.87 -47.33
N PRO G 551 -9.77 8.58 -47.71
CA PRO G 551 -9.51 7.45 -48.60
C PRO G 551 -9.43 6.12 -47.88
N LYS G 552 -9.72 5.07 -48.66
CA LYS G 552 -9.44 3.70 -48.25
C LYS G 552 -8.96 2.86 -49.44
N GLU G 556 -6.57 2.51 -53.46
CA GLU G 556 -5.21 2.48 -53.98
C GLU G 556 -4.85 3.75 -54.75
N ALA G 557 -5.63 4.05 -55.80
CA ALA G 557 -5.34 5.23 -56.61
C ALA G 557 -5.45 6.51 -55.78
N GLU G 558 -6.53 6.62 -55.00
CA GLU G 558 -6.66 7.73 -54.06
C GLU G 558 -5.50 7.80 -53.08
N ALA G 559 -4.82 6.68 -52.84
CA ALA G 559 -3.64 6.65 -51.98
C ALA G 559 -2.34 6.68 -52.77
N THR G 560 -2.39 6.56 -54.10
CA THR G 560 -1.21 6.86 -54.90
C THR G 560 -1.10 8.35 -55.17
N LEU G 561 -2.23 8.99 -55.49
CA LEU G 561 -2.23 10.43 -55.71
C LEU G 561 -1.84 11.20 -54.46
N LEU G 562 -2.01 10.61 -53.28
CA LEU G 562 -1.53 11.23 -52.04
C LEU G 562 -0.01 11.25 -52.01
N ARG G 563 0.61 10.08 -52.09
CA ARG G 563 2.07 10.00 -52.08
C ARG G 563 2.71 10.62 -53.32
N PHE G 564 1.92 10.97 -54.34
CA PHE G 564 2.41 11.85 -55.39
C PHE G 564 2.44 13.29 -54.91
N THR G 565 1.34 13.75 -54.30
CA THR G 565 1.22 15.16 -53.92
C THR G 565 2.08 15.50 -52.72
N ARG G 566 2.23 14.55 -51.79
CA ARG G 566 3.10 14.80 -50.63
C ARG G 566 4.55 14.97 -51.05
N SER G 567 5.03 14.09 -51.95
CA SER G 567 6.44 14.09 -52.32
C SER G 567 6.81 15.29 -53.18
N MET G 568 5.87 15.81 -53.97
CA MET G 568 6.17 17.00 -54.75
C MET G 568 6.44 18.21 -53.85
N VAL G 569 5.68 18.34 -52.76
CA VAL G 569 5.92 19.41 -51.80
C VAL G 569 7.30 19.25 -51.18
N ARG G 570 7.70 18.00 -50.92
CA ARG G 570 9.09 17.75 -50.52
C ARG G 570 10.05 18.26 -51.58
N LEU G 571 9.82 17.88 -52.84
CA LEU G 571 10.70 18.32 -53.92
C LEU G 571 10.61 19.82 -54.18
N ARG G 572 9.70 20.52 -53.51
CA ARG G 572 9.74 21.98 -53.45
C ARG G 572 10.43 22.47 -52.19
N ARG G 573 10.24 21.78 -51.06
CA ARG G 573 10.99 22.10 -49.85
C ARG G 573 12.48 21.86 -50.04
N GLU G 574 12.85 20.75 -50.68
CA GLU G 574 14.24 20.33 -50.79
C GLU G 574 14.98 21.00 -51.95
N HIS G 575 14.41 22.04 -52.57
CA HIS G 575 15.05 22.68 -53.72
C HIS G 575 14.61 24.15 -53.80
N PRO G 576 15.47 25.07 -53.35
CA PRO G 576 15.07 26.50 -53.36
C PRO G 576 14.83 27.08 -54.74
N VAL G 577 15.35 26.46 -55.81
CA VAL G 577 15.16 27.00 -57.15
C VAL G 577 13.68 27.04 -57.51
N PHE G 578 12.89 26.09 -57.00
CA PHE G 578 11.46 26.05 -57.28
C PHE G 578 10.67 27.07 -56.46
N ARG G 579 11.33 27.77 -55.53
CA ARG G 579 10.68 28.75 -54.65
C ARG G 579 11.56 29.98 -54.50
N ARG G 580 12.19 30.41 -55.61
CA ARG G 580 13.21 31.43 -55.57
C ARG G 580 12.69 32.74 -54.99
N ARG G 581 13.62 33.54 -54.49
CA ARG G 581 13.35 34.79 -53.79
C ARG G 581 13.48 36.01 -54.68
N ARG G 582 13.96 35.85 -55.91
CA ARG G 582 14.08 36.93 -56.87
C ARG G 582 13.59 36.43 -58.22
N PHE G 583 13.64 37.30 -59.22
CA PHE G 583 13.29 36.91 -60.57
C PHE G 583 14.49 36.27 -61.27
N PHE G 584 14.27 35.83 -62.51
CA PHE G 584 15.32 35.33 -63.37
C PHE G 584 15.70 36.39 -64.39
N HIS G 585 16.94 36.34 -64.86
CA HIS G 585 17.38 37.25 -65.92
C HIS G 585 18.00 36.51 -67.09
N GLY G 586 18.75 35.44 -66.83
CA GLY G 586 19.14 34.49 -67.85
C GLY G 586 20.04 34.94 -68.98
N ARG G 587 20.57 36.16 -68.92
CA ARG G 587 21.46 36.67 -69.97
C ARG G 587 22.54 37.55 -69.36
N PRO G 588 23.74 37.02 -69.16
CA PRO G 588 24.87 37.90 -68.83
C PRO G 588 25.32 38.69 -70.04
N VAL G 589 25.79 39.91 -69.79
CA VAL G 589 26.14 40.84 -70.85
C VAL G 589 27.58 41.30 -70.66
N GLU G 590 28.42 40.40 -70.14
CA GLU G 590 29.81 40.69 -69.76
C GLU G 590 29.83 41.55 -68.50
N LEU G 596 26.57 34.41 -65.58
CA LEU G 596 25.94 33.11 -65.51
C LEU G 596 24.47 33.19 -65.91
N THR G 597 23.95 32.10 -66.46
CA THR G 597 22.56 32.02 -66.91
C THR G 597 21.79 31.14 -65.94
N ASP G 598 20.87 31.75 -65.19
CA ASP G 598 20.09 31.02 -64.20
C ASP G 598 18.87 30.33 -64.77
N ILE G 599 18.52 30.58 -66.03
CA ILE G 599 17.42 29.86 -66.68
C ILE G 599 17.66 29.87 -68.18
N ALA G 600 17.59 28.69 -68.79
CA ALA G 600 17.72 28.53 -70.24
C ALA G 600 16.50 27.81 -70.77
N TRP G 601 16.17 28.08 -72.03
CA TRP G 601 14.96 27.57 -72.67
C TRP G 601 15.34 26.83 -73.93
N PHE G 602 15.13 25.51 -73.94
CA PHE G 602 15.44 24.68 -75.08
C PHE G 602 14.17 24.14 -75.73
N THR G 603 14.23 23.98 -77.05
CA THR G 603 13.18 23.30 -77.78
C THR G 603 13.26 21.81 -77.50
N PRO G 604 12.14 21.07 -77.59
CA PRO G 604 12.24 19.60 -77.62
C PRO G 604 13.28 19.10 -78.61
N GLU G 605 13.54 19.86 -79.68
CA GLU G 605 14.69 19.59 -80.53
C GLU G 605 15.97 19.49 -79.71
N GLY G 606 16.18 20.44 -78.81
CA GLY G 606 17.39 20.52 -78.01
C GLY G 606 18.12 21.84 -78.14
N GLU G 607 17.76 22.68 -79.11
CA GLU G 607 18.41 23.97 -79.30
C GLU G 607 17.71 25.05 -78.49
N GLU G 608 18.45 26.08 -78.12
CA GLU G 608 17.87 27.21 -77.42
C GLU G 608 16.85 27.91 -78.33
N MET G 609 15.96 28.67 -77.72
CA MET G 609 14.82 29.24 -78.41
C MET G 609 15.08 30.68 -78.84
N THR G 610 14.60 31.02 -80.03
CA THR G 610 14.66 32.36 -80.57
C THR G 610 13.32 33.05 -80.36
N SER G 611 13.19 34.26 -80.90
CA SER G 611 11.87 34.90 -80.94
C SER G 611 10.99 34.26 -82.00
N ARG G 612 11.56 33.96 -83.17
CA ARG G 612 10.82 33.26 -84.22
C ARG G 612 10.17 31.99 -83.69
N ASP G 613 10.86 31.29 -82.79
CA ASP G 613 10.40 30.02 -82.24
C ASP G 613 9.49 30.21 -81.03
N TRP G 614 9.79 31.20 -80.19
CA TRP G 614 8.96 31.45 -79.01
C TRP G 614 7.52 31.74 -79.41
N GLN G 615 7.31 32.77 -80.22
CA GLN G 615 5.98 33.09 -80.73
C GLN G 615 5.69 32.32 -82.01
N ALA G 616 5.90 31.00 -81.96
CA ALA G 616 5.45 30.10 -83.01
C ALA G 616 4.03 29.64 -82.67
N ALA G 617 3.18 29.56 -83.69
CA ALA G 617 1.76 29.37 -83.47
C ALA G 617 1.44 28.10 -82.67
N HIS G 618 1.75 26.93 -83.24
CA HIS G 618 1.44 25.66 -82.59
C HIS G 618 2.73 25.07 -82.04
N ALA G 619 3.11 25.55 -80.85
CA ALA G 619 4.26 25.05 -80.12
C ALA G 619 3.77 24.64 -78.73
N GLN G 620 3.80 23.34 -78.45
CA GLN G 620 3.17 22.79 -77.26
C GLN G 620 4.13 21.90 -76.48
N ALA G 621 5.44 22.15 -76.60
CA ALA G 621 6.44 21.42 -75.83
C ALA G 621 7.55 22.37 -75.43
N LEU G 622 8.15 22.09 -74.27
CA LEU G 622 9.13 23.01 -73.69
C LEU G 622 10.12 22.24 -72.83
N THR G 623 11.40 22.62 -72.95
CA THR G 623 12.48 22.10 -72.12
C THR G 623 13.16 23.28 -71.44
N VAL G 624 13.06 23.33 -70.11
CA VAL G 624 13.43 24.52 -69.33
C VAL G 624 14.54 24.13 -68.36
N PHE G 625 15.71 24.74 -68.51
CA PHE G 625 16.85 24.51 -67.62
C PHE G 625 16.79 25.48 -66.43
N LEU G 626 16.96 24.93 -65.24
CA LEU G 626 16.96 25.71 -64.00
C LEU G 626 18.29 25.51 -63.30
N ASN G 627 19.07 26.59 -63.17
CA ASN G 627 20.41 26.51 -62.61
C ASN G 627 20.35 26.50 -61.08
N GLY G 628 21.14 25.62 -60.47
CA GLY G 628 21.19 25.51 -59.03
C GLY G 628 22.35 26.27 -58.42
N ASN G 629 23.43 26.43 -59.19
CA ASN G 629 24.59 27.19 -58.74
C ASN G 629 24.42 28.70 -58.90
N ALA G 630 23.28 29.16 -59.41
CA ALA G 630 23.09 30.56 -59.75
C ALA G 630 21.94 31.18 -58.99
N ILE G 631 21.77 30.80 -57.73
CA ILE G 631 20.83 31.50 -56.85
C ILE G 631 21.55 32.74 -56.33
N SER G 632 21.23 33.88 -56.91
CA SER G 632 21.90 35.14 -56.58
C SER G 632 21.19 35.90 -55.46
N GLU G 633 20.93 35.21 -54.35
CA GLU G 633 20.30 35.82 -53.20
C GLU G 633 21.04 35.43 -51.93
N PRO G 634 21.20 36.37 -51.00
CA PRO G 634 21.73 36.01 -49.68
C PRO G 634 20.81 35.05 -48.96
N GLY G 635 21.37 34.29 -48.04
CA GLY G 635 20.60 33.38 -47.19
C GLY G 635 20.02 34.10 -46.01
N THR G 636 19.85 33.36 -44.91
CA THR G 636 19.40 33.99 -43.67
C THR G 636 20.52 34.79 -43.03
N GLN G 637 21.77 34.36 -43.21
CA GLN G 637 22.93 35.01 -42.59
C GLN G 637 24.01 35.27 -43.64
N GLY G 638 23.62 35.70 -44.84
CA GLY G 638 24.55 36.00 -45.89
C GLY G 638 25.07 34.80 -46.66
N GLU G 639 24.87 33.60 -46.14
CA GLU G 639 25.29 32.38 -46.82
C GLU G 639 24.73 32.32 -48.24
N ARG G 640 25.50 31.71 -49.14
CA ARG G 640 25.04 31.51 -50.50
C ARG G 640 24.14 30.29 -50.56
N ILE G 641 23.02 30.42 -51.28
CA ILE G 641 22.01 29.37 -51.37
C ILE G 641 22.31 28.54 -52.61
N ALA G 642 22.63 27.27 -52.40
CA ALA G 642 23.05 26.39 -53.49
C ALA G 642 22.03 25.28 -53.70
N ASP G 643 21.94 24.81 -54.95
CA ASP G 643 20.96 23.82 -55.34
C ASP G 643 21.54 23.00 -56.49
N ASP G 644 20.86 21.90 -56.80
CA ASP G 644 21.20 21.09 -57.97
C ASP G 644 20.47 21.64 -59.18
N SER G 645 21.20 21.74 -60.30
CA SER G 645 20.61 22.28 -61.53
C SER G 645 19.55 21.31 -62.05
N PHE G 646 18.32 21.78 -62.17
CA PHE G 646 17.23 20.98 -62.69
C PHE G 646 17.02 21.22 -64.18
N LEU G 647 16.23 20.36 -64.79
CA LEU G 647 15.92 20.45 -66.21
C LEU G 647 14.48 19.95 -66.39
N LEU G 648 13.55 20.88 -66.58
CA LEU G 648 12.14 20.56 -66.72
C LEU G 648 11.80 20.38 -68.20
N MET G 649 10.96 19.39 -68.49
CA MET G 649 10.55 19.08 -69.85
C MET G 649 9.03 18.93 -69.89
N PHE G 650 8.36 19.90 -70.51
CA PHE G 650 6.91 19.94 -70.62
C PHE G 650 6.51 19.57 -72.05
N ASN G 651 5.51 18.72 -72.19
CA ASN G 651 4.95 18.36 -73.49
C ASN G 651 3.43 18.41 -73.38
N ALA G 652 2.81 19.45 -73.92
CA ALA G 652 1.37 19.57 -73.99
C ALA G 652 0.82 19.12 -75.34
N SER G 653 1.67 18.54 -76.19
CA SER G 653 1.22 18.03 -77.47
C SER G 653 0.41 16.75 -77.28
N ALA G 654 -0.56 16.54 -78.15
CA ALA G 654 -1.45 15.38 -78.06
C ALA G 654 -0.86 14.13 -78.66
N LYS G 655 0.42 14.15 -79.05
CA LYS G 655 1.08 12.98 -79.60
C LYS G 655 2.40 12.78 -78.88
N GLU G 656 2.88 11.52 -78.91
CA GLU G 656 4.19 11.22 -78.34
C GLU G 656 5.28 12.00 -79.07
N LEU G 657 6.05 12.78 -78.32
CA LEU G 657 7.18 13.52 -78.85
C LEU G 657 8.47 12.98 -78.27
N GLU G 658 9.50 12.91 -79.11
CA GLU G 658 10.83 12.50 -78.67
C GLU G 658 11.58 13.73 -78.14
N PHE G 659 12.10 13.61 -76.92
CA PHE G 659 12.80 14.69 -76.25
C PHE G 659 14.28 14.37 -76.13
N VAL G 660 15.08 15.38 -76.36
CA VAL G 660 16.55 15.21 -76.22
C VAL G 660 16.98 16.05 -75.03
N VAL G 661 17.70 15.46 -74.07
CA VAL G 661 18.31 16.18 -72.89
C VAL G 661 19.47 17.01 -73.47
N SER G 664 25.43 17.92 -71.53
CA SER G 664 26.71 17.34 -71.99
C SER G 664 26.38 15.86 -71.90
N HIS G 665 26.88 15.09 -72.85
CA HIS G 665 26.83 13.61 -72.81
C HIS G 665 27.81 13.11 -71.75
N GLY G 666 28.54 14.01 -71.09
CA GLY G 666 29.40 13.57 -70.01
C GLY G 666 28.92 14.03 -68.65
N ARG G 667 27.82 14.81 -68.63
CA ARG G 667 27.20 15.26 -67.39
C ARG G 667 25.90 14.47 -67.20
N TYR G 668 25.89 13.57 -66.21
CA TYR G 668 24.71 12.78 -65.93
C TYR G 668 23.54 13.67 -65.54
N TRP G 669 22.36 13.38 -66.10
CA TRP G 669 21.11 13.84 -65.53
C TRP G 669 20.39 12.65 -64.90
N ARG G 670 19.45 12.95 -64.01
CA ARG G 670 18.71 11.93 -63.29
C ARG G 670 17.23 12.29 -63.32
N MET G 671 16.41 11.47 -63.96
CA MET G 671 14.97 11.74 -64.00
C MET G 671 14.37 11.43 -62.65
N VAL G 672 13.92 12.46 -61.94
CA VAL G 672 13.29 12.29 -60.65
C VAL G 672 11.77 12.29 -60.75
N VAL G 673 11.21 13.08 -61.67
CA VAL G 673 9.78 13.28 -61.78
C VAL G 673 9.30 12.78 -63.13
N ASP G 674 8.28 11.93 -63.12
CA ASP G 674 7.57 11.51 -64.32
C ASP G 674 6.08 11.51 -64.04
N THR G 675 5.35 12.36 -64.75
CA THR G 675 3.89 12.36 -64.63
C THR G 675 3.29 11.05 -65.12
N SER G 676 3.84 10.49 -66.19
CA SER G 676 3.09 9.55 -67.02
C SER G 676 2.84 8.22 -66.31
N ASP G 677 3.88 7.63 -65.73
CA ASP G 677 3.74 6.26 -65.22
C ASP G 677 2.67 6.20 -64.14
N PRO G 678 1.72 5.26 -64.23
CA PRO G 678 0.65 5.20 -63.22
C PRO G 678 1.15 4.87 -61.83
N GLU G 679 2.38 4.36 -61.69
CA GLU G 679 2.93 4.10 -60.37
C GLU G 679 3.10 5.35 -59.54
N GLY G 680 3.32 6.49 -60.20
CA GLY G 680 3.52 7.74 -59.51
C GLY G 680 4.99 8.00 -59.21
N MET G 681 5.56 9.02 -59.83
CA MET G 681 7.00 9.27 -59.73
C MET G 681 7.31 10.48 -58.86
N PRO G 682 6.59 10.61 -57.76
CA PRO G 682 7.10 11.34 -56.62
C PRO G 682 7.94 10.42 -55.76
N PRO G 683 7.35 9.30 -55.31
CA PRO G 683 8.14 8.36 -54.51
C PRO G 683 9.13 7.52 -55.31
N GLN G 684 8.72 7.02 -56.47
CA GLN G 684 9.52 6.04 -57.20
C GLN G 684 10.77 6.68 -57.79
N GLN G 685 11.93 6.09 -57.53
CA GLN G 685 13.16 6.57 -58.13
C GLN G 685 13.20 6.23 -59.61
N GLY G 686 13.77 7.13 -60.40
CA GLY G 686 13.80 6.97 -61.83
C GLY G 686 15.19 6.69 -62.35
N PRO G 687 15.28 6.29 -63.63
CA PRO G 687 16.59 5.96 -64.20
C PRO G 687 17.47 7.17 -64.45
N GLU G 688 18.68 6.93 -64.93
CA GLU G 688 19.57 7.99 -65.36
C GLU G 688 19.50 8.14 -66.87
N LEU G 689 19.69 9.38 -67.33
CA LEU G 689 19.73 9.70 -68.75
C LEU G 689 21.04 10.40 -69.06
N ALA G 690 21.57 10.12 -70.25
CA ALA G 690 22.90 10.60 -70.62
C ALA G 690 22.95 12.13 -70.60
N GLY G 691 22.13 12.76 -71.42
CA GLY G 691 22.18 14.21 -71.55
C GLY G 691 22.35 14.63 -72.99
N GLY G 692 22.33 13.65 -73.89
CA GLY G 692 22.12 13.86 -75.30
C GLY G 692 21.29 12.71 -75.83
N GLU G 693 20.64 12.01 -74.91
CA GLU G 693 19.99 10.74 -75.17
C GLU G 693 18.48 10.97 -75.27
N ARG G 694 17.91 10.72 -76.45
CA ARG G 694 16.49 10.95 -76.66
C ARG G 694 15.67 10.01 -75.78
N VAL G 695 14.63 10.56 -75.16
CA VAL G 695 13.69 9.78 -74.38
C VAL G 695 12.29 10.23 -74.79
N THR G 696 11.54 9.33 -75.44
CA THR G 696 10.23 9.69 -75.97
C THR G 696 9.26 9.87 -74.81
N LEU G 697 8.81 11.11 -74.62
CA LEU G 697 7.95 11.46 -73.50
C LEU G 697 6.49 11.32 -73.92
N ALA G 698 5.67 10.83 -72.99
CA ALA G 698 4.26 10.66 -73.27
C ALA G 698 3.59 12.01 -73.50
N PRO G 699 2.50 12.05 -74.27
CA PRO G 699 1.78 13.31 -74.46
C PRO G 699 1.18 13.78 -73.14
N LEU G 700 1.02 15.10 -73.04
CA LEU G 700 0.47 15.75 -71.83
C LEU G 700 1.16 15.25 -70.58
N SER G 701 2.49 15.19 -70.61
CA SER G 701 3.26 14.63 -69.51
C SER G 701 4.44 15.54 -69.19
N LEU G 702 4.98 15.38 -67.98
CA LEU G 702 5.98 16.26 -67.42
C LEU G 702 7.11 15.44 -66.82
N THR G 703 8.35 15.80 -67.14
CA THR G 703 9.53 15.10 -66.62
C THR G 703 10.57 16.11 -66.17
N VAL G 704 11.20 15.82 -65.03
CA VAL G 704 12.19 16.69 -64.40
C VAL G 704 13.50 15.92 -64.27
N LEU G 705 14.61 16.65 -64.42
CA LEU G 705 15.95 16.09 -64.30
C LEU G 705 16.72 16.82 -63.20
N ARG G 706 17.70 16.14 -62.61
CA ARG G 706 18.28 16.56 -61.33
C ARG G 706 19.80 16.48 -61.33
N ARG G 707 20.46 17.12 -62.28
CA ARG G 707 21.93 17.20 -62.22
C ARG G 707 22.38 17.83 -60.91
N PRO G 708 23.18 17.12 -60.09
CA PRO G 708 23.66 17.72 -58.83
C PRO G 708 24.59 18.89 -59.04
N ALA G 709 25.04 19.51 -57.95
CA ALA G 709 25.95 20.63 -58.03
C ALA G 709 27.24 20.36 -57.26
N MET H 4 26.18 -49.29 4.37
CA MET H 4 24.82 -49.72 4.64
C MET H 4 24.78 -50.66 5.84
N GLN H 5 24.24 -50.18 6.96
CA GLN H 5 24.16 -51.00 8.16
C GLN H 5 22.93 -51.90 8.12
N VAL H 6 23.05 -53.04 8.78
CA VAL H 6 21.96 -54.00 8.91
C VAL H 6 21.82 -54.38 10.38
N TRP H 7 20.59 -54.41 10.87
CA TRP H 7 20.27 -54.81 12.23
C TRP H 7 19.35 -56.02 12.19
N PRO H 8 19.29 -56.83 13.28
CA PRO H 8 18.42 -58.01 13.26
C PRO H 8 16.94 -57.67 13.17
N GLY H 9 16.44 -56.82 14.07
CA GLY H 9 15.08 -56.36 14.00
C GLY H 9 14.06 -57.38 14.48
N GLN H 10 12.81 -57.15 14.08
CA GLN H 10 11.67 -57.96 14.48
C GLN H 10 11.00 -58.56 13.24
N ALA H 11 10.14 -59.55 13.50
CA ALA H 11 9.52 -60.35 12.45
C ALA H 11 8.08 -59.96 12.15
N TYR H 12 7.46 -59.09 12.96
CA TYR H 12 6.09 -58.66 12.72
C TYR H 12 6.03 -57.14 12.87
N PRO H 13 5.25 -56.45 12.03
CA PRO H 13 4.36 -56.96 10.98
C PRO H 13 5.09 -57.45 9.72
N LEU H 14 4.43 -58.32 8.96
CA LEU H 14 4.99 -58.82 7.73
C LEU H 14 4.90 -57.76 6.64
N GLY H 15 5.90 -57.76 5.75
CA GLY H 15 6.03 -56.73 4.75
C GLY H 15 7.13 -55.74 5.12
N ALA H 16 7.19 -54.68 4.33
CA ALA H 16 8.18 -53.62 4.50
C ALA H 16 7.53 -52.45 5.24
N THR H 17 7.88 -52.29 6.51
CA THR H 17 7.30 -51.25 7.36
C THR H 17 8.36 -50.20 7.69
N TYR H 18 8.11 -48.97 7.29
CA TYR H 18 8.99 -47.84 7.54
C TYR H 18 8.90 -47.44 9.00
N ASP H 19 9.88 -47.87 9.80
CA ASP H 19 9.88 -47.61 11.24
C ASP H 19 10.58 -46.29 11.56
N GLY H 20 10.17 -45.22 10.89
CA GLY H 20 10.70 -43.91 11.17
C GLY H 20 12.10 -43.67 10.65
N ALA H 21 13.10 -44.30 11.25
CA ALA H 21 14.47 -44.09 10.81
C ALA H 21 14.83 -45.04 9.66
N GLY H 22 14.69 -46.34 9.89
CA GLY H 22 14.90 -47.35 8.88
C GLY H 22 13.62 -48.08 8.53
N THR H 23 13.78 -49.23 7.89
CA THR H 23 12.67 -50.05 7.47
C THR H 23 12.91 -51.48 7.87
N ASN H 24 11.83 -52.17 8.27
CA ASN H 24 11.87 -53.59 8.58
C ASN H 24 11.23 -54.37 7.45
N PHE H 25 11.93 -55.40 6.97
CA PHE H 25 11.45 -56.27 5.91
C PHE H 25 11.34 -57.69 6.47
N ALA H 26 10.10 -58.17 6.62
CA ALA H 26 9.83 -59.49 7.16
C ALA H 26 8.96 -60.26 6.17
N VAL H 27 9.54 -61.27 5.55
CA VAL H 27 8.83 -62.12 4.58
C VAL H 27 8.86 -63.55 5.10
N PHE H 28 7.79 -64.28 4.80
CA PHE H 28 7.67 -65.68 5.21
C PHE H 28 8.09 -66.60 4.08
N SER H 29 8.89 -67.62 4.42
CA SER H 29 9.11 -68.78 3.55
C SER H 29 9.67 -69.88 4.42
N GLU H 30 8.94 -70.98 4.56
CA GLU H 30 9.44 -72.11 5.34
C GLU H 30 10.18 -73.14 4.50
N ALA H 31 10.09 -73.06 3.19
CA ALA H 31 10.73 -74.00 2.28
C ALA H 31 11.90 -73.37 1.52
N ALA H 32 12.63 -72.48 2.19
CA ALA H 32 13.75 -71.77 1.58
C ALA H 32 14.94 -71.79 2.53
N HIS H 33 16.10 -72.19 2.00
CA HIS H 33 17.30 -72.21 2.82
C HIS H 33 17.79 -70.81 3.14
N ARG H 34 17.86 -69.95 2.13
CA ARG H 34 18.28 -68.56 2.30
C ARG H 34 17.28 -67.64 1.61
N ILE H 35 17.20 -66.40 2.10
CA ILE H 35 16.35 -65.38 1.51
C ILE H 35 17.17 -64.09 1.41
N GLU H 36 17.29 -63.56 0.20
CA GLU H 36 17.91 -62.26 0.00
C GLU H 36 16.86 -61.17 -0.02
N LEU H 37 17.29 -59.95 0.28
CA LEU H 37 16.46 -58.76 0.12
C LEU H 37 17.15 -57.86 -0.91
N CYS H 38 16.53 -57.70 -2.07
CA CYS H 38 17.09 -56.92 -3.16
C CYS H 38 16.54 -55.51 -3.13
N LEU H 39 17.43 -54.54 -2.93
CA LEU H 39 17.08 -53.11 -2.97
C LEU H 39 17.39 -52.62 -4.37
N LEU H 40 16.36 -52.50 -5.20
CA LEU H 40 16.56 -52.01 -6.55
C LEU H 40 16.82 -50.50 -6.53
N HIS H 41 17.78 -50.07 -7.33
CA HIS H 41 18.05 -48.66 -7.52
C HIS H 41 17.48 -48.20 -8.85
N ASP H 42 17.56 -46.90 -9.12
CA ASP H 42 17.04 -46.33 -10.35
C ASP H 42 17.79 -46.81 -11.59
N ASP H 43 18.96 -47.45 -11.41
CA ASP H 43 19.70 -48.02 -12.53
C ASP H 43 19.47 -49.53 -12.67
N GLY H 44 18.57 -50.10 -11.88
CA GLY H 44 18.21 -51.50 -12.01
C GLY H 44 19.17 -52.47 -11.37
N SER H 45 20.27 -52.01 -10.77
CA SER H 45 21.18 -52.91 -10.07
C SER H 45 20.64 -53.22 -8.67
N GLU H 46 21.07 -54.34 -8.13
CA GLU H 46 20.52 -54.86 -6.89
C GLU H 46 21.57 -54.85 -5.78
N THR H 47 21.22 -54.23 -4.66
CA THR H 47 21.98 -54.35 -3.42
C THR H 47 21.28 -55.39 -2.56
N ALA H 48 21.84 -56.59 -2.54
CA ALA H 48 21.21 -57.72 -1.85
C ALA H 48 21.74 -57.83 -0.43
N VAL H 49 20.82 -57.87 0.53
CA VAL H 49 21.13 -58.13 1.93
C VAL H 49 20.46 -59.44 2.33
N GLU H 50 21.19 -60.27 3.06
CA GLU H 50 20.65 -61.54 3.51
C GLU H 50 19.66 -61.31 4.64
N LEU H 51 18.44 -61.83 4.49
CA LEU H 51 17.47 -61.88 5.57
C LEU H 51 17.79 -63.08 6.48
N ARG H 52 18.99 -63.02 7.07
CA ARG H 52 19.50 -64.17 7.82
C ARG H 52 18.63 -64.50 9.01
N GLU H 53 18.13 -63.48 9.70
CA GLU H 53 17.49 -63.67 11.00
C GLU H 53 16.15 -64.38 10.81
N THR H 54 16.12 -65.67 11.14
CA THR H 54 14.91 -66.46 11.06
C THR H 54 14.15 -66.42 12.37
N ASP H 55 12.83 -66.41 12.27
CA ASP H 55 11.95 -66.55 13.44
C ASP H 55 10.64 -67.16 12.98
N ALA H 56 10.36 -68.39 13.42
CA ALA H 56 9.14 -69.10 13.07
C ALA H 56 8.91 -69.09 11.55
N PHE H 57 10.01 -69.28 10.80
CA PHE H 57 10.02 -69.29 9.35
C PHE H 57 9.73 -67.92 8.75
N VAL H 58 9.89 -66.85 9.54
CA VAL H 58 9.71 -65.48 9.06
C VAL H 58 11.05 -64.78 9.17
N ARG H 59 11.69 -64.54 8.04
CA ARG H 59 13.01 -63.93 8.00
C ARG H 59 12.88 -62.41 7.97
N HIS H 60 13.79 -61.73 8.67
CA HIS H 60 13.62 -60.31 8.92
C HIS H 60 14.96 -59.62 9.09
N ALA H 61 15.00 -58.34 8.70
CA ALA H 61 16.14 -57.48 8.93
C ALA H 61 15.68 -56.03 8.92
N TYR H 62 16.44 -55.17 9.58
CA TYR H 62 16.12 -53.75 9.71
C TYR H 62 17.31 -52.95 9.19
N LEU H 63 17.09 -52.23 8.09
CA LEU H 63 18.15 -51.45 7.44
C LEU H 63 17.92 -49.96 7.70
N PRO H 64 18.59 -49.37 8.69
CA PRO H 64 18.43 -47.92 8.92
C PRO H 64 18.82 -47.13 7.67
N GLY H 65 17.86 -46.40 7.13
CA GLY H 65 18.08 -45.55 5.98
C GLY H 65 17.22 -45.87 4.77
N VAL H 66 16.60 -47.05 4.72
CA VAL H 66 15.71 -47.41 3.62
C VAL H 66 14.37 -46.73 3.85
N MET H 67 14.00 -45.84 2.94
CA MET H 67 12.89 -44.92 3.17
C MET H 67 11.76 -45.10 2.15
N PRO H 68 10.63 -44.42 2.32
CA PRO H 68 9.52 -44.58 1.37
C PRO H 68 9.95 -44.29 -0.05
N GLY H 69 9.42 -45.08 -0.99
CA GLY H 69 9.78 -45.00 -2.38
C GLY H 69 10.88 -45.93 -2.81
N GLN H 70 11.66 -46.47 -1.87
CA GLN H 70 12.74 -47.38 -2.20
C GLN H 70 12.17 -48.68 -2.75
N ARG H 71 12.33 -48.89 -4.05
CA ARG H 71 11.89 -50.13 -4.67
C ARG H 71 12.69 -51.30 -4.11
N TYR H 72 11.99 -52.37 -3.74
CA TYR H 72 12.62 -53.54 -3.17
C TYR H 72 11.95 -54.80 -3.70
N GLY H 73 12.55 -55.94 -3.36
CA GLY H 73 12.05 -57.23 -3.79
C GLY H 73 12.78 -58.33 -3.05
N PHE H 74 12.27 -59.55 -3.19
CA PHE H 74 12.78 -60.71 -2.48
C PHE H 74 13.34 -61.73 -3.45
N ARG H 75 14.52 -62.25 -3.14
CA ARG H 75 15.13 -63.35 -3.87
C ARG H 75 15.23 -64.55 -2.94
N VAL H 76 14.61 -65.66 -3.33
CA VAL H 76 14.45 -66.82 -2.48
C VAL H 76 15.31 -67.95 -3.01
N HIS H 77 16.25 -68.41 -2.18
CA HIS H 77 17.09 -69.57 -2.50
C HIS H 77 16.45 -70.78 -1.81
N GLY H 78 15.70 -71.56 -2.59
CA GLY H 78 15.06 -72.76 -2.10
C GLY H 78 14.98 -73.81 -3.19
N PRO H 79 14.83 -75.07 -2.81
CA PRO H 79 14.95 -76.16 -3.80
C PRO H 79 13.84 -76.10 -4.84
N TYR H 80 14.23 -76.35 -6.09
CA TYR H 80 13.29 -76.42 -7.21
C TYR H 80 12.92 -77.89 -7.41
N ALA H 81 11.65 -78.21 -7.18
CA ALA H 81 11.20 -79.60 -7.27
C ALA H 81 9.71 -79.61 -7.56
N PRO H 82 9.33 -79.61 -8.84
CA PRO H 82 7.89 -79.78 -9.18
C PRO H 82 7.36 -81.13 -8.73
N GLU H 83 8.19 -82.17 -8.83
CA GLU H 83 7.84 -83.49 -8.31
C GLU H 83 7.37 -83.40 -6.86
N ARG H 84 8.11 -82.68 -6.02
CA ARG H 84 7.73 -82.50 -4.63
C ARG H 84 6.89 -81.26 -4.39
N GLY H 85 6.75 -80.38 -5.38
CA GLY H 85 5.91 -79.21 -5.25
C GLY H 85 6.60 -77.94 -4.84
N LEU H 86 7.93 -77.95 -4.73
CA LEU H 86 8.69 -76.74 -4.43
C LEU H 86 9.09 -76.06 -5.73
N ARG H 87 8.79 -74.78 -5.85
CA ARG H 87 9.07 -74.03 -7.07
C ARG H 87 9.81 -72.74 -6.75
N CYS H 88 10.69 -72.79 -5.75
CA CYS H 88 11.50 -71.62 -5.41
C CYS H 88 12.59 -71.42 -6.44
N ASN H 89 12.64 -70.22 -7.01
CA ASN H 89 13.63 -69.87 -8.03
C ASN H 89 14.40 -68.64 -7.56
N ALA H 90 15.70 -68.81 -7.33
CA ALA H 90 16.56 -67.72 -6.89
C ALA H 90 16.92 -66.77 -8.02
N ALA H 91 16.51 -67.04 -9.25
CA ALA H 91 16.74 -66.11 -10.34
C ALA H 91 15.63 -65.07 -10.43
N LYS H 92 14.43 -65.41 -9.95
CA LYS H 92 13.28 -64.53 -10.08
C LYS H 92 13.20 -63.55 -8.93
N LEU H 93 12.81 -62.32 -9.25
CA LEU H 93 12.61 -61.27 -8.24
C LEU H 93 11.18 -61.39 -7.74
N LEU H 94 11.00 -62.15 -6.67
CA LEU H 94 9.66 -62.36 -6.12
C LEU H 94 9.13 -61.07 -5.50
N LEU H 95 7.83 -60.87 -5.64
CA LEU H 95 7.20 -59.68 -5.06
C LEU H 95 6.92 -59.92 -3.58
N ASP H 96 6.68 -58.81 -2.88
CA ASP H 96 6.21 -58.89 -1.51
C ASP H 96 4.71 -59.16 -1.51
N PRO H 97 4.25 -60.26 -0.92
CA PRO H 97 2.80 -60.45 -0.79
C PRO H 97 2.14 -59.37 0.05
N TYR H 98 2.91 -58.71 0.92
CA TYR H 98 2.42 -57.63 1.76
C TYR H 98 2.82 -56.26 1.21
N ALA H 99 3.05 -56.16 -0.10
CA ALA H 99 3.54 -54.93 -0.72
C ALA H 99 2.44 -53.90 -0.72
N ARG H 100 2.51 -52.94 0.22
CA ARG H 100 1.50 -51.90 0.34
C ARG H 100 1.41 -51.00 -0.89
N ALA H 101 2.39 -51.06 -1.79
CA ALA H 101 2.31 -50.33 -3.05
C ALA H 101 3.27 -50.98 -4.05
N VAL H 102 2.76 -51.39 -5.20
CA VAL H 102 3.54 -52.04 -6.24
C VAL H 102 3.73 -51.08 -7.40
N SER H 103 4.92 -51.10 -8.00
CA SER H 103 5.27 -50.20 -9.07
C SER H 103 5.61 -50.99 -10.33
N GLY H 104 5.24 -50.43 -11.48
CA GLY H 104 5.60 -51.04 -12.75
C GLY H 104 4.57 -52.04 -13.26
N ARG H 105 4.95 -52.70 -14.35
CA ARG H 105 4.09 -53.67 -15.02
C ARG H 105 4.95 -54.87 -15.43
N VAL H 106 4.30 -55.87 -16.02
CA VAL H 106 4.93 -57.15 -16.32
C VAL H 106 5.36 -57.16 -17.77
N ARG H 107 6.67 -57.11 -18.00
CA ARG H 107 7.25 -57.16 -19.35
C ARG H 107 7.26 -58.61 -19.81
N TRP H 108 6.13 -59.03 -20.38
CA TRP H 108 5.94 -60.42 -20.77
C TRP H 108 7.02 -60.90 -21.72
N GLY H 109 7.73 -61.95 -21.32
CA GLY H 109 8.73 -62.57 -22.14
C GLY H 109 8.97 -63.99 -21.66
N GLU H 110 10.18 -64.49 -21.88
CA GLU H 110 10.57 -65.81 -21.40
C GLU H 110 10.92 -65.82 -19.92
N ALA H 111 11.17 -64.66 -19.32
CA ALA H 111 11.90 -64.59 -18.06
C ALA H 111 11.01 -64.67 -16.82
N VAL H 112 9.77 -64.19 -16.88
CA VAL H 112 8.94 -64.07 -15.69
C VAL H 112 8.30 -65.41 -15.33
N TYR H 113 8.67 -66.47 -16.05
CA TYR H 113 7.89 -67.70 -16.03
C TYR H 113 8.45 -68.80 -15.13
N GLY H 114 9.72 -68.76 -14.76
CA GLY H 114 10.26 -69.73 -13.83
C GLY H 114 10.47 -71.12 -14.40
N TYR H 115 10.04 -71.39 -15.63
CA TYR H 115 10.31 -72.64 -16.32
C TYR H 115 10.55 -72.27 -17.77
N PRO H 116 11.55 -72.86 -18.43
CA PRO H 116 11.75 -72.60 -19.86
C PRO H 116 10.53 -72.97 -20.68
N PHE H 117 10.28 -72.20 -21.74
CA PHE H 117 9.02 -72.24 -22.48
C PHE H 117 8.75 -73.57 -23.18
N GLY H 118 9.64 -74.56 -23.09
CA GLY H 118 9.37 -75.84 -23.72
C GLY H 118 9.38 -77.01 -22.75
N ARG H 119 9.92 -76.78 -21.55
CA ARG H 119 10.12 -77.83 -20.55
C ARG H 119 9.46 -77.40 -19.26
N PRO H 120 8.17 -77.74 -19.07
CA PRO H 120 7.43 -77.26 -17.89
C PRO H 120 7.96 -77.75 -16.56
N ASP H 121 8.96 -78.63 -16.57
CA ASP H 121 9.57 -79.14 -15.35
C ASP H 121 11.03 -78.73 -15.21
N ALA H 122 11.46 -77.70 -15.93
CA ALA H 122 12.85 -77.29 -15.95
C ALA H 122 13.04 -76.00 -15.16
N ARG H 123 14.26 -75.80 -14.67
CA ARG H 123 14.63 -74.65 -13.85
C ARG H 123 15.02 -73.49 -14.76
N ASN H 124 14.12 -72.53 -14.92
CA ASN H 124 14.48 -71.30 -15.62
C ASN H 124 15.43 -70.48 -14.76
N ASP H 125 16.41 -69.86 -15.41
CA ASP H 125 17.41 -69.05 -14.72
C ASP H 125 17.43 -67.61 -15.20
N LEU H 126 16.56 -67.24 -16.14
CA LEU H 126 16.59 -65.90 -16.71
C LEU H 126 16.23 -64.87 -15.64
N ASP H 127 17.07 -63.85 -15.52
CA ASP H 127 16.86 -62.80 -14.52
C ASP H 127 15.50 -62.14 -14.72
N SER H 128 14.68 -62.19 -13.67
CA SER H 128 13.32 -61.67 -13.76
C SER H 128 13.25 -60.17 -13.52
N ALA H 129 14.30 -59.58 -12.96
CA ALA H 129 14.26 -58.18 -12.52
C ALA H 129 13.81 -57.20 -13.60
N PRO H 130 14.39 -57.18 -14.81
CA PRO H 130 13.99 -56.14 -15.78
C PRO H 130 12.57 -56.30 -16.33
N ASP H 131 11.94 -57.47 -16.13
CA ASP H 131 10.61 -57.72 -16.65
C ASP H 131 9.52 -57.69 -15.59
N THR H 132 9.87 -57.75 -14.31
CA THR H 132 8.89 -57.92 -13.25
C THR H 132 8.30 -56.58 -12.83
N MET H 133 7.26 -56.65 -11.99
CA MET H 133 6.81 -55.52 -11.21
C MET H 133 7.60 -55.48 -9.91
N THR H 134 7.84 -54.27 -9.41
CA THR H 134 8.61 -54.07 -8.19
C THR H 134 7.72 -53.60 -7.06
N SER H 135 8.03 -54.06 -5.85
CA SER H 135 7.35 -53.60 -4.65
C SER H 135 8.07 -52.40 -4.06
N VAL H 136 7.32 -51.58 -3.32
CA VAL H 136 7.80 -50.29 -2.83
C VAL H 136 7.52 -50.18 -1.34
N VAL H 137 8.35 -49.40 -0.65
CA VAL H 137 8.16 -49.10 0.76
C VAL H 137 7.24 -47.88 0.88
N VAL H 138 6.26 -47.97 1.78
CA VAL H 138 5.19 -46.99 1.88
C VAL H 138 5.35 -46.18 3.16
N ASN H 139 5.17 -44.86 3.05
CA ASN H 139 5.13 -43.98 4.21
C ASN H 139 3.69 -43.93 4.70
N PRO H 140 3.39 -44.61 5.82
CA PRO H 140 1.98 -44.85 6.14
C PRO H 140 1.20 -43.61 6.57
N TYR H 141 1.86 -42.52 6.94
CA TYR H 141 1.14 -41.38 7.49
C TYR H 141 0.20 -40.76 6.45
N PHE H 142 -1.04 -40.57 6.87
CA PHE H 142 -2.04 -39.85 6.12
C PHE H 142 -2.96 -39.20 7.14
N ASP H 143 -3.25 -37.91 6.98
CA ASP H 143 -4.00 -37.18 7.98
C ASP H 143 -5.47 -37.17 7.59
N TRP H 144 -6.17 -38.24 7.96
CA TRP H 144 -7.63 -38.20 8.04
C TRP H 144 -8.00 -37.19 9.12
N GLY H 145 -8.57 -36.05 8.73
CA GLY H 145 -8.86 -35.01 9.69
C GLY H 145 -9.96 -35.41 10.65
N ASP H 146 -11.19 -35.49 10.17
CA ASP H 146 -12.30 -36.13 10.88
C ASP H 146 -12.92 -37.10 9.88
N ASP H 147 -12.36 -38.29 9.78
CA ASP H 147 -12.90 -39.29 8.85
C ASP H 147 -14.03 -40.00 9.57
N ARG H 148 -15.26 -39.54 9.34
CA ARG H 148 -16.44 -40.16 9.92
C ARG H 148 -16.81 -41.37 9.07
N ARG H 149 -16.54 -42.56 9.59
CA ARG H 149 -16.98 -43.75 8.91
C ARG H 149 -18.50 -43.74 8.92
N PRO H 150 -19.14 -43.51 7.79
CA PRO H 150 -20.60 -43.35 7.80
C PRO H 150 -21.29 -44.69 7.99
N ARG H 151 -21.43 -45.10 9.25
CA ARG H 151 -21.91 -46.45 9.54
C ARG H 151 -23.38 -46.55 9.15
N THR H 152 -23.64 -46.44 7.85
CA THR H 152 -24.98 -46.51 7.31
C THR H 152 -25.57 -47.89 7.58
N GLU H 153 -26.70 -47.92 8.28
CA GLU H 153 -27.29 -49.17 8.71
C GLU H 153 -27.63 -50.05 7.51
N TYR H 154 -27.74 -51.35 7.77
CA TYR H 154 -27.92 -52.30 6.68
C TYR H 154 -29.30 -52.21 6.05
N HIS H 155 -30.29 -51.69 6.77
CA HIS H 155 -31.61 -51.44 6.20
C HIS H 155 -31.73 -50.06 5.59
N HIS H 156 -30.60 -49.41 5.29
CA HIS H 156 -30.58 -48.13 4.61
C HIS H 156 -29.72 -48.11 3.37
N THR H 157 -28.95 -49.16 3.09
CA THR H 157 -27.90 -49.12 2.08
C THR H 157 -28.47 -49.29 0.67
N VAL H 158 -27.80 -48.65 -0.28
CA VAL H 158 -27.93 -48.93 -1.70
C VAL H 158 -26.52 -49.06 -2.26
N ILE H 159 -26.22 -50.21 -2.87
CA ILE H 159 -24.88 -50.51 -3.33
C ILE H 159 -24.79 -50.22 -4.82
N TYR H 160 -23.78 -49.46 -5.21
CA TYR H 160 -23.58 -49.03 -6.59
C TYR H 160 -22.27 -49.62 -7.09
N GLU H 161 -22.35 -50.72 -7.84
CA GLU H 161 -21.15 -51.35 -8.39
C GLU H 161 -20.64 -50.52 -9.55
N ALA H 162 -19.38 -50.10 -9.45
CA ALA H 162 -18.76 -49.26 -10.46
C ALA H 162 -17.31 -49.68 -10.65
N HIS H 163 -16.78 -49.39 -11.84
CA HIS H 163 -15.36 -49.58 -12.09
C HIS H 163 -14.63 -48.27 -11.85
N VAL H 164 -13.51 -48.34 -11.14
CA VAL H 164 -12.72 -47.14 -10.84
C VAL H 164 -12.28 -46.47 -12.14
N LYS H 165 -11.94 -47.27 -13.15
CA LYS H 165 -11.57 -46.70 -14.45
C LYS H 165 -12.81 -46.44 -15.30
N GLY H 166 -13.79 -47.34 -15.23
CA GLY H 166 -14.98 -47.20 -16.07
C GLY H 166 -15.75 -45.92 -15.80
N LEU H 167 -16.07 -45.66 -14.53
CA LEU H 167 -17.02 -44.62 -14.15
C LEU H 167 -16.67 -43.26 -14.74
N THR H 168 -15.38 -42.94 -14.82
CA THR H 168 -14.97 -41.58 -15.10
C THR H 168 -14.11 -41.43 -16.35
N MET H 169 -13.89 -42.51 -17.12
CA MET H 169 -12.99 -42.42 -18.26
C MET H 169 -13.57 -41.54 -19.38
N LEU H 170 -14.90 -41.55 -19.57
CA LEU H 170 -15.55 -40.73 -20.60
C LEU H 170 -16.25 -39.51 -20.02
N HIS H 171 -16.20 -39.31 -18.72
CA HIS H 171 -16.94 -38.21 -18.11
C HIS H 171 -16.40 -36.88 -18.62
N PRO H 172 -17.14 -36.14 -19.46
CA PRO H 172 -16.59 -34.88 -19.99
C PRO H 172 -16.78 -33.73 -19.01
N ASP H 173 -16.50 -34.00 -17.74
CA ASP H 173 -16.54 -33.00 -16.69
C ASP H 173 -15.27 -33.02 -15.87
N LEU H 174 -14.38 -33.96 -16.12
CA LEU H 174 -13.11 -34.10 -15.44
C LEU H 174 -11.98 -33.86 -16.43
N PRO H 175 -10.87 -33.26 -16.02
CA PRO H 175 -9.75 -33.05 -16.94
C PRO H 175 -9.23 -34.37 -17.47
N GLU H 176 -8.47 -34.28 -18.56
CA GLU H 176 -7.85 -35.49 -19.11
C GLU H 176 -7.00 -36.21 -18.05
N GLU H 177 -6.48 -35.47 -17.08
CA GLU H 177 -5.60 -36.05 -16.08
C GLU H 177 -6.34 -37.01 -15.17
N LEU H 178 -7.54 -36.64 -14.72
CA LEU H 178 -8.23 -37.36 -13.66
C LEU H 178 -9.16 -38.45 -14.17
N ARG H 179 -9.31 -38.61 -15.49
CA ARG H 179 -10.29 -39.56 -16.01
C ARG H 179 -9.83 -40.99 -15.79
N GLY H 180 -10.74 -41.83 -15.29
CA GLY H 180 -10.43 -43.22 -15.01
C GLY H 180 -9.53 -43.44 -13.81
N THR H 181 -9.15 -42.39 -13.09
CA THR H 181 -8.25 -42.50 -11.95
C THR H 181 -9.04 -42.55 -10.65
N TYR H 182 -8.34 -42.89 -9.56
CA TYR H 182 -8.96 -42.87 -8.25
C TYR H 182 -9.45 -41.46 -7.90
N ALA H 183 -8.64 -40.45 -8.17
CA ALA H 183 -8.99 -39.09 -7.80
C ALA H 183 -10.20 -38.58 -8.59
N GLY H 184 -10.29 -38.94 -9.87
CA GLY H 184 -11.45 -38.56 -10.65
C GLY H 184 -12.74 -39.21 -10.19
N LEU H 185 -12.64 -40.31 -9.44
CA LEU H 185 -13.81 -40.95 -8.86
C LEU H 185 -14.37 -40.17 -7.68
N ALA H 186 -13.60 -39.23 -7.13
CA ALA H 186 -14.05 -38.36 -6.05
C ALA H 186 -14.15 -36.90 -6.51
N HIS H 187 -14.54 -36.70 -7.78
CA HIS H 187 -14.74 -35.33 -8.24
C HIS H 187 -16.15 -34.87 -7.89
N PRO H 188 -16.30 -33.61 -7.44
CA PRO H 188 -17.61 -33.15 -6.93
C PRO H 188 -18.75 -33.18 -7.94
N SER H 189 -18.45 -33.53 -9.19
CA SER H 189 -19.49 -33.79 -10.18
C SER H 189 -19.81 -35.27 -10.33
N VAL H 190 -18.97 -36.14 -9.77
CA VAL H 190 -19.25 -37.57 -9.73
C VAL H 190 -19.91 -37.98 -8.41
N ILE H 191 -19.41 -37.43 -7.29
CA ILE H 191 -20.03 -37.69 -6.00
C ILE H 191 -21.47 -37.21 -6.00
N GLY H 192 -21.73 -36.05 -6.62
CA GLY H 192 -23.09 -35.55 -6.70
C GLY H 192 -24.02 -36.52 -7.41
N HIS H 193 -23.57 -37.08 -8.54
CA HIS H 193 -24.36 -38.12 -9.21
C HIS H 193 -24.67 -39.27 -8.27
N LEU H 194 -23.69 -39.69 -7.45
CA LEU H 194 -23.92 -40.75 -6.49
C LEU H 194 -24.87 -40.29 -5.39
N ARG H 195 -24.83 -39.01 -5.03
CA ARG H 195 -25.88 -38.44 -4.19
C ARG H 195 -27.19 -38.34 -4.96
N GLU H 196 -27.13 -37.87 -6.21
CA GLU H 196 -28.33 -37.74 -7.03
C GLU H 196 -29.08 -39.06 -7.15
N LEU H 197 -28.35 -40.15 -7.38
CA LEU H 197 -28.99 -41.47 -7.45
C LEU H 197 -29.48 -41.93 -6.08
N GLY H 198 -28.78 -41.57 -5.02
CA GLY H 198 -29.18 -41.96 -3.68
C GLY H 198 -28.50 -43.20 -3.17
N VAL H 199 -27.27 -43.47 -3.58
CA VAL H 199 -26.53 -44.62 -3.08
C VAL H 199 -25.81 -44.21 -1.81
N THR H 200 -25.35 -45.21 -1.05
CA THR H 200 -24.51 -44.96 0.11
C THR H 200 -23.29 -45.89 0.14
N ALA H 201 -23.04 -46.66 -0.91
CA ALA H 201 -21.97 -47.65 -0.89
C ALA H 201 -21.45 -47.84 -2.31
N LEU H 202 -20.21 -47.42 -2.55
CA LEU H 202 -19.57 -47.54 -3.85
C LEU H 202 -18.84 -48.89 -3.90
N GLU H 203 -19.45 -49.89 -4.52
CA GLU H 203 -18.78 -51.17 -4.69
C GLU H 203 -17.72 -51.02 -5.77
N LEU H 204 -16.45 -51.15 -5.39
CA LEU H 204 -15.33 -50.84 -6.27
C LEU H 204 -14.75 -52.13 -6.83
N MET H 205 -14.98 -52.36 -8.12
CA MET H 205 -14.39 -53.50 -8.80
C MET H 205 -12.88 -53.51 -8.53
N PRO H 206 -12.28 -54.69 -8.25
CA PRO H 206 -11.08 -54.75 -7.42
C PRO H 206 -10.00 -53.71 -7.67
N VAL H 207 -9.60 -53.01 -6.60
CA VAL H 207 -8.40 -52.19 -6.63
C VAL H 207 -7.18 -52.95 -6.15
N HIS H 208 -7.36 -54.18 -5.66
CA HIS H 208 -6.25 -55.08 -5.41
C HIS H 208 -5.48 -55.27 -6.72
N GLN H 209 -4.22 -54.87 -6.72
CA GLN H 209 -3.49 -54.75 -7.98
C GLN H 209 -3.42 -56.08 -8.71
N PHE H 210 -3.70 -56.05 -10.01
CA PHE H 210 -3.79 -57.24 -10.82
C PHE H 210 -2.73 -57.21 -11.92
N VAL H 211 -2.60 -58.33 -12.62
CA VAL H 211 -1.63 -58.50 -13.69
C VAL H 211 -2.39 -58.71 -15.00
N ASN H 212 -1.88 -58.08 -16.06
CA ASN H 212 -2.45 -58.24 -17.38
C ASN H 212 -2.02 -59.59 -17.95
N ASP H 213 -3.00 -60.45 -18.22
CA ASP H 213 -2.71 -61.82 -18.64
C ASP H 213 -1.89 -61.85 -19.93
N HIS H 214 -0.76 -62.55 -19.89
CA HIS H 214 0.05 -62.77 -21.09
C HIS H 214 -0.80 -63.31 -22.23
N ARG H 215 -1.75 -64.18 -21.91
CA ARG H 215 -2.72 -64.65 -22.90
C ARG H 215 -3.52 -63.49 -23.48
N LEU H 216 -3.81 -62.46 -22.68
CA LEU H 216 -4.53 -61.29 -23.17
C LEU H 216 -3.59 -60.23 -23.73
N VAL H 217 -2.36 -60.12 -23.21
CA VAL H 217 -1.47 -59.07 -23.66
C VAL H 217 -1.00 -59.33 -25.08
N ASP H 218 -0.58 -60.56 -25.37
CA ASP H 218 -0.26 -60.92 -26.74
C ASP H 218 -1.52 -61.33 -27.51
N ALA H 219 -2.58 -60.54 -27.38
CA ALA H 219 -3.80 -60.75 -28.15
C ALA H 219 -4.51 -59.46 -28.53
N GLY H 220 -4.04 -58.32 -28.04
CA GLY H 220 -4.72 -57.05 -28.25
C GLY H 220 -5.71 -56.65 -27.19
N LEU H 221 -5.70 -57.30 -26.02
CA LEU H 221 -6.62 -57.01 -24.93
C LEU H 221 -5.83 -56.81 -23.63
N SER H 222 -6.57 -56.51 -22.57
CA SER H 222 -5.98 -56.28 -21.25
C SER H 222 -7.02 -56.63 -20.21
N ASN H 223 -6.59 -57.27 -19.12
CA ASN H 223 -7.50 -57.60 -18.04
C ASN H 223 -8.09 -56.31 -17.46
N TYR H 224 -9.39 -56.14 -17.61
CA TYR H 224 -10.10 -54.91 -17.30
C TYR H 224 -10.83 -54.96 -15.97
N TRP H 225 -11.51 -56.07 -15.67
CA TRP H 225 -12.19 -56.20 -14.39
C TRP H 225 -11.19 -56.36 -13.24
N GLY H 226 -10.09 -57.07 -13.50
CA GLY H 226 -9.05 -57.21 -12.49
C GLY H 226 -9.25 -58.35 -11.51
N TYR H 227 -9.96 -59.40 -11.91
CA TYR H 227 -10.08 -60.58 -11.05
C TYR H 227 -8.91 -61.52 -11.24
N ASN H 228 -7.70 -60.95 -11.23
CA ASN H 228 -6.48 -61.74 -11.26
C ASN H 228 -5.38 -60.91 -10.58
N THR H 229 -5.26 -61.03 -9.27
CA THR H 229 -4.54 -60.04 -8.47
C THR H 229 -3.31 -60.65 -7.81
N ILE H 230 -2.24 -59.85 -7.72
CA ILE H 230 -1.05 -60.23 -6.98
C ILE H 230 -0.92 -59.49 -5.66
N GLY H 231 -1.42 -58.26 -5.56
CA GLY H 231 -1.27 -57.50 -4.33
C GLY H 231 -2.58 -57.30 -3.60
N PHE H 232 -2.74 -58.01 -2.48
CA PHE H 232 -3.87 -57.81 -1.60
C PHE H 232 -3.66 -56.64 -0.64
N PHE H 233 -2.59 -55.88 -0.84
CA PHE H 233 -2.22 -54.78 0.03
C PHE H 233 -2.06 -53.45 -0.69
N ALA H 234 -1.93 -53.46 -2.02
CA ALA H 234 -1.62 -52.26 -2.77
C ALA H 234 -2.82 -51.79 -3.60
N PRO H 235 -2.96 -50.48 -3.80
CA PRO H 235 -3.96 -49.98 -4.75
C PRO H 235 -3.43 -50.15 -6.17
N HIS H 236 -4.25 -50.76 -7.04
CA HIS H 236 -3.79 -51.11 -8.37
C HIS H 236 -3.24 -49.89 -9.09
N ASN H 237 -1.97 -49.97 -9.52
CA ASN H 237 -1.22 -48.78 -9.90
C ASN H 237 -1.82 -48.07 -11.10
N ALA H 238 -2.40 -48.81 -12.04
CA ALA H 238 -2.82 -48.22 -13.30
C ALA H 238 -3.98 -47.23 -13.14
N TYR H 239 -4.78 -47.37 -12.08
CA TYR H 239 -5.87 -46.43 -11.84
C TYR H 239 -5.42 -45.17 -11.11
N ALA H 240 -4.12 -44.89 -11.05
CA ALA H 240 -3.59 -43.79 -10.26
C ALA H 240 -2.88 -42.79 -11.16
N SER H 241 -3.24 -41.52 -11.01
CA SER H 241 -2.61 -40.44 -11.76
C SER H 241 -1.45 -39.78 -11.03
N TRP H 242 -1.20 -40.12 -9.77
CA TRP H 242 -0.13 -39.52 -8.99
C TRP H 242 1.15 -40.35 -9.00
N GLY H 243 1.17 -41.50 -9.67
CA GLY H 243 2.38 -42.30 -9.81
C GLY H 243 2.22 -43.68 -9.23
N ASP H 244 3.36 -44.35 -9.04
CA ASP H 244 3.37 -45.74 -8.57
C ASP H 244 4.36 -46.05 -7.45
N ARG H 245 5.24 -45.14 -7.08
CA ARG H 245 6.18 -45.41 -5.99
C ARG H 245 5.58 -45.07 -4.64
N GLY H 246 4.39 -45.60 -4.38
CA GLY H 246 3.67 -45.30 -3.17
C GLY H 246 2.71 -44.15 -3.26
N GLN H 247 2.79 -43.34 -4.33
CA GLN H 247 1.86 -42.21 -4.46
C GLN H 247 0.45 -42.67 -4.77
N GLN H 248 0.27 -43.90 -5.25
CA GLN H 248 -1.09 -44.41 -5.46
C GLN H 248 -1.77 -44.72 -4.14
N VAL H 249 -1.00 -45.08 -3.09
CA VAL H 249 -1.62 -45.36 -1.81
C VAL H 249 -2.14 -44.10 -1.16
N LEU H 250 -1.69 -42.93 -1.64
CA LEU H 250 -2.21 -41.65 -1.18
C LEU H 250 -3.45 -41.22 -1.95
N GLU H 251 -3.46 -41.44 -3.28
CA GLU H 251 -4.65 -41.18 -4.07
C GLU H 251 -5.87 -41.89 -3.49
N PHE H 252 -5.72 -43.19 -3.21
CA PHE H 252 -6.81 -43.96 -2.64
C PHE H 252 -7.22 -43.41 -1.27
N LYS H 253 -6.24 -43.20 -0.39
CA LYS H 253 -6.56 -42.69 0.94
C LYS H 253 -7.20 -41.32 0.87
N SER H 254 -6.82 -40.49 -0.10
CA SER H 254 -7.50 -39.22 -0.29
C SER H 254 -8.85 -39.40 -0.96
N ALA H 255 -8.94 -40.31 -1.93
CA ALA H 255 -10.21 -40.59 -2.58
C ALA H 255 -11.23 -41.20 -1.62
N VAL H 256 -10.78 -41.84 -0.55
CA VAL H 256 -11.71 -42.34 0.46
C VAL H 256 -12.13 -41.21 1.39
N ARG H 257 -11.17 -40.42 1.86
CA ARG H 257 -11.48 -39.25 2.69
C ARG H 257 -12.50 -38.34 2.03
N ALA H 258 -12.49 -38.25 0.70
CA ALA H 258 -13.44 -37.40 0.00
C ALA H 258 -14.83 -38.04 -0.06
N LEU H 259 -14.91 -39.35 -0.33
CA LEU H 259 -16.21 -40.01 -0.35
C LEU H 259 -16.79 -40.14 1.05
N HIS H 260 -15.94 -40.43 2.04
CA HIS H 260 -16.42 -40.48 3.42
C HIS H 260 -16.70 -39.09 3.97
N GLN H 261 -16.19 -38.04 3.32
CA GLN H 261 -16.65 -36.69 3.62
C GLN H 261 -18.09 -36.50 3.17
N ALA H 262 -18.51 -37.20 2.13
CA ALA H 262 -19.86 -37.12 1.59
C ALA H 262 -20.67 -38.39 1.90
N GLY H 263 -20.40 -39.00 3.04
CA GLY H 263 -21.21 -40.10 3.55
C GLY H 263 -21.31 -41.34 2.68
N ILE H 264 -20.43 -41.48 1.69
CA ILE H 264 -20.51 -42.55 0.71
C ILE H 264 -19.53 -43.64 1.12
N GLU H 265 -20.05 -44.79 1.52
CA GLU H 265 -19.22 -45.91 1.93
C GLU H 265 -18.47 -46.51 0.73
N VAL H 266 -17.39 -47.23 1.03
CA VAL H 266 -16.53 -47.83 0.02
C VAL H 266 -16.46 -49.33 0.28
N ILE H 267 -17.07 -50.12 -0.61
CA ILE H 267 -17.01 -51.58 -0.53
C ILE H 267 -16.21 -52.11 -1.71
N LEU H 268 -14.91 -52.28 -1.53
CA LEU H 268 -14.06 -52.71 -2.65
C LEU H 268 -14.16 -54.21 -2.86
N ASP H 269 -14.14 -54.61 -4.13
CA ASP H 269 -14.32 -56.01 -4.51
C ASP H 269 -13.04 -56.78 -4.22
N VAL H 270 -13.14 -57.77 -3.35
CA VAL H 270 -11.98 -58.50 -2.84
C VAL H 270 -11.88 -59.87 -3.52
N VAL H 271 -10.66 -60.25 -3.91
CA VAL H 271 -10.40 -61.47 -4.64
C VAL H 271 -9.22 -62.17 -3.95
N TYR H 272 -9.51 -63.11 -3.05
CA TYR H 272 -8.48 -63.85 -2.35
C TYR H 272 -8.46 -65.34 -2.69
N ASN H 273 -9.31 -65.80 -3.60
CA ASN H 273 -9.39 -67.22 -3.88
C ASN H 273 -8.34 -67.69 -4.88
N HIS H 274 -7.75 -66.77 -5.65
CA HIS H 274 -6.78 -67.16 -6.66
C HIS H 274 -5.85 -65.99 -6.96
N THR H 275 -4.70 -66.30 -7.55
CA THR H 275 -3.64 -65.34 -7.77
C THR H 275 -3.30 -65.24 -9.25
N ALA H 276 -2.50 -64.23 -9.60
CA ALA H 276 -2.11 -63.97 -10.97
C ALA H 276 -1.04 -64.93 -11.49
N GLU H 277 -0.51 -65.81 -10.66
CA GLU H 277 0.49 -66.76 -11.12
C GLU H 277 -0.13 -67.92 -11.89
N GLY H 278 -1.46 -68.02 -11.92
CA GLY H 278 -2.18 -69.07 -12.61
C GLY H 278 -1.75 -70.46 -12.14
N ASN H 279 -2.20 -71.45 -12.91
CA ASN H 279 -1.66 -72.78 -12.73
C ASN H 279 -0.22 -72.82 -13.23
N HIS H 280 0.45 -73.94 -13.01
CA HIS H 280 1.74 -74.15 -13.65
C HIS H 280 1.57 -73.94 -15.14
N LEU H 281 2.63 -73.42 -15.78
CA LEU H 281 2.61 -72.75 -17.08
C LEU H 281 2.12 -71.31 -16.95
N GLY H 282 2.16 -70.75 -15.75
CA GLY H 282 1.95 -69.33 -15.55
C GLY H 282 3.25 -68.67 -15.13
N PRO H 283 3.22 -67.38 -14.84
CA PRO H 283 4.44 -66.68 -14.44
C PRO H 283 4.81 -66.97 -12.99
N THR H 284 6.04 -66.59 -12.64
CA THR H 284 6.54 -66.65 -11.27
C THR H 284 6.64 -65.22 -10.76
N LEU H 285 5.62 -64.77 -10.03
CA LEU H 285 5.53 -63.37 -9.63
C LEU H 285 5.67 -63.16 -8.13
N SER H 286 4.78 -63.74 -7.32
CA SER H 286 4.77 -63.42 -5.89
C SER H 286 5.03 -64.63 -5.01
N MET H 287 4.19 -65.67 -5.09
CA MET H 287 4.19 -66.70 -4.06
C MET H 287 4.74 -68.03 -4.51
N ARG H 288 4.73 -68.30 -5.82
CA ARG H 288 5.33 -69.53 -6.35
C ARG H 288 6.75 -69.70 -5.85
N GLY H 289 7.54 -68.64 -5.93
CA GLY H 289 8.94 -68.66 -5.55
C GLY H 289 9.24 -68.40 -4.09
N LEU H 290 8.23 -68.10 -3.28
CA LEU H 290 8.46 -67.90 -1.85
C LEU H 290 8.24 -69.21 -1.08
N ASP H 291 7.01 -69.70 -1.08
CA ASP H 291 6.69 -70.98 -0.46
C ASP H 291 5.44 -71.50 -1.18
N ASN H 292 5.66 -72.36 -2.17
CA ASN H 292 4.56 -72.75 -3.05
C ASN H 292 3.63 -73.77 -2.40
N PRO H 293 4.12 -74.83 -1.74
CA PRO H 293 3.20 -75.79 -1.13
C PRO H 293 2.38 -75.23 0.02
N SER H 294 2.85 -74.17 0.69
CA SER H 294 2.14 -73.59 1.83
C SER H 294 1.37 -72.34 1.46
N TYR H 295 1.32 -71.97 0.18
CA TYR H 295 0.50 -70.87 -0.30
C TYR H 295 -0.65 -71.34 -1.19
N TYR H 296 -0.34 -72.11 -2.24
CA TYR H 296 -1.33 -72.56 -3.20
C TYR H 296 -1.82 -73.97 -2.84
N ARG H 297 -3.08 -74.23 -3.18
CA ARG H 297 -3.66 -75.56 -3.01
C ARG H 297 -3.21 -76.43 -4.16
N LEU H 298 -2.43 -77.46 -3.86
CA LEU H 298 -1.88 -78.35 -4.88
C LEU H 298 -2.76 -79.58 -5.05
N ALA H 299 -2.52 -80.31 -6.14
CA ALA H 299 -3.21 -81.57 -6.36
C ALA H 299 -2.48 -82.68 -5.60
N ASP H 300 -3.04 -83.90 -5.68
CA ASP H 300 -2.30 -85.06 -5.18
C ASP H 300 -1.32 -85.50 -6.26
N ASP H 301 -0.63 -84.50 -6.82
CA ASP H 301 0.55 -84.51 -7.66
C ASP H 301 1.09 -83.09 -7.56
N PRO H 302 1.96 -82.80 -6.59
CA PRO H 302 2.29 -81.39 -6.29
C PRO H 302 2.79 -80.59 -7.47
N ARG H 303 3.03 -81.22 -8.61
CA ARG H 303 3.43 -80.49 -9.82
C ARG H 303 2.32 -79.56 -10.29
N TYR H 304 1.08 -80.02 -10.25
CA TYR H 304 -0.06 -79.29 -10.79
C TYR H 304 -0.84 -78.62 -9.66
N TYR H 305 -1.84 -77.83 -10.04
CA TYR H 305 -2.55 -76.97 -9.11
C TYR H 305 -4.04 -77.29 -9.13
N MET H 306 -4.58 -77.64 -7.97
CA MET H 306 -6.02 -77.77 -7.83
C MET H 306 -6.68 -76.41 -8.03
N ASP H 307 -7.77 -76.40 -8.78
CA ASP H 307 -8.50 -75.17 -9.08
C ASP H 307 -9.97 -75.38 -8.78
N THR H 308 -10.55 -74.43 -8.03
CA THR H 308 -11.99 -74.39 -7.81
C THR H 308 -12.58 -73.05 -8.24
N THR H 309 -11.82 -72.23 -8.96
CA THR H 309 -12.30 -70.95 -9.47
C THR H 309 -12.33 -70.86 -10.99
N GLY H 310 -11.65 -71.76 -11.69
CA GLY H 310 -11.60 -71.73 -13.13
C GLY H 310 -10.50 -70.85 -13.71
N THR H 311 -9.68 -70.23 -12.88
CA THR H 311 -8.61 -69.35 -13.34
C THR H 311 -7.24 -69.90 -12.93
N GLY H 312 -7.10 -71.22 -12.99
CA GLY H 312 -5.79 -71.82 -12.84
C GLY H 312 -5.43 -72.38 -11.48
N ASN H 313 -5.74 -71.66 -10.41
CA ASN H 313 -5.23 -72.06 -9.10
C ASN H 313 -6.25 -71.72 -8.01
N SER H 314 -5.83 -71.88 -6.76
CA SER H 314 -6.60 -71.60 -5.56
C SER H 314 -5.64 -71.59 -4.39
N LEU H 315 -5.99 -70.84 -3.36
CA LEU H 315 -5.13 -70.70 -2.18
C LEU H 315 -5.45 -71.79 -1.17
N LEU H 316 -4.41 -72.31 -0.52
CA LEU H 316 -4.55 -73.36 0.48
C LEU H 316 -5.18 -72.78 1.74
N MET H 317 -6.51 -72.86 1.83
CA MET H 317 -7.26 -72.14 2.84
C MET H 317 -7.17 -72.76 4.24
N ARG H 318 -6.31 -73.75 4.46
CA ARG H 318 -6.14 -74.31 5.78
C ARG H 318 -4.80 -73.97 6.42
N SER H 319 -3.81 -73.57 5.63
CA SER H 319 -2.52 -73.16 6.19
C SER H 319 -2.63 -71.76 6.78
N PRO H 320 -2.02 -71.52 7.94
CA PRO H 320 -2.26 -70.25 8.64
C PRO H 320 -1.69 -69.03 7.94
N HIS H 321 -0.56 -69.17 7.23
CA HIS H 321 0.07 -68.00 6.63
C HIS H 321 -0.76 -67.43 5.48
N VAL H 322 -1.52 -68.27 4.78
CA VAL H 322 -2.47 -67.76 3.80
C VAL H 322 -3.60 -67.03 4.49
N LEU H 323 -4.21 -67.68 5.50
CA LEU H 323 -5.22 -67.02 6.31
C LEU H 323 -4.69 -65.74 6.92
N GLN H 324 -3.49 -65.78 7.48
CA GLN H 324 -2.84 -64.59 8.00
C GLN H 324 -2.78 -63.48 6.96
N LEU H 325 -2.19 -63.80 5.80
CA LEU H 325 -2.12 -62.84 4.70
C LEU H 325 -3.49 -62.28 4.35
N ILE H 326 -4.48 -63.17 4.22
CA ILE H 326 -5.85 -62.70 3.95
C ILE H 326 -6.36 -61.75 5.01
N MET H 327 -6.28 -62.13 6.28
CA MET H 327 -6.69 -61.28 7.38
C MET H 327 -5.81 -60.03 7.55
N ASP H 328 -4.51 -60.21 7.31
CA ASP H 328 -3.59 -59.07 7.36
C ASP H 328 -4.04 -58.10 6.28
N SER H 329 -4.40 -58.61 5.11
CA SER H 329 -4.95 -57.76 4.06
C SER H 329 -6.25 -57.10 4.53
N LEU H 330 -7.21 -57.90 4.97
CA LEU H 330 -8.52 -57.37 5.35
C LEU H 330 -8.41 -56.30 6.43
N ARG H 331 -7.49 -56.49 7.38
CA ARG H 331 -7.34 -55.51 8.46
C ARG H 331 -6.69 -54.22 7.96
N TYR H 332 -5.68 -54.34 7.07
CA TYR H 332 -4.99 -53.15 6.58
C TYR H 332 -5.93 -52.21 5.85
N TRP H 333 -6.89 -52.75 5.10
CA TRP H 333 -7.78 -51.89 4.34
C TRP H 333 -8.82 -51.20 5.20
N VAL H 334 -9.03 -51.65 6.44
CA VAL H 334 -9.94 -51.00 7.36
C VAL H 334 -9.19 -50.07 8.30
N THR H 335 -8.12 -50.55 8.94
CA THR H 335 -7.37 -49.74 9.88
C THR H 335 -6.43 -48.75 9.21
N GLU H 336 -6.21 -48.86 7.91
CA GLU H 336 -5.31 -47.92 7.23
C GLU H 336 -5.92 -47.18 6.05
N MET H 337 -6.80 -47.83 5.29
CA MET H 337 -7.39 -47.20 4.11
C MET H 337 -8.86 -46.84 4.38
N HIS H 338 -9.31 -47.13 5.60
CA HIS H 338 -10.64 -46.75 6.07
C HIS H 338 -11.78 -47.27 5.20
N VAL H 339 -11.63 -48.50 4.67
CA VAL H 339 -12.70 -49.12 3.90
C VAL H 339 -13.89 -49.45 4.82
N ASP H 340 -15.08 -49.52 4.23
CA ASP H 340 -16.30 -49.83 4.97
C ASP H 340 -16.86 -51.22 4.72
N GLY H 341 -16.37 -51.96 3.73
CA GLY H 341 -16.93 -53.28 3.46
C GLY H 341 -16.18 -53.99 2.36
N PHE H 342 -16.45 -55.29 2.26
CA PHE H 342 -15.84 -56.17 1.28
C PHE H 342 -16.91 -57.04 0.62
N ARG H 343 -16.76 -57.26 -0.68
CA ARG H 343 -17.59 -58.21 -1.43
C ARG H 343 -16.67 -59.31 -1.96
N PHE H 344 -16.80 -60.50 -1.39
CA PHE H 344 -15.83 -61.59 -1.61
C PHE H 344 -16.17 -62.32 -2.91
N ASP H 345 -15.45 -62.00 -3.97
CA ASP H 345 -15.60 -62.70 -5.25
C ASP H 345 -15.36 -64.19 -5.08
N LEU H 346 -16.30 -65.00 -5.58
CA LEU H 346 -16.26 -66.46 -5.49
C LEU H 346 -15.92 -66.91 -4.07
N ALA H 347 -16.66 -66.37 -3.10
CA ALA H 347 -16.34 -66.58 -1.68
C ALA H 347 -16.36 -68.05 -1.27
N ALA H 348 -16.98 -68.92 -2.08
CA ALA H 348 -17.10 -70.32 -1.69
C ALA H 348 -15.76 -71.03 -1.67
N THR H 349 -14.82 -70.63 -2.54
CA THR H 349 -13.51 -71.25 -2.56
C THR H 349 -12.71 -70.90 -1.29
N LEU H 350 -12.97 -69.73 -0.70
CA LEU H 350 -12.32 -69.38 0.56
C LEU H 350 -12.67 -70.37 1.67
N ALA H 351 -13.86 -70.95 1.62
CA ALA H 351 -14.35 -71.83 2.68
C ALA H 351 -13.92 -73.27 2.51
N ARG H 352 -13.27 -73.63 1.41
CA ARG H 352 -12.84 -75.00 1.18
C ARG H 352 -11.64 -75.29 2.08
N GLN H 353 -11.90 -75.88 3.24
CA GLN H 353 -10.83 -76.16 4.19
C GLN H 353 -9.87 -77.20 3.63
N PHE H 354 -10.38 -78.39 3.31
CA PHE H 354 -9.57 -79.40 2.63
C PHE H 354 -10.08 -79.68 1.22
N HIS H 355 -11.31 -80.19 1.09
CA HIS H 355 -11.97 -80.26 -0.21
C HIS H 355 -13.34 -79.60 -0.18
N GLU H 356 -14.15 -79.96 0.82
CA GLU H 356 -15.54 -79.53 0.87
C GLU H 356 -15.66 -78.14 1.46
N VAL H 357 -16.82 -77.53 1.24
CA VAL H 357 -17.10 -76.19 1.76
C VAL H 357 -17.56 -76.30 3.19
N ASP H 358 -16.61 -76.28 4.12
CA ASP H 358 -16.91 -76.38 5.54
C ASP H 358 -17.29 -75.00 6.06
N ARG H 359 -18.57 -74.81 6.40
CA ARG H 359 -18.98 -73.55 7.00
C ARG H 359 -18.36 -73.34 8.38
N LEU H 360 -17.62 -74.34 8.89
CA LEU H 360 -16.78 -74.21 10.08
C LEU H 360 -15.30 -74.16 9.72
N SER H 361 -14.99 -73.75 8.49
CA SER H 361 -13.61 -73.58 8.09
C SER H 361 -12.94 -72.54 8.97
N SER H 362 -11.61 -72.58 9.00
CA SER H 362 -10.87 -71.61 9.81
C SER H 362 -11.14 -70.18 9.33
N PHE H 363 -11.39 -70.01 8.02
CA PHE H 363 -11.66 -68.68 7.49
C PHE H 363 -12.88 -68.05 8.15
N PHE H 364 -14.03 -68.72 8.04
CA PHE H 364 -15.24 -68.23 8.71
C PHE H 364 -15.02 -68.06 10.21
N ASP H 365 -14.15 -68.89 10.80
CA ASP H 365 -13.81 -68.73 12.20
C ASP H 365 -13.04 -67.43 12.43
N LEU H 366 -12.09 -67.11 11.55
CA LEU H 366 -11.20 -65.98 11.77
C LEU H 366 -11.91 -64.64 11.56
N VAL H 367 -12.78 -64.56 10.54
CA VAL H 367 -13.47 -63.30 10.28
C VAL H 367 -14.43 -62.96 11.41
N GLN H 368 -15.23 -63.95 11.85
CA GLN H 368 -16.28 -63.71 12.82
C GLN H 368 -15.74 -63.18 14.15
N GLN H 369 -14.48 -63.51 14.47
CA GLN H 369 -13.91 -63.13 15.76
C GLN H 369 -13.21 -61.78 15.76
N ASP H 370 -12.75 -61.32 14.60
CA ASP H 370 -11.83 -60.18 14.57
C ASP H 370 -12.59 -58.87 14.80
N PRO H 371 -12.18 -58.05 15.76
CA PRO H 371 -12.94 -56.84 16.10
C PRO H 371 -12.78 -55.68 15.13
N VAL H 372 -12.05 -55.86 14.03
CA VAL H 372 -11.96 -54.86 12.99
C VAL H 372 -12.74 -55.27 11.75
N VAL H 373 -12.68 -56.56 11.38
CA VAL H 373 -13.32 -57.05 10.16
C VAL H 373 -14.75 -57.53 10.39
N SER H 374 -15.11 -57.90 11.62
CA SER H 374 -16.47 -58.35 11.89
C SER H 374 -17.49 -57.21 11.89
N GLN H 375 -17.06 -55.97 12.12
CA GLN H 375 -17.96 -54.83 12.14
C GLN H 375 -18.02 -54.09 10.81
N VAL H 376 -17.20 -54.46 9.83
CA VAL H 376 -17.31 -53.93 8.49
C VAL H 376 -18.23 -54.84 7.68
N LYS H 377 -18.76 -54.30 6.59
CA LYS H 377 -19.76 -55.03 5.81
C LYS H 377 -19.15 -56.26 5.16
N LEU H 378 -19.76 -57.42 5.40
CA LEU H 378 -19.28 -58.70 4.92
C LEU H 378 -20.30 -59.27 3.94
N ILE H 379 -20.08 -59.02 2.65
CA ILE H 379 -20.95 -59.49 1.59
C ILE H 379 -20.18 -60.53 0.77
N ALA H 380 -20.85 -61.61 0.40
CA ALA H 380 -20.20 -62.74 -0.24
C ALA H 380 -20.88 -63.09 -1.56
N GLU H 381 -20.07 -63.62 -2.48
CA GLU H 381 -20.58 -64.30 -3.67
C GLU H 381 -20.60 -65.80 -3.35
N PRO H 382 -21.76 -66.33 -2.96
CA PRO H 382 -21.80 -67.67 -2.34
C PRO H 382 -21.89 -68.81 -3.35
N TRP H 383 -20.89 -68.89 -4.23
CA TRP H 383 -20.78 -70.01 -5.16
C TRP H 383 -19.38 -70.01 -5.75
N ASP H 384 -19.02 -71.13 -6.37
CA ASP H 384 -17.74 -71.30 -7.05
C ASP H 384 -17.83 -72.55 -7.92
N VAL H 385 -16.85 -72.71 -8.80
CA VAL H 385 -16.95 -73.68 -9.88
C VAL H 385 -16.47 -75.07 -9.44
N GLY H 386 -16.26 -75.25 -8.13
CA GLY H 386 -15.84 -76.53 -7.62
C GLY H 386 -17.02 -77.39 -7.17
N GLU H 387 -16.71 -78.65 -6.84
CA GLU H 387 -17.74 -79.58 -6.38
C GLU H 387 -18.41 -79.07 -5.12
N GLY H 388 -19.75 -79.09 -5.13
CA GLY H 388 -20.50 -78.50 -4.04
C GLY H 388 -20.27 -77.01 -3.95
N GLY H 389 -20.47 -76.32 -5.07
CA GLY H 389 -20.20 -74.89 -5.15
C GLY H 389 -21.38 -74.03 -4.77
N TYR H 390 -22.57 -74.36 -5.27
CA TYR H 390 -23.75 -73.53 -5.06
C TYR H 390 -24.11 -73.51 -3.58
N GLN H 391 -23.89 -72.38 -2.92
CA GLN H 391 -24.11 -72.23 -1.49
C GLN H 391 -25.00 -71.05 -1.17
N VAL H 392 -25.90 -70.70 -2.10
CA VAL H 392 -26.75 -69.53 -1.93
C VAL H 392 -27.69 -69.79 -0.76
N GLY H 393 -27.48 -69.07 0.34
CA GLY H 393 -28.25 -69.29 1.54
C GLY H 393 -27.63 -70.23 2.54
N ASN H 394 -26.29 -70.32 2.56
CA ASN H 394 -25.61 -71.28 3.43
C ASN H 394 -24.52 -70.68 4.28
N PHE H 395 -24.01 -69.48 3.97
CA PHE H 395 -22.87 -68.91 4.66
C PHE H 395 -23.19 -68.65 6.13
N PRO H 396 -22.17 -68.44 6.95
CA PRO H 396 -22.40 -68.18 8.39
C PRO H 396 -23.36 -67.03 8.61
N PRO H 397 -23.95 -66.93 9.81
CA PRO H 397 -25.00 -65.91 10.02
C PRO H 397 -24.49 -64.49 9.88
N LEU H 398 -23.21 -64.24 10.13
CA LEU H 398 -22.67 -62.88 10.00
C LEU H 398 -22.52 -62.44 8.55
N TRP H 399 -22.68 -63.34 7.59
CA TRP H 399 -22.44 -63.01 6.19
C TRP H 399 -23.73 -62.59 5.48
N THR H 400 -23.57 -61.66 4.56
CA THR H 400 -24.61 -61.24 3.63
C THR H 400 -24.27 -61.77 2.24
N GLU H 401 -25.30 -62.10 1.47
CA GLU H 401 -25.08 -62.86 0.24
C GLU H 401 -25.66 -62.14 -0.97
N TRP H 402 -25.01 -62.37 -2.11
CA TRP H 402 -25.57 -62.01 -3.41
C TRP H 402 -26.74 -62.95 -3.73
N ASN H 403 -27.94 -62.40 -3.82
CA ASN H 403 -29.14 -63.19 -4.08
C ASN H 403 -29.14 -63.61 -5.54
N GLY H 404 -28.36 -64.65 -5.83
CA GLY H 404 -28.29 -65.17 -7.19
C GLY H 404 -29.65 -65.60 -7.72
N LYS H 405 -30.45 -66.25 -6.87
CA LYS H 405 -31.79 -66.62 -7.28
C LYS H 405 -32.71 -65.41 -7.44
N TYR H 406 -32.34 -64.25 -6.89
CA TYR H 406 -33.09 -63.04 -7.22
C TYR H 406 -32.76 -62.57 -8.63
N ARG H 407 -31.52 -62.74 -9.07
CA ARG H 407 -31.16 -62.43 -10.44
C ARG H 407 -32.03 -63.25 -11.41
N ASP H 408 -31.93 -64.57 -11.32
CA ASP H 408 -32.52 -65.43 -12.35
C ASP H 408 -34.03 -65.58 -12.22
N CYS H 409 -34.58 -65.43 -11.02
CA CYS H 409 -36.01 -65.61 -10.83
C CYS H 409 -36.80 -64.31 -10.87
N VAL H 410 -36.13 -63.17 -11.02
CA VAL H 410 -36.78 -61.92 -11.37
C VAL H 410 -36.60 -61.60 -12.84
N ARG H 411 -35.39 -61.79 -13.38
CA ARG H 411 -35.17 -61.77 -14.81
C ARG H 411 -36.10 -62.73 -15.55
N ASP H 412 -36.58 -63.78 -14.85
CA ASP H 412 -37.49 -64.75 -15.47
C ASP H 412 -38.91 -64.23 -15.51
N LEU H 413 -39.37 -63.57 -14.43
CA LEU H 413 -40.75 -63.10 -14.37
C LEU H 413 -41.04 -62.11 -15.50
N TRP H 414 -40.20 -61.09 -15.64
CA TRP H 414 -40.38 -60.14 -16.73
C TRP H 414 -39.96 -60.71 -18.08
N ARG H 415 -39.17 -61.78 -18.08
CA ARG H 415 -38.97 -62.57 -19.29
C ARG H 415 -40.27 -63.23 -19.73
N GLY H 416 -41.23 -63.39 -18.81
CA GLY H 416 -42.52 -63.96 -19.11
C GLY H 416 -42.67 -65.41 -18.69
N GLU H 417 -41.55 -66.16 -18.66
CA GLU H 417 -41.53 -67.61 -18.43
C GLU H 417 -42.41 -68.01 -17.26
N PRO H 418 -43.04 -69.20 -17.30
CA PRO H 418 -44.07 -69.52 -16.31
C PRO H 418 -43.49 -69.84 -14.93
N ARG H 419 -42.55 -69.01 -14.49
CA ARG H 419 -42.01 -69.13 -13.15
C ARG H 419 -43.10 -68.74 -12.15
N THR H 420 -43.50 -69.70 -11.34
CA THR H 420 -44.57 -69.48 -10.36
C THR H 420 -44.34 -68.19 -9.59
N LEU H 421 -45.42 -67.45 -9.37
CA LEU H 421 -45.31 -66.23 -8.57
C LEU H 421 -44.84 -66.52 -7.15
N ALA H 422 -44.84 -67.78 -6.72
CA ALA H 422 -44.15 -68.13 -5.48
C ALA H 422 -42.65 -67.96 -5.63
N GLU H 423 -42.10 -68.32 -6.79
CA GLU H 423 -40.68 -68.13 -7.08
C GLU H 423 -40.29 -66.65 -7.13
N PHE H 424 -41.26 -65.75 -7.21
CA PHE H 424 -40.99 -64.31 -7.18
C PHE H 424 -41.48 -63.64 -5.91
N ALA H 425 -42.67 -64.01 -5.42
CA ALA H 425 -43.20 -63.42 -4.19
C ALA H 425 -42.21 -63.59 -3.04
N SER H 426 -41.57 -64.75 -2.95
CA SER H 426 -40.60 -64.98 -1.88
C SER H 426 -39.37 -64.10 -2.03
N ARG H 427 -38.99 -63.76 -3.27
CA ARG H 427 -37.86 -62.87 -3.46
C ARG H 427 -38.20 -61.43 -3.08
N LEU H 428 -39.43 -61.00 -3.41
CA LEU H 428 -39.93 -59.71 -2.92
C LEU H 428 -39.88 -59.65 -1.40
N THR H 429 -40.27 -60.74 -0.74
CA THR H 429 -40.35 -60.79 0.72
C THR H 429 -38.97 -60.79 1.38
N GLY H 430 -37.90 -60.91 0.61
CA GLY H 430 -36.57 -60.97 1.19
C GLY H 430 -36.07 -62.38 1.41
N SER H 431 -36.41 -63.27 0.47
CA SER H 431 -35.95 -64.66 0.48
C SER H 431 -36.26 -65.34 1.80
N SER H 432 -37.57 -65.50 2.05
CA SER H 432 -38.03 -66.18 3.26
C SER H 432 -37.40 -67.56 3.39
N ASP H 433 -37.22 -68.25 2.27
CA ASP H 433 -36.68 -69.61 2.31
C ASP H 433 -35.17 -69.62 2.54
N LEU H 434 -34.43 -68.69 1.92
CA LEU H 434 -32.98 -68.75 1.98
C LEU H 434 -32.46 -68.32 3.36
N TYR H 435 -32.98 -67.22 3.90
CA TYR H 435 -32.27 -66.50 4.94
C TYR H 435 -33.00 -66.41 6.28
N GLN H 436 -34.20 -66.97 6.40
CA GLN H 436 -34.88 -66.94 7.70
C GLN H 436 -34.36 -68.03 8.62
N ASP H 437 -34.48 -69.28 8.21
CA ASP H 437 -34.11 -70.42 9.04
C ASP H 437 -32.61 -70.49 9.30
N ASP H 438 -31.81 -69.84 8.47
CA ASP H 438 -30.37 -69.76 8.68
C ASP H 438 -30.00 -68.87 9.86
N GLY H 439 -30.98 -68.28 10.53
CA GLY H 439 -30.74 -67.40 11.65
C GLY H 439 -30.52 -65.94 11.28
N ARG H 440 -30.83 -65.55 10.05
CA ARG H 440 -30.49 -64.23 9.54
C ARG H 440 -31.72 -63.33 9.47
N ARG H 441 -31.52 -62.16 8.88
CA ARG H 441 -32.51 -61.14 8.61
C ARG H 441 -32.79 -61.06 7.12
N PRO H 442 -33.85 -60.34 6.70
CA PRO H 442 -34.03 -60.16 5.26
C PRO H 442 -32.93 -59.32 4.61
N LEU H 443 -32.22 -58.52 5.40
CA LEU H 443 -31.11 -57.72 4.91
C LEU H 443 -29.92 -58.59 4.51
N ALA H 444 -30.07 -59.91 4.65
CA ALA H 444 -29.05 -60.84 4.21
C ALA H 444 -29.02 -61.04 2.69
N SER H 445 -30.03 -60.53 1.98
CA SER H 445 -30.14 -60.71 0.54
C SER H 445 -29.76 -59.42 -0.17
N VAL H 446 -28.60 -59.43 -0.84
CA VAL H 446 -28.19 -58.32 -1.69
C VAL H 446 -28.83 -58.56 -3.06
N ASN H 447 -29.97 -57.92 -3.28
CA ASN H 447 -30.74 -58.16 -4.50
C ASN H 447 -30.20 -57.32 -5.65
N PHE H 448 -30.25 -57.89 -6.85
CA PHE H 448 -29.76 -57.22 -8.05
C PHE H 448 -30.35 -57.91 -9.26
N VAL H 449 -30.54 -57.15 -10.33
CA VAL H 449 -31.08 -57.67 -11.57
C VAL H 449 -29.94 -57.84 -12.56
N THR H 450 -28.93 -56.97 -12.45
CA THR H 450 -27.74 -57.05 -13.28
C THR H 450 -26.52 -56.66 -12.45
N CYS H 451 -25.35 -57.07 -12.93
CA CYS H 451 -24.09 -56.80 -12.25
C CYS H 451 -22.99 -56.70 -13.30
N HIS H 452 -21.74 -56.76 -12.85
CA HIS H 452 -20.62 -56.71 -13.78
C HIS H 452 -20.56 -57.96 -14.65
N ASP H 453 -21.03 -59.09 -14.14
CA ASP H 453 -21.19 -60.28 -14.96
C ASP H 453 -22.43 -60.13 -15.84
N GLY H 454 -22.45 -60.90 -16.92
CA GLY H 454 -23.64 -60.96 -17.75
C GLY H 454 -23.99 -59.62 -18.39
N PHE H 455 -25.28 -59.50 -18.72
CA PHE H 455 -25.78 -58.32 -19.40
C PHE H 455 -26.00 -57.17 -18.43
N THR H 456 -25.91 -55.95 -18.95
CA THR H 456 -26.35 -54.76 -18.23
C THR H 456 -27.85 -54.59 -18.48
N LEU H 457 -28.42 -53.46 -18.05
CA LEU H 457 -29.88 -53.34 -18.08
C LEU H 457 -30.43 -52.99 -19.46
N ARG H 458 -29.61 -52.46 -20.37
CA ARG H 458 -30.07 -52.32 -21.74
C ARG H 458 -29.87 -53.61 -22.52
N ASP H 459 -28.71 -54.25 -22.36
CA ASP H 459 -28.44 -55.51 -23.04
C ASP H 459 -29.09 -56.70 -22.37
N LEU H 460 -29.87 -56.49 -21.31
CA LEU H 460 -30.73 -57.54 -20.78
C LEU H 460 -32.09 -57.55 -21.44
N VAL H 461 -32.51 -56.43 -22.02
CA VAL H 461 -33.81 -56.32 -22.68
C VAL H 461 -33.69 -56.25 -24.19
N SER H 462 -32.48 -56.24 -24.74
CA SER H 462 -32.28 -56.06 -26.17
C SER H 462 -31.70 -57.27 -26.89
N TYR H 463 -31.10 -58.22 -26.18
CA TYR H 463 -30.45 -59.37 -26.79
C TYR H 463 -30.94 -60.65 -26.12
N ASN H 464 -31.08 -61.71 -26.93
CA ASN H 464 -31.44 -63.01 -26.37
C ASN H 464 -30.22 -63.77 -25.88
N GLU H 465 -29.06 -63.57 -26.50
CA GLU H 465 -27.87 -64.33 -26.13
C GLU H 465 -26.63 -63.47 -26.34
N LYS H 466 -25.50 -64.03 -25.94
CA LYS H 466 -24.25 -63.28 -25.89
C LYS H 466 -23.69 -63.03 -27.28
N ARG H 467 -22.90 -61.98 -27.40
CA ARG H 467 -22.19 -61.61 -28.63
C ARG H 467 -20.74 -61.27 -28.30
N ASN H 468 -20.08 -62.17 -27.56
CA ASN H 468 -18.77 -61.92 -26.97
C ASN H 468 -17.61 -62.29 -27.88
N GLU H 469 -17.80 -62.23 -29.21
CA GLU H 469 -16.69 -62.53 -30.11
C GLU H 469 -15.51 -61.59 -29.88
N ALA H 470 -15.76 -60.36 -29.43
CA ALA H 470 -14.69 -59.40 -29.21
C ALA H 470 -13.76 -59.81 -28.07
N ASN H 471 -14.19 -60.70 -27.18
CA ASN H 471 -13.32 -61.18 -26.12
C ASN H 471 -12.19 -62.08 -26.63
N GLY H 472 -12.13 -62.34 -27.93
CA GLY H 472 -11.10 -63.17 -28.51
C GLY H 472 -11.37 -64.67 -28.45
N GLU H 473 -12.24 -65.12 -27.54
CA GLU H 473 -12.47 -66.54 -27.34
C GLU H 473 -13.54 -67.11 -28.24
N GLY H 474 -14.04 -66.34 -29.21
CA GLY H 474 -15.06 -66.80 -30.11
C GLY H 474 -16.33 -67.29 -29.44
N ASN H 475 -16.87 -66.46 -28.54
CA ASN H 475 -18.21 -66.63 -27.98
C ASN H 475 -18.31 -67.86 -27.07
N ARG H 476 -17.26 -68.16 -26.31
CA ARG H 476 -17.29 -69.26 -25.36
C ARG H 476 -17.32 -68.80 -23.91
N ASP H 477 -17.23 -67.49 -23.68
CA ASP H 477 -17.16 -66.94 -22.33
C ASP H 477 -18.53 -66.41 -21.89
N GLY H 478 -18.66 -66.23 -20.58
CA GLY H 478 -19.89 -65.69 -20.02
C GLY H 478 -21.04 -66.68 -19.96
N GLU H 479 -22.07 -66.35 -19.19
CA GLU H 479 -23.22 -67.23 -19.08
C GLU H 479 -23.90 -67.39 -20.43
N ASN H 480 -24.44 -68.59 -20.66
CA ASN H 480 -24.90 -68.96 -22.00
C ASN H 480 -26.28 -68.39 -22.29
N TYR H 481 -27.28 -68.74 -21.48
CA TYR H 481 -28.61 -68.14 -21.58
C TYR H 481 -28.87 -67.37 -20.30
N ASN H 482 -28.90 -66.04 -20.42
CA ASN H 482 -28.95 -65.14 -19.28
C ASN H 482 -30.37 -64.81 -18.85
N ARG H 483 -31.36 -65.60 -19.26
CA ARG H 483 -32.77 -65.35 -18.97
C ARG H 483 -33.15 -63.93 -19.37
N SER H 484 -32.81 -63.59 -20.62
CA SER H 484 -33.03 -62.27 -21.18
C SER H 484 -34.04 -62.35 -22.31
N TRP H 485 -34.75 -61.24 -22.53
CA TRP H 485 -35.75 -61.14 -23.59
C TRP H 485 -35.42 -59.94 -24.47
N ASN H 486 -35.02 -60.21 -25.71
CA ASN H 486 -34.58 -59.19 -26.67
C ASN H 486 -35.65 -58.15 -26.98
N CYS H 487 -36.91 -58.41 -26.59
CA CYS H 487 -38.02 -57.48 -26.82
C CYS H 487 -38.35 -57.32 -28.29
N GLY H 488 -38.35 -58.43 -29.03
CA GLY H 488 -38.81 -58.44 -30.41
C GLY H 488 -37.78 -58.15 -31.46
N GLU H 489 -36.53 -57.86 -31.08
CA GLU H 489 -35.47 -57.61 -32.05
C GLU H 489 -34.14 -57.68 -31.32
N GLU H 490 -33.17 -58.36 -31.94
CA GLU H 490 -31.88 -58.61 -31.32
C GLU H 490 -30.92 -57.50 -31.74
N GLY H 491 -30.52 -56.69 -30.76
CA GLY H 491 -29.76 -55.49 -31.04
C GLY H 491 -30.65 -54.26 -31.06
N GLU H 492 -30.06 -53.14 -31.46
CA GLU H 492 -30.83 -51.90 -31.58
C GLU H 492 -31.93 -52.07 -32.62
N THR H 493 -32.98 -51.25 -32.48
CA THR H 493 -34.08 -51.27 -33.42
C THR H 493 -34.60 -49.86 -33.63
N GLU H 494 -35.23 -49.66 -34.79
CA GLU H 494 -35.86 -48.41 -35.15
C GLU H 494 -37.34 -48.39 -34.78
N ASP H 495 -37.93 -49.56 -34.54
CA ASP H 495 -39.31 -49.66 -34.09
C ASP H 495 -39.50 -48.91 -32.79
N VAL H 496 -40.37 -47.90 -32.79
CA VAL H 496 -40.69 -47.18 -31.57
C VAL H 496 -41.37 -48.10 -30.56
N GLY H 497 -42.04 -49.14 -31.05
CA GLY H 497 -42.66 -50.09 -30.14
C GLY H 497 -41.60 -50.95 -29.45
N ILE H 498 -40.56 -51.32 -30.17
CA ILE H 498 -39.50 -52.15 -29.59
C ILE H 498 -38.69 -51.35 -28.58
N THR H 499 -38.36 -50.11 -28.91
CA THR H 499 -37.56 -49.29 -28.01
C THR H 499 -38.29 -48.87 -26.74
N GLU H 500 -39.59 -48.57 -26.85
CA GLU H 500 -40.36 -48.21 -25.67
C GLU H 500 -40.60 -49.41 -24.76
N LEU H 501 -40.81 -50.59 -25.34
CA LEU H 501 -40.91 -51.80 -24.54
C LEU H 501 -39.60 -52.08 -23.81
N ARG H 502 -38.48 -51.66 -24.39
CA ARG H 502 -37.18 -51.83 -23.75
C ARG H 502 -36.95 -50.81 -22.65
N ALA H 503 -37.24 -49.53 -22.94
CA ALA H 503 -37.07 -48.49 -21.93
C ALA H 503 -38.09 -48.59 -20.80
N ARG H 504 -39.13 -49.40 -20.98
CA ARG H 504 -40.12 -49.66 -19.94
C ARG H 504 -39.80 -50.93 -19.16
N GLN H 505 -39.27 -51.96 -19.83
CA GLN H 505 -38.77 -53.12 -19.11
C GLN H 505 -37.68 -52.74 -18.14
N MET H 506 -36.80 -51.81 -18.53
CA MET H 506 -35.82 -51.27 -17.60
C MET H 506 -36.51 -50.62 -16.41
N ARG H 507 -37.66 -49.97 -16.66
CA ARG H 507 -38.44 -49.41 -15.58
C ARG H 507 -39.00 -50.49 -14.66
N ASN H 508 -39.25 -51.69 -15.19
CA ASN H 508 -39.75 -52.78 -14.35
C ASN H 508 -38.65 -53.38 -13.50
N PHE H 509 -37.48 -53.66 -14.11
CA PHE H 509 -36.40 -54.30 -13.37
C PHE H 509 -35.95 -53.45 -12.19
N LEU H 510 -35.71 -52.16 -12.43
CA LEU H 510 -35.31 -51.26 -11.36
C LEU H 510 -36.39 -51.15 -10.29
N ALA H 511 -37.63 -50.91 -10.70
CA ALA H 511 -38.72 -50.72 -9.74
C ALA H 511 -38.88 -51.95 -8.85
N THR H 512 -38.94 -53.13 -9.46
CA THR H 512 -39.01 -54.37 -8.68
C THR H 512 -37.86 -54.46 -7.67
N LEU H 513 -36.68 -53.96 -8.06
CA LEU H 513 -35.50 -54.08 -7.21
C LEU H 513 -35.58 -53.14 -6.01
N MET H 514 -36.16 -51.96 -6.18
CA MET H 514 -36.27 -50.99 -5.10
C MET H 514 -37.55 -51.14 -4.30
N LEU H 515 -38.34 -52.17 -4.57
CA LEU H 515 -39.51 -52.50 -3.78
C LEU H 515 -39.39 -53.86 -3.10
N SER H 516 -38.35 -54.62 -3.42
CA SER H 516 -38.11 -55.89 -2.74
C SER H 516 -37.35 -55.66 -1.45
N GLN H 517 -37.51 -56.60 -0.52
CA GLN H 517 -36.77 -56.54 0.73
C GLN H 517 -35.29 -56.86 0.47
N GLY H 518 -34.48 -56.65 1.50
CA GLY H 518 -33.05 -56.85 1.37
C GLY H 518 -32.31 -55.56 1.11
N VAL H 519 -31.14 -55.69 0.51
CA VAL H 519 -30.30 -54.54 0.21
C VAL H 519 -30.04 -54.50 -1.30
N PRO H 520 -30.54 -53.48 -2.00
CA PRO H 520 -30.45 -53.47 -3.46
C PRO H 520 -29.03 -53.23 -3.94
N MET H 521 -28.84 -53.47 -5.23
CA MET H 521 -27.54 -53.26 -5.87
C MET H 521 -27.76 -52.80 -7.30
N LEU H 522 -27.02 -51.76 -7.69
CA LEU H 522 -27.04 -51.24 -9.05
C LEU H 522 -25.63 -51.33 -9.63
N SER H 523 -25.54 -51.77 -10.88
CA SER H 523 -24.27 -51.71 -11.60
C SER H 523 -24.13 -50.33 -12.25
N HIS H 524 -22.87 -49.97 -12.54
CA HIS H 524 -22.60 -48.64 -13.09
C HIS H 524 -23.11 -48.55 -14.52
N GLY H 525 -24.13 -47.73 -14.72
CA GLY H 525 -24.64 -47.45 -16.05
C GLY H 525 -26.13 -47.68 -16.26
N ASP H 526 -26.76 -48.44 -15.35
CA ASP H 526 -28.16 -48.79 -15.53
C ASP H 526 -29.10 -47.59 -15.46
N GLU H 527 -28.65 -46.47 -14.87
CA GLU H 527 -29.49 -45.28 -14.85
C GLU H 527 -29.56 -44.62 -16.23
N PHE H 528 -28.50 -44.78 -17.04
CA PHE H 528 -28.44 -44.18 -18.36
C PHE H 528 -28.84 -45.12 -19.47
N GLY H 529 -28.83 -46.42 -19.21
CA GLY H 529 -29.02 -47.40 -20.26
C GLY H 529 -27.70 -47.84 -20.84
N ARG H 530 -26.78 -48.25 -19.96
CA ARG H 530 -25.45 -48.63 -20.40
C ARG H 530 -25.50 -49.84 -21.31
N THR H 531 -24.77 -49.77 -22.42
CA THR H 531 -24.77 -50.82 -23.43
C THR H 531 -23.35 -51.32 -23.63
N GLN H 532 -23.20 -52.64 -23.67
CA GLN H 532 -21.94 -53.29 -24.03
C GLN H 532 -22.02 -53.99 -25.38
N GLY H 533 -23.03 -53.65 -26.18
CA GLY H 533 -23.22 -54.27 -27.47
C GLY H 533 -23.67 -55.71 -27.44
N GLY H 534 -24.09 -56.21 -26.28
CA GLY H 534 -24.40 -57.61 -26.11
C GLY H 534 -23.30 -58.43 -25.50
N ASN H 535 -22.19 -57.80 -25.11
CA ASN H 535 -21.08 -58.50 -24.47
C ASN H 535 -21.44 -58.72 -23.01
N ASN H 536 -21.68 -59.97 -22.64
CA ASN H 536 -22.04 -60.32 -21.28
C ASN H 536 -20.85 -60.81 -20.47
N ASN H 537 -19.63 -60.71 -21.02
CA ASN H 537 -18.42 -61.01 -20.25
C ASN H 537 -17.33 -60.09 -20.81
N ALA H 538 -17.19 -58.92 -20.20
CA ALA H 538 -16.39 -57.83 -20.72
C ALA H 538 -15.02 -57.72 -20.06
N TYR H 539 -14.54 -58.79 -19.44
CA TYR H 539 -13.34 -58.71 -18.60
C TYR H 539 -12.11 -58.27 -19.37
N CYS H 540 -12.12 -58.37 -20.70
CA CYS H 540 -10.96 -57.98 -21.50
C CYS H 540 -11.26 -56.80 -22.41
N GLN H 541 -12.29 -56.02 -22.11
CA GLN H 541 -12.68 -54.87 -22.93
C GLN H 541 -12.48 -53.58 -22.13
N ASP H 542 -11.30 -53.01 -22.24
CA ASP H 542 -11.00 -51.69 -21.66
C ASP H 542 -11.12 -50.62 -22.74
N ASN H 543 -12.34 -50.42 -23.22
CA ASN H 543 -12.58 -49.54 -24.36
C ASN H 543 -14.02 -49.07 -24.33
N GLU H 544 -14.48 -48.52 -25.47
CA GLU H 544 -15.81 -47.93 -25.57
C GLU H 544 -16.92 -48.92 -25.24
N VAL H 545 -16.63 -50.22 -25.26
CA VAL H 545 -17.65 -51.23 -24.97
C VAL H 545 -18.12 -51.11 -23.53
N SER H 546 -17.18 -51.08 -22.58
CA SER H 546 -17.51 -51.17 -21.17
C SER H 546 -17.35 -49.86 -20.42
N TRP H 547 -16.70 -48.86 -21.01
CA TRP H 547 -16.67 -47.52 -20.42
C TRP H 547 -18.06 -46.91 -20.42
N VAL H 548 -18.41 -46.25 -19.31
CA VAL H 548 -19.72 -45.62 -19.23
C VAL H 548 -19.74 -44.39 -20.13
N ARG H 549 -20.80 -44.26 -20.93
CA ARG H 549 -21.08 -42.98 -21.53
C ARG H 549 -21.69 -42.05 -20.47
N TRP H 550 -21.75 -40.77 -20.78
CA TRP H 550 -22.45 -39.86 -19.89
C TRP H 550 -23.47 -39.08 -20.69
N PRO H 551 -24.69 -38.98 -20.22
CA PRO H 551 -25.81 -38.63 -21.09
C PRO H 551 -25.81 -37.16 -21.48
N LYS H 552 -26.41 -36.91 -22.65
CA LYS H 552 -26.75 -35.56 -23.07
C LYS H 552 -28.11 -35.51 -23.77
N GLU H 556 -32.54 -37.11 -24.28
CA GLU H 556 -33.85 -37.18 -23.65
C GLU H 556 -34.08 -38.53 -22.99
N ALA H 557 -33.88 -39.62 -23.73
CA ALA H 557 -34.21 -40.95 -23.23
C ALA H 557 -33.38 -41.30 -21.99
N GLU H 558 -32.09 -41.00 -22.01
CA GLU H 558 -31.21 -41.35 -20.90
C GLU H 558 -31.27 -40.35 -19.76
N ALA H 559 -31.95 -39.21 -19.93
CA ALA H 559 -32.21 -38.30 -18.83
C ALA H 559 -33.55 -38.57 -18.16
N THR H 560 -34.51 -39.11 -18.91
CA THR H 560 -35.78 -39.52 -18.31
C THR H 560 -35.59 -40.80 -17.51
N LEU H 561 -34.79 -41.74 -18.01
CA LEU H 561 -34.53 -42.99 -17.29
C LEU H 561 -33.74 -42.73 -16.02
N LEU H 562 -32.83 -41.75 -16.04
CA LEU H 562 -32.03 -41.46 -14.87
C LEU H 562 -32.90 -40.92 -13.73
N ARG H 563 -33.83 -40.02 -14.04
CA ARG H 563 -34.71 -39.49 -13.01
C ARG H 563 -35.84 -40.45 -12.66
N PHE H 564 -36.10 -41.45 -13.50
CA PHE H 564 -36.89 -42.60 -13.04
C PHE H 564 -36.20 -43.27 -11.86
N THR H 565 -34.91 -43.59 -12.02
CA THR H 565 -34.19 -44.36 -11.03
C THR H 565 -33.84 -43.53 -9.80
N ARG H 566 -33.52 -42.24 -10.01
CA ARG H 566 -33.28 -41.35 -8.89
C ARG H 566 -34.48 -41.29 -7.94
N SER H 567 -35.69 -41.46 -8.48
CA SER H 567 -36.91 -41.31 -7.70
C SER H 567 -37.47 -42.62 -7.17
N MET H 568 -37.03 -43.77 -7.70
CA MET H 568 -37.45 -45.03 -7.10
C MET H 568 -36.69 -45.31 -5.81
N VAL H 569 -35.39 -45.00 -5.80
CA VAL H 569 -34.62 -45.08 -4.56
C VAL H 569 -35.16 -44.09 -3.55
N ARG H 570 -35.75 -42.99 -4.02
CA ARG H 570 -36.41 -42.04 -3.13
C ARG H 570 -37.50 -42.71 -2.31
N LEU H 571 -38.41 -43.42 -2.98
CA LEU H 571 -39.50 -44.10 -2.28
C LEU H 571 -38.97 -45.06 -1.23
N ARG H 572 -37.80 -45.66 -1.46
CA ARG H 572 -37.25 -46.59 -0.48
C ARG H 572 -36.70 -45.83 0.73
N ARG H 573 -36.10 -44.66 0.51
CA ARG H 573 -35.57 -43.88 1.62
C ARG H 573 -36.70 -43.34 2.50
N GLU H 574 -37.69 -42.70 1.89
CA GLU H 574 -38.75 -42.03 2.62
C GLU H 574 -39.87 -42.97 3.07
N HIS H 575 -39.77 -44.26 2.77
CA HIS H 575 -40.81 -45.23 3.13
C HIS H 575 -40.12 -46.51 3.60
N PRO H 576 -40.04 -46.73 4.91
CA PRO H 576 -39.22 -47.83 5.44
C PRO H 576 -39.83 -49.21 5.27
N VAL H 577 -41.10 -49.33 4.86
CA VAL H 577 -41.69 -50.65 4.64
C VAL H 577 -40.88 -51.44 3.63
N PHE H 578 -40.44 -50.77 2.55
CA PHE H 578 -39.67 -51.41 1.49
C PHE H 578 -38.30 -51.89 1.96
N ARG H 579 -37.87 -51.50 3.15
CA ARG H 579 -36.54 -51.84 3.68
C ARG H 579 -36.67 -52.39 5.10
N ARG H 580 -37.57 -53.35 5.29
CA ARG H 580 -37.86 -53.86 6.63
C ARG H 580 -36.69 -54.67 7.18
N ARG H 581 -36.73 -54.87 8.50
CA ARG H 581 -35.72 -55.64 9.22
C ARG H 581 -36.18 -57.03 9.62
N ARG H 582 -37.42 -57.39 9.33
CA ARG H 582 -37.95 -58.69 9.74
C ARG H 582 -38.79 -59.28 8.61
N PHE H 583 -39.16 -60.55 8.77
CA PHE H 583 -39.84 -61.30 7.72
C PHE H 583 -41.34 -61.17 7.91
N PHE H 584 -42.04 -60.72 6.86
CA PHE H 584 -43.49 -60.60 6.88
C PHE H 584 -44.14 -61.92 7.23
N HIS H 585 -45.18 -61.88 8.08
CA HIS H 585 -45.93 -63.07 8.44
C HIS H 585 -47.39 -63.02 8.02
N GLY H 586 -48.07 -61.88 8.21
CA GLY H 586 -49.33 -61.62 7.54
C GLY H 586 -50.54 -62.41 8.02
N ARG H 587 -50.39 -63.39 8.90
CA ARG H 587 -51.53 -64.12 9.44
C ARG H 587 -51.33 -64.38 10.92
N PRO H 588 -51.81 -63.49 11.78
CA PRO H 588 -51.76 -63.76 13.23
C PRO H 588 -52.69 -64.92 13.58
N VAL H 589 -52.22 -65.77 14.49
CA VAL H 589 -52.97 -66.97 14.86
C VAL H 589 -53.20 -66.99 16.37
N LEU H 596 -52.53 -58.44 13.71
CA LEU H 596 -52.33 -57.49 12.63
C LEU H 596 -51.63 -58.13 11.43
N THR H 597 -52.12 -57.79 10.24
CA THR H 597 -51.60 -58.31 8.98
C THR H 597 -50.56 -57.36 8.42
N ASP H 598 -49.37 -57.87 8.13
CA ASP H 598 -48.30 -57.04 7.60
C ASP H 598 -47.97 -57.34 6.14
N ILE H 599 -48.61 -58.33 5.52
CA ILE H 599 -48.49 -58.54 4.08
C ILE H 599 -49.74 -59.27 3.61
N ALA H 600 -50.12 -59.03 2.35
CA ALA H 600 -51.32 -59.62 1.78
C ALA H 600 -51.09 -59.87 0.30
N TRP H 601 -51.73 -60.93 -0.21
CA TRP H 601 -51.54 -61.39 -1.58
C TRP H 601 -52.90 -61.56 -2.24
N PHE H 602 -53.17 -60.75 -3.25
CA PHE H 602 -54.41 -60.81 -4.01
C PHE H 602 -54.15 -61.20 -5.46
N THR H 603 -55.20 -61.69 -6.11
CA THR H 603 -55.27 -61.86 -7.55
C THR H 603 -55.67 -60.51 -8.17
N PRO H 604 -55.21 -60.21 -9.39
CA PRO H 604 -55.74 -59.02 -10.08
C PRO H 604 -57.25 -58.96 -10.12
N GLU H 605 -57.93 -60.10 -10.02
CA GLU H 605 -59.38 -60.15 -9.83
C GLU H 605 -59.83 -59.31 -8.64
N GLY H 606 -58.93 -59.06 -7.69
CA GLY H 606 -59.19 -58.20 -6.55
C GLY H 606 -59.32 -58.93 -5.24
N GLU H 607 -59.48 -60.25 -5.26
CA GLU H 607 -59.69 -61.04 -4.05
C GLU H 607 -58.42 -61.77 -3.66
N GLU H 608 -58.45 -62.31 -2.45
CA GLU H 608 -57.27 -62.97 -1.88
C GLU H 608 -57.03 -64.31 -2.55
N MET H 609 -55.76 -64.65 -2.76
CA MET H 609 -55.42 -65.89 -3.41
C MET H 609 -55.53 -67.06 -2.44
N THR H 610 -55.45 -68.27 -3.00
CA THR H 610 -55.55 -69.51 -2.25
C THR H 610 -54.27 -70.31 -2.41
N SER H 611 -54.29 -71.55 -1.91
CA SER H 611 -53.16 -72.44 -2.11
C SER H 611 -53.08 -72.94 -3.54
N ARG H 612 -54.23 -73.11 -4.20
CA ARG H 612 -54.25 -73.52 -5.60
C ARG H 612 -54.08 -72.35 -6.57
N ASP H 613 -54.56 -71.16 -6.20
CA ASP H 613 -54.26 -69.98 -6.99
C ASP H 613 -52.80 -69.56 -6.86
N TRP H 614 -52.11 -70.04 -5.83
CA TRP H 614 -50.67 -69.80 -5.70
C TRP H 614 -49.87 -70.66 -6.65
N GLN H 615 -50.31 -71.91 -6.86
CA GLN H 615 -49.57 -72.86 -7.69
C GLN H 615 -50.18 -73.04 -9.07
N ALA H 616 -50.92 -72.04 -9.55
CA ALA H 616 -51.36 -72.07 -10.95
C ALA H 616 -50.16 -72.06 -11.87
N ALA H 617 -50.17 -72.94 -12.87
CA ALA H 617 -49.04 -73.02 -13.79
C ALA H 617 -48.85 -71.70 -14.54
N HIS H 618 -49.93 -71.11 -15.02
CA HIS H 618 -49.89 -69.84 -15.74
C HIS H 618 -50.63 -68.80 -14.92
N ALA H 619 -49.91 -68.18 -13.97
CA ALA H 619 -50.41 -67.07 -13.17
C ALA H 619 -49.33 -66.00 -13.16
N GLN H 620 -49.56 -64.91 -13.88
CA GLN H 620 -48.52 -63.91 -14.10
C GLN H 620 -48.95 -62.50 -13.71
N ALA H 621 -49.94 -62.37 -12.83
CA ALA H 621 -50.37 -61.07 -12.35
C ALA H 621 -50.58 -61.14 -10.84
N LEU H 622 -50.38 -60.01 -10.17
CA LEU H 622 -50.29 -60.00 -8.71
C LEU H 622 -50.67 -58.63 -8.17
N THR H 623 -51.19 -58.65 -6.94
CA THR H 623 -51.41 -57.44 -6.15
C THR H 623 -50.90 -57.72 -4.74
N VAL H 624 -50.03 -56.85 -4.24
CA VAL H 624 -49.38 -57.03 -2.94
C VAL H 624 -49.69 -55.83 -2.08
N PHE H 625 -50.24 -56.08 -0.90
CA PHE H 625 -50.53 -55.03 0.07
C PHE H 625 -49.45 -55.04 1.15
N LEU H 626 -48.80 -53.90 1.33
CA LEU H 626 -47.77 -53.73 2.35
C LEU H 626 -48.29 -52.77 3.41
N ASN H 627 -48.47 -53.27 4.63
CA ASN H 627 -49.04 -52.47 5.71
C ASN H 627 -47.96 -51.61 6.35
N GLY H 628 -48.19 -50.29 6.38
CA GLY H 628 -47.22 -49.37 6.94
C GLY H 628 -47.28 -49.20 8.45
N ASN H 629 -48.37 -49.64 9.08
CA ASN H 629 -48.48 -49.60 10.54
C ASN H 629 -47.97 -50.87 11.20
N ALA H 630 -47.85 -51.97 10.44
CA ALA H 630 -47.45 -53.25 10.97
C ALA H 630 -45.94 -53.49 10.89
N ILE H 631 -45.15 -52.42 10.94
CA ILE H 631 -43.70 -52.54 11.09
C ILE H 631 -43.44 -52.78 12.56
N SER H 632 -43.38 -54.06 12.96
CA SER H 632 -43.21 -54.41 14.37
C SER H 632 -41.75 -54.31 14.77
N GLU H 633 -41.12 -53.17 14.50
CA GLU H 633 -39.69 -53.01 14.66
C GLU H 633 -39.39 -51.80 15.52
N PRO H 634 -38.28 -51.83 16.25
CA PRO H 634 -37.81 -50.63 16.95
C PRO H 634 -36.87 -49.81 16.09
N GLY H 635 -36.86 -48.51 16.36
CA GLY H 635 -35.82 -47.65 15.84
C GLY H 635 -34.57 -47.80 16.67
N THR H 636 -33.62 -46.87 16.45
CA THR H 636 -32.43 -46.86 17.29
C THR H 636 -32.75 -46.57 18.75
N GLN H 637 -33.89 -45.93 19.02
CA GLN H 637 -34.26 -45.56 20.38
C GLN H 637 -35.61 -46.10 20.82
N GLY H 638 -36.16 -47.09 20.12
CA GLY H 638 -37.46 -47.65 20.46
C GLY H 638 -38.64 -46.94 19.85
N GLU H 639 -38.40 -45.88 19.09
CA GLU H 639 -39.44 -45.23 18.30
C GLU H 639 -40.18 -46.26 17.44
N ARG H 640 -41.49 -46.09 17.32
CA ARG H 640 -42.28 -46.99 16.49
C ARG H 640 -42.13 -46.57 15.02
N ILE H 641 -41.67 -47.49 14.19
CA ILE H 641 -41.55 -47.24 12.76
C ILE H 641 -42.92 -47.45 12.13
N ALA H 642 -43.52 -46.37 11.65
CA ALA H 642 -44.79 -46.42 10.92
C ALA H 642 -44.57 -45.88 9.52
N ASP H 643 -45.58 -46.04 8.68
CA ASP H 643 -45.49 -45.65 7.28
C ASP H 643 -46.87 -45.70 6.67
N ASP H 644 -47.00 -45.07 5.51
CA ASP H 644 -48.19 -45.27 4.69
C ASP H 644 -48.22 -46.72 4.19
N SER H 645 -49.43 -47.25 4.05
CA SER H 645 -49.60 -48.59 3.49
C SER H 645 -49.50 -48.51 1.97
N PHE H 646 -48.69 -49.39 1.40
CA PHE H 646 -48.48 -49.42 -0.05
C PHE H 646 -49.23 -50.59 -0.67
N LEU H 647 -49.47 -50.46 -1.97
CA LEU H 647 -50.24 -51.46 -2.72
C LEU H 647 -49.59 -51.63 -4.08
N LEU H 648 -48.76 -52.67 -4.22
CA LEU H 648 -48.11 -52.96 -5.49
C LEU H 648 -49.05 -53.78 -6.38
N MET H 649 -48.92 -53.58 -7.68
CA MET H 649 -49.71 -54.33 -8.66
C MET H 649 -48.77 -54.75 -9.79
N PHE H 650 -48.37 -56.03 -9.77
CA PHE H 650 -47.46 -56.56 -10.77
C PHE H 650 -48.24 -57.26 -11.86
N ASN H 651 -47.78 -57.11 -13.10
CA ASN H 651 -48.41 -57.71 -14.26
C ASN H 651 -47.32 -58.14 -15.22
N ALA H 652 -47.06 -59.45 -15.29
CA ALA H 652 -46.12 -60.00 -16.25
C ALA H 652 -46.81 -60.71 -17.40
N SER H 653 -48.09 -60.43 -17.62
CA SER H 653 -48.88 -61.10 -18.64
C SER H 653 -48.86 -60.32 -19.95
N ALA H 654 -49.00 -61.05 -21.06
CA ALA H 654 -48.95 -60.47 -22.40
C ALA H 654 -50.31 -59.94 -22.86
N LYS H 655 -51.18 -59.59 -21.91
CA LYS H 655 -52.52 -59.07 -22.23
C LYS H 655 -52.74 -57.74 -21.53
N GLU H 656 -53.92 -57.17 -21.77
CA GLU H 656 -54.36 -55.94 -21.10
C GLU H 656 -55.31 -56.35 -19.99
N LEU H 657 -54.83 -56.38 -18.76
CA LEU H 657 -55.57 -56.95 -17.64
C LEU H 657 -56.11 -55.85 -16.72
N GLU H 658 -57.29 -56.11 -16.18
CA GLU H 658 -58.05 -55.14 -15.40
C GLU H 658 -57.88 -55.47 -13.92
N PHE H 659 -57.15 -54.60 -13.21
CA PHE H 659 -56.82 -54.84 -11.81
C PHE H 659 -57.82 -54.15 -10.89
N VAL H 660 -58.01 -54.74 -9.71
CA VAL H 660 -58.99 -54.27 -8.74
C VAL H 660 -58.27 -53.89 -7.45
N VAL H 661 -58.63 -52.74 -6.90
CA VAL H 661 -58.04 -52.24 -5.65
C VAL H 661 -58.90 -52.74 -4.49
N PRO H 662 -58.32 -53.46 -3.52
CA PRO H 662 -59.12 -53.90 -2.36
C PRO H 662 -59.55 -52.72 -1.49
N HIS H 665 -62.79 -51.46 -0.63
CA HIS H 665 -63.73 -50.71 -1.47
C HIS H 665 -63.88 -49.25 -1.09
N GLY H 666 -64.12 -48.97 0.20
CA GLY H 666 -64.51 -47.64 0.63
C GLY H 666 -63.56 -46.49 0.33
N ARG H 667 -62.38 -46.52 0.93
CA ARG H 667 -61.48 -45.36 0.96
C ARG H 667 -60.73 -45.23 -0.35
N TYR H 668 -59.78 -44.29 -0.39
CA TYR H 668 -59.06 -43.93 -1.61
C TYR H 668 -57.64 -44.50 -1.61
N TRP H 669 -56.98 -44.37 -2.76
CA TRP H 669 -55.59 -44.77 -2.92
C TRP H 669 -54.91 -43.84 -3.91
N ARG H 670 -53.60 -43.71 -3.77
CA ARG H 670 -52.79 -42.78 -4.55
C ARG H 670 -51.86 -43.58 -5.46
N MET H 671 -52.13 -43.56 -6.76
CA MET H 671 -51.21 -44.16 -7.73
C MET H 671 -49.94 -43.32 -7.78
N VAL H 672 -48.86 -43.83 -7.18
CA VAL H 672 -47.63 -43.06 -7.02
C VAL H 672 -46.59 -43.53 -8.03
N VAL H 673 -46.67 -44.80 -8.43
CA VAL H 673 -45.69 -45.41 -9.33
C VAL H 673 -46.43 -46.12 -10.45
N ASP H 674 -46.02 -45.86 -11.70
CA ASP H 674 -46.49 -46.59 -12.86
C ASP H 674 -45.36 -46.72 -13.85
N THR H 675 -45.18 -47.93 -14.39
CA THR H 675 -44.08 -48.21 -15.30
C THR H 675 -44.41 -47.86 -16.75
N SER H 676 -45.68 -48.04 -17.14
CA SER H 676 -46.01 -48.05 -18.57
C SER H 676 -45.80 -46.69 -19.23
N ASP H 677 -46.20 -45.60 -18.57
CA ASP H 677 -46.18 -44.30 -19.23
C ASP H 677 -44.74 -43.87 -19.50
N PRO H 678 -44.35 -43.19 -20.71
CA PRO H 678 -42.95 -42.56 -21.39
C PRO H 678 -42.44 -41.52 -20.40
N GLU H 679 -43.37 -40.89 -19.67
CA GLU H 679 -42.99 -39.75 -18.80
C GLU H 679 -42.18 -40.20 -17.58
N GLY H 680 -42.37 -41.41 -17.12
CA GLY H 680 -41.59 -41.86 -15.99
C GLY H 680 -42.34 -41.53 -14.72
N MET H 681 -42.87 -42.54 -14.03
CA MET H 681 -43.78 -42.15 -12.97
C MET H 681 -43.44 -42.74 -11.59
N PRO H 682 -42.17 -42.83 -11.21
CA PRO H 682 -41.80 -42.56 -9.83
C PRO H 682 -41.78 -41.08 -9.52
N PRO H 683 -41.21 -40.21 -10.42
CA PRO H 683 -41.13 -38.79 -10.06
C PRO H 683 -42.41 -38.03 -10.36
N GLN H 684 -43.18 -38.50 -11.34
CA GLN H 684 -44.35 -37.77 -11.82
C GLN H 684 -45.59 -38.19 -11.05
N GLN H 685 -46.39 -37.20 -10.68
CA GLN H 685 -47.58 -37.42 -9.88
C GLN H 685 -48.60 -38.25 -10.66
N GLY H 686 -49.46 -38.97 -9.93
CA GLY H 686 -50.43 -39.83 -10.54
C GLY H 686 -51.83 -39.69 -9.97
N PRO H 687 -52.83 -40.10 -10.74
CA PRO H 687 -54.21 -39.94 -10.31
C PRO H 687 -54.56 -40.88 -9.16
N GLU H 688 -55.59 -40.50 -8.41
CA GLU H 688 -56.09 -41.34 -7.34
C GLU H 688 -57.17 -42.28 -7.87
N LEU H 689 -57.16 -43.51 -7.36
CA LEU H 689 -58.13 -44.52 -7.75
C LEU H 689 -59.21 -44.62 -6.68
N ALA H 690 -60.44 -44.86 -7.12
CA ALA H 690 -61.60 -44.74 -6.22
C ALA H 690 -61.50 -45.67 -5.03
N GLY H 691 -60.87 -46.84 -5.19
CA GLY H 691 -60.68 -47.78 -4.10
C GLY H 691 -61.34 -49.12 -4.28
N GLY H 692 -62.21 -49.29 -5.27
CA GLY H 692 -62.78 -50.58 -5.58
C GLY H 692 -62.85 -50.85 -7.06
N GLU H 693 -62.51 -49.84 -7.86
CA GLU H 693 -62.73 -49.88 -9.29
C GLU H 693 -61.72 -50.77 -9.98
N ARG H 694 -61.96 -50.99 -11.27
CA ARG H 694 -61.00 -51.65 -12.14
C ARG H 694 -59.89 -50.68 -12.55
N VAL H 695 -58.80 -51.24 -13.07
CA VAL H 695 -57.76 -50.43 -13.70
C VAL H 695 -57.19 -51.21 -14.87
N THR H 696 -57.22 -50.61 -16.05
CA THR H 696 -56.55 -51.18 -17.22
C THR H 696 -55.04 -51.09 -17.02
N LEU H 697 -54.39 -52.23 -16.81
CA LEU H 697 -52.96 -52.29 -16.54
C LEU H 697 -52.25 -52.86 -17.76
N ALA H 698 -51.32 -52.08 -18.32
CA ALA H 698 -50.63 -52.45 -19.54
C ALA H 698 -49.76 -53.68 -19.31
N PRO H 699 -49.42 -54.42 -20.38
CA PRO H 699 -48.69 -55.68 -20.21
C PRO H 699 -47.24 -55.45 -19.82
N LEU H 700 -46.75 -56.29 -18.90
CA LEU H 700 -45.40 -56.19 -18.36
C LEU H 700 -45.17 -54.82 -17.70
N SER H 701 -46.19 -54.31 -17.02
CA SER H 701 -46.12 -53.04 -16.33
C SER H 701 -46.35 -53.24 -14.84
N LEU H 702 -45.90 -52.25 -14.07
CA LEU H 702 -46.00 -52.27 -12.62
C LEU H 702 -46.83 -51.07 -12.17
N THR H 703 -47.55 -51.24 -11.06
CA THR H 703 -48.37 -50.18 -10.49
C THR H 703 -48.28 -50.24 -8.98
N VAL H 704 -47.88 -49.14 -8.36
CA VAL H 704 -47.77 -49.04 -6.91
C VAL H 704 -48.72 -47.95 -6.44
N LEU H 705 -49.50 -48.25 -5.41
CA LEU H 705 -50.37 -47.29 -4.77
C LEU H 705 -49.85 -46.98 -3.37
N ARG H 706 -50.44 -45.96 -2.75
CA ARG H 706 -49.95 -45.47 -1.46
C ARG H 706 -51.12 -44.88 -0.68
N ARG H 707 -51.24 -45.28 0.59
CA ARG H 707 -52.30 -44.79 1.47
C ARG H 707 -51.78 -44.66 2.89
N PRO H 708 -51.96 -43.49 3.53
CA PRO H 708 -51.61 -43.29 4.95
C PRO H 708 -52.71 -43.74 5.90
C1A A16 I . 42.26 20.39 -7.38
C1B A16 I . 38.56 18.78 -10.51
C1C A16 I . 33.63 19.02 -9.02
C2A A16 I . 42.44 21.35 -6.20
C2B A16 I . 39.89 18.10 -10.26
C2C A16 I . 34.23 18.57 -10.33
O2A A16 I . 42.47 22.70 -6.64
O2B A16 I . 39.70 16.71 -10.03
O2C A16 I . 33.50 17.45 -10.82
C3A A16 I . 43.70 21.05 -5.41
C3B A16 I . 40.59 18.78 -9.10
C3C A16 I . 35.68 18.18 -10.27
O3A A16 I . 43.61 21.43 -4.06
O3B A16 I . 41.86 18.19 -8.89
O3C A16 I . 36.17 18.19 -11.60
C4A A16 I . 43.99 19.59 -5.52
C4B A16 I . 40.76 20.25 -9.46
C4C A16 I . 36.46 19.18 -9.44
N4B A16 I . 41.46 21.03 -8.44
O4A A16 I . 44.97 19.22 -4.55
O4C A16 I . 37.82 18.72 -9.34
C5A A16 I . 44.45 19.27 -6.95
C5B A16 I . 39.41 20.86 -9.77
C5C A16 I . 35.79 19.33 -8.08
O5B A16 I . 38.81 20.11 -10.82
O5C A16 I . 34.49 19.88 -8.28
C6A A16 I . 44.46 17.78 -7.24
C6B A16 I . 39.47 22.30 -10.26
C6C A16 I . 36.54 20.21 -7.11
O6A A16 I . 45.61 17.23 -6.63
O6C A16 I . 36.24 21.57 -7.31
C7A A16 I . 43.61 20.02 -7.96
P1 C2E J . 25.09 53.67 15.15
O2P C2E J . 25.87 53.26 16.35
O1P C2E J . 24.69 52.63 14.17
O5' C2E J . 26.06 54.72 14.50
C5' C2E J . 26.56 55.65 15.48
C4' C2E J . 26.96 56.96 14.84
O4' C2E J . 28.20 56.78 14.14
C3' C2E J . 25.98 57.57 13.85
O3' C2E J . 25.26 58.60 14.48
C2' C2E J . 26.90 58.20 12.82
O2' C2E J . 27.26 59.54 13.06
C1' C2E J . 28.13 57.31 12.85
N9 C2E J . 28.05 56.22 11.92
C8 C2E J . 27.53 54.98 12.16
N7 C2E J . 27.57 54.20 11.12
C5 C2E J . 28.14 54.98 10.13
C6 C2E J . 28.42 54.66 8.78
O6 C2E J . 28.21 53.60 8.20
N1 C2E J . 28.98 55.73 8.10
C2 C2E J . 29.25 56.95 8.66
N2 C2E J . 29.82 57.86 7.86
N3 C2E J . 29.00 57.24 9.93
C4 C2E J . 28.44 56.22 10.61
P11 C2E J . 23.99 58.83 13.57
O21 C2E J . 23.02 59.77 14.20
O11 C2E J . 24.43 59.01 12.17
O5A C2E J . 23.36 57.39 13.70
C5A C2E J . 22.21 57.25 14.54
C4A C2E J . 21.92 55.79 14.77
O4A C2E J . 20.80 55.38 13.94
C3A C2E J . 23.01 54.80 14.44
O3A C2E J . 23.88 54.63 15.53
C2A C2E J . 22.16 53.56 14.31
O2A C2E J . 21.68 53.19 15.58
C1A C2E J . 21.03 54.08 13.44
N91 C2E J . 21.45 54.20 12.07
C81 C2E J . 22.41 55.09 11.66
N71 C2E J . 22.68 55.00 10.39
C51 C2E J . 21.85 54.00 9.94
C61 C2E J . 21.72 53.49 8.64
O61 C2E J . 22.34 53.84 7.64
N11 C2E J . 20.77 52.48 8.56
C21 C2E J . 20.06 52.04 9.63
N21 C2E J . 19.20 51.05 9.39
N31 C2E J . 20.19 52.51 10.87
C41 C2E J . 21.09 53.49 10.96
C1A A16 K . 29.38 -12.02 19.17
C1B A16 K . 28.76 -16.30 22.16
C1C A16 K . 25.21 -17.26 25.88
C2A A16 K . 28.70 -11.02 18.22
C2B A16 K . 29.98 -15.43 22.02
C2C A16 K . 26.26 -18.15 25.31
O2A A16 K . 28.42 -11.71 17.01
O2B A16 K . 30.56 -15.25 23.31
O2C A16 K . 26.71 -19.02 26.35
C3A A16 K . 29.60 -9.81 17.95
C3B A16 K . 29.59 -14.11 21.36
C3C A16 K . 27.40 -17.38 24.68
O3A A16 K . 28.90 -8.60 17.73
O3B A16 K . 30.71 -13.26 21.16
O3C A16 K . 28.25 -18.26 23.99
C4A A16 K . 30.61 -9.65 19.05
C4B A16 K . 28.97 -14.43 20.00
C4C A16 K . 26.84 -16.38 23.70
N4B A16 K . 28.72 -13.32 19.08
O4A A16 K . 31.26 -8.39 18.85
O4C A16 K . 27.87 -15.65 23.03
C5A A16 K . 31.58 -10.85 19.02
C5B A16 K . 27.76 -15.32 20.23
C5C A16 K . 25.90 -15.49 24.48
O5B A16 K . 28.19 -16.51 20.90
O5C A16 K . 24.82 -16.30 24.92
C6A A16 K . 32.41 -11.08 20.26
C6B A16 K . 27.06 -15.75 18.96
C6C A16 K . 25.32 -14.42 23.63
O6A A16 K . 33.27 -12.16 19.98
O6C A16 K . 25.00 -15.01 22.41
C7A A16 K . 30.82 -12.13 18.73
P PO4 L . 24.44 3.61 9.24
O1 PO4 L . 23.40 4.62 8.82
O2 PO4 L . 24.95 3.96 10.61
O3 PO4 L . 25.60 3.61 8.28
O4 PO4 L . 23.82 2.23 9.24
P PO4 M . 4.04 3.83 7.65
O1 PO4 M . 4.25 5.32 7.57
O2 PO4 M . 2.69 3.48 7.08
O3 PO4 M . 4.13 3.40 9.11
O4 PO4 M . 5.10 3.10 6.87
P1 C2E N . 10.04 -22.66 55.86
O2P C2E N . 10.40 -21.48 56.68
O1P C2E N . 9.03 -22.58 54.78
O5' C2E N . 9.65 -23.86 56.82
C5' C2E N . 10.48 -24.09 57.96
C4' C2E N . 9.96 -25.24 58.77
O4' C2E N . 8.58 -24.99 59.17
C3' C2E N . 9.97 -26.60 58.10
O3' C2E N . 11.18 -27.25 58.46
C2' C2E N . 8.78 -27.28 58.78
O2' C2E N . 9.14 -27.67 60.06
C1' C2E N . 7.79 -26.13 58.94
N9 C2E N . 6.93 -25.86 57.81
C8 C2E N . 7.17 -24.93 56.82
N7 C2E N . 6.22 -24.86 55.93
C5 C2E N . 5.28 -25.79 56.35
C6 C2E N . 4.06 -26.15 55.77
O6 C2E N . 3.52 -25.68 54.75
N1 C2E N . 3.41 -27.13 56.50
C2 C2E N . 3.91 -27.70 57.64
N2 C2E N . 3.15 -28.63 58.21
N3 C2E N . 5.07 -27.36 58.20
C4 C2E N . 5.72 -26.40 57.50
P11 C2E N . 11.49 -28.29 57.31
O21 C2E N . 12.86 -28.84 57.34
O11 C2E N . 10.28 -29.14 57.38
O5A C2E N . 11.47 -27.33 56.05
C5A C2E N . 12.22 -26.15 56.32
C4A C2E N . 12.38 -25.29 55.09
O4A C2E N . 12.67 -26.12 53.95
C3A C2E N . 11.18 -24.47 54.70
O3A C2E N . 11.40 -23.21 55.29
C2A C2E N . 11.39 -24.36 53.20
O2A C2E N . 12.58 -23.71 52.87
C1A C2E N . 11.89 -25.74 52.85
N91 C2E N . 10.87 -26.73 52.70
C81 C2E N . 10.71 -27.82 53.51
N71 C2E N . 9.76 -28.63 53.11
C51 C2E N . 9.30 -28.04 51.96
C61 C2E N . 8.28 -28.47 51.10
O61 C2E N . 7.60 -29.50 51.15
N11 C2E N . 8.13 -27.63 50.04
C21 C2E N . 8.85 -26.49 49.82
N21 C2E N . 8.54 -25.81 48.71
N31 C2E N . 9.79 -26.06 50.63
C41 C2E N . 9.97 -26.88 51.68
C1A A16 O . 9.29 82.31 -41.27
C1B A16 O . 7.11 80.78 -36.70
C1C A16 O . 2.62 78.71 -35.16
C2A A16 O . 9.35 81.67 -42.67
C2B A16 O . 7.21 82.16 -37.31
C2C A16 O . 3.63 79.49 -34.35
O2A A16 O . 9.84 80.34 -42.66
O2B A16 O . 6.00 82.89 -37.10
O2C A16 O . 2.98 80.29 -33.37
C3A A16 O . 10.20 82.49 -43.63
C3B A16 O . 7.55 82.07 -38.79
C3C A16 O . 4.59 80.28 -35.23
O3A A16 O . 9.96 82.05 -44.96
O3B A16 O . 7.76 83.36 -39.33
O3C A16 O . 5.61 80.89 -34.46
C4A A16 O . 9.82 83.92 -43.53
C4B A16 O . 8.85 81.29 -38.91
C4C A16 O . 5.17 79.38 -36.30
N4B A16 O . 9.50 81.30 -40.23
O4A A16 O . 10.46 84.62 -44.61
O4C A16 O . 5.99 80.11 -37.20
C5A A16 O . 10.22 84.50 -42.17
C5B A16 O . 8.64 79.90 -38.32
C5C A16 O . 4.03 78.75 -37.06
O5B A16 O . 8.28 80.04 -36.95
O5C A16 O . 3.25 77.96 -36.17
C6A A16 O . 9.29 85.58 -41.68
C6B A16 O . 9.88 79.03 -38.34
C6C A16 O . 4.46 77.90 -38.21
O6A A16 O . 9.80 86.10 -40.46
O6C A16 O . 4.76 76.59 -37.82
C7A A16 O . 10.35 83.39 -41.14
P PO4 P . 11.13 49.20 -23.12
O1 PO4 P . 12.12 49.64 -24.18
O2 PO4 P . 9.76 49.66 -23.55
O3 PO4 P . 11.48 49.80 -21.78
O4 PO4 P . 11.14 47.70 -23.00
P1 C2E Q . 15.38 44.49 -61.57
O2P C2E Q . 14.74 44.94 -62.84
O1P C2E Q . 14.97 45.20 -60.33
O5' C2E Q . 16.95 44.48 -61.76
C5' C2E Q . 17.43 43.55 -62.75
C4' C2E Q . 18.86 43.18 -62.48
O4' C2E Q . 19.60 44.39 -62.22
C3' C2E Q . 19.09 42.30 -61.26
O3' C2E Q . 19.07 40.94 -61.64
C2' C2E Q . 20.49 42.74 -60.88
O2' C2E Q . 21.31 42.34 -61.94
C1' C2E Q . 20.41 44.24 -61.10
N9 C2E Q . 19.88 45.03 -60.00
C8 C2E Q . 18.64 45.61 -59.94
N7 C2E Q . 18.43 46.28 -58.83
C5 C2E Q . 19.61 46.15 -58.12
C6 C2E Q . 19.97 46.66 -56.86
O6 C2E Q . 19.29 47.35 -56.09
N1 C2E Q . 21.25 46.29 -56.50
C2 C2E Q . 22.08 45.52 -57.26
N2 C2E Q . 23.29 45.29 -56.74
N3 C2E Q . 21.76 45.04 -58.46
C4 C2E Q . 20.51 45.38 -58.82
P11 C2E Q . 19.12 39.93 -60.42
O21 C2E Q . 18.90 38.53 -60.86
O11 C2E Q . 20.37 40.24 -59.67
O5A C2E Q . 17.76 40.36 -59.72
C5A C2E Q . 16.66 40.26 -60.61
C4A C2E Q . 15.44 40.94 -60.03
O4A C2E Q . 15.41 40.70 -58.61
C3A C2E Q . 15.45 42.44 -60.09
O3A C2E Q . 15.09 42.93 -61.38
C2A C2E Q . 14.38 42.75 -59.06
O2A C2E Q . 13.12 42.56 -59.66
C1A C2E Q . 14.53 41.63 -58.04
N91 C2E Q . 15.05 42.03 -56.74
C81 C2E Q . 16.35 42.00 -56.32
N71 C2E Q . 16.51 42.39 -55.09
C51 C2E Q . 15.23 42.67 -54.64
C61 C2E Q . 14.78 43.13 -53.39
O61 C2E Q . 15.44 43.38 -52.38
N11 C2E Q . 13.41 43.29 -53.36
C21 C2E Q . 12.59 43.08 -54.43
N21 C2E Q . 11.30 43.31 -54.23
N31 C2E Q . 13.00 42.64 -55.60
C41 C2E Q . 14.34 42.46 -55.65
C1A A16 R . -26.57 -7.15 39.36
C1B A16 R . -26.90 -9.22 34.62
C1C A16 R . -23.30 -9.50 30.95
C2A A16 R . -25.60 -7.07 40.56
C2B A16 R . -27.76 -8.19 35.28
C2C A16 R . -24.75 -9.83 30.90
O2A A16 R . -25.53 -8.31 41.25
O2B A16 R . -28.09 -7.11 34.40
O2C A16 R . -25.24 -9.51 29.62
C3A A16 R . -26.00 -6.00 41.55
C3B A16 R . -27.12 -7.65 36.54
C3C A16 R . -25.52 -9.03 31.87
O3A A16 R . -24.86 -5.49 42.23
O3B A16 R . -28.04 -6.76 37.13
O3C A16 R . -26.87 -9.43 31.82
C4A A16 R . -26.74 -4.91 40.86
C4B A16 R . -26.91 -8.84 37.44
C4C A16 R . -24.96 -9.32 33.24
N4B A16 R . -26.50 -8.52 38.81
O4A A16 R . -26.86 -3.81 41.78
O4C A16 R . -25.69 -8.64 34.26
C5A A16 R . -28.11 -5.41 40.38
C5B A16 R . -26.04 -9.88 36.76
C5C A16 R . -23.53 -8.86 33.26
O5B A16 R . -26.65 -10.27 35.52
O5C A16 R . -22.81 -9.65 32.28
C6A A16 R . -28.83 -4.50 39.41
C6B A16 R . -25.87 -11.17 37.53
C6C A16 R . -22.89 -9.02 34.60
O6A A16 R . -30.17 -4.29 39.85
O6C A16 R . -21.52 -9.21 34.51
C7A A16 R . -27.97 -6.82 39.81
P1 C2E S . -8.42 -3.85 1.39
O2P C2E S . -8.11 -2.52 1.96
O1P C2E S . -7.70 -5.01 1.92
O5' C2E S . -8.06 -3.82 -0.17
C5' C2E S . -9.03 -3.22 -1.05
C4' C2E S . -9.11 -3.96 -2.37
O4' C2E S . -7.78 -4.07 -2.93
C3' C2E S . -9.70 -5.36 -2.36
O3' C2E S . -11.05 -5.25 -2.72
C2' C2E S . -8.89 -6.08 -3.41
O2' C2E S . -9.49 -6.04 -4.67
C1' C2E S . -7.56 -5.35 -3.43
N9 C2E S . -6.57 -5.96 -2.55
C8 C2E S . -6.33 -5.61 -1.26
N7 C2E S . -5.41 -6.34 -0.70
C5 C2E S . -5.04 -7.23 -1.68
C6 C2E S . -4.09 -8.27 -1.64
O6 C2E S . -3.40 -8.61 -0.69
N1 C2E S . -4.01 -8.96 -2.84
C2 C2E S . -4.77 -8.67 -3.94
N2 C2E S . -4.57 -9.43 -5.02
N3 C2E S . -5.66 -7.68 -3.99
C4 C2E S . -5.75 -7.01 -2.82
P11 C2E S . -11.80 -6.63 -2.50
O21 C2E S . -13.27 -6.44 -2.57
O11 C2E S . -11.11 -7.60 -3.39
O5A C2E S . -11.55 -6.79 -0.95
C5A C2E S . -12.13 -5.68 -0.31
C4A C2E S . -11.69 -5.66 1.11
O4A C2E S . -11.96 -6.93 1.71
C3A C2E S . -10.21 -5.48 1.31
O3A C2E S . -9.98 -4.10 1.33
C2A C2E S . -10.08 -6.01 2.72
O2A C2E S . -10.78 -5.18 3.60
C1A C2E S . -11.06 -7.16 2.76
N91 C2E S . -10.44 -8.43 2.52
C81 C2E S . -10.21 -9.03 1.31
N71 C2E S . -9.67 -10.21 1.42
C51 C2E S . -9.53 -10.38 2.78
C61 C2E S . -9.01 -11.47 3.50
O61 C2E S . -8.58 -12.52 3.03
N11 C2E S . -9.06 -11.28 4.87
C21 C2E S . -9.54 -10.14 5.46
N21 C2E S . -9.48 -10.11 6.79
N31 C2E S . -10.05 -9.11 4.80
C41 C2E S . -10.01 -9.29 3.47
C1A A16 T . -8.93 -81.87 39.31
C1B A16 T . -4.65 -78.85 38.84
C1C A16 T . -2.04 -77.43 34.54
C2A A16 T . -10.37 -82.12 38.84
C2B A16 T . -4.82 -80.12 39.65
C2C A16 T . -1.83 -77.02 35.96
O2A A16 T . -11.18 -81.06 39.36
O2B A16 T . -3.63 -80.90 39.51
O2C A16 T . -0.44 -76.81 36.17
C3A A16 T . -10.89 -83.47 39.33
C3B A16 T . -6.07 -80.85 39.20
C3C A16 T . -2.40 -78.03 36.95
O3A A16 T . -11.81 -84.09 38.43
O3B A16 T . -6.32 -82.03 39.94
O3C A16 T . -2.36 -77.50 38.26
C4A A16 T . -9.75 -84.40 39.64
C4B A16 T . -7.25 -79.89 39.37
C4C A16 T . -3.83 -78.31 36.59
N4B A16 T . -8.62 -80.44 39.21
O4A A16 T . -10.31 -85.70 39.85
O4C A16 T . -4.45 -79.23 37.51
C5A A16 T . -8.97 -83.84 40.84
C5B A16 T . -7.00 -78.65 38.54
C5C A16 T . -3.83 -78.84 35.17
O5B A16 T . -5.79 -78.05 38.99
O5C A16 T . -3.39 -77.79 34.33
C6A A16 T . -7.59 -84.40 41.06
C6B A16 T . -8.08 -77.60 38.66
C6C A16 T . -5.18 -79.22 34.71
O6A A16 T . -7.10 -83.81 42.26
O6C A16 T . -6.05 -78.23 35.18
C7A A16 T . -8.87 -82.32 40.75
P1 C2E U . -39.33 -65.97 13.32
O2P C2E U . -39.03 -67.17 12.49
O1P C2E U . -38.29 -65.74 14.35
O5' C2E U . -40.65 -66.27 14.17
C5' C2E U . -41.86 -65.55 13.85
C4' C2E U . -42.35 -64.72 15.02
O4' C2E U . -41.86 -65.28 16.26
C3' C2E U . -41.88 -63.29 15.07
O3' C2E U . -42.70 -62.50 14.23
C2' C2E U . -42.13 -62.96 16.52
O2' C2E U . -43.51 -62.75 16.71
C1' C2E U . -41.87 -64.28 17.24
N9 C2E U . -40.59 -64.35 17.89
C8 C2E U . -39.55 -65.12 17.49
N7 C2E U . -38.50 -64.99 18.25
C5 C2E U . -38.90 -64.10 19.23
C6 C2E U . -38.17 -63.59 20.34
O6 C2E U . -37.01 -63.87 20.67
N1 C2E U . -38.93 -62.73 21.10
C2 C2E U . -40.21 -62.37 20.82
N2 C2E U . -40.78 -61.50 21.67
N3 C2E U . -40.90 -62.82 19.77
C4 C2E U . -40.18 -63.70 19.02
P11 C2E U . -42.15 -61.02 14.00
O21 C2E U . -42.83 -60.39 12.84
O11 C2E U . -42.20 -60.27 15.26
O5A C2E U . -40.69 -61.34 13.47
C5A C2E U . -40.62 -61.61 12.06
C4A C2E U . -39.43 -62.46 11.77
O4A C2E U . -38.25 -61.63 11.78
C3A C2E U . -39.17 -63.55 12.79
O3A C2E U . -39.79 -64.75 12.40
C2A C2E U . -37.67 -63.73 12.70
O2A C2E U . -37.23 -64.83 11.94
C1A C2E U . -37.15 -62.36 12.28
N91 C2E U . -36.67 -61.65 13.43
C81 C2E U . -37.43 -61.09 14.41
N71 C2E U . -36.73 -60.52 15.36
C51 C2E U . -35.42 -60.77 15.00
C61 C2E U . -34.23 -60.41 15.67
O61 C2E U . -34.12 -59.79 16.73
N11 C2E U . -33.11 -60.86 14.98
C21 C2E U . -33.17 -61.57 13.80
N21 C2E U . -31.99 -61.93 13.28
N31 C2E U . -34.28 -61.89 13.16
C41 C2E U . -35.37 -61.47 13.82
C1A A16 V . -9.24 30.30 21.46
C1B A16 V . -8.08 34.81 18.96
C1C A16 V . -3.62 36.95 17.84
C2A A16 V . -9.36 28.78 21.27
C2B A16 V . -8.42 34.65 20.42
C2C A16 V . -5.00 37.37 17.45
O2A A16 V . -10.03 28.44 20.07
O2B A16 V . -7.50 35.37 21.23
O2C A16 V . -5.13 38.79 17.52
C3A A16 V . -10.11 28.06 22.36
C3B A16 V . -8.38 33.20 20.80
C3C A16 V . -6.00 36.66 18.28
O3A A16 V . -9.70 26.71 22.41
O3B A16 V . -8.89 33.15 22.12
O3C A16 V . -7.27 37.14 17.90
C4A A16 V . -9.83 28.70 23.67
C4B A16 V . -9.29 32.41 19.87
C4C A16 V . -5.86 35.19 18.00
N4B A16 V . -9.39 30.97 20.15
O4A A16 V . -10.33 27.85 24.71
O4C A16 V . -6.76 34.39 18.78
C5A A16 V . -10.51 30.06 23.72
C5B A16 V . -8.92 32.66 18.41
C5C A16 V . -4.44 34.77 18.32
O5B A16 V . -8.97 34.06 18.17
O5C A16 V . -3.54 35.56 17.55
C6A A16 V . -10.16 30.83 24.98
C6B A16 V . -9.85 32.05 17.38
C6C A16 V . -4.15 33.35 17.96
O6A A16 V . -10.22 29.97 26.11
O6C A16 V . -4.33 33.25 16.58
C7A A16 V . -10.26 30.86 22.44
P PO4 W . -17.71 18.02 19.65
O1 PO4 W . -17.24 19.05 18.65
O2 PO4 W . -17.90 16.70 18.94
O3 PO4 W . -16.69 17.86 20.75
O4 PO4 W . -19.02 18.45 20.24
P1 C2E X . 4.74 0.98 -7.58
O2P C2E X . 4.94 -0.27 -6.82
O1P C2E X . 4.55 2.28 -6.89
O5' C2E X . 3.54 0.62 -8.56
C5' C2E X . 3.11 -0.75 -8.65
C4' C2E X . 2.13 -0.97 -9.79
O4' C2E X . 0.79 -0.87 -9.28
C3' C2E X . 2.21 -0.04 -10.97
O3' C2E X . 2.84 -0.70 -12.05
C2' C2E X . 0.76 0.10 -11.36
O2' C2E X . 0.25 -1.11 -11.85
C1' C2E X . 0.06 0.05 -10.03
N9 C2E X . 0.00 1.27 -9.26
C8 C2E X . 0.93 1.66 -8.34
N7 C2E X . 0.61 2.76 -7.71
C5 C2E X . -0.63 3.09 -8.22
C6 C2E X . -1.46 4.18 -7.87
O6 C2E X . -1.26 5.05 -7.03
N1 C2E X . -2.65 4.16 -8.59
C2 C2E X . -2.97 3.23 -9.53
N2 C2E X . -4.15 3.38 -10.14
N3 C2E X . -2.17 2.20 -9.85
C4 C2E X . -1.02 2.18 -9.15
P11 C2E X . 3.27 0.31 -13.19
O21 C2E X . 3.56 -0.36 -14.48
O11 C2E X . 2.33 1.46 -13.22
O5A C2E X . 4.61 0.93 -12.64
C5A C2E X . 5.02 0.55 -11.32
C4A C2E X . 6.07 1.46 -10.76
O4A C2E X . 6.42 2.53 -11.65
C3A C2E X . 5.63 2.12 -9.51
O3A C2E X . 5.97 1.18 -8.55
C2A C2E X . 6.54 3.33 -9.47
O2A C2E X . 7.85 2.91 -9.23
C1A C2E X . 6.65 3.71 -10.93
N91 C2E X . 5.69 4.68 -11.38
C81 C2E X . 4.68 4.43 -12.26
N71 C2E X . 3.95 5.47 -12.51
C51 C2E X . 4.53 6.49 -11.77
C61 C2E X . 4.17 7.84 -11.68
O61 C2E X . 3.26 8.42 -12.26
N11 C2E X . 5.00 8.54 -10.83
C21 C2E X . 6.05 7.99 -10.17
N21 C2E X . 6.73 8.81 -9.39
N31 C2E X . 6.40 6.71 -10.25
C41 C2E X . 5.60 6.01 -11.06
C1A A16 Y . -25.00 35.00 -55.06
C1B A16 Y . -20.35 32.97 -53.58
C1C A16 Y . -15.98 35.63 -53.14
C2A A16 Y . -26.07 35.75 -54.28
C2B A16 Y . -20.98 32.68 -54.92
C2C A16 Y . -16.21 34.16 -53.31
O2A A16 Y . -26.26 35.10 -53.02
O2B A16 Y . -20.00 32.89 -55.94
O2C A16 Y . -15.16 33.63 -54.10
C3A A16 Y . -27.37 35.88 -55.06
C3B A16 Y . -22.16 33.62 -55.16
C3C A16 Y . -17.52 33.88 -53.96
O3A A16 Y . -27.64 37.24 -55.37
O3B A16 Y . -22.92 33.25 -56.30
O3C A16 Y . -17.73 32.48 -54.00
C4A A16 Y . -27.31 35.05 -56.31
C4B A16 Y . -23.09 33.68 -53.96
C4C A16 Y . -18.59 34.54 -53.13
N4B A16 Y . -23.88 34.91 -54.12
O4A A16 Y . -28.60 35.04 -56.93
O4C A16 Y . -19.87 34.27 -53.68
C5A A16 Y . -26.88 33.61 -56.04
C5B A16 Y . -22.29 33.93 -52.68
C5C A16 Y . -18.32 36.03 -53.16
O5B A16 Y . -21.30 32.91 -52.57
O5C A16 Y . -17.07 36.26 -52.50
C6A A16 Y . -27.00 32.70 -57.25
C6B A16 Y . -23.11 33.93 -51.40
C6C A16 Y . -19.36 36.85 -52.47
O6A A16 Y . -28.12 31.83 -57.18
O6C A16 Y . -18.89 38.14 -52.19
C7A A16 Y . -25.46 33.62 -55.47
P1 C2E Z . -28.31 68.59 -27.15
O2P C2E Z . -28.58 69.17 -28.47
O1P C2E Z . -27.55 67.31 -27.20
O5' C2E Z . -29.74 68.29 -26.53
C5' C2E Z . -30.17 69.08 -25.40
C4' C2E Z . -30.91 68.25 -24.37
O4' C2E Z . -31.43 67.03 -24.95
C3' C2E Z . -30.08 67.78 -23.20
O3' C2E Z . -29.90 68.80 -22.24
C2' C2E Z . -30.97 66.68 -22.70
O2' C2E Z . -32.10 67.34 -22.21
C1' C2E Z . -31.48 66.03 -23.98
N9 C2E Z . -30.68 64.91 -24.47
C8 C2E Z . -29.75 65.01 -25.46
N7 C2E Z . -29.14 63.89 -25.71
C5 C2E Z . -29.70 62.99 -24.84
C6 C2E Z . -29.42 61.62 -24.68
O6 C2E Z . -28.58 60.96 -25.29
N1 C2E Z . -30.17 61.05 -23.68
C2 C2E Z . -31.10 61.72 -22.95
N2 C2E Z . -31.75 61.00 -22.03
N3 C2E Z . -31.39 63.01 -23.10
C4 C2E Z . -30.65 63.59 -24.06
P11 C2E Z . -28.51 68.54 -21.55
O21 C2E Z . -28.04 69.56 -20.58
O11 C2E Z . -28.58 67.12 -21.14
O5A C2E Z . -27.54 68.65 -22.80
C5A C2E Z . -26.73 69.80 -22.88
C4A C2E Z . -26.23 69.96 -24.29
O4A C2E Z . -24.79 69.84 -24.31
C3A C2E Z . -26.74 69.00 -25.34
O3A C2E Z . -27.70 69.66 -26.14
C2A C2E Z . -25.51 68.73 -26.18
O2A C2E Z . -25.24 69.80 -27.05
C1A C2E Z . -24.41 68.77 -25.13
N91 C2E Z . -24.39 67.61 -24.28
C81 C2E Z . -25.16 67.44 -23.17
N71 C2E Z . -24.95 66.29 -22.60
C51 C2E Z . -24.00 65.67 -23.38
C61 C2E Z . -23.40 64.39 -23.25
O61 C2E Z . -23.54 63.51 -22.40
N11 C2E Z . -22.48 64.17 -24.23
C21 C2E Z . -22.17 65.04 -25.23
N21 C2E Z . -21.25 64.62 -26.10
N31 C2E Z . -22.74 66.22 -25.39
C41 C2E Z . -23.64 66.48 -24.42
C1A A16 AA . -10.77 -66.92 -17.69
C1B A16 AA . -13.97 -63.41 -15.53
C1C A16 AA . -15.91 -63.77 -10.83
C2A A16 AA . -9.60 -67.84 -17.34
C2B A16 AA . -14.15 -64.09 -16.88
C2C A16 AA . -16.06 -62.63 -11.76
O2A A16 AA . -8.45 -67.09 -16.97
O2B A16 AA . -15.48 -64.61 -16.98
O2C A16 AA . -17.37 -62.11 -11.60
C3A A16 AA . -9.23 -68.76 -18.49
C3B A16 AA . -13.13 -65.19 -17.14
C3C A16 AA . -15.73 -63.06 -13.18
O3A A16 AA . -8.73 -70.01 -18.02
O3B A16 AA . -13.08 -65.39 -18.53
O3C A16 AA . -15.77 -61.98 -14.11
C4A A16 AA . -10.39 -68.98 -19.41
C4B A16 AA . -11.74 -64.73 -16.72
C4C A16 AA . -14.35 -63.66 -13.22
N4B A16 AA . -10.68 -65.74 -16.83
O4A A16 AA . -9.94 -69.95 -20.35
O4C A16 AA . -14.27 -64.28 -14.50
C5A A16 AA . -10.77 -67.68 -20.13
C5B A16 AA . -11.75 -64.14 -15.32
C5C A16 AA . -14.23 -64.76 -12.18
O5B A16 AA . -12.65 -63.03 -15.34
O5C A16 AA . -14.57 -64.22 -10.90
C6A A16 AA . -12.10 -67.75 -20.85
C6B A16 AA . -10.40 -63.59 -14.90
C6C A16 AA . -12.84 -65.31 -12.09
O6A A16 AA . -12.15 -66.90 -22.00
O6C A16 AA . -12.60 -65.94 -10.86
C7A A16 AA . -10.71 -66.51 -19.15
P1 C2E BA . 21.06 -75.05 11.19
O2P C2E BA . 21.28 -76.33 10.46
O1P C2E BA . 19.72 -74.46 11.02
O5' C2E BA . 22.18 -74.08 10.63
C5' C2E BA . 23.52 -74.55 10.97
C4' C2E BA . 24.58 -73.51 10.73
O4' C2E BA . 24.60 -73.17 9.34
C3' C2E BA . 24.44 -72.22 11.54
O3' C2E BA . 25.22 -72.35 12.72
C2' C2E BA . 24.98 -71.18 10.57
O2' C2E BA . 26.34 -70.89 10.84
C1' C2E BA . 24.74 -71.79 9.18
N9 C2E BA . 23.53 -71.34 8.54
C8 C2E BA . 22.30 -71.94 8.62
N7 C2E BA . 21.36 -71.33 7.95
C5 C2E BA . 22.02 -70.26 7.38
C6 C2E BA . 21.52 -69.25 6.53
O6 C2E BA . 20.35 -69.11 6.14
N1 C2E BA . 22.50 -68.34 6.16
C2 C2E BA . 23.80 -68.41 6.55
N2 C2E BA . 24.62 -67.45 6.08
N3 C2E BA . 24.29 -69.35 7.33
C4 C2E BA . 23.35 -70.26 7.72
P11 C2E BA . 24.87 -71.26 13.84
O21 C2E BA . 25.82 -71.21 14.96
O11 C2E BA . 24.68 -70.04 13.00
O5A C2E BA . 23.49 -71.83 14.37
C5A C2E BA . 23.46 -73.26 14.54
C4A C2E BA . 22.03 -73.78 14.55
O4A C2E BA . 21.19 -72.91 15.34
C3A C2E BA . 21.37 -73.86 13.20
O3A C2E BA . 21.59 -75.14 12.67
C2A C2E BA . 19.92 -73.72 13.58
O2A C2E BA . 19.44 -74.93 14.11
C1A C2E BA . 19.97 -72.70 14.70
N91 C2E BA . 19.98 -71.31 14.27
C81 C2E BA . 21.11 -70.60 14.02
N71 C2E BA . 20.88 -69.37 13.67
C51 C2E BA . 19.51 -69.26 13.71
C61 C2E BA . 18.71 -68.14 13.45
O61 C2E BA . 19.08 -67.00 13.15
N11 C2E BA . 17.36 -68.41 13.64
C21 C2E BA . 16.88 -69.63 14.00
N21 C2E BA . 15.56 -69.72 14.13
N31 C2E BA . 17.64 -70.70 14.25
C41 C2E BA . 18.94 -70.44 14.09
#